data_3J31
#
_entry.id   3J31
#
_cell.length_a   1
_cell.length_b   1
_cell.length_c   1
_cell.angle_alpha   90
_cell.angle_beta   90
_cell.angle_gamma   90
#
_symmetry.space_group_name_H-M   'P 1'
#
loop_
_entity.id
_entity.type
_entity.pdbx_description
1 polymer 'A223 penton base'
2 polymer 'A55 membrane protein'
3 polymer 'Coat protein'
4 polymer 'C381 turret protein'
#
loop_
_entity_poly.entity_id
_entity_poly.type
_entity_poly.pdbx_seq_one_letter_code
_entity_poly.pdbx_strand_id
1 'polypeptide(L)'
;MGEVFKEVKEKFERYKFDVVYVDREYPVSSNNLNVFFEIGERNSFSGLLINEGQAVIDVLLLKKSHEGLSPIPGEGTGIQ
LSAGQILKFYNVPIAEIIVEYDPSNVSGVSSNVKLKGTIHPLFEVPSQISIENFQPTENYLIYSGFGTSLPQTYTIPANG
YLIISITNTSTGNIGQITLTIGSTTMTFNLQTGENKIPVIAGTQITNLTLTSSSAILIYEEVI
;
Q
2 'polypeptide(L)' (UNK)(UNK)(UNK)(UNK)(UNK)(UNK)(UNK)(UNK)(UNK)(UNK)(UNK)(UNK)(UNK)(UNK)(UNK) R
3 'polypeptide(L)'
;MGEIYTETLQQTYAWTAGTNIPIKIPRNNFIRKIRVQLIGSISNSGTAAVTLPSAPFPYNLVQTFNLSYEGSKTLYSVSG
TGLGILMYYTTKGQNPAYPAPGTSVPASGSVNLNVMWEFDLARFPATMVQNIILSILTGQAPSGVSINASFYITITYERV
TAQEILSEGGLGADGEMPLATVLPKVIEIPTFNVPASSAPIHVAYLQPGQIYKRQLVYVINSTSGINNTDPTEYELKIVR
GVPTDKIKVSWAALQAENQAEYQVAPYSGASAIIDFRKYFNGDLDLTHAPSDSIEYDLALQNQDNVYSLYVSYVLPYYDQ
LAALPAQVAAIVQQYVARQKRRIKR
;
A,B,C,D,E,F,G,H,I,J,K,L,M,N,O
4 'polypeptide(L)'
;MSVTTLGQSFPANAKVKYYYKLSEKQDLDAFVNSIFVGSYKLKQISYLLYGNTKIVSAPVVPLGPNASIIIDDELQEGLY
LIRIKVYNTNSFSVTVTPFFNNNNTMTYSIGANSEFEIYDIFTKEQGNIYYIQLPPGLAILEFSLERVFEKGNRINIPKI
IHTSGNGYISFRLRKGTYAIKMPYSYNNTTSTTFTNFQFGTISTSVATIPLVISSIPANGSGSGTFLVYLKITGDYEDVK
FSVTYGGGLGVPFTFGLEVEEINELVENTNFVTQSVTLSGSQVTQSILNVQGSGSHLRLKYASVSGLTTAVTQCQLQATN
LNRSTTYSTVWDFIAGGSSTPPSWDIREINSIQLVANGGSSTSSVTITLILVYEQIAGELS
;
P
#
# COMPACT_ATOMS: atom_id res chain seq x y z
N GLU A 3 -7.59 80.28 -90.54
CA GLU A 3 -6.46 80.95 -89.82
C GLU A 3 -5.09 80.61 -90.44
N VAL A 4 -4.42 81.62 -91.03
CA VAL A 4 -3.09 81.43 -91.64
C VAL A 4 -1.98 81.64 -90.56
N PHE A 5 -1.17 80.60 -90.34
CA PHE A 5 -0.11 80.57 -89.30
C PHE A 5 1.36 80.54 -89.77
N LYS A 6 2.17 81.45 -89.27
CA LYS A 6 3.56 81.49 -89.61
C LYS A 6 4.26 81.21 -88.31
N GLU A 7 4.83 80.01 -88.18
CA GLU A 7 5.52 79.63 -86.92
C GLU A 7 7.02 79.40 -87.21
N VAL A 8 7.87 79.61 -86.20
CA VAL A 8 9.33 79.42 -86.29
C VAL A 8 9.81 78.76 -85.01
N LYS A 9 10.37 77.57 -85.16
CA LYS A 9 10.82 76.77 -84.03
C LYS A 9 12.11 76.01 -84.35
N GLU A 10 13.17 76.30 -83.59
CA GLU A 10 14.46 75.63 -83.77
C GLU A 10 14.50 74.61 -82.63
N LYS A 11 14.46 73.34 -83.01
CA LYS A 11 14.41 72.22 -82.07
C LYS A 11 15.70 71.42 -82.03
N PHE A 12 16.13 71.14 -80.81
CA PHE A 12 17.33 70.34 -80.61
C PHE A 12 16.77 68.97 -80.36
N GLU A 13 17.36 67.97 -81.01
CA GLU A 13 16.89 66.60 -80.84
C GLU A 13 18.12 65.70 -80.82
N ARG A 14 17.96 64.53 -80.22
CA ARG A 14 19.04 63.57 -80.15
C ARG A 14 18.38 62.21 -80.14
N TYR A 15 19.14 61.20 -80.54
CA TYR A 15 18.60 59.86 -80.56
C TYR A 15 19.42 58.94 -79.69
N LYS A 16 18.79 58.42 -78.64
CA LYS A 16 19.49 57.51 -77.77
C LYS A 16 18.70 56.23 -77.89
N PHE A 17 19.15 55.38 -78.81
CA PHE A 17 18.57 54.06 -79.08
C PHE A 17 19.76 53.06 -79.01
N ASP A 18 19.70 52.12 -78.06
CA ASP A 18 20.76 51.12 -77.84
C ASP A 18 20.96 50.16 -79.01
N VAL A 19 22.19 50.09 -79.51
CA VAL A 19 22.55 49.20 -80.61
C VAL A 19 23.63 48.24 -80.13
N VAL A 20 23.26 46.97 -80.00
CA VAL A 20 24.18 45.97 -79.52
C VAL A 20 24.87 45.21 -80.64
N TYR A 21 26.20 45.20 -80.59
CA TYR A 21 27.03 44.50 -81.58
C TYR A 21 26.93 43.00 -81.46
N VAL A 22 27.42 42.31 -82.47
CA VAL A 22 27.39 40.86 -82.51
C VAL A 22 28.59 40.28 -83.29
N ASP A 23 29.19 39.21 -82.74
CA ASP A 23 30.30 38.51 -83.38
C ASP A 23 30.14 37.00 -83.06
N ARG A 24 29.87 36.19 -84.07
CA ARG A 24 29.67 34.75 -83.89
C ARG A 24 30.31 33.98 -85.05
N GLU A 25 31.45 33.32 -84.81
CA GLU A 25 32.12 32.53 -85.86
C GLU A 25 31.98 31.04 -85.52
N TYR A 26 31.32 30.29 -86.41
CA TYR A 26 31.12 28.85 -86.21
C TYR A 26 31.74 28.09 -87.35
N PRO A 27 32.48 27.02 -87.01
CA PRO A 27 33.13 26.19 -88.03
C PRO A 27 31.85 25.76 -88.78
N VAL A 28 31.97 25.53 -90.09
CA VAL A 28 30.84 25.12 -90.91
C VAL A 28 31.59 24.13 -91.82
N SER A 29 31.23 22.85 -91.70
CA SER A 29 31.84 21.75 -92.45
C SER A 29 30.95 20.50 -92.40
N SER A 30 31.50 19.37 -92.86
CA SER A 30 30.78 18.09 -92.87
C SER A 30 30.37 17.64 -91.43
N ASN A 31 31.04 18.21 -90.41
CA ASN A 31 30.80 17.85 -89.01
C ASN A 31 29.87 18.83 -88.30
N ASN A 32 29.69 20.01 -88.89
CA ASN A 32 28.83 21.07 -88.33
C ASN A 32 28.07 21.62 -89.55
N LEU A 33 26.98 20.93 -89.91
CA LEU A 33 26.25 21.36 -91.05
C LEU A 33 25.51 22.69 -90.80
N ASN A 34 24.98 22.91 -89.60
CA ASN A 34 24.29 24.17 -89.33
C ASN A 34 24.80 25.01 -88.18
N VAL A 35 24.98 26.28 -88.47
CA VAL A 35 25.42 27.24 -87.49
C VAL A 35 24.18 28.08 -87.59
N PHE A 36 23.67 28.53 -86.47
CA PHE A 36 22.49 29.36 -86.51
C PHE A 36 22.65 30.52 -85.53
N PHE A 37 22.53 31.75 -86.04
CA PHE A 37 22.66 32.95 -85.21
C PHE A 37 21.27 33.53 -85.00
N GLU A 38 20.93 33.77 -83.73
CA GLU A 38 19.62 34.30 -83.38
C GLU A 38 19.65 35.81 -83.28
N ILE A 39 18.94 36.45 -84.19
CA ILE A 39 18.84 37.89 -84.20
C ILE A 39 17.35 37.99 -83.97
N GLY A 40 16.91 38.80 -83.00
CA GLY A 40 15.48 38.80 -82.75
C GLY A 40 14.54 39.44 -83.75
N GLU A 41 13.48 38.72 -84.11
CA GLU A 41 12.45 39.18 -85.08
C GLU A 41 12.04 40.66 -84.97
N ARG A 42 11.91 41.15 -83.73
CA ARG A 42 11.51 42.53 -83.42
C ARG A 42 12.48 43.62 -83.78
N ASN A 43 13.76 43.32 -83.79
CA ASN A 43 14.71 44.36 -84.11
C ASN A 43 15.30 44.11 -85.48
N SER A 44 16.29 44.91 -85.87
CA SER A 44 16.88 44.75 -87.20
C SER A 44 18.41 44.63 -87.17
N PHE A 45 18.96 43.78 -88.03
CA PHE A 45 20.40 43.57 -88.09
C PHE A 45 21.05 44.09 -89.37
N SER A 46 22.19 44.73 -89.20
CA SER A 46 22.95 45.27 -90.32
C SER A 46 24.41 44.93 -90.05
N GLY A 47 25.11 44.50 -91.09
CA GLY A 47 26.51 44.10 -90.96
C GLY A 47 26.97 43.07 -91.96
N LEU A 48 27.93 42.24 -91.55
CA LEU A 48 28.49 41.22 -92.43
C LEU A 48 28.37 39.79 -91.95
N LEU A 49 28.16 38.90 -92.92
CA LEU A 49 28.12 37.47 -92.68
C LEU A 49 29.32 37.10 -93.59
N ILE A 50 30.47 36.82 -92.96
CA ILE A 50 31.70 36.54 -93.68
C ILE A 50 31.98 35.05 -93.87
N ASN A 51 32.11 34.67 -95.14
CA ASN A 51 32.39 33.30 -95.49
C ASN A 51 33.90 33.16 -95.67
N GLU A 52 34.62 33.22 -94.54
CA GLU A 52 36.06 33.09 -94.48
C GLU A 52 36.46 31.62 -94.54
N GLY A 53 36.48 31.08 -95.76
CA GLY A 53 36.85 29.68 -95.98
C GLY A 53 36.86 29.20 -97.43
N GLN A 54 36.84 27.88 -97.61
CA GLN A 54 36.87 27.28 -98.94
C GLN A 54 35.52 26.65 -99.28
N ALA A 55 34.66 26.43 -98.28
CA ALA A 55 33.35 25.83 -98.51
C ALA A 55 32.25 26.83 -98.91
N VAL A 56 31.29 26.37 -99.71
CA VAL A 56 30.15 27.17 -100.16
C VAL A 56 28.98 26.85 -99.21
N ILE A 57 28.33 27.89 -98.70
CA ILE A 57 27.22 27.70 -97.77
C ILE A 57 25.92 28.35 -98.28
N ASP A 58 24.79 27.82 -97.86
CA ASP A 58 23.48 28.37 -98.25
C ASP A 58 23.04 29.09 -96.99
N VAL A 59 22.91 30.40 -97.08
CA VAL A 59 22.55 31.19 -95.91
C VAL A 59 21.08 31.60 -96.02
N LEU A 60 20.23 31.08 -95.14
CA LEU A 60 18.80 31.37 -95.16
C LEU A 60 18.35 32.17 -93.93
N LEU A 61 17.95 33.40 -94.18
CA LEU A 61 17.46 34.32 -93.15
C LEU A 61 15.96 34.09 -93.11
N LEU A 62 15.37 33.96 -91.91
CA LEU A 62 13.93 33.78 -91.84
C LEU A 62 13.25 34.92 -91.11
N LYS A 63 11.97 35.12 -91.44
CA LYS A 63 11.16 36.15 -90.82
C LYS A 63 10.56 35.47 -89.58
N LYS A 64 10.22 34.18 -89.74
CA LYS A 64 9.61 33.43 -88.64
C LYS A 64 10.46 32.40 -87.88
N SER A 65 10.57 32.68 -86.58
CA SER A 65 11.30 31.90 -85.58
C SER A 65 10.50 30.68 -85.03
N HIS A 66 11.20 29.81 -84.28
CA HIS A 66 10.58 28.62 -83.72
C HIS A 66 10.35 27.54 -84.78
N GLU A 67 10.49 27.89 -86.07
CA GLU A 67 10.26 26.93 -87.17
C GLU A 67 10.84 27.32 -88.54
N GLY A 68 11.43 26.30 -89.15
CA GLY A 68 12.08 26.40 -90.44
C GLY A 68 12.96 25.17 -90.71
N LEU A 69 14.30 25.38 -90.61
CA LEU A 69 15.38 24.36 -90.84
C LEU A 69 15.49 23.91 -92.30
N SER A 70 14.59 24.49 -93.11
CA SER A 70 14.41 24.34 -94.55
C SER A 70 13.84 25.73 -94.85
N PRO A 71 13.78 26.15 -96.11
CA PRO A 71 13.23 27.51 -96.25
C PRO A 71 11.70 27.67 -96.29
N ILE A 72 11.13 28.23 -95.22
CA ILE A 72 9.69 28.50 -95.15
C ILE A 72 9.58 29.59 -96.26
N PRO A 73 8.75 29.38 -97.34
CA PRO A 73 8.52 30.28 -98.51
C PRO A 73 7.95 31.65 -98.16
N GLY A 74 8.37 32.70 -98.87
CA GLY A 74 7.88 34.01 -98.55
C GLY A 74 8.46 34.53 -97.22
N GLU A 75 8.40 33.70 -96.17
CA GLU A 75 8.91 34.04 -94.81
C GLU A 75 10.43 34.31 -94.78
N GLY A 76 11.20 33.34 -95.28
CA GLY A 76 12.65 33.44 -95.34
C GLY A 76 13.18 33.39 -96.76
N THR A 77 14.26 34.10 -97.02
CA THR A 77 14.84 34.12 -98.37
C THR A 77 16.22 33.49 -98.27
N GLY A 78 16.68 32.83 -99.33
CA GLY A 78 18.00 32.25 -99.25
C GLY A 78 18.96 32.77 -100.31
N ILE A 79 20.22 32.97 -99.90
CA ILE A 79 21.32 33.41 -100.78
C ILE A 79 22.38 32.35 -100.63
N GLN A 80 22.98 31.95 -101.75
CA GLN A 80 24.04 30.96 -101.74
C GLN A 80 25.28 31.85 -101.65
N LEU A 81 26.31 31.39 -100.94
CA LEU A 81 27.55 32.17 -100.76
C LEU A 81 28.73 31.23 -100.91
N SER A 82 29.74 31.66 -101.66
CA SER A 82 30.95 30.86 -101.86
C SER A 82 32.13 31.49 -101.11
N ALA A 83 33.27 30.82 -101.17
CA ALA A 83 34.48 31.28 -100.52
C ALA A 83 34.77 32.77 -100.84
N GLY A 84 34.87 33.58 -99.78
CA GLY A 84 35.17 35.01 -99.93
C GLY A 84 34.04 35.99 -100.14
N GLN A 85 32.88 35.48 -100.52
CA GLN A 85 31.69 36.30 -100.74
C GLN A 85 31.12 36.69 -99.39
N ILE A 86 30.89 37.98 -99.24
CA ILE A 86 30.33 38.48 -97.99
C ILE A 86 28.82 38.71 -98.23
N LEU A 87 27.97 38.45 -97.23
CA LEU A 87 26.54 38.74 -97.40
C LEU A 87 26.34 39.98 -96.52
N LYS A 88 26.06 41.10 -97.17
CA LYS A 88 25.92 42.37 -96.49
C LYS A 88 24.45 42.68 -96.22
N PHE A 89 24.16 43.07 -94.98
CA PHE A 89 22.79 43.36 -94.58
C PHE A 89 22.64 44.83 -94.25
N TYR A 90 21.58 45.42 -94.76
CA TYR A 90 21.34 46.81 -94.47
C TYR A 90 19.96 46.99 -93.91
N ASN A 91 19.86 46.83 -92.60
CA ASN A 91 18.59 47.00 -91.89
C ASN A 91 17.60 45.87 -92.25
N VAL A 92 18.10 44.64 -92.41
CA VAL A 92 17.19 43.55 -92.73
C VAL A 92 16.75 42.88 -91.43
N PRO A 93 15.47 43.03 -91.10
CA PRO A 93 14.89 42.45 -89.88
C PRO A 93 14.80 40.94 -90.00
N ILE A 94 15.75 40.24 -89.41
CA ILE A 94 15.79 38.80 -89.49
C ILE A 94 15.50 38.22 -88.12
N ALA A 95 14.97 37.00 -88.11
CA ALA A 95 14.65 36.34 -86.86
C ALA A 95 15.59 35.19 -86.55
N GLU A 96 16.37 34.77 -87.54
CA GLU A 96 17.36 33.69 -87.38
C GLU A 96 18.14 33.56 -88.68
N ILE A 97 19.46 33.45 -88.59
CA ILE A 97 20.27 33.27 -89.82
C ILE A 97 20.78 31.83 -89.70
N ILE A 98 20.48 30.99 -90.69
CA ILE A 98 20.93 29.61 -90.66
C ILE A 98 21.79 29.35 -91.86
N VAL A 99 23.04 29.01 -91.58
CA VAL A 99 24.00 28.73 -92.61
C VAL A 99 24.15 27.23 -92.66
N GLU A 100 23.79 26.68 -93.81
CA GLU A 100 23.88 25.26 -94.03
C GLU A 100 25.09 25.01 -94.93
N TYR A 101 25.87 24.00 -94.55
CA TYR A 101 27.04 23.60 -95.32
C TYR A 101 26.41 22.96 -96.56
N ASP A 102 26.79 23.45 -97.75
CA ASP A 102 26.21 22.97 -99.01
C ASP A 102 26.40 21.48 -99.32
N PRO A 103 25.31 20.82 -99.78
CA PRO A 103 25.33 19.38 -100.13
C PRO A 103 26.27 19.07 -101.30
N SER A 104 26.55 20.11 -102.10
CA SER A 104 27.40 20.04 -103.29
C SER A 104 28.90 20.43 -103.19
N ASN A 105 29.34 20.77 -101.97
CA ASN A 105 30.74 21.12 -101.76
C ASN A 105 31.63 19.90 -101.99
N VAL A 106 32.92 20.15 -102.14
CA VAL A 106 33.87 19.05 -102.29
C VAL A 106 34.08 18.70 -100.81
N SER A 107 33.90 17.44 -100.45
CA SER A 107 34.05 17.04 -99.04
C SER A 107 35.35 17.52 -98.35
N GLY A 108 35.25 17.85 -97.05
CA GLY A 108 36.42 18.29 -96.31
C GLY A 108 36.61 19.80 -96.21
N VAL A 109 36.07 20.54 -97.18
CA VAL A 109 36.19 22.01 -97.20
C VAL A 109 35.26 22.62 -96.17
N SER A 110 35.82 23.53 -95.39
CA SER A 110 35.08 24.23 -94.33
C SER A 110 35.41 25.71 -94.35
N SER A 111 34.49 26.49 -93.78
CA SER A 111 34.66 27.92 -93.69
C SER A 111 34.19 28.29 -92.32
N ASN A 112 34.74 29.38 -91.83
CA ASN A 112 34.32 29.89 -90.55
C ASN A 112 33.37 30.98 -90.99
N VAL A 113 32.08 30.76 -90.74
CA VAL A 113 31.10 31.76 -91.11
C VAL A 113 31.08 32.60 -89.84
N LYS A 114 31.45 33.87 -90.02
CA LYS A 114 31.50 34.79 -88.89
C LYS A 114 30.37 35.76 -89.15
N LEU A 115 29.81 36.28 -88.08
CA LEU A 115 28.74 37.24 -88.20
C LEU A 115 29.16 38.42 -87.34
N LYS A 116 29.42 39.54 -88.01
CA LYS A 116 29.84 40.73 -87.29
C LYS A 116 28.99 41.84 -87.84
N GLY A 117 28.17 42.39 -86.96
CA GLY A 117 27.30 43.49 -87.32
C GLY A 117 26.58 43.87 -86.04
N THR A 118 25.66 44.82 -86.10
CA THR A 118 24.93 45.19 -84.90
C THR A 118 23.44 45.10 -85.17
N ILE A 119 22.70 44.69 -84.16
CA ILE A 119 21.27 44.60 -84.28
C ILE A 119 20.85 45.86 -83.51
N HIS A 120 20.15 46.75 -84.21
CA HIS A 120 19.66 48.04 -83.69
C HIS A 120 18.20 48.07 -84.09
N PRO A 121 17.39 48.91 -83.44
CA PRO A 121 15.99 48.87 -83.87
C PRO A 121 15.79 49.11 -85.37
N LEU A 122 14.79 48.44 -85.93
CA LEU A 122 14.47 48.54 -87.35
C LEU A 122 13.96 49.94 -87.71
N PHE A 123 14.78 50.68 -88.47
CA PHE A 123 14.43 52.04 -88.88
C PHE A 123 13.53 52.10 -90.09
N GLU A 124 12.89 53.25 -90.30
CA GLU A 124 12.00 53.41 -91.43
C GLU A 124 12.85 53.80 -92.64
N VAL A 125 13.68 52.87 -93.10
CA VAL A 125 14.54 53.05 -94.27
C VAL A 125 14.56 51.66 -94.87
N PRO A 126 14.86 51.55 -96.17
CA PRO A 126 14.85 50.20 -96.74
C PRO A 126 15.74 49.13 -96.16
N SER A 127 15.26 47.90 -96.34
CA SER A 127 15.97 46.68 -95.91
C SER A 127 16.73 46.29 -97.17
N GLN A 128 17.93 45.76 -97.02
CA GLN A 128 18.68 45.40 -98.19
C GLN A 128 19.68 44.28 -97.95
N ILE A 129 20.02 43.59 -99.02
CA ILE A 129 20.99 42.53 -98.99
C ILE A 129 21.73 42.62 -100.31
N SER A 130 22.98 42.17 -100.28
CA SER A 130 23.92 42.20 -101.41
C SER A 130 25.17 41.37 -101.06
N ILE A 131 25.97 41.02 -102.06
CA ILE A 131 27.17 40.24 -101.78
C ILE A 131 28.39 41.11 -102.14
N GLU A 132 29.22 41.43 -101.14
CA GLU A 132 30.42 42.20 -101.38
C GLU A 132 31.59 41.22 -101.70
N ASN A 133 32.61 41.66 -102.44
CA ASN A 133 33.72 40.76 -102.82
C ASN A 133 33.32 39.45 -103.53
N PHE A 134 32.67 39.56 -104.69
CA PHE A 134 32.00 38.42 -105.33
C PHE A 134 32.84 37.19 -105.71
N GLN A 135 34.02 37.36 -106.31
CA GLN A 135 34.95 36.22 -106.36
C GLN A 135 36.32 36.86 -106.19
N PRO A 136 37.04 36.61 -105.10
CA PRO A 136 38.35 37.26 -105.04
C PRO A 136 38.87 36.13 -105.88
N THR A 137 39.79 36.41 -106.79
CA THR A 137 39.97 35.47 -107.91
C THR A 137 40.75 34.80 -106.81
N GLU A 138 40.50 33.52 -106.62
CA GLU A 138 41.26 33.13 -105.47
C GLU A 138 42.55 32.47 -105.93
N ASN A 139 43.65 32.95 -105.37
CA ASN A 139 44.93 32.27 -105.35
C ASN A 139 44.90 31.81 -103.93
N TYR A 140 44.54 30.53 -103.82
CA TYR A 140 44.02 29.95 -102.63
C TYR A 140 45.26 29.36 -102.04
N LEU A 141 45.40 29.59 -100.76
CA LEU A 141 46.63 29.23 -100.07
C LEU A 141 46.33 27.97 -99.27
N ILE A 142 47.19 26.96 -99.41
CA ILE A 142 46.95 25.64 -98.82
C ILE A 142 47.91 25.40 -97.63
N TYR A 143 49.19 25.67 -97.83
CA TYR A 143 50.20 25.43 -96.75
C TYR A 143 51.39 26.28 -96.93
N SER A 144 51.98 26.75 -95.85
CA SER A 144 53.29 27.37 -95.86
C SER A 144 54.05 26.84 -94.73
N GLY A 145 55.26 26.35 -94.93
CA GLY A 145 56.04 25.79 -93.87
C GLY A 145 57.40 25.43 -94.32
N PHE A 146 58.10 24.69 -93.47
CA PHE A 146 59.49 24.35 -93.76
C PHE A 146 59.92 23.01 -93.20
N GLY A 147 60.85 22.39 -93.90
CA GLY A 147 61.40 21.09 -93.56
C GLY A 147 61.47 20.18 -94.75
N THR A 148 61.10 18.91 -94.54
CA THR A 148 61.15 17.90 -95.58
C THR A 148 59.88 17.08 -95.70
N SER A 149 58.87 17.37 -94.93
CA SER A 149 57.56 16.69 -95.08
C SER A 149 56.47 17.55 -94.57
N LEU A 150 55.24 17.12 -94.75
CA LEU A 150 54.04 17.87 -94.36
C LEU A 150 53.49 17.38 -93.06
N PRO A 151 52.98 18.27 -92.19
CA PRO A 151 52.55 17.84 -90.87
C PRO A 151 51.17 17.26 -90.92
N GLN A 152 50.40 17.42 -91.96
CA GLN A 152 49.07 16.97 -92.18
C GLN A 152 48.71 16.65 -93.58
N THR A 153 47.60 16.08 -93.94
CA THR A 153 47.10 16.01 -95.23
C THR A 153 46.27 17.26 -95.54
N TYR A 154 46.12 17.65 -96.81
CA TYR A 154 45.37 18.87 -97.22
C TYR A 154 44.42 18.54 -98.28
N THR A 155 43.33 19.25 -98.38
CA THR A 155 42.33 19.06 -99.33
C THR A 155 42.43 20.13 -100.35
N ILE A 156 42.37 19.92 -101.60
CA ILE A 156 42.43 20.97 -102.57
C ILE A 156 41.00 21.44 -102.83
N PRO A 157 40.70 22.74 -102.75
CA PRO A 157 39.33 23.21 -102.68
C PRO A 157 38.64 23.28 -103.99
N ALA A 158 39.28 23.43 -105.10
CA ALA A 158 38.63 23.69 -106.36
C ALA A 158 39.38 23.11 -107.50
N ASN A 159 38.82 23.20 -108.68
CA ASN A 159 39.47 22.82 -109.93
C ASN A 159 40.37 23.86 -110.21
N GLY A 160 41.61 23.55 -110.62
CA GLY A 160 42.65 24.53 -111.00
C GLY A 160 44.01 23.85 -111.02
N TYR A 161 45.01 24.71 -110.79
CA TYR A 161 46.41 24.27 -110.83
C TYR A 161 46.99 24.28 -109.45
N LEU A 162 47.48 23.20 -108.94
CA LEU A 162 48.21 23.11 -107.68
C LEU A 162 49.61 23.58 -107.95
N ILE A 163 50.06 24.55 -107.18
CA ILE A 163 51.45 25.04 -107.26
C ILE A 163 52.17 24.67 -105.97
N ILE A 164 53.26 24.00 -106.11
CA ILE A 164 54.19 23.65 -105.02
C ILE A 164 55.43 24.37 -105.32
N SER A 165 55.79 25.38 -104.50
CA SER A 165 56.98 26.11 -104.63
C SER A 165 57.97 25.69 -103.60
N ILE A 166 59.06 25.11 -103.91
CA ILE A 166 60.07 24.58 -103.00
C ILE A 166 61.29 25.42 -103.13
N THR A 167 61.72 26.10 -102.14
CA THR A 167 62.90 26.93 -102.21
C THR A 167 63.93 26.58 -101.16
N ASN A 168 65.15 26.53 -101.67
CA ASN A 168 66.32 26.04 -100.99
C ASN A 168 67.52 26.79 -101.55
N THR A 169 68.71 26.45 -101.06
CA THR A 169 69.87 27.14 -101.38
C THR A 169 70.43 26.47 -102.58
N SER A 170 69.86 25.48 -103.18
CA SER A 170 70.23 24.76 -104.38
C SER A 170 69.14 24.73 -105.35
N THR A 171 69.43 24.02 -106.47
CA THR A 171 68.54 23.88 -107.60
C THR A 171 68.35 22.37 -107.94
N GLY A 172 67.32 22.07 -108.59
CA GLY A 172 67.21 20.73 -109.15
C GLY A 172 66.15 19.84 -108.49
N ASN A 173 66.25 18.52 -108.69
CA ASN A 173 65.31 17.62 -108.13
C ASN A 173 65.42 17.60 -106.65
N ILE A 174 64.24 17.73 -105.95
CA ILE A 174 64.20 17.87 -104.45
C ILE A 174 63.26 16.91 -103.75
N GLY A 175 62.44 16.14 -104.42
CA GLY A 175 61.59 15.19 -103.75
C GLY A 175 60.44 14.75 -104.52
N GLN A 176 59.34 14.43 -103.83
CA GLN A 176 58.16 13.88 -104.38
C GLN A 176 56.94 14.29 -103.62
N ILE A 177 55.80 14.30 -104.28
CA ILE A 177 54.45 14.52 -103.68
C ILE A 177 53.53 13.48 -104.13
N THR A 178 52.58 13.06 -103.34
CA THR A 178 51.54 12.15 -103.69
C THR A 178 50.16 12.79 -103.51
N LEU A 179 49.33 12.64 -104.47
CA LEU A 179 48.01 13.14 -104.52
C LEU A 179 46.98 12.03 -104.69
N THR A 180 45.83 12.16 -104.14
CA THR A 180 44.74 11.19 -104.37
C THR A 180 43.49 11.81 -104.58
N ILE A 181 42.73 11.21 -105.48
CA ILE A 181 41.35 11.60 -105.70
C ILE A 181 40.49 10.36 -105.94
N GLY A 182 39.42 10.20 -105.18
CA GLY A 182 38.57 9.08 -105.44
C GLY A 182 39.36 7.80 -105.29
N SER A 183 39.43 7.05 -106.38
CA SER A 183 40.12 5.78 -106.42
C SER A 183 41.51 5.92 -107.12
N THR A 184 42.00 7.07 -107.44
CA THR A 184 43.28 7.29 -108.11
C THR A 184 44.30 7.82 -107.13
N THR A 185 45.52 7.38 -107.22
CA THR A 185 46.70 7.91 -106.57
C THR A 185 47.69 8.33 -107.66
N MET A 186 48.39 9.40 -107.49
CA MET A 186 49.43 9.87 -108.42
C MET A 186 50.63 10.31 -107.67
N THR A 187 51.82 10.05 -108.12
CA THR A 187 53.09 10.45 -107.52
C THR A 187 53.84 11.30 -108.45
N PHE A 188 54.33 12.45 -108.03
CA PHE A 188 55.05 13.40 -108.84
C PHE A 188 56.37 13.77 -108.35
N ASN A 189 57.29 13.94 -109.28
CA ASN A 189 58.64 14.42 -108.99
C ASN A 189 58.58 15.94 -108.75
N LEU A 190 59.34 16.40 -107.75
CA LEU A 190 59.42 17.85 -107.38
C LEU A 190 60.79 18.29 -107.63
N GLN A 191 60.88 19.49 -108.20
CA GLN A 191 62.14 20.25 -108.36
C GLN A 191 62.01 21.51 -107.53
N THR A 192 63.16 22.15 -107.30
CA THR A 192 63.21 23.51 -106.71
C THR A 192 62.43 24.43 -107.63
N GLY A 193 61.91 25.49 -107.06
CA GLY A 193 61.11 26.42 -107.77
C GLY A 193 59.65 25.98 -107.87
N GLU A 194 59.00 26.40 -108.94
CA GLU A 194 57.63 26.05 -109.23
C GLU A 194 57.47 24.62 -109.66
N ASN A 195 56.44 23.98 -109.14
CA ASN A 195 55.87 22.72 -109.68
C ASN A 195 54.48 22.88 -109.88
N LYS A 196 53.86 22.66 -111.01
CA LYS A 196 52.46 22.99 -111.31
C LYS A 196 51.76 21.73 -111.75
N ILE A 197 50.65 21.37 -111.14
CA ILE A 197 49.94 20.16 -111.42
C ILE A 197 48.47 20.47 -111.56
N PRO A 198 47.80 20.15 -112.72
CA PRO A 198 46.36 20.35 -112.81
C PRO A 198 45.66 19.48 -111.76
N VAL A 199 44.57 19.87 -111.08
CA VAL A 199 43.93 19.09 -110.11
C VAL A 199 42.42 19.42 -110.17
N ILE A 200 41.65 18.48 -109.67
CA ILE A 200 40.22 18.70 -109.56
C ILE A 200 39.87 18.82 -108.03
N ALA A 201 38.76 19.55 -107.81
CA ALA A 201 38.29 19.83 -106.49
C ALA A 201 38.21 18.58 -105.67
N GLY A 202 38.67 18.58 -104.43
CA GLY A 202 38.63 17.49 -103.50
C GLY A 202 39.88 16.60 -103.45
N THR A 203 40.78 16.87 -104.43
CA THR A 203 42.03 16.12 -104.44
C THR A 203 42.71 16.24 -103.07
N GLN A 204 43.31 15.24 -102.55
CA GLN A 204 44.03 15.29 -101.32
C GLN A 204 45.54 15.24 -101.58
N ILE A 205 46.28 16.06 -100.85
CA ILE A 205 47.73 15.99 -100.74
C ILE A 205 48.05 15.05 -99.66
N THR A 206 48.49 13.83 -99.90
CA THR A 206 48.63 12.83 -98.91
C THR A 206 49.99 12.67 -98.31
N ASN A 207 51.04 13.08 -99.06
CA ASN A 207 52.47 12.97 -98.60
C ASN A 207 53.30 13.90 -99.40
N LEU A 208 54.30 14.43 -98.82
CA LEU A 208 55.47 15.01 -99.50
C LEU A 208 56.71 14.61 -98.81
N THR A 209 57.73 14.28 -99.54
CA THR A 209 59.05 13.92 -98.96
C THR A 209 60.11 14.64 -99.71
N LEU A 210 60.90 15.49 -99.08
CA LEU A 210 62.03 16.16 -99.68
C LEU A 210 63.33 15.58 -99.26
N THR A 211 64.35 15.77 -100.07
CA THR A 211 65.70 15.25 -99.79
C THR A 211 66.52 16.20 -98.97
N SER A 212 66.16 17.46 -98.84
CA SER A 212 66.86 18.45 -98.06
C SER A 212 65.90 19.51 -97.58
N SER A 213 66.16 20.07 -96.42
CA SER A 213 65.30 21.04 -95.80
C SER A 213 65.03 22.22 -96.70
N SER A 214 63.80 22.57 -96.82
CA SER A 214 63.36 23.63 -97.73
C SER A 214 62.28 24.43 -97.17
N ALA A 215 61.98 25.57 -97.75
CA ALA A 215 60.76 26.29 -97.60
C ALA A 215 59.72 25.74 -98.50
N ILE A 216 58.55 25.50 -98.06
CA ILE A 216 57.46 24.83 -98.79
C ILE A 216 56.29 25.71 -98.82
N LEU A 217 55.81 26.09 -99.99
CA LEU A 217 54.62 26.92 -100.25
C LEU A 217 53.72 26.14 -101.19
N ILE A 218 52.49 25.91 -100.75
CA ILE A 218 51.51 25.19 -101.59
C ILE A 218 50.30 26.07 -101.67
N TYR A 219 49.87 26.34 -102.89
CA TYR A 219 48.64 27.12 -103.17
C TYR A 219 48.09 26.63 -104.45
N GLU A 220 46.82 27.05 -104.70
CA GLU A 220 46.09 26.66 -105.95
C GLU A 220 45.69 27.89 -106.71
N GLU A 221 46.02 27.87 -107.96
CA GLU A 221 45.56 28.98 -108.87
C GLU A 221 44.20 28.42 -109.42
N VAL A 222 43.11 29.17 -109.07
CA VAL A 222 41.67 28.91 -109.48
C VAL A 222 41.14 30.09 -110.42
N UNK B 1 12.94 49.41 -79.30
CA UNK B 1 12.30 50.75 -79.38
C UNK B 1 13.39 51.81 -79.38
N UNK B 2 13.33 52.74 -80.35
CA UNK B 2 14.29 53.84 -80.50
C UNK B 2 13.77 55.20 -80.02
N UNK B 3 14.42 55.77 -78.99
CA UNK B 3 14.04 57.06 -78.37
C UNK B 3 14.68 58.34 -78.96
N UNK B 4 13.92 59.45 -78.87
CA UNK B 4 14.32 60.80 -79.34
C UNK B 4 13.99 61.82 -78.25
N UNK B 5 14.97 62.61 -77.82
CA UNK B 5 14.72 63.59 -76.78
C UNK B 5 14.87 64.97 -77.39
N UNK B 6 13.77 65.73 -77.52
CA UNK B 6 13.73 67.07 -78.15
C UNK B 6 13.46 68.29 -77.25
N UNK B 7 14.33 69.31 -77.30
CA UNK B 7 14.12 70.57 -76.56
C UNK B 7 13.94 71.52 -77.72
N UNK B 8 12.68 71.78 -78.07
CA UNK B 8 12.31 72.61 -79.22
C UNK B 8 11.54 73.89 -78.83
N UNK B 9 12.23 75.03 -78.87
CA UNK B 9 11.68 76.36 -78.52
C UNK B 9 11.24 77.10 -79.76
N UNK B 10 10.29 78.03 -79.59
CA UNK B 10 9.73 78.77 -80.73
C UNK B 10 8.73 79.91 -80.40
N UNK B 11 8.14 80.47 -81.47
CA UNK B 11 7.11 81.53 -81.41
C UNK B 11 6.24 81.31 -82.66
N UNK B 12 4.92 81.29 -82.50
CA UNK B 12 4.01 81.08 -83.63
C UNK B 12 2.72 81.91 -83.56
N UNK B 13 2.50 82.79 -84.54
CA UNK B 13 1.31 83.66 -84.59
C UNK B 13 0.33 83.30 -85.75
N UNK B 14 -0.86 82.79 -85.42
CA UNK B 14 -1.90 82.44 -86.43
C UNK B 14 -3.07 83.44 -86.33
N UNK B 15 -3.35 84.13 -87.45
CA UNK B 15 -4.40 85.17 -87.48
C UNK B 15 -5.72 84.60 -87.99
N GLY C 2 25.76 53.68 -42.30
CA GLY C 2 26.46 54.74 -43.09
C GLY C 2 27.33 54.24 -44.23
N GLU C 3 28.56 54.73 -44.29
CA GLU C 3 29.49 54.34 -45.35
C GLU C 3 30.59 53.43 -44.85
N ILE C 4 30.25 52.16 -44.69
CA ILE C 4 31.24 51.22 -44.23
C ILE C 4 32.41 51.20 -45.26
N TYR C 5 33.65 51.03 -44.79
CA TYR C 5 34.85 50.96 -45.61
C TYR C 5 35.96 50.40 -44.74
N THR C 6 36.82 49.59 -45.33
CA THR C 6 37.89 48.91 -44.59
C THR C 6 39.29 49.09 -45.14
N GLU C 7 40.26 49.08 -44.23
CA GLU C 7 41.64 49.21 -44.61
C GLU C 7 42.56 48.56 -43.59
N THR C 8 43.76 48.22 -44.04
CA THR C 8 44.78 47.65 -43.17
C THR C 8 45.62 48.88 -42.79
N LEU C 9 46.07 48.95 -41.54
CA LEU C 9 46.91 50.06 -41.07
C LEU C 9 48.32 49.74 -41.51
N GLN C 10 49.08 50.74 -41.95
CA GLN C 10 50.45 50.50 -42.42
C GLN C 10 51.33 49.85 -41.39
N GLN C 11 51.24 50.34 -40.16
CA GLN C 11 52.04 49.82 -39.07
C GLN C 11 51.70 48.42 -38.55
N THR C 12 52.68 47.52 -38.67
CA THR C 12 52.59 46.13 -38.20
C THR C 12 53.34 46.00 -36.86
N TYR C 13 53.31 44.82 -36.26
CA TYR C 13 53.97 44.64 -34.98
C TYR C 13 54.58 43.25 -34.93
N ALA C 14 55.89 43.20 -34.76
CA ALA C 14 56.60 41.92 -34.69
C ALA C 14 56.16 41.11 -33.47
N TRP C 15 55.88 39.83 -33.71
CA TRP C 15 55.47 38.90 -32.65
C TRP C 15 56.72 38.45 -31.92
N THR C 16 56.82 38.84 -30.65
CA THR C 16 57.96 38.42 -29.85
C THR C 16 57.32 37.59 -28.73
N ALA C 17 58.02 36.54 -28.29
CA ALA C 17 57.50 35.65 -27.25
C ALA C 17 57.45 36.32 -25.86
N GLY C 18 56.30 36.20 -25.18
CA GLY C 18 56.10 36.79 -23.86
C GLY C 18 56.19 38.32 -23.77
N THR C 19 55.64 39.02 -24.77
CA THR C 19 55.67 40.50 -24.85
C THR C 19 54.27 41.14 -24.81
N ASN C 20 54.19 42.42 -24.46
CA ASN C 20 52.91 43.11 -24.51
C ASN C 20 53.07 44.15 -25.61
N ILE C 21 52.27 44.01 -26.65
CA ILE C 21 52.34 44.90 -27.79
C ILE C 21 51.08 45.76 -27.82
N PRO C 22 51.17 47.03 -27.38
CA PRO C 22 49.97 47.90 -27.41
C PRO C 22 49.80 48.46 -28.81
N ILE C 23 48.60 48.35 -29.36
CA ILE C 23 48.32 48.83 -30.69
C ILE C 23 47.38 50.02 -30.64
N LYS C 24 47.68 51.08 -31.40
CA LYS C 24 46.77 52.22 -31.42
C LYS C 24 45.84 52.06 -32.62
N ILE C 25 44.56 52.19 -32.34
CA ILE C 25 43.53 52.07 -33.35
C ILE C 25 43.05 53.48 -33.69
N PRO C 26 43.37 53.96 -34.90
CA PRO C 26 42.96 55.30 -35.36
C PRO C 26 41.45 55.48 -35.23
N ARG C 27 41.02 56.64 -34.73
CA ARG C 27 39.60 56.91 -34.55
C ARG C 27 39.05 57.85 -35.64
N ASN C 28 38.99 57.33 -36.87
CA ASN C 28 38.53 58.05 -38.06
C ASN C 28 37.02 58.24 -38.13
N ASN C 29 36.32 57.12 -38.03
CA ASN C 29 34.86 57.11 -38.01
C ASN C 29 34.57 56.13 -36.88
N PHE C 30 33.37 55.55 -36.89
CA PHE C 30 33.01 54.56 -35.90
C PHE C 30 33.72 53.27 -36.34
N ILE C 31 33.95 52.34 -35.44
CA ILE C 31 34.63 51.11 -35.82
C ILE C 31 33.66 49.93 -35.83
N ARG C 32 33.56 49.24 -36.96
CA ARG C 32 32.66 48.09 -37.06
C ARG C 32 33.29 46.76 -36.67
N LYS C 33 34.52 46.51 -37.10
CA LYS C 33 35.18 45.25 -36.75
C LYS C 33 36.68 45.36 -36.95
N ILE C 34 37.45 44.77 -36.04
CA ILE C 34 38.91 44.85 -36.17
C ILE C 34 39.53 43.47 -36.29
N ARG C 35 40.16 43.21 -37.43
CA ARG C 35 40.80 41.92 -37.63
C ARG C 35 42.28 42.09 -37.31
N VAL C 36 42.84 41.05 -36.69
CA VAL C 36 44.25 41.04 -36.33
C VAL C 36 44.74 39.72 -36.88
N GLN C 37 45.88 39.74 -37.55
CA GLN C 37 46.42 38.52 -38.14
C GLN C 37 47.86 38.23 -37.79
N LEU C 38 48.14 37.02 -37.34
CA LEU C 38 49.51 36.67 -37.05
C LEU C 38 50.00 36.02 -38.36
N ILE C 39 50.73 36.78 -39.19
CA ILE C 39 51.22 36.30 -40.48
C ILE C 39 52.74 36.32 -40.68
N GLY C 40 53.31 35.12 -40.89
CA GLY C 40 54.74 34.95 -41.10
C GLY C 40 55.00 33.46 -41.26
N SER C 41 55.95 32.92 -40.51
CA SER C 41 56.28 31.49 -40.59
C SER C 41 56.80 30.98 -39.26
N ILE C 42 56.89 29.67 -39.12
CA ILE C 42 57.43 29.08 -37.91
C ILE C 42 58.64 28.32 -38.44
N SER C 43 59.83 28.83 -38.12
CA SER C 43 61.06 28.22 -38.63
C SER C 43 61.73 27.24 -37.68
N ASN C 44 62.13 26.12 -38.27
CA ASN C 44 62.82 25.08 -37.55
C ASN C 44 64.19 25.14 -38.22
N SER C 45 65.21 25.44 -37.40
CA SER C 45 66.59 25.52 -37.85
C SER C 45 67.28 24.30 -37.20
N GLY C 46 66.47 23.58 -36.40
CA GLY C 46 66.95 22.39 -35.73
C GLY C 46 67.09 21.29 -36.76
N THR C 47 67.97 20.35 -36.45
CA THR C 47 68.30 19.21 -37.31
C THR C 47 67.11 18.22 -37.58
N ALA C 48 66.29 17.98 -36.56
CA ALA C 48 65.11 17.08 -36.64
C ALA C 48 63.82 17.92 -36.75
N ALA C 49 62.88 17.44 -37.58
CA ALA C 49 61.59 18.12 -37.83
C ALA C 49 60.70 18.22 -36.56
N VAL C 50 60.48 19.46 -36.09
CA VAL C 50 59.67 19.71 -34.89
C VAL C 50 58.18 19.80 -35.20
N THR C 51 57.42 18.85 -34.63
CA THR C 51 55.96 18.78 -34.78
C THR C 51 55.37 19.82 -33.81
N LEU C 52 54.61 20.76 -34.38
CA LEU C 52 54.02 21.86 -33.63
C LEU C 52 53.04 21.42 -32.56
N PRO C 53 53.00 22.14 -31.42
CA PRO C 53 52.07 21.75 -30.36
C PRO C 53 50.65 21.66 -30.94
N SER C 54 49.81 20.81 -30.35
CA SER C 54 48.43 20.66 -30.83
C SER C 54 47.52 21.73 -30.22
N ALA C 55 46.25 21.73 -30.65
CA ALA C 55 45.26 22.70 -30.19
C ALA C 55 45.41 22.99 -28.68
N PRO C 56 45.18 24.25 -28.26
CA PRO C 56 44.83 25.47 -29.02
C PRO C 56 45.77 26.09 -30.07
N PHE C 57 47.00 25.57 -30.22
CA PHE C 57 47.93 26.13 -31.21
C PHE C 57 47.30 26.05 -32.60
N PRO C 58 47.60 27.03 -33.48
CA PRO C 58 48.46 28.20 -33.31
C PRO C 58 47.86 29.32 -32.45
N TYR C 59 46.54 29.23 -32.22
CA TYR C 59 45.80 30.23 -31.45
C TYR C 59 46.42 30.83 -30.20
N ASN C 60 47.02 30.00 -29.35
CA ASN C 60 47.64 30.48 -28.12
C ASN C 60 48.95 31.25 -28.35
N LEU C 61 49.32 31.47 -29.61
CA LEU C 61 50.54 32.22 -29.94
C LEU C 61 50.38 33.60 -29.37
N VAL C 62 49.11 33.99 -29.16
CA VAL C 62 48.73 35.26 -28.55
C VAL C 62 48.01 34.82 -27.28
N GLN C 63 48.74 34.84 -26.18
CA GLN C 63 48.20 34.43 -24.90
C GLN C 63 46.88 35.13 -24.59
N THR C 64 46.86 36.46 -24.73
CA THR C 64 45.67 37.29 -24.50
C THR C 64 45.55 38.54 -25.39
N PHE C 65 44.33 39.04 -25.50
CA PHE C 65 43.97 40.22 -26.29
C PHE C 65 43.27 41.21 -25.38
N ASN C 66 43.31 42.48 -25.72
CA ASN C 66 42.60 43.43 -24.88
C ASN C 66 42.23 44.77 -25.51
N LEU C 67 41.04 44.81 -26.09
CA LEU C 67 40.57 46.01 -26.74
C LEU C 67 39.64 46.77 -25.80
N SER C 68 40.08 47.96 -25.37
CA SER C 68 39.29 48.81 -24.49
C SER C 68 39.50 50.28 -24.89
N TYR C 69 38.63 51.17 -24.42
CA TYR C 69 38.76 52.57 -24.79
C TYR C 69 38.78 53.50 -23.57
N GLU C 70 39.65 54.52 -23.67
CA GLU C 70 39.98 55.49 -22.62
C GLU C 70 40.88 54.70 -21.67
N GLY C 71 41.39 53.60 -22.22
CA GLY C 71 42.25 52.69 -21.47
C GLY C 71 41.43 51.94 -20.43
N SER C 72 40.17 52.36 -20.28
CA SER C 72 39.30 51.82 -19.24
C SER C 72 38.10 50.89 -19.50
N LYS C 73 37.21 51.28 -20.41
CA LYS C 73 36.01 50.51 -20.66
C LYS C 73 36.41 49.41 -21.65
N THR C 74 36.38 48.17 -21.14
CA THR C 74 36.81 46.99 -21.86
C THR C 74 35.77 46.34 -22.77
N LEU C 75 36.07 46.38 -24.07
CA LEU C 75 35.21 45.83 -25.08
C LEU C 75 35.58 44.37 -25.23
N TYR C 76 36.87 44.09 -25.04
CA TYR C 76 37.36 42.73 -25.16
C TYR C 76 38.40 42.39 -24.13
N SER C 77 38.37 41.14 -23.71
CA SER C 77 39.31 40.63 -22.72
C SER C 77 39.18 39.13 -22.87
N VAL C 78 39.88 38.64 -23.87
CA VAL C 78 39.85 37.24 -24.18
C VAL C 78 41.27 36.80 -24.49
N SER C 79 41.48 35.49 -24.51
CA SER C 79 42.80 34.95 -24.82
C SER C 79 42.79 34.47 -26.28
N GLY C 80 43.99 34.28 -26.84
CA GLY C 80 44.07 33.80 -28.20
C GLY C 80 43.40 32.44 -28.30
N THR C 81 43.46 31.69 -27.20
CA THR C 81 42.85 30.36 -27.09
C THR C 81 41.33 30.51 -27.00
N GLY C 82 40.89 31.60 -26.36
CA GLY C 82 39.47 31.86 -26.23
C GLY C 82 38.85 32.37 -27.52
N LEU C 83 39.19 33.61 -27.91
CA LEU C 83 38.66 34.20 -29.14
C LEU C 83 38.97 33.28 -30.32
N GLY C 84 40.09 32.57 -30.23
CA GLY C 84 40.49 31.66 -31.27
C GLY C 84 39.44 30.58 -31.49
N ILE C 85 38.97 29.96 -30.41
CA ILE C 85 37.95 28.93 -30.51
C ILE C 85 36.58 29.52 -30.86
N LEU C 86 36.29 30.73 -30.38
CA LEU C 86 35.01 31.37 -30.68
C LEU C 86 34.99 31.64 -32.17
N MET C 87 36.15 32.01 -32.71
CA MET C 87 36.31 32.29 -34.14
C MET C 87 36.13 30.99 -34.92
N TYR C 88 36.69 29.91 -34.37
CA TYR C 88 36.60 28.60 -34.99
C TYR C 88 35.16 28.11 -35.16
N TYR C 89 34.26 28.53 -34.26
CA TYR C 89 32.87 28.13 -34.35
C TYR C 89 32.00 29.04 -35.20
N THR C 90 31.99 30.33 -34.87
CA THR C 90 31.19 31.28 -35.61
C THR C 90 31.55 31.42 -37.10
N THR C 91 32.55 30.66 -37.58
CA THR C 91 32.96 30.70 -38.99
C THR C 91 32.96 29.33 -39.68
N LYS C 92 32.11 28.42 -39.22
CA LYS C 92 32.05 27.06 -39.79
C LYS C 92 33.43 26.41 -39.81
N GLY C 93 34.22 26.71 -38.78
CA GLY C 93 35.56 26.17 -38.62
C GLY C 93 36.53 26.53 -39.74
N GLN C 94 36.17 27.54 -40.50
CA GLN C 94 36.97 27.98 -41.62
C GLN C 94 37.88 29.15 -41.34
N ASN C 95 37.86 29.66 -40.12
CA ASN C 95 38.71 30.80 -39.78
C ASN C 95 40.19 30.45 -40.06
N PRO C 96 40.92 31.35 -40.78
CA PRO C 96 42.34 31.12 -41.11
C PRO C 96 43.20 30.79 -39.86
N ALA C 97 43.83 29.60 -39.85
CA ALA C 97 44.65 29.19 -38.71
C ALA C 97 45.75 28.17 -39.08
N TYR C 98 46.82 28.67 -39.69
CA TYR C 98 47.93 27.81 -40.10
C TYR C 98 49.21 28.07 -39.30
N PRO C 99 50.00 27.01 -39.04
CA PRO C 99 49.58 25.69 -39.54
C PRO C 99 48.63 25.02 -38.53
N ALA C 100 47.99 23.92 -38.95
CA ALA C 100 47.07 23.18 -38.06
C ALA C 100 47.85 22.58 -36.88
N PRO C 101 47.15 22.16 -35.82
CA PRO C 101 47.86 21.58 -34.67
C PRO C 101 48.59 20.25 -35.02
N GLY C 102 49.81 20.12 -34.51
CA GLY C 102 50.62 18.93 -34.72
C GLY C 102 51.36 18.80 -36.05
N THR C 103 51.30 19.85 -36.90
CA THR C 103 51.97 19.81 -38.21
C THR C 103 53.49 19.94 -38.04
N SER C 104 54.23 19.23 -38.89
CA SER C 104 55.68 19.23 -38.81
C SER C 104 56.36 20.31 -39.66
N VAL C 105 57.32 20.97 -39.02
CA VAL C 105 58.12 22.03 -39.64
C VAL C 105 59.36 21.28 -40.18
N PRO C 106 59.44 21.08 -41.51
CA PRO C 106 60.60 20.36 -42.07
C PRO C 106 61.92 20.72 -41.38
N ALA C 107 62.73 19.68 -41.11
CA ALA C 107 64.04 19.82 -40.45
C ALA C 107 64.98 20.76 -41.26
N SER C 108 65.30 21.92 -40.68
CA SER C 108 66.14 22.99 -41.30
C SER C 108 65.38 23.73 -42.44
N GLY C 109 64.04 23.69 -42.33
CA GLY C 109 63.11 24.34 -43.25
C GLY C 109 62.03 24.97 -42.39
N SER C 110 60.93 25.42 -42.99
CA SER C 110 59.84 26.04 -42.20
C SER C 110 58.44 25.85 -42.81
N VAL C 111 57.41 26.23 -42.04
CA VAL C 111 56.01 26.15 -42.48
C VAL C 111 55.43 27.59 -42.46
N ASN C 112 54.13 27.70 -42.70
CA ASN C 112 53.46 28.99 -42.73
C ASN C 112 52.60 29.35 -41.55
N LEU C 113 52.79 30.58 -41.09
CA LEU C 113 52.02 31.09 -39.97
C LEU C 113 50.98 32.09 -40.49
N ASN C 114 49.74 31.88 -40.05
CA ASN C 114 48.62 32.72 -40.43
C ASN C 114 47.39 32.41 -39.60
N VAL C 115 47.21 33.17 -38.53
CA VAL C 115 46.06 33.01 -37.65
C VAL C 115 45.25 34.31 -37.64
N MET C 116 43.97 34.23 -37.30
CA MET C 116 43.14 35.42 -37.25
C MET C 116 42.10 35.52 -36.12
N TRP C 117 41.84 36.75 -35.71
CA TRP C 117 40.87 37.08 -34.68
C TRP C 117 40.00 38.20 -35.23
N GLU C 118 38.87 38.42 -34.58
CA GLU C 118 37.99 39.48 -35.03
C GLU C 118 37.16 39.99 -33.89
N PHE C 119 37.31 41.27 -33.58
CA PHE C 119 36.55 41.89 -32.51
C PHE C 119 35.44 42.68 -33.17
N ASP C 120 34.21 42.21 -32.98
CA ASP C 120 33.02 42.85 -33.55
C ASP C 120 32.52 43.90 -32.60
N LEU C 121 32.71 45.17 -32.98
CA LEU C 121 32.27 46.25 -32.13
C LEU C 121 30.95 46.88 -32.59
N ALA C 122 30.11 46.10 -33.29
CA ALA C 122 28.82 46.62 -33.81
C ALA C 122 29.18 47.92 -34.55
N ARG C 123 28.69 49.06 -34.07
CA ARG C 123 29.07 50.32 -34.69
C ARG C 123 29.50 51.28 -33.59
N PHE C 124 30.58 50.87 -32.92
CA PHE C 124 31.20 51.58 -31.81
C PHE C 124 31.58 53.02 -32.20
N PRO C 125 31.04 54.02 -31.48
CA PRO C 125 31.28 55.47 -31.70
C PRO C 125 32.69 55.88 -31.33
N ALA C 126 33.65 55.36 -32.09
CA ALA C 126 35.07 55.58 -31.87
C ALA C 126 35.58 57.03 -31.96
N THR C 127 34.83 57.89 -32.63
CA THR C 127 35.24 59.28 -32.75
C THR C 127 34.83 60.11 -31.53
N MET C 128 33.85 59.63 -30.79
CA MET C 128 33.32 60.33 -29.63
C MET C 128 33.96 59.83 -28.33
N VAL C 129 34.79 58.81 -28.45
CA VAL C 129 35.46 58.27 -27.28
C VAL C 129 36.95 58.54 -27.39
N GLN C 130 37.66 58.04 -26.40
CA GLN C 130 39.09 58.22 -26.32
C GLN C 130 39.88 56.93 -26.29
N ASN C 131 41.03 56.92 -26.96
CA ASN C 131 41.93 55.77 -26.91
C ASN C 131 41.48 54.36 -27.16
N ILE C 132 41.25 53.97 -28.40
CA ILE C 132 40.89 52.58 -28.58
C ILE C 132 42.23 51.84 -28.73
N ILE C 133 42.69 51.21 -27.64
CA ILE C 133 43.97 50.48 -27.61
C ILE C 133 43.85 48.97 -27.41
N LEU C 134 44.12 48.23 -28.48
CA LEU C 134 44.06 46.77 -28.47
C LEU C 134 45.42 46.20 -28.08
N SER C 135 45.59 45.90 -26.79
CA SER C 135 46.84 45.35 -26.26
C SER C 135 46.91 43.83 -26.39
N ILE C 136 47.86 43.39 -27.21
CA ILE C 136 48.07 41.98 -27.47
C ILE C 136 49.25 41.51 -26.64
N LEU C 137 48.98 40.61 -25.68
CA LEU C 137 50.04 40.05 -24.86
C LEU C 137 50.36 38.67 -25.41
N THR C 138 51.24 38.64 -26.40
CA THR C 138 51.66 37.40 -27.06
C THR C 138 52.12 36.36 -26.02
N GLY C 139 51.95 35.09 -26.39
CA GLY C 139 52.34 34.02 -25.51
C GLY C 139 53.75 33.56 -25.82
N GLN C 140 53.93 32.24 -25.88
CA GLN C 140 55.23 31.63 -26.13
C GLN C 140 55.41 30.94 -27.49
N ALA C 141 56.60 31.10 -28.09
CA ALA C 141 56.90 30.44 -29.36
C ALA C 141 56.93 28.92 -29.07
N PRO C 142 56.23 28.09 -29.88
CA PRO C 142 56.24 26.63 -29.62
C PRO C 142 57.69 26.15 -29.52
N SER C 143 57.90 25.05 -28.80
CA SER C 143 59.26 24.51 -28.60
C SER C 143 59.96 23.83 -29.83
N GLY C 144 61.19 24.28 -30.10
CA GLY C 144 62.00 23.76 -31.21
C GLY C 144 61.96 24.63 -32.46
N VAL C 145 60.90 25.43 -32.55
CA VAL C 145 60.65 26.34 -33.67
C VAL C 145 60.59 27.82 -33.17
N SER C 146 60.66 28.75 -34.12
CA SER C 146 60.60 30.19 -33.82
C SER C 146 59.59 30.96 -34.69
N ILE C 147 58.78 31.79 -34.05
CA ILE C 147 57.77 32.58 -34.77
C ILE C 147 58.32 33.90 -35.36
N ASN C 148 58.32 33.98 -36.70
CA ASN C 148 58.80 35.15 -37.44
C ASN C 148 57.59 35.80 -38.12
N ALA C 149 56.61 36.16 -37.31
CA ALA C 149 55.41 36.77 -37.84
C ALA C 149 55.22 38.16 -37.26
N SER C 150 54.17 38.83 -37.71
CA SER C 150 53.80 40.17 -37.26
C SER C 150 52.28 40.24 -37.21
N PHE C 151 51.72 41.34 -36.71
CA PHE C 151 50.27 41.49 -36.63
C PHE C 151 49.76 42.49 -37.68
N TYR C 152 48.62 42.19 -38.28
CA TYR C 152 48.02 43.05 -39.31
C TYR C 152 46.65 43.46 -38.88
N ILE C 153 46.55 44.74 -38.52
CA ILE C 153 45.31 45.29 -38.04
C ILE C 153 44.53 45.92 -39.19
N THR C 154 43.37 45.33 -39.47
CA THR C 154 42.44 45.78 -40.51
C THR C 154 41.21 46.30 -39.80
N ILE C 155 40.95 47.60 -39.92
CA ILE C 155 39.81 48.20 -39.24
C ILE C 155 38.72 48.59 -40.21
N THR C 156 37.49 48.33 -39.79
CA THR C 156 36.30 48.62 -40.58
C THR C 156 35.57 49.84 -40.04
N TYR C 157 35.72 50.98 -40.70
CA TYR C 157 35.02 52.17 -40.26
C TYR C 157 33.69 52.33 -40.99
N GLU C 158 32.75 53.02 -40.36
CA GLU C 158 31.45 53.26 -40.97
C GLU C 158 31.28 54.74 -40.76
N ARG C 159 31.03 55.43 -41.86
CA ARG C 159 30.88 56.86 -41.88
C ARG C 159 29.54 57.27 -41.28
N VAL C 160 29.42 57.18 -39.95
CA VAL C 160 28.19 57.59 -39.30
C VAL C 160 28.28 59.12 -39.36
N THR C 161 27.16 59.74 -39.72
CA THR C 161 27.08 61.21 -39.85
C THR C 161 26.30 61.88 -38.72
N ALA C 162 26.58 63.17 -38.51
CA ALA C 162 25.89 63.95 -37.48
C ALA C 162 24.41 63.71 -37.77
N GLN C 163 24.10 63.68 -39.07
CA GLN C 163 22.77 63.42 -39.58
C GLN C 163 22.18 62.08 -39.10
N GLU C 164 22.75 60.98 -39.59
CA GLU C 164 22.29 59.65 -39.24
C GLU C 164 22.21 59.39 -37.74
N ILE C 165 23.16 59.94 -36.97
CA ILE C 165 23.16 59.77 -35.52
C ILE C 165 21.83 60.23 -34.93
N LEU C 166 21.31 61.34 -35.44
CA LEU C 166 20.03 61.88 -35.00
C LEU C 166 18.87 60.92 -35.34
N SER C 167 18.99 60.24 -36.50
CA SER C 167 17.97 59.29 -37.02
C SER C 167 17.77 58.00 -36.20
N GLU C 168 18.53 57.84 -35.12
CA GLU C 168 18.44 56.67 -34.28
C GLU C 168 18.31 57.14 -32.85
N GLY C 169 18.02 58.42 -32.69
CA GLY C 169 17.87 58.97 -31.35
C GLY C 169 18.95 59.92 -30.86
N GLY C 170 19.64 60.58 -31.79
CA GLY C 170 20.68 61.53 -31.40
C GLY C 170 21.66 60.94 -30.40
N LEU C 171 21.95 61.70 -29.34
CA LEU C 171 22.88 61.24 -28.33
C LEU C 171 22.26 60.70 -27.04
N GLY C 172 23.13 60.21 -26.14
CA GLY C 172 22.68 59.66 -24.88
C GLY C 172 22.27 60.73 -23.88
N ALA C 173 22.12 60.33 -22.62
CA ALA C 173 21.72 61.24 -21.54
C ALA C 173 22.80 62.31 -21.34
N ASP C 174 24.03 61.83 -21.27
CA ASP C 174 25.23 62.63 -21.08
C ASP C 174 25.84 62.99 -22.45
N GLY C 175 25.23 62.45 -23.51
CA GLY C 175 25.68 62.69 -24.86
C GLY C 175 27.13 62.32 -25.11
N GLU C 176 27.48 61.06 -24.88
CA GLU C 176 28.85 60.67 -25.09
C GLU C 176 28.99 59.70 -26.25
N MET C 177 27.85 59.14 -26.65
CA MET C 177 27.78 58.20 -27.77
C MET C 177 26.34 58.31 -28.21
N PRO C 178 26.01 57.80 -29.41
CA PRO C 178 24.61 57.92 -29.82
C PRO C 178 23.73 57.12 -28.85
N LEU C 179 22.48 57.54 -28.68
CA LEU C 179 21.58 56.85 -27.76
C LEU C 179 21.49 55.34 -28.02
N ALA C 180 21.45 54.97 -29.29
CA ALA C 180 21.35 53.56 -29.69
C ALA C 180 22.70 52.83 -29.82
N THR C 181 23.63 53.13 -28.91
CA THR C 181 24.95 52.48 -28.92
C THR C 181 24.81 51.09 -28.29
N VAL C 182 25.50 50.12 -28.86
CA VAL C 182 25.46 48.76 -28.34
C VAL C 182 26.90 48.31 -28.25
N LEU C 183 27.55 48.63 -27.15
CA LEU C 183 28.94 48.28 -26.93
C LEU C 183 29.14 46.81 -26.64
N PRO C 184 29.92 46.13 -27.49
CA PRO C 184 30.20 44.71 -27.32
C PRO C 184 31.06 44.55 -26.07
N LYS C 185 30.79 43.51 -25.29
CA LYS C 185 31.54 43.26 -24.05
C LYS C 185 31.94 41.79 -23.95
N VAL C 186 32.81 41.35 -24.87
CA VAL C 186 33.27 39.97 -24.87
C VAL C 186 34.39 39.77 -23.85
N ILE C 187 33.99 39.38 -22.66
CA ILE C 187 34.91 39.14 -21.54
C ILE C 187 35.04 37.63 -21.39
N GLU C 188 36.10 37.20 -20.72
CA GLU C 188 36.30 35.79 -20.52
C GLU C 188 36.70 35.51 -19.09
N ILE C 189 35.85 34.78 -18.40
CA ILE C 189 36.09 34.47 -17.01
C ILE C 189 36.54 33.03 -16.78
N PRO C 190 37.81 32.84 -16.41
CA PRO C 190 38.37 31.50 -16.15
C PRO C 190 38.13 31.09 -14.69
N THR C 191 37.79 29.83 -14.47
CA THR C 191 37.54 29.33 -13.11
C THR C 191 38.61 28.30 -12.81
N PHE C 192 39.06 28.23 -11.56
CA PHE C 192 40.11 27.28 -11.28
C PHE C 192 39.75 26.11 -10.38
N ASN C 193 40.15 24.95 -10.88
CA ASN C 193 39.96 23.66 -10.23
C ASN C 193 38.54 23.21 -9.89
N VAL C 194 37.61 23.39 -10.81
CA VAL C 194 36.25 22.94 -10.56
C VAL C 194 36.45 21.41 -10.41
N PRO C 195 36.19 20.85 -9.22
CA PRO C 195 36.36 19.41 -9.00
C PRO C 195 35.54 18.48 -9.87
N ALA C 196 36.07 17.28 -10.07
CA ALA C 196 35.45 16.23 -10.87
C ALA C 196 34.14 15.71 -10.22
N SER C 197 33.08 15.54 -11.02
CA SER C 197 31.80 15.03 -10.50
C SER C 197 30.91 14.43 -11.61
N SER C 198 29.87 13.71 -11.20
CA SER C 198 28.92 13.11 -12.15
C SER C 198 27.67 14.04 -12.30
N ALA C 199 27.29 14.69 -11.19
CA ALA C 199 26.16 15.63 -11.13
C ALA C 199 26.81 17.00 -11.31
N PRO C 200 26.35 17.79 -12.31
CA PRO C 200 26.95 19.11 -12.52
C PRO C 200 27.06 19.93 -11.24
N ILE C 201 28.28 20.31 -10.87
CA ILE C 201 28.50 21.12 -9.66
C ILE C 201 28.72 22.56 -10.10
N HIS C 202 28.35 23.49 -9.23
CA HIS C 202 28.46 24.92 -9.50
C HIS C 202 29.85 25.35 -10.01
N VAL C 203 29.86 26.00 -11.17
CA VAL C 203 31.11 26.47 -11.79
C VAL C 203 31.32 27.97 -11.62
N ALA C 204 30.30 28.76 -11.92
CA ALA C 204 30.39 30.21 -11.79
C ALA C 204 29.07 30.84 -12.17
N TYR C 205 28.80 32.02 -11.62
CA TYR C 205 27.56 32.71 -11.96
C TYR C 205 27.74 33.67 -13.12
N LEU C 206 26.64 33.96 -13.82
CA LEU C 206 26.71 34.94 -14.89
C LEU C 206 26.38 36.19 -14.09
N GLN C 207 27.26 37.18 -14.12
CA GLN C 207 27.03 38.41 -13.37
C GLN C 207 26.20 39.39 -14.19
N PRO C 208 25.41 40.22 -13.52
CA PRO C 208 24.57 41.20 -14.21
C PRO C 208 25.30 42.38 -14.86
N GLY C 209 24.51 43.25 -15.49
CA GLY C 209 25.02 44.44 -16.15
C GLY C 209 25.24 44.28 -17.66
N GLN C 210 24.53 43.34 -18.26
CA GLN C 210 24.70 43.11 -19.69
C GLN C 210 23.76 42.05 -20.22
N ILE C 211 23.61 41.99 -21.55
CA ILE C 211 22.76 41.00 -22.21
C ILE C 211 23.69 39.98 -22.84
N TYR C 212 23.53 38.71 -22.46
CA TYR C 212 24.36 37.62 -22.97
C TYR C 212 23.80 37.04 -24.28
N LYS C 213 24.65 36.98 -25.31
CA LYS C 213 24.21 36.47 -26.61
C LYS C 213 24.57 34.99 -26.73
N ARG C 214 25.76 34.60 -26.28
CA ARG C 214 26.14 33.20 -26.36
C ARG C 214 27.35 32.93 -25.47
N GLN C 215 27.45 31.72 -24.94
CA GLN C 215 28.58 31.39 -24.06
C GLN C 215 29.38 30.18 -24.53
N LEU C 216 30.69 30.40 -24.69
CA LEU C 216 31.64 29.39 -25.14
C LEU C 216 32.44 28.86 -23.96
N VAL C 217 32.11 27.66 -23.51
CA VAL C 217 32.78 27.06 -22.39
C VAL C 217 33.69 25.92 -22.84
N TYR C 218 34.91 25.89 -22.30
CA TYR C 218 35.83 24.82 -22.63
C TYR C 218 36.73 24.55 -21.44
N VAL C 219 36.98 23.27 -21.21
CA VAL C 219 37.82 22.81 -20.10
C VAL C 219 39.27 22.56 -20.53
N ILE C 220 40.19 22.71 -19.57
CA ILE C 220 41.59 22.50 -19.84
C ILE C 220 42.19 21.56 -18.77
N ASN C 221 42.39 20.31 -19.17
CA ASN C 221 42.98 19.27 -18.33
C ASN C 221 44.47 19.58 -18.26
N SER C 222 45.11 19.17 -17.17
CA SER C 222 46.55 19.41 -17.01
C SER C 222 47.37 18.53 -17.99
N THR C 223 46.84 17.33 -18.28
CA THR C 223 47.51 16.35 -19.15
C THR C 223 47.29 16.60 -20.65
N SER C 224 46.02 16.56 -21.03
CA SER C 224 45.57 16.72 -22.42
C SER C 224 45.35 18.16 -22.94
N GLY C 225 45.65 19.16 -22.10
CA GLY C 225 45.46 20.55 -22.52
C GLY C 225 43.97 20.82 -22.75
N ILE C 226 43.61 21.12 -23.99
CA ILE C 226 42.19 21.34 -24.32
C ILE C 226 41.64 20.11 -25.04
N ASN C 227 42.49 19.09 -25.20
CA ASN C 227 42.11 17.88 -25.93
C ASN C 227 41.74 16.71 -25.02
N ASN C 228 40.81 16.95 -24.11
CA ASN C 228 40.37 15.91 -23.21
C ASN C 228 38.89 15.76 -23.54
N THR C 229 38.16 15.00 -22.73
CA THR C 229 36.73 14.81 -22.95
C THR C 229 35.99 14.80 -21.60
N ASP C 230 36.52 15.59 -20.67
CA ASP C 230 36.03 15.65 -19.30
C ASP C 230 34.69 16.30 -19.14
N PRO C 231 34.52 17.49 -19.70
CA PRO C 231 33.18 18.09 -19.52
C PRO C 231 32.15 17.09 -20.10
N THR C 232 31.24 16.58 -19.25
CA THR C 232 30.20 15.61 -19.69
C THR C 232 28.76 16.12 -19.60
N GLU C 233 28.51 16.96 -18.60
CA GLU C 233 27.17 17.50 -18.41
C GLU C 233 27.16 19.01 -18.10
N TYR C 234 26.66 19.78 -19.09
CA TYR C 234 26.55 21.24 -18.97
C TYR C 234 25.17 21.56 -18.40
N GLU C 235 25.07 22.67 -17.67
CA GLU C 235 23.79 23.01 -17.07
C GLU C 235 23.65 24.47 -16.65
N LEU C 236 22.69 25.17 -17.23
CA LEU C 236 22.44 26.56 -16.89
C LEU C 236 21.27 26.65 -15.91
N LYS C 237 21.59 26.87 -14.64
CA LYS C 237 20.60 26.92 -13.57
C LYS C 237 20.19 28.31 -13.09
N ILE C 238 18.88 28.55 -13.03
CA ILE C 238 18.37 29.83 -12.48
C ILE C 238 18.32 29.52 -10.98
N VAL C 239 19.25 30.08 -10.23
CA VAL C 239 19.33 29.80 -8.78
C VAL C 239 18.30 30.56 -7.96
N ARG C 240 18.07 31.83 -8.33
CA ARG C 240 17.12 32.69 -7.62
C ARG C 240 15.72 32.04 -7.62
N GLY C 241 15.06 32.02 -6.46
CA GLY C 241 13.74 31.40 -6.35
C GLY C 241 13.76 29.88 -6.16
N VAL C 242 12.95 29.15 -6.93
CA VAL C 242 12.93 27.68 -6.85
C VAL C 242 13.97 27.37 -7.93
N PRO C 243 14.85 26.39 -7.70
CA PRO C 243 15.83 26.14 -8.77
C PRO C 243 15.16 25.71 -10.06
N THR C 244 15.66 26.29 -11.17
CA THR C 244 15.15 26.01 -12.53
C THR C 244 16.34 25.78 -13.49
N ASP C 245 16.07 25.07 -14.58
CA ASP C 245 17.09 24.71 -15.53
C ASP C 245 16.76 25.10 -16.97
N LYS C 246 17.46 26.12 -17.47
CA LYS C 246 17.27 26.55 -18.84
C LYS C 246 17.99 25.50 -19.70
N ILE C 247 18.98 24.85 -19.10
CA ILE C 247 19.77 23.83 -19.78
C ILE C 247 20.20 22.71 -18.83
N LYS C 248 20.10 21.48 -19.29
CA LYS C 248 20.48 20.31 -18.51
C LYS C 248 20.82 19.31 -19.61
N VAL C 249 21.62 19.78 -20.57
CA VAL C 249 22.02 19.00 -21.73
C VAL C 249 23.40 18.35 -21.56
N SER C 250 23.54 17.09 -21.99
CA SER C 250 24.81 16.37 -21.86
C SER C 250 25.82 16.97 -22.80
N TRP C 251 27.11 16.83 -22.49
CA TRP C 251 28.17 17.38 -23.35
C TRP C 251 28.05 16.87 -24.79
N ALA C 252 27.81 15.57 -24.93
CA ALA C 252 27.65 14.98 -26.25
C ALA C 252 26.58 15.75 -27.06
N ALA C 253 25.38 15.88 -26.46
CA ALA C 253 24.23 16.60 -27.05
C ALA C 253 24.41 18.11 -27.25
N LEU C 254 25.27 18.72 -26.44
CA LEU C 254 25.54 20.16 -26.55
C LEU C 254 26.46 20.36 -27.75
N GLN C 255 27.37 19.41 -27.96
CA GLN C 255 28.27 19.48 -29.09
C GLN C 255 27.46 19.13 -30.32
N ALA C 256 26.33 18.50 -30.07
CA ALA C 256 25.38 18.11 -31.09
C ALA C 256 24.72 19.37 -31.66
N GLU C 257 24.13 20.21 -30.79
CA GLU C 257 23.47 21.42 -31.28
C GLU C 257 24.52 22.25 -32.04
N ASN C 258 25.80 22.02 -31.77
CA ASN C 258 26.87 22.76 -32.44
C ASN C 258 27.19 22.21 -33.80
N GLN C 259 26.81 20.96 -33.99
CA GLN C 259 27.01 20.33 -35.28
C GLN C 259 26.04 21.00 -36.25
N ALA C 260 24.77 21.05 -35.85
CA ALA C 260 23.70 21.66 -36.65
C ALA C 260 23.80 23.19 -36.63
N GLU C 261 24.17 23.71 -35.46
CA GLU C 261 24.27 25.15 -35.28
C GLU C 261 25.36 25.79 -36.12
N TYR C 262 26.58 25.29 -35.94
CA TYR C 262 27.71 25.84 -36.66
C TYR C 262 28.20 25.00 -37.83
N GLN C 263 27.55 23.86 -38.05
CA GLN C 263 27.92 22.96 -39.13
C GLN C 263 29.43 22.74 -39.18
N VAL C 264 30.02 22.33 -38.06
CA VAL C 264 31.44 22.09 -38.04
C VAL C 264 31.68 21.10 -36.92
N ALA C 265 32.66 20.20 -37.09
CA ALA C 265 32.96 19.19 -36.06
C ALA C 265 33.37 19.96 -34.79
N PRO C 266 33.24 19.33 -33.59
CA PRO C 266 33.61 20.03 -32.35
C PRO C 266 35.08 20.45 -32.38
N TYR C 267 35.38 21.66 -31.89
CA TYR C 267 36.75 22.15 -31.89
C TYR C 267 37.69 21.14 -31.20
N SER C 268 37.11 20.42 -30.23
CA SER C 268 37.76 19.36 -29.46
C SER C 268 36.71 18.77 -28.50
N GLY C 269 37.06 17.70 -27.79
CA GLY C 269 36.11 17.09 -26.87
C GLY C 269 35.79 17.92 -25.64
N ALA C 270 36.61 18.92 -25.38
CA ALA C 270 36.43 19.78 -24.21
C ALA C 270 35.90 21.20 -24.48
N SER C 271 35.17 21.40 -25.58
CA SER C 271 34.65 22.74 -25.88
C SER C 271 33.21 22.75 -26.37
N ALA C 272 32.57 23.92 -26.32
CA ALA C 272 31.19 24.07 -26.76
C ALA C 272 30.68 25.51 -26.77
N ILE C 273 29.45 25.67 -27.26
CA ILE C 273 28.78 26.97 -27.30
C ILE C 273 27.30 26.82 -26.98
N ILE C 274 26.78 27.73 -26.17
CA ILE C 274 25.37 27.71 -25.78
C ILE C 274 24.73 29.07 -26.09
N ASP C 275 23.78 29.10 -27.02
CA ASP C 275 23.14 30.37 -27.35
C ASP C 275 21.94 30.65 -26.51
N PHE C 276 22.00 31.73 -25.75
CA PHE C 276 20.90 32.11 -24.88
C PHE C 276 19.61 32.39 -25.64
N ARG C 277 19.83 32.81 -26.87
CA ARG C 277 18.67 33.11 -27.69
C ARG C 277 17.69 31.93 -27.93
N LYS C 278 18.24 30.60 -27.81
CA LYS C 278 17.59 29.28 -27.94
C LYS C 278 17.12 28.69 -26.59
N TYR C 279 17.50 29.32 -25.48
CA TYR C 279 17.15 28.83 -24.15
C TYR C 279 16.35 29.86 -23.39
N PHE C 280 16.19 31.00 -24.05
CA PHE C 280 15.38 32.09 -23.55
C PHE C 280 14.71 32.56 -24.82
N ASN C 281 13.90 33.59 -24.66
CA ASN C 281 13.24 34.16 -25.82
C ASN C 281 14.15 35.34 -26.18
N GLY C 282 14.87 35.20 -27.29
CA GLY C 282 15.80 36.24 -27.70
C GLY C 282 16.96 36.13 -26.72
N ASP C 283 17.79 37.17 -26.64
CA ASP C 283 18.95 37.17 -25.72
C ASP C 283 18.64 37.22 -24.19
N LEU C 284 19.51 36.54 -23.42
CA LEU C 284 19.42 36.47 -21.96
C LEU C 284 19.98 37.74 -21.34
N ASP C 285 19.09 38.58 -20.86
CA ASP C 285 19.47 39.86 -20.27
C ASP C 285 19.60 39.79 -18.74
N LEU C 286 20.66 40.40 -18.22
CA LEU C 286 20.88 40.47 -16.79
C LEU C 286 21.29 41.91 -16.48
N THR C 287 20.81 42.85 -17.30
CA THR C 287 21.09 44.29 -17.14
C THR C 287 20.60 44.75 -15.77
N HIS C 288 19.45 44.22 -15.36
CA HIS C 288 18.90 44.61 -14.09
C HIS C 288 18.57 43.50 -13.08
N ALA C 289 18.89 42.25 -13.42
CA ALA C 289 18.65 41.09 -12.55
C ALA C 289 19.61 41.07 -11.32
N PRO C 290 19.13 40.57 -10.16
CA PRO C 290 19.94 40.49 -8.92
C PRO C 290 21.12 39.55 -9.15
N SER C 291 22.22 39.77 -8.45
CA SER C 291 23.39 38.92 -8.66
C SER C 291 23.12 37.45 -8.33
N ASP C 292 23.88 36.55 -8.98
CA ASP C 292 23.80 35.10 -8.76
C ASP C 292 22.38 34.57 -8.99
N SER C 293 21.80 34.91 -10.13
CA SER C 293 20.43 34.47 -10.37
C SER C 293 20.51 33.48 -11.50
N ILE C 294 21.71 33.38 -12.06
CA ILE C 294 21.97 32.44 -13.13
C ILE C 294 23.42 32.02 -13.05
N GLU C 295 23.61 30.72 -12.86
CA GLU C 295 24.94 30.11 -12.79
C GLU C 295 24.93 28.95 -13.79
N TYR C 296 26.11 28.51 -14.21
CA TYR C 296 26.21 27.41 -15.14
C TYR C 296 27.10 26.34 -14.48
N ASP C 297 26.74 25.06 -14.64
CA ASP C 297 27.44 23.91 -14.04
C ASP C 297 28.16 22.89 -14.98
N LEU C 298 29.02 22.07 -14.40
CA LEU C 298 29.76 21.08 -15.17
C LEU C 298 30.16 19.86 -14.37
N ALA C 299 29.89 18.70 -14.94
CA ALA C 299 30.25 17.44 -14.33
C ALA C 299 31.52 17.08 -15.12
N LEU C 300 32.69 17.24 -14.50
CA LEU C 300 33.96 16.94 -15.17
C LEU C 300 34.50 15.55 -14.78
N GLN C 301 35.03 14.81 -15.77
CA GLN C 301 35.59 13.47 -15.50
C GLN C 301 36.70 13.58 -14.44
N ASN C 302 37.59 14.56 -14.65
CA ASN C 302 38.72 14.85 -13.75
C ASN C 302 38.52 16.26 -13.21
N GLN C 303 39.44 16.72 -12.37
CA GLN C 303 39.29 18.07 -11.85
C GLN C 303 40.18 19.00 -12.66
N ASP C 304 39.58 19.99 -13.32
CA ASP C 304 40.32 20.93 -14.18
C ASP C 304 39.91 22.43 -14.10
N ASN C 305 40.37 23.18 -15.09
CA ASN C 305 40.11 24.62 -15.18
C ASN C 305 39.13 24.84 -16.31
N VAL C 306 38.03 25.50 -16.00
CA VAL C 306 37.02 25.78 -17.00
C VAL C 306 37.05 27.26 -17.39
N TYR C 307 37.18 27.56 -18.69
CA TYR C 307 37.21 28.93 -19.18
C TYR C 307 35.90 29.26 -19.87
N SER C 308 35.27 30.36 -19.46
CA SER C 308 34.00 30.74 -20.07
C SER C 308 34.04 32.12 -20.69
N LEU C 309 34.04 32.13 -22.02
CA LEU C 309 34.08 33.35 -22.79
C LEU C 309 32.64 33.68 -23.17
N TYR C 310 32.20 34.89 -22.83
CA TYR C 310 30.84 35.31 -23.15
C TYR C 310 30.85 36.33 -24.29
N VAL C 311 29.84 36.24 -25.16
CA VAL C 311 29.72 37.20 -26.24
C VAL C 311 28.49 37.90 -25.71
N SER C 312 28.72 38.93 -24.89
CA SER C 312 27.64 39.72 -24.29
C SER C 312 27.84 41.13 -24.79
N TYR C 313 26.83 41.98 -24.57
CA TYR C 313 26.93 43.36 -24.98
C TYR C 313 26.08 44.21 -24.06
N VAL C 314 26.53 45.44 -23.82
CA VAL C 314 25.84 46.36 -22.94
C VAL C 314 25.30 47.58 -23.68
N LEU C 315 24.18 48.11 -23.20
CA LEU C 315 23.55 49.29 -23.79
C LEU C 315 23.75 50.42 -22.78
N PRO C 316 24.81 51.23 -22.96
CA PRO C 316 25.21 52.37 -22.13
C PRO C 316 24.13 53.42 -21.81
N TYR C 317 22.99 53.30 -22.45
CA TYR C 317 21.88 54.23 -22.19
C TYR C 317 20.63 53.36 -22.21
N TYR C 318 20.80 52.13 -21.72
CA TYR C 318 19.74 51.12 -21.63
C TYR C 318 18.46 51.64 -20.96
N ASP C 319 18.59 52.70 -20.18
CA ASP C 319 17.46 53.29 -19.46
C ASP C 319 16.65 54.27 -20.27
N GLN C 320 17.33 55.02 -21.12
CA GLN C 320 16.65 55.96 -22.00
C GLN C 320 15.98 55.21 -23.17
N LEU C 321 16.51 54.05 -23.53
CA LEU C 321 15.93 53.26 -24.61
C LEU C 321 14.67 52.64 -24.06
N ALA C 322 14.73 52.30 -22.76
CA ALA C 322 13.61 51.68 -22.04
C ALA C 322 12.59 52.75 -21.63
N ALA C 323 13.07 53.99 -21.39
CA ALA C 323 12.20 55.10 -20.99
C ALA C 323 11.82 55.97 -22.20
N LEU C 324 11.99 55.41 -23.39
CA LEU C 324 11.69 56.14 -24.62
C LEU C 324 10.22 55.93 -25.00
N PRO C 325 9.59 56.95 -25.63
CA PRO C 325 8.18 56.84 -26.05
C PRO C 325 7.98 55.60 -26.95
N ALA C 326 6.84 54.91 -26.84
CA ALA C 326 6.59 53.72 -27.68
C ALA C 326 6.75 54.16 -29.15
N GLN C 327 6.72 55.49 -29.33
CA GLN C 327 6.88 56.16 -30.61
C GLN C 327 8.33 56.07 -31.16
N VAL C 328 9.27 56.70 -30.42
CA VAL C 328 10.70 56.71 -30.75
C VAL C 328 11.36 55.36 -30.46
N ALA C 329 11.12 54.83 -29.26
CA ALA C 329 11.66 53.53 -28.83
C ALA C 329 11.48 52.49 -29.94
N ALA C 330 10.36 52.57 -30.66
CA ALA C 330 10.07 51.65 -31.75
C ALA C 330 11.17 51.69 -32.86
N ILE C 331 11.64 52.90 -33.19
CA ILE C 331 12.69 53.16 -34.21
C ILE C 331 14.12 52.91 -33.67
N VAL C 332 14.35 53.36 -32.44
CA VAL C 332 15.61 53.20 -31.76
C VAL C 332 15.85 51.71 -31.53
N GLN C 333 14.81 50.99 -31.15
CA GLN C 333 14.91 49.54 -30.91
C GLN C 333 15.43 48.88 -32.17
N GLN C 334 15.06 49.43 -33.32
CA GLN C 334 15.49 48.89 -34.60
C GLN C 334 16.97 49.00 -34.89
N TYR C 335 17.60 50.01 -34.30
CA TYR C 335 19.03 50.19 -34.51
C TYR C 335 19.80 49.31 -33.58
N VAL C 336 19.34 49.29 -32.34
CA VAL C 336 19.97 48.51 -31.31
C VAL C 336 19.80 47.03 -31.71
N ALA C 337 18.63 46.69 -32.21
CA ALA C 337 18.35 45.32 -32.62
C ALA C 337 19.30 44.84 -33.71
N ARG C 338 19.52 45.69 -34.70
CA ARG C 338 20.39 45.33 -35.81
C ARG C 338 21.84 45.21 -35.34
N GLN C 339 22.24 46.15 -34.48
CA GLN C 339 23.57 46.25 -33.89
C GLN C 339 23.93 45.04 -33.03
N LYS C 340 22.96 44.56 -32.25
CA LYS C 340 23.16 43.40 -31.38
C LYS C 340 23.59 42.14 -32.16
N ARG C 341 23.07 41.99 -33.37
CA ARG C 341 23.39 40.85 -34.21
C ARG C 341 24.64 41.03 -35.07
N ARG C 342 25.15 42.26 -35.10
CA ARG C 342 26.39 42.54 -35.83
C ARG C 342 27.54 41.89 -35.02
N ILE C 343 27.44 41.97 -33.68
CA ILE C 343 28.43 41.40 -32.78
C ILE C 343 28.21 39.89 -32.54
N LYS C 344 28.49 39.09 -33.57
CA LYS C 344 28.33 37.63 -33.52
C LYS C 344 29.59 36.93 -33.08
N ARG C 345 30.73 37.45 -33.54
CA ARG C 345 32.03 36.84 -33.26
C ARG C 345 32.88 37.61 -32.24
N GLY D 2 7.46 31.13 -26.13
CA GLY D 2 7.74 31.32 -24.67
C GLY D 2 9.20 31.12 -24.29
N GLU D 3 9.42 30.38 -23.21
CA GLU D 3 10.77 30.15 -22.74
C GLU D 3 11.29 28.78 -23.05
N ILE D 4 11.84 28.70 -24.26
CA ILE D 4 12.43 27.49 -24.78
C ILE D 4 13.46 27.05 -23.73
N TYR D 5 13.68 25.75 -23.61
CA TYR D 5 14.69 25.21 -22.70
C TYR D 5 14.83 23.71 -22.90
N THR D 6 16.07 23.25 -22.85
CA THR D 6 16.37 21.86 -23.09
C THR D 6 17.08 21.14 -21.99
N GLU D 7 16.77 19.87 -21.88
CA GLU D 7 17.41 18.99 -20.94
C GLU D 7 17.35 17.58 -21.54
N THR D 8 18.28 16.75 -21.10
CA THR D 8 18.35 15.36 -21.55
C THR D 8 17.55 14.62 -20.47
N LEU D 9 16.87 13.54 -20.86
CA LEU D 9 16.08 12.79 -19.89
C LEU D 9 17.00 11.91 -19.08
N GLN D 10 16.67 11.77 -17.80
CA GLN D 10 17.50 11.00 -16.87
C GLN D 10 17.63 9.54 -17.29
N GLN D 11 16.52 9.01 -17.81
CA GLN D 11 16.48 7.62 -18.23
C GLN D 11 16.97 7.33 -19.63
N THR D 12 18.01 6.49 -19.72
CA THR D 12 18.55 6.11 -21.00
C THR D 12 18.01 4.71 -21.32
N TYR D 13 18.38 4.18 -22.49
CA TYR D 13 17.91 2.86 -22.93
C TYR D 13 19.01 2.15 -23.68
N ALA D 14 19.40 0.97 -23.20
CA ALA D 14 20.45 0.16 -23.85
C ALA D 14 20.06 -0.30 -25.26
N TRP D 15 20.97 -0.15 -26.21
CA TRP D 15 20.69 -0.59 -27.57
C TRP D 15 20.90 -2.09 -27.66
N THR D 16 19.81 -2.82 -27.92
CA THR D 16 19.86 -4.29 -28.10
C THR D 16 19.33 -4.58 -29.51
N ALA D 17 19.84 -5.64 -30.14
CA ALA D 17 19.45 -5.98 -31.51
C ALA D 17 18.01 -6.49 -31.70
N GLY D 18 17.34 -5.96 -32.73
CA GLY D 18 15.97 -6.33 -33.07
C GLY D 18 14.93 -6.18 -31.96
N THR D 19 15.06 -5.11 -31.16
CA THR D 19 14.16 -4.87 -30.04
C THR D 19 13.31 -3.61 -30.19
N ASN D 20 12.22 -3.53 -29.43
CA ASN D 20 11.41 -2.32 -29.45
C ASN D 20 11.51 -1.71 -28.04
N ILE D 21 12.17 -0.56 -27.96
CA ILE D 21 12.37 0.10 -26.68
C ILE D 21 11.48 1.34 -26.65
N PRO D 22 10.36 1.26 -25.91
CA PRO D 22 9.46 2.41 -25.84
C PRO D 22 9.95 3.46 -24.83
N ILE D 23 9.86 4.71 -25.25
CA ILE D 23 10.29 5.84 -24.43
C ILE D 23 9.08 6.73 -24.11
N LYS D 24 8.94 7.16 -22.87
CA LYS D 24 7.85 8.07 -22.53
C LYS D 24 8.48 9.46 -22.65
N ILE D 25 7.81 10.37 -23.33
CA ILE D 25 8.36 11.71 -23.50
C ILE D 25 7.64 12.67 -22.57
N PRO D 26 8.36 13.18 -21.56
CA PRO D 26 7.80 14.13 -20.59
C PRO D 26 7.02 15.29 -21.23
N ARG D 27 5.83 15.55 -20.71
CA ARG D 27 4.99 16.62 -21.23
C ARG D 27 4.97 17.82 -20.28
N ASN D 28 6.11 18.50 -20.13
CA ASN D 28 6.24 19.65 -19.22
C ASN D 28 5.67 20.94 -19.78
N ASN D 29 6.15 21.30 -20.96
CA ASN D 29 5.68 22.50 -21.64
C ASN D 29 5.43 21.97 -23.06
N PHE D 30 5.43 22.83 -24.07
CA PHE D 30 5.23 22.34 -25.43
C PHE D 30 6.55 21.71 -25.89
N ILE D 31 6.50 20.83 -26.89
CA ILE D 31 7.73 20.19 -27.34
C ILE D 31 8.15 20.70 -28.71
N ARG D 32 9.34 21.32 -28.75
CA ARG D 32 9.89 21.88 -29.96
C ARG D 32 10.70 20.90 -30.82
N LYS D 33 11.50 20.06 -30.16
CA LYS D 33 12.31 19.09 -30.88
C LYS D 33 12.88 17.99 -29.97
N ILE D 34 12.97 16.77 -30.48
CA ILE D 34 13.50 15.67 -29.68
C ILE D 34 14.72 15.04 -30.34
N ARG D 35 15.87 15.10 -29.68
CA ARG D 35 17.06 14.49 -30.24
C ARG D 35 17.31 13.15 -29.59
N VAL D 36 17.72 12.20 -30.41
CA VAL D 36 18.00 10.87 -29.95
C VAL D 36 19.39 10.56 -30.47
N GLN D 37 20.26 10.07 -29.60
CA GLN D 37 21.64 9.75 -29.95
C GLN D 37 22.04 8.36 -29.51
N LEU D 38 22.63 7.58 -30.41
CA LEU D 38 23.11 6.25 -30.04
C LEU D 38 24.59 6.49 -29.68
N ILE D 39 24.93 6.45 -28.38
CA ILE D 39 26.29 6.74 -27.93
C ILE D 39 26.94 5.64 -27.06
N GLY D 40 28.08 5.16 -27.54
CA GLY D 40 28.84 4.13 -26.85
C GLY D 40 30.00 3.77 -27.75
N SER D 41 30.19 2.47 -27.99
CA SER D 41 31.26 2.00 -28.88
C SER D 41 30.80 0.70 -29.56
N ILE D 42 31.50 0.33 -30.63
CA ILE D 42 31.16 -0.89 -31.36
C ILE D 42 32.42 -1.74 -31.20
N SER D 43 32.31 -2.79 -30.39
CA SER D 43 33.45 -3.65 -30.09
C SER D 43 33.64 -4.89 -30.94
N ASN D 44 34.90 -5.12 -31.27
CA ASN D 44 35.30 -6.27 -32.07
C ASN D 44 36.06 -7.09 -31.03
N SER D 45 35.57 -8.31 -30.80
CA SER D 45 36.17 -9.22 -29.84
C SER D 45 36.93 -10.34 -30.59
N GLY D 46 36.70 -10.38 -31.91
CA GLY D 46 37.35 -11.36 -32.78
C GLY D 46 38.80 -11.01 -33.05
N THR D 47 39.56 -12.02 -33.46
CA THR D 47 41.00 -11.89 -33.77
C THR D 47 41.36 -10.88 -34.91
N ALA D 48 40.51 -10.82 -35.95
CA ALA D 48 40.71 -9.93 -37.12
C ALA D 48 39.84 -8.66 -37.07
N ALA D 49 40.42 -7.55 -37.55
CA ALA D 49 39.78 -6.23 -37.61
C ALA D 49 38.56 -6.22 -38.56
N VAL D 50 37.37 -6.10 -37.97
CA VAL D 50 36.14 -6.12 -38.77
C VAL D 50 35.71 -4.74 -39.26
N THR D 51 35.65 -4.61 -40.58
CA THR D 51 35.22 -3.38 -41.22
C THR D 51 33.68 -3.33 -41.19
N LEU D 52 33.17 -2.25 -40.60
CA LEU D 52 31.74 -2.00 -40.43
C LEU D 52 30.99 -1.81 -41.75
N PRO D 53 29.70 -2.27 -41.80
CA PRO D 53 28.89 -2.12 -43.02
C PRO D 53 28.87 -0.67 -43.54
N SER D 54 28.73 -0.47 -44.87
CA SER D 54 28.68 0.89 -45.41
C SER D 54 27.24 1.41 -45.35
N ALA D 55 27.04 2.68 -45.73
CA ALA D 55 25.71 3.29 -45.69
C ALA D 55 24.56 2.36 -46.15
N PRO D 56 23.39 2.47 -45.50
CA PRO D 56 23.03 3.37 -44.38
C PRO D 56 23.65 3.34 -42.96
N PHE D 57 24.49 2.37 -42.64
CA PHE D 57 25.12 2.31 -41.31
C PHE D 57 25.95 3.58 -41.08
N PRO D 58 26.06 4.05 -39.83
CA PRO D 58 25.48 3.55 -38.58
C PRO D 58 23.98 3.77 -38.42
N TYR D 59 23.42 4.66 -39.24
CA TYR D 59 21.99 4.98 -39.21
C TYR D 59 20.99 3.84 -39.10
N ASN D 60 21.25 2.73 -39.80
CA ASN D 60 20.33 1.59 -39.73
C ASN D 60 20.42 0.81 -38.39
N LEU D 61 21.25 1.28 -37.45
CA LEU D 61 21.38 0.64 -36.13
C LEU D 61 20.06 0.73 -35.40
N VAL D 62 19.24 1.69 -35.83
CA VAL D 62 17.90 1.92 -35.30
C VAL D 62 17.01 1.64 -36.50
N GLN D 63 16.49 0.42 -36.57
CA GLN D 63 15.64 0.01 -37.68
C GLN D 63 14.50 0.99 -37.99
N THR D 64 13.77 1.41 -36.95
CA THR D 64 12.67 2.36 -37.13
C THR D 64 12.42 3.27 -35.92
N PHE D 65 11.70 4.36 -36.20
CA PHE D 65 11.30 5.37 -35.21
C PHE D 65 9.79 5.56 -35.25
N ASN D 66 9.19 5.84 -34.11
CA ASN D 66 7.77 6.07 -34.10
C ASN D 66 7.33 6.96 -32.95
N LEU D 67 7.31 8.26 -33.20
CA LEU D 67 6.90 9.23 -32.20
C LEU D 67 5.44 9.59 -32.43
N SER D 68 4.59 9.18 -31.49
CA SER D 68 3.15 9.42 -31.58
C SER D 68 2.54 9.76 -30.19
N TYR D 69 1.32 10.29 -30.18
CA TYR D 69 0.69 10.65 -28.92
C TYR D 69 -0.74 10.08 -28.79
N GLU D 70 -1.04 9.65 -27.56
CA GLU D 70 -2.30 9.02 -27.19
C GLU D 70 -2.32 7.61 -27.74
N GLY D 71 -1.12 7.16 -28.11
CA GLY D 71 -0.97 5.84 -28.68
C GLY D 71 -1.54 5.71 -30.08
N SER D 72 -2.23 6.76 -30.57
CA SER D 72 -2.84 6.69 -31.89
C SER D 72 -2.38 7.67 -32.96
N LYS D 73 -2.20 8.93 -32.57
CA LYS D 73 -1.84 9.95 -33.53
C LYS D 73 -0.32 9.94 -33.76
N THR D 74 0.08 9.59 -34.98
CA THR D 74 1.49 9.50 -35.33
C THR D 74 2.12 10.75 -35.95
N LEU D 75 3.11 11.28 -35.22
CA LEU D 75 3.85 12.47 -35.61
C LEU D 75 5.05 12.04 -36.46
N TYR D 76 5.63 10.88 -36.14
CA TYR D 76 6.76 10.35 -36.90
C TYR D 76 6.61 8.87 -37.12
N SER D 77 7.04 8.42 -38.28
CA SER D 77 6.95 7.03 -38.66
C SER D 77 7.99 6.94 -39.75
N VAL D 78 9.23 6.76 -39.32
CA VAL D 78 10.35 6.71 -40.22
C VAL D 78 11.30 5.59 -39.81
N SER D 79 12.25 5.26 -40.68
CA SER D 79 13.24 4.25 -40.36
C SER D 79 14.54 4.99 -40.00
N GLY D 80 15.43 4.32 -39.25
CA GLY D 80 16.69 4.94 -38.86
C GLY D 80 17.50 5.34 -40.08
N THR D 81 17.30 4.59 -41.15
CA THR D 81 17.96 4.85 -42.43
C THR D 81 17.32 6.08 -43.07
N GLY D 82 16.01 6.22 -42.84
CA GLY D 82 15.29 7.34 -43.38
C GLY D 82 15.63 8.64 -42.66
N LEU D 83 15.16 8.80 -41.43
CA LEU D 83 15.43 10.02 -40.68
C LEU D 83 16.92 10.31 -40.68
N GLY D 84 17.72 9.24 -40.73
CA GLY D 84 19.16 9.36 -40.75
C GLY D 84 19.71 10.10 -41.96
N ILE D 85 19.23 9.72 -43.14
CA ILE D 85 19.65 10.37 -44.40
C ILE D 85 19.09 11.79 -44.50
N LEU D 86 17.85 11.98 -44.03
CA LEU D 86 17.20 13.29 -44.05
C LEU D 86 18.03 14.23 -43.17
N MET D 87 18.55 13.68 -42.06
CA MET D 87 19.39 14.42 -41.12
C MET D 87 20.69 14.77 -41.81
N TYR D 88 21.20 13.80 -42.55
CA TYR D 88 22.44 13.99 -43.28
C TYR D 88 22.33 15.16 -44.24
N TYR D 89 21.13 15.42 -44.76
CA TYR D 89 20.96 16.52 -45.70
C TYR D 89 20.68 17.87 -45.08
N THR D 90 19.61 17.94 -44.30
CA THR D 90 19.22 19.18 -43.65
C THR D 90 20.24 19.82 -42.70
N THR D 91 21.40 19.19 -42.53
CA THR D 91 22.43 19.74 -41.65
C THR D 91 23.84 19.88 -42.31
N LYS D 92 23.89 19.89 -43.65
CA LYS D 92 25.16 19.97 -44.40
C LYS D 92 26.08 18.78 -44.12
N GLY D 93 25.46 17.60 -43.97
CA GLY D 93 26.20 16.37 -43.68
C GLY D 93 26.94 16.52 -42.37
N GLN D 94 26.49 17.49 -41.57
CA GLN D 94 27.12 17.84 -40.30
C GLN D 94 26.57 17.13 -39.07
N ASN D 95 25.56 16.31 -39.28
CA ASN D 95 24.99 15.55 -38.19
C ASN D 95 25.95 14.44 -37.71
N PRO D 96 26.17 14.30 -36.36
CA PRO D 96 27.06 13.26 -35.79
C PRO D 96 26.69 11.84 -36.22
N ALA D 97 27.64 11.15 -36.85
CA ALA D 97 27.41 9.78 -37.33
C ALA D 97 28.71 8.92 -37.37
N TYR D 98 29.13 8.46 -36.19
CA TYR D 98 30.32 7.62 -36.06
C TYR D 98 29.99 6.19 -35.66
N PRO D 99 30.73 5.23 -36.24
CA PRO D 99 31.80 5.56 -37.18
C PRO D 99 31.25 5.73 -38.60
N ALA D 100 32.06 6.27 -39.49
CA ALA D 100 31.61 6.40 -40.87
C ALA D 100 31.46 4.96 -41.42
N PRO D 101 30.76 4.80 -42.56
CA PRO D 101 30.58 3.45 -43.15
C PRO D 101 31.91 2.83 -43.65
N GLY D 102 32.08 1.53 -43.44
CA GLY D 102 33.30 0.87 -43.90
C GLY D 102 34.54 1.04 -43.03
N THR D 103 34.39 1.65 -41.84
CA THR D 103 35.50 1.88 -40.90
C THR D 103 35.89 0.57 -40.19
N SER D 104 37.18 0.40 -39.92
CA SER D 104 37.66 -0.81 -39.27
C SER D 104 37.74 -0.69 -37.74
N VAL D 105 37.13 -1.67 -37.08
CA VAL D 105 37.11 -1.77 -35.62
C VAL D 105 38.36 -2.63 -35.37
N PRO D 106 39.48 -2.01 -34.92
CA PRO D 106 40.73 -2.74 -34.65
C PRO D 106 40.52 -4.10 -33.97
N ALA D 107 41.27 -5.11 -34.45
CA ALA D 107 41.20 -6.50 -33.97
C ALA D 107 41.33 -6.64 -32.44
N SER D 108 40.23 -7.05 -31.79
CA SER D 108 40.11 -7.23 -30.33
C SER D 108 40.16 -5.85 -29.60
N GLY D 109 39.76 -4.83 -30.37
CA GLY D 109 39.71 -3.45 -29.91
C GLY D 109 38.33 -2.94 -30.32
N SER D 110 38.14 -1.62 -30.29
CA SER D 110 36.84 -1.03 -30.65
C SER D 110 36.90 0.38 -31.30
N VAL D 111 35.73 0.88 -31.70
CA VAL D 111 35.58 2.21 -32.31
C VAL D 111 34.56 3.00 -31.49
N ASN D 112 34.24 4.20 -31.97
CA ASN D 112 33.26 5.04 -31.29
C ASN D 112 31.90 5.16 -31.98
N LEU D 113 30.83 4.96 -31.22
CA LEU D 113 29.49 5.07 -31.78
C LEU D 113 28.79 6.31 -31.23
N ASN D 114 28.22 7.06 -32.17
CA ASN D 114 27.49 8.28 -31.84
C ASN D 114 26.69 8.72 -33.06
N VAL D 115 25.42 8.37 -33.10
CA VAL D 115 24.59 8.76 -34.21
C VAL D 115 23.55 9.69 -33.64
N MET D 116 22.80 10.37 -34.50
CA MET D 116 21.76 11.24 -34.00
C MET D 116 20.63 11.47 -34.97
N TRP D 117 19.43 11.55 -34.41
CA TRP D 117 18.22 11.77 -35.18
C TRP D 117 17.54 12.97 -34.54
N GLU D 118 16.62 13.60 -35.25
CA GLU D 118 15.95 14.77 -34.73
C GLU D 118 14.52 14.90 -35.23
N PHE D 119 13.60 14.89 -34.28
CA PHE D 119 12.20 15.00 -34.61
C PHE D 119 11.74 16.41 -34.30
N ASP D 120 11.42 17.13 -35.37
CA ASP D 120 10.97 18.51 -35.24
C ASP D 120 9.45 18.55 -35.11
N LEU D 121 9.02 18.93 -33.92
CA LEU D 121 7.60 19.04 -33.61
C LEU D 121 7.09 20.49 -33.61
N ALA D 122 7.80 21.39 -34.29
CA ALA D 122 7.41 22.82 -34.31
C ALA D 122 7.30 23.20 -32.83
N ARG D 123 6.09 23.51 -32.38
CA ARG D 123 5.85 23.80 -30.96
C ARG D 123 4.63 22.98 -30.55
N PHE D 124 4.78 21.65 -30.61
CA PHE D 124 3.74 20.67 -30.29
C PHE D 124 3.13 20.83 -28.90
N PRO D 125 1.77 20.95 -28.82
CA PRO D 125 1.06 21.13 -27.54
C PRO D 125 1.08 19.88 -26.68
N ALA D 126 2.27 19.53 -26.19
CA ALA D 126 2.49 18.36 -25.35
C ALA D 126 1.77 18.32 -23.97
N THR D 127 1.40 19.49 -23.45
CA THR D 127 0.72 19.54 -22.16
C THR D 127 -0.78 19.26 -22.34
N MET D 128 -1.26 19.46 -23.56
CA MET D 128 -2.67 19.28 -23.92
C MET D 128 -2.98 17.93 -24.59
N VAL D 129 -1.94 17.12 -24.82
CA VAL D 129 -2.14 15.80 -25.39
C VAL D 129 -1.69 14.77 -24.37
N GLN D 130 -1.82 13.50 -24.74
CA GLN D 130 -1.48 12.38 -23.87
C GLN D 130 -0.50 11.39 -24.45
N ASN D 131 0.35 10.82 -23.59
CA ASN D 131 1.30 9.77 -23.98
C ASN D 131 2.13 9.96 -25.24
N ILE D 132 3.10 10.87 -25.22
CA ILE D 132 3.91 11.03 -26.40
C ILE D 132 5.02 9.99 -26.25
N ILE D 133 4.88 8.85 -26.92
CA ILE D 133 5.85 7.78 -26.81
C ILE D 133 6.64 7.53 -28.08
N LEU D 134 7.93 7.89 -28.05
CA LEU D 134 8.82 7.72 -29.19
C LEU D 134 9.45 6.33 -29.17
N SER D 135 8.83 5.39 -29.87
CA SER D 135 9.29 4.01 -29.91
C SER D 135 10.40 3.74 -30.91
N ILE D 136 11.55 3.37 -30.37
CA ILE D 136 12.72 3.06 -31.16
C ILE D 136 12.83 1.57 -31.31
N LEU D 137 12.54 1.08 -32.51
CA LEU D 137 12.63 -0.35 -32.80
C LEU D 137 13.98 -0.58 -33.45
N THR D 138 14.96 -0.86 -32.59
CA THR D 138 16.35 -1.10 -33.00
C THR D 138 16.44 -2.17 -34.11
N GLY D 139 17.47 -2.02 -34.95
CA GLY D 139 17.70 -2.95 -36.04
C GLY D 139 18.66 -4.04 -35.63
N GLN D 140 19.67 -4.27 -36.47
CA GLN D 140 20.65 -5.32 -36.20
C GLN D 140 22.07 -4.84 -35.90
N ALA D 141 22.76 -5.55 -34.99
CA ALA D 141 24.15 -5.23 -34.66
C ALA D 141 24.94 -5.68 -35.91
N PRO D 142 25.81 -4.79 -36.48
CA PRO D 142 26.61 -5.15 -37.68
C PRO D 142 27.32 -6.48 -37.45
N SER D 143 27.60 -7.19 -38.54
CA SER D 143 28.25 -8.50 -38.42
C SER D 143 29.74 -8.48 -37.96
N GLY D 144 30.02 -9.21 -36.86
CA GLY D 144 31.38 -9.29 -36.33
C GLY D 144 31.69 -8.33 -35.20
N VAL D 145 30.89 -7.27 -35.10
CA VAL D 145 31.08 -6.27 -34.06
C VAL D 145 29.84 -6.27 -33.17
N SER D 146 29.95 -5.64 -32.00
CA SER D 146 28.84 -5.54 -31.05
C SER D 146 28.56 -4.07 -30.65
N ILE D 147 27.30 -3.66 -30.77
CA ILE D 147 26.93 -2.29 -30.43
C ILE D 147 26.75 -2.16 -28.92
N ASN D 148 27.59 -1.31 -28.34
CA ASN D 148 27.63 -1.10 -26.91
C ASN D 148 27.14 0.30 -26.55
N ALA D 149 25.94 0.65 -26.99
CA ALA D 149 25.44 1.98 -26.73
C ALA D 149 24.12 2.05 -25.99
N SER D 150 23.65 3.29 -25.85
CA SER D 150 22.39 3.63 -25.21
C SER D 150 21.83 4.82 -26.00
N PHE D 151 20.59 5.19 -25.71
CA PHE D 151 19.95 6.34 -26.37
C PHE D 151 19.81 7.51 -25.40
N TYR D 152 19.99 8.73 -25.89
CA TYR D 152 19.87 9.90 -25.05
C TYR D 152 18.83 10.82 -25.61
N ILE D 153 17.74 10.94 -24.88
CA ILE D 153 16.63 11.77 -25.29
C ILE D 153 16.78 13.20 -24.78
N THR D 154 16.89 14.12 -25.73
CA THR D 154 17.05 15.54 -25.47
C THR D 154 15.77 16.22 -25.94
N ILE D 155 15.02 16.81 -25.02
CA ILE D 155 13.79 17.45 -25.41
C ILE D 155 13.83 18.95 -25.25
N THR D 156 13.30 19.64 -26.26
CA THR D 156 13.25 21.10 -26.29
C THR D 156 11.84 21.59 -25.99
N TYR D 157 11.59 22.01 -24.76
CA TYR D 157 10.28 22.52 -24.40
C TYR D 157 10.24 24.03 -24.57
N GLU D 158 9.05 24.55 -24.85
CA GLU D 158 8.87 25.98 -25.02
C GLU D 158 7.70 26.28 -24.08
N ARG D 159 7.95 27.19 -23.16
CA ARG D 159 6.96 27.55 -22.16
C ARG D 159 5.86 28.44 -22.71
N VAL D 160 4.96 27.84 -23.49
CA VAL D 160 3.85 28.59 -24.03
C VAL D 160 2.96 28.79 -22.82
N THR D 161 2.54 30.03 -22.59
CA THR D 161 1.68 30.34 -21.45
C THR D 161 0.25 30.52 -21.94
N ALA D 162 -0.70 30.33 -21.02
CA ALA D 162 -2.11 30.45 -21.34
C ALA D 162 -2.37 31.78 -22.06
N GLN D 163 -1.77 32.85 -21.55
CA GLN D 163 -1.90 34.17 -22.14
C GLN D 163 -1.45 34.13 -23.59
N GLU D 164 -0.18 33.81 -23.79
CA GLU D 164 0.40 33.74 -25.11
C GLU D 164 -0.42 32.91 -26.10
N ILE D 165 -0.95 31.78 -25.65
CA ILE D 165 -1.78 30.89 -26.49
C ILE D 165 -2.96 31.65 -27.11
N LEU D 166 -3.62 32.47 -26.30
CA LEU D 166 -4.76 33.28 -26.74
C LEU D 166 -4.32 34.30 -27.79
N SER D 167 -3.06 34.72 -27.68
CA SER D 167 -2.46 35.72 -28.58
C SER D 167 -2.28 35.23 -30.03
N GLU D 168 -2.71 33.99 -30.31
CA GLU D 168 -2.56 33.42 -31.64
C GLU D 168 -3.87 32.79 -32.06
N GLY D 169 -4.93 33.11 -31.30
CA GLY D 169 -6.22 32.55 -31.59
C GLY D 169 -6.71 31.54 -30.56
N GLY D 170 -6.20 31.64 -29.32
CA GLY D 170 -6.63 30.72 -28.27
C GLY D 170 -6.53 29.26 -28.67
N LEU D 171 -7.61 28.52 -28.44
CA LEU D 171 -7.65 27.10 -28.80
C LEU D 171 -8.45 26.83 -30.08
N GLY D 172 -8.42 25.58 -30.52
CA GLY D 172 -9.13 25.18 -31.72
C GLY D 172 -10.64 25.17 -31.49
N ALA D 173 -11.36 24.47 -32.38
CA ALA D 173 -12.82 24.35 -32.29
C ALA D 173 -13.25 23.57 -31.06
N ASP D 174 -12.60 22.43 -30.88
CA ASP D 174 -12.84 21.51 -29.76
C ASP D 174 -11.89 21.90 -28.61
N GLY D 175 -11.04 22.88 -28.89
CA GLY D 175 -10.09 23.41 -27.92
C GLY D 175 -9.20 22.33 -27.32
N GLU D 176 -8.53 21.56 -28.16
CA GLU D 176 -7.68 20.52 -27.63
C GLU D 176 -6.23 20.92 -27.79
N MET D 177 -6.02 21.88 -28.69
CA MET D 177 -4.68 22.36 -28.97
C MET D 177 -4.93 23.77 -29.41
N PRO D 178 -3.90 24.62 -29.40
CA PRO D 178 -4.12 26.00 -29.82
C PRO D 178 -4.60 26.05 -31.28
N LEU D 179 -5.41 27.05 -31.64
CA LEU D 179 -5.91 27.16 -33.00
C LEU D 179 -4.77 27.15 -34.03
N ALA D 180 -3.72 27.89 -33.72
CA ALA D 180 -2.55 28.01 -34.61
C ALA D 180 -1.52 26.89 -34.46
N THR D 181 -1.99 25.66 -34.28
CA THR D 181 -1.13 24.47 -34.14
C THR D 181 -0.62 23.89 -35.47
N VAL D 182 0.60 23.37 -35.44
CA VAL D 182 1.19 22.79 -36.64
C VAL D 182 1.83 21.43 -36.32
N LEU D 183 1.02 20.37 -36.34
CA LEU D 183 1.49 19.02 -36.04
C LEU D 183 2.34 18.42 -37.14
N PRO D 184 3.60 18.07 -36.83
CA PRO D 184 4.45 17.49 -37.85
C PRO D 184 3.89 16.10 -38.13
N LYS D 185 3.91 15.71 -39.39
CA LYS D 185 3.44 14.40 -39.83
C LYS D 185 4.50 13.88 -40.79
N VAL D 186 5.64 13.48 -40.23
CA VAL D 186 6.75 12.99 -41.02
C VAL D 186 6.67 11.49 -41.09
N ILE D 187 5.99 11.04 -42.14
CA ILE D 187 5.76 9.63 -42.40
C ILE D 187 6.73 9.23 -43.50
N GLU D 188 6.88 7.94 -43.68
CA GLU D 188 7.74 7.42 -44.72
C GLU D 188 7.09 6.20 -45.33
N ILE D 189 6.80 6.27 -46.62
CA ILE D 189 6.15 5.17 -47.27
C ILE D 189 7.05 4.39 -48.25
N PRO D 190 7.39 3.14 -47.91
CA PRO D 190 8.25 2.30 -48.74
C PRO D 190 7.42 1.60 -49.83
N THR D 191 7.97 1.57 -51.04
CA THR D 191 7.33 0.96 -52.21
C THR D 191 8.21 -0.20 -52.67
N PHE D 192 7.58 -1.27 -53.12
CA PHE D 192 8.36 -2.42 -53.54
C PHE D 192 8.27 -2.79 -55.01
N ASN D 193 9.46 -3.11 -55.55
CA ASN D 193 9.65 -3.55 -56.93
C ASN D 193 9.21 -2.64 -58.05
N VAL D 194 9.43 -1.33 -57.93
CA VAL D 194 9.06 -0.44 -59.02
C VAL D 194 9.94 -0.95 -60.17
N PRO D 195 9.32 -1.43 -61.27
CA PRO D 195 10.08 -1.96 -62.40
C PRO D 195 11.11 -1.03 -63.06
N ALA D 196 12.12 -1.67 -63.65
CA ALA D 196 13.21 -0.99 -64.35
C ALA D 196 12.66 -0.29 -65.61
N SER D 197 13.04 0.98 -65.82
CA SER D 197 12.57 1.71 -66.99
C SER D 197 13.49 2.90 -67.29
N SER D 198 13.36 3.45 -68.52
CA SER D 198 14.13 4.62 -68.94
C SER D 198 13.28 5.92 -68.85
N ALA D 199 11.97 5.80 -69.14
CA ALA D 199 11.02 6.92 -69.05
C ALA D 199 10.39 6.70 -67.67
N PRO D 200 10.40 7.73 -66.79
CA PRO D 200 9.83 7.63 -65.43
C PRO D 200 8.46 6.98 -65.34
N ILE D 201 8.40 5.88 -64.59
CA ILE D 201 7.17 5.12 -64.39
C ILE D 201 6.55 5.49 -63.04
N HIS D 202 5.23 5.38 -62.95
CA HIS D 202 4.50 5.70 -61.73
C HIS D 202 5.08 4.93 -60.52
N VAL D 203 5.50 5.65 -59.47
CA VAL D 203 6.06 5.01 -58.27
C VAL D 203 5.05 5.02 -57.12
N ALA D 204 4.43 6.17 -56.88
CA ALA D 204 3.43 6.26 -55.82
C ALA D 204 2.84 7.65 -55.74
N TYR D 205 1.61 7.74 -55.24
CA TYR D 205 0.94 9.02 -55.07
C TYR D 205 1.15 9.61 -53.69
N LEU D 206 1.05 10.93 -53.57
CA LEU D 206 1.15 11.54 -52.24
C LEU D 206 -0.34 11.56 -51.86
N GLN D 207 -0.75 10.88 -50.78
CA GLN D 207 -2.19 10.92 -50.44
C GLN D 207 -2.47 12.16 -49.64
N PRO D 208 -3.65 12.70 -49.87
CA PRO D 208 -4.06 13.92 -49.18
C PRO D 208 -4.23 13.95 -47.67
N GLY D 209 -4.55 15.16 -47.21
CA GLY D 209 -4.75 15.48 -45.81
C GLY D 209 -3.55 16.17 -45.17
N GLN D 210 -2.68 16.80 -45.95
CA GLN D 210 -1.53 17.44 -45.31
C GLN D 210 -0.67 18.28 -46.27
N ILE D 211 0.15 19.17 -45.70
CA ILE D 211 1.01 20.05 -46.51
C ILE D 211 2.43 19.49 -46.57
N TYR D 212 2.90 19.14 -47.76
CA TYR D 212 4.24 18.57 -47.97
C TYR D 212 5.34 19.65 -48.04
N LYS D 213 6.43 19.46 -47.30
CA LYS D 213 7.50 20.45 -47.30
C LYS D 213 8.68 20.12 -48.21
N ARG D 214 9.10 18.86 -48.21
CA ARG D 214 10.21 18.41 -49.02
C ARG D 214 10.14 16.89 -48.96
N GLN D 215 10.57 16.22 -50.03
CA GLN D 215 10.53 14.76 -50.07
C GLN D 215 11.89 14.09 -50.31
N LEU D 216 12.23 13.14 -49.43
CA LEU D 216 13.49 12.40 -49.52
C LEU D 216 13.25 11.02 -50.07
N VAL D 217 13.61 10.84 -51.33
CA VAL D 217 13.44 9.56 -52.00
C VAL D 217 14.80 8.90 -52.21
N TYR D 218 14.87 7.61 -51.89
CA TYR D 218 16.09 6.86 -52.14
C TYR D 218 15.75 5.41 -52.43
N VAL D 219 16.39 4.88 -53.46
CA VAL D 219 16.16 3.51 -53.90
C VAL D 219 17.13 2.55 -53.24
N ILE D 220 16.69 1.29 -53.11
CA ILE D 220 17.50 0.26 -52.47
C ILE D 220 17.68 -0.97 -53.35
N ASN D 221 18.87 -1.09 -53.90
CA ASN D 221 19.24 -2.24 -54.73
C ASN D 221 19.52 -3.41 -53.79
N SER D 222 19.18 -4.62 -54.24
CA SER D 222 19.39 -5.85 -53.48
C SER D 222 20.89 -6.17 -53.35
N THR D 223 21.65 -5.75 -54.37
CA THR D 223 23.11 -5.96 -54.48
C THR D 223 23.92 -4.88 -53.73
N SER D 224 23.80 -3.62 -54.17
CA SER D 224 24.52 -2.49 -53.57
C SER D 224 23.84 -1.77 -52.37
N GLY D 225 22.67 -2.28 -51.95
CA GLY D 225 21.96 -1.65 -50.84
C GLY D 225 21.45 -0.27 -51.21
N ILE D 226 21.98 0.76 -50.53
CA ILE D 226 21.56 2.12 -50.82
C ILE D 226 22.60 2.83 -51.70
N ASN D 227 23.67 2.12 -52.05
CA ASN D 227 24.76 2.70 -52.83
C ASN D 227 24.83 2.27 -54.28
N ASN D 228 23.75 2.50 -54.99
CA ASN D 228 23.62 2.17 -56.40
C ASN D 228 23.41 3.52 -57.10
N THR D 229 23.09 3.48 -58.39
CA THR D 229 22.85 4.71 -59.15
C THR D 229 21.70 4.45 -60.13
N ASP D 230 20.72 3.70 -59.65
CA ASP D 230 19.60 3.34 -60.50
C ASP D 230 18.69 4.52 -60.75
N PRO D 231 18.23 5.19 -59.69
CA PRO D 231 17.37 6.34 -59.98
C PRO D 231 18.11 7.29 -60.94
N THR D 232 17.60 7.42 -62.18
CA THR D 232 18.22 8.28 -63.19
C THR D 232 17.29 9.43 -63.57
N GLU D 233 16.00 9.18 -63.50
CA GLU D 233 15.05 10.21 -63.86
C GLU D 233 13.88 10.31 -62.88
N TYR D 234 13.89 11.39 -62.09
CA TYR D 234 12.86 11.69 -61.11
C TYR D 234 11.80 12.58 -61.77
N GLU D 235 10.56 12.49 -61.31
CA GLU D 235 9.51 13.28 -61.93
C GLU D 235 8.23 13.47 -61.09
N LEU D 236 7.88 14.71 -60.78
CA LEU D 236 6.68 15.00 -60.01
C LEU D 236 5.56 15.41 -60.95
N LYS D 237 4.64 14.47 -61.15
CA LYS D 237 3.50 14.65 -62.06
C LYS D 237 2.18 14.96 -61.34
N ILE D 238 1.56 16.09 -61.65
CA ILE D 238 0.24 16.40 -61.08
C ILE D 238 -0.77 15.67 -61.99
N VAL D 239 -1.53 14.71 -61.46
CA VAL D 239 -2.48 13.92 -62.28
C VAL D 239 -3.88 14.57 -62.41
N ARG D 240 -4.43 15.02 -61.29
CA ARG D 240 -5.74 15.67 -61.21
C ARG D 240 -5.68 17.10 -61.83
N GLY D 241 -6.79 17.57 -62.41
CA GLY D 241 -6.76 18.91 -63.00
C GLY D 241 -5.99 18.89 -64.32
N VAL D 242 -5.40 20.03 -64.72
CA VAL D 242 -4.62 20.03 -65.95
C VAL D 242 -3.43 19.10 -65.68
N PRO D 243 -3.16 18.09 -66.56
CA PRO D 243 -2.01 17.24 -66.25
C PRO D 243 -0.72 18.07 -66.36
N THR D 244 0.12 17.99 -65.33
CA THR D 244 1.33 18.82 -65.29
C THR D 244 2.56 18.16 -64.68
N ASP D 245 3.72 18.67 -65.11
CA ASP D 245 5.01 18.20 -64.62
C ASP D 245 5.69 19.34 -63.83
N LYS D 246 5.62 19.25 -62.51
CA LYS D 246 6.22 20.25 -61.64
C LYS D 246 7.71 19.99 -61.62
N ILE D 247 8.06 18.73 -61.90
CA ILE D 247 9.44 18.30 -61.92
C ILE D 247 9.57 17.25 -63.01
N LYS D 248 10.66 17.34 -63.75
CA LYS D 248 10.97 16.40 -64.81
C LYS D 248 12.49 16.55 -64.93
N VAL D 249 13.17 16.47 -63.80
CA VAL D 249 14.63 16.63 -63.73
C VAL D 249 15.33 15.27 -63.61
N SER D 250 16.48 15.13 -64.29
CA SER D 250 17.25 13.87 -64.25
C SER D 250 17.91 13.74 -62.87
N TRP D 251 18.13 12.51 -62.41
CA TRP D 251 18.71 12.30 -61.09
C TRP D 251 19.97 13.11 -60.84
N ALA D 252 20.90 13.09 -61.79
CA ALA D 252 22.14 13.86 -61.67
C ALA D 252 21.81 15.30 -61.25
N ALA D 253 20.88 15.90 -61.99
CA ALA D 253 20.42 17.27 -61.74
C ALA D 253 19.65 17.45 -60.43
N LEU D 254 19.08 16.37 -59.93
CA LEU D 254 18.34 16.43 -58.67
C LEU D 254 19.33 16.44 -57.51
N GLN D 255 20.43 15.71 -57.67
CA GLN D 255 21.48 15.66 -56.66
C GLN D 255 22.26 16.95 -56.80
N ALA D 256 22.07 17.57 -57.97
CA ALA D 256 22.67 18.84 -58.30
C ALA D 256 21.98 19.92 -57.43
N GLU D 257 20.65 19.98 -57.47
CA GLU D 257 19.95 20.98 -56.65
C GLU D 257 20.22 20.74 -55.17
N ASN D 258 20.71 19.56 -54.82
CA ASN D 258 21.00 19.27 -53.42
C ASN D 258 22.39 19.74 -53.04
N GLN D 259 23.24 19.93 -54.04
CA GLN D 259 24.59 20.40 -53.78
C GLN D 259 24.55 21.85 -53.32
N ALA D 260 23.82 22.66 -54.09
CA ALA D 260 23.63 24.09 -53.82
C ALA D 260 22.65 24.28 -52.64
N GLU D 261 21.59 23.47 -52.65
CA GLU D 261 20.54 23.56 -51.65
C GLU D 261 21.04 23.23 -50.25
N TYR D 262 21.62 22.06 -50.09
CA TYR D 262 22.07 21.64 -48.78
C TYR D 262 23.57 21.78 -48.58
N GLN D 263 24.26 22.23 -49.62
CA GLN D 263 25.69 22.42 -49.55
C GLN D 263 26.35 21.18 -48.95
N VAL D 264 26.11 20.02 -49.56
CA VAL D 264 26.72 18.79 -49.08
C VAL D 264 26.70 17.78 -50.22
N ALA D 265 27.75 16.96 -50.30
CA ALA D 265 27.89 15.94 -51.37
C ALA D 265 26.74 14.93 -51.22
N PRO D 266 26.36 14.24 -52.32
CA PRO D 266 25.25 13.27 -52.23
C PRO D 266 25.47 12.16 -51.19
N TYR D 267 24.42 11.87 -50.41
CA TYR D 267 24.49 10.84 -49.37
C TYR D 267 24.92 9.50 -49.95
N SER D 268 24.49 9.28 -51.20
CA SER D 268 24.80 8.06 -51.98
C SER D 268 24.26 8.36 -53.39
N GLY D 269 24.57 7.48 -54.34
CA GLY D 269 24.09 7.68 -55.69
C GLY D 269 22.59 7.50 -55.80
N ALA D 270 21.99 6.84 -54.81
CA ALA D 270 20.55 6.54 -54.81
C ALA D 270 19.66 7.39 -53.89
N SER D 271 20.07 8.62 -53.61
CA SER D 271 19.27 9.49 -52.73
C SER D 271 19.10 10.92 -53.27
N ALA D 272 18.12 11.66 -52.72
CA ALA D 272 17.89 13.05 -53.13
C ALA D 272 16.80 13.71 -52.30
N ILE D 273 16.62 15.01 -52.52
CA ILE D 273 15.57 15.75 -51.82
C ILE D 273 14.93 16.78 -52.74
N ILE D 274 13.62 16.87 -52.68
CA ILE D 274 12.89 17.82 -53.51
C ILE D 274 12.00 18.74 -52.65
N ASP D 275 12.29 20.04 -52.64
CA ASP D 275 11.47 20.99 -51.88
C ASP D 275 10.32 21.50 -52.67
N PHE D 276 9.13 21.25 -52.17
CA PHE D 276 7.96 21.71 -52.87
C PHE D 276 7.79 23.24 -52.97
N ARG D 277 8.22 24.02 -51.97
CA ARG D 277 8.12 25.49 -52.07
C ARG D 277 8.82 26.04 -53.34
N LYS D 278 9.71 25.23 -53.91
CA LYS D 278 10.48 25.58 -55.10
C LYS D 278 9.75 25.17 -56.40
N TYR D 279 8.69 24.38 -56.27
CA TYR D 279 7.94 23.87 -57.44
C TYR D 279 6.45 24.25 -57.45
N PHE D 280 6.03 24.91 -56.38
CA PHE D 280 4.69 25.41 -56.23
C PHE D 280 5.01 26.72 -55.59
N ASN D 281 3.99 27.50 -55.32
CA ASN D 281 4.30 28.75 -54.64
C ASN D 281 4.02 28.40 -53.17
N GLY D 282 5.08 28.42 -52.35
CA GLY D 282 4.92 28.06 -50.95
C GLY D 282 4.81 26.54 -50.90
N ASP D 283 4.35 25.99 -49.76
CA ASP D 283 4.21 24.53 -49.61
C ASP D 283 3.16 23.80 -50.48
N LEU D 284 3.42 22.52 -50.76
CA LEU D 284 2.50 21.70 -51.56
C LEU D 284 1.47 21.17 -50.58
N ASP D 285 0.30 21.78 -50.61
CA ASP D 285 -0.79 21.43 -49.73
C ASP D 285 -1.83 20.51 -50.39
N LEU D 286 -2.23 19.47 -49.68
CA LEU D 286 -3.20 18.54 -50.20
C LEU D 286 -4.20 18.26 -49.07
N THR D 287 -4.45 19.26 -48.23
CA THR D 287 -5.38 19.10 -47.10
C THR D 287 -6.75 18.63 -47.56
N HIS D 288 -7.22 19.17 -48.67
CA HIS D 288 -8.52 18.78 -49.19
C HIS D 288 -8.52 18.30 -50.63
N ALA D 289 -7.33 18.26 -51.23
CA ALA D 289 -7.21 17.82 -52.62
C ALA D 289 -7.67 16.35 -52.71
N PRO D 290 -8.32 16.00 -53.83
CA PRO D 290 -8.81 14.63 -54.01
C PRO D 290 -7.64 13.65 -53.97
N SER D 291 -7.89 12.41 -53.60
CA SER D 291 -6.78 11.46 -53.55
C SER D 291 -6.21 11.22 -54.96
N ASP D 292 -4.93 10.80 -55.00
CA ASP D 292 -4.24 10.52 -56.27
C ASP D 292 -4.17 11.76 -57.18
N SER D 293 -3.62 12.86 -56.67
CA SER D 293 -3.55 14.08 -57.47
C SER D 293 -2.12 14.50 -57.77
N ILE D 294 -1.18 13.92 -57.04
CA ILE D 294 0.22 14.21 -57.30
C ILE D 294 0.98 12.96 -56.91
N GLU D 295 1.65 12.41 -57.90
CA GLU D 295 2.44 11.20 -57.79
C GLU D 295 3.86 11.53 -58.22
N TYR D 296 4.80 10.69 -57.84
CA TYR D 296 6.18 10.92 -58.22
C TYR D 296 6.69 9.67 -58.97
N ASP D 297 7.43 9.90 -60.07
CA ASP D 297 7.96 8.82 -60.92
C ASP D 297 9.46 8.61 -60.84
N LEU D 298 9.88 7.43 -61.30
CA LEU D 298 11.28 7.06 -61.27
C LEU D 298 11.71 6.12 -62.36
N ALA D 299 12.76 6.54 -63.07
CA ALA D 299 13.33 5.76 -64.13
C ALA D 299 14.49 5.06 -63.42
N LEU D 300 14.31 3.77 -63.16
CA LEU D 300 15.32 2.99 -62.46
C LEU D 300 16.12 2.05 -63.40
N GLN D 301 17.42 1.92 -63.16
CA GLN D 301 18.27 1.02 -63.96
C GLN D 301 17.77 -0.41 -63.85
N ASN D 302 17.52 -0.83 -62.61
CA ASN D 302 16.99 -2.16 -62.32
C ASN D 302 15.68 -1.88 -61.64
N GLN D 303 14.96 -2.94 -61.30
CA GLN D 303 13.71 -2.78 -60.58
C GLN D 303 14.13 -2.92 -59.09
N ASP D 304 13.73 -1.96 -58.25
CA ASP D 304 14.09 -1.98 -56.83
C ASP D 304 13.00 -1.50 -55.88
N ASN D 305 13.42 -1.10 -54.68
CA ASN D 305 12.52 -0.59 -53.67
C ASN D 305 12.79 0.89 -53.50
N VAL D 306 11.73 1.67 -53.63
CA VAL D 306 11.85 3.11 -53.49
C VAL D 306 11.24 3.54 -52.17
N TYR D 307 12.04 4.15 -51.29
CA TYR D 307 11.51 4.62 -49.99
C TYR D 307 11.30 6.10 -50.13
N SER D 308 10.11 6.57 -49.79
CA SER D 308 9.83 7.99 -49.91
C SER D 308 9.50 8.58 -48.55
N LEU D 309 10.43 9.36 -48.01
CA LEU D 309 10.25 9.98 -46.73
C LEU D 309 9.76 11.41 -46.98
N TYR D 310 8.65 11.76 -46.35
CA TYR D 310 8.06 13.09 -46.47
C TYR D 310 8.16 13.88 -45.18
N VAL D 311 8.44 15.17 -45.28
CA VAL D 311 8.45 15.99 -44.10
C VAL D 311 7.26 16.86 -44.41
N SER D 312 6.10 16.43 -43.93
CA SER D 312 4.84 17.16 -44.14
C SER D 312 4.25 17.47 -42.76
N TYR D 313 3.26 18.34 -42.74
CA TYR D 313 2.63 18.72 -41.50
C TYR D 313 1.16 19.03 -41.71
N VAL D 314 0.38 18.82 -40.66
CA VAL D 314 -1.06 19.03 -40.68
C VAL D 314 -1.50 20.19 -39.81
N LEU D 315 -2.63 20.80 -40.16
CA LEU D 315 -3.19 21.87 -39.35
C LEU D 315 -4.49 21.31 -38.76
N PRO D 316 -4.44 20.81 -37.53
CA PRO D 316 -5.63 20.25 -36.88
C PRO D 316 -6.86 21.15 -36.86
N TYR D 317 -6.70 22.42 -37.21
CA TYR D 317 -7.84 23.34 -37.23
C TYR D 317 -7.75 24.16 -38.50
N TYR D 318 -7.20 23.53 -39.52
CA TYR D 318 -6.99 24.13 -40.84
C TYR D 318 -8.14 24.97 -41.38
N ASP D 319 -9.34 24.61 -40.97
CA ASP D 319 -10.54 25.28 -41.46
C ASP D 319 -10.88 26.52 -40.70
N GLN D 320 -10.70 26.49 -39.39
CA GLN D 320 -10.97 27.69 -38.63
C GLN D 320 -9.91 28.72 -38.97
N LEU D 321 -8.76 28.26 -39.48
CA LEU D 321 -7.66 29.15 -39.85
C LEU D 321 -8.02 29.74 -41.22
N ALA D 322 -8.69 28.92 -42.02
CA ALA D 322 -9.15 29.29 -43.36
C ALA D 322 -10.48 30.09 -43.30
N ALA D 323 -11.34 29.75 -42.34
CA ALA D 323 -12.65 30.42 -42.17
C ALA D 323 -12.55 31.58 -41.18
N LEU D 324 -11.31 32.04 -40.96
CA LEU D 324 -11.04 33.13 -40.04
C LEU D 324 -11.05 34.46 -40.83
N PRO D 325 -11.51 35.57 -40.18
CA PRO D 325 -11.56 36.91 -40.79
C PRO D 325 -10.15 37.36 -41.23
N ALA D 326 -10.04 38.06 -42.37
CA ALA D 326 -8.74 38.51 -42.86
C ALA D 326 -7.99 39.27 -41.74
N GLN D 327 -8.79 39.70 -40.75
CA GLN D 327 -8.34 40.42 -39.56
C GLN D 327 -7.53 39.51 -38.60
N VAL D 328 -8.19 38.46 -38.12
CA VAL D 328 -7.60 37.48 -37.21
C VAL D 328 -6.67 36.54 -38.02
N ALA D 329 -7.13 36.08 -39.19
CA ALA D 329 -6.34 35.23 -40.08
C ALA D 329 -4.92 35.75 -40.27
N ALA D 330 -4.76 37.08 -40.36
CA ALA D 330 -3.45 37.73 -40.53
C ALA D 330 -2.43 37.42 -39.40
N ILE D 331 -2.90 37.50 -38.16
CA ILE D 331 -2.08 37.26 -36.96
C ILE D 331 -1.83 35.76 -36.73
N VAL D 332 -2.89 34.97 -36.93
CA VAL D 332 -2.84 33.52 -36.76
C VAL D 332 -1.96 32.92 -37.85
N GLN D 333 -2.09 33.45 -39.06
CA GLN D 333 -1.31 32.98 -40.21
C GLN D 333 0.17 33.21 -39.99
N GLN D 334 0.47 34.33 -39.36
CA GLN D 334 1.83 34.71 -39.08
C GLN D 334 2.48 33.79 -38.03
N TYR D 335 1.63 33.14 -37.22
CA TYR D 335 2.12 32.22 -36.19
C TYR D 335 2.35 30.85 -36.74
N VAL D 336 1.39 30.38 -37.52
CA VAL D 336 1.42 29.07 -38.15
C VAL D 336 2.53 29.08 -39.17
N ALA D 337 2.67 30.21 -39.87
CA ALA D 337 3.71 30.35 -40.88
C ALA D 337 5.07 30.16 -40.20
N ARG D 338 5.22 30.71 -38.99
CA ARG D 338 6.48 30.61 -38.24
C ARG D 338 6.74 29.18 -37.76
N GLN D 339 5.68 28.54 -37.29
CA GLN D 339 5.76 27.17 -36.80
C GLN D 339 6.16 26.21 -37.92
N LYS D 340 5.49 26.33 -39.06
CA LYS D 340 5.72 25.44 -40.21
C LYS D 340 7.17 25.34 -40.63
N ARG D 341 7.94 26.41 -40.42
CA ARG D 341 9.37 26.43 -40.77
C ARG D 341 10.29 25.90 -39.69
N ARG D 342 9.79 25.83 -38.46
CA ARG D 342 10.61 25.32 -37.37
C ARG D 342 10.89 23.85 -37.70
N ILE D 343 9.90 23.16 -38.26
CA ILE D 343 10.02 21.75 -38.64
C ILE D 343 10.76 21.53 -39.97
N LYS D 344 12.08 21.73 -39.95
CA LYS D 344 12.93 21.56 -41.13
C LYS D 344 13.33 20.10 -41.34
N ARG D 345 14.04 19.58 -40.34
CA ARG D 345 14.57 18.21 -40.35
C ARG D 345 13.57 17.11 -39.99
N GLY E 2 4.60 33.13 -59.52
CA GLY E 2 3.69 32.05 -60.06
C GLY E 2 4.08 30.63 -59.66
N GLU E 3 4.13 29.74 -60.64
CA GLU E 3 4.49 28.36 -60.35
C GLU E 3 5.83 27.93 -60.86
N ILE E 4 6.86 28.09 -60.03
CA ILE E 4 8.19 27.64 -60.43
C ILE E 4 8.00 26.11 -60.73
N TYR E 5 8.76 25.57 -61.68
CA TYR E 5 8.73 24.15 -62.05
C TYR E 5 9.99 23.93 -62.86
N THR E 6 10.70 22.86 -62.57
CA THR E 6 11.99 22.61 -63.22
C THR E 6 12.07 21.33 -64.03
N GLU E 7 12.86 21.37 -65.10
CA GLU E 7 13.07 20.21 -65.96
C GLU E 7 14.38 20.26 -66.76
N THR E 8 14.82 19.06 -67.17
CA THR E 8 16.02 18.89 -67.98
C THR E 8 15.52 18.87 -69.43
N LEU E 9 16.31 19.40 -70.36
CA LEU E 9 15.94 19.40 -71.77
C LEU E 9 16.38 18.04 -72.26
N GLN E 10 15.51 17.35 -73.00
CA GLN E 10 15.80 15.99 -73.49
C GLN E 10 17.14 15.98 -74.22
N GLN E 11 17.34 17.01 -75.05
CA GLN E 11 18.55 17.16 -75.85
C GLN E 11 19.85 17.59 -75.17
N THR E 12 20.88 16.73 -75.27
CA THR E 12 22.21 16.99 -74.69
C THR E 12 23.25 17.43 -75.75
N TYR E 13 24.47 17.70 -75.32
CA TYR E 13 25.54 18.16 -76.21
C TYR E 13 26.86 17.53 -75.82
N ALA E 14 27.46 16.79 -76.76
CA ALA E 14 28.75 16.14 -76.53
C ALA E 14 29.86 17.18 -76.31
N TRP E 15 30.65 16.99 -75.25
CA TRP E 15 31.75 17.91 -74.97
C TRP E 15 32.89 17.51 -75.91
N THR E 16 33.22 18.37 -76.87
CA THR E 16 34.31 18.07 -77.80
C THR E 16 35.37 19.11 -77.50
N ALA E 17 36.63 18.78 -77.76
CA ALA E 17 37.72 19.72 -77.48
C ALA E 17 37.73 20.90 -78.47
N GLY E 18 37.83 22.11 -77.90
CA GLY E 18 37.87 23.36 -78.66
C GLY E 18 36.67 23.71 -79.55
N THR E 19 35.46 23.41 -79.08
CA THR E 19 34.24 23.67 -79.86
C THR E 19 33.29 24.68 -79.21
N ASN E 20 32.46 25.30 -80.04
CA ASN E 20 31.45 26.20 -79.55
C ASN E 20 30.18 25.42 -79.80
N ILE E 21 29.44 25.14 -78.74
CA ILE E 21 28.20 24.37 -78.84
C ILE E 21 27.05 25.34 -78.52
N PRO E 22 26.34 25.81 -79.56
CA PRO E 22 25.23 26.72 -79.31
C PRO E 22 23.98 25.95 -78.90
N ILE E 23 23.41 26.38 -77.78
CA ILE E 23 22.23 25.75 -77.20
C ILE E 23 21.06 26.72 -77.19
N LYS E 24 19.90 26.26 -77.63
CA LYS E 24 18.72 27.11 -77.56
C LYS E 24 18.00 26.77 -76.25
N ILE E 25 17.59 27.79 -75.50
CA ILE E 25 16.86 27.58 -74.24
C ILE E 25 15.39 27.89 -74.56
N PRO E 26 14.53 26.86 -74.59
CA PRO E 26 13.09 27.00 -74.88
C PRO E 26 12.43 28.14 -74.12
N ARG E 27 11.59 28.91 -74.80
CA ARG E 27 10.93 30.02 -74.13
C ARG E 27 9.47 29.73 -73.85
N ASN E 28 9.24 29.07 -72.71
CA ASN E 28 7.92 28.66 -72.23
C ASN E 28 7.28 29.62 -71.19
N ASN E 29 8.11 30.08 -70.27
CA ASN E 29 7.69 30.99 -69.20
C ASN E 29 8.92 31.82 -68.95
N PHE E 30 9.00 32.40 -67.75
CA PHE E 30 10.18 33.16 -67.37
C PHE E 30 11.20 32.11 -66.91
N ILE E 31 12.48 32.43 -66.95
CA ILE E 31 13.48 31.44 -66.56
C ILE E 31 14.16 31.88 -65.28
N ARG E 32 14.08 31.06 -64.24
CA ARG E 32 14.68 31.39 -62.97
C ARG E 32 16.16 31.01 -62.82
N LYS E 33 16.53 29.83 -63.27
CA LYS E 33 17.93 29.43 -63.19
C LYS E 33 18.20 28.28 -64.15
N ILE E 34 19.32 28.38 -64.85
CA ILE E 34 19.69 27.37 -65.82
C ILE E 34 20.97 26.69 -65.35
N ARG E 35 20.88 25.39 -65.06
CA ARG E 35 22.04 24.62 -64.63
C ARG E 35 22.59 23.86 -65.82
N VAL E 36 23.91 23.72 -65.87
CA VAL E 36 24.54 22.99 -66.94
C VAL E 36 25.51 22.07 -66.24
N GLN E 37 25.59 20.83 -66.71
CA GLN E 37 26.50 19.87 -66.11
C GLN E 37 27.28 19.11 -67.15
N LEU E 38 28.60 19.08 -67.01
CA LEU E 38 29.42 18.30 -67.92
C LEU E 38 29.39 16.96 -67.19
N ILE E 39 28.68 15.97 -67.75
CA ILE E 39 28.53 14.66 -67.11
C ILE E 39 28.95 13.45 -67.95
N GLY E 40 29.94 12.70 -67.43
CA GLY E 40 30.44 11.52 -68.11
C GLY E 40 31.63 10.98 -67.35
N SER E 41 32.76 10.79 -68.05
CA SER E 41 33.99 10.30 -67.44
C SER E 41 35.20 10.83 -68.21
N ILE E 42 36.38 10.72 -67.60
CA ILE E 42 37.60 11.15 -68.24
C ILE E 42 38.42 9.88 -68.30
N SER E 43 38.64 9.38 -69.50
CA SER E 43 39.35 8.13 -69.71
C SER E 43 40.83 8.19 -70.03
N ASN E 44 41.55 7.27 -69.40
CA ASN E 44 42.97 7.12 -69.59
C ASN E 44 43.05 5.78 -70.32
N SER E 45 43.65 5.81 -71.51
CA SER E 45 43.85 4.63 -72.36
C SER E 45 45.37 4.30 -72.40
N GLY E 46 46.16 5.21 -71.82
CA GLY E 46 47.60 5.05 -71.75
C GLY E 46 48.03 4.04 -70.70
N THR E 47 49.22 3.49 -70.91
CA THR E 47 49.82 2.48 -70.02
C THR E 47 50.06 2.96 -68.54
N ALA E 48 50.49 4.21 -68.37
CA ALA E 48 50.78 4.81 -67.05
C ALA E 48 49.62 5.71 -66.58
N ALA E 49 49.38 5.69 -65.26
CA ALA E 49 48.31 6.46 -64.60
C ALA E 49 48.46 7.98 -64.73
N VAL E 50 47.56 8.60 -65.50
CA VAL E 50 47.60 10.06 -65.73
C VAL E 50 46.79 10.87 -64.72
N THR E 51 47.52 11.68 -63.97
CA THR E 51 46.98 12.59 -62.96
C THR E 51 46.44 13.84 -63.66
N LEU E 52 45.19 14.20 -63.33
CA LEU E 52 44.50 15.34 -63.90
C LEU E 52 45.08 16.70 -63.55
N PRO E 53 45.05 17.66 -64.51
CA PRO E 53 45.59 18.98 -64.19
C PRO E 53 44.90 19.54 -62.93
N SER E 54 45.58 20.39 -62.16
CA SER E 54 44.97 20.97 -60.95
C SER E 54 44.13 22.23 -61.23
N ALA E 55 43.55 22.79 -60.17
CA ALA E 55 42.72 23.98 -60.33
C ALA E 55 43.29 24.95 -61.36
N PRO E 56 42.43 25.57 -62.16
CA PRO E 56 40.97 25.46 -62.21
C PRO E 56 40.25 24.18 -62.71
N PHE E 57 40.99 23.16 -63.16
CA PHE E 57 40.34 21.91 -63.63
C PHE E 57 39.51 21.38 -62.44
N PRO E 58 38.34 20.77 -62.69
CA PRO E 58 37.71 20.41 -63.97
C PRO E 58 37.03 21.58 -64.67
N TYR E 59 36.78 22.65 -63.92
CA TYR E 59 36.13 23.84 -64.42
C TYR E 59 36.49 24.41 -65.80
N ASN E 60 37.78 24.52 -66.10
CA ASN E 60 38.20 25.07 -67.39
C ASN E 60 37.92 24.17 -68.60
N LEU E 61 37.30 23.02 -68.35
CA LEU E 61 36.95 22.08 -69.44
C LEU E 61 35.95 22.80 -70.32
N VAL E 62 35.29 23.81 -69.75
CA VAL E 62 34.33 24.65 -70.46
C VAL E 62 35.04 25.98 -70.39
N GLN E 63 35.81 26.27 -71.43
CA GLN E 63 36.58 27.49 -71.50
C GLN E 63 35.78 28.78 -71.26
N THR E 64 34.60 28.89 -71.87
CA THR E 64 33.77 30.09 -71.73
C THR E 64 32.27 29.82 -71.82
N PHE E 65 31.48 30.74 -71.25
CA PHE E 65 30.02 30.67 -71.27
C PHE E 65 29.47 31.94 -71.89
N ASN E 66 28.30 31.84 -72.50
CA ASN E 66 27.70 33.02 -73.08
C ASN E 66 26.18 32.86 -73.22
N LEU E 67 25.47 33.26 -72.17
CA LEU E 67 24.02 33.18 -72.15
C LEU E 67 23.51 34.59 -72.46
N SER E 68 22.86 34.75 -73.60
CA SER E 68 22.34 36.04 -74.05
C SER E 68 21.00 35.93 -74.77
N TYR E 69 20.29 37.06 -74.95
CA TYR E 69 19.01 37.02 -75.65
C TYR E 69 18.90 38.10 -76.72
N GLU E 70 18.30 37.67 -77.83
CA GLU E 70 18.17 38.45 -79.04
C GLU E 70 19.53 38.44 -79.74
N GLY E 71 20.33 37.46 -79.31
CA GLY E 71 21.68 37.18 -79.80
C GLY E 71 22.75 38.21 -79.43
N SER E 72 22.29 39.29 -78.84
CA SER E 72 23.17 40.36 -78.47
C SER E 72 23.17 40.79 -77.02
N LYS E 73 21.99 40.89 -76.42
CA LYS E 73 21.90 41.37 -75.05
C LYS E 73 22.36 40.19 -74.22
N THR E 74 23.54 40.39 -73.63
CA THR E 74 24.26 39.38 -72.85
C THR E 74 24.03 39.42 -71.35
N LEU E 75 23.44 38.33 -70.86
CA LEU E 75 23.12 38.12 -69.46
C LEU E 75 24.34 37.48 -68.81
N TYR E 76 25.01 36.62 -69.55
CA TYR E 76 26.15 35.93 -68.99
C TYR E 76 27.35 35.85 -69.90
N SER E 77 28.51 36.00 -69.27
CA SER E 77 29.76 35.95 -69.97
C SER E 77 30.83 35.71 -68.94
N VAL E 78 31.05 34.45 -68.67
CA VAL E 78 32.04 34.06 -67.72
C VAL E 78 32.69 32.85 -68.35
N SER E 79 33.91 32.54 -67.92
CA SER E 79 34.60 31.38 -68.43
C SER E 79 34.29 30.27 -67.42
N GLY E 80 34.51 29.03 -67.80
CA GLY E 80 34.22 27.95 -66.87
C GLY E 80 35.05 28.12 -65.61
N THR E 81 36.26 28.65 -65.80
CA THR E 81 37.17 28.89 -64.69
C THR E 81 36.62 30.01 -63.82
N GLY E 82 35.93 30.94 -64.47
CA GLY E 82 35.32 32.05 -63.76
C GLY E 82 34.07 31.63 -63.00
N LEU E 83 33.00 31.31 -63.72
CA LEU E 83 31.73 30.91 -63.11
C LEU E 83 31.95 29.75 -62.17
N GLY E 84 32.98 28.94 -62.48
CA GLY E 84 33.33 27.81 -61.65
C GLY E 84 33.80 28.21 -60.25
N ILE E 85 34.64 29.24 -60.14
CA ILE E 85 35.11 29.71 -58.83
C ILE E 85 34.00 30.47 -58.11
N LEU E 86 33.17 31.20 -58.87
CA LEU E 86 32.06 31.95 -58.29
C LEU E 86 31.09 30.93 -57.68
N MET E 87 30.98 29.78 -58.35
CA MET E 87 30.14 28.65 -57.93
C MET E 87 30.71 27.98 -56.67
N TYR E 88 32.02 27.90 -56.61
CA TYR E 88 32.73 27.31 -55.48
C TYR E 88 32.50 28.08 -54.18
N TYR E 89 32.34 29.39 -54.28
CA TYR E 89 32.16 30.22 -53.09
C TYR E 89 30.74 30.32 -52.58
N THR E 90 29.83 30.71 -53.45
CA THR E 90 28.43 30.84 -53.09
C THR E 90 27.75 29.53 -52.58
N THR E 91 28.46 28.40 -52.66
CA THR E 91 27.94 27.10 -52.20
C THR E 91 28.86 26.36 -51.20
N LYS E 92 29.70 27.10 -50.48
CA LYS E 92 30.61 26.53 -49.48
C LYS E 92 31.51 25.43 -50.00
N GLY E 93 32.04 25.61 -51.22
CA GLY E 93 32.92 24.65 -51.84
C GLY E 93 32.30 23.30 -52.05
N GLN E 94 30.97 23.29 -52.07
CA GLN E 94 30.19 22.06 -52.24
C GLN E 94 29.62 21.88 -53.64
N ASN E 95 29.96 22.80 -54.53
CA ASN E 95 29.51 22.74 -55.91
C ASN E 95 30.08 21.49 -56.61
N PRO E 96 29.22 20.69 -57.31
CA PRO E 96 29.64 19.48 -58.02
C PRO E 96 30.81 19.67 -58.98
N ALA E 97 31.93 19.01 -58.70
CA ALA E 97 33.13 19.12 -59.54
C ALA E 97 34.09 17.93 -59.45
N TYR E 98 33.76 16.83 -60.13
CA TYR E 98 34.63 15.65 -60.13
C TYR E 98 35.25 15.44 -61.52
N PRO E 99 36.52 14.99 -61.55
CA PRO E 99 37.25 14.70 -60.31
C PRO E 99 37.90 15.96 -59.73
N ALA E 100 38.36 15.88 -58.48
CA ALA E 100 39.02 17.01 -57.85
C ALA E 100 40.35 17.25 -58.61
N PRO E 101 40.95 18.43 -58.46
CA PRO E 101 42.21 18.72 -59.16
C PRO E 101 43.38 17.80 -58.74
N GLY E 102 44.18 17.36 -59.71
CA GLY E 102 45.32 16.49 -59.42
C GLY E 102 45.03 15.00 -59.20
N THR E 103 43.77 14.60 -59.40
CA THR E 103 43.34 13.21 -59.23
C THR E 103 43.78 12.27 -60.37
N SER E 104 44.07 11.01 -60.03
CA SER E 104 44.54 10.05 -61.03
C SER E 104 43.51 9.18 -61.75
N VAL E 105 43.69 9.12 -63.06
CA VAL E 105 42.87 8.32 -63.94
C VAL E 105 43.70 7.04 -64.02
N PRO E 106 43.25 5.96 -63.34
CA PRO E 106 43.95 4.67 -63.33
C PRO E 106 44.45 4.29 -64.73
N ALA E 107 45.71 3.83 -64.82
CA ALA E 107 46.34 3.47 -66.10
C ALA E 107 45.46 2.49 -66.90
N SER E 108 44.94 2.97 -68.04
CA SER E 108 44.03 2.24 -68.96
C SER E 108 42.59 2.03 -68.37
N GLY E 109 42.23 2.92 -67.44
CA GLY E 109 40.94 2.92 -66.77
C GLY E 109 40.43 4.36 -66.78
N SER E 110 39.39 4.66 -66.00
CA SER E 110 38.85 6.05 -65.96
C SER E 110 38.32 6.51 -64.58
N VAL E 111 38.03 7.81 -64.49
CA VAL E 111 37.50 8.47 -63.29
C VAL E 111 36.12 9.00 -63.67
N ASN E 112 35.49 9.74 -62.76
CA ASN E 112 34.17 10.29 -63.05
C ASN E 112 34.15 11.78 -63.32
N LEU E 113 33.46 12.17 -64.39
CA LEU E 113 33.36 13.58 -64.72
C LEU E 113 31.95 14.10 -64.43
N ASN E 114 31.92 15.19 -63.68
CA ASN E 114 30.68 15.83 -63.30
C ASN E 114 30.97 17.21 -62.70
N VAL E 115 30.78 18.24 -63.52
CA VAL E 115 31.02 19.61 -63.13
C VAL E 115 29.73 20.39 -63.34
N MET E 116 29.54 21.42 -62.53
CA MET E 116 28.37 22.24 -62.72
C MET E 116 28.57 23.76 -62.78
N TRP E 117 27.60 24.43 -63.39
CA TRP E 117 27.58 25.86 -63.49
C TRP E 117 26.14 26.22 -63.23
N GLU E 118 25.87 27.48 -62.90
CA GLU E 118 24.50 27.88 -62.63
C GLU E 118 24.30 29.35 -62.92
N PHE E 119 23.45 29.62 -63.90
CA PHE E 119 23.16 30.99 -64.30
C PHE E 119 21.81 31.36 -63.72
N ASP E 120 21.84 32.27 -62.77
CA ASP E 120 20.64 32.75 -62.08
C ASP E 120 20.08 33.96 -62.78
N LEU E 121 18.91 33.80 -63.37
CA LEU E 121 18.30 34.90 -64.08
C LEU E 121 17.20 35.64 -63.32
N ALA E 122 17.21 35.61 -61.98
CA ALA E 122 16.14 36.29 -61.20
C ALA E 122 14.84 35.64 -61.72
N ARG E 123 13.98 36.41 -62.39
CA ARG E 123 12.78 35.84 -63.00
C ARG E 123 12.65 36.38 -64.43
N PHE E 124 13.64 36.03 -65.24
CA PHE E 124 13.78 36.47 -66.63
C PHE E 124 12.60 36.23 -67.54
N PRO E 125 12.05 37.31 -68.12
CA PRO E 125 10.89 37.26 -69.02
C PRO E 125 11.22 36.67 -70.40
N ALA E 126 11.56 35.40 -70.41
CA ALA E 126 11.93 34.63 -71.60
C ALA E 126 10.87 34.50 -72.70
N THR E 127 9.61 34.78 -72.34
CA THR E 127 8.51 34.71 -73.28
C THR E 127 8.39 36.01 -74.05
N MET E 128 8.93 37.09 -73.48
CA MET E 128 8.86 38.40 -74.10
C MET E 128 10.09 38.82 -74.88
N VAL E 129 11.14 38.01 -74.83
CA VAL E 129 12.34 38.31 -75.59
C VAL E 129 12.53 37.25 -76.67
N GLN E 130 13.55 37.42 -77.49
CA GLN E 130 13.80 36.49 -78.58
C GLN E 130 15.09 35.73 -78.43
N ASN E 131 15.01 34.42 -78.63
CA ASN E 131 16.22 33.62 -78.62
C ASN E 131 17.24 33.65 -77.51
N ILE E 132 16.97 33.00 -76.39
CA ILE E 132 17.97 32.98 -75.34
C ILE E 132 18.94 31.84 -75.68
N ILE E 133 20.13 32.19 -76.16
CA ILE E 133 21.11 31.18 -76.55
C ILE E 133 22.36 31.06 -75.68
N LEU E 134 22.43 29.96 -74.93
CA LEU E 134 23.53 29.68 -74.02
C LEU E 134 24.63 28.90 -74.74
N SER E 135 25.56 29.63 -75.34
CA SER E 135 26.67 29.00 -76.05
C SER E 135 27.87 28.72 -75.15
N ILE E 136 28.15 27.43 -75.00
CA ILE E 136 29.25 26.94 -74.17
C ILE E 136 30.43 26.69 -75.12
N LEU E 137 31.49 27.50 -75.01
CA LEU E 137 32.66 27.31 -75.87
C LEU E 137 33.67 26.47 -75.10
N THR E 138 33.53 25.14 -75.21
CA THR E 138 34.41 24.19 -74.53
C THR E 138 35.89 24.50 -74.76
N GLY E 139 36.71 24.13 -73.78
CA GLY E 139 38.14 24.36 -73.86
C GLY E 139 38.89 23.13 -74.33
N GLN E 140 40.00 22.84 -73.66
CA GLN E 140 40.82 21.71 -74.06
C GLN E 140 40.78 20.51 -73.10
N ALA E 141 40.74 19.30 -73.66
CA ALA E 141 40.73 18.06 -72.88
C ALA E 141 42.09 17.92 -72.17
N PRO E 142 42.10 17.61 -70.84
CA PRO E 142 43.36 17.46 -70.10
C PRO E 142 44.37 16.59 -70.85
N SER E 143 45.66 16.77 -70.53
CA SER E 143 46.72 15.99 -71.19
C SER E 143 46.78 14.50 -70.72
N GLY E 144 46.70 13.58 -71.69
CA GLY E 144 46.74 12.15 -71.40
C GLY E 144 45.38 11.47 -71.24
N VAL E 145 44.36 12.26 -70.88
CA VAL E 145 43.01 11.74 -70.66
C VAL E 145 42.00 12.31 -71.67
N SER E 146 40.89 11.60 -71.85
CA SER E 146 39.87 12.01 -72.82
C SER E 146 38.49 12.18 -72.18
N ILE E 147 37.87 13.32 -72.47
CA ILE E 147 36.55 13.64 -71.93
C ILE E 147 35.39 13.07 -72.73
N ASN E 148 34.59 12.23 -72.07
CA ASN E 148 33.43 11.60 -72.68
C ASN E 148 32.16 12.03 -71.98
N ALA E 149 31.93 13.35 -71.94
CA ALA E 149 30.75 13.87 -71.29
C ALA E 149 29.89 14.67 -72.25
N SER E 150 28.72 15.07 -71.74
CA SER E 150 27.74 15.85 -72.49
C SER E 150 27.20 16.89 -71.52
N PHE E 151 26.43 17.85 -72.04
CA PHE E 151 25.87 18.88 -71.18
C PHE E 151 24.39 18.62 -70.98
N TYR E 152 23.92 18.91 -69.77
CA TYR E 152 22.52 18.72 -69.43
C TYR E 152 21.99 20.06 -68.97
N ILE E 153 21.09 20.61 -69.76
CA ILE E 153 20.50 21.89 -69.42
C ILE E 153 19.22 21.68 -68.63
N THR E 154 19.23 22.12 -67.37
CA THR E 154 18.06 22.01 -66.50
C THR E 154 17.57 23.44 -66.30
N ILE E 155 16.36 23.70 -66.77
CA ILE E 155 15.83 25.03 -66.68
C ILE E 155 14.64 25.16 -65.73
N THR E 156 14.69 26.22 -64.93
CA THR E 156 13.66 26.53 -63.92
C THR E 156 12.71 27.67 -64.31
N TYR E 157 11.51 27.32 -64.77
CA TYR E 157 10.52 28.35 -65.12
C TYR E 157 9.56 28.68 -63.97
N GLU E 158 9.00 29.89 -64.01
CA GLU E 158 8.06 30.34 -63.01
C GLU E 158 6.96 30.82 -63.91
N ARG E 159 5.77 30.26 -63.73
CA ARG E 159 4.67 30.63 -64.58
C ARG E 159 4.20 32.01 -64.18
N VAL E 160 4.90 33.04 -64.65
CA VAL E 160 4.46 34.41 -64.36
C VAL E 160 3.29 34.56 -65.34
N THR E 161 2.15 35.06 -64.84
CA THR E 161 0.96 35.23 -65.67
C THR E 161 0.70 36.67 -66.00
N ALA E 162 -0.14 36.88 -67.00
CA ALA E 162 -0.52 38.22 -67.43
C ALA E 162 -1.00 39.00 -66.21
N GLN E 163 -1.83 38.35 -65.40
CA GLN E 163 -2.35 38.96 -64.19
C GLN E 163 -1.19 39.46 -63.27
N GLU E 164 -0.43 38.50 -62.75
CA GLU E 164 0.68 38.79 -61.84
C GLU E 164 1.59 39.90 -62.37
N ILE E 165 1.86 39.87 -63.68
CA ILE E 165 2.70 40.88 -64.30
C ILE E 165 2.19 42.29 -64.07
N LEU E 166 0.87 42.47 -64.10
CA LEU E 166 0.27 43.78 -63.85
C LEU E 166 0.50 44.23 -62.41
N SER E 167 0.47 43.26 -61.50
CA SER E 167 0.62 43.47 -60.07
C SER E 167 1.99 43.90 -59.54
N GLU E 168 2.94 44.10 -60.44
CA GLU E 168 4.29 44.49 -60.06
C GLU E 168 4.70 45.66 -60.93
N GLY E 169 3.69 46.27 -61.55
CA GLY E 169 3.95 47.41 -62.43
C GLY E 169 3.79 47.13 -63.90
N GLY E 170 2.98 46.11 -64.25
CA GLY E 170 2.74 45.78 -65.65
C GLY E 170 4.01 45.70 -66.48
N LEU E 171 4.00 46.36 -67.63
CA LEU E 171 5.17 46.39 -68.52
C LEU E 171 5.99 47.68 -68.46
N GLY E 172 7.09 47.70 -69.21
CA GLY E 172 7.96 48.87 -69.26
C GLY E 172 7.45 50.02 -70.11
N ALA E 173 8.33 51.00 -70.37
CA ALA E 173 8.02 52.20 -71.18
C ALA E 173 7.71 51.80 -72.60
N ASP E 174 8.48 50.83 -73.05
CA ASP E 174 8.37 50.22 -74.37
C ASP E 174 7.64 48.87 -74.29
N GLY E 175 7.31 48.45 -73.05
CA GLY E 175 6.61 47.19 -72.82
C GLY E 175 7.24 45.97 -73.45
N GLU E 176 8.53 45.75 -73.18
CA GLU E 176 9.19 44.59 -73.75
C GLU E 176 9.47 43.59 -72.65
N MET E 177 9.26 44.03 -71.42
CA MET E 177 9.45 43.19 -70.26
C MET E 177 8.64 43.83 -69.17
N PRO E 178 8.41 43.10 -68.08
CA PRO E 178 7.63 43.70 -66.99
C PRO E 178 8.40 44.91 -66.46
N LEU E 179 7.71 45.88 -65.87
CA LEU E 179 8.39 47.05 -65.32
C LEU E 179 9.44 46.67 -64.28
N ALA E 180 9.09 45.72 -63.40
CA ALA E 180 9.96 45.25 -62.32
C ALA E 180 10.94 44.14 -62.71
N THR E 181 11.51 44.24 -63.92
CA THR E 181 12.46 43.25 -64.41
C THR E 181 13.85 43.50 -63.83
N VAL E 182 14.53 42.41 -63.51
CA VAL E 182 15.86 42.49 -62.95
C VAL E 182 16.74 41.57 -63.76
N LEU E 183 17.23 42.07 -64.89
CA LEU E 183 18.08 41.28 -65.78
C LEU E 183 19.46 41.09 -65.20
N PRO E 184 19.84 39.83 -64.96
CA PRO E 184 21.16 39.58 -64.39
C PRO E 184 22.18 39.92 -65.47
N LYS E 185 23.28 40.53 -65.07
CA LYS E 185 24.36 40.87 -66.00
C LYS E 185 25.71 40.44 -65.48
N VAL E 186 25.86 39.14 -65.31
CA VAL E 186 27.11 38.55 -64.86
C VAL E 186 28.17 38.41 -65.98
N ILE E 187 29.01 39.45 -66.05
CA ILE E 187 30.10 39.59 -67.02
C ILE E 187 31.44 39.36 -66.33
N GLU E 188 32.47 39.14 -67.12
CA GLU E 188 33.80 38.93 -66.58
C GLU E 188 34.85 39.56 -67.50
N ILE E 189 35.49 40.64 -67.04
CA ILE E 189 36.47 41.34 -67.87
C ILE E 189 37.91 41.03 -67.48
N PRO E 190 38.66 40.47 -68.44
CA PRO E 190 40.05 40.11 -68.23
C PRO E 190 41.06 41.25 -68.49
N THR E 191 42.03 41.34 -67.58
CA THR E 191 43.13 42.31 -67.61
C THR E 191 44.44 41.52 -67.75
N PHE E 192 45.35 42.05 -68.55
CA PHE E 192 46.60 41.36 -68.77
C PHE E 192 47.83 42.16 -68.38
N ASN E 193 48.79 41.44 -67.81
CA ASN E 193 50.06 42.01 -67.42
C ASN E 193 50.04 43.19 -66.46
N VAL E 194 49.17 43.10 -65.45
CA VAL E 194 49.14 44.15 -64.44
C VAL E 194 50.55 43.98 -63.83
N PRO E 195 51.42 44.99 -63.98
CA PRO E 195 52.79 44.88 -63.44
C PRO E 195 52.93 44.68 -61.92
N ALA E 196 54.04 44.05 -61.53
CA ALA E 196 54.36 43.76 -60.13
C ALA E 196 54.65 45.04 -59.32
N SER E 197 54.03 45.14 -58.15
CA SER E 197 54.20 46.32 -57.27
C SER E 197 53.93 45.93 -55.81
N SER E 198 54.34 46.81 -54.89
CA SER E 198 54.09 46.61 -53.46
C SER E 198 52.86 47.50 -53.05
N ALA E 199 52.70 48.61 -53.78
CA ALA E 199 51.59 49.55 -53.58
C ALA E 199 50.56 49.17 -54.66
N PRO E 200 49.28 48.97 -54.25
CA PRO E 200 48.26 48.60 -55.24
C PRO E 200 48.27 49.52 -56.46
N ILE E 201 48.58 48.94 -57.63
CA ILE E 201 48.59 49.74 -58.85
C ILE E 201 47.25 49.50 -59.53
N HIS E 202 46.78 50.52 -60.24
CA HIS E 202 45.51 50.49 -60.94
C HIS E 202 45.35 49.25 -61.83
N VAL E 203 44.25 48.52 -61.67
CA VAL E 203 44.00 47.30 -62.46
C VAL E 203 42.97 47.51 -63.56
N ALA E 204 41.81 48.06 -63.19
CA ALA E 204 40.74 48.32 -64.17
C ALA E 204 39.54 48.98 -63.51
N TYR E 205 38.79 49.74 -64.30
CA TYR E 205 37.60 50.42 -63.81
C TYR E 205 36.34 49.56 -63.91
N LEU E 206 35.38 49.82 -63.04
CA LEU E 206 34.11 49.09 -63.12
C LEU E 206 33.34 50.05 -64.04
N GLN E 207 32.79 49.53 -65.14
CA GLN E 207 32.02 50.37 -66.06
C GLN E 207 30.58 50.47 -65.59
N PRO E 208 29.99 51.63 -65.79
CA PRO E 208 28.60 51.83 -65.38
C PRO E 208 27.59 51.05 -66.22
N GLY E 209 26.32 51.23 -65.87
CA GLY E 209 25.23 50.57 -66.57
C GLY E 209 24.74 49.33 -65.86
N GLN E 210 24.93 49.27 -64.55
CA GLN E 210 24.51 48.10 -63.80
C GLN E 210 24.73 48.27 -62.31
N ILE E 211 24.13 47.39 -61.53
CA ILE E 211 24.29 47.42 -60.08
C ILE E 211 25.19 46.25 -59.71
N TYR E 212 26.33 46.55 -59.09
CA TYR E 212 27.29 45.51 -58.69
C TYR E 212 26.98 44.89 -57.30
N LYS E 213 26.81 43.57 -57.23
CA LYS E 213 26.58 42.97 -55.92
C LYS E 213 27.85 42.43 -55.32
N ARG E 214 28.62 41.68 -56.09
CA ARG E 214 29.90 41.18 -55.60
C ARG E 214 30.87 40.97 -56.75
N GLN E 215 32.16 41.11 -56.47
CA GLN E 215 33.16 40.92 -57.50
C GLN E 215 34.21 39.86 -57.11
N LEU E 216 34.39 38.88 -57.99
CA LEU E 216 35.33 37.78 -57.79
C LEU E 216 36.56 38.04 -58.62
N VAL E 217 37.65 38.42 -57.95
CA VAL E 217 38.88 38.70 -58.67
C VAL E 217 39.90 37.61 -58.39
N TYR E 218 40.55 37.15 -59.45
CA TYR E 218 41.59 36.14 -59.31
C TYR E 218 42.66 36.32 -60.38
N VAL E 219 43.92 36.20 -59.95
CA VAL E 219 45.06 36.36 -60.84
C VAL E 219 45.59 35.03 -61.34
N ILE E 220 46.24 35.07 -62.50
CA ILE E 220 46.80 33.87 -63.13
C ILE E 220 48.26 34.03 -63.55
N ASN E 221 49.14 33.36 -62.79
CA ASN E 221 50.57 33.35 -63.06
C ASN E 221 50.76 32.44 -64.29
N SER E 222 51.81 32.70 -65.06
CA SER E 222 52.11 31.89 -66.23
C SER E 222 52.64 30.49 -65.80
N THR E 223 53.26 30.47 -64.61
CA THR E 223 53.89 29.26 -63.99
C THR E 223 52.91 28.34 -63.21
N SER E 224 52.34 28.89 -62.14
CA SER E 224 51.41 28.20 -61.23
C SER E 224 49.91 28.28 -61.59
N GLY E 225 49.59 28.91 -62.73
CA GLY E 225 48.20 29.03 -63.16
C GLY E 225 47.38 29.86 -62.17
N ILE E 226 46.38 29.24 -61.56
CA ILE E 226 45.56 29.97 -60.60
C ILE E 226 45.99 29.65 -59.16
N ASN E 227 47.04 28.83 -59.03
CA ASN E 227 47.55 28.43 -57.71
C ASN E 227 48.82 29.17 -57.36
N ASN E 228 48.75 30.49 -57.41
CA ASN E 228 49.89 31.31 -57.09
C ASN E 228 49.48 32.14 -55.87
N THR E 229 50.35 33.05 -55.46
CA THR E 229 50.06 33.85 -54.28
C THR E 229 50.51 35.30 -54.45
N ASP E 230 50.34 35.81 -55.66
CA ASP E 230 50.76 37.16 -55.99
C ASP E 230 49.88 38.24 -55.46
N PRO E 231 48.56 38.12 -55.68
CA PRO E 231 47.74 39.20 -55.12
C PRO E 231 48.05 39.37 -53.60
N THR E 232 48.55 40.56 -53.22
CA THR E 232 48.89 40.85 -51.82
C THR E 232 48.04 41.94 -51.19
N GLU E 233 47.75 42.96 -51.98
CA GLU E 233 46.97 44.09 -51.51
C GLU E 233 45.93 44.54 -52.55
N TYR E 234 44.65 44.28 -52.26
CA TYR E 234 43.55 44.66 -53.14
C TYR E 234 43.02 46.01 -52.69
N GLU E 235 42.39 46.74 -53.59
CA GLU E 235 41.91 48.04 -53.21
C GLU E 235 40.83 48.63 -54.09
N LEU E 236 39.65 48.85 -53.54
CA LEU E 236 38.56 49.44 -54.29
C LEU E 236 38.53 50.93 -53.99
N LYS E 237 38.97 51.73 -54.96
CA LYS E 237 39.03 53.18 -54.80
C LYS E 237 37.81 53.79 -55.48
N ILE E 238 36.99 54.54 -54.76
CA ILE E 238 35.87 55.21 -55.43
C ILE E 238 36.67 56.39 -55.98
N VAL E 239 36.89 56.44 -57.30
CA VAL E 239 37.68 57.54 -57.91
C VAL E 239 36.86 58.81 -58.11
N ARG E 240 35.60 58.66 -58.51
CA ARG E 240 34.71 59.81 -58.72
C ARG E 240 34.28 60.40 -57.38
N GLY E 241 34.00 61.72 -57.38
CA GLY E 241 33.64 62.38 -56.15
C GLY E 241 34.91 62.54 -55.31
N VAL E 242 34.80 62.71 -53.98
CA VAL E 242 36.00 62.81 -53.18
C VAL E 242 36.71 61.44 -53.32
N PRO E 243 38.00 61.40 -53.73
CA PRO E 243 38.61 60.07 -53.86
C PRO E 243 38.70 59.35 -52.52
N THR E 244 38.19 58.10 -52.52
CA THR E 244 38.07 57.27 -51.30
C THR E 244 38.38 55.78 -51.50
N ASP E 245 38.69 55.13 -50.38
CA ASP E 245 38.98 53.71 -50.36
C ASP E 245 37.92 52.97 -49.57
N LYS E 246 37.03 52.33 -50.32
CA LYS E 246 35.96 51.54 -49.75
C LYS E 246 36.67 50.26 -49.28
N ILE E 247 37.85 49.99 -49.87
CA ILE E 247 38.66 48.81 -49.53
C ILE E 247 40.16 49.02 -49.72
N LYS E 248 40.91 48.58 -48.73
CA LYS E 248 42.38 48.66 -48.74
C LYS E 248 42.86 47.56 -47.78
N VAL E 249 42.31 46.36 -47.99
CA VAL E 249 42.60 45.19 -47.15
C VAL E 249 43.71 44.31 -47.80
N SER E 250 44.57 43.71 -46.96
CA SER E 250 45.64 42.85 -47.47
C SER E 250 44.99 41.60 -48.04
N TRP E 251 45.64 40.98 -49.01
CA TRP E 251 45.05 39.80 -49.62
C TRP E 251 44.58 38.79 -48.58
N ALA E 252 45.44 38.51 -47.59
CA ALA E 252 45.13 37.56 -46.52
C ALA E 252 43.80 37.88 -45.82
N ALA E 253 43.63 39.16 -45.46
CA ALA E 253 42.42 39.67 -44.79
C ALA E 253 41.18 39.67 -45.69
N LEU E 254 41.40 39.74 -47.00
CA LEU E 254 40.30 39.70 -47.96
C LEU E 254 39.83 38.24 -48.04
N GLN E 255 40.78 37.30 -47.97
CA GLN E 255 40.46 35.87 -48.00
C GLN E 255 39.89 35.46 -46.66
N ALA E 256 40.19 36.27 -45.65
CA ALA E 256 39.68 36.07 -44.32
C ALA E 256 38.18 36.36 -44.36
N GLU E 257 37.77 37.53 -44.88
CA GLU E 257 36.34 37.82 -44.91
C GLU E 257 35.59 36.73 -45.69
N ASN E 258 36.30 36.00 -46.55
CA ASN E 258 35.66 34.94 -47.33
C ASN E 258 35.48 33.67 -46.49
N GLN E 259 36.33 33.51 -45.48
CA GLN E 259 36.19 32.44 -44.49
C GLN E 259 34.89 32.62 -43.70
N ALA E 260 34.73 33.82 -43.12
CA ALA E 260 33.52 34.21 -42.42
C ALA E 260 32.31 34.36 -43.34
N GLU E 261 32.55 34.97 -44.50
CA GLU E 261 31.51 35.23 -45.49
C GLU E 261 30.98 33.95 -46.14
N TYR E 262 31.89 33.15 -46.68
CA TYR E 262 31.49 31.95 -47.35
C TYR E 262 31.70 30.63 -46.62
N GLN E 263 32.30 30.70 -45.44
CA GLN E 263 32.52 29.50 -44.65
C GLN E 263 33.15 28.45 -45.57
N VAL E 264 34.20 28.84 -46.28
CA VAL E 264 34.85 27.92 -47.19
C VAL E 264 36.29 28.38 -47.29
N ALA E 265 37.21 27.41 -47.41
CA ALA E 265 38.64 27.70 -47.54
C ALA E 265 38.83 28.42 -48.88
N PRO E 266 39.92 29.19 -49.04
CA PRO E 266 40.14 29.91 -50.31
C PRO E 266 40.23 28.94 -51.52
N TYR E 267 39.57 29.27 -52.63
CA TYR E 267 39.61 28.39 -53.80
C TYR E 267 41.06 28.15 -54.21
N SER E 268 41.89 29.15 -53.97
CA SER E 268 43.33 29.12 -54.25
C SER E 268 43.92 30.41 -53.67
N GLY E 269 45.25 30.51 -53.66
CA GLY E 269 45.90 31.69 -53.09
C GLY E 269 45.74 32.96 -53.91
N ALA E 270 45.29 32.82 -55.15
CA ALA E 270 45.11 33.97 -56.05
C ALA E 270 43.67 34.41 -56.30
N SER E 271 42.76 34.13 -55.37
CA SER E 271 41.36 34.53 -55.54
C SER E 271 40.71 35.09 -54.29
N ALA E 272 39.57 35.74 -54.47
CA ALA E 272 38.79 36.31 -53.37
C ALA E 272 37.52 36.94 -53.90
N ILE E 273 36.68 37.39 -52.98
CA ILE E 273 35.41 38.04 -53.36
C ILE E 273 35.16 39.25 -52.47
N ILE E 274 34.68 40.31 -53.08
CA ILE E 274 34.41 41.52 -52.34
C ILE E 274 32.94 41.92 -52.52
N ASP E 275 32.17 41.82 -51.43
CA ASP E 275 30.76 42.15 -51.50
C ASP E 275 30.55 43.60 -51.24
N PHE E 276 30.03 44.26 -52.26
CA PHE E 276 29.76 45.67 -52.20
C PHE E 276 28.69 46.07 -51.16
N ARG E 277 27.65 45.25 -50.95
CA ARG E 277 26.64 45.57 -49.93
C ARG E 277 27.28 45.81 -48.55
N LYS E 278 28.50 45.29 -48.38
CA LYS E 278 29.28 45.39 -47.14
C LYS E 278 30.23 46.61 -47.08
N TYR E 279 30.42 47.30 -48.20
CA TYR E 279 31.31 48.48 -48.28
C TYR E 279 30.59 49.75 -48.75
N PHE E 280 29.30 49.59 -49.03
CA PHE E 280 28.43 50.67 -49.42
C PHE E 280 27.20 50.33 -48.63
N ASN E 281 26.19 51.16 -48.83
CA ASN E 281 24.94 50.88 -48.16
C ASN E 281 24.19 50.19 -49.30
N GLY E 282 23.95 48.90 -49.14
CA GLY E 282 23.28 48.14 -50.18
C GLY E 282 24.26 47.95 -51.33
N ASP E 283 23.74 47.60 -52.51
CA ASP E 283 24.59 47.39 -53.68
C ASP E 283 25.23 48.65 -54.32
N LEU E 284 26.43 48.46 -54.87
CA LEU E 284 27.19 49.53 -55.53
C LEU E 284 26.62 49.75 -56.92
N ASP E 285 25.82 50.80 -57.06
CA ASP E 285 25.19 51.11 -58.32
C ASP E 285 25.97 52.13 -59.16
N LEU E 286 26.09 51.84 -60.45
CA LEU E 286 26.79 52.70 -61.39
C LEU E 286 25.91 52.83 -62.64
N THR E 287 24.60 52.71 -62.47
CA THR E 287 23.64 52.81 -63.57
C THR E 287 23.80 54.09 -64.35
N HIS E 288 24.01 55.18 -63.62
CA HIS E 288 24.17 56.48 -64.23
C HIS E 288 25.47 57.17 -63.87
N ALA E 289 26.29 56.52 -63.03
CA ALA E 289 27.54 57.12 -62.61
C ALA E 289 28.44 57.26 -63.84
N PRO E 290 29.18 58.38 -63.95
CA PRO E 290 30.05 58.57 -65.12
C PRO E 290 31.05 57.40 -65.16
N SER E 291 31.50 56.95 -66.34
CA SER E 291 32.41 55.81 -66.38
C SER E 291 33.68 56.24 -65.65
N ASP E 292 34.46 55.25 -65.20
CA ASP E 292 35.70 55.52 -64.44
C ASP E 292 35.42 56.25 -63.10
N SER E 293 34.49 55.69 -62.32
CA SER E 293 34.08 56.26 -61.03
C SER E 293 34.45 55.35 -59.87
N ILE E 294 34.78 54.10 -60.20
CA ILE E 294 35.22 53.13 -59.21
C ILE E 294 36.13 52.15 -59.91
N GLU E 295 37.36 52.07 -59.42
CA GLU E 295 38.40 51.20 -59.98
C GLU E 295 38.85 50.30 -58.85
N TYR E 296 39.49 49.19 -59.20
CA TYR E 296 39.99 48.27 -58.20
C TYR E 296 41.48 47.96 -58.52
N ASP E 297 42.31 47.91 -57.47
CA ASP E 297 43.76 47.67 -57.58
C ASP E 297 44.32 46.34 -57.08
N LEU E 298 45.57 46.07 -57.46
CA LEU E 298 46.27 44.85 -57.07
C LEU E 298 47.80 45.01 -56.95
N ALA E 299 48.31 44.51 -55.83
CA ALA E 299 49.74 44.53 -55.56
C ALA E 299 50.12 43.11 -55.91
N LEU E 300 50.71 42.92 -57.09
CA LEU E 300 51.09 41.58 -57.53
C LEU E 300 52.58 41.29 -57.28
N GLN E 301 52.90 40.12 -56.72
CA GLN E 301 54.29 39.72 -56.42
C GLN E 301 55.11 39.76 -57.70
N ASN E 302 54.54 39.18 -58.76
CA ASN E 302 55.11 39.15 -60.09
C ASN E 302 54.06 39.89 -60.89
N GLN E 303 54.27 39.95 -62.21
CA GLN E 303 53.28 40.59 -63.06
C GLN E 303 52.47 39.50 -63.79
N ASP E 304 51.14 39.47 -63.59
CA ASP E 304 50.28 38.45 -64.20
C ASP E 304 49.02 39.01 -64.87
N ASN E 305 48.04 38.10 -65.02
CA ASN E 305 46.74 38.40 -65.63
C ASN E 305 45.65 38.31 -64.56
N VAL E 306 44.90 39.39 -64.40
CA VAL E 306 43.85 39.42 -63.40
C VAL E 306 42.45 39.35 -64.02
N TYR E 307 41.65 38.36 -63.63
CA TYR E 307 40.30 38.21 -64.17
C TYR E 307 39.30 38.68 -63.15
N SER E 308 38.43 39.60 -63.54
CA SER E 308 37.45 40.10 -62.62
C SER E 308 36.02 39.84 -63.09
N LEU E 309 35.39 38.89 -62.41
CA LEU E 309 34.05 38.49 -62.73
C LEU E 309 33.15 39.27 -61.80
N TYR E 310 32.13 39.91 -62.35
CA TYR E 310 31.19 40.67 -61.55
C TYR E 310 29.82 40.02 -61.53
N VAL E 311 29.15 40.04 -60.40
CA VAL E 311 27.82 39.45 -60.33
C VAL E 311 27.03 40.73 -60.20
N SER E 312 26.58 41.25 -61.34
CA SER E 312 25.81 42.49 -61.38
C SER E 312 24.49 42.21 -62.08
N TYR E 313 23.58 43.18 -61.99
CA TYR E 313 22.27 43.08 -62.63
C TYR E 313 21.80 44.50 -62.98
N VAL E 314 21.02 44.60 -64.06
CA VAL E 314 20.51 45.90 -64.52
C VAL E 314 19.00 45.94 -64.47
N LEU E 315 18.45 47.15 -64.37
CA LEU E 315 17.01 47.30 -64.35
C LEU E 315 16.64 48.01 -65.66
N PRO E 316 16.20 47.24 -66.66
CA PRO E 316 15.82 47.79 -67.96
C PRO E 316 14.82 48.96 -68.00
N TYR E 317 14.24 49.33 -66.87
CA TYR E 317 13.30 50.45 -66.83
C TYR E 317 13.62 51.15 -65.53
N TYR E 318 14.90 51.15 -65.21
CA TYR E 318 15.44 51.71 -63.97
C TYR E 318 14.91 53.09 -63.57
N ASP E 319 14.52 53.88 -64.56
CA ASP E 319 14.04 55.22 -64.33
C ASP E 319 12.58 55.26 -64.02
N GLN E 320 11.85 54.37 -64.67
CA GLN E 320 10.44 54.28 -64.41
C GLN E 320 10.24 53.72 -63.01
N LEU E 321 11.26 53.01 -62.52
CA LEU E 321 11.21 52.44 -61.17
C LEU E 321 11.51 53.55 -60.17
N ALA E 322 12.38 54.48 -60.60
CA ALA E 322 12.76 55.62 -59.78
C ALA E 322 11.73 56.78 -59.86
N ALA E 323 11.06 56.91 -61.02
CA ALA E 323 10.06 57.96 -61.23
C ALA E 323 8.65 57.49 -60.91
N LEU E 324 8.55 56.39 -60.16
CA LEU E 324 7.25 55.84 -59.80
C LEU E 324 6.76 56.51 -58.52
N PRO E 325 5.42 56.68 -58.36
CA PRO E 325 4.84 57.31 -57.17
C PRO E 325 5.29 56.55 -55.90
N ALA E 326 5.52 57.26 -54.80
CA ALA E 326 5.95 56.62 -53.56
C ALA E 326 4.98 55.49 -53.13
N GLN E 327 3.81 55.50 -53.76
CA GLN E 327 2.74 54.52 -53.56
C GLN E 327 3.14 53.18 -54.21
N VAL E 328 3.23 53.24 -55.53
CA VAL E 328 3.55 52.12 -56.42
C VAL E 328 5.02 51.71 -56.26
N ALA E 329 5.93 52.68 -56.33
CA ALA E 329 7.38 52.44 -56.19
C ALA E 329 7.67 51.50 -55.03
N ALA E 330 6.97 51.68 -53.91
CA ALA E 330 7.13 50.83 -52.72
C ALA E 330 6.86 49.32 -52.99
N ILE E 331 5.81 49.05 -53.77
CA ILE E 331 5.38 47.69 -54.14
C ILE E 331 6.29 47.11 -55.23
N VAL E 332 6.61 47.96 -56.18
CA VAL E 332 7.47 47.63 -57.29
C VAL E 332 8.89 47.41 -56.77
N GLN E 333 9.31 48.27 -55.84
CA GLN E 333 10.66 48.18 -55.26
C GLN E 333 10.87 46.87 -54.55
N GLN E 334 9.80 46.38 -53.94
CA GLN E 334 9.84 45.13 -53.22
C GLN E 334 9.91 43.87 -54.11
N TYR E 335 9.49 44.00 -55.37
CA TYR E 335 9.54 42.88 -56.30
C TYR E 335 10.91 42.80 -56.89
N VAL E 336 11.44 43.98 -57.20
CA VAL E 336 12.76 44.18 -57.76
C VAL E 336 13.77 43.83 -56.65
N ALA E 337 13.41 44.20 -55.41
CA ALA E 337 14.25 43.91 -54.25
C ALA E 337 14.42 42.39 -54.04
N ARG E 338 13.32 41.65 -54.11
CA ARG E 338 13.36 40.21 -53.92
C ARG E 338 14.15 39.56 -55.04
N GLN E 339 13.89 40.02 -56.26
CA GLN E 339 14.55 39.51 -57.46
C GLN E 339 16.06 39.76 -57.42
N LYS E 340 16.46 40.95 -56.94
CA LYS E 340 17.89 41.31 -56.87
C LYS E 340 18.71 40.29 -56.06
N ARG E 341 18.10 39.68 -55.05
CA ARG E 341 18.82 38.68 -54.26
C ARG E 341 18.73 37.26 -54.80
N ARG E 342 17.78 37.00 -55.70
CA ARG E 342 17.61 35.66 -56.31
C ARG E 342 18.89 35.35 -57.10
N ILE E 343 19.46 36.39 -57.71
CA ILE E 343 20.69 36.28 -58.49
C ILE E 343 21.92 36.32 -57.59
N LYS E 344 22.13 35.26 -56.81
CA LYS E 344 23.27 35.16 -55.90
C LYS E 344 24.52 34.69 -56.62
N ARG E 345 24.44 33.45 -57.11
CA ARG E 345 25.53 32.79 -57.82
C ARG E 345 25.63 33.21 -59.28
N GLY F 2 12.93 39.94 20.30
CA GLY F 2 13.84 40.80 19.50
C GLY F 2 14.75 39.99 18.59
N GLU F 3 16.04 40.26 18.68
CA GLU F 3 17.02 39.56 17.86
C GLU F 3 17.94 38.62 18.59
N ILE F 4 17.50 37.41 18.79
CA ILE F 4 18.32 36.42 19.46
C ILE F 4 19.65 36.35 18.65
N TYR F 5 20.77 36.12 19.33
CA TYR F 5 22.10 35.97 18.72
C TYR F 5 23.05 35.40 19.76
N THR F 6 23.84 34.41 19.34
CA THR F 6 24.74 33.73 20.27
C THR F 6 26.20 33.74 19.92
N GLU F 7 27.00 33.76 20.96
CA GLU F 7 28.44 33.75 20.83
C GLU F 7 29.09 33.09 22.04
N THR F 8 30.31 32.62 21.83
CA THR F 8 31.13 32.02 22.88
C THR F 8 32.02 33.19 23.31
N LEU F 9 32.33 33.32 24.59
CA LEU F 9 33.19 34.42 25.04
C LEU F 9 34.66 34.02 24.87
N GLN F 10 35.47 34.96 24.39
CA GLN F 10 36.89 34.67 24.14
C GLN F 10 37.57 34.13 25.38
N GLN F 11 37.34 34.80 26.52
CA GLN F 11 37.96 34.36 27.75
C GLN F 11 37.41 33.13 28.43
N THR F 12 38.28 32.12 28.60
CA THR F 12 37.94 30.86 29.30
C THR F 12 38.51 30.86 30.72
N TYR F 13 38.30 29.76 31.44
CA TYR F 13 38.78 29.63 32.80
C TYR F 13 39.26 28.21 33.04
N ALA F 14 40.51 28.08 33.49
CA ALA F 14 41.08 26.77 33.78
C ALA F 14 40.38 26.07 34.97
N TRP F 15 40.05 24.79 34.81
CA TRP F 15 39.41 24.03 35.87
C TRP F 15 40.49 23.59 36.85
N THR F 16 40.40 24.06 38.09
CA THR F 16 41.35 23.69 39.13
C THR F 16 40.57 23.01 40.26
N ALA F 17 41.20 22.13 41.02
CA ALA F 17 40.47 21.43 42.09
C ALA F 17 40.04 22.34 43.26
N GLY F 18 38.76 22.25 43.63
CA GLY F 18 38.22 23.03 44.74
C GLY F 18 38.35 24.54 44.68
N THR F 19 38.09 25.13 43.53
CA THR F 19 38.23 26.57 43.35
C THR F 19 36.94 27.31 42.98
N ASN F 20 36.97 28.62 43.20
CA ASN F 20 35.84 29.46 42.87
C ASN F 20 36.34 30.24 41.67
N ILE F 21 35.69 30.05 40.53
CA ILE F 21 36.10 30.76 39.34
C ILE F 21 34.93 31.69 39.05
N PRO F 22 35.04 32.97 39.47
CA PRO F 22 33.91 33.85 39.19
C PRO F 22 34.00 34.41 37.78
N ILE F 23 32.89 34.29 37.06
CA ILE F 23 32.84 34.73 35.69
C ILE F 23 31.85 35.87 35.56
N LYS F 24 32.26 36.92 34.86
CA LYS F 24 31.37 38.02 34.61
C LYS F 24 30.76 37.79 33.24
N ILE F 25 29.45 37.98 33.13
CA ILE F 25 28.74 37.77 31.89
C ILE F 25 28.43 39.15 31.31
N PRO F 26 29.09 39.49 30.18
CA PRO F 26 28.89 40.79 29.54
C PRO F 26 27.40 41.11 29.44
N ARG F 27 27.03 42.35 29.72
CA ARG F 27 25.63 42.74 29.67
C ARG F 27 25.39 43.53 28.38
N ASN F 28 25.42 42.83 27.25
CA ASN F 28 25.24 43.40 25.91
C ASN F 28 23.77 43.67 25.58
N ASN F 29 22.96 42.63 25.73
CA ASN F 29 21.52 42.72 25.51
C ASN F 29 20.93 41.93 26.65
N PHE F 30 19.71 41.43 26.48
CA PHE F 30 19.09 40.61 27.51
C PHE F 30 19.74 39.21 27.35
N ILE F 31 19.67 38.35 28.36
CA ILE F 31 20.27 37.02 28.25
C ILE F 31 19.24 35.92 28.22
N ARG F 32 19.26 35.08 27.18
CA ARG F 32 18.30 33.99 27.07
C ARG F 32 18.73 32.70 27.73
N LYS F 33 19.99 32.32 27.57
CA LYS F 33 20.50 31.11 28.17
C LYS F 33 22.02 31.15 28.20
N ILE F 34 22.60 30.65 29.29
CA ILE F 34 24.05 30.63 29.43
C ILE F 34 24.51 29.18 29.58
N ARG F 35 25.27 28.71 28.59
CA ARG F 35 25.81 27.35 28.60
C ARG F 35 27.26 27.36 29.08
N VAL F 36 27.64 26.33 29.81
CA VAL F 36 29.00 26.25 30.28
C VAL F 36 29.45 24.84 29.94
N GLN F 37 30.67 24.69 29.45
CA GLN F 37 31.20 23.37 29.12
C GLN F 37 32.54 23.14 29.75
N LEU F 38 32.70 22.04 30.45
CA LEU F 38 34.00 21.72 31.04
C LEU F 38 34.62 20.86 29.93
N ILE F 39 35.52 21.46 29.14
CA ILE F 39 36.16 20.77 28.00
C ILE F 39 37.68 20.67 28.06
N GLY F 40 38.18 19.44 28.02
CA GLY F 40 39.61 19.20 28.06
C GLY F 40 39.83 17.70 28.07
N SER F 41 40.69 17.22 28.97
CA SER F 41 40.92 15.76 29.06
C SER F 41 41.23 15.37 30.50
N ILE F 42 41.06 14.08 30.78
CA ILE F 42 41.30 13.59 32.13
C ILE F 42 42.47 12.65 31.89
N SER F 43 43.63 13.08 32.38
CA SER F 43 44.86 12.34 32.17
C SER F 43 45.24 11.42 33.31
N ASN F 44 45.76 10.27 32.93
CA ASN F 44 46.23 9.28 33.88
C ASN F 44 47.74 9.25 33.58
N SER F 45 48.53 9.53 34.61
CA SER F 45 49.98 9.52 34.49
C SER F 45 50.54 8.32 35.29
N GLY F 46 49.63 7.66 36.04
CA GLY F 46 50.00 6.50 36.82
C GLY F 46 50.17 5.30 35.88
N THR F 47 50.95 4.31 36.34
CA THR F 47 51.25 3.09 35.58
C THR F 47 50.01 2.22 35.20
N ALA F 48 49.01 2.17 36.09
CA ALA F 48 47.79 1.38 35.87
C ALA F 48 46.60 2.24 35.44
N ALA F 49 45.77 1.70 34.53
CA ALA F 49 44.60 2.41 33.99
C ALA F 49 43.56 2.68 35.10
N VAL F 50 43.41 3.95 35.45
CA VAL F 50 42.48 4.34 36.50
C VAL F 50 41.07 4.66 36.03
N THR F 51 40.11 3.92 36.58
CA THR F 51 38.69 4.06 36.28
C THR F 51 38.09 5.27 37.02
N LEU F 52 37.41 6.13 36.27
CA LEU F 52 36.76 7.33 36.79
C LEU F 52 35.59 7.06 37.71
N PRO F 53 35.41 7.92 38.74
CA PRO F 53 34.28 7.72 39.67
C PRO F 53 32.96 7.68 38.89
N SER F 54 31.98 6.94 39.38
CA SER F 54 30.68 6.86 38.69
C SER F 54 29.73 7.99 39.12
N ALA F 55 28.53 8.01 38.53
CA ALA F 55 27.55 9.06 38.84
C ALA F 55 27.59 9.48 40.30
N PRO F 56 27.45 10.77 40.56
CA PRO F 56 27.30 11.87 39.59
C PRO F 56 28.42 12.34 38.63
N PHE F 57 29.61 11.73 38.65
CA PHE F 57 30.68 12.14 37.71
C PHE F 57 30.19 11.86 36.27
N PRO F 58 30.57 12.70 35.28
CA PRO F 58 31.43 13.87 35.36
C PRO F 58 30.83 15.14 35.97
N TYR F 59 29.51 15.26 36.02
CA TYR F 59 28.89 16.47 36.57
C TYR F 59 29.51 17.06 37.83
N ASN F 60 29.83 16.22 38.80
CA ASN F 60 30.39 16.71 40.05
C ASN F 60 31.81 17.31 39.95
N LEU F 61 32.35 17.42 38.73
CA LEU F 61 33.66 18.04 38.56
C LEU F 61 33.47 19.50 38.97
N VAL F 62 32.20 19.91 38.97
CA VAL F 62 31.77 21.26 39.37
C VAL F 62 30.90 21.10 40.62
N GLN F 63 31.48 21.41 41.76
CA GLN F 63 30.82 21.24 43.05
C GLN F 63 29.50 21.97 43.12
N THR F 64 29.50 23.24 42.66
CA THR F 64 28.30 24.08 42.66
C THR F 64 28.31 25.22 41.63
N PHE F 65 27.12 25.72 41.33
CA PHE F 65 26.92 26.82 40.40
C PHE F 65 26.21 27.97 41.08
N ASN F 66 26.52 29.18 40.66
CA ASN F 66 25.83 30.31 41.22
C ASN F 66 25.81 31.55 40.35
N LEU F 67 24.76 31.67 39.56
CA LEU F 67 24.58 32.78 38.67
C LEU F 67 23.64 33.77 39.31
N SER F 68 24.14 34.95 39.65
CA SER F 68 23.30 35.95 40.29
C SER F 68 23.66 37.37 39.83
N TYR F 69 22.76 38.33 40.09
CA TYR F 69 22.97 39.70 39.67
C TYR F 69 22.81 40.70 40.81
N GLU F 70 23.66 41.73 40.79
CA GLU F 70 23.70 42.76 41.81
C GLU F 70 24.31 42.11 43.03
N GLY F 71 25.01 41.02 42.75
CA GLY F 71 25.70 40.25 43.77
C GLY F 71 24.79 39.65 44.83
N SER F 72 23.54 40.08 44.86
CA SER F 72 22.63 39.60 45.87
C SER F 72 21.44 38.82 45.35
N LYS F 73 20.93 39.18 44.17
CA LYS F 73 19.79 38.47 43.64
C LYS F 73 20.24 37.27 42.80
N THR F 74 19.91 36.07 43.28
CA THR F 74 20.28 34.79 42.68
C THR F 74 19.29 34.18 41.69
N LEU F 75 19.77 33.92 40.48
CA LEU F 75 18.97 33.32 39.42
C LEU F 75 19.19 31.81 39.47
N TYR F 76 20.39 31.42 39.88
CA TYR F 76 20.75 30.01 39.98
C TYR F 76 21.54 29.67 41.23
N SER F 77 21.29 28.48 41.74
CA SER F 77 21.97 28.01 42.92
C SER F 77 21.74 26.52 42.89
N VAL F 78 22.60 25.85 42.16
CA VAL F 78 22.51 24.42 42.04
C VAL F 78 23.92 23.92 42.02
N SER F 79 24.10 22.64 42.29
CA SER F 79 25.42 22.05 42.27
C SER F 79 25.56 21.41 40.90
N GLY F 80 26.79 21.14 40.48
CA GLY F 80 27.00 20.52 39.18
C GLY F 80 26.32 19.16 39.10
N THR F 81 26.18 18.51 40.26
CA THR F 81 25.54 17.21 40.34
C THR F 81 24.05 17.42 40.15
N GLY F 82 23.53 18.52 40.68
CA GLY F 82 22.13 18.83 40.54
C GLY F 82 21.74 19.25 39.12
N LEU F 83 22.15 20.44 38.70
CA LEU F 83 21.83 20.93 37.37
C LEU F 83 22.26 19.93 36.31
N GLY F 84 23.30 19.15 36.63
CA GLY F 84 23.81 18.13 35.72
C GLY F 84 22.74 17.07 35.47
N ILE F 85 22.07 16.65 36.53
CA ILE F 85 21.00 15.66 36.40
C ILE F 85 19.77 16.31 35.78
N LEU F 86 19.51 17.57 36.09
CA LEU F 86 18.37 18.27 35.52
C LEU F 86 18.60 18.36 34.02
N MET F 87 19.86 18.51 33.63
CA MET F 87 20.26 18.60 32.23
C MET F 87 20.03 17.24 31.58
N TYR F 88 20.40 16.19 32.31
CA TYR F 88 20.25 14.82 31.86
C TYR F 88 18.80 14.42 31.56
N TYR F 89 17.83 14.98 32.27
CA TYR F 89 16.44 14.62 32.02
C TYR F 89 15.82 15.46 30.95
N THR F 90 15.99 16.76 31.06
CA THR F 90 15.43 17.67 30.06
C THR F 90 15.95 17.51 28.62
N THR F 91 16.96 16.66 28.41
CA THR F 91 17.48 16.46 27.05
C THR F 91 17.46 15.00 26.62
N LYS F 92 16.52 14.22 27.14
CA LYS F 92 16.44 12.78 26.81
C LYS F 92 17.79 12.09 27.12
N GLY F 93 18.44 12.55 28.19
CA GLY F 93 19.72 12.00 28.64
C GLY F 93 20.85 12.16 27.64
N GLN F 94 20.69 13.10 26.71
CA GLN F 94 21.68 13.34 25.67
C GLN F 94 22.68 14.44 25.92
N ASN F 95 22.51 15.18 27.00
CA ASN F 95 23.42 16.27 27.26
C ASN F 95 24.87 15.76 27.30
N PRO F 96 25.81 16.45 26.60
CA PRO F 96 27.22 16.05 26.55
C PRO F 96 27.82 15.84 27.95
N ALA F 97 28.31 14.62 28.21
CA ALA F 97 28.90 14.25 29.49
C ALA F 97 29.92 13.12 29.35
N TYR F 98 31.09 13.46 28.84
CA TYR F 98 32.15 12.48 28.66
C TYR F 98 33.27 12.73 29.65
N PRO F 99 33.88 11.65 30.15
CA PRO F 99 33.46 10.31 29.72
C PRO F 99 32.32 9.86 30.64
N ALA F 100 31.73 8.71 30.34
CA ALA F 100 30.65 8.17 31.17
C ALA F 100 31.20 7.71 32.53
N PRO F 101 30.32 7.51 33.53
CA PRO F 101 30.77 7.06 34.85
C PRO F 101 31.48 5.70 34.76
N GLY F 102 32.54 5.49 35.52
CA GLY F 102 33.24 4.22 35.49
C GLY F 102 34.14 3.98 34.28
N THR F 103 34.33 5.00 33.44
CA THR F 103 35.17 4.89 32.24
C THR F 103 36.65 4.83 32.60
N SER F 104 37.41 4.03 31.87
CA SER F 104 38.83 3.90 32.16
C SER F 104 39.77 4.80 31.33
N VAL F 105 40.69 5.44 32.04
CA VAL F 105 41.69 6.32 31.43
C VAL F 105 42.90 5.41 31.19
N PRO F 106 43.15 5.02 29.92
CA PRO F 106 44.30 4.13 29.66
C PRO F 106 45.49 4.59 30.49
N ALA F 107 46.15 3.62 31.12
CA ALA F 107 47.33 3.83 32.00
C ALA F 107 48.49 4.58 31.30
N SER F 108 48.75 5.83 31.73
CA SER F 108 49.78 6.71 31.15
C SER F 108 49.28 7.27 29.76
N GLY F 109 47.95 7.35 29.64
CA GLY F 109 47.24 7.87 28.47
C GLY F 109 46.14 8.73 29.08
N SER F 110 45.16 9.19 28.29
CA SER F 110 44.06 10.01 28.86
C SER F 110 42.70 9.84 28.10
N VAL F 111 41.63 10.43 28.64
CA VAL F 111 40.30 10.33 28.01
C VAL F 111 39.81 11.73 27.64
N ASN F 112 38.58 11.80 27.16
CA ASN F 112 38.00 13.07 26.77
C ASN F 112 36.98 13.67 27.70
N LEU F 113 37.20 14.93 28.08
CA LEU F 113 36.29 15.61 28.97
C LEU F 113 35.47 16.67 28.25
N ASN F 114 34.17 16.58 28.44
CA ASN F 114 33.21 17.48 27.86
C ASN F 114 31.88 17.28 28.57
N VAL F 115 31.57 18.18 29.49
CA VAL F 115 30.34 18.13 30.26
C VAL F 115 29.64 19.46 30.02
N MET F 116 28.32 19.48 30.12
CA MET F 116 27.64 20.73 29.93
C MET F 116 26.46 21.04 30.83
N TRP F 117 26.25 22.34 31.06
CA TRP F 117 25.15 22.83 31.86
C TRP F 117 24.47 23.95 31.07
N GLU F 118 23.27 24.33 31.47
CA GLU F 118 22.56 25.39 30.77
C GLU F 118 21.57 26.10 31.68
N PHE F 119 21.80 27.39 31.88
CA PHE F 119 20.93 28.21 32.70
C PHE F 119 20.04 29.00 31.77
N ASP F 120 18.74 28.67 31.79
CA ASP F 120 17.76 29.34 30.94
C ASP F 120 17.20 30.53 31.69
N LEU F 121 17.56 31.73 31.26
CA LEU F 121 17.07 32.92 31.94
C LEU F 121 15.85 33.55 31.29
N ALA F 122 15.04 32.75 30.56
CA ALA F 122 13.86 33.30 29.86
C ALA F 122 14.49 34.41 28.97
N ARG F 123 14.08 35.66 29.18
CA ARG F 123 14.69 36.77 28.45
C ARG F 123 15.06 37.85 29.46
N PHE F 124 16.03 37.49 30.31
CA PHE F 124 16.56 38.30 31.41
C PHE F 124 17.06 39.70 31.03
N PRO F 125 16.56 40.74 31.72
CA PRO F 125 16.93 42.14 31.46
C PRO F 125 18.32 42.45 32.00
N ALA F 126 19.33 41.79 31.42
CA ALA F 126 20.74 41.93 31.79
C ALA F 126 21.41 43.30 31.58
N THR F 127 20.86 44.10 30.69
CA THR F 127 21.40 45.42 30.42
C THR F 127 20.82 46.41 31.43
N MET F 128 19.71 46.02 32.04
CA MET F 128 19.02 46.84 33.01
C MET F 128 19.45 46.54 34.44
N VAL F 129 20.23 45.48 34.65
CA VAL F 129 20.69 45.16 36.00
C VAL F 129 22.20 45.27 36.10
N GLN F 130 22.70 45.01 37.29
CA GLN F 130 24.12 45.16 37.55
C GLN F 130 24.83 43.89 37.96
N ASN F 131 26.02 43.68 37.41
CA ASN F 131 26.83 42.53 37.78
C ASN F 131 26.28 41.13 37.73
N ILE F 132 26.19 40.56 36.53
CA ILE F 132 25.72 39.20 36.42
C ILE F 132 26.96 38.33 36.52
N ILE F 133 27.17 37.69 37.68
CA ILE F 133 28.36 36.85 37.87
C ILE F 133 28.04 35.40 38.11
N LEU F 134 28.42 34.54 37.16
CA LEU F 134 28.19 33.10 37.29
C LEU F 134 29.38 32.46 37.98
N SER F 135 29.28 32.28 39.30
CA SER F 135 30.37 31.67 40.04
C SER F 135 30.33 30.16 40.04
N ILE F 136 31.36 29.61 39.42
CA ILE F 136 31.53 28.18 39.30
C ILE F 136 32.53 27.78 40.37
N LEU F 137 32.06 27.01 41.34
CA LEU F 137 32.91 26.51 42.40
C LEU F 137 33.24 25.06 41.99
N THR F 138 34.37 24.89 41.32
CA THR F 138 34.79 23.57 40.87
C THR F 138 34.85 22.58 42.04
N GLY F 139 34.66 21.30 41.72
CA GLY F 139 34.68 20.26 42.74
C GLY F 139 36.03 19.61 42.89
N GLN F 140 36.06 18.29 43.08
CA GLN F 140 37.34 17.61 43.27
C GLN F 140 37.80 16.76 42.10
N ALA F 141 39.11 16.82 41.85
CA ALA F 141 39.71 16.04 40.76
C ALA F 141 39.65 14.57 41.15
N PRO F 142 39.04 13.72 40.27
CA PRO F 142 38.94 12.28 40.57
C PRO F 142 40.29 11.70 41.01
N SER F 143 40.24 10.60 41.76
CA SER F 143 41.45 9.97 42.27
C SER F 143 42.26 9.24 41.16
N GLY F 144 43.53 9.62 41.03
CA GLY F 144 44.42 8.98 40.05
C GLY F 144 44.59 9.68 38.71
N VAL F 145 43.62 10.54 38.38
CA VAL F 145 43.65 11.26 37.13
C VAL F 145 43.67 12.76 37.45
N SER F 146 43.99 13.56 36.45
CA SER F 146 44.04 15.00 36.61
C SER F 146 43.14 15.66 35.55
N ILE F 147 42.27 16.55 36.01
CA ILE F 147 41.36 17.22 35.10
C ILE F 147 42.10 18.33 34.37
N ASN F 148 42.14 18.22 33.05
CA ASN F 148 42.83 19.21 32.26
C ASN F 148 41.87 19.98 31.34
N ALA F 149 40.84 20.58 31.90
CA ALA F 149 39.88 21.29 31.07
C ALA F 149 39.79 22.75 31.45
N SER F 150 38.92 23.47 30.74
CA SER F 150 38.67 24.89 30.95
C SER F 150 37.16 25.04 30.80
N PHE F 151 36.63 26.24 31.06
CA PHE F 151 35.20 26.46 30.92
C PHE F 151 34.93 27.33 29.68
N TYR F 152 33.79 27.11 29.03
CA TYR F 152 33.43 27.89 27.86
C TYR F 152 32.04 28.43 27.99
N ILE F 153 31.97 29.75 28.13
CA ILE F 153 30.70 30.43 28.29
C ILE F 153 30.14 30.87 26.95
N THR F 154 28.96 30.34 26.62
CA THR F 154 28.24 30.66 25.40
C THR F 154 26.98 31.38 25.88
N ILE F 155 26.84 32.65 25.57
CA ILE F 155 25.67 33.40 26.01
C ILE F 155 24.74 33.72 24.87
N THR F 156 23.45 33.54 25.12
CA THR F 156 22.44 33.82 24.10
C THR F 156 21.64 35.09 24.37
N TYR F 157 22.01 36.19 23.70
CA TYR F 157 21.29 37.44 23.88
C TYR F 157 20.12 37.60 22.92
N GLU F 158 19.16 38.40 23.35
CA GLU F 158 18.00 38.69 22.52
C GLU F 158 18.12 40.19 22.53
N ARG F 159 18.12 40.74 21.33
CA ARG F 159 18.29 42.15 21.12
C ARG F 159 16.93 42.79 21.39
N VAL F 160 16.64 43.12 22.65
CA VAL F 160 15.34 43.72 22.97
C VAL F 160 15.50 45.22 22.89
N THR F 161 14.56 45.86 22.22
CA THR F 161 14.57 47.31 22.02
C THR F 161 13.60 48.08 22.94
N ALA F 162 13.87 49.39 23.10
CA ALA F 162 13.05 50.27 23.91
C ALA F 162 11.61 50.08 23.43
N GLN F 163 11.50 50.04 22.11
CA GLN F 163 10.23 49.84 21.45
C GLN F 163 9.50 48.60 22.00
N GLU F 164 10.07 47.42 21.72
CA GLU F 164 9.49 46.15 22.14
C GLU F 164 9.14 46.08 23.62
N ILE F 165 9.98 46.63 24.48
CA ILE F 165 9.73 46.60 25.92
C ILE F 165 8.37 47.23 26.22
N LEU F 166 8.08 48.38 25.61
CA LEU F 166 6.81 49.08 25.78
C LEU F 166 5.67 48.22 25.27
N SER F 167 5.96 47.47 24.21
CA SER F 167 4.99 46.58 23.57
C SER F 167 4.59 45.40 24.47
N GLU F 168 5.15 45.39 25.67
CA GLU F 168 4.87 44.32 26.63
C GLU F 168 4.52 44.92 27.98
N GLY F 169 4.24 46.22 27.98
CA GLY F 169 3.87 46.87 29.23
C GLY F 169 4.91 47.81 29.79
N GLY F 170 5.81 48.32 28.93
CA GLY F 170 6.84 49.22 29.41
C GLY F 170 7.64 48.60 30.56
N LEU F 171 7.85 49.36 31.63
CA LEU F 171 8.59 48.87 32.80
C LEU F 171 7.74 48.48 34.01
N GLY F 172 8.43 48.01 35.05
CA GLY F 172 7.75 47.61 36.27
C GLY F 172 7.21 48.77 37.10
N ALA F 173 6.91 48.47 38.38
CA ALA F 173 6.38 49.46 39.32
C ALA F 173 7.41 50.55 39.58
N ASP F 174 8.63 50.07 39.81
CA ASP F 174 9.82 50.89 40.09
C ASP F 174 10.69 51.08 38.85
N GLY F 175 10.24 50.52 37.72
CA GLY F 175 10.95 50.61 36.46
C GLY F 175 12.39 50.08 36.47
N GLU F 176 12.57 48.85 36.93
CA GLU F 176 13.90 48.25 36.99
C GLU F 176 14.04 47.10 36.02
N MET F 177 12.91 46.63 35.51
CA MET F 177 12.87 45.55 34.54
C MET F 177 11.58 45.75 33.79
N PRO F 178 11.44 45.12 32.63
CA PRO F 178 10.18 45.31 31.93
C PRO F 178 9.05 44.73 32.80
N LEU F 179 7.84 45.23 32.65
CA LEU F 179 6.74 44.72 33.45
C LEU F 179 6.65 43.20 33.33
N ALA F 180 6.77 42.71 32.10
CA ALA F 180 6.67 41.28 31.79
C ALA F 180 7.96 40.46 31.96
N THR F 181 8.70 40.74 33.03
CA THR F 181 9.94 40.02 33.31
C THR F 181 9.64 38.68 33.98
N VAL F 182 10.41 37.65 33.62
CA VAL F 182 10.25 36.34 34.24
C VAL F 182 11.62 35.80 34.63
N LEU F 183 12.08 36.21 35.82
CA LEU F 183 13.36 35.81 36.37
C LEU F 183 13.34 34.36 36.81
N PRO F 184 14.19 33.54 36.19
CA PRO F 184 14.25 32.12 36.55
C PRO F 184 14.83 32.07 37.96
N LYS F 185 14.31 31.19 38.81
CA LYS F 185 14.80 31.09 40.17
C LYS F 185 15.09 29.63 40.49
N VAL F 186 16.09 29.07 39.83
CA VAL F 186 16.48 27.67 40.01
C VAL F 186 17.37 27.47 41.23
N ILE F 187 16.72 27.13 42.34
CA ILE F 187 17.38 26.91 43.62
C ILE F 187 17.50 25.43 43.89
N GLU F 188 18.36 25.08 44.85
CA GLU F 188 18.51 23.70 45.27
C GLU F 188 18.73 23.65 46.79
N ILE F 189 17.76 23.12 47.50
CA ILE F 189 17.84 23.08 48.94
C ILE F 189 18.22 21.71 49.43
N PRO F 190 19.39 21.60 50.06
CA PRO F 190 19.79 20.28 50.56
C PRO F 190 19.21 20.01 51.95
N THR F 191 18.76 18.78 52.18
CA THR F 191 18.19 18.34 53.47
C THR F 191 19.08 17.23 54.01
N PHE F 192 19.28 17.21 55.31
CA PHE F 192 20.15 16.19 55.85
C PHE F 192 19.53 15.15 56.78
N ASN F 193 20.03 13.92 56.63
CA ASN F 193 19.64 12.79 57.44
C ASN F 193 18.14 12.49 57.48
N VAL F 194 17.50 12.63 56.33
CA VAL F 194 16.08 12.32 56.28
C VAL F 194 16.06 10.83 56.59
N PRO F 195 15.43 10.45 57.72
CA PRO F 195 15.33 9.06 58.18
C PRO F 195 14.64 8.01 57.29
N ALA F 196 15.07 6.77 57.45
CA ALA F 196 14.52 5.63 56.72
C ALA F 196 13.12 5.31 57.25
N SER F 197 12.16 5.13 56.33
CA SER F 197 10.78 4.81 56.71
C SER F 197 10.10 4.10 55.53
N SER F 198 8.98 3.44 55.80
CA SER F 198 8.25 2.77 54.72
C SER F 198 7.13 3.74 54.28
N ALA F 199 6.72 4.57 55.24
CA ALA F 199 5.70 5.59 55.02
C ALA F 199 6.48 6.89 54.85
N PRO F 200 6.18 7.67 53.81
CA PRO F 200 6.87 8.94 53.55
C PRO F 200 6.81 9.92 54.72
N ILE F 201 7.98 10.28 55.27
CA ILE F 201 8.03 11.23 56.38
C ILE F 201 8.43 12.58 55.81
N HIS F 202 7.98 13.64 56.47
CA HIS F 202 8.26 14.99 56.03
C HIS F 202 9.74 15.28 55.77
N VAL F 203 10.04 15.77 54.57
CA VAL F 203 11.42 16.08 54.19
C VAL F 203 11.67 17.56 54.23
N ALA F 204 10.78 18.32 53.60
CA ALA F 204 10.93 19.76 53.54
C ALA F 204 9.76 20.43 52.83
N TYR F 205 9.54 21.70 53.16
CA TYR F 205 8.49 22.51 52.54
C TYR F 205 8.96 23.33 51.33
N LEU F 206 8.03 23.69 50.46
CA LEU F 206 8.36 24.53 49.32
C LEU F 206 8.09 25.90 49.92
N GLN F 207 9.03 26.83 49.83
CA GLN F 207 8.74 28.14 50.39
C GLN F 207 8.03 28.96 49.35
N PRO F 208 7.03 29.70 49.77
CA PRO F 208 6.28 30.55 48.85
C PRO F 208 7.18 31.63 48.25
N GLY F 209 6.61 32.44 47.35
CA GLY F 209 7.34 33.51 46.71
C GLY F 209 7.85 33.19 45.32
N GLN F 210 7.23 32.21 44.66
CA GLN F 210 7.66 31.84 43.32
C GLN F 210 6.69 30.81 42.77
N ILE F 211 6.75 30.62 41.46
CA ILE F 211 5.88 29.65 40.80
C ILE F 211 6.76 28.44 40.43
N TYR F 212 6.46 27.30 41.03
CA TYR F 212 7.20 26.06 40.81
C TYR F 212 6.74 25.34 39.54
N LYS F 213 7.69 24.99 38.69
CA LYS F 213 7.39 24.31 37.44
C LYS F 213 7.58 22.79 37.54
N ARG F 214 8.69 22.40 38.14
CA ARG F 214 9.00 20.98 38.31
C ARG F 214 10.07 20.88 39.38
N GLN F 215 10.08 19.75 40.07
CA GLN F 215 11.04 19.52 41.14
C GLN F 215 11.85 18.25 40.91
N LEU F 216 13.16 18.40 41.03
CA LEU F 216 14.10 17.29 40.84
C LEU F 216 14.66 16.84 42.17
N VAL F 217 14.23 15.67 42.60
CA VAL F 217 14.68 15.13 43.85
C VAL F 217 15.59 13.93 43.65
N TYR F 218 16.68 13.89 44.39
CA TYR F 218 17.58 12.74 44.32
C TYR F 218 18.30 12.60 45.65
N VAL F 219 18.43 11.35 46.10
CA VAL F 219 19.08 11.02 47.37
C VAL F 219 20.53 10.61 47.18
N ILE F 220 21.31 10.74 48.24
CA ILE F 220 22.71 10.37 48.21
C ILE F 220 23.08 9.51 49.42
N ASN F 221 23.28 8.24 49.15
CA ASN F 221 23.66 7.31 50.20
C ASN F 221 25.11 7.65 50.48
N SER F 222 25.53 7.44 51.73
CA SER F 222 26.91 7.71 52.10
C SER F 222 27.82 6.64 51.42
N THR F 223 27.24 5.46 51.18
CA THR F 223 27.94 4.31 50.57
C THR F 223 27.95 4.28 49.02
N SER F 224 26.75 4.19 48.43
CA SER F 224 26.58 4.11 46.96
C SER F 224 26.56 5.45 46.19
N GLY F 225 26.77 6.56 46.92
CA GLY F 225 26.74 7.86 46.29
C GLY F 225 25.33 8.18 45.81
N ILE F 226 25.15 8.31 44.50
CA ILE F 226 23.82 8.56 43.96
C ILE F 226 23.23 7.28 43.34
N ASN F 227 23.95 6.17 43.49
CA ASN F 227 23.53 4.88 42.92
C ASN F 227 23.00 3.90 43.94
N ASN F 228 21.96 4.30 44.65
CA ASN F 228 21.33 3.45 45.65
C ASN F 228 19.89 3.38 45.15
N THR F 229 19.00 2.79 45.94
CA THR F 229 17.59 2.69 45.57
C THR F 229 16.72 2.92 46.79
N ASP F 230 17.13 3.89 47.61
CA ASP F 230 16.41 4.15 48.84
C ASP F 230 15.10 4.83 48.62
N PRO F 231 15.11 5.92 47.87
CA PRO F 231 13.80 6.52 47.66
C PRO F 231 12.81 5.46 47.09
N THR F 232 11.75 5.12 47.85
CA THR F 232 10.73 4.15 47.40
C THR F 232 9.36 4.81 47.27
N GLU F 233 9.09 5.78 48.16
CA GLU F 233 7.82 6.47 48.10
C GLU F 233 7.91 7.97 48.32
N TYR F 234 7.65 8.71 47.24
CA TYR F 234 7.66 10.15 47.24
C TYR F 234 6.23 10.62 47.51
N GLU F 235 6.06 11.81 48.08
CA GLU F 235 4.71 12.28 48.38
C GLU F 235 4.59 13.79 48.48
N LEU F 236 3.73 14.40 47.67
CA LEU F 236 3.53 15.84 47.71
C LEU F 236 2.23 16.16 48.44
N LYS F 237 2.35 16.59 49.69
CA LYS F 237 1.20 16.90 50.56
C LYS F 237 0.89 18.39 50.71
N ILE F 238 -0.34 18.79 50.44
CA ILE F 238 -0.75 20.18 50.67
C ILE F 238 -1.11 20.19 52.16
N VAL F 239 -0.34 20.87 53.00
CA VAL F 239 -0.61 20.88 54.45
C VAL F 239 -1.63 21.89 54.93
N ARG F 240 -1.65 23.07 54.33
CA ARG F 240 -2.63 24.06 54.74
C ARG F 240 -3.99 23.66 54.17
N GLY F 241 -5.06 23.98 54.90
CA GLY F 241 -6.41 23.64 54.47
C GLY F 241 -6.71 22.15 54.67
N VAL F 242 -7.65 21.58 53.93
CA VAL F 242 -7.92 20.17 54.16
C VAL F 242 -6.74 19.40 53.61
N PRO F 243 -6.06 18.63 54.47
CA PRO F 243 -4.89 17.86 54.03
C PRO F 243 -5.19 16.97 52.82
N THR F 244 -4.54 17.30 51.70
CA THR F 244 -4.71 16.58 50.42
C THR F 244 -3.35 16.13 49.88
N ASP F 245 -3.37 15.06 49.08
CA ASP F 245 -2.16 14.50 48.47
C ASP F 245 -2.18 14.71 46.96
N LYS F 246 -1.41 15.66 46.46
CA LYS F 246 -1.38 15.89 45.04
C LYS F 246 -0.60 14.72 44.45
N ILE F 247 0.24 14.09 45.27
CA ILE F 247 1.05 12.95 44.83
C ILE F 247 1.35 11.98 45.97
N LYS F 248 1.32 10.69 45.63
CA LYS F 248 1.61 9.60 46.55
C LYS F 248 2.00 8.42 45.66
N VAL F 249 2.94 8.66 44.75
CA VAL F 249 3.41 7.65 43.80
C VAL F 249 4.70 6.96 44.26
N SER F 250 4.82 5.66 43.97
CA SER F 250 6.01 4.86 44.35
C SER F 250 7.23 5.27 43.52
N TRP F 251 8.42 5.17 44.11
CA TRP F 251 9.60 5.58 43.38
C TRP F 251 9.63 4.89 42.03
N ALA F 252 9.34 3.60 42.02
CA ALA F 252 9.34 2.88 40.76
C ALA F 252 8.50 3.64 39.73
N ALA F 253 7.24 3.93 40.08
CA ALA F 253 6.30 4.63 39.20
C ALA F 253 6.61 6.11 38.92
N LEU F 254 7.31 6.76 39.84
CA LEU F 254 7.62 8.16 39.63
C LEU F 254 8.69 8.23 38.56
N GLN F 255 9.57 7.23 38.54
CA GLN F 255 10.62 7.15 37.53
C GLN F 255 10.02 6.70 36.22
N ALA F 256 8.89 6.02 36.34
CA ALA F 256 8.14 5.58 35.18
C ALA F 256 7.56 6.80 34.48
N GLU F 257 6.89 7.70 35.21
CA GLU F 257 6.32 8.88 34.54
C GLU F 257 7.47 9.59 33.83
N ASN F 258 8.69 9.35 34.29
CA ASN F 258 9.82 10.00 33.68
C ASN F 258 10.27 9.29 32.41
N GLN F 259 9.92 8.02 32.29
CA GLN F 259 10.26 7.31 31.07
C GLN F 259 9.44 7.93 29.94
N ALA F 260 8.13 8.04 30.17
CA ALA F 260 7.18 8.62 29.21
C ALA F 260 7.38 10.14 29.10
N GLU F 261 7.66 10.77 30.24
CA GLU F 261 7.84 12.21 30.27
C GLU F 261 9.12 12.63 29.54
N TYR F 262 10.23 12.04 29.95
CA TYR F 262 11.49 12.39 29.36
C TYR F 262 12.06 11.43 28.34
N GLN F 263 11.34 10.34 28.10
CA GLN F 263 11.79 9.34 27.13
C GLN F 263 13.27 9.04 27.33
N VAL F 264 13.68 8.74 28.56
CA VAL F 264 15.08 8.40 28.84
C VAL F 264 15.13 7.59 30.13
N ALA F 265 16.08 6.65 30.21
CA ALA F 265 16.19 5.78 31.40
C ALA F 265 16.46 6.64 32.64
N PRO F 266 16.04 6.16 33.84
CA PRO F 266 16.27 6.93 35.07
C PRO F 266 17.76 7.21 35.24
N TYR F 267 18.11 8.44 35.64
CA TYR F 267 19.52 8.79 35.79
C TYR F 267 20.25 7.86 36.73
N SER F 268 19.51 7.29 37.68
CA SER F 268 20.04 6.33 38.65
C SER F 268 18.80 5.90 39.42
N GLY F 269 18.96 4.95 40.33
CA GLY F 269 17.82 4.49 41.10
C GLY F 269 17.36 5.56 42.09
N ALA F 270 18.24 6.52 42.36
CA ALA F 270 17.96 7.57 43.34
C ALA F 270 17.52 9.00 42.92
N SER F 271 16.92 9.15 41.75
CA SER F 271 16.45 10.49 41.34
C SER F 271 15.10 10.45 40.58
N ALA F 272 14.48 11.61 40.42
CA ALA F 272 13.20 11.70 39.68
C ALA F 272 12.79 13.16 39.48
N ILE F 273 11.72 13.36 38.73
CA ILE F 273 11.26 14.72 38.52
C ILE F 273 9.76 14.68 38.63
N ILE F 274 9.21 15.66 39.32
CA ILE F 274 7.78 15.70 39.52
C ILE F 274 7.22 16.93 38.87
N ASP F 275 6.38 16.74 37.88
CA ASP F 275 5.81 17.91 37.22
C ASP F 275 4.54 18.40 37.85
N PHE F 276 4.63 19.60 38.41
CA PHE F 276 3.51 20.26 39.07
C PHE F 276 2.38 20.56 38.08
N ARG F 277 2.76 20.98 36.88
CA ARG F 277 1.82 21.28 35.80
C ARG F 277 0.86 20.11 35.52
N LYS F 278 1.27 18.92 35.98
CA LYS F 278 0.50 17.68 35.82
C LYS F 278 -0.34 17.27 37.05
N TYR F 279 -0.12 17.90 38.20
CA TYR F 279 -0.83 17.56 39.43
C TYR F 279 -1.62 18.74 39.94
N PHE F 280 -1.50 19.81 39.19
CA PHE F 280 -2.21 21.03 39.45
C PHE F 280 -2.59 21.39 38.06
N ASN F 281 -3.29 22.49 37.95
CA ASN F 281 -3.65 22.97 36.64
C ASN F 281 -2.61 24.05 36.46
N GLY F 282 -1.72 23.86 35.49
CA GLY F 282 -0.65 24.81 35.25
C GLY F 282 0.41 24.71 36.33
N ASP F 283 1.33 25.67 36.37
CA ASP F 283 2.42 25.63 37.35
C ASP F 283 1.96 25.90 38.79
N LEU F 284 2.64 25.26 39.74
CA LEU F 284 2.31 25.38 41.15
C LEU F 284 2.78 26.75 41.66
N ASP F 285 1.81 27.62 41.90
CA ASP F 285 2.09 28.96 42.37
C ASP F 285 2.03 29.10 43.89
N LEU F 286 3.07 29.71 44.47
CA LEU F 286 3.07 29.92 45.89
C LEU F 286 3.55 31.34 46.11
N THR F 287 3.28 32.21 45.13
CA THR F 287 3.69 33.60 45.21
C THR F 287 3.09 34.27 46.44
N HIS F 288 1.85 33.92 46.73
CA HIS F 288 1.21 34.51 47.88
C HIS F 288 0.65 33.54 48.91
N ALA F 289 0.93 32.25 48.73
CA ALA F 289 0.48 31.24 49.68
C ALA F 289 1.25 31.35 51.00
N PRO F 290 0.58 31.09 52.14
CA PRO F 290 1.27 31.17 53.43
C PRO F 290 2.33 30.07 53.48
N SER F 291 3.44 30.32 54.17
CA SER F 291 4.51 29.33 54.21
C SER F 291 4.06 27.96 54.74
N ASP F 292 4.83 26.93 54.39
CA ASP F 292 4.56 25.57 54.82
C ASP F 292 3.14 25.13 54.45
N SER F 293 2.80 25.23 53.17
CA SER F 293 1.48 24.83 52.71
C SER F 293 1.59 23.68 51.69
N ILE F 294 2.82 23.38 51.29
CA ILE F 294 3.09 22.27 50.40
C ILE F 294 4.46 21.76 50.77
N GLU F 295 4.51 20.52 51.22
CA GLU F 295 5.76 19.87 51.60
C GLU F 295 5.85 18.60 50.78
N TYR F 296 7.06 18.08 50.59
CA TYR F 296 7.22 16.84 49.85
C TYR F 296 7.98 15.87 50.76
N ASP F 297 7.53 14.61 50.77
CA ASP F 297 8.08 13.55 51.64
C ASP F 297 8.90 12.47 50.92
N LEU F 298 9.62 11.69 51.73
CA LEU F 298 10.42 10.62 51.19
C LEU F 298 10.51 9.45 52.12
N ALA F 299 10.21 8.29 51.58
CA ALA F 299 10.29 7.05 52.31
C ALA F 299 11.61 6.51 51.79
N LEU F 300 12.66 6.58 52.61
CA LEU F 300 13.98 6.11 52.20
C LEU F 300 14.36 4.75 52.84
N GLN F 301 14.95 3.84 52.06
CA GLN F 301 15.36 2.51 52.57
C GLN F 301 16.31 2.64 53.76
N ASN F 302 17.29 3.53 53.61
CA ASN F 302 18.31 3.82 54.63
C ASN F 302 18.08 5.28 54.94
N GLN F 303 18.88 5.85 55.84
CA GLN F 303 18.74 7.27 56.13
C GLN F 303 19.88 8.01 55.43
N ASP F 304 19.54 8.92 54.51
CA ASP F 304 20.51 9.67 53.72
C ASP F 304 20.18 11.17 53.51
N ASN F 305 20.78 11.76 52.49
CA ASN F 305 20.59 13.17 52.18
C ASN F 305 19.77 13.40 50.93
N VAL F 306 18.74 14.23 51.04
CA VAL F 306 17.93 14.54 49.89
C VAL F 306 18.14 15.98 49.46
N TYR F 307 18.52 16.17 48.21
CA TYR F 307 18.72 17.51 47.65
C TYR F 307 17.51 17.72 46.78
N SER F 308 16.91 18.90 46.88
CA SER F 308 15.75 19.18 46.07
C SER F 308 16.03 20.38 45.18
N LEU F 309 16.19 20.09 43.89
CA LEU F 309 16.47 21.12 42.93
C LEU F 309 15.11 21.50 42.37
N TYR F 310 14.80 22.78 42.40
CA TYR F 310 13.53 23.26 41.85
C TYR F 310 13.77 24.10 40.62
N VAL F 311 12.88 24.00 39.64
CA VAL F 311 13.00 24.80 38.43
C VAL F 311 11.76 25.66 38.63
N SER F 312 11.96 26.82 39.23
CA SER F 312 10.89 27.78 39.51
C SER F 312 11.30 29.14 38.97
N TYR F 313 10.32 30.04 38.93
CA TYR F 313 10.55 31.39 38.45
C TYR F 313 9.61 32.37 39.18
N VAL F 314 10.09 33.60 39.31
CA VAL F 314 9.35 34.66 39.97
C VAL F 314 9.00 35.78 39.00
N LEU F 315 7.90 36.49 39.26
CA LEU F 315 7.53 37.61 38.40
C LEU F 315 7.70 38.85 39.29
N PRO F 316 8.84 39.53 39.14
CA PRO F 316 9.17 40.73 39.92
C PRO F 316 8.12 41.83 39.97
N TYR F 317 7.06 41.70 39.18
CA TYR F 317 5.99 42.70 39.20
C TYR F 317 4.69 41.93 39.10
N TYR F 318 4.74 40.72 39.63
CA TYR F 318 3.61 39.80 39.64
C TYR F 318 2.25 40.44 39.97
N ASP F 319 2.29 41.58 40.67
CA ASP F 319 1.07 42.27 41.06
C ASP F 319 0.53 43.20 40.04
N GLN F 320 1.42 43.90 39.35
CA GLN F 320 0.98 44.80 38.31
C GLN F 320 0.48 44.05 37.09
N LEU F 321 0.88 42.77 36.97
CA LEU F 321 0.41 41.93 35.87
C LEU F 321 -0.99 41.46 36.27
N ALA F 322 -1.16 41.26 37.57
CA ALA F 322 -2.41 40.82 38.18
C ALA F 322 -3.39 42.02 38.30
N ALA F 323 -2.82 43.21 38.51
CA ALA F 323 -3.59 44.46 38.64
C ALA F 323 -3.69 45.21 37.30
N LEU F 324 -3.50 44.48 36.20
CA LEU F 324 -3.58 45.06 34.88
C LEU F 324 -5.01 44.89 34.34
N PRO F 325 -5.49 45.85 33.51
CA PRO F 325 -6.84 45.81 32.92
C PRO F 325 -7.00 44.54 32.06
N ALA F 326 -8.21 43.94 32.04
CA ALA F 326 -8.45 42.73 31.25
C ALA F 326 -8.03 42.99 29.80
N GLN F 327 -7.89 44.28 29.49
CA GLN F 327 -7.46 44.74 28.18
C GLN F 327 -5.97 44.38 27.94
N VAL F 328 -5.09 44.99 28.75
CA VAL F 328 -3.64 44.80 28.68
C VAL F 328 -3.20 43.44 29.22
N ALA F 329 -3.69 43.08 30.41
CA ALA F 329 -3.37 41.82 31.06
C ALA F 329 -3.35 40.65 30.07
N ALA F 330 -4.24 40.68 29.07
CA ALA F 330 -4.30 39.64 28.03
C ALA F 330 -3.01 39.51 27.18
N ILE F 331 -2.44 40.67 26.83
CA ILE F 331 -1.21 40.83 26.02
C ILE F 331 0.11 40.59 26.80
N VAL F 332 0.16 41.17 27.98
CA VAL F 332 1.30 41.02 28.87
C VAL F 332 1.37 39.56 29.32
N GLN F 333 0.19 38.99 29.60
CA GLN F 333 0.08 37.59 30.03
C GLN F 333 0.60 36.62 28.98
N GLN F 334 0.38 36.96 27.73
CA GLN F 334 0.88 36.12 26.67
C GLN F 334 2.41 36.16 26.55
N TYR F 335 3.02 37.22 27.08
CA TYR F 335 4.47 37.41 27.06
C TYR F 335 5.15 36.71 28.21
N VAL F 336 4.56 36.85 29.39
CA VAL F 336 5.07 36.24 30.61
C VAL F 336 4.91 34.73 30.43
N ALA F 337 3.79 34.35 29.82
CA ALA F 337 3.48 32.95 29.53
C ALA F 337 4.49 32.33 28.55
N ARG F 338 4.84 33.09 27.51
CA ARG F 338 5.79 32.55 26.57
C ARG F 338 7.13 32.40 27.28
N GLN F 339 7.47 33.41 28.09
CA GLN F 339 8.71 33.42 28.86
C GLN F 339 8.79 32.25 29.86
N LYS F 340 7.70 31.99 30.58
CA LYS F 340 7.67 30.91 31.57
C LYS F 340 8.07 29.58 30.93
N ARG F 341 7.73 29.38 29.66
CA ARG F 341 8.06 28.13 28.97
C ARG F 341 9.44 28.06 28.35
N ARG F 342 10.11 29.22 28.25
CA ARG F 342 11.46 29.24 27.73
C ARG F 342 12.40 28.62 28.79
N ILE F 343 12.07 28.83 30.07
CA ILE F 343 12.86 28.31 31.20
C ILE F 343 12.56 26.84 31.56
N LYS F 344 13.01 25.93 30.69
CA LYS F 344 12.82 24.48 30.85
C LYS F 344 13.88 23.82 31.71
N ARG F 345 15.11 23.88 31.19
CA ARG F 345 16.28 23.28 31.83
C ARG F 345 16.90 24.17 32.91
N GLY G 2 -10.53 19.16 36.86
CA GLY G 2 -10.45 19.36 38.33
C GLY G 2 -9.02 19.28 38.84
N GLU G 3 -8.85 18.52 39.92
CA GLU G 3 -7.54 18.34 40.51
C GLU G 3 -6.96 16.98 40.31
N ILE G 4 -6.19 16.82 39.25
CA ILE G 4 -5.56 15.55 39.00
C ILE G 4 -4.65 15.32 40.23
N TYR G 5 -4.56 14.08 40.70
CA TYR G 5 -3.72 13.70 41.85
C TYR G 5 -3.52 12.20 41.74
N THR G 6 -2.32 11.74 42.09
CA THR G 6 -2.03 10.33 41.95
C THR G 6 -1.46 9.66 43.15
N GLU G 7 -1.87 8.42 43.34
CA GLU G 7 -1.43 7.64 44.47
C GLU G 7 -1.35 6.18 44.07
N THR G 8 -0.50 5.47 44.80
CA THR G 8 -0.30 4.05 44.61
C THR G 8 -1.17 3.38 45.69
N LEU G 9 -1.78 2.24 45.38
CA LEU G 9 -2.59 1.52 46.36
C LEU G 9 -1.67 0.63 47.20
N GLN G 10 -1.90 0.58 48.50
CA GLN G 10 -1.06 -0.25 49.38
C GLN G 10 -1.10 -1.70 48.98
N GLN G 11 -2.31 -2.15 48.67
CA GLN G 11 -2.53 -3.53 48.34
C GLN G 11 -1.81 -3.94 47.08
N THR G 12 -0.84 -4.84 47.24
CA THR G 12 -0.08 -5.36 46.11
C THR G 12 -0.65 -6.73 45.75
N TYR G 13 -0.06 -7.38 44.75
CA TYR G 13 -0.54 -8.68 44.34
C TYR G 13 0.62 -9.55 43.90
N ALA G 14 0.75 -10.72 44.51
CA ALA G 14 1.82 -11.63 44.15
C ALA G 14 1.60 -12.19 42.74
N TRP G 15 2.63 -12.12 41.90
CA TRP G 15 2.51 -12.68 40.56
C TRP G 15 2.77 -14.17 40.69
N THR G 16 1.75 -14.99 40.39
CA THR G 16 1.92 -16.46 40.43
C THR G 16 1.59 -16.90 39.01
N ALA G 17 2.20 -18.00 38.55
CA ALA G 17 1.97 -18.47 37.19
C ALA G 17 0.56 -19.02 36.93
N GLY G 18 -0.02 -18.58 35.80
CA GLY G 18 -1.35 -19.01 35.37
C GLY G 18 -2.50 -18.80 36.34
N THR G 19 -2.47 -17.68 37.04
CA THR G 19 -3.50 -17.35 38.03
C THR G 19 -4.28 -16.13 37.63
N ASN G 20 -5.49 -15.98 38.16
CA ASN G 20 -6.19 -14.78 37.85
C ASN G 20 -6.28 -13.99 39.14
N ILE G 21 -5.76 -12.77 39.10
CA ILE G 21 -5.72 -11.89 40.25
C ILE G 21 -6.57 -10.65 39.97
N PRO G 22 -7.80 -10.60 40.51
CA PRO G 22 -8.63 -9.42 40.26
C PRO G 22 -8.31 -8.28 41.25
N ILE G 23 -8.17 -7.08 40.72
CA ILE G 23 -7.83 -5.90 41.50
C ILE G 23 -9.00 -4.94 41.56
N LYS G 24 -9.31 -4.46 42.76
CA LYS G 24 -10.39 -3.50 42.87
C LYS G 24 -9.68 -2.14 42.79
N ILE G 25 -10.25 -1.25 41.99
CA ILE G 25 -9.67 0.06 41.81
C ILE G 25 -10.55 0.99 42.64
N PRO G 26 -10.00 1.55 43.73
CA PRO G 26 -10.82 2.44 44.55
C PRO G 26 -11.53 3.47 43.65
N ARG G 27 -12.81 3.74 43.93
CA ARG G 27 -13.59 4.69 43.13
C ARG G 27 -13.76 6.01 43.87
N ASN G 28 -12.65 6.73 44.03
CA ASN G 28 -12.56 8.00 44.75
C ASN G 28 -13.09 9.24 44.05
N ASN G 29 -12.55 9.49 42.87
CA ASN G 29 -12.93 10.62 42.04
C ASN G 29 -13.02 9.98 40.67
N PHE G 30 -12.84 10.74 39.61
CA PHE G 30 -12.83 10.15 38.29
C PHE G 30 -11.43 9.56 38.11
N ILE G 31 -11.28 8.61 37.20
CA ILE G 31 -9.97 8.00 37.01
C ILE G 31 -9.35 8.36 35.68
N ARG G 32 -8.16 8.94 35.71
CA ARG G 32 -7.48 9.31 34.46
C ARG G 32 -6.59 8.23 33.83
N LYS G 33 -5.73 7.62 34.65
CA LYS G 33 -4.90 6.54 34.17
C LYS G 33 -4.54 5.54 35.26
N ILE G 34 -4.55 4.26 34.92
CA ILE G 34 -4.07 3.26 35.85
C ILE G 34 -2.77 2.58 35.36
N ARG G 35 -1.68 2.75 36.09
CA ARG G 35 -0.40 2.12 35.74
C ARG G 35 -0.27 0.81 36.53
N VAL G 36 0.35 -0.20 35.94
CA VAL G 36 0.52 -1.45 36.66
C VAL G 36 1.98 -1.85 36.52
N GLN G 37 2.58 -2.35 37.58
CA GLN G 37 3.97 -2.76 37.49
C GLN G 37 4.32 -4.12 38.08
N LEU G 38 4.94 -4.98 37.28
CA LEU G 38 5.34 -6.28 37.79
C LEU G 38 6.77 -5.97 38.26
N ILE G 39 6.94 -5.76 39.56
CA ILE G 39 8.25 -5.42 40.10
C ILE G 39 8.70 -6.42 41.14
N GLY G 40 9.86 -7.02 40.88
CA GLY G 40 10.43 -8.02 41.77
C GLY G 40 11.71 -8.49 41.14
N SER G 41 11.90 -9.80 41.01
CA SER G 41 13.10 -10.35 40.38
C SER G 41 12.80 -11.69 39.73
N ILE G 42 13.77 -12.19 38.99
CA ILE G 42 13.62 -13.48 38.35
C ILE G 42 14.82 -14.26 38.85
N SER G 43 14.56 -15.28 39.66
CA SER G 43 15.63 -16.08 40.25
C SER G 43 15.97 -17.42 39.59
N ASN G 44 17.28 -17.64 39.45
CA ASN G 44 17.77 -18.88 38.89
C ASN G 44 18.50 -19.50 40.06
N SER G 45 18.06 -20.70 40.43
CA SER G 45 18.64 -21.47 41.52
C SER G 45 19.41 -22.67 40.93
N GLY G 46 19.24 -22.83 39.61
CA GLY G 46 19.92 -23.91 38.90
C GLY G 46 21.39 -23.58 38.76
N THR G 47 22.17 -24.62 38.47
CA THR G 47 23.63 -24.55 38.30
C THR G 47 24.14 -23.67 37.10
N ALA G 48 23.43 -23.72 35.96
CA ALA G 48 23.78 -22.95 34.76
C ALA G 48 22.85 -21.73 34.69
N ALA G 49 23.42 -20.57 34.32
CA ALA G 49 22.68 -19.30 34.21
C ALA G 49 21.63 -19.36 33.09
N VAL G 50 20.35 -19.32 33.45
CA VAL G 50 19.25 -19.43 32.48
C VAL G 50 18.88 -18.13 31.77
N THR G 51 18.96 -18.20 30.45
CA THR G 51 18.63 -17.08 29.56
C THR G 51 17.09 -16.97 29.49
N LEU G 52 16.60 -15.78 29.81
CA LEU G 52 15.17 -15.52 29.80
C LEU G 52 14.61 -15.56 28.39
N PRO G 53 13.38 -16.10 28.24
CA PRO G 53 12.78 -16.18 26.89
C PRO G 53 12.87 -14.81 26.20
N SER G 54 12.87 -14.78 24.86
CA SER G 54 12.94 -13.49 24.17
C SER G 54 11.53 -12.89 23.96
N ALA G 55 11.47 -11.69 23.39
CA ALA G 55 10.18 -11.03 23.13
C ALA G 55 9.06 -11.95 22.64
N PRO G 56 7.84 -11.73 23.09
CA PRO G 56 7.41 -10.68 24.03
C PRO G 56 7.84 -10.58 25.49
N PHE G 57 8.62 -11.54 26.01
CA PHE G 57 9.04 -11.46 27.41
C PHE G 57 9.82 -10.16 27.56
N PRO G 58 9.70 -9.49 28.71
CA PRO G 58 8.88 -9.86 29.86
C PRO G 58 7.37 -9.65 29.72
N TYR G 59 6.94 -8.82 28.78
CA TYR G 59 5.53 -8.53 28.63
C TYR G 59 4.51 -9.66 28.80
N ASN G 60 4.78 -10.83 28.25
CA ASN G 60 3.85 -11.93 28.38
C ASN G 60 3.78 -12.57 29.77
N LEU G 61 4.48 -12.00 30.76
CA LEU G 61 4.42 -12.54 32.12
C LEU G 61 3.03 -12.32 32.66
N VAL G 62 2.30 -11.39 32.05
CA VAL G 62 0.91 -11.13 32.39
C VAL G 62 0.24 -11.47 31.08
N GLN G 63 -0.22 -12.70 30.99
CA GLN G 63 -0.85 -13.25 29.78
C GLN G 63 -1.96 -12.40 29.18
N THR G 64 -2.82 -11.85 30.04
CA THR G 64 -3.94 -11.00 29.62
C THR G 64 -4.36 -9.93 30.67
N PHE G 65 -5.08 -8.91 30.22
CA PHE G 65 -5.57 -7.84 31.10
C PHE G 65 -7.06 -7.67 30.87
N ASN G 66 -7.76 -7.18 31.88
CA ASN G 66 -9.19 -6.96 31.72
C ASN G 66 -9.78 -5.90 32.64
N LEU G 67 -9.79 -4.65 32.18
CA LEU G 67 -10.32 -3.56 32.98
C LEU G 67 -11.74 -3.27 32.54
N SER G 68 -12.69 -3.52 33.44
CA SER G 68 -14.08 -3.29 33.12
C SER G 68 -14.84 -2.84 34.37
N TYR G 69 -16.02 -2.27 34.18
CA TYR G 69 -16.80 -1.81 35.31
C TYR G 69 -18.20 -2.37 35.29
N GLU G 70 -18.67 -2.69 36.50
CA GLU G 70 -19.96 -3.31 36.74
C GLU G 70 -19.81 -4.74 36.27
N GLY G 71 -18.55 -5.14 36.10
CA GLY G 71 -18.22 -6.48 35.70
C GLY G 71 -18.69 -6.85 34.31
N SER G 72 -19.52 -6.01 33.71
CA SER G 72 -20.04 -6.33 32.41
C SER G 72 -19.56 -5.42 31.29
N LYS G 73 -19.38 -4.13 31.57
CA LYS G 73 -18.92 -3.21 30.55
C LYS G 73 -17.37 -3.15 30.57
N THR G 74 -16.75 -3.67 29.50
CA THR G 74 -15.29 -3.78 29.38
C THR G 74 -14.60 -2.55 28.81
N LEU G 75 -13.67 -1.98 29.57
CA LEU G 75 -12.95 -0.82 29.09
C LEU G 75 -11.67 -1.29 28.37
N TYR G 76 -11.07 -2.36 28.88
CA TYR G 76 -9.84 -2.90 28.29
C TYR G 76 -9.92 -4.40 28.17
N SER G 77 -9.27 -4.93 27.13
CA SER G 77 -9.25 -6.37 26.92
C SER G 77 -8.09 -6.64 25.98
N VAL G 78 -6.90 -6.69 26.55
CA VAL G 78 -5.70 -6.92 25.79
C VAL G 78 -4.82 -7.88 26.55
N SER G 79 -3.78 -8.36 25.88
CA SER G 79 -2.83 -9.28 26.49
C SER G 79 -1.60 -8.47 26.94
N GLY G 80 -0.81 -9.06 27.82
CA GLY G 80 0.41 -8.43 28.31
C GLY G 80 1.34 -8.22 27.14
N THR G 81 1.17 -9.07 26.13
CA THR G 81 1.94 -8.99 24.90
C THR G 81 1.34 -7.87 24.05
N GLY G 82 0.02 -7.73 24.13
CA GLY G 82 -0.67 -6.70 23.38
C GLY G 82 -0.39 -5.33 23.99
N LEU G 83 -0.96 -5.06 25.15
CA LEU G 83 -0.77 -3.77 25.81
C LEU G 83 0.71 -3.44 25.95
N GLY G 84 1.52 -4.48 26.13
CA GLY G 84 2.96 -4.29 26.28
C GLY G 84 3.60 -3.71 25.04
N ILE G 85 3.25 -4.24 23.87
CA ILE G 85 3.81 -3.75 22.61
C ILE G 85 3.29 -2.35 22.34
N LEU G 86 2.02 -2.10 22.66
CA LEU G 86 1.43 -0.77 22.47
C LEU G 86 2.18 0.23 23.35
N MET G 87 2.54 -0.21 24.57
CA MET G 87 3.30 0.62 25.50
C MET G 87 4.68 0.86 24.92
N TYR G 88 5.25 -0.19 24.33
CA TYR G 88 6.56 -0.10 23.73
C TYR G 88 6.65 0.98 22.69
N TYR G 89 5.56 1.25 21.98
CA TYR G 89 5.62 2.28 20.96
C TYR G 89 5.34 3.68 21.47
N THR G 90 4.18 3.84 22.09
CA THR G 90 3.78 5.15 22.57
C THR G 90 4.69 5.84 23.59
N THR G 91 5.79 5.19 23.95
CA THR G 91 6.69 5.82 24.90
C THR G 91 8.11 5.82 24.36
N LYS G 92 8.24 5.83 23.03
CA LYS G 92 9.57 5.81 22.41
C LYS G 92 10.38 4.63 22.95
N GLY G 93 9.69 3.52 23.21
CA GLY G 93 10.32 2.31 23.72
C GLY G 93 11.01 2.54 25.04
N GLN G 94 10.61 3.60 25.73
CA GLN G 94 11.18 3.97 27.00
C GLN G 94 10.44 3.42 28.19
N ASN G 95 9.34 2.73 27.92
CA ASN G 95 8.54 2.13 28.98
C ASN G 95 9.37 1.07 29.73
N PRO G 96 9.30 1.07 31.08
CA PRO G 96 10.05 0.09 31.87
C PRO G 96 9.75 -1.35 31.44
N ALA G 97 10.77 -2.11 31.04
CA ALA G 97 10.57 -3.51 30.64
C ALA G 97 11.83 -4.39 30.82
N TYR G 98 12.21 -4.65 32.06
CA TYR G 98 13.39 -5.48 32.37
C TYR G 98 12.98 -6.81 33.00
N PRO G 99 13.77 -7.85 32.74
CA PRO G 99 14.95 -7.65 31.89
C PRO G 99 14.58 -7.68 30.40
N ALA G 100 15.54 -7.25 29.57
CA ALA G 100 15.33 -7.24 28.13
C ALA G 100 15.22 -8.70 27.65
N PRO G 101 14.70 -8.92 26.44
CA PRO G 101 14.60 -10.31 25.97
C PRO G 101 15.99 -10.98 25.87
N GLY G 102 16.08 -12.25 26.22
CA GLY G 102 17.36 -12.95 26.12
C GLY G 102 18.42 -12.71 27.19
N THR G 103 18.06 -12.05 28.28
CA THR G 103 19.01 -11.77 29.36
C THR G 103 19.29 -13.00 30.22
N SER G 104 20.54 -13.12 30.67
CA SER G 104 20.93 -14.26 31.49
C SER G 104 20.82 -13.96 33.01
N VAL G 105 20.22 -14.91 33.73
CA VAL G 105 20.05 -14.85 35.17
C VAL G 105 21.27 -15.60 35.69
N PRO G 106 22.24 -14.88 36.31
CA PRO G 106 23.46 -15.51 36.84
C PRO G 106 23.15 -16.82 37.56
N ALA G 107 23.93 -17.87 37.27
CA ALA G 107 23.75 -19.23 37.82
C ALA G 107 23.69 -19.33 39.37
N SER G 108 22.48 -19.60 39.89
CA SER G 108 22.15 -19.68 41.33
C SER G 108 22.14 -18.27 42.01
N GLY G 109 21.88 -17.26 41.16
CA GLY G 109 21.79 -15.85 41.53
C GLY G 109 20.51 -15.33 40.86
N SER G 110 20.34 -14.01 40.72
CA SER G 110 19.12 -13.47 40.07
C SER G 110 19.25 -12.11 39.31
N VAL G 111 18.15 -11.72 38.64
CA VAL G 111 18.05 -10.46 37.87
C VAL G 111 16.94 -9.57 38.41
N ASN G 112 16.74 -8.43 37.77
CA ASN G 112 15.69 -7.50 38.16
C ASN G 112 14.50 -7.49 37.25
N LEU G 113 13.32 -7.59 37.86
CA LEU G 113 12.08 -7.60 37.10
C LEU G 113 11.35 -6.30 37.33
N ASN G 114 10.93 -5.70 36.23
CA ASN G 114 10.21 -4.48 36.26
C ASN G 114 9.57 -4.22 34.91
N VAL G 115 8.28 -4.55 34.81
CA VAL G 115 7.55 -4.36 33.56
C VAL G 115 6.36 -3.46 33.86
N MET G 116 5.89 -2.72 32.86
CA MET G 116 4.73 -1.88 33.09
C MET G 116 3.68 -1.77 31.98
N TRP G 117 2.46 -1.48 32.40
CA TRP G 117 1.33 -1.28 31.50
C TRP G 117 0.63 0.01 31.91
N GLU G 118 -0.18 0.55 31.03
CA GLU G 118 -0.90 1.76 31.37
C GLU G 118 -2.22 1.82 30.63
N PHE G 119 -3.29 1.88 31.40
CA PHE G 119 -4.62 1.96 30.84
C PHE G 119 -5.10 3.40 30.99
N ASP G 120 -5.24 4.06 29.85
CA ASP G 120 -5.68 5.45 29.85
C ASP G 120 -7.19 5.51 29.76
N LEU G 121 -7.83 5.98 30.81
CA LEU G 121 -9.28 6.08 30.78
C LEU G 121 -9.76 7.51 30.59
N ALA G 122 -8.94 8.38 29.99
CA ALA G 122 -9.34 9.79 29.79
C ALA G 122 -9.80 10.26 31.17
N ARG G 123 -11.07 10.62 31.29
CA ARG G 123 -11.58 11.04 32.59
C ARG G 123 -12.86 10.28 32.95
N PHE G 124 -12.66 8.98 33.17
CA PHE G 124 -13.70 7.99 33.52
C PHE G 124 -14.48 8.31 34.80
N PRO G 125 -15.82 8.44 34.69
CA PRO G 125 -16.69 8.73 35.84
C PRO G 125 -16.79 7.53 36.77
N ALA G 126 -15.66 7.18 37.37
CA ALA G 126 -15.52 6.02 38.27
C ALA G 126 -16.36 6.00 39.55
N THR G 127 -16.78 7.18 40.01
CA THR G 127 -17.59 7.27 41.21
C THR G 127 -19.07 7.10 40.91
N MET G 128 -19.44 7.26 39.65
CA MET G 128 -20.83 7.14 39.23
C MET G 128 -21.09 5.72 38.72
N VAL G 129 -20.04 4.92 38.69
CA VAL G 129 -20.19 3.55 38.23
C VAL G 129 -19.94 2.58 39.37
N GLN G 130 -20.00 1.31 39.03
CA GLN G 130 -19.82 0.25 39.99
C GLN G 130 -18.65 -0.67 39.71
N ASN G 131 -17.86 -0.94 40.74
CA ASN G 131 -16.78 -1.90 40.60
C ASN G 131 -15.81 -1.81 39.43
N ILE G 132 -14.83 -0.93 39.50
CA ILE G 132 -13.90 -0.91 38.40
C ILE G 132 -12.92 -2.02 38.80
N ILE G 133 -13.02 -3.17 38.11
CA ILE G 133 -12.18 -4.33 38.41
C ILE G 133 -11.19 -4.65 37.32
N LEU G 134 -9.90 -4.45 37.61
CA LEU G 134 -8.86 -4.73 36.64
C LEU G 134 -8.34 -6.16 36.84
N SER G 135 -8.85 -7.12 36.06
CA SER G 135 -8.44 -8.52 36.16
C SER G 135 -7.19 -8.88 35.37
N ILE G 136 -6.14 -9.26 36.09
CA ILE G 136 -4.89 -9.64 35.48
C ILE G 136 -4.76 -11.16 35.50
N LEU G 137 -4.86 -11.80 34.34
CA LEU G 137 -4.71 -13.25 34.29
C LEU G 137 -3.29 -13.53 33.81
N THR G 138 -2.36 -13.53 34.78
CA THR G 138 -0.95 -13.75 34.53
C THR G 138 -0.70 -15.01 33.68
N GLY G 139 0.48 -15.05 33.05
CA GLY G 139 0.86 -16.19 32.21
C GLY G 139 1.75 -17.24 32.90
N GLN G 140 2.81 -17.67 32.22
CA GLN G 140 3.70 -18.70 32.77
C GLN G 140 5.08 -18.19 33.18
N ALA G 141 5.64 -18.77 34.24
CA ALA G 141 6.98 -18.37 34.69
C ALA G 141 7.98 -18.81 33.59
N PRO G 142 8.90 -17.89 33.16
CA PRO G 142 9.86 -18.32 32.12
C PRO G 142 10.43 -19.65 32.55
N SER G 143 10.86 -20.44 31.60
CA SER G 143 11.39 -21.78 31.91
C SER G 143 12.76 -21.81 32.66
N GLY G 144 12.78 -22.43 33.84
CA GLY G 144 14.02 -22.53 34.62
C GLY G 144 14.22 -21.47 35.69
N VAL G 145 13.49 -20.36 35.56
CA VAL G 145 13.58 -19.26 36.51
C VAL G 145 12.21 -19.09 37.16
N SER G 146 12.20 -18.42 38.31
CA SER G 146 10.95 -18.17 39.05
C SER G 146 10.76 -16.66 39.27
N ILE G 147 9.61 -16.18 38.83
CA ILE G 147 9.28 -14.77 38.92
C ILE G 147 8.96 -14.42 40.37
N ASN G 148 9.72 -13.50 40.92
CA ASN G 148 9.51 -13.14 42.30
C ASN G 148 8.99 -11.71 42.45
N ALA G 149 7.87 -11.41 41.80
CA ALA G 149 7.33 -10.06 41.87
C ALA G 149 5.88 -9.95 42.35
N SER G 150 5.39 -8.71 42.34
CA SER G 150 4.03 -8.33 42.73
C SER G 150 3.58 -7.21 41.78
N PHE G 151 2.33 -6.77 41.87
CA PHE G 151 1.87 -5.67 41.02
C PHE G 151 1.66 -4.42 41.85
N TYR G 152 1.91 -3.25 41.25
CA TYR G 152 1.71 -1.96 41.92
C TYR G 152 0.76 -1.12 41.11
N ILE G 153 -0.43 -0.95 41.66
CA ILE G 153 -1.45 -0.18 41.00
C ILE G 153 -1.35 1.28 41.36
N THR G 154 -1.03 2.08 40.34
CA THR G 154 -0.90 3.52 40.47
C THR G 154 -2.05 4.15 39.68
N ILE G 155 -2.98 4.76 40.41
CA ILE G 155 -4.14 5.38 39.81
C ILE G 155 -4.06 6.89 39.93
N THR G 156 -4.45 7.54 38.84
CA THR G 156 -4.46 9.00 38.73
C THR G 156 -5.89 9.54 38.75
N TYR G 157 -6.34 10.07 39.88
CA TYR G 157 -7.69 10.63 39.89
C TYR G 157 -7.70 12.10 39.50
N GLU G 158 -8.85 12.54 39.02
CA GLU G 158 -9.02 13.94 38.64
C GLU G 158 -10.25 14.25 39.45
N ARG G 159 -10.10 15.21 40.33
CA ARG G 159 -11.17 15.59 41.21
C ARG G 159 -12.24 16.44 40.55
N VAL G 160 -13.09 15.80 39.75
CA VAL G 160 -14.17 16.50 39.06
C VAL G 160 -15.27 16.79 40.10
N THR G 161 -15.75 18.04 40.12
CA THR G 161 -16.79 18.48 41.05
C THR G 161 -18.16 18.60 40.40
N ALA G 162 -19.20 18.69 41.23
CA ALA G 162 -20.57 18.79 40.73
C ALA G 162 -20.74 19.89 39.68
N GLN G 163 -20.16 21.05 39.97
CA GLN G 163 -20.17 22.21 39.09
C GLN G 163 -19.54 21.94 37.74
N GLU G 164 -18.25 21.57 37.78
CA GLU G 164 -17.50 21.28 36.57
C GLU G 164 -18.26 20.33 35.63
N ILE G 165 -18.93 19.33 36.19
CA ILE G 165 -19.69 18.38 35.39
C ILE G 165 -20.72 19.12 34.54
N LEU G 166 -21.39 20.09 35.14
CA LEU G 166 -22.39 20.90 34.46
C LEU G 166 -21.76 21.76 33.36
N SER G 167 -20.53 22.18 33.61
CA SER G 167 -19.77 23.03 32.67
C SER G 167 -19.36 22.33 31.38
N GLU G 168 -19.77 21.09 31.21
CA GLU G 168 -19.40 20.34 30.03
C GLU G 168 -20.62 19.68 29.44
N GLY G 169 -21.79 20.09 29.92
CA GLY G 169 -23.03 19.51 29.42
C GLY G 169 -23.79 18.64 30.42
N GLY G 170 -23.58 18.87 31.72
CA GLY G 170 -24.25 18.10 32.74
C GLY G 170 -24.10 16.59 32.64
N LEU G 171 -25.20 15.86 32.78
CA LEU G 171 -25.16 14.40 32.67
C LEU G 171 -25.67 13.88 31.34
N GLY G 172 -25.62 12.56 31.15
CA GLY G 172 -26.09 11.99 29.91
C GLY G 172 -27.60 12.04 29.81
N ALA G 173 -28.15 11.33 28.82
CA ALA G 173 -29.61 11.26 28.60
C ALA G 173 -30.26 10.60 29.80
N ASP G 174 -29.66 9.47 30.17
CA ASP G 174 -30.06 8.64 31.30
C ASP G 174 -29.30 9.08 32.57
N GLY G 175 -28.43 10.08 32.39
CA GLY G 175 -27.62 10.64 33.47
C GLY G 175 -26.82 9.63 34.28
N GLU G 176 -25.95 8.87 33.62
CA GLU G 176 -25.15 7.87 34.33
C GLU G 176 -23.68 8.17 34.27
N MET G 177 -23.34 9.16 33.44
CA MET G 177 -21.98 9.64 33.26
C MET G 177 -22.18 11.04 32.72
N PRO G 178 -21.15 11.87 32.76
CA PRO G 178 -21.35 13.21 32.22
C PRO G 178 -21.56 13.16 30.71
N LEU G 179 -22.29 14.12 30.16
CA LEU G 179 -22.54 14.15 28.72
C LEU G 179 -21.23 14.04 27.95
N ALA G 180 -20.20 14.73 28.42
CA ALA G 180 -18.89 14.73 27.74
C ALA G 180 -17.96 13.57 28.14
N THR G 181 -18.54 12.39 28.32
CA THR G 181 -17.78 11.20 28.68
C THR G 181 -17.08 10.58 27.47
N VAL G 182 -15.88 10.08 27.69
CA VAL G 182 -15.12 9.47 26.62
C VAL G 182 -14.53 8.17 27.13
N LEU G 183 -15.30 7.10 27.04
CA LEU G 183 -14.85 5.79 27.51
C LEU G 183 -13.85 5.11 26.58
N PRO G 184 -12.65 4.79 27.09
CA PRO G 184 -11.62 4.15 26.26
C PRO G 184 -12.11 2.76 25.94
N LYS G 185 -11.89 2.30 24.71
CA LYS G 185 -12.32 0.95 24.33
C LYS G 185 -11.18 0.18 23.73
N VAL G 186 -10.15 -0.06 24.54
CA VAL G 186 -8.99 -0.79 24.06
C VAL G 186 -9.26 -2.28 24.08
N ILE G 187 -9.70 -2.79 22.94
CA ILE G 187 -10.02 -4.18 22.72
C ILE G 187 -8.95 -4.75 21.80
N GLU G 188 -8.86 -6.07 21.74
CA GLU G 188 -7.91 -6.74 20.86
C GLU G 188 -8.59 -8.00 20.31
N ILE G 189 -8.83 -8.02 19.01
CA ILE G 189 -9.48 -9.17 18.41
C ILE G 189 -8.47 -9.97 17.61
N PRO G 190 -8.19 -11.20 18.04
CA PRO G 190 -7.24 -12.06 17.33
C PRO G 190 -7.89 -12.85 16.19
N THR G 191 -7.14 -13.03 15.10
CA THR G 191 -7.58 -13.79 13.92
C THR G 191 -6.64 -15.00 13.86
N PHE G 192 -7.19 -16.17 13.55
CA PHE G 192 -6.35 -17.35 13.51
C PHE G 192 -6.22 -17.93 12.12
N ASN G 193 -4.99 -18.37 11.82
CA ASN G 193 -4.64 -19.00 10.56
C ASN G 193 -4.88 -18.24 9.27
N VAL G 194 -4.67 -16.92 9.28
CA VAL G 194 -4.82 -16.17 8.04
C VAL G 194 -3.66 -16.72 7.20
N PRO G 195 -3.96 -17.27 6.00
CA PRO G 195 -3.00 -17.87 5.06
C PRO G 195 -1.85 -17.03 4.46
N ALA G 196 -0.77 -17.74 4.12
CA ALA G 196 0.42 -17.13 3.51
C ALA G 196 0.00 -16.67 2.10
N SER G 197 0.35 -15.43 1.76
CA SER G 197 -0.01 -14.87 0.46
C SER G 197 0.98 -13.76 0.10
N SER G 198 0.99 -13.38 -1.18
CA SER G 198 1.84 -12.28 -1.68
C SER G 198 0.94 -11.01 -1.80
N ALA G 199 -0.32 -11.25 -2.14
CA ALA G 199 -1.35 -10.21 -2.29
C ALA G 199 -2.07 -10.12 -0.94
N PRO G 200 -2.17 -8.89 -0.37
CA PRO G 200 -2.85 -8.74 0.93
C PRO G 200 -4.24 -9.41 0.90
N ILE G 201 -4.40 -10.44 1.72
CA ILE G 201 -5.65 -11.17 1.79
C ILE G 201 -6.48 -10.67 2.98
N HIS G 202 -7.80 -10.73 2.85
CA HIS G 202 -8.66 -10.24 3.91
C HIS G 202 -8.30 -10.80 5.28
N VAL G 203 -8.09 -9.92 6.24
CA VAL G 203 -7.75 -10.34 7.61
C VAL G 203 -8.92 -10.17 8.54
N ALA G 204 -9.59 -9.02 8.47
CA ALA G 204 -10.73 -8.81 9.33
C ALA G 204 -11.30 -7.42 9.15
N TYR G 205 -12.58 -7.27 9.43
CA TYR G 205 -13.24 -5.96 9.32
C TYR G 205 -13.20 -5.24 10.66
N LEU G 206 -13.29 -3.92 10.63
CA LEU G 206 -13.33 -3.16 11.87
C LEU G 206 -14.84 -3.13 12.09
N GLN G 207 -15.33 -3.51 13.26
CA GLN G 207 -16.77 -3.46 13.47
C GLN G 207 -17.11 -2.09 13.92
N PRO G 208 -18.25 -1.62 13.50
CA PRO G 208 -18.64 -0.29 13.89
C PRO G 208 -18.89 -0.20 15.39
N GLY G 209 -19.31 0.99 15.81
CA GLY G 209 -19.64 1.27 17.18
C GLY G 209 -18.57 1.92 18.04
N GLN G 210 -17.61 2.58 17.40
CA GLN G 210 -16.52 3.23 18.12
C GLN G 210 -15.63 4.01 17.17
N ILE G 211 -14.87 4.96 17.69
CA ILE G 211 -13.97 5.76 16.85
C ILE G 211 -12.54 5.25 17.04
N TYR G 212 -11.92 4.80 15.96
CA TYR G 212 -10.57 4.25 16.00
C TYR G 212 -9.45 5.31 15.96
N LYS G 213 -8.50 5.22 16.89
CA LYS G 213 -7.39 6.16 16.94
C LYS G 213 -6.16 5.62 16.26
N ARG G 214 -5.86 4.37 16.56
CA ARG G 214 -4.71 3.70 15.98
C ARG G 214 -4.87 2.22 16.25
N GLN G 215 -4.31 1.39 15.38
CA GLN G 215 -4.42 -0.05 15.52
C GLN G 215 -3.06 -0.75 15.55
N LEU G 216 -2.86 -1.61 16.54
CA LEU G 216 -1.61 -2.36 16.71
C LEU G 216 -1.73 -3.78 16.20
N VAL G 217 -1.14 -4.02 15.05
CA VAL G 217 -1.19 -5.34 14.46
C VAL G 217 0.16 -6.02 14.54
N TYR G 218 0.13 -7.28 14.97
CA TYR G 218 1.36 -8.05 15.04
C TYR G 218 1.06 -9.53 14.83
N VAL G 219 1.94 -10.20 14.10
CA VAL G 219 1.79 -11.62 13.77
C VAL G 219 2.57 -12.58 14.68
N ILE G 220 2.04 -13.79 14.83
CA ILE G 220 2.65 -14.79 15.69
C ILE G 220 2.88 -16.13 15.02
N ASN G 221 4.16 -16.34 14.66
CA ASN G 221 4.62 -17.56 14.04
C ASN G 221 4.70 -18.58 15.17
N SER G 222 4.44 -19.83 14.82
CA SER G 222 4.51 -20.94 15.78
C SER G 222 5.98 -21.26 16.14
N THR G 223 6.88 -20.99 15.19
CA THR G 223 8.34 -21.23 15.33
C THR G 223 9.10 -20.06 16.01
N SER G 224 9.08 -18.88 15.34
CA SER G 224 9.75 -17.67 15.81
C SER G 224 8.90 -16.78 16.77
N GLY G 225 7.70 -17.26 17.14
CA GLY G 225 6.83 -16.53 18.05
C GLY G 225 6.46 -15.15 17.51
N ILE G 226 6.93 -14.11 18.19
CA ILE G 226 6.68 -12.75 17.77
C ILE G 226 7.89 -12.18 17.03
N ASN G 227 8.92 -13.01 16.84
CA ASN G 227 10.16 -12.60 16.17
C ASN G 227 10.34 -13.16 14.76
N ASN G 228 9.37 -12.88 13.89
CA ASN G 228 9.42 -13.37 12.51
C ASN G 228 9.35 -12.16 11.59
N THR G 229 9.22 -12.40 10.30
CA THR G 229 9.13 -11.31 9.33
C THR G 229 8.08 -11.61 8.23
N ASP G 230 6.96 -12.18 8.62
CA ASP G 230 5.91 -12.56 7.65
C ASP G 230 5.07 -11.42 7.20
N PRO G 231 4.57 -10.62 8.12
CA PRO G 231 3.78 -9.52 7.58
C PRO G 231 4.67 -8.66 6.63
N THR G 232 4.38 -8.66 5.31
CA THR G 232 5.14 -7.86 4.32
C THR G 232 4.29 -6.78 3.65
N GLU G 233 3.00 -7.08 3.53
CA GLU G 233 2.08 -6.16 2.90
C GLU G 233 0.78 -5.96 3.69
N TYR G 234 0.70 -4.81 4.36
CA TYR G 234 -0.45 -4.42 5.16
C TYR G 234 -1.34 -3.55 4.27
N GLU G 235 -2.65 -3.57 4.51
CA GLU G 235 -3.55 -2.79 3.67
C GLU G 235 -4.92 -2.45 4.25
N LEU G 236 -5.22 -1.16 4.40
CA LEU G 236 -6.51 -0.71 4.92
C LEU G 236 -7.47 -0.39 3.76
N LYS G 237 -8.41 -1.29 3.52
CA LYS G 237 -9.38 -1.19 2.43
C LYS G 237 -10.78 -0.73 2.83
N ILE G 238 -11.29 0.32 2.20
CA ILE G 238 -12.67 0.74 2.44
C ILE G 238 -13.43 -0.21 1.48
N VAL G 239 -14.28 -1.10 2.00
CA VAL G 239 -14.99 -2.07 1.12
C VAL G 239 -16.31 -1.50 0.59
N ARG G 240 -17.03 -0.81 1.47
CA ARG G 240 -18.29 -0.16 1.15
C ARG G 240 -17.98 0.94 0.14
N GLY G 241 -18.91 1.17 -0.79
CA GLY G 241 -18.73 2.18 -1.82
C GLY G 241 -17.74 1.73 -2.90
N VAL G 242 -17.06 2.70 -3.52
CA VAL G 242 -16.08 2.36 -4.55
C VAL G 242 -14.93 1.76 -3.75
N PRO G 243 -14.44 0.56 -4.14
CA PRO G 243 -13.33 -0.01 -3.34
C PRO G 243 -12.15 0.98 -3.35
N THR G 244 -11.84 1.53 -2.15
CA THR G 244 -10.76 2.53 -1.94
C THR G 244 -9.76 2.09 -0.82
N ASP G 245 -8.48 2.36 -1.06
CA ASP G 245 -7.37 1.97 -0.18
C ASP G 245 -6.70 3.16 0.52
N LYS G 246 -6.95 3.30 1.81
CA LYS G 246 -6.32 4.38 2.58
C LYS G 246 -4.84 4.02 2.83
N ILE G 247 -4.55 2.72 2.83
CA ILE G 247 -3.20 2.20 3.08
C ILE G 247 -2.97 0.98 2.20
N LYS G 248 -1.80 0.93 1.61
CA LYS G 248 -1.40 -0.16 0.73
C LYS G 248 0.11 -0.03 0.85
N VAL G 249 0.56 0.08 2.09
CA VAL G 249 1.97 0.28 2.38
C VAL G 249 2.68 -1.04 2.68
N SER G 250 3.92 -1.21 2.18
CA SER G 250 4.70 -2.44 2.40
C SER G 250 5.15 -2.50 3.87
N TRP G 251 5.27 -3.68 4.45
CA TRP G 251 5.60 -3.77 5.87
C TRP G 251 6.79 -2.94 6.30
N ALA G 252 7.88 -3.02 5.55
CA ALA G 252 9.08 -2.26 5.89
C ALA G 252 8.69 -0.79 6.13
N ALA G 253 7.97 -0.21 5.17
CA ALA G 253 7.51 1.19 5.21
C ALA G 253 6.48 1.53 6.29
N LEU G 254 5.73 0.53 6.76
CA LEU G 254 4.74 0.78 7.79
C LEU G 254 5.53 0.91 9.09
N GLN G 255 6.61 0.15 9.20
CA GLN G 255 7.50 0.20 10.37
C GLN G 255 8.31 1.46 10.22
N ALA G 256 8.36 1.95 8.99
CA ALA G 256 9.04 3.19 8.66
C ALA G 256 8.28 4.33 9.31
N GLU G 257 6.97 4.45 9.05
CA GLU G 257 6.23 5.55 9.66
C GLU G 257 6.33 5.44 11.18
N ASN G 258 6.75 4.28 11.68
CA ASN G 258 6.88 4.11 13.11
C ASN G 258 8.22 4.68 13.58
N GLN G 259 9.19 4.74 12.67
CA GLN G 259 10.48 5.38 12.93
C GLN G 259 10.28 6.88 13.18
N ALA G 260 9.66 7.55 12.20
CA ALA G 260 9.31 8.97 12.29
C ALA G 260 8.25 9.23 13.35
N GLU G 261 7.25 8.36 13.38
CA GLU G 261 6.14 8.50 14.33
C GLU G 261 6.54 8.33 15.79
N TYR G 262 7.07 7.17 16.11
CA TYR G 262 7.41 6.93 17.49
C TYR G 262 8.87 7.04 17.84
N GLN G 263 9.70 7.41 16.86
CA GLN G 263 11.14 7.56 17.07
C GLN G 263 11.69 6.42 17.90
N VAL G 264 11.39 5.19 17.48
CA VAL G 264 11.86 4.01 18.20
C VAL G 264 12.00 2.89 17.19
N ALA G 265 13.03 2.05 17.39
CA ALA G 265 13.29 0.92 16.49
C ALA G 265 12.08 0.00 16.54
N PRO G 266 11.87 -0.82 15.51
CA PRO G 266 10.72 -1.75 15.47
C PRO G 266 10.73 -2.73 16.64
N TYR G 267 9.57 -2.95 17.25
CA TYR G 267 9.49 -3.86 18.39
C TYR G 267 9.94 -5.29 18.08
N SER G 268 9.79 -5.64 16.81
CA SER G 268 10.18 -6.94 16.28
C SER G 268 9.84 -6.83 14.79
N GLY G 269 10.24 -7.82 14.00
CA GLY G 269 9.96 -7.78 12.58
C GLY G 269 8.48 -7.97 12.29
N ALA G 270 7.75 -8.45 13.30
CA ALA G 270 6.32 -8.73 13.16
C ALA G 270 5.29 -7.76 13.76
N SER G 271 5.64 -6.49 13.94
CA SER G 271 4.68 -5.55 14.51
C SER G 271 4.65 -4.16 13.86
N ALA G 272 3.58 -3.41 14.13
CA ALA G 272 3.44 -2.04 13.61
C ALA G 272 2.20 -1.33 14.16
N ILE G 273 2.08 -0.05 13.83
CA ILE G 273 0.94 0.74 14.28
C ILE G 273 0.47 1.63 13.15
N ILE G 274 -0.84 1.71 12.95
CA ILE G 274 -1.37 2.54 11.89
C ILE G 274 -2.33 3.59 12.47
N ASP G 275 -1.93 4.86 12.42
CA ASP G 275 -2.76 5.92 12.97
C ASP G 275 -3.77 6.37 11.99
N PHE G 276 -5.01 6.11 12.32
CA PHE G 276 -6.12 6.49 11.47
C PHE G 276 -6.20 8.00 11.26
N ARG G 277 -5.82 8.78 12.27
CA ARG G 277 -5.84 10.24 12.15
C ARG G 277 -5.07 10.82 10.93
N LYS G 278 -4.09 10.05 10.47
CA LYS G 278 -3.22 10.41 9.34
C LYS G 278 -3.71 9.88 7.96
N TYR G 279 -4.76 9.07 7.94
CA TYR G 279 -5.27 8.49 6.68
C TYR G 279 -6.72 8.87 6.45
N PHE G 280 -7.23 9.62 7.41
CA PHE G 280 -8.57 10.15 7.36
C PHE G 280 -8.26 11.50 7.86
N ASN G 281 -9.31 12.28 8.04
CA ASN G 281 -9.15 13.61 8.57
C ASN G 281 -9.55 13.44 10.04
N GLY G 282 -8.58 13.55 10.95
CA GLY G 282 -8.93 13.36 12.35
C GLY G 282 -9.19 11.87 12.46
N ASP G 283 -9.95 11.45 13.47
CA ASP G 283 -10.27 10.01 13.68
C ASP G 283 -11.23 9.27 12.73
N LEU G 284 -10.96 7.97 12.59
CA LEU G 284 -11.79 7.07 11.78
C LEU G 284 -12.95 6.68 12.68
N ASP G 285 -14.10 7.29 12.42
CA ASP G 285 -15.28 7.00 13.21
C ASP G 285 -16.19 6.00 12.52
N LEU G 286 -16.71 5.03 13.27
CA LEU G 286 -17.63 4.06 12.69
C LEU G 286 -18.80 3.89 13.67
N THR G 287 -19.09 4.95 14.42
CA THR G 287 -20.20 4.91 15.37
C THR G 287 -21.46 4.60 14.60
N HIS G 288 -21.54 5.13 13.39
CA HIS G 288 -22.72 4.88 12.58
C HIS G 288 -22.60 4.27 11.16
N ALA G 289 -21.38 3.99 10.69
CA ALA G 289 -21.20 3.40 9.35
C ALA G 289 -21.64 1.93 9.39
N PRO G 290 -22.25 1.41 8.31
CA PRO G 290 -22.64 0.01 8.39
C PRO G 290 -21.37 -0.81 8.47
N SER G 291 -21.47 -1.96 9.10
CA SER G 291 -20.34 -2.86 9.30
C SER G 291 -19.73 -3.51 8.06
N ASP G 292 -18.51 -4.03 8.23
CA ASP G 292 -17.76 -4.67 7.14
C ASP G 292 -17.60 -3.64 6.03
N SER G 293 -17.17 -2.44 6.46
CA SER G 293 -16.99 -1.32 5.57
C SER G 293 -15.54 -0.85 5.55
N ILE G 294 -14.74 -1.39 6.47
CA ILE G 294 -13.33 -1.09 6.52
C ILE G 294 -12.66 -2.29 7.13
N GLU G 295 -11.82 -2.91 6.33
CA GLU G 295 -11.08 -4.10 6.73
C GLU G 295 -9.61 -3.81 6.50
N TYR G 296 -8.76 -4.54 7.19
CA TYR G 296 -7.33 -4.35 7.03
C TYR G 296 -6.77 -5.72 6.59
N ASP G 297 -5.86 -5.71 5.60
CA ASP G 297 -5.27 -6.93 5.01
C ASP G 297 -3.80 -7.25 5.35
N LEU G 298 -3.39 -8.47 5.07
CA LEU G 298 -2.03 -8.89 5.33
C LEU G 298 -1.46 -9.94 4.40
N ALA G 299 -0.29 -9.66 3.85
CA ALA G 299 0.40 -10.60 2.99
C ALA G 299 1.46 -11.21 3.93
N LEU G 300 1.19 -12.42 4.45
CA LEU G 300 2.10 -13.09 5.39
C LEU G 300 3.00 -14.12 4.67
N GLN G 301 4.30 -14.16 5.01
CA GLN G 301 5.25 -15.08 4.36
C GLN G 301 4.84 -16.56 4.45
N ASN G 302 4.47 -16.97 5.67
CA ASN G 302 4.02 -18.34 5.97
C ASN G 302 2.62 -18.07 6.46
N GLN G 303 1.92 -19.10 6.92
CA GLN G 303 0.57 -18.86 7.44
C GLN G 303 0.62 -18.79 8.97
N ASP G 304 0.15 -17.66 9.54
CA ASP G 304 0.20 -17.46 11.00
C ASP G 304 -1.06 -16.83 11.67
N ASN G 305 -0.87 -16.31 12.89
CA ASN G 305 -1.94 -15.67 13.69
C ASN G 305 -1.74 -14.17 13.81
N VAL G 306 -2.77 -13.43 13.41
CA VAL G 306 -2.72 -11.97 13.45
C VAL G 306 -3.59 -11.42 14.59
N TYR G 307 -2.98 -10.65 15.48
CA TYR G 307 -3.70 -10.03 16.61
C TYR G 307 -3.85 -8.55 16.31
N SER G 308 -5.05 -8.03 16.46
CA SER G 308 -5.28 -6.64 16.19
C SER G 308 -5.77 -5.91 17.43
N LEU G 309 -4.89 -5.10 18.00
CA LEU G 309 -5.23 -4.35 19.19
C LEU G 309 -5.64 -2.96 18.70
N TYR G 310 -6.84 -2.52 19.04
CA TYR G 310 -7.32 -1.20 18.64
C TYR G 310 -7.38 -0.27 19.84
N VAL G 311 -6.98 0.99 19.67
CA VAL G 311 -7.07 1.95 20.76
C VAL G 311 -8.16 2.82 20.19
N SER G 312 -9.39 2.49 20.57
CA SER G 312 -10.55 3.22 20.10
C SER G 312 -11.27 3.72 21.33
N TYR G 313 -12.26 4.57 21.11
CA TYR G 313 -13.02 5.07 22.23
C TYR G 313 -14.46 5.34 21.80
N VAL G 314 -15.38 5.16 22.75
CA VAL G 314 -16.80 5.35 22.54
C VAL G 314 -17.36 6.55 23.29
N LEU G 315 -18.40 7.17 22.76
CA LEU G 315 -19.03 8.28 23.44
C LEU G 315 -20.42 7.80 23.84
N PRO G 316 -20.57 7.31 25.06
CA PRO G 316 -21.87 6.83 25.52
C PRO G 316 -23.09 7.76 25.32
N TYR G 317 -22.88 8.99 24.85
CA TYR G 317 -24.03 9.86 24.61
C TYR G 317 -23.77 10.53 23.30
N TYR G 318 -23.02 9.82 22.47
CA TYR G 318 -22.60 10.27 21.14
C TYR G 318 -23.67 11.00 20.32
N ASP G 319 -24.94 10.76 20.65
CA ASP G 319 -26.04 11.38 19.92
C ASP G 319 -26.45 12.72 20.49
N GLN G 320 -26.43 12.84 21.80
CA GLN G 320 -26.79 14.10 22.42
C GLN G 320 -25.69 15.11 22.26
N LEU G 321 -24.47 14.63 22.04
CA LEU G 321 -23.33 15.52 21.81
C LEU G 321 -23.54 16.07 20.42
N ALA G 322 -24.11 15.23 19.57
CA ALA G 322 -24.40 15.54 18.17
C ALA G 322 -25.73 16.32 18.01
N ALA G 323 -26.68 16.06 18.91
CA ALA G 323 -28.00 16.71 18.88
C ALA G 323 -28.05 17.96 19.77
N LEU G 324 -26.87 18.47 20.10
CA LEU G 324 -26.76 19.65 20.93
C LEU G 324 -26.72 20.91 20.06
N PRO G 325 -27.22 22.05 20.58
CA PRO G 325 -27.27 23.35 19.90
C PRO G 325 -25.83 23.78 19.51
N ALA G 326 -25.65 24.46 18.37
CA ALA G 326 -24.30 24.87 17.90
C ALA G 326 -23.48 25.62 18.97
N GLN G 327 -24.22 26.20 19.92
CA GLN G 327 -23.72 26.96 21.07
C GLN G 327 -23.12 26.05 22.15
N VAL G 328 -23.95 25.12 22.62
CA VAL G 328 -23.56 24.15 23.64
C VAL G 328 -22.54 23.18 23.01
N ALA G 329 -22.90 22.59 21.86
CA ALA G 329 -22.02 21.66 21.11
C ALA G 329 -20.57 22.17 20.96
N ALA G 330 -20.40 23.46 20.70
CA ALA G 330 -19.07 24.07 20.55
C ALA G 330 -18.20 23.88 21.82
N ILE G 331 -18.85 23.99 22.99
CA ILE G 331 -18.22 23.82 24.31
C ILE G 331 -18.09 22.34 24.73
N VAL G 332 -19.14 21.55 24.50
CA VAL G 332 -19.14 20.14 24.84
C VAL G 332 -18.10 19.39 24.03
N GLN G 333 -18.03 19.75 22.74
CA GLN G 333 -17.05 19.18 21.81
C GLN G 333 -15.64 19.50 22.28
N GLN G 334 -15.51 20.62 22.98
CA GLN G 334 -14.20 21.02 23.48
C GLN G 334 -13.66 20.12 24.60
N TYR G 335 -14.58 19.49 25.34
CA TYR G 335 -14.19 18.60 26.43
C TYR G 335 -13.94 17.22 25.92
N VAL G 336 -14.83 16.77 25.05
CA VAL G 336 -14.75 15.46 24.43
C VAL G 336 -13.47 15.51 23.60
N ALA G 337 -13.23 16.66 22.95
CA ALA G 337 -12.04 16.84 22.13
C ALA G 337 -10.78 16.72 22.99
N ARG G 338 -10.79 17.32 24.18
CA ARG G 338 -9.62 17.21 25.03
C ARG G 338 -9.49 15.80 25.63
N GLN G 339 -10.61 15.18 25.98
CA GLN G 339 -10.58 13.82 26.53
C GLN G 339 -9.97 12.76 25.59
N LYS G 340 -10.44 12.72 24.35
CA LYS G 340 -9.99 11.74 23.34
C LYS G 340 -8.46 11.67 23.12
N ARG G 341 -7.80 12.82 23.22
CA ARG G 341 -6.35 12.91 23.00
C ARG G 341 -5.59 12.47 24.24
N ARG G 342 -6.28 12.41 25.38
CA ARG G 342 -5.66 11.95 26.64
C ARG G 342 -5.36 10.45 26.57
N ILE G 343 -6.26 9.67 25.96
CA ILE G 343 -6.10 8.22 25.83
C ILE G 343 -5.21 7.81 24.66
N LYS G 344 -3.91 8.04 24.80
CA LYS G 344 -2.91 7.71 23.77
C LYS G 344 -2.52 6.23 23.77
N ARG G 345 -1.90 5.81 24.87
CA ARG G 345 -1.42 4.44 25.03
C ARG G 345 -2.50 3.47 25.49
N GLY H 2 -7.12 17.40 3.60
CA GLY H 2 -8.03 16.44 2.88
C GLY H 2 -7.93 15.01 3.40
N GLU H 3 -7.84 14.05 2.47
CA GLU H 3 -7.73 12.65 2.87
C GLU H 3 -6.36 12.09 2.63
N ILE H 4 -5.45 12.36 3.56
CA ILE H 4 -4.10 11.85 3.44
C ILE H 4 -4.27 10.34 3.32
N TYR H 5 -3.41 9.69 2.56
CA TYR H 5 -3.44 8.24 2.38
C TYR H 5 -2.13 7.82 1.72
N THR H 6 -1.59 6.71 2.18
CA THR H 6 -0.29 6.23 1.69
C THR H 6 -0.26 4.84 1.09
N GLU H 7 0.61 4.70 0.09
CA GLU H 7 0.83 3.43 -0.58
C GLU H 7 2.22 3.37 -1.17
N THR H 8 2.69 2.14 -1.33
CA THR H 8 3.99 1.88 -1.91
C THR H 8 3.74 1.63 -3.42
N LEU H 9 4.70 2.00 -4.28
CA LEU H 9 4.58 1.75 -5.72
C LEU H 9 5.05 0.32 -5.95
N GLN H 10 4.34 -0.43 -6.80
CA GLN H 10 4.70 -1.82 -7.04
C GLN H 10 6.13 -2.05 -7.55
N GLN H 11 6.52 -1.26 -8.54
CA GLN H 11 7.86 -1.38 -9.13
C GLN H 11 9.01 -0.88 -8.26
N THR H 12 9.89 -1.81 -7.89
CA THR H 12 11.09 -1.53 -7.12
C THR H 12 12.23 -1.25 -8.11
N TYR H 13 13.40 -0.87 -7.61
CA TYR H 13 14.52 -0.57 -8.48
C TYR H 13 15.74 -1.14 -7.79
N ALA H 14 16.41 -2.07 -8.48
CA ALA H 14 17.60 -2.72 -7.96
C ALA H 14 18.74 -1.74 -7.77
N TRP H 15 19.41 -1.83 -6.62
CA TRP H 15 20.52 -0.96 -6.32
C TRP H 15 21.75 -1.49 -7.07
N THR H 16 22.26 -0.71 -8.03
CA THR H 16 23.46 -1.10 -8.78
C THR H 16 24.50 -0.02 -8.49
N ALA H 17 25.77 -0.41 -8.44
CA ALA H 17 26.84 0.54 -8.13
C ALA H 17 27.12 1.57 -9.25
N GLY H 18 27.19 2.85 -8.86
CA GLY H 18 27.45 3.97 -9.77
C GLY H 18 26.48 4.20 -10.92
N THR H 19 25.19 4.00 -10.63
CA THR H 19 24.11 4.15 -11.62
C THR H 19 23.11 5.25 -11.25
N ASN H 20 22.37 5.72 -12.26
CA ASN H 20 21.33 6.70 -12.01
C ASN H 20 20.00 5.97 -12.28
N ILE H 21 19.20 5.79 -11.25
CA ILE H 21 17.93 5.10 -11.38
C ILE H 21 16.86 6.16 -11.26
N PRO H 22 16.21 6.52 -12.37
CA PRO H 22 15.16 7.55 -12.29
C PRO H 22 13.81 6.88 -11.95
N ILE H 23 13.13 7.45 -10.96
CA ILE H 23 11.85 6.91 -10.52
C ILE H 23 10.76 7.90 -10.85
N LYS H 24 9.68 7.41 -11.45
CA LYS H 24 8.56 8.28 -11.77
C LYS H 24 7.62 8.15 -10.57
N ILE H 25 7.19 9.28 -10.03
CA ILE H 25 6.30 9.30 -8.88
C ILE H 25 4.91 9.61 -9.42
N PRO H 26 4.05 8.60 -9.48
CA PRO H 26 2.68 8.72 -9.98
C PRO H 26 2.01 9.93 -9.33
N ARG H 27 1.28 10.71 -10.11
CA ARG H 27 0.63 11.92 -9.59
C ARG H 27 -0.87 11.71 -9.35
N ASN H 28 -1.23 11.05 -8.26
CA ASN H 28 -2.64 10.78 -7.93
C ASN H 28 -3.42 11.92 -7.28
N ASN H 29 -2.84 12.49 -6.23
CA ASN H 29 -3.42 13.62 -5.52
C ASN H 29 -2.17 14.45 -5.27
N PHE H 30 -2.20 15.32 -4.27
CA PHE H 30 -1.01 16.10 -3.93
C PHE H 30 -0.08 15.13 -3.22
N ILE H 31 1.21 15.41 -3.19
CA ILE H 31 2.13 14.50 -2.53
C ILE H 31 2.62 15.12 -1.24
N ARG H 32 2.44 14.41 -0.14
CA ARG H 32 2.88 14.89 1.17
C ARG H 32 4.32 14.52 1.55
N LYS H 33 4.72 13.29 1.30
CA LYS H 33 6.08 12.87 1.62
C LYS H 33 6.43 11.61 0.86
N ILE H 34 7.68 11.53 0.44
CA ILE H 34 8.15 10.39 -0.32
C ILE H 34 9.29 9.69 0.42
N ARG H 35 9.05 8.45 0.86
CA ARG H 35 10.07 7.66 1.56
C ARG H 35 10.74 6.69 0.60
N VAL H 36 12.04 6.51 0.76
CA VAL H 36 12.76 5.61 -0.10
C VAL H 36 13.52 4.71 0.84
N GLN H 37 13.54 3.41 0.56
CA GLN H 37 14.26 2.48 1.41
C GLN H 37 15.17 1.56 0.65
N LEU H 38 16.44 1.51 1.04
CA LEU H 38 17.37 0.60 0.41
C LEU H 38 17.19 -0.62 1.30
N ILE H 39 16.45 -1.63 0.79
CA ILE H 39 16.14 -2.84 1.55
C ILE H 39 16.66 -4.10 0.87
N GLY H 40 17.54 -4.81 1.58
CA GLY H 40 18.13 -6.04 1.10
C GLY H 40 19.11 -6.56 2.13
N SER H 41 20.31 -6.90 1.69
CA SER H 41 21.35 -7.38 2.61
C SER H 41 22.71 -7.09 1.99
N ILE H 42 23.77 -7.26 2.77
CA ILE H 42 25.12 -7.03 2.26
C ILE H 42 25.84 -8.38 2.42
N SER H 43 26.16 -8.99 1.29
CA SER H 43 26.79 -10.31 1.26
C SER H 43 28.33 -10.31 1.15
N ASN H 44 28.94 -11.15 1.97
CA ASN H 44 30.37 -11.33 1.96
C ASN H 44 30.46 -12.74 1.40
N SER H 45 31.17 -12.89 0.29
CA SER H 45 31.36 -14.21 -0.33
C SER H 45 32.84 -14.65 -0.19
N GLY H 46 33.66 -13.71 0.31
CA GLY H 46 35.07 -13.94 0.55
C GLY H 46 35.29 -14.76 1.82
N THR H 47 36.49 -15.32 1.93
CA THR H 47 36.91 -16.17 3.07
C THR H 47 36.95 -15.50 4.50
N ALA H 48 37.37 -14.21 4.59
CA ALA H 48 37.42 -13.48 5.89
C ALA H 48 36.24 -12.49 6.02
N ALA H 49 35.69 -12.37 7.25
CA ALA H 49 34.55 -11.49 7.57
C ALA H 49 34.89 -10.01 7.31
N VAL H 50 34.23 -9.39 6.32
CA VAL H 50 34.47 -8.00 5.92
C VAL H 50 33.68 -6.91 6.69
N THR H 51 34.42 -6.05 7.38
CA THR H 51 33.86 -4.95 8.16
C THR H 51 33.41 -3.82 7.24
N LEU H 52 32.13 -3.45 7.36
CA LEU H 52 31.53 -2.40 6.52
C LEU H 52 32.09 -1.00 6.78
N PRO H 53 32.21 -0.18 5.70
CA PRO H 53 32.74 1.18 5.91
C PRO H 53 31.92 1.93 6.98
N SER H 54 32.57 2.85 7.72
CA SER H 54 31.90 3.60 8.77
C SER H 54 31.18 4.85 8.22
N ALA H 55 30.47 5.57 9.09
CA ALA H 55 29.73 6.76 8.65
C ALA H 55 30.55 7.49 7.58
N PRO H 56 29.87 8.06 6.57
CA PRO H 56 28.41 8.09 6.35
C PRO H 56 27.68 6.79 5.92
N PHE H 57 28.40 5.68 5.76
CA PHE H 57 27.74 4.41 5.39
C PHE H 57 26.77 4.06 6.53
N PRO H 58 25.66 3.39 6.21
CA PRO H 58 25.20 2.92 4.91
C PRO H 58 24.62 4.01 4.03
N TYR H 59 24.27 5.13 4.64
CA TYR H 59 23.66 6.24 3.91
C TYR H 59 24.19 6.54 2.53
N ASN H 60 25.51 6.55 2.38
CA ASN H 60 26.12 6.85 1.09
C ASN H 60 26.04 5.79 -0.01
N LEU H 61 25.30 4.70 0.22
CA LEU H 61 25.15 3.69 -0.82
C LEU H 61 24.40 4.35 -1.97
N VAL H 62 23.76 5.48 -1.66
CA VAL H 62 23.04 6.30 -2.64
C VAL H 62 23.82 7.62 -2.61
N GLN H 63 24.75 7.73 -3.53
CA GLN H 63 25.62 8.89 -3.65
C GLN H 63 24.89 10.23 -3.69
N THR H 64 23.82 10.30 -4.50
CA THR H 64 23.03 11.52 -4.61
C THR H 64 21.52 11.31 -4.86
N PHE H 65 20.73 12.32 -4.48
CA PHE H 65 19.28 12.30 -4.63
C PHE H 65 18.79 13.47 -5.44
N ASN H 66 17.67 13.28 -6.13
CA ASN H 66 17.16 14.36 -6.93
C ASN H 66 15.71 14.31 -7.29
N LEU H 67 14.88 14.94 -6.47
CA LEU H 67 13.46 14.97 -6.73
C LEU H 67 13.06 16.31 -7.34
N SER H 68 12.57 16.29 -8.56
CA SER H 68 12.14 17.52 -9.21
C SER H 68 10.94 17.27 -10.11
N TYR H 69 10.26 18.33 -10.50
CA TYR H 69 9.08 18.20 -11.35
C TYR H 69 9.22 19.11 -12.56
N GLU H 70 8.75 18.62 -13.70
CA GLU H 70 8.84 19.33 -14.97
C GLU H 70 10.29 19.33 -15.41
N GLY H 71 11.04 18.37 -14.89
CA GLY H 71 12.44 18.21 -15.24
C GLY H 71 13.35 19.42 -15.04
N SER H 72 12.77 20.57 -14.74
CA SER H 72 13.59 21.75 -14.57
C SER H 72 13.53 22.28 -13.15
N LYS H 73 12.36 22.24 -12.53
CA LYS H 73 12.23 22.74 -11.18
C LYS H 73 12.56 21.66 -10.14
N THR H 74 13.67 21.87 -9.41
CA THR H 74 14.20 20.97 -8.39
C THR H 74 13.75 21.24 -6.94
N LEU H 75 13.06 20.28 -6.35
CA LEU H 75 12.57 20.40 -4.98
C LEU H 75 13.65 19.87 -4.03
N TYR H 76 14.37 18.86 -4.49
CA TYR H 76 15.40 18.22 -3.69
C TYR H 76 16.63 17.94 -4.52
N SER H 77 17.77 18.12 -3.88
CA SER H 77 19.07 17.87 -4.52
C SER H 77 20.02 17.78 -3.36
N VAL H 78 20.14 16.57 -2.83
CA VAL H 78 20.98 16.31 -1.69
C VAL H 78 21.64 14.98 -1.96
N SER H 79 22.66 14.66 -1.17
CA SER H 79 23.34 13.39 -1.31
C SER H 79 22.79 12.44 -0.24
N GLY H 80 23.02 11.14 -0.42
CA GLY H 80 22.54 10.16 0.56
C GLY H 80 23.20 10.41 1.91
N THR H 81 24.42 10.94 1.86
CA THR H 81 25.19 11.28 3.05
C THR H 81 24.62 12.58 3.63
N GLY H 82 24.07 13.40 2.74
CA GLY H 82 23.46 14.65 3.17
C GLY H 82 22.09 14.41 3.80
N LEU H 83 21.11 14.05 2.96
CA LEU H 83 19.76 13.79 3.44
C LEU H 83 19.81 12.78 4.57
N GLY H 84 20.83 11.93 4.52
CA GLY H 84 21.03 10.92 5.53
C GLY H 84 21.34 11.48 6.91
N ILE H 85 22.19 12.52 6.96
CA ILE H 85 22.55 13.15 8.22
C ILE H 85 21.40 14.02 8.75
N LEU H 86 20.66 14.65 7.84
CA LEU H 86 19.51 15.46 8.24
C LEU H 86 18.46 14.51 8.85
N MET H 87 18.39 13.31 8.28
CA MET H 87 17.49 12.25 8.74
C MET H 87 17.94 11.77 10.11
N TYR H 88 19.25 11.64 10.28
CA TYR H 88 19.82 11.20 11.54
C TYR H 88 19.46 12.15 12.68
N TYR H 89 19.30 13.43 12.38
CA TYR H 89 18.98 14.41 13.42
C TYR H 89 17.51 14.58 13.72
N THR H 90 16.74 14.86 12.69
CA THR H 90 15.31 15.10 12.84
C THR H 90 14.47 13.95 13.41
N THR H 91 15.07 12.79 13.65
CA THR H 91 14.31 11.67 14.20
C THR H 91 15.00 11.08 15.43
N LYS H 92 15.81 11.88 16.11
CA LYS H 92 16.53 11.42 17.30
C LYS H 92 17.43 10.21 17.00
N GLY H 93 18.03 10.21 15.81
CA GLY H 93 18.93 9.13 15.42
C GLY H 93 18.25 7.78 15.36
N GLN H 94 16.92 7.82 15.29
CA GLN H 94 16.07 6.64 15.24
C GLN H 94 15.73 6.25 13.81
N ASN H 95 16.25 7.03 12.87
CA ASN H 95 16.03 6.75 11.47
C ASN H 95 16.73 5.46 11.06
N PRO H 96 16.01 4.56 10.35
CA PRO H 96 16.51 3.28 9.87
C PRO H 96 17.78 3.33 9.00
N ALA H 97 18.84 2.66 9.46
CA ALA H 97 20.11 2.60 8.74
C ALA H 97 20.94 1.37 9.13
N TYR H 98 20.57 0.20 8.62
CA TYR H 98 21.31 -1.02 8.93
C TYR H 98 22.13 -1.46 7.72
N PRO H 99 23.34 -2.01 7.98
CA PRO H 99 23.84 -2.15 9.35
C PRO H 99 24.51 -0.86 9.82
N ALA H 100 24.81 -0.78 11.12
CA ALA H 100 25.47 0.40 11.66
C ALA H 100 26.89 0.44 11.03
N PRO H 101 27.56 1.60 11.09
CA PRO H 101 28.92 1.69 10.51
C PRO H 101 29.94 0.74 11.19
N GLY H 102 30.80 0.13 10.38
CA GLY H 102 31.83 -0.78 10.90
C GLY H 102 31.41 -2.19 11.31
N THR H 103 30.13 -2.55 11.08
CA THR H 103 29.64 -3.88 11.45
C THR H 103 30.21 -4.90 10.47
N SER H 104 30.51 -6.10 10.99
CA SER H 104 31.09 -7.16 10.18
C SER H 104 30.09 -8.14 9.54
N VAL H 105 30.34 -8.41 8.26
CA VAL H 105 29.54 -9.32 7.45
C VAL H 105 30.21 -10.69 7.63
N PRO H 106 29.54 -11.63 8.34
CA PRO H 106 30.12 -12.97 8.57
C PRO H 106 30.85 -13.53 7.32
N ALA H 107 32.05 -14.10 7.54
CA ALA H 107 32.89 -14.68 6.48
C ALA H 107 32.14 -15.74 5.64
N SER H 108 31.81 -15.39 4.39
CA SER H 108 31.04 -16.22 3.42
C SER H 108 29.51 -16.38 3.80
N GLY H 109 29.02 -15.39 4.56
CA GLY H 109 27.63 -15.28 5.03
C GLY H 109 27.23 -13.82 4.75
N SER H 110 26.17 -13.30 5.39
CA SER H 110 25.76 -11.90 5.16
C SER H 110 25.09 -11.12 6.34
N VAL H 111 24.83 -9.82 6.11
CA VAL H 111 24.19 -8.92 7.10
C VAL H 111 22.89 -8.38 6.50
N ASN H 112 22.24 -7.49 7.24
CA ASN H 112 21.01 -6.89 6.73
C ASN H 112 21.12 -5.44 6.29
N LEU H 113 20.62 -5.15 5.09
CA LEU H 113 20.62 -3.78 4.57
C LEU H 113 19.20 -3.22 4.57
N ASN H 114 19.07 -2.03 5.12
CA ASN H 114 17.80 -1.34 5.22
C ASN H 114 18.06 0.10 5.62
N VAL H 115 17.99 1.00 4.64
CA VAL H 115 18.23 2.42 4.88
C VAL H 115 17.02 3.22 4.42
N MET H 116 16.84 4.40 5.01
CA MET H 116 15.74 5.23 4.60
C MET H 116 16.03 6.72 4.46
N TRP H 117 15.27 7.35 3.57
CA TRP H 117 15.35 8.79 3.34
C TRP H 117 13.89 9.23 3.31
N GLU H 118 13.64 10.52 3.47
CA GLU H 118 12.28 11.01 3.46
C GLU H 118 12.24 12.44 2.99
N PHE H 119 11.61 12.65 1.85
CA PHE H 119 11.50 13.99 1.29
C PHE H 119 10.09 14.49 1.58
N ASP H 120 10.02 15.53 2.42
CA ASP H 120 8.77 16.15 2.83
C ASP H 120 8.35 17.21 1.86
N LEU H 121 7.24 17.00 1.19
CA LEU H 121 6.80 18.01 0.28
C LEU H 121 5.65 18.86 0.83
N ALA H 122 5.54 18.96 2.18
CA ALA H 122 4.45 19.75 2.79
C ALA H 122 3.22 19.16 2.10
N ARG H 123 2.50 19.97 1.33
CA ARG H 123 1.38 19.45 0.54
C ARG H 123 1.50 19.86 -0.95
N PHE H 124 2.53 19.31 -1.60
CA PHE H 124 2.85 19.55 -3.00
C PHE H 124 1.73 19.18 -3.98
N PRO H 125 1.31 20.13 -4.84
CA PRO H 125 0.25 19.97 -5.85
C PRO H 125 0.70 19.18 -7.10
N ALA H 126 1.05 17.92 -6.91
CA ALA H 126 1.53 17.01 -7.97
C ALA H 126 0.59 16.69 -9.14
N THR H 127 -0.70 16.94 -8.96
CA THR H 127 -1.67 16.69 -10.00
C THR H 127 -1.70 17.91 -10.92
N MET H 128 -1.17 19.03 -10.43
CA MET H 128 -1.13 20.28 -11.21
C MET H 128 0.23 20.55 -11.89
N VAL H 129 1.22 19.72 -11.62
CA VAL H 129 2.53 19.86 -12.22
C VAL H 129 2.76 18.66 -13.14
N GLN H 130 3.92 18.60 -13.77
CA GLN H 130 4.20 17.48 -14.68
C GLN H 130 5.50 16.75 -14.39
N ASN H 131 5.47 15.42 -14.45
CA ASN H 131 6.70 14.65 -14.24
C ASN H 131 7.45 14.79 -12.95
N ILE H 132 6.96 14.17 -11.88
CA ILE H 132 7.71 14.25 -10.63
C ILE H 132 8.66 13.06 -10.65
N ILE H 133 9.93 13.31 -11.00
CA ILE H 133 10.93 12.25 -11.11
C ILE H 133 11.98 12.33 -10.03
N LEU H 134 11.98 11.35 -9.13
CA LEU H 134 12.96 11.30 -8.06
C LEU H 134 14.15 10.45 -8.54
N SER H 135 15.19 11.11 -9.04
CA SER H 135 16.40 10.43 -9.52
C SER H 135 17.41 10.12 -8.42
N ILE H 136 17.62 8.83 -8.22
CA ILE H 136 18.54 8.29 -7.24
C ILE H 136 19.82 7.87 -7.96
N LEU H 137 20.91 8.59 -7.70
CA LEU H 137 22.18 8.24 -8.31
C LEU H 137 22.96 7.44 -7.27
N THR H 138 22.75 6.12 -7.31
CA THR H 138 23.41 5.19 -6.38
C THR H 138 24.91 5.44 -6.39
N GLY H 139 25.53 5.17 -5.24
CA GLY H 139 26.96 5.37 -5.08
C GLY H 139 27.76 4.11 -5.33
N GLN H 140 28.74 3.86 -4.48
CA GLN H 140 29.59 2.70 -4.65
C GLN H 140 29.35 1.56 -3.65
N ALA H 141 29.47 0.30 -4.11
CA ALA H 141 29.31 -0.87 -3.24
C ALA H 141 30.57 -0.93 -2.34
N PRO H 142 30.39 -1.04 -0.98
CA PRO H 142 31.53 -1.11 -0.06
C PRO H 142 32.53 -2.16 -0.53
N SER H 143 33.78 -2.01 -0.11
CA SER H 143 34.81 -2.97 -0.52
C SER H 143 34.74 -4.35 0.20
N GLY H 144 34.71 -5.43 -0.61
CA GLY H 144 34.66 -6.80 -0.09
C GLY H 144 33.26 -7.41 0.01
N VAL H 145 32.26 -6.53 0.11
CA VAL H 145 30.85 -6.94 0.23
C VAL H 145 30.06 -6.42 -0.98
N SER H 146 28.91 -7.05 -1.21
CA SER H 146 28.05 -6.70 -2.34
C SER H 146 26.65 -6.31 -1.85
N ILE H 147 26.19 -5.15 -2.29
CA ILE H 147 24.89 -4.66 -1.89
C ILE H 147 23.79 -5.35 -2.69
N ASN H 148 22.95 -6.07 -1.95
CA ASN H 148 21.87 -6.81 -2.55
C ASN H 148 20.49 -6.27 -2.14
N ALA H 149 20.24 -5.00 -2.46
CA ALA H 149 18.96 -4.38 -2.12
C ALA H 149 18.25 -3.76 -3.31
N SER H 150 17.08 -3.16 -3.02
CA SER H 150 16.24 -2.47 -3.98
C SER H 150 15.66 -1.22 -3.33
N PHE H 151 14.97 -0.40 -4.12
CA PHE H 151 14.35 0.79 -3.54
C PHE H 151 12.84 0.62 -3.52
N TYR H 152 12.21 1.08 -2.45
CA TYR H 152 10.76 0.99 -2.31
C TYR H 152 10.26 2.40 -2.09
N ILE H 153 9.49 2.89 -3.04
CA ILE H 153 8.94 4.22 -2.97
C ILE H 153 7.56 4.22 -2.32
N THR H 154 7.45 4.92 -1.20
CA THR H 154 6.20 5.03 -0.46
C THR H 154 5.76 6.48 -0.58
N ILE H 155 4.59 6.71 -1.18
CA ILE H 155 4.13 8.07 -1.33
C ILE H 155 2.90 8.36 -0.52
N THR H 156 2.90 9.53 0.12
CA THR H 156 1.79 9.96 0.94
C THR H 156 1.00 11.02 0.19
N TYR H 157 -0.17 10.65 -0.33
CA TYR H 157 -0.99 11.64 -1.03
C TYR H 157 -2.01 12.27 -0.07
N GLU H 158 -2.43 13.50 -0.36
CA GLU H 158 -3.42 14.18 0.47
C GLU H 158 -4.48 14.52 -0.54
N ARG H 159 -5.68 14.04 -0.26
CA ARG H 159 -6.82 14.18 -1.13
C ARG H 159 -7.42 15.58 -1.13
N VAL H 160 -6.67 16.56 -1.66
CA VAL H 160 -7.14 17.94 -1.72
C VAL H 160 -8.18 17.98 -2.84
N THR H 161 -9.30 18.65 -2.56
CA THR H 161 -10.37 18.77 -3.54
C THR H 161 -10.44 20.18 -4.10
N ALA H 162 -11.11 20.31 -5.23
CA ALA H 162 -11.27 21.60 -5.88
C ALA H 162 -11.82 22.55 -4.79
N GLN H 163 -12.74 22.02 -4.01
CA GLN H 163 -13.38 22.76 -2.93
C GLN H 163 -12.33 23.36 -2.00
N GLU H 164 -11.59 22.49 -1.32
CA GLU H 164 -10.56 22.91 -0.39
C GLU H 164 -9.52 23.88 -0.96
N ILE H 165 -9.09 23.68 -2.20
CA ILE H 165 -8.12 24.58 -2.81
C ILE H 165 -8.64 26.03 -2.80
N LEU H 166 -9.92 26.23 -3.04
CA LEU H 166 -10.52 27.56 -2.99
C LEU H 166 -10.46 28.13 -1.57
N SER H 167 -10.68 27.25 -0.61
CA SER H 167 -10.71 27.60 0.82
C SER H 167 -9.39 28.04 1.45
N GLU H 168 -8.36 28.17 0.63
CA GLU H 168 -7.06 28.59 1.14
C GLU H 168 -6.56 29.71 0.24
N GLY H 169 -7.46 30.21 -0.60
CA GLY H 169 -7.07 31.26 -1.52
C GLY H 169 -7.03 30.84 -2.98
N GLY H 170 -7.86 29.86 -3.36
CA GLY H 170 -7.90 29.39 -4.75
C GLY H 170 -6.55 29.02 -5.35
N LEU H 171 -6.27 29.51 -6.56
CA LEU H 171 -5.00 29.24 -7.21
C LEU H 171 -4.05 30.43 -7.16
N GLY H 172 -2.84 30.23 -7.66
CA GLY H 172 -1.87 31.31 -7.69
C GLY H 172 -2.29 32.36 -8.72
N ALA H 173 -1.36 33.28 -9.03
CA ALA H 173 -1.61 34.37 -10.00
C ALA H 173 -1.81 33.83 -11.41
N ASP H 174 -0.92 32.89 -11.75
CA ASP H 174 -0.86 32.20 -13.03
C ASP H 174 -1.65 30.91 -12.91
N GLY H 175 -2.19 30.70 -11.71
CA GLY H 175 -2.99 29.52 -11.44
C GLY H 175 -2.27 28.23 -11.79
N GLU H 176 -1.07 28.03 -11.25
CA GLU H 176 -0.35 26.81 -11.55
C GLU H 176 -0.29 25.91 -10.34
N MET H 177 -0.59 26.51 -9.18
CA MET H 177 -0.62 25.80 -7.92
C MET H 177 -1.53 26.60 -7.02
N PRO H 178 -1.94 26.01 -5.89
CA PRO H 178 -2.83 26.78 -5.02
C PRO H 178 -2.08 28.00 -4.47
N LEU H 179 -2.80 29.07 -4.21
CA LEU H 179 -2.18 30.28 -3.69
C LEU H 179 -1.35 29.97 -2.45
N ALA H 180 -1.87 29.12 -1.58
CA ALA H 180 -1.20 28.75 -0.34
C ALA H 180 -0.22 27.58 -0.49
N THR H 181 0.48 27.51 -1.61
CA THR H 181 1.47 26.45 -1.87
C THR H 181 2.80 26.73 -1.15
N VAL H 182 3.43 25.67 -0.67
CA VAL H 182 4.70 25.79 0.03
C VAL H 182 5.70 24.75 -0.50
N LEU H 183 6.37 25.07 -1.61
CA LEU H 183 7.33 24.15 -2.21
C LEU H 183 8.60 24.04 -1.38
N PRO H 184 8.94 22.82 -0.95
CA PRO H 184 10.13 22.58 -0.13
C PRO H 184 11.36 22.75 -1.00
N LYS H 185 12.42 23.39 -0.48
CA LYS H 185 13.62 23.56 -1.29
C LYS H 185 14.85 23.07 -0.58
N VAL H 186 14.91 21.75 -0.42
CA VAL H 186 16.05 21.13 0.23
C VAL H 186 17.18 20.84 -0.78
N ILE H 187 18.08 21.81 -0.90
CA ILE H 187 19.24 21.71 -1.78
C ILE H 187 20.44 21.57 -0.87
N GLU H 188 21.57 21.18 -1.44
CA GLU H 188 22.76 21.07 -0.64
C GLU H 188 23.92 21.59 -1.46
N ILE H 189 24.54 22.66 -0.96
CA ILE H 189 25.64 23.29 -1.66
C ILE H 189 27.00 22.98 -1.03
N PRO H 190 27.82 22.23 -1.76
CA PRO H 190 29.15 21.81 -1.35
C PRO H 190 30.24 22.84 -1.68
N THR H 191 31.17 23.01 -0.73
CA THR H 191 32.32 23.94 -0.82
C THR H 191 33.64 23.15 -0.73
N PHE H 192 34.65 23.58 -1.45
CA PHE H 192 35.91 22.86 -1.44
C PHE H 192 37.12 23.61 -0.95
N ASN H 193 37.97 22.86 -0.25
CA ASN H 193 39.23 23.36 0.27
C ASN H 193 39.17 24.62 1.13
N VAL H 194 38.13 24.76 1.95
CA VAL H 194 38.11 25.95 2.81
C VAL H 194 39.34 25.70 3.71
N PRO H 195 40.33 26.63 3.68
CA PRO H 195 41.57 26.54 4.46
C PRO H 195 41.51 26.48 6.00
N ALA H 196 42.57 25.92 6.57
CA ALA H 196 42.72 25.76 8.02
C ALA H 196 42.84 27.13 8.72
N SER H 197 42.02 27.34 9.75
CA SER H 197 42.04 28.61 10.49
C SER H 197 41.54 28.45 11.95
N SER H 198 41.89 29.43 12.78
CA SER H 198 41.47 29.49 14.20
C SER H 198 40.28 30.50 14.27
N ALA H 199 40.34 31.47 13.37
CA ALA H 199 39.31 32.50 13.24
C ALA H 199 38.38 32.05 12.09
N PRO H 200 37.07 31.95 12.38
CA PRO H 200 36.14 31.51 11.32
C PRO H 200 36.34 32.30 10.03
N ILE H 201 36.74 31.60 8.96
CA ILE H 201 36.97 32.21 7.65
C ILE H 201 35.77 31.98 6.75
N HIS H 202 35.53 32.91 5.82
CA HIS H 202 34.38 32.77 4.95
C HIS H 202 34.25 31.41 4.28
N VAL H 203 33.08 30.80 4.42
CA VAL H 203 32.80 29.48 3.83
C VAL H 203 31.87 29.57 2.61
N ALA H 204 30.76 30.29 2.75
CA ALA H 204 29.79 30.46 1.66
C ALA H 204 28.56 31.27 2.07
N TYR H 205 27.93 31.93 1.10
CA TYR H 205 26.72 32.70 1.38
C TYR H 205 25.45 31.90 1.12
N LEU H 206 24.35 32.34 1.71
CA LEU H 206 23.06 31.71 1.50
C LEU H 206 22.47 32.54 0.36
N GLN H 207 21.97 31.93 -0.71
CA GLN H 207 21.42 32.77 -1.79
C GLN H 207 19.98 33.06 -1.54
N PRO H 208 19.59 34.30 -1.79
CA PRO H 208 18.20 34.69 -1.58
C PRO H 208 17.24 33.94 -2.52
N GLY H 209 15.96 34.23 -2.33
CA GLY H 209 14.90 33.60 -3.11
C GLY H 209 14.20 32.49 -2.36
N GLN H 210 14.28 32.49 -1.04
CA GLN H 210 13.62 31.43 -0.27
C GLN H 210 13.80 31.66 1.22
N ILE H 211 12.97 31.00 2.03
CA ILE H 211 13.03 31.14 3.48
C ILE H 211 13.77 29.94 4.05
N TYR H 212 14.86 30.19 4.78
CA TYR H 212 15.68 29.13 5.38
C TYR H 212 15.16 28.67 6.75
N LYS H 213 15.00 27.36 6.92
CA LYS H 213 14.48 26.79 8.16
C LYS H 213 15.53 26.26 9.14
N ARG H 214 16.50 25.54 8.60
CA ARG H 214 17.58 24.99 9.42
C ARG H 214 18.68 24.60 8.45
N GLN H 215 19.92 24.70 8.89
CA GLN H 215 21.05 24.37 8.02
C GLN H 215 21.95 23.32 8.65
N LEU H 216 22.21 22.25 7.89
CA LEU H 216 23.04 21.13 8.33
C LEU H 216 24.42 21.17 7.70
N VAL H 217 25.41 21.54 8.48
CA VAL H 217 26.75 21.62 7.96
C VAL H 217 27.59 20.51 8.50
N TYR H 218 28.41 19.96 7.61
CA TYR H 218 29.34 18.91 8.00
C TYR H 218 30.57 18.93 7.10
N VAL H 219 31.74 18.76 7.71
CA VAL H 219 33.00 18.79 7.00
C VAL H 219 33.47 17.38 6.62
N ILE H 220 34.24 17.30 5.55
CA ILE H 220 34.74 16.03 5.04
C ILE H 220 36.25 16.06 4.89
N ASN H 221 36.92 15.40 5.82
CA ASN H 221 38.37 15.28 5.80
C ASN H 221 38.69 14.22 4.75
N SER H 222 39.87 14.34 4.14
CA SER H 222 40.34 13.41 3.13
C SER H 222 40.80 12.07 3.78
N THR H 223 41.30 12.16 5.02
CA THR H 223 41.78 11.00 5.81
C THR H 223 40.66 10.31 6.61
N SER H 224 40.06 11.09 7.52
CA SER H 224 38.99 10.61 8.40
C SER H 224 37.56 10.68 7.82
N GLY H 225 37.43 11.22 6.61
CA GLY H 225 36.12 11.37 5.98
C GLY H 225 35.22 12.34 6.72
N ILE H 226 34.10 11.82 7.23
CA ILE H 226 33.17 12.63 8.00
C ILE H 226 33.39 12.38 9.50
N ASN H 227 34.39 11.56 9.82
CA ASN H 227 34.71 11.22 11.21
C ASN H 227 35.95 11.93 11.70
N ASN H 228 35.97 13.24 11.55
CA ASN H 228 37.10 14.05 12.00
C ASN H 228 36.50 15.00 13.02
N THR H 229 37.30 15.96 13.49
CA THR H 229 36.78 16.92 14.46
C THR H 229 37.33 18.32 14.14
N ASP H 230 37.35 18.63 12.85
CA ASP H 230 37.89 19.89 12.37
C ASP H 230 36.99 21.08 12.58
N PRO H 231 35.72 20.97 12.20
CA PRO H 231 34.92 22.17 12.47
C PRO H 231 35.02 22.53 13.97
N THR H 232 35.60 23.69 14.30
CA THR H 232 35.76 24.12 15.70
C THR H 232 34.96 25.38 16.03
N GLU H 233 34.88 26.29 15.06
CA GLU H 233 34.17 27.52 15.27
C GLU H 233 33.27 27.82 14.06
N TYR H 234 31.96 27.70 14.29
CA TYR H 234 30.94 27.94 13.27
C TYR H 234 30.47 29.39 13.39
N GLU H 235 30.07 30.01 12.30
CA GLU H 235 29.68 31.40 12.40
C GLU H 235 28.77 32.01 11.35
N LEU H 236 27.60 32.45 11.79
CA LEU H 236 26.63 33.08 10.91
C LEU H 236 26.75 34.60 11.00
N LYS H 237 27.31 35.20 9.96
CA LYS H 237 27.49 36.64 9.91
C LYS H 237 26.47 37.25 8.98
N ILE H 238 25.67 38.20 9.44
CA ILE H 238 24.76 38.89 8.52
C ILE H 238 25.70 39.94 7.94
N VAL H 239 26.02 39.84 6.65
CA VAL H 239 26.97 40.76 5.99
C VAL H 239 26.37 42.12 5.60
N ARG H 240 25.19 42.08 5.00
CA ARG H 240 24.46 43.27 4.55
C ARG H 240 24.03 44.12 5.77
N GLY H 241 23.97 45.45 5.61
CA GLY H 241 23.58 46.33 6.69
C GLY H 241 24.71 46.45 7.72
N VAL H 242 24.38 46.57 8.99
CA VAL H 242 25.44 46.62 9.97
C VAL H 242 25.95 45.18 10.14
N PRO H 243 27.27 44.95 9.95
CA PRO H 243 27.78 43.57 10.11
C PRO H 243 27.46 43.01 11.52
N THR H 244 26.58 42.00 11.58
CA THR H 244 26.12 41.36 12.85
C THR H 244 26.38 39.86 12.87
N ASP H 245 26.56 39.32 14.07
CA ASP H 245 26.80 37.89 14.19
C ASP H 245 25.63 37.20 14.85
N LYS H 246 24.85 36.49 14.05
CA LYS H 246 23.70 35.78 14.56
C LYS H 246 24.24 34.57 15.31
N ILE H 247 25.43 34.10 14.93
CA ILE H 247 26.05 32.94 15.58
C ILE H 247 27.56 33.03 15.51
N LYS H 248 28.21 32.70 16.62
CA LYS H 248 29.66 32.73 16.74
C LYS H 248 29.91 31.77 17.91
N VAL H 249 29.31 30.60 17.80
CA VAL H 249 29.38 29.57 18.82
C VAL H 249 30.44 28.54 18.49
N SER H 250 31.13 28.00 19.52
CA SER H 250 32.16 26.99 19.32
C SER H 250 31.52 25.69 18.80
N TRP H 251 32.27 24.92 18.02
CA TRP H 251 31.69 23.70 17.47
C TRP H 251 31.07 22.88 18.59
N ALA H 252 31.81 22.77 19.69
CA ALA H 252 31.35 22.02 20.84
C ALA H 252 29.93 22.43 21.26
N ALA H 253 29.71 23.73 21.53
CA ALA H 253 28.41 24.26 21.95
C ALA H 253 27.34 24.18 20.88
N LEU H 254 27.78 24.14 19.63
CA LEU H 254 26.83 24.05 18.55
C LEU H 254 26.29 22.63 18.53
N GLN H 255 27.16 21.65 18.81
CA GLN H 255 26.73 20.25 18.84
C GLN H 255 25.97 20.03 20.12
N ALA H 256 26.24 20.91 21.07
CA ALA H 256 25.60 20.91 22.37
C ALA H 256 24.13 21.24 22.17
N GLU H 257 23.85 22.33 21.45
CA GLU H 257 22.45 22.69 21.21
C GLU H 257 21.71 21.60 20.42
N ASN H 258 22.44 20.76 19.69
CA ASN H 258 21.80 19.71 18.91
C ASN H 258 21.42 18.56 19.85
N GLN H 259 22.14 18.46 20.97
CA GLN H 259 21.82 17.51 22.04
C GLN H 259 20.47 17.83 22.69
N ALA H 260 20.32 19.07 23.14
CA ALA H 260 19.07 19.60 23.68
C ALA H 260 17.99 19.75 22.60
N GLU H 261 18.44 20.13 21.41
CA GLU H 261 17.56 20.34 20.27
C GLU H 261 16.99 19.04 19.72
N TYR H 262 17.90 18.16 19.35
CA TYR H 262 17.54 16.90 18.74
C TYR H 262 17.57 15.67 19.62
N GLN H 263 17.93 15.86 20.89
CA GLN H 263 18.00 14.76 21.84
C GLN H 263 18.68 13.54 21.23
N VAL H 264 19.87 13.75 20.65
CA VAL H 264 20.60 12.65 20.04
C VAL H 264 22.08 13.03 19.98
N ALA H 265 22.96 12.05 20.10
CA ALA H 265 24.40 12.30 20.06
C ALA H 265 24.77 12.84 18.69
N PRO H 266 25.89 13.58 18.61
CA PRO H 266 26.32 14.15 17.32
C PRO H 266 26.54 13.03 16.31
N TYR H 267 26.09 13.24 15.07
CA TYR H 267 26.23 12.21 14.04
C TYR H 267 27.69 11.79 13.85
N SER H 268 28.59 12.73 14.14
CA SER H 268 30.04 12.54 14.05
C SER H 268 30.64 13.85 14.57
N GLY H 269 31.96 13.87 14.77
CA GLY H 269 32.59 15.07 15.28
C GLY H 269 32.54 16.22 14.28
N ALA H 270 32.26 15.89 13.03
CA ALA H 270 32.23 16.87 11.97
C ALA H 270 30.84 17.33 11.49
N SER H 271 29.83 17.31 12.36
CA SER H 271 28.51 17.74 11.92
C SER H 271 27.78 18.61 12.94
N ALA H 272 26.74 19.30 12.48
CA ALA H 272 25.92 20.13 13.38
C ALA H 272 24.72 20.69 12.61
N ILE H 273 23.80 21.29 13.34
CA ILE H 273 22.62 21.90 12.73
C ILE H 273 22.33 23.23 13.40
N ILE H 274 21.94 24.21 12.61
CA ILE H 274 21.65 25.52 13.14
C ILE H 274 20.23 25.91 12.82
N ASP H 275 19.40 26.06 13.85
CA ASP H 275 18.03 26.45 13.60
C ASP H 275 17.95 27.94 13.51
N PHE H 276 17.57 28.41 12.33
CA PHE H 276 17.42 29.84 12.11
C PHE H 276 16.30 30.43 12.95
N ARG H 277 15.21 29.67 13.09
CA ARG H 277 14.07 30.09 13.90
C ARG H 277 14.50 30.51 15.33
N LYS H 278 15.69 30.04 15.73
CA LYS H 278 16.27 30.31 17.04
C LYS H 278 17.23 31.51 17.09
N TYR H 279 17.59 32.07 15.95
CA TYR H 279 18.53 33.19 15.88
C TYR H 279 17.95 34.42 15.16
N PHE H 280 16.74 34.22 14.68
CA PHE H 280 15.99 35.25 14.01
C PHE H 280 14.67 35.01 14.67
N ASN H 281 13.68 35.78 14.26
CA ASN H 281 12.39 35.53 14.84
C ASN H 281 11.66 34.68 13.82
N GLY H 282 11.47 33.39 14.14
CA GLY H 282 10.82 32.50 13.20
C GLY H 282 11.87 32.26 12.13
N ASP H 283 11.45 31.82 10.94
CA ASP H 283 12.40 31.56 9.84
C ASP H 283 13.15 32.77 9.22
N LEU H 284 14.39 32.50 8.78
CA LEU H 284 15.25 33.51 8.17
C LEU H 284 14.84 33.64 6.72
N ASP H 285 14.20 34.76 6.39
CA ASP H 285 13.73 34.98 5.03
C ASP H 285 14.70 35.79 4.16
N LEU H 286 14.93 35.28 2.95
CA LEU H 286 15.79 35.93 1.99
C LEU H 286 15.08 35.87 0.66
N THR H 287 13.75 35.84 0.69
CA THR H 287 12.96 35.81 -0.54
C THR H 287 13.29 37.07 -1.33
N HIS H 288 13.47 38.18 -0.63
CA HIS H 288 13.80 39.42 -1.31
C HIS H 288 15.09 40.13 -0.90
N ALA H 289 15.82 39.57 0.06
CA ALA H 289 17.07 40.18 0.48
C ALA H 289 18.05 40.04 -0.68
N PRO H 290 18.93 41.04 -0.86
CA PRO H 290 19.93 41.03 -1.95
C PRO H 290 20.91 39.86 -1.79
N SER H 291 21.54 39.46 -2.88
CA SER H 291 22.47 38.32 -2.83
C SER H 291 23.65 38.65 -1.88
N ASP H 292 24.18 37.61 -1.23
CA ASP H 292 25.30 37.76 -0.29
C ASP H 292 25.01 38.64 0.91
N SER H 293 23.93 38.36 1.62
CA SER H 293 23.60 39.19 2.77
C SER H 293 23.74 38.34 4.02
N ILE H 294 23.93 37.05 3.82
CA ILE H 294 24.15 36.15 4.94
C ILE H 294 25.07 35.05 4.51
N GLU H 295 26.19 34.97 5.21
CA GLU H 295 27.20 33.96 4.97
C GLU H 295 27.43 33.26 6.31
N TYR H 296 28.02 32.08 6.25
CA TYR H 296 28.31 31.31 7.45
C TYR H 296 29.80 30.94 7.35
N ASP H 297 30.52 30.97 8.48
CA ASP H 297 31.96 30.67 8.51
C ASP H 297 32.42 29.40 9.26
N LEU H 298 33.66 28.99 9.02
CA LEU H 298 34.22 27.81 9.67
C LEU H 298 35.72 27.85 9.95
N ALA H 299 36.06 27.52 11.18
CA ALA H 299 37.44 27.47 11.61
C ALA H 299 37.75 25.97 11.64
N LEU H 300 38.39 25.45 10.59
CA LEU H 300 38.72 24.03 10.50
C LEU H 300 40.16 23.69 10.92
N GLN H 301 40.35 22.58 11.66
CA GLN H 301 41.70 22.19 12.12
C GLN H 301 42.62 22.00 10.92
N ASN H 302 42.10 21.29 9.92
CA ASN H 302 42.81 20.99 8.67
C ASN H 302 41.98 21.64 7.58
N GLN H 303 42.44 21.55 6.34
CA GLN H 303 41.68 22.14 5.24
C GLN H 303 40.88 21.06 4.51
N ASP H 304 39.54 21.18 4.54
CA ASP H 304 38.65 20.18 3.93
C ASP H 304 37.49 20.76 3.14
N ASN H 305 36.47 19.91 2.95
CA ASN H 305 35.26 20.24 2.20
C ASN H 305 34.06 20.36 3.09
N VAL H 306 33.36 21.49 2.97
CA VAL H 306 32.18 21.72 3.77
C VAL H 306 30.91 21.56 2.93
N TYR H 307 30.03 20.64 3.36
CA TYR H 307 28.78 20.42 2.66
C TYR H 307 27.71 21.10 3.47
N SER H 308 26.93 21.95 2.83
CA SER H 308 25.88 22.67 3.54
C SER H 308 24.49 22.38 2.97
N LEU H 309 23.73 21.60 3.72
CA LEU H 309 22.38 21.22 3.33
C LEU H 309 21.43 22.17 4.03
N TYR H 310 20.59 22.82 3.24
CA TYR H 310 19.60 23.74 3.79
C TYR H 310 18.22 23.12 3.69
N VAL H 311 17.38 23.33 4.69
CA VAL H 311 16.00 22.82 4.65
C VAL H 311 15.30 24.17 4.54
N SER H 312 15.07 24.59 3.29
CA SER H 312 14.44 25.88 2.97
C SER H 312 13.24 25.58 2.08
N TYR H 313 12.37 26.57 1.92
CA TYR H 313 11.19 26.44 1.08
C TYR H 313 10.77 27.77 0.46
N VAL H 314 10.22 27.73 -0.76
CA VAL H 314 9.76 28.92 -1.48
C VAL H 314 8.25 28.93 -1.55
N LEU H 315 7.67 30.12 -1.57
CA LEU H 315 6.23 30.25 -1.67
C LEU H 315 6.07 30.84 -3.07
N PRO H 316 5.79 30.00 -4.07
CA PRO H 316 5.62 30.43 -5.46
C PRO H 316 4.68 31.61 -5.75
N TYR H 317 3.93 32.07 -4.77
CA TYR H 317 3.04 33.22 -4.97
C TYR H 317 3.23 34.12 -3.77
N TYR H 318 4.45 34.05 -3.23
CA TYR H 318 4.88 34.80 -2.07
C TYR H 318 4.43 36.26 -2.01
N ASP H 319 4.20 36.84 -3.18
CA ASP H 319 3.79 38.22 -3.23
C ASP H 319 2.31 38.41 -3.09
N GLN H 320 1.55 37.51 -3.68
CA GLN H 320 0.10 37.58 -3.57
C GLN H 320 -0.36 37.27 -2.15
N LEU H 321 0.45 36.51 -1.41
CA LEU H 321 0.10 36.17 -0.03
C LEU H 321 0.34 37.43 0.79
N ALA H 322 1.38 38.16 0.38
CA ALA H 322 1.78 39.42 1.02
C ALA H 322 0.87 40.58 0.56
N ALA H 323 0.39 40.49 -0.69
CA ALA H 323 -0.50 41.51 -1.27
C ALA H 323 -1.99 41.19 -1.10
N LEU H 324 -2.29 40.28 -0.17
CA LEU H 324 -3.66 39.85 0.12
C LEU H 324 -4.24 40.74 1.24
N PRO H 325 -5.59 40.96 1.26
CA PRO H 325 -6.24 41.80 2.29
C PRO H 325 -6.00 41.20 3.70
N ALA H 326 -5.85 42.04 4.73
CA ALA H 326 -5.63 41.56 6.11
C ALA H 326 -6.76 40.58 6.50
N GLN H 327 -7.80 40.61 5.67
CA GLN H 327 -8.98 39.77 5.77
C GLN H 327 -8.65 38.31 5.39
N VAL H 328 -8.27 38.15 4.13
CA VAL H 328 -7.91 36.88 3.51
C VAL H 328 -6.54 36.40 4.04
N ALA H 329 -5.55 37.29 4.00
CA ALA H 329 -4.17 37.06 4.46
C ALA H 329 -4.11 36.28 5.77
N ALA H 330 -5.03 36.57 6.69
CA ALA H 330 -5.06 35.87 7.98
C ALA H 330 -5.26 34.35 7.81
N ILE H 331 -6.18 33.96 6.91
CA ILE H 331 -6.52 32.55 6.63
C ILE H 331 -5.51 31.83 5.73
N VAL H 332 -5.08 32.52 4.68
CA VAL H 332 -4.11 31.96 3.76
C VAL H 332 -2.79 31.70 4.49
N GLN H 333 -2.36 32.68 5.31
CA GLN H 333 -1.11 32.58 6.08
C GLN H 333 -1.09 31.34 6.96
N GLN H 334 -2.28 31.00 7.45
CA GLN H 334 -2.50 29.87 8.35
C GLN H 334 -2.30 28.49 7.72
N TYR H 335 -2.52 28.41 6.42
CA TYR H 335 -2.33 27.15 5.71
C TYR H 335 -0.87 27.00 5.41
N VAL H 336 -0.28 28.12 4.97
CA VAL H 336 1.14 28.22 4.64
C VAL H 336 1.91 27.99 5.95
N ALA H 337 1.35 28.46 7.05
CA ALA H 337 1.95 28.29 8.38
C ALA H 337 2.04 26.81 8.77
N ARG H 338 0.91 26.11 8.62
CA ARG H 338 0.88 24.71 8.96
C ARG H 338 1.79 23.95 8.01
N GLN H 339 1.73 24.38 6.75
CA GLN H 339 2.53 23.80 5.68
C GLN H 339 4.04 23.99 5.81
N LYS H 340 4.48 25.20 6.18
CA LYS H 340 5.91 25.45 6.34
C LYS H 340 6.47 24.42 7.33
N ARG H 341 5.66 24.09 8.34
CA ARG H 341 6.10 23.16 9.37
C ARG H 341 6.00 21.67 9.11
N ARG H 342 5.24 21.27 8.09
CA ARG H 342 5.15 19.85 7.74
C ARG H 342 6.53 19.42 7.17
N ILE H 343 7.19 20.35 6.49
CA ILE H 343 8.50 20.10 5.90
C ILE H 343 9.64 20.21 6.92
N LYS H 344 9.76 19.20 7.77
CA LYS H 344 10.80 19.11 8.80
C LYS H 344 12.11 18.55 8.26
N ARG H 345 12.02 17.29 7.86
CA ARG H 345 13.15 16.50 7.35
C ARG H 345 13.45 16.66 5.87
N GLY I 2 -1.03 25.53 84.15
CA GLY I 2 -0.11 26.42 83.35
C GLY I 2 0.85 25.64 82.47
N GLU I 3 2.13 25.95 82.57
CA GLU I 3 3.11 25.26 81.76
C GLU I 3 3.98 24.34 82.56
N ILE I 4 3.45 23.15 82.81
CA ILE I 4 4.19 22.16 83.54
C ILE I 4 5.47 21.89 82.73
N TYR I 5 6.58 21.65 83.43
CA TYR I 5 7.87 21.33 82.83
C TYR I 5 8.74 20.73 83.92
N THR I 6 9.43 19.65 83.58
CA THR I 6 10.23 18.91 84.56
C THR I 6 11.69 18.81 84.23
N GLU I 7 12.48 18.84 85.29
CA GLU I 7 13.91 18.73 85.16
C GLU I 7 14.51 18.19 86.44
N THR I 8 15.70 17.62 86.29
CA THR I 8 16.46 17.10 87.40
C THR I 8 17.46 18.22 87.74
N LEU I 9 17.83 18.35 89.01
CA LEU I 9 18.80 19.38 89.41
C LEU I 9 20.19 18.81 89.25
N GLN I 10 21.12 19.60 88.74
CA GLN I 10 22.49 19.12 88.55
C GLN I 10 23.04 18.62 89.87
N GLN I 11 22.68 19.33 90.95
CA GLN I 11 23.13 18.96 92.27
C GLN I 11 22.53 17.76 92.99
N THR I 12 23.38 16.76 93.24
CA THR I 12 23.03 15.52 93.95
C THR I 12 23.49 15.56 95.42
N TYR I 13 23.25 14.48 96.16
CA TYR I 13 23.65 14.38 97.56
C TYR I 13 24.05 12.95 97.85
N ALA I 14 25.30 12.75 98.23
CA ALA I 14 25.80 11.40 98.54
C ALA I 14 25.07 10.81 99.74
N TRP I 15 24.64 9.56 99.60
CA TRP I 15 23.93 8.88 100.66
C TRP I 15 24.97 8.41 101.65
N THR I 16 24.92 8.93 102.87
CA THR I 16 25.85 8.52 103.92
C THR I 16 25.00 7.97 105.05
N ALA I 17 25.55 7.04 105.83
CA ALA I 17 24.80 6.42 106.92
C ALA I 17 24.50 7.34 108.12
N GLY I 18 23.24 7.30 108.58
CA GLY I 18 22.76 8.08 109.71
C GLY I 18 22.91 9.59 109.57
N THR I 19 22.65 10.11 108.37
CA THR I 19 22.81 11.52 108.10
C THR I 19 21.53 12.26 107.71
N ASN I 20 21.54 13.57 107.90
CA ASN I 20 20.43 14.41 107.51
C ASN I 20 21.00 15.25 106.37
N ILE I 21 20.44 15.10 105.19
CA ILE I 21 20.92 15.83 104.03
C ILE I 21 19.84 16.86 103.68
N PRO I 22 20.08 18.15 103.97
CA PRO I 22 19.03 19.11 103.62
C PRO I 22 19.14 19.55 102.16
N ILE I 23 18.01 19.53 101.46
CA ILE I 23 17.96 19.90 100.05
C ILE I 23 17.19 21.17 99.81
N LYS I 24 17.74 22.06 98.99
CA LYS I 24 17.02 23.27 98.67
C LYS I 24 16.28 23.01 97.36
N ILE I 25 14.99 23.33 97.34
CA ILE I 25 14.21 23.11 96.13
C ILE I 25 14.04 24.47 95.43
N PRO I 26 14.71 24.68 94.29
CA PRO I 26 14.58 25.97 93.58
C PRO I 26 13.11 26.35 93.45
N ARG I 27 12.77 27.60 93.76
CA ARG I 27 11.38 28.03 93.67
C ARG I 27 11.21 28.83 92.41
N ASN I 28 11.25 28.16 91.26
CA ASN I 28 11.15 28.79 89.94
C ASN I 28 9.73 29.15 89.52
N ASN I 29 8.84 28.17 89.60
CA ASN I 29 7.45 28.39 89.29
C ASN I 29 6.80 27.65 90.45
N PHE I 30 5.55 27.26 90.31
CA PHE I 30 4.89 26.49 91.35
C PHE I 30 5.47 25.07 91.23
N ILE I 31 5.34 24.26 92.28
CA ILE I 31 5.86 22.92 92.21
C ILE I 31 4.75 21.87 92.25
N ARG I 32 4.72 21.00 91.25
CA ARG I 32 3.72 19.94 91.19
C ARG I 32 4.12 18.61 91.84
N LYS I 33 5.35 18.16 91.63
CA LYS I 33 5.76 16.91 92.25
C LYS I 33 7.27 16.84 92.33
N ILE I 34 7.78 16.27 93.41
CA ILE I 34 9.21 16.14 93.57
C ILE I 34 9.58 14.68 93.71
N ARG I 35 10.36 14.16 92.78
CA ARG I 35 10.81 12.78 92.82
C ARG I 35 12.20 12.73 93.39
N VAL I 36 12.49 11.68 94.15
CA VAL I 36 13.80 11.54 94.71
C VAL I 36 14.22 10.13 94.42
N GLN I 37 15.48 9.95 94.00
CA GLN I 37 15.98 8.63 93.68
C GLN I 37 17.30 8.28 94.33
N LEU I 38 17.35 7.12 94.97
CA LEU I 38 18.60 6.66 95.55
C LEU I 38 19.14 5.77 94.43
N ILE I 39 20.15 6.28 93.71
CA ILE I 39 20.74 5.59 92.57
C ILE I 39 22.23 5.38 92.72
N GLY I 40 22.67 4.12 92.68
CA GLY I 40 24.09 3.79 92.81
C GLY I 40 24.26 2.30 92.84
N SER I 41 24.95 1.78 93.86
CA SER I 41 25.13 0.34 94.03
C SER I 41 25.36 -0.01 95.50
N ILE I 42 25.24 -1.29 95.83
CA ILE I 42 25.46 -1.73 97.19
C ILE I 42 26.59 -2.75 97.07
N SER I 43 27.79 -2.34 97.49
CA SER I 43 28.97 -3.18 97.38
C SER I 43 29.34 -4.02 98.57
N ASN I 44 29.67 -5.26 98.28
CA ASN I 44 30.07 -6.21 99.28
C ASN I 44 31.52 -6.48 98.94
N SER I 45 32.41 -6.16 99.87
CA SER I 45 33.85 -6.39 99.70
C SER I 45 34.25 -7.57 100.61
N GLY I 46 33.27 -8.07 101.38
CA GLY I 46 33.49 -9.21 102.26
C GLY I 46 33.58 -10.47 101.39
N THR I 47 34.26 -11.48 101.90
CA THR I 47 34.50 -12.75 101.19
C THR I 47 33.26 -13.58 100.73
N ALA I 48 32.20 -13.59 101.54
CA ALA I 48 30.95 -14.31 101.25
C ALA I 48 29.83 -13.36 100.80
N ALA I 49 28.98 -13.85 99.90
CA ALA I 49 27.85 -13.08 99.36
C ALA I 49 26.85 -12.73 100.45
N VAL I 50 26.73 -11.43 100.75
CA VAL I 50 25.83 -10.95 101.78
C VAL I 50 24.45 -10.67 101.22
N THR I 51 23.46 -11.34 101.79
CA THR I 51 22.05 -11.18 101.39
C THR I 51 21.48 -9.91 102.08
N LEU I 52 20.90 -9.03 101.26
CA LEU I 52 20.33 -7.76 101.72
C LEU I 52 19.08 -7.93 102.60
N PRO I 53 18.95 -7.09 103.66
CA PRO I 53 17.78 -7.19 104.55
C PRO I 53 16.48 -7.20 103.75
N SER I 54 15.43 -7.81 104.28
CA SER I 54 14.15 -7.84 103.56
C SER I 54 13.30 -6.60 103.86
N ALA I 55 12.14 -6.51 103.19
CA ALA I 55 11.23 -5.36 103.35
C ALA I 55 11.25 -4.86 104.81
N PRO I 56 11.19 -3.55 105.03
CA PRO I 56 11.09 -2.46 104.04
C PRO I 56 12.31 -2.11 103.17
N PHE I 57 13.45 -2.80 103.33
CA PHE I 57 14.61 -2.49 102.47
C PHE I 57 14.12 -2.79 101.04
N PRO I 58 14.60 -2.04 100.02
CA PRO I 58 15.57 -0.95 100.04
C PRO I 58 15.03 0.35 100.61
N TYR I 59 13.71 0.49 100.67
CA TYR I 59 13.10 1.72 101.19
C TYR I 59 13.68 2.40 102.43
N ASN I 60 14.02 1.65 103.47
CA ASN I 60 14.55 2.24 104.69
C ASN I 60 15.98 2.82 104.58
N LEU I 61 16.54 2.81 103.37
CA LEU I 61 17.86 3.38 103.18
C LEU I 61 17.72 4.86 103.47
N VAL I 62 16.46 5.33 103.45
CA VAL I 62 16.12 6.72 103.76
C VAL I 62 15.19 6.63 104.96
N GLN I 63 15.76 6.72 106.16
CA GLN I 63 15.00 6.60 107.39
C GLN I 63 13.76 7.46 107.42
N THR I 64 13.88 8.73 107.03
CA THR I 64 12.73 9.64 107.04
C THR I 64 12.79 10.77 105.99
N PHE I 65 11.62 11.33 105.65
CA PHE I 65 11.52 12.44 104.69
C PHE I 65 10.84 13.60 105.35
N ASN I 66 11.23 14.80 104.95
CA ASN I 66 10.64 15.97 105.54
C ASN I 66 10.69 17.14 104.58
N LEU I 67 9.60 17.30 103.86
CA LEU I 67 9.45 18.37 102.89
C LEU I 67 8.65 19.45 103.57
N SER I 68 9.26 20.59 103.81
CA SER I 68 8.56 21.69 104.47
C SER I 68 8.95 23.05 103.89
N TYR I 69 8.14 24.06 104.16
CA TYR I 69 8.43 25.39 103.66
C TYR I 69 8.32 26.43 104.76
N GLU I 70 9.22 27.42 104.70
CA GLU I 70 9.30 28.49 105.69
C GLU I 70 9.79 27.83 106.96
N GLY I 71 10.33 26.62 106.76
CA GLY I 71 10.88 25.82 107.84
C GLY I 71 9.88 25.36 108.88
N SER I 72 8.71 25.98 108.89
CA SER I 72 7.75 25.64 109.91
C SER I 72 6.57 24.84 109.37
N LYS I 73 6.11 25.19 108.17
CA LYS I 73 4.98 24.48 107.58
C LYS I 73 5.42 23.25 106.77
N THR I 74 5.01 22.07 107.26
CA THR I 74 5.32 20.75 106.69
C THR I 74 4.30 20.12 105.74
N LEU I 75 4.73 19.87 104.51
CA LEU I 75 3.90 19.25 103.49
C LEU I 75 4.08 17.74 103.58
N TYR I 76 5.25 17.33 104.02
CA TYR I 76 5.55 15.91 104.15
C TYR I 76 6.29 15.59 105.41
N SER I 77 5.97 14.45 105.99
CA SER I 77 6.59 14.03 107.22
C SER I 77 6.31 12.55 107.25
N VAL I 78 7.17 11.82 106.57
CA VAL I 78 7.00 10.40 106.47
C VAL I 78 8.37 9.79 106.52
N SER I 79 8.42 8.48 106.69
CA SER I 79 9.67 7.74 106.71
C SER I 79 9.85 7.10 105.33
N GLY I 80 11.09 6.74 104.99
CA GLY I 80 11.32 6.11 103.70
C GLY I 80 10.50 4.83 103.60
N THR I 81 10.32 4.20 104.75
CA THR I 81 9.55 2.97 104.87
C THR I 81 8.07 3.27 104.72
N GLY I 82 7.67 4.45 105.21
CA GLY I 82 6.29 4.88 105.10
C GLY I 82 5.99 5.29 103.67
N LEU I 83 6.55 6.41 103.26
CA LEU I 83 6.33 6.92 101.91
C LEU I 83 6.64 5.86 100.88
N GLY I 84 7.61 4.99 101.21
CA GLY I 84 7.98 3.93 100.29
C GLY I 84 6.86 2.96 99.99
N ILE I 85 6.17 2.51 101.04
CA ILE I 85 5.07 1.57 100.86
C ILE I 85 3.88 2.25 100.19
N LEU I 86 3.68 3.54 100.47
CA LEU I 86 2.58 4.25 99.84
C LEU I 86 2.85 4.25 98.34
N MET I 87 4.14 4.30 97.99
CA MET I 87 4.56 4.28 96.58
C MET I 87 4.29 2.90 95.97
N TYR I 88 4.58 1.86 96.74
CA TYR I 88 4.36 0.49 96.28
C TYR I 88 2.91 0.24 95.89
N TYR I 89 1.98 0.88 96.59
CA TYR I 89 0.58 0.66 96.30
C TYR I 89 0.03 1.53 95.18
N THR I 90 0.23 2.83 95.28
CA THR I 90 -0.27 3.75 94.27
C THR I 90 0.30 3.55 92.86
N THR I 91 1.23 2.61 92.69
CA THR I 91 1.82 2.34 91.37
C THR I 91 1.76 0.86 90.96
N LYS I 92 0.77 0.13 91.48
CA LYS I 92 0.65 -1.29 91.16
C LYS I 92 1.95 -2.04 91.49
N GLY I 93 2.57 -1.65 92.59
CA GLY I 93 3.79 -2.27 93.08
C GLY I 93 4.98 -2.25 92.16
N GLN I 94 4.94 -1.34 91.19
CA GLN I 94 6.01 -1.22 90.21
C GLN I 94 7.03 -0.12 90.48
N ASN I 95 6.83 0.61 91.56
CA ASN I 95 7.75 1.69 91.86
C ASN I 95 9.20 1.18 91.93
N PRO I 96 10.14 1.87 91.26
CA PRO I 96 11.56 1.45 91.27
C PRO I 96 12.13 1.31 92.67
N ALA I 97 12.52 0.08 93.01
CA ALA I 97 13.11 -0.23 94.32
C ALA I 97 14.05 -1.45 94.24
N TYR I 98 15.23 -1.24 93.64
CA TYR I 98 16.22 -2.30 93.49
C TYR I 98 17.35 -2.07 94.47
N PRO I 99 17.90 -3.17 94.99
CA PRO I 99 17.42 -4.50 94.62
C PRO I 99 16.23 -4.87 95.50
N ALA I 100 15.53 -5.95 95.15
CA ALA I 100 14.39 -6.42 95.95
C ALA I 100 14.91 -6.93 97.31
N PRO I 101 14.00 -7.08 98.31
CA PRO I 101 14.43 -7.56 99.64
C PRO I 101 15.05 -8.97 99.67
N GLY I 102 16.14 -9.12 100.44
CA GLY I 102 16.79 -10.41 100.57
C GLY I 102 17.68 -10.83 99.40
N THR I 103 17.90 -9.91 98.45
CA THR I 103 18.74 -10.21 97.29
C THR I 103 20.22 -10.30 97.64
N SER I 104 20.94 -11.18 96.95
CA SER I 104 22.35 -11.39 97.24
C SER I 104 23.36 -10.58 96.43
N VAL I 105 24.30 -9.99 97.16
CA VAL I 105 25.38 -9.20 96.61
C VAL I 105 26.55 -10.19 96.48
N PRO I 106 26.85 -10.64 95.24
CA PRO I 106 27.94 -11.60 94.99
C PRO I 106 29.16 -11.23 95.83
N ALA I 107 29.79 -12.23 96.45
CA ALA I 107 30.97 -12.05 97.31
C ALA I 107 32.12 -11.31 96.59
N SER I 108 32.39 -10.07 97.02
CA SER I 108 33.44 -9.18 96.41
C SER I 108 32.99 -8.59 95.02
N GLY I 109 31.67 -8.51 94.86
CA GLY I 109 31.02 -7.97 93.67
C GLY I 109 29.95 -7.06 94.26
N SER I 110 29.03 -6.53 93.45
CA SER I 110 27.96 -5.63 93.98
C SER I 110 26.65 -5.72 93.16
N VAL I 111 25.60 -5.06 93.67
CA VAL I 111 24.29 -5.04 93.00
C VAL I 111 23.90 -3.61 92.66
N ASN I 112 22.69 -3.47 92.15
CA ASN I 112 22.18 -2.17 91.78
C ASN I 112 21.18 -1.54 92.71
N LEU I 113 21.42 -0.26 92.98
CA LEU I 113 20.56 0.50 93.86
C LEU I 113 19.80 1.53 93.04
N ASN I 114 18.49 1.56 93.25
CA ASN I 114 17.61 2.49 92.57
C ASN I 114 16.23 2.45 93.23
N VAL I 115 15.98 3.38 94.14
CA VAL I 115 14.72 3.43 94.86
C VAL I 115 14.10 4.80 94.63
N MET I 116 12.78 4.88 94.75
CA MET I 116 12.11 6.15 94.55
C MET I 116 10.95 6.57 95.45
N TRP I 117 10.78 7.87 95.59
CA TRP I 117 9.69 8.40 96.37
C TRP I 117 9.10 9.48 95.48
N GLU I 118 7.89 9.92 95.79
CA GLU I 118 7.25 10.94 94.99
C GLU I 118 6.29 11.74 95.84
N PHE I 119 6.62 13.02 96.02
CA PHE I 119 5.79 13.91 96.81
C PHE I 119 4.94 14.75 95.87
N ASP I 120 3.63 14.50 95.90
CA ASP I 120 2.67 15.20 95.06
C ASP I 120 2.23 16.45 95.78
N LEU I 121 2.64 17.60 95.27
CA LEU I 121 2.24 18.84 95.90
C LEU I 121 1.09 19.52 95.18
N ALA I 122 0.30 18.77 94.39
CA ALA I 122 -0.81 19.38 93.62
C ALA I 122 -0.15 20.50 92.80
N ARG I 123 -0.50 21.75 93.06
CA ARG I 123 0.14 22.86 92.37
C ARG I 123 0.56 23.93 93.38
N PHE I 124 1.53 23.53 94.21
CA PHE I 124 2.10 24.34 95.29
C PHE I 124 2.68 25.70 94.87
N PRO I 125 2.22 26.81 95.49
CA PRO I 125 2.70 28.16 95.19
C PRO I 125 4.11 28.36 95.71
N ALA I 126 5.03 27.61 95.15
CA ALA I 126 6.43 27.63 95.56
C ALA I 126 7.15 28.98 95.44
N THR I 127 6.65 29.87 94.60
CA THR I 127 7.29 31.17 94.43
C THR I 127 6.79 32.23 95.41
N MET I 128 5.62 32.01 95.97
CA MET I 128 5.07 32.98 96.91
C MET I 128 5.44 32.58 98.34
N VAL I 129 6.04 31.40 98.53
CA VAL I 129 6.42 31.02 99.89
C VAL I 129 7.92 31.05 100.00
N GLN I 130 8.41 30.69 101.17
CA GLN I 130 9.84 30.74 101.45
C GLN I 130 10.47 29.43 101.88
N ASN I 131 11.71 29.21 101.45
CA ASN I 131 12.47 28.03 101.86
C ASN I 131 11.86 26.65 101.80
N ILE I 132 11.78 26.07 100.61
CA ILE I 132 11.25 24.73 100.51
C ILE I 132 12.42 23.78 100.68
N ILE I 133 12.55 23.20 101.86
CA ILE I 133 13.66 22.28 102.11
C ILE I 133 13.24 20.85 102.41
N LEU I 134 13.51 19.96 101.45
CA LEU I 134 13.19 18.54 101.56
C LEU I 134 14.39 17.83 102.18
N SER I 135 14.37 17.69 103.51
CA SER I 135 15.47 17.04 104.19
C SER I 135 15.30 15.51 104.23
N ILE I 136 16.24 14.83 103.59
CA ILE I 136 16.24 13.38 103.49
C ILE I 136 17.15 12.88 104.58
N LEU I 137 16.56 12.18 105.54
CA LEU I 137 17.31 11.61 106.65
C LEU I 137 17.60 10.13 106.42
N THR I 138 18.75 9.85 105.83
CA THR I 138 19.21 8.48 105.56
C THR I 138 19.25 7.61 106.83
N GLY I 139 19.13 6.29 106.65
CA GLY I 139 19.21 5.36 107.75
C GLY I 139 20.63 4.82 107.77
N GLN I 140 20.80 3.53 108.06
CA GLN I 140 22.14 2.92 108.09
C GLN I 140 22.25 1.92 106.96
N ALA I 141 23.45 1.77 106.42
CA ALA I 141 23.72 0.84 105.32
C ALA I 141 23.47 -0.59 105.80
N PRO I 142 22.74 -1.42 105.01
CA PRO I 142 22.47 -2.82 105.42
C PRO I 142 23.81 -3.39 105.85
N SER I 143 23.78 -4.38 106.74
CA SER I 143 25.04 -4.96 107.26
C SER I 143 25.90 -5.77 106.25
N GLY I 144 27.19 -5.42 106.17
CA GLY I 144 28.12 -6.11 105.28
C GLY I 144 28.28 -5.50 103.90
N VAL I 145 27.28 -4.71 103.49
CA VAL I 145 27.30 -4.05 102.18
C VAL I 145 27.32 -2.52 102.42
N SER I 146 27.84 -1.79 101.43
CA SER I 146 27.96 -0.33 101.52
C SER I 146 27.21 0.37 100.37
N ILE I 147 26.35 1.32 100.74
CA ILE I 147 25.58 2.05 99.75
C ILE I 147 26.41 3.16 99.10
N ASN I 148 26.56 3.07 97.78
CA ASN I 148 27.34 4.03 97.00
C ASN I 148 26.47 4.77 96.01
N ALA I 149 25.43 5.41 96.52
CA ALA I 149 24.51 6.14 95.68
C ALA I 149 24.43 7.60 96.12
N SER I 150 23.61 8.34 95.39
CA SER I 150 23.35 9.77 95.62
C SER I 150 21.83 9.94 95.43
N PHE I 151 21.31 11.14 95.63
CA PHE I 151 19.88 11.36 95.41
C PHE I 151 19.69 12.22 94.17
N TYR I 152 18.63 11.98 93.42
CA TYR I 152 18.40 12.78 92.24
C TYR I 152 17.05 13.44 92.36
N ILE I 153 17.12 14.75 92.53
CA ILE I 153 15.94 15.57 92.71
C ILE I 153 15.40 16.02 91.35
N THR I 154 14.18 15.57 91.04
CA THR I 154 13.47 15.88 89.80
C THR I 154 12.25 16.72 90.18
N ILE I 155 12.20 17.97 89.76
CA ILE I 155 11.08 18.80 90.14
C ILE I 155 10.20 19.21 88.97
N THR I 156 8.90 19.09 89.18
CA THR I 156 7.89 19.42 88.18
C THR I 156 7.23 20.75 88.50
N TYR I 157 7.63 21.81 87.79
CA TYR I 157 7.01 23.11 88.00
C TYR I 157 5.83 23.34 87.03
N GLU I 158 4.89 24.19 87.43
CA GLU I 158 3.74 24.47 86.57
C GLU I 158 3.89 25.97 86.54
N ARG I 159 4.06 26.46 85.33
CA ARG I 159 4.27 27.85 85.09
C ARG I 159 2.95 28.58 85.30
N VAL I 160 2.57 28.75 86.57
CA VAL I 160 1.34 29.44 86.91
C VAL I 160 1.62 30.94 86.79
N THR I 161 0.72 31.61 86.11
CA THR I 161 0.82 33.03 85.86
C THR I 161 -0.15 33.87 86.66
N ALA I 162 0.15 35.17 86.76
CA ALA I 162 -0.69 36.12 87.48
C ALA I 162 -2.09 35.98 86.93
N GLN I 163 -2.14 35.82 85.62
CA GLN I 163 -3.38 35.68 84.88
C GLN I 163 -4.25 34.58 85.43
N GLU I 164 -3.78 33.36 85.21
CA GLU I 164 -4.44 32.15 85.63
C GLU I 164 -4.84 32.16 87.10
N ILE I 165 -3.97 32.72 87.95
CA ILE I 165 -4.24 32.80 89.37
C ILE I 165 -5.54 33.56 89.68
N LEU I 166 -5.78 34.68 88.99
CA LEU I 166 -7.01 35.45 89.17
C LEU I 166 -8.19 34.57 88.74
N SER I 167 -7.93 33.72 87.75
CA SER I 167 -8.92 32.83 87.17
C SER I 167 -9.33 31.65 88.04
N GLU I 168 -8.81 31.60 89.25
CA GLU I 168 -9.14 30.51 90.15
C GLU I 168 -9.48 31.11 91.50
N GLY I 169 -9.69 32.42 91.52
CA GLY I 169 -10.01 33.11 92.75
C GLY I 169 -8.94 34.05 93.30
N GLY I 170 -8.05 34.56 92.44
CA GLY I 170 -7.00 35.47 92.89
C GLY I 170 -6.16 34.96 94.06
N LEU I 171 -5.96 35.81 95.08
CA LEU I 171 -5.19 35.41 96.24
C LEU I 171 -6.01 35.03 97.45
N GLY I 172 -5.33 34.57 98.48
CA GLY I 172 -6.02 34.15 99.69
C GLY I 172 -6.58 35.31 100.50
N ALA I 173 -6.97 35.01 101.74
CA ALA I 173 -7.52 36.01 102.67
C ALA I 173 -6.44 37.03 102.99
N ASP I 174 -5.28 36.52 103.36
CA ASP I 174 -4.09 37.31 103.68
C ASP I 174 -3.21 37.44 102.44
N GLY I 175 -3.71 36.88 101.33
CA GLY I 175 -3.01 36.94 100.05
C GLY I 175 -1.61 36.36 100.05
N GLU I 176 -1.49 35.11 100.45
CA GLU I 176 -0.19 34.46 100.48
C GLU I 176 -0.10 33.32 99.50
N MET I 177 -1.25 32.86 99.03
CA MET I 177 -1.28 31.77 98.08
C MET I 177 -2.56 31.99 97.32
N PRO I 178 -2.69 31.36 96.16
CA PRO I 178 -3.96 31.59 95.47
C PRO I 178 -5.08 31.06 96.34
N LEU I 179 -6.26 31.67 96.25
CA LEU I 179 -7.39 31.24 97.05
C LEU I 179 -7.59 29.74 96.90
N ALA I 180 -7.46 29.24 95.67
CA ALA I 180 -7.64 27.83 95.35
C ALA I 180 -6.40 26.95 95.52
N THR I 181 -5.63 27.21 96.57
CA THR I 181 -4.42 26.44 96.86
C THR I 181 -4.80 25.15 97.60
N VAL I 182 -4.15 24.04 97.25
CA VAL I 182 -4.46 22.78 97.90
C VAL I 182 -3.14 22.20 98.40
N LEU I 183 -2.73 22.62 99.59
CA LEU I 183 -1.48 22.15 100.16
C LEU I 183 -1.57 20.72 100.64
N PRO I 184 -0.75 19.83 100.06
CA PRO I 184 -0.78 18.42 100.47
C PRO I 184 -0.23 18.32 101.90
N LYS I 185 -0.85 17.51 102.73
CA LYS I 185 -0.38 17.39 104.11
C LYS I 185 -0.17 15.91 104.49
N VAL I 186 0.82 15.28 103.83
CA VAL I 186 1.15 13.88 104.05
C VAL I 186 1.99 13.66 105.30
N ILE I 187 1.31 13.39 106.40
CA ILE I 187 1.95 13.16 107.69
C ILE I 187 1.92 11.68 107.99
N GLU I 188 2.71 11.28 108.95
CA GLU I 188 2.72 9.90 109.36
C GLU I 188 2.89 9.86 110.87
N ILE I 189 1.89 9.35 111.55
CA ILE I 189 1.95 9.30 112.99
C ILE I 189 2.19 7.90 113.49
N PRO I 190 3.33 7.69 114.15
CA PRO I 190 3.66 6.36 114.70
C PRO I 190 3.07 6.18 116.11
N THR I 191 2.58 4.98 116.40
CA THR I 191 1.99 4.63 117.72
C THR I 191 2.83 3.47 118.27
N PHE I 192 3.09 3.47 119.59
CA PHE I 192 3.92 2.40 120.13
C PHE I 192 3.24 1.44 121.08
N ASN I 193 3.57 0.16 120.91
CA ASN I 193 3.07 -0.95 121.71
C ASN I 193 1.56 -1.11 121.72
N VAL I 194 0.90 -0.89 120.60
CA VAL I 194 -0.55 -1.08 120.64
C VAL I 194 -0.68 -2.56 121.01
N PRO I 195 -1.37 -2.85 122.13
CA PRO I 195 -1.57 -4.20 122.64
C PRO I 195 -2.26 -5.26 121.76
N ALA I 196 -1.87 -6.51 122.01
CA ALA I 196 -2.41 -7.69 121.33
C ALA I 196 -3.87 -7.88 121.77
N SER I 197 -4.77 -8.07 120.81
CA SER I 197 -6.19 -8.27 121.09
C SER I 197 -6.88 -9.00 119.93
N SER I 198 -8.08 -9.53 120.18
CA SER I 198 -8.86 -10.18 119.14
C SER I 198 -9.94 -9.16 118.70
N ALA I 199 -10.34 -8.30 119.64
CA ALA I 199 -11.30 -7.25 119.38
C ALA I 199 -10.43 -6.02 119.22
N PRO I 200 -10.57 -5.30 118.09
CA PRO I 200 -9.78 -4.10 117.84
C PRO I 200 -9.83 -3.09 118.99
N ILE I 201 -8.68 -2.81 119.57
CA ILE I 201 -8.56 -1.86 120.68
C ILE I 201 -8.16 -0.54 120.08
N HIS I 202 -8.49 0.55 120.75
CA HIS I 202 -8.16 1.88 120.26
C HIS I 202 -6.68 2.16 119.96
N VAL I 203 -6.38 2.63 118.75
CA VAL I 203 -5.00 2.91 118.32
C VAL I 203 -4.64 4.39 118.31
N ALA I 204 -5.46 5.22 117.68
CA ALA I 204 -5.20 6.65 117.62
C ALA I 204 -6.31 7.39 116.86
N TYR I 205 -6.49 8.67 117.17
CA TYR I 205 -7.50 9.47 116.50
C TYR I 205 -6.96 10.19 115.30
N LEU I 206 -7.83 10.52 114.36
CA LEU I 206 -7.39 11.28 113.19
C LEU I 206 -7.57 12.69 113.71
N GLN I 207 -6.56 13.55 113.60
CA GLN I 207 -6.68 14.91 114.12
C GLN I 207 -7.39 15.81 113.16
N PRO I 208 -8.28 16.65 113.67
CA PRO I 208 -9.00 17.55 112.78
C PRO I 208 -7.99 18.51 112.14
N GLY I 209 -8.49 19.35 111.22
CA GLY I 209 -7.63 20.32 110.55
C GLY I 209 -7.14 19.90 109.18
N GLN I 210 -7.89 19.05 108.50
CA GLN I 210 -7.48 18.60 107.18
C GLN I 210 -8.49 17.63 106.61
N ILE I 211 -8.39 17.38 105.31
CA ILE I 211 -9.28 16.44 104.67
C ILE I 211 -8.45 15.20 104.35
N TYR I 212 -8.83 14.05 104.90
CA TYR I 212 -8.13 12.78 104.68
C TYR I 212 -8.57 12.12 103.38
N LYS I 213 -7.61 11.67 102.56
CA LYS I 213 -7.95 11.02 101.29
C LYS I 213 -7.84 9.49 101.41
N ARG I 214 -6.83 9.01 102.12
CA ARG I 214 -6.63 7.59 102.29
C ARG I 214 -5.57 7.40 103.34
N GLN I 215 -5.64 6.29 104.06
CA GLN I 215 -4.67 6.02 105.12
C GLN I 215 -3.95 4.66 105.02
N LEU I 216 -2.62 4.72 105.08
CA LEU I 216 -1.76 3.56 104.99
C LEU I 216 -1.26 3.13 106.35
N VAL I 217 -1.84 2.05 106.86
CA VAL I 217 -1.46 1.52 108.16
C VAL I 217 -0.63 0.27 107.99
N TYR I 218 0.45 0.19 108.75
CA TYR I 218 1.27 -0.99 108.71
C TYR I 218 1.92 -1.18 110.09
N VAL I 219 1.93 -2.43 110.56
CA VAL I 219 2.48 -2.77 111.86
C VAL I 219 3.93 -3.24 111.77
N ILE I 220 4.65 -3.05 112.87
CA ILE I 220 6.05 -3.44 112.91
C ILE I 220 6.33 -4.27 114.15
N ASN I 221 6.51 -5.57 113.91
CA ASN I 221 6.82 -6.55 114.94
C ASN I 221 8.31 -6.39 115.19
N SER I 222 8.70 -6.59 116.44
CA SER I 222 10.12 -6.50 116.78
C SER I 222 10.94 -7.67 116.19
N THR I 223 10.29 -8.83 116.01
CA THR I 223 10.92 -10.06 115.47
C THR I 223 11.01 -10.03 113.94
N SER I 224 9.83 -10.06 113.31
CA SER I 224 9.66 -10.08 111.85
C SER I 224 9.69 -8.70 111.13
N GLY I 225 9.93 -7.62 111.88
CA GLY I 225 9.99 -6.30 111.27
C GLY I 225 8.65 -5.91 110.68
N ILE I 226 8.60 -5.75 109.36
CA ILE I 226 7.34 -5.41 108.72
C ILE I 226 6.72 -6.65 108.09
N ASN I 227 7.37 -7.80 108.24
CA ASN I 227 6.88 -9.05 107.64
C ASN I 227 6.22 -10.02 108.60
N ASN I 228 5.21 -9.54 109.32
CA ASN I 228 4.49 -10.36 110.27
C ASN I 228 3.07 -10.35 109.75
N THR I 229 2.15 -10.93 110.52
CA THR I 229 0.73 -11.00 110.12
C THR I 229 -0.17 -10.71 111.34
N ASP I 230 0.25 -9.73 112.13
CA ASP I 230 -0.49 -9.41 113.33
C ASP I 230 -1.74 -8.62 113.07
N PRO I 231 -1.64 -7.55 112.28
CA PRO I 231 -2.90 -6.85 112.06
C PRO I 231 -3.95 -7.86 111.56
N THR I 232 -5.01 -8.10 112.35
CA THR I 232 -6.08 -9.04 111.94
C THR I 232 -7.41 -8.34 111.75
N GLU I 233 -7.68 -7.34 112.58
CA GLU I 233 -8.93 -6.62 112.48
C GLU I 233 -8.75 -5.12 112.60
N TYR I 234 -8.94 -4.43 111.49
CA TYR I 234 -8.85 -2.97 111.45
C TYR I 234 -10.27 -2.39 111.64
N GLU I 235 -10.38 -1.23 112.28
CA GLU I 235 -11.72 -0.68 112.52
C GLU I 235 -11.72 0.83 112.68
N LEU I 236 -12.47 1.51 111.82
CA LEU I 236 -12.58 2.96 111.87
C LEU I 236 -13.89 3.35 112.56
N LYS I 237 -13.80 3.79 113.81
CA LYS I 237 -14.97 4.17 114.62
C LYS I 237 -15.20 5.67 114.70
N ILE I 238 -16.41 6.11 114.39
CA ILE I 238 -16.76 7.52 114.56
C ILE I 238 -17.14 7.57 116.05
N VAL I 239 -16.31 8.18 116.89
CA VAL I 239 -16.60 8.22 118.33
C VAL I 239 -17.63 9.29 118.73
N ARG I 240 -17.58 10.44 118.06
CA ARG I 240 -18.55 11.50 118.35
C ARG I 240 -19.91 11.16 117.72
N GLY I 241 -20.97 11.68 118.33
CA GLY I 241 -22.33 11.42 117.84
C GLY I 241 -22.66 9.99 118.18
N VAL I 242 -23.56 9.36 117.43
CA VAL I 242 -23.86 7.97 117.74
C VAL I 242 -22.64 7.16 117.27
N PRO I 243 -22.00 6.38 118.16
CA PRO I 243 -20.84 5.57 117.76
C PRO I 243 -21.16 4.64 116.57
N THR I 244 -20.45 4.88 115.45
CA THR I 244 -20.62 4.14 114.17
C THR I 244 -19.29 3.59 113.60
N ASP I 245 -19.41 2.46 112.88
CA ASP I 245 -18.25 1.81 112.29
C ASP I 245 -18.28 1.96 110.78
N LYS I 246 -17.43 2.85 110.26
CA LYS I 246 -17.34 3.01 108.82
C LYS I 246 -16.57 1.78 108.33
N ILE I 247 -15.76 1.19 109.21
CA ILE I 247 -14.99 0.01 108.83
C ILE I 247 -14.73 -0.93 109.99
N LYS I 248 -14.91 -2.22 109.74
CA LYS I 248 -14.69 -3.28 110.71
C LYS I 248 -14.45 -4.50 109.81
N VAL I 249 -13.51 -4.34 108.89
CA VAL I 249 -13.16 -5.39 107.93
C VAL I 249 -11.93 -6.14 108.47
N SER I 250 -11.89 -7.45 108.28
CA SER I 250 -10.78 -8.28 108.75
C SER I 250 -9.54 -7.95 107.92
N TRP I 251 -8.35 -8.13 108.49
CA TRP I 251 -7.16 -7.78 107.76
C TRP I 251 -7.09 -8.37 106.36
N ALA I 252 -7.35 -9.66 106.24
CA ALA I 252 -7.31 -10.28 104.94
C ALA I 252 -8.19 -9.52 103.92
N ALA I 253 -9.45 -9.27 104.30
CA ALA I 253 -10.43 -8.57 103.45
C ALA I 253 -10.09 -7.11 103.14
N LEU I 254 -9.29 -6.50 104.01
CA LEU I 254 -8.89 -5.12 103.80
C LEU I 254 -7.82 -5.10 102.72
N GLN I 255 -6.95 -6.11 102.74
CA GLN I 255 -5.88 -6.23 101.76
C GLN I 255 -6.52 -6.71 100.49
N ALA I 256 -7.69 -7.28 100.67
CA ALA I 256 -8.48 -7.76 99.56
C ALA I 256 -8.93 -6.55 98.75
N GLU I 257 -9.57 -5.56 99.41
CA GLU I 257 -10.03 -4.38 98.68
C GLU I 257 -8.80 -3.73 98.03
N ASN I 258 -7.62 -4.07 98.53
CA ASN I 258 -6.37 -3.52 98.01
C ASN I 258 -5.93 -4.29 96.76
N GLN I 259 -6.39 -5.52 96.63
CA GLN I 259 -6.07 -6.32 95.45
C GLN I 259 -6.85 -5.71 94.28
N ALA I 260 -8.15 -5.50 94.48
CA ALA I 260 -9.03 -4.92 93.47
C ALA I 260 -8.75 -3.42 93.28
N GLU I 261 -8.51 -2.73 94.40
CA GLU I 261 -8.25 -1.31 94.39
C GLU I 261 -6.92 -1.01 93.68
N TYR I 262 -5.84 -1.62 94.15
CA TYR I 262 -4.53 -1.35 93.60
C TYR I 262 -3.95 -2.37 92.66
N GLN I 263 -4.72 -3.40 92.34
CA GLN I 263 -4.25 -4.47 91.44
C GLN I 263 -2.81 -4.88 91.72
N VAL I 264 -2.48 -5.14 92.99
CA VAL I 264 -1.14 -5.56 93.34
C VAL I 264 -1.18 -6.35 94.63
N ALA I 265 -0.30 -7.34 94.76
CA ALA I 265 -0.27 -8.17 95.96
C ALA I 265 0.01 -7.27 97.15
N PRO I 266 -0.39 -7.67 98.37
CA PRO I 266 -0.17 -6.86 99.57
C PRO I 266 1.34 -6.66 99.80
N TYR I 267 1.74 -5.43 100.16
CA TYR I 267 3.15 -5.13 100.38
C TYR I 267 3.82 -6.06 101.40
N SER I 268 3.02 -6.57 102.33
CA SER I 268 3.47 -7.51 103.36
C SER I 268 2.19 -7.88 104.11
N GLY I 269 2.27 -8.91 104.94
CA GLY I 269 1.07 -9.31 105.67
C GLY I 269 0.67 -8.24 106.67
N ALA I 270 1.57 -7.29 106.92
CA ALA I 270 1.31 -6.25 107.89
C ALA I 270 1.02 -4.83 107.41
N SER I 271 0.46 -4.67 106.22
CA SER I 271 0.15 -3.32 105.74
C SER I 271 -1.21 -3.27 105.03
N ALA I 272 -1.74 -2.08 104.82
CA ALA I 272 -3.01 -1.95 104.10
C ALA I 272 -3.36 -0.49 103.84
N ILE I 273 -4.38 -0.28 103.04
CA ILE I 273 -4.81 1.07 102.73
C ILE I 273 -6.31 1.17 102.80
N ILE I 274 -6.80 2.26 103.37
CA ILE I 274 -8.23 2.43 103.50
C ILE I 274 -8.64 3.69 102.76
N ASP I 275 -9.46 3.53 101.73
CA ASP I 275 -9.90 4.70 101.00
C ASP I 275 -11.14 5.21 101.68
N PHE I 276 -11.01 6.38 102.28
CA PHE I 276 -12.12 7.01 102.97
C PHE I 276 -13.25 7.32 101.95
N ARG I 277 -12.88 7.69 100.74
CA ARG I 277 -13.81 8.01 99.65
C ARG I 277 -14.82 6.87 99.38
N LYS I 278 -14.46 5.65 99.83
CA LYS I 278 -15.30 4.46 99.66
C LYS I 278 -16.24 4.21 100.84
N TYR I 279 -16.01 4.86 101.98
CA TYR I 279 -16.81 4.64 103.20
C TYR I 279 -17.48 5.92 103.67
N PHE I 280 -17.22 6.97 102.90
CA PHE I 280 -17.84 8.25 103.13
C PHE I 280 -18.16 8.64 101.73
N ASN I 281 -18.85 9.74 101.59
CA ASN I 281 -19.19 10.19 100.26
C ASN I 281 -18.09 11.20 100.01
N GLY I 282 -17.17 10.81 99.13
CA GLY I 282 -16.03 11.66 98.85
C GLY I 282 -15.07 11.51 100.01
N ASP I 283 -14.07 12.38 100.06
CA ASP I 283 -13.06 12.33 101.11
C ASP I 283 -13.54 12.69 102.53
N LEU I 284 -12.89 12.10 103.53
CA LEU I 284 -13.23 12.33 104.93
C LEU I 284 -12.61 13.64 105.39
N ASP I 285 -13.46 14.64 105.57
CA ASP I 285 -13.03 15.96 106.00
C ASP I 285 -13.17 16.14 107.51
N LEU I 286 -12.15 16.69 108.17
CA LEU I 286 -12.21 16.95 109.61
C LEU I 286 -11.66 18.33 109.84
N THR I 287 -11.79 19.16 108.80
CA THR I 287 -11.32 20.53 108.82
C THR I 287 -11.95 21.25 109.99
N HIS I 288 -13.23 21.00 110.21
CA HIS I 288 -13.92 21.64 111.31
C HIS I 288 -14.55 20.75 112.33
N ALA I 289 -14.26 19.45 112.21
CA ALA I 289 -14.77 18.46 113.15
C ALA I 289 -14.03 18.57 114.48
N PRO I 290 -14.73 18.34 115.60
CA PRO I 290 -14.07 18.42 116.91
C PRO I 290 -13.06 17.29 117.01
N SER I 291 -11.98 17.49 117.74
CA SER I 291 -10.96 16.45 117.85
C SER I 291 -11.52 15.19 118.49
N ASP I 292 -10.83 14.07 118.24
CA ASP I 292 -11.23 12.77 118.78
C ASP I 292 -12.62 12.41 118.30
N SER I 293 -12.83 12.45 116.99
CA SER I 293 -14.15 12.13 116.45
C SER I 293 -14.09 10.98 115.48
N ILE I 294 -12.87 10.58 115.12
CA ILE I 294 -12.67 9.46 114.25
C ILE I 294 -11.34 8.87 114.62
N GLU I 295 -11.38 7.61 115.05
CA GLU I 295 -10.19 6.85 115.45
C GLU I 295 -10.18 5.56 114.65
N TYR I 296 -9.04 4.91 114.58
CA TYR I 296 -8.95 3.66 113.85
C TYR I 296 -8.32 2.65 114.82
N ASP I 297 -8.82 1.40 114.81
CA ASP I 297 -8.37 0.34 115.72
C ASP I 297 -7.56 -0.81 115.13
N LEU I 298 -6.90 -1.55 116.01
CA LEU I 298 -6.11 -2.68 115.57
C LEU I 298 -6.10 -3.83 116.53
N ALA I 299 -6.48 -4.98 115.97
CA ALA I 299 -6.51 -6.23 116.67
C ALA I 299 -5.22 -6.86 116.19
N LEU I 300 -4.20 -6.86 117.05
CA LEU I 300 -2.91 -7.43 116.70
C LEU I 300 -2.68 -8.80 117.35
N GLN I 301 -2.09 -9.74 116.61
CA GLN I 301 -1.79 -11.08 117.15
C GLN I 301 -0.87 -10.90 118.37
N ASN I 302 0.18 -10.07 118.21
CA ASN I 302 1.15 -9.75 119.26
C ASN I 302 1.06 -8.25 119.50
N GLN I 303 1.88 -7.75 120.41
CA GLN I 303 1.87 -6.31 120.67
C GLN I 303 3.10 -5.70 119.97
N ASP I 304 2.85 -4.75 119.06
CA ASP I 304 3.93 -4.10 118.27
C ASP I 304 3.74 -2.59 118.04
N ASN I 305 4.38 -2.06 117.00
CA ASN I 305 4.29 -0.64 116.67
C ASN I 305 3.48 -0.43 115.42
N VAL I 306 2.48 0.45 115.50
CA VAL I 306 1.61 0.76 114.38
C VAL I 306 1.93 2.11 113.75
N TYR I 307 2.31 2.13 112.48
CA TYR I 307 2.62 3.38 111.78
C TYR I 307 1.46 3.71 110.87
N SER I 308 0.96 4.92 111.01
CA SER I 308 -0.17 5.34 110.21
C SER I 308 0.19 6.55 109.37
N LEU I 309 0.27 6.34 108.07
CA LEU I 309 0.60 7.38 107.13
C LEU I 309 -0.73 7.85 106.52
N TYR I 310 -1.02 9.14 106.58
CA TYR I 310 -2.24 9.70 105.99
C TYR I 310 -1.88 10.49 104.74
N VAL I 311 -2.68 10.37 103.68
CA VAL I 311 -2.41 11.14 102.48
C VAL I 311 -3.63 12.04 102.59
N SER I 312 -3.39 13.22 103.17
CA SER I 312 -4.43 14.22 103.40
C SER I 312 -3.94 15.56 102.84
N TYR I 313 -4.85 16.52 102.75
CA TYR I 313 -4.53 17.84 102.24
C TYR I 313 -5.42 18.89 102.88
N VAL I 314 -4.89 20.10 102.99
CA VAL I 314 -5.61 21.23 103.60
C VAL I 314 -5.89 22.35 102.61
N LEU I 315 -6.93 23.13 102.88
CA LEU I 315 -7.24 24.26 102.01
C LEU I 315 -6.99 25.50 102.88
N PRO I 316 -5.80 26.08 102.73
CA PRO I 316 -5.36 27.28 103.47
C PRO I 316 -6.31 28.48 103.56
N TYR I 317 -7.42 28.44 102.84
CA TYR I 317 -8.39 29.51 102.92
C TYR I 317 -9.73 28.83 102.78
N TYR I 318 -9.73 27.58 103.22
CA TYR I 318 -10.89 26.71 103.16
C TYR I 318 -12.21 27.41 103.49
N ASP I 319 -12.11 28.52 104.20
CA ASP I 319 -13.29 29.27 104.61
C ASP I 319 -13.75 30.26 103.57
N GLN I 320 -12.81 30.88 102.88
CA GLN I 320 -13.18 31.80 101.83
C GLN I 320 -13.72 31.05 100.63
N LEU I 321 -13.32 29.79 100.48
CA LEU I 321 -13.80 28.99 99.35
C LEU I 321 -15.24 28.65 99.63
N ALA I 322 -15.50 28.38 100.90
CA ALA I 322 -16.84 28.01 101.38
C ALA I 322 -17.73 29.27 101.46
N ALA I 323 -17.12 30.42 101.74
CA ALA I 323 -17.87 31.68 101.85
C ALA I 323 -17.89 32.44 100.51
N LEU I 324 -17.58 31.72 99.43
CA LEU I 324 -17.57 32.29 98.10
C LEU I 324 -18.97 32.16 97.49
N PRO I 325 -19.40 33.13 96.65
CA PRO I 325 -20.73 33.09 96.02
C PRO I 325 -20.94 31.81 95.18
N ALA I 326 -22.15 31.22 95.21
CA ALA I 326 -22.46 29.98 94.47
C ALA I 326 -22.12 30.17 92.98
N GLN I 327 -21.87 31.43 92.66
CA GLN I 327 -21.48 31.91 91.34
C GLN I 327 -20.02 31.51 91.06
N VAL I 328 -19.12 32.09 91.86
CA VAL I 328 -17.68 31.88 91.82
C VAL I 328 -17.29 30.48 92.35
N ALA I 329 -17.77 30.15 93.55
CA ALA I 329 -17.51 28.87 94.23
C ALA I 329 -17.57 27.69 93.25
N ALA I 330 -18.49 27.77 92.29
CA ALA I 330 -18.64 26.73 91.29
C ALA I 330 -17.31 26.54 90.52
N ILE I 331 -16.68 27.67 90.17
CA ILE I 331 -15.41 27.69 89.43
C ILE I 331 -14.21 27.38 90.34
N VAL I 332 -14.20 27.99 91.52
CA VAL I 332 -13.12 27.77 92.46
C VAL I 332 -13.12 26.31 92.94
N GLN I 333 -14.30 25.77 93.19
CA GLN I 333 -14.41 24.38 93.64
C GLN I 333 -13.79 23.44 92.60
N GLN I 334 -13.86 23.82 91.32
CA GLN I 334 -13.31 23.01 90.22
C GLN I 334 -11.78 22.94 90.11
N TYR I 335 -11.10 23.94 90.68
CA TYR I 335 -9.65 23.96 90.68
C TYR I 335 -9.20 23.16 91.86
N VAL I 336 -9.88 23.39 92.97
CA VAL I 336 -9.60 22.68 94.20
C VAL I 336 -9.93 21.22 93.92
N ALA I 337 -11.04 20.99 93.22
CA ALA I 337 -11.49 19.64 92.89
C ALA I 337 -10.44 18.87 92.11
N ARG I 338 -9.90 19.48 91.07
CA ARG I 338 -8.89 18.81 90.25
C ARG I 338 -7.61 18.63 91.04
N GLN I 339 -7.26 19.67 91.79
CA GLN I 339 -6.06 19.66 92.59
C GLN I 339 -6.04 18.56 93.64
N LYS I 340 -7.14 18.36 94.37
CA LYS I 340 -7.20 17.33 95.41
C LYS I 340 -6.82 15.92 94.91
N ARG I 341 -7.14 15.62 93.65
CA ARG I 341 -6.82 14.30 93.08
C ARG I 341 -5.43 14.22 92.51
N ARG I 342 -4.81 15.37 92.29
CA ARG I 342 -3.45 15.37 91.76
C ARG I 342 -2.57 14.76 92.87
N ILE I 343 -2.97 14.94 94.12
CA ILE I 343 -2.23 14.35 95.25
C ILE I 343 -2.67 12.90 95.56
N LYS I 344 -2.28 11.97 94.69
CA LYS I 344 -2.58 10.53 94.81
C LYS I 344 -1.62 9.83 95.75
N ARG I 345 -0.35 9.86 95.32
CA ARG I 345 0.76 9.25 96.03
C ARG I 345 1.39 10.15 97.10
N GLY J 2 -26.55 6.20 100.52
CA GLY J 2 -26.51 6.46 102.00
C GLY J 2 -25.11 6.49 102.59
N GLU J 3 -24.94 5.77 103.70
CA GLU J 3 -23.65 5.71 104.36
C GLU J 3 -23.04 4.33 104.25
N ILE J 4 -22.28 4.10 103.21
CA ILE J 4 -21.66 2.80 103.07
C ILE J 4 -20.79 2.61 104.32
N TYR J 5 -20.78 1.39 104.85
CA TYR J 5 -20.01 1.00 106.04
C TYR J 5 -19.90 -0.52 106.01
N THR J 6 -18.69 -1.01 106.28
CA THR J 6 -18.43 -2.43 106.22
C THR J 6 -17.94 -3.10 107.47
N GLU J 7 -18.30 -4.36 107.58
CA GLU J 7 -17.89 -5.16 108.72
C GLU J 7 -17.90 -6.63 108.36
N THR J 8 -17.11 -7.38 109.12
CA THR J 8 -17.01 -8.82 108.96
C THR J 8 -17.96 -9.37 110.04
N LEU J 9 -18.61 -10.49 109.78
CA LEU J 9 -19.50 -11.12 110.77
C LEU J 9 -18.61 -11.96 111.69
N GLN J 10 -18.88 -11.95 112.98
CA GLN J 10 -18.08 -12.73 113.94
C GLN J 10 -18.02 -14.20 113.55
N GLN J 11 -19.21 -14.70 113.23
CA GLN J 11 -19.41 -16.08 112.90
C GLN J 11 -18.75 -16.54 111.62
N THR J 12 -17.78 -17.43 111.77
CA THR J 12 -17.07 -18.01 110.63
C THR J 12 -17.71 -19.37 110.35
N TYR J 13 -17.13 -20.10 109.41
CA TYR J 13 -17.68 -21.40 109.07
C TYR J 13 -16.57 -22.38 108.73
N ALA J 14 -16.51 -23.47 109.49
CA ALA J 14 -15.48 -24.48 109.25
C ALA J 14 -15.66 -25.08 107.87
N TRP J 15 -14.59 -25.10 107.09
CA TRP J 15 -14.66 -25.68 105.77
C TRP J 15 -14.53 -27.18 105.94
N THR J 16 -15.59 -27.93 105.63
CA THR J 16 -15.56 -29.39 105.70
C THR J 16 -15.85 -29.87 104.29
N ALA J 17 -15.26 -31.01 103.91
CA ALA J 17 -15.44 -31.57 102.56
C ALA J 17 -16.85 -32.10 102.26
N GLY J 18 -17.38 -31.74 101.09
CA GLY J 18 -18.71 -32.16 100.66
C GLY J 18 -19.86 -31.78 101.59
N THR J 19 -19.81 -30.56 102.14
CA THR J 19 -20.82 -30.08 103.09
C THR J 19 -21.61 -28.87 102.59
N ASN J 20 -22.76 -28.64 103.20
CA ASN J 20 -23.53 -27.47 102.87
C ASN J 20 -23.47 -26.67 104.17
N ILE J 21 -22.95 -25.45 104.07
CA ILE J 21 -22.84 -24.58 105.24
C ILE J 21 -23.74 -23.37 105.01
N PRO J 22 -24.94 -23.35 105.60
CA PRO J 22 -25.74 -22.15 105.32
C PRO J 22 -25.37 -20.95 106.22
N ILE J 23 -25.25 -19.77 105.61
CA ILE J 23 -24.87 -18.53 106.30
C ILE J 23 -25.98 -17.48 106.28
N LYS J 24 -26.26 -16.86 107.42
CA LYS J 24 -27.25 -15.80 107.45
C LYS J 24 -26.49 -14.49 107.32
N ILE J 25 -27.00 -13.61 106.46
CA ILE J 25 -26.36 -12.33 106.22
C ILE J 25 -27.26 -11.34 106.97
N PRO J 26 -26.75 -10.72 108.05
CA PRO J 26 -27.61 -9.78 108.78
C PRO J 26 -28.32 -8.80 107.85
N ARG J 27 -29.59 -8.52 108.13
CA ARG J 27 -30.36 -7.59 107.32
C ARG J 27 -30.44 -6.28 108.10
N ASN J 28 -29.29 -5.64 108.26
CA ASN J 28 -29.16 -4.37 109.00
C ASN J 28 -29.64 -3.17 108.20
N ASN J 29 -29.03 -3.01 107.03
CA ASN J 29 -29.32 -1.93 106.09
C ASN J 29 -29.38 -2.66 104.76
N PHE J 30 -29.16 -1.92 103.68
CA PHE J 30 -29.14 -2.54 102.37
C PHE J 30 -27.76 -3.19 102.22
N ILE J 31 -27.64 -4.18 101.35
CA ILE J 31 -26.36 -4.85 101.18
C ILE J 31 -25.75 -4.56 99.84
N ARG J 32 -24.57 -3.96 99.82
CA ARG J 32 -23.89 -3.63 98.58
C ARG J 32 -22.99 -4.73 98.05
N LYS J 33 -22.25 -5.36 98.95
CA LYS J 33 -21.38 -6.46 98.54
C LYS J 33 -21.11 -7.45 99.66
N ILE J 34 -21.19 -8.74 99.33
CA ILE J 34 -20.74 -9.76 100.24
C ILE J 34 -19.47 -10.45 99.76
N ARG J 35 -18.40 -10.32 100.53
CA ARG J 35 -17.13 -10.96 100.21
C ARG J 35 -17.02 -12.20 101.08
N VAL J 36 -16.48 -13.29 100.54
CA VAL J 36 -16.31 -14.49 101.34
C VAL J 36 -14.90 -14.98 101.14
N GLN J 37 -14.24 -15.39 102.23
CA GLN J 37 -12.87 -15.86 102.12
C GLN J 37 -12.58 -17.15 102.81
N LEU J 38 -12.01 -18.08 102.07
CA LEU J 38 -11.64 -19.37 102.62
C LEU J 38 -10.21 -19.10 103.10
N ILE J 39 -10.03 -18.97 104.43
CA ILE J 39 -8.72 -18.67 105.00
C ILE J 39 -8.27 -19.66 106.09
N GLY J 40 -7.10 -20.26 105.88
CA GLY J 40 -6.56 -21.23 106.81
C GLY J 40 -5.26 -21.76 106.23
N SER J 41 -5.15 -23.09 106.11
CA SER J 41 -3.95 -23.71 105.54
C SER J 41 -4.27 -25.04 104.89
N ILE J 42 -3.33 -25.54 104.11
CA ILE J 42 -3.49 -26.83 103.46
C ILE J 42 -2.34 -27.66 104.00
N SER J 43 -2.69 -28.60 104.87
CA SER J 43 -1.70 -29.44 105.54
C SER J 43 -1.46 -30.83 104.96
N ASN J 44 -0.17 -31.15 104.88
CA ASN J 44 0.26 -32.45 104.43
C ASN J 44 0.95 -33.00 105.68
N SER J 45 0.51 -34.19 106.08
CA SER J 45 1.08 -34.88 107.23
C SER J 45 1.82 -36.11 106.69
N GLY J 46 1.71 -36.31 105.37
CA GLY J 46 2.38 -37.42 104.72
C GLY J 46 3.87 -37.14 104.59
N THR J 47 4.65 -38.22 104.49
CA THR J 47 6.10 -38.16 104.39
C THR J 47 6.66 -37.38 103.17
N ALA J 48 5.96 -37.48 102.02
CA ALA J 48 6.32 -36.81 100.76
C ALA J 48 5.46 -35.54 100.49
N ALA J 49 6.08 -34.51 99.89
CA ALA J 49 5.41 -33.25 99.56
C ALA J 49 4.30 -33.43 98.51
N VAL J 50 3.05 -33.19 98.92
CA VAL J 50 1.91 -33.34 98.03
C VAL J 50 1.57 -32.04 97.29
N THR J 51 1.67 -32.12 95.94
CA THR J 51 1.37 -31.00 95.02
C THR J 51 -0.15 -30.86 94.81
N LEU J 52 -0.65 -29.66 95.11
CA LEU J 52 -2.06 -29.34 95.01
C LEU J 52 -2.62 -29.43 93.61
N PRO J 53 -3.90 -29.84 93.50
CA PRO J 53 -4.51 -29.94 92.18
C PRO J 53 -4.35 -28.59 91.44
N SER J 54 -4.32 -28.62 90.11
CA SER J 54 -4.18 -27.37 89.36
C SER J 54 -5.56 -26.70 89.16
N ALA J 55 -5.57 -25.54 88.50
CA ALA J 55 -6.82 -24.82 88.25
C ALA J 55 -7.93 -25.77 87.80
N PRO J 56 -9.17 -25.52 88.24
CA PRO J 56 -9.62 -24.44 89.12
C PRO J 56 -9.22 -24.35 90.61
N PHE J 57 -8.47 -25.31 91.15
CA PHE J 57 -8.07 -25.20 92.57
C PHE J 57 -7.23 -23.92 92.70
N PRO J 58 -7.31 -23.21 93.84
CA PRO J 58 -8.09 -23.44 95.06
C PRO J 58 -9.59 -23.16 94.95
N TYR J 59 -9.98 -22.38 93.96
CA TYR J 59 -11.39 -22.02 93.79
C TYR J 59 -12.47 -23.05 94.01
N ASN J 60 -12.27 -24.26 93.51
CA ASN J 60 -13.25 -25.34 93.63
C ASN J 60 -13.40 -25.97 95.03
N LEU J 61 -12.64 -25.48 96.00
CA LEU J 61 -12.72 -26.01 97.36
C LEU J 61 -14.13 -25.74 97.85
N VAL J 62 -14.79 -24.80 97.18
CA VAL J 62 -16.17 -24.45 97.47
C VAL J 62 -16.86 -24.83 96.19
N GLN J 63 -17.42 -26.01 96.15
CA GLN J 63 -18.08 -26.51 94.97
C GLN J 63 -19.12 -25.58 94.37
N THR J 64 -19.97 -24.98 95.21
CA THR J 64 -21.00 -24.07 94.71
C THR J 64 -21.41 -22.97 95.70
N PHE J 65 -22.00 -21.91 95.16
CA PHE J 65 -22.48 -20.77 95.94
C PHE J 65 -23.95 -20.54 95.63
N ASN J 66 -24.67 -20.03 96.60
CA ASN J 66 -26.08 -19.76 96.39
C ASN J 66 -26.60 -18.67 97.33
N LEU J 67 -26.58 -17.44 96.84
CA LEU J 67 -27.05 -16.33 97.64
C LEU J 67 -28.48 -16.02 97.26
N SER J 68 -29.43 -16.21 98.17
CA SER J 68 -30.82 -15.92 97.86
C SER J 68 -31.60 -15.47 99.09
N TYR J 69 -32.77 -14.87 98.87
CA TYR J 69 -33.59 -14.39 99.97
C TYR J 69 -35.01 -14.96 99.91
N GLU J 70 -35.53 -15.29 101.10
CA GLU J 70 -36.84 -15.91 101.33
C GLU J 70 -36.74 -17.36 100.92
N GLY J 71 -35.50 -17.83 100.76
CA GLY J 71 -35.27 -19.22 100.40
C GLY J 71 -35.68 -19.62 98.99
N SER J 72 -36.38 -18.71 98.31
CA SER J 72 -36.85 -19.02 96.96
C SER J 72 -36.25 -18.15 95.86
N LYS J 73 -36.15 -16.85 96.10
CA LYS J 73 -35.62 -15.95 95.08
C LYS J 73 -34.09 -15.95 95.14
N THR J 74 -33.49 -16.45 94.05
CA THR J 74 -32.03 -16.61 93.90
C THR J 74 -31.31 -15.43 93.22
N LEU J 75 -30.41 -14.79 93.97
CA LEU J 75 -29.64 -13.66 93.47
C LEU J 75 -28.35 -14.21 92.85
N TYR J 76 -27.82 -15.27 93.44
CA TYR J 76 -26.60 -15.89 92.97
C TYR J 76 -26.76 -17.39 92.96
N SER J 77 -26.16 -18.03 91.96
CA SER J 77 -26.22 -19.48 91.80
C SER J 77 -25.04 -19.80 90.90
N VAL J 78 -23.90 -19.96 91.55
CA VAL J 78 -22.67 -20.22 90.84
C VAL J 78 -21.81 -21.18 91.61
N SER J 79 -20.78 -21.68 90.93
CA SER J 79 -19.81 -22.60 91.54
C SER J 79 -18.53 -21.83 91.90
N GLY J 80 -17.74 -22.38 92.81
CA GLY J 80 -16.50 -21.75 93.22
C GLY J 80 -15.57 -21.60 92.04
N THR J 81 -15.69 -22.54 91.12
CA THR J 81 -14.90 -22.53 89.90
C THR J 81 -15.47 -21.42 89.01
N GLY J 82 -16.78 -21.25 89.06
CA GLY J 82 -17.41 -20.21 88.26
C GLY J 82 -17.12 -18.83 88.81
N LEU J 83 -17.78 -18.49 89.92
CA LEU J 83 -17.57 -17.18 90.52
C LEU J 83 -16.08 -16.91 90.69
N GLY J 84 -15.32 -17.98 90.93
CA GLY J 84 -13.87 -17.86 91.12
C GLY J 84 -13.17 -17.26 89.92
N ILE J 85 -13.51 -17.74 88.72
CA ILE J 85 -12.90 -17.22 87.52
C ILE J 85 -13.43 -15.83 87.17
N LEU J 86 -14.70 -15.57 87.45
CA LEU J 86 -15.26 -14.24 87.18
C LEU J 86 -14.52 -13.26 88.07
N MET J 87 -14.13 -13.74 89.26
CA MET J 87 -13.36 -12.98 90.24
C MET J 87 -11.94 -12.78 89.70
N TYR J 88 -11.43 -13.81 89.02
CA TYR J 88 -10.10 -13.77 88.43
C TYR J 88 -9.95 -12.69 87.36
N TYR J 89 -11.03 -12.40 86.64
CA TYR J 89 -10.97 -11.38 85.60
C TYR J 89 -11.31 -9.97 86.08
N THR J 90 -12.48 -9.80 86.67
CA THR J 90 -12.90 -8.48 87.13
C THR J 90 -11.96 -7.75 88.10
N THR J 91 -10.85 -8.38 88.50
CA THR J 91 -9.88 -7.72 89.39
C THR J 91 -8.46 -7.80 88.84
N LYS J 92 -8.33 -7.97 87.53
CA LYS J 92 -7.01 -8.06 86.91
C LYS J 92 -6.18 -9.21 87.46
N GLY J 93 -6.84 -10.31 87.79
CA GLY J 93 -6.16 -11.48 88.32
C GLY J 93 -5.46 -11.21 89.63
N GLN J 94 -5.89 -10.16 90.30
CA GLN J 94 -5.35 -9.73 91.57
C GLN J 94 -6.15 -10.22 92.75
N ASN J 95 -7.23 -10.94 92.45
CA ASN J 95 -8.11 -11.50 93.45
C ASN J 95 -7.34 -12.54 94.30
N PRO J 96 -7.46 -12.48 95.65
CA PRO J 96 -6.76 -13.45 96.50
C PRO J 96 -7.01 -14.90 96.08
N ALA J 97 -5.95 -15.64 95.80
CA ALA J 97 -6.09 -17.05 95.40
C ALA J 97 -4.87 -17.90 95.76
N TYR J 98 -4.70 -18.20 97.05
CA TYR J 98 -3.58 -19.02 97.51
C TYR J 98 -4.05 -20.33 98.08
N PRO J 99 -3.27 -21.39 97.88
CA PRO J 99 -2.01 -21.25 97.13
C PRO J 99 -2.34 -21.40 95.65
N ALA J 100 -1.36 -21.14 94.79
CA ALA J 100 -1.59 -21.26 93.35
C ALA J 100 -1.77 -22.74 92.97
N PRO J 101 -2.34 -22.99 91.77
CA PRO J 101 -2.53 -24.37 91.34
C PRO J 101 -1.15 -25.02 91.14
N GLY J 102 -1.00 -26.28 91.55
CA GLY J 102 0.28 -26.95 91.40
C GLY J 102 1.32 -26.67 92.48
N THR J 103 0.94 -25.94 93.53
CA THR J 103 1.86 -25.61 94.63
C THR J 103 2.11 -26.82 95.53
N SER J 104 3.35 -26.94 96.00
CA SER J 104 3.71 -28.06 96.85
C SER J 104 3.60 -27.74 98.35
N VAL J 105 2.95 -28.66 99.07
CA VAL J 105 2.77 -28.57 100.52
C VAL J 105 3.96 -29.34 101.09
N PRO J 106 4.96 -28.63 101.69
CA PRO J 106 6.13 -29.32 102.24
C PRO J 106 5.72 -30.59 102.97
N ALA J 107 6.44 -31.68 102.68
CA ALA J 107 6.19 -33.00 103.26
C ALA J 107 6.16 -32.94 104.81
N SER J 108 4.95 -33.17 105.38
CA SER J 108 4.67 -33.14 106.84
C SER J 108 4.71 -31.69 107.41
N GLY J 109 4.48 -30.73 106.51
CA GLY J 109 4.45 -29.32 106.81
C GLY J 109 3.22 -28.80 106.08
N SER J 110 3.08 -27.49 105.90
CA SER J 110 1.90 -26.94 105.20
C SER J 110 2.07 -25.61 104.43
N VAL J 111 1.02 -25.21 103.72
CA VAL J 111 1.00 -23.98 102.93
C VAL J 111 -0.11 -23.06 103.44
N ASN J 112 -0.28 -21.93 102.76
CA ASN J 112 -1.31 -20.99 103.15
C ASN J 112 -2.51 -20.93 102.25
N LEU J 113 -3.69 -21.02 102.86
CA LEU J 113 -4.94 -20.99 102.11
C LEU J 113 -5.63 -19.65 102.32
N ASN J 114 -5.99 -19.04 101.20
CA ASN J 114 -6.69 -17.77 101.18
C ASN J 114 -7.26 -17.54 99.80
N VAL J 115 -8.57 -17.70 99.68
CA VAL J 115 -9.28 -17.47 98.42
C VAL J 115 -10.43 -16.52 98.69
N MET J 116 -10.83 -15.76 97.68
CA MET J 116 -11.95 -14.90 97.90
C MET J 116 -12.97 -14.86 96.78
N TRP J 117 -14.21 -14.57 97.16
CA TRP J 117 -15.32 -14.44 96.22
C TRP J 117 -16.02 -13.15 96.60
N GLU J 118 -16.81 -12.59 95.69
CA GLU J 118 -17.52 -11.37 96.01
C GLU J 118 -18.79 -11.29 95.21
N PHE J 119 -19.90 -11.23 95.92
CA PHE J 119 -21.20 -11.15 95.29
C PHE J 119 -21.68 -9.71 95.40
N ASP J 120 -21.81 -9.07 94.25
CA ASP J 120 -22.26 -7.68 94.18
C ASP J 120 -23.76 -7.61 94.05
N LEU J 121 -24.41 -7.07 95.07
CA LEU J 121 -25.85 -6.96 95.03
C LEU J 121 -26.34 -5.55 94.70
N ALA J 122 -25.56 -4.76 93.96
CA ALA J 122 -25.95 -3.37 93.63
C ALA J 122 -26.16 -2.72 95.00
N ARG J 123 -27.40 -2.34 95.30
CA ARG J 123 -27.73 -1.80 96.62
C ARG J 123 -29.03 -2.46 97.09
N PHE J 124 -28.93 -3.79 97.27
CA PHE J 124 -30.04 -4.66 97.68
C PHE J 124 -30.81 -4.29 98.95
N PRO J 125 -32.15 -4.16 98.86
CA PRO J 125 -33.02 -3.80 99.99
C PRO J 125 -33.19 -4.95 100.97
N ALA J 126 -32.11 -5.30 101.64
CA ALA J 126 -32.04 -6.40 102.63
C ALA J 126 -32.95 -6.27 103.85
N THR J 127 -33.31 -5.04 104.16
CA THR J 127 -34.16 -4.75 105.29
C THR J 127 -35.63 -4.95 104.90
N MET J 128 -35.88 -5.00 103.59
CA MET J 128 -37.24 -5.17 103.07
C MET J 128 -37.56 -6.61 102.64
N VAL J 129 -36.58 -7.48 102.70
CA VAL J 129 -36.80 -8.87 102.36
C VAL J 129 -36.54 -9.73 103.57
N GLN J 130 -36.63 -11.03 103.36
CA GLN J 130 -36.47 -12.04 104.41
C GLN J 130 -35.32 -13.01 104.23
N ASN J 131 -34.61 -13.31 105.32
CA ASN J 131 -33.57 -14.32 105.27
C ASN J 131 -32.56 -14.29 104.14
N ILE J 132 -31.61 -13.37 104.16
CA ILE J 132 -30.66 -13.44 103.08
C ILE J 132 -29.67 -14.50 103.49
N ILE J 133 -29.78 -15.67 102.85
CA ILE J 133 -28.96 -16.84 103.15
C ILE J 133 -28.00 -17.23 102.02
N LEU J 134 -26.71 -17.09 102.28
CA LEU J 134 -25.68 -17.43 101.33
C LEU J 134 -25.19 -18.86 101.61
N SER J 135 -25.80 -19.86 100.96
CA SER J 135 -25.39 -21.25 101.17
C SER J 135 -24.23 -21.72 100.32
N ILE J 136 -23.16 -22.08 101.01
CA ILE J 136 -21.93 -22.54 100.41
C ILE J 136 -21.81 -24.07 100.52
N LEU J 137 -21.84 -24.76 99.39
CA LEU J 137 -21.69 -26.20 99.39
C LEU J 137 -20.26 -26.51 99.02
N THR J 138 -19.40 -26.62 100.04
CA THR J 138 -17.98 -26.91 99.85
C THR J 138 -17.81 -28.18 99.00
N GLY J 139 -16.69 -28.24 98.28
CA GLY J 139 -16.40 -29.37 97.40
C GLY J 139 -15.56 -30.46 98.04
N GLN J 140 -14.48 -30.84 97.38
CA GLN J 140 -13.64 -31.87 97.93
C GLN J 140 -12.24 -31.40 98.38
N ALA J 141 -11.79 -31.93 99.54
CA ALA J 141 -10.46 -31.60 100.08
C ALA J 141 -9.44 -32.24 99.14
N PRO J 142 -8.42 -31.46 98.67
CA PRO J 142 -7.42 -32.03 97.77
C PRO J 142 -6.87 -33.36 98.28
N SER J 143 -6.45 -34.21 97.35
CA SER J 143 -5.93 -35.54 97.68
C SER J 143 -4.51 -35.51 98.33
N GLY J 144 -4.43 -36.04 99.56
CA GLY J 144 -3.18 -36.08 100.33
C GLY J 144 -3.02 -34.94 101.35
N VAL J 145 -3.74 -33.84 101.12
CA VAL J 145 -3.68 -32.66 101.99
C VAL J 145 -5.07 -32.40 102.57
N SER J 146 -5.08 -31.65 103.67
CA SER J 146 -6.33 -31.31 104.37
C SER J 146 -6.54 -29.80 104.49
N ILE J 147 -7.71 -29.37 104.03
CA ILE J 147 -8.07 -27.96 104.06
C ILE J 147 -8.46 -27.57 105.49
N ASN J 148 -7.65 -26.69 106.06
CA ASN J 148 -7.87 -26.24 107.42
C ASN J 148 -8.26 -24.77 107.52
N ALA J 149 -9.32 -24.39 106.83
CA ALA J 149 -9.74 -23.00 106.84
C ALA J 149 -11.16 -22.81 107.31
N SER J 150 -11.58 -21.54 107.34
CA SER J 150 -12.93 -21.12 107.73
C SER J 150 -13.35 -20.04 106.76
N PHE J 151 -14.62 -19.64 106.82
CA PHE J 151 -15.12 -18.58 105.94
C PHE J 151 -15.33 -17.26 106.70
N TYR J 152 -15.03 -16.15 106.02
CA TYR J 152 -15.18 -14.82 106.61
C TYR J 152 -16.10 -14.02 105.76
N ILE J 153 -17.27 -13.73 106.31
CA ILE J 153 -18.27 -12.96 105.60
C ILE J 153 -18.16 -11.47 105.88
N THR J 154 -17.76 -10.74 104.83
CA THR J 154 -17.57 -9.29 104.88
C THR J 154 -18.71 -8.66 104.09
N ILE J 155 -19.60 -7.99 104.81
CA ILE J 155 -20.75 -7.35 104.20
C ILE J 155 -20.64 -5.85 104.27
N THR J 156 -21.03 -5.22 103.17
CA THR J 156 -21.02 -3.78 103.03
C THR J 156 -22.42 -3.22 103.00
N TYR J 157 -22.87 -2.58 104.08
CA TYR J 157 -24.20 -2.00 104.06
C TYR J 157 -24.16 -0.54 103.61
N GLU J 158 -25.29 -0.04 103.11
CA GLU J 158 -25.38 1.35 102.68
C GLU J 158 -26.59 1.79 103.47
N ARG J 159 -26.39 2.79 104.30
CA ARG J 159 -27.42 3.28 105.16
C ARG J 159 -28.46 4.11 104.40
N VAL J 160 -29.28 3.42 103.62
CA VAL J 160 -30.34 4.06 102.86
C VAL J 160 -31.43 4.45 103.83
N THR J 161 -31.96 5.66 103.70
CA THR J 161 -33.03 6.14 104.58
C THR J 161 -34.37 6.25 103.90
N ALA J 162 -35.43 6.30 104.71
CA ALA J 162 -36.80 6.41 104.20
C ALA J 162 -36.87 7.60 103.26
N GLN J 163 -36.28 8.71 103.68
CA GLN J 163 -36.25 9.93 102.89
C GLN J 163 -35.69 9.59 101.50
N GLU J 164 -34.43 9.14 101.52
CA GLU J 164 -33.69 8.77 100.31
C GLU J 164 -34.43 7.75 99.41
N ILE J 165 -35.09 6.74 100.00
CA ILE J 165 -35.83 5.78 99.19
C ILE J 165 -36.88 6.52 98.33
N LEU J 166 -37.53 7.53 98.92
CA LEU J 166 -38.52 8.38 98.24
C LEU J 166 -37.89 9.21 97.14
N SER J 167 -36.69 9.72 97.42
CA SER J 167 -35.94 10.56 96.49
C SER J 167 -35.50 9.79 95.23
N GLU J 168 -35.91 8.52 95.14
CA GLU J 168 -35.55 7.67 94.01
C GLU J 168 -36.76 6.98 93.41
N GLY J 169 -37.93 7.51 93.73
CA GLY J 169 -39.14 6.93 93.20
C GLY J 169 -39.91 6.12 94.22
N GLY J 170 -39.74 6.45 95.50
CA GLY J 170 -40.45 5.73 96.55
C GLY J 170 -40.28 4.22 96.45
N LEU J 171 -41.41 3.50 96.55
CA LEU J 171 -41.43 2.04 96.47
C LEU J 171 -41.90 1.48 95.14
N GLY J 172 -41.87 0.16 95.03
CA GLY J 172 -42.35 -0.47 93.81
C GLY J 172 -43.86 -0.33 93.77
N ALA J 173 -44.50 -1.01 92.80
CA ALA J 173 -45.96 -0.98 92.62
C ALA J 173 -46.64 -1.64 93.82
N ASP J 174 -46.06 -2.78 94.19
CA ASP J 174 -46.48 -3.63 95.29
C ASP J 174 -45.73 -3.26 96.58
N GLY J 175 -44.85 -2.26 96.47
CA GLY J 175 -44.10 -1.77 97.61
C GLY J 175 -43.37 -2.83 98.42
N GLU J 176 -42.45 -3.55 97.79
CA GLU J 176 -41.70 -4.55 98.53
C GLU J 176 -40.21 -4.24 98.48
N MET J 177 -39.87 -3.30 97.61
CA MET J 177 -38.52 -2.82 97.43
C MET J 177 -38.70 -1.48 96.76
N PRO J 178 -37.66 -0.63 96.78
CA PRO J 178 -37.82 0.67 96.14
C PRO J 178 -38.05 0.50 94.64
N LEU J 179 -38.77 1.43 94.03
CA LEU J 179 -39.04 1.35 92.60
C LEU J 179 -37.71 1.15 91.84
N ALA J 180 -36.68 1.86 92.30
CA ALA J 180 -35.35 1.82 91.68
C ALA J 180 -34.44 0.67 92.14
N THR J 181 -35.02 -0.51 92.32
CA THR J 181 -34.26 -1.68 92.75
C THR J 181 -33.62 -2.39 91.56
N VAL J 182 -32.40 -2.89 91.80
CA VAL J 182 -31.64 -3.59 90.79
C VAL J 182 -31.12 -4.90 91.40
N LEU J 183 -31.93 -5.94 91.32
CA LEU J 183 -31.54 -7.24 91.86
C LEU J 183 -30.57 -7.92 90.92
N PRO J 184 -29.38 -8.25 91.41
CA PRO J 184 -28.36 -8.90 90.60
C PRO J 184 -28.79 -10.32 90.32
N LYS J 185 -28.51 -10.83 89.12
CA LYS J 185 -28.90 -12.19 88.78
C LYS J 185 -27.75 -12.99 88.20
N VAL J 186 -26.75 -13.26 89.02
CA VAL J 186 -25.60 -14.05 88.60
C VAL J 186 -25.87 -15.56 88.73
N ILE J 187 -26.38 -16.13 87.65
CA ILE J 187 -26.70 -17.55 87.56
C ILE J 187 -25.67 -18.18 86.64
N GLU J 188 -25.56 -19.50 86.66
CA GLU J 188 -24.60 -20.18 85.80
C GLU J 188 -25.24 -21.41 85.22
N ILE J 189 -25.39 -21.44 83.90
CA ILE J 189 -26.05 -22.55 83.27
C ILE J 189 -25.11 -23.49 82.53
N PRO J 190 -24.94 -24.70 83.07
CA PRO J 190 -24.06 -25.69 82.46
C PRO J 190 -24.78 -26.43 81.35
N THR J 191 -24.06 -26.69 80.26
CA THR J 191 -24.57 -27.43 79.09
C THR J 191 -23.65 -28.64 78.97
N PHE J 192 -24.20 -29.79 78.64
CA PHE J 192 -23.36 -30.95 78.58
C PHE J 192 -23.18 -31.60 77.23
N ASN J 193 -21.95 -32.02 76.98
CA ASN J 193 -21.57 -32.71 75.75
C ASN J 193 -21.82 -32.00 74.42
N VAL J 194 -21.55 -30.70 74.37
CA VAL J 194 -21.72 -29.94 73.12
C VAL J 194 -20.72 -30.61 72.17
N PRO J 195 -21.19 -31.07 71.00
CA PRO J 195 -20.30 -31.74 70.05
C PRO J 195 -19.08 -31.00 69.48
N ALA J 196 -18.06 -31.80 69.15
CA ALA J 196 -16.80 -31.33 68.58
C ALA J 196 -17.01 -30.81 67.14
N SER J 197 -16.55 -29.59 66.86
CA SER J 197 -16.73 -29.01 65.53
C SER J 197 -15.71 -27.89 65.19
N SER J 198 -15.63 -27.51 63.91
CA SER J 198 -14.75 -26.43 63.45
C SER J 198 -15.57 -25.12 63.30
N ALA J 199 -16.85 -25.29 62.95
CA ALA J 199 -17.79 -24.19 62.79
C ALA J 199 -18.56 -24.13 64.11
N PRO J 200 -18.67 -22.94 64.72
CA PRO J 200 -19.40 -22.85 65.99
C PRO J 200 -20.80 -23.42 65.89
N ILE J 201 -21.09 -24.47 66.66
CA ILE J 201 -22.42 -25.08 66.67
C ILE J 201 -23.16 -24.52 67.88
N HIS J 202 -24.48 -24.46 67.80
CA HIS J 202 -25.28 -23.93 68.89
C HIS J 202 -24.99 -24.59 70.23
N VAL J 203 -24.69 -23.79 71.26
CA VAL J 203 -24.40 -24.32 72.59
C VAL J 203 -25.60 -24.08 73.50
N ALA J 204 -26.12 -22.87 73.49
CA ALA J 204 -27.28 -22.54 74.32
C ALA J 204 -27.76 -21.12 74.12
N TYR J 205 -29.06 -20.92 74.34
CA TYR J 205 -29.67 -19.59 74.22
C TYR J 205 -29.67 -18.86 75.57
N LEU J 206 -29.74 -17.54 75.53
CA LEU J 206 -29.83 -16.78 76.75
C LEU J 206 -31.36 -16.71 76.91
N GLN J 207 -31.92 -17.04 78.08
CA GLN J 207 -33.39 -16.95 78.21
C GLN J 207 -33.69 -15.54 78.65
N PRO J 208 -34.78 -15.01 78.15
CA PRO J 208 -35.16 -13.66 78.50
C PRO J 208 -35.53 -13.49 79.97
N GLY J 209 -35.90 -12.25 80.32
CA GLY J 209 -36.29 -11.93 81.67
C GLY J 209 -35.18 -11.31 82.47
N GLN J 210 -34.24 -10.64 81.80
CA GLN J 210 -33.13 -10.02 82.53
C GLN J 210 -32.19 -9.31 81.58
N ILE J 211 -31.37 -8.39 82.12
CA ILE J 211 -30.39 -7.64 81.30
C ILE J 211 -28.97 -8.18 81.54
N TYR J 212 -28.36 -8.75 80.50
CA TYR J 212 -27.01 -9.31 80.60
C TYR J 212 -25.88 -8.26 80.49
N LYS J 213 -24.90 -8.32 81.39
CA LYS J 213 -23.78 -7.38 81.38
C LYS J 213 -22.52 -7.94 80.73
N ARG J 214 -22.16 -9.16 81.13
CA ARG J 214 -20.99 -9.85 80.61
C ARG J 214 -21.21 -11.31 80.93
N GLN J 215 -20.70 -12.19 80.08
CA GLN J 215 -20.86 -13.62 80.25
C GLN J 215 -19.52 -14.36 80.29
N LEU J 216 -19.35 -15.20 81.31
CA LEU J 216 -18.12 -15.97 81.50
C LEU J 216 -18.29 -17.40 81.04
N VAL J 217 -17.73 -17.67 79.87
CA VAL J 217 -17.82 -19.00 79.28
C VAL J 217 -16.48 -19.73 79.39
N TYR J 218 -16.54 -20.97 79.89
CA TYR J 218 -15.35 -21.80 80.00
C TYR J 218 -15.73 -23.26 79.86
N VAL J 219 -14.95 -23.98 79.06
CA VAL J 219 -15.19 -25.38 78.76
C VAL J 219 -14.42 -26.28 79.70
N ILE J 220 -14.93 -27.51 79.87
CA ILE J 220 -14.31 -28.46 80.77
C ILE J 220 -14.05 -29.84 80.15
N ASN J 221 -12.79 -30.09 79.84
CA ASN J 221 -12.35 -31.36 79.29
C ASN J 221 -12.31 -32.36 80.44
N SER J 222 -12.64 -33.60 80.15
CA SER J 222 -12.61 -34.64 81.16
C SER J 222 -11.15 -35.01 81.52
N THR J 223 -10.22 -34.81 80.57
CA THR J 223 -8.80 -35.13 80.76
C THR J 223 -7.99 -34.00 81.43
N SER J 224 -7.94 -32.85 80.76
CA SER J 224 -7.21 -31.67 81.27
C SER J 224 -8.05 -30.74 82.17
N GLY J 225 -9.32 -31.12 82.40
CA GLY J 225 -10.20 -30.31 83.23
C GLY J 225 -10.49 -28.96 82.59
N ILE J 226 -10.09 -27.88 83.27
CA ILE J 226 -10.30 -26.56 82.72
C ILE J 226 -9.04 -26.04 81.98
N ASN J 227 -8.02 -26.89 81.91
CA ASN J 227 -6.75 -26.54 81.26
C ASN J 227 -6.61 -27.18 79.87
N ASN J 228 -7.58 -26.94 79.01
CA ASN J 228 -7.53 -27.49 77.66
C ASN J 228 -7.54 -26.28 76.75
N THR J 229 -7.63 -26.51 75.45
CA THR J 229 -7.65 -25.40 74.49
C THR J 229 -8.68 -25.69 73.40
N ASP J 230 -9.78 -26.32 73.82
CA ASP J 230 -10.84 -26.74 72.92
C ASP J 230 -11.63 -25.57 72.41
N PRO J 231 -12.08 -24.70 73.31
CA PRO J 231 -12.83 -23.58 72.74
C PRO J 231 -11.92 -22.85 71.71
N THR J 232 -12.31 -22.82 70.43
CA THR J 232 -11.52 -22.14 69.39
C THR J 232 -12.27 -21.00 68.73
N GLU J 233 -13.58 -21.17 68.62
CA GLU J 233 -14.41 -20.18 67.97
C GLU J 233 -15.70 -19.87 68.72
N TYR J 234 -15.76 -18.66 69.27
CA TYR J 234 -16.93 -18.19 70.01
C TYR J 234 -17.85 -17.41 69.06
N GLU J 235 -19.14 -17.38 69.37
CA GLU J 235 -20.06 -16.71 68.45
C GLU J 235 -21.42 -16.32 69.03
N LEU J 236 -21.74 -15.03 69.01
CA LEU J 236 -23.02 -14.55 69.52
C LEU J 236 -24.00 -14.29 68.37
N LYS J 237 -24.95 -15.21 68.18
CA LYS J 237 -25.94 -15.09 67.11
C LYS J 237 -27.32 -14.64 67.58
N ILE J 238 -27.81 -13.56 66.98
CA ILE J 238 -29.17 -13.09 67.25
C ILE J 238 -30.00 -13.95 66.26
N VAL J 239 -30.68 -14.99 66.78
CA VAL J 239 -31.44 -15.94 65.95
C VAL J 239 -32.78 -15.44 65.39
N ARG J 240 -33.53 -14.67 66.19
CA ARG J 240 -34.83 -14.13 65.74
C ARG J 240 -34.53 -13.19 64.58
N GLY J 241 -35.39 -13.22 63.56
CA GLY J 241 -35.21 -12.39 62.38
C GLY J 241 -34.07 -12.83 61.47
N VAL J 242 -33.46 -11.85 60.82
CA VAL J 242 -32.35 -12.12 59.92
C VAL J 242 -31.19 -12.54 60.79
N PRO J 243 -30.65 -13.75 60.56
CA PRO J 243 -29.52 -14.24 61.36
C PRO J 243 -28.36 -13.25 61.34
N THR J 244 -28.07 -12.64 62.51
CA THR J 244 -26.99 -11.64 62.68
C THR J 244 -26.01 -12.00 63.82
N ASP J 245 -24.74 -11.65 63.60
CA ASP J 245 -23.65 -11.98 64.54
C ASP J 245 -23.04 -10.77 65.27
N LYS J 246 -23.25 -10.68 66.58
CA LYS J 246 -22.66 -9.61 67.39
C LYS J 246 -21.17 -9.94 67.62
N ILE J 247 -20.84 -11.24 67.57
CA ILE J 247 -19.47 -11.73 67.78
C ILE J 247 -19.25 -12.94 66.88
N LYS J 248 -18.08 -12.99 66.27
CA LYS J 248 -17.75 -14.09 65.37
C LYS J 248 -16.25 -14.04 65.47
N VAL J 249 -15.79 -13.95 66.71
CA VAL J 249 -14.37 -13.83 67.04
C VAL J 249 -13.75 -15.15 67.47
N SER J 250 -12.52 -15.42 67.02
CA SER J 250 -11.80 -16.67 67.36
C SER J 250 -11.44 -16.72 68.84
N TRP J 251 -11.29 -17.91 69.40
CA TRP J 251 -10.95 -18.04 70.83
C TRP J 251 -9.68 -17.31 71.21
N ALA J 252 -8.62 -17.49 70.43
CA ALA J 252 -7.36 -16.83 70.72
C ALA J 252 -7.66 -15.34 70.97
N ALA J 253 -8.35 -14.73 70.01
CA ALA J 253 -8.76 -13.31 70.03
C ALA J 253 -9.81 -12.89 71.09
N LEU J 254 -10.60 -13.85 71.58
CA LEU J 254 -11.59 -13.50 72.58
C LEU J 254 -10.82 -13.23 73.86
N GLN J 255 -9.76 -14.01 74.06
CA GLN J 255 -8.89 -13.86 75.23
C GLN J 255 -8.02 -12.65 74.98
N ALA J 256 -7.97 -12.25 73.72
CA ALA J 256 -7.23 -11.07 73.32
C ALA J 256 -7.95 -9.88 73.94
N GLU J 257 -9.25 -9.75 73.70
CA GLU J 257 -9.98 -8.63 74.28
C GLU J 257 -9.98 -8.68 75.81
N ASN J 258 -9.60 -9.82 76.38
CA ASN J 258 -9.53 -9.94 77.82
C ASN J 258 -8.18 -9.41 78.32
N GLN J 259 -7.20 -9.38 77.41
CA GLN J 259 -5.89 -8.83 77.74
C GLN J 259 -6.07 -7.34 77.95
N ALA J 260 -6.69 -6.69 76.96
CA ALA J 260 -6.94 -5.24 76.98
C ALA J 260 -8.03 -4.83 77.98
N GLU J 261 -9.09 -5.62 78.04
CA GLU J 261 -10.20 -5.34 78.92
C GLU J 261 -9.80 -5.51 80.39
N TYR J 262 -9.26 -6.67 80.69
CA TYR J 262 -8.89 -6.99 82.03
C TYR J 262 -7.43 -6.86 82.38
N GLN J 263 -6.63 -6.51 81.38
CA GLN J 263 -5.20 -6.33 81.58
C GLN J 263 -4.61 -7.47 82.41
N VAL J 264 -4.94 -8.70 82.02
CA VAL J 264 -4.44 -9.87 82.72
C VAL J 264 -4.43 -11.10 81.83
N ALA J 265 -3.46 -11.99 82.10
CA ALA J 265 -3.30 -13.21 81.31
C ALA J 265 -4.53 -14.09 81.42
N PRO J 266 -4.77 -14.94 80.40
CA PRO J 266 -5.92 -15.85 80.34
C PRO J 266 -5.91 -16.84 81.50
N TYR J 267 -7.08 -17.03 82.13
CA TYR J 267 -7.19 -17.92 83.27
C TYR J 267 -6.75 -19.36 83.02
N SER J 268 -6.80 -19.76 81.75
CA SER J 268 -6.39 -21.06 81.25
C SER J 268 -6.74 -20.93 79.78
N GLY J 269 -6.40 -21.93 78.97
CA GLY J 269 -6.73 -21.83 77.55
C GLY J 269 -8.24 -21.94 77.31
N ALA J 270 -8.94 -22.41 78.34
CA ALA J 270 -10.38 -22.65 78.26
C ALA J 270 -11.35 -21.63 78.89
N SER J 271 -10.94 -20.37 79.05
CA SER J 271 -11.85 -19.40 79.66
C SER J 271 -11.92 -18.06 78.95
N ALA J 272 -13.01 -17.32 79.17
CA ALA J 272 -13.14 -16.01 78.55
C ALA J 272 -14.34 -15.24 79.06
N ILE J 273 -14.42 -13.99 78.65
CA ILE J 273 -15.52 -13.12 79.04
C ILE J 273 -15.98 -12.24 77.88
N ILE J 274 -17.29 -12.11 77.72
CA ILE J 274 -17.86 -11.30 76.64
C ILE J 274 -18.78 -10.22 77.20
N ASP J 275 -18.40 -8.96 77.05
CA ASP J 275 -19.23 -7.86 77.54
C ASP J 275 -20.20 -7.39 76.51
N PHE J 276 -21.48 -7.51 76.83
CA PHE J 276 -22.54 -7.14 75.94
C PHE J 276 -22.66 -5.65 75.60
N ARG J 277 -22.30 -4.79 76.55
CA ARG J 277 -22.31 -3.34 76.37
C ARG J 277 -21.46 -2.82 75.17
N LYS J 278 -20.46 -3.62 74.82
CA LYS J 278 -19.50 -3.37 73.73
C LYS J 278 -19.94 -4.05 72.41
N TYR J 279 -21.02 -4.84 72.48
CA TYR J 279 -21.56 -5.58 71.32
C TYR J 279 -22.99 -5.15 71.06
N PHE J 280 -23.46 -4.31 71.96
CA PHE J 280 -24.77 -3.74 71.88
C PHE J 280 -24.53 -2.33 72.33
N ASN J 281 -25.65 -1.64 72.48
CA ASN J 281 -25.61 -0.28 72.96
C ASN J 281 -26.10 -0.45 74.40
N GLY J 282 -25.20 -0.22 75.36
CA GLY J 282 -25.58 -0.37 76.75
C GLY J 282 -25.68 -1.87 76.92
N ASP J 283 -26.36 -2.31 77.99
CA ASP J 283 -26.52 -3.75 78.25
C ASP J 283 -27.49 -4.53 77.35
N LEU J 284 -27.25 -5.85 77.23
CA LEU J 284 -28.10 -6.72 76.44
C LEU J 284 -29.31 -7.10 77.29
N ASP J 285 -30.43 -6.46 76.97
CA ASP J 285 -31.68 -6.66 77.67
C ASP J 285 -32.63 -7.61 76.92
N LEU J 286 -33.21 -8.58 77.64
CA LEU J 286 -34.14 -9.53 77.04
C LEU J 286 -35.30 -9.63 78.00
N THR J 287 -35.60 -8.54 78.69
CA THR J 287 -36.70 -8.49 79.65
C THR J 287 -37.99 -8.87 78.93
N HIS J 288 -38.13 -8.38 77.69
CA HIS J 288 -39.33 -8.69 76.91
C HIS J 288 -39.10 -9.33 75.55
N ALA J 289 -37.85 -9.53 75.12
CA ALA J 289 -37.60 -10.13 73.79
C ALA J 289 -38.11 -11.56 73.82
N PRO J 290 -38.66 -12.04 72.69
CA PRO J 290 -39.17 -13.41 72.69
C PRO J 290 -37.98 -14.31 72.93
N SER J 291 -38.21 -15.45 73.57
CA SER J 291 -37.13 -16.39 73.89
C SER J 291 -36.46 -17.05 72.69
N ASP J 292 -35.28 -17.61 72.92
CA ASP J 292 -34.50 -18.28 71.86
C ASP J 292 -34.28 -17.24 70.76
N SER J 293 -33.79 -16.07 71.17
CA SER J 293 -33.55 -14.97 70.26
C SER J 293 -32.08 -14.62 70.22
N ILE J 294 -31.32 -15.18 71.15
CA ILE J 294 -29.88 -14.98 71.16
C ILE J 294 -29.26 -16.18 71.79
N GLU J 295 -28.40 -16.84 71.04
CA GLU J 295 -27.70 -18.03 71.49
C GLU J 295 -26.23 -17.74 71.25
N TYR J 296 -25.36 -18.47 71.92
CA TYR J 296 -23.95 -18.24 71.73
C TYR J 296 -23.40 -19.61 71.35
N ASP J 297 -22.50 -19.63 70.36
CA ASP J 297 -21.88 -20.87 69.85
C ASP J 297 -20.39 -21.09 70.17
N LEU J 298 -19.94 -22.32 69.96
CA LEU J 298 -18.55 -22.68 70.20
C LEU J 298 -18.05 -23.79 69.32
N ALA J 299 -16.86 -23.58 68.79
CA ALA J 299 -16.23 -24.58 67.96
C ALA J 299 -15.28 -25.23 68.95
N LEU J 300 -15.58 -26.47 69.35
CA LEU J 300 -14.73 -27.19 70.29
C LEU J 300 -13.79 -28.21 69.63
N GLN J 301 -12.52 -28.25 70.03
CA GLN J 301 -11.57 -29.22 69.45
C GLN J 301 -12.11 -30.63 69.71
N ASN J 302 -12.53 -30.87 70.96
CA ASN J 302 -13.12 -32.16 71.39
C ASN J 302 -14.52 -31.83 71.84
N GLN J 303 -15.26 -32.86 72.24
CA GLN J 303 -16.60 -32.61 72.75
C GLN J 303 -16.57 -32.67 74.28
N ASP J 304 -16.93 -31.56 74.94
CA ASP J 304 -16.91 -31.46 76.42
C ASP J 304 -18.12 -30.71 76.98
N ASN J 305 -17.92 -30.12 78.17
CA ASN J 305 -18.96 -29.37 78.87
C ASN J 305 -18.69 -27.88 78.88
N VAL J 306 -19.70 -27.11 78.49
CA VAL J 306 -19.57 -25.67 78.47
C VAL J 306 -20.35 -25.06 79.63
N TYR J 307 -19.65 -24.33 80.50
CA TYR J 307 -20.30 -23.68 81.62
C TYR J 307 -20.41 -22.20 81.32
N SER J 308 -21.61 -21.67 81.40
CA SER J 308 -21.79 -20.27 81.12
C SER J 308 -22.33 -19.51 82.32
N LEU J 309 -21.49 -18.65 82.86
CA LEU J 309 -21.87 -17.84 84.00
C LEU J 309 -22.23 -16.45 83.46
N TYR J 310 -23.42 -15.95 83.80
CA TYR J 310 -23.84 -14.62 83.35
C TYR J 310 -23.84 -13.62 84.49
N VAL J 311 -23.41 -12.40 84.21
CA VAL J 311 -23.43 -11.36 85.22
C VAL J 311 -24.55 -10.51 84.64
N SER J 312 -25.77 -10.80 85.10
CA SER J 312 -26.96 -10.09 84.66
C SER J 312 -27.68 -9.55 85.87
N TYR J 313 -28.67 -8.70 85.62
CA TYR J 313 -29.46 -8.15 86.69
C TYR J 313 -30.87 -7.88 86.17
N VAL J 314 -31.85 -8.03 87.06
CA VAL J 314 -33.26 -7.84 86.72
C VAL J 314 -33.82 -6.59 87.40
N LEU J 315 -34.86 -6.00 86.81
CA LEU J 315 -35.49 -4.83 87.42
C LEU J 315 -36.88 -5.26 87.90
N PRO J 316 -37.00 -5.54 89.20
CA PRO J 316 -38.28 -5.96 89.77
C PRO J 316 -39.51 -5.10 89.49
N TYR J 317 -39.36 -3.91 88.92
CA TYR J 317 -40.52 -3.07 88.61
C TYR J 317 -40.27 -2.39 87.28
N TYR J 318 -39.56 -3.13 86.44
CA TYR J 318 -39.13 -2.71 85.11
C TYR J 318 -40.17 -1.94 84.27
N ASP J 319 -41.44 -2.12 84.61
CA ASP J 319 -42.54 -1.47 83.90
C ASP J 319 -42.88 -0.09 84.43
N GLN J 320 -42.78 0.08 85.74
CA GLN J 320 -43.05 1.37 86.32
C GLN J 320 -41.94 2.35 86.02
N LEU J 321 -40.74 1.84 85.72
CA LEU J 321 -39.58 2.67 85.39
C LEU J 321 -39.69 3.16 83.94
N ALA J 322 -40.24 2.28 83.11
CA ALA J 322 -40.47 2.53 81.68
C ALA J 322 -41.83 3.26 81.47
N ALA J 323 -42.78 3.04 82.39
CA ALA J 323 -44.12 3.66 82.38
C ALA J 323 -44.19 4.94 83.25
N LEU J 324 -43.02 5.48 83.58
CA LEU J 324 -42.88 6.68 84.39
C LEU J 324 -42.81 7.92 83.48
N PRO J 325 -43.27 9.10 83.98
CA PRO J 325 -43.22 10.36 83.20
C PRO J 325 -41.74 10.71 82.88
N ALA J 326 -41.46 11.20 81.66
CA ALA J 326 -40.06 11.54 81.27
C ALA J 326 -39.39 12.45 82.33
N GLN J 327 -40.25 12.99 83.19
CA GLN J 327 -39.91 13.87 84.31
C GLN J 327 -39.23 13.04 85.41
N VAL J 328 -40.00 12.07 85.89
CA VAL J 328 -39.61 11.14 86.94
C VAL J 328 -38.59 10.11 86.41
N ALA J 329 -38.93 9.49 85.28
CA ALA J 329 -38.10 8.48 84.59
C ALA J 329 -36.63 8.93 84.44
N ALA J 330 -36.41 10.23 84.20
CA ALA J 330 -35.07 10.78 84.07
C ALA J 330 -34.22 10.67 85.38
N ILE J 331 -34.87 10.90 86.53
CA ILE J 331 -34.23 10.84 87.86
C ILE J 331 -34.07 9.38 88.35
N VAL J 332 -35.14 8.59 88.18
CA VAL J 332 -35.18 7.19 88.55
C VAL J 332 -34.20 6.35 87.71
N GLN J 333 -34.08 6.69 86.42
CA GLN J 333 -33.15 6.05 85.48
C GLN J 333 -31.71 6.24 85.94
N GLN J 334 -31.47 7.43 86.47
CA GLN J 334 -30.15 7.79 86.93
C GLN J 334 -29.75 7.00 88.17
N TYR J 335 -30.75 6.45 88.86
CA TYR J 335 -30.55 5.62 90.06
C TYR J 335 -30.34 4.17 89.72
N VAL J 336 -31.14 3.69 88.78
CA VAL J 336 -31.06 2.34 88.29
C VAL J 336 -29.70 2.23 87.59
N ALA J 337 -29.32 3.31 86.90
CA ALA J 337 -28.03 3.38 86.16
C ALA J 337 -26.78 3.25 87.04
N ARG J 338 -26.76 3.97 88.15
CA ARG J 338 -25.63 3.93 89.07
C ARG J 338 -25.59 2.55 89.73
N GLN J 339 -26.77 2.01 89.99
CA GLN J 339 -26.91 0.69 90.60
C GLN J 339 -26.38 -0.43 89.70
N LYS J 340 -26.80 -0.44 88.44
CA LYS J 340 -26.38 -1.46 87.46
C LYS J 340 -24.89 -1.62 87.22
N ARG J 341 -24.15 -0.50 87.26
CA ARG J 341 -22.71 -0.51 87.04
C ARG J 341 -21.96 -0.88 88.33
N ARG J 342 -22.70 -0.86 89.44
CA ARG J 342 -22.18 -1.22 90.75
C ARG J 342 -22.01 -2.75 90.77
N ILE J 343 -22.93 -3.47 90.14
CA ILE J 343 -22.86 -4.93 90.09
C ILE J 343 -21.92 -5.42 88.99
N LYS J 344 -20.61 -5.24 89.17
CA LYS J 344 -19.58 -5.64 88.19
C LYS J 344 -19.22 -7.11 88.28
N ARG J 345 -18.58 -7.47 89.39
CA ARG J 345 -18.13 -8.83 89.67
C ARG J 345 -19.29 -9.69 90.18
N GLY K 2 -22.14 3.97 68.48
CA GLY K 2 -23.27 3.04 68.10
C GLY K 2 -23.14 1.62 68.66
N GLU K 3 -23.38 0.63 67.80
CA GLU K 3 -23.32 -0.76 68.21
C GLU K 3 -21.99 -1.37 67.87
N ILE K 4 -21.07 -1.12 68.80
CA ILE K 4 -19.71 -1.62 68.72
C ILE K 4 -19.94 -3.11 68.51
N TYR K 5 -19.02 -3.76 67.81
CA TYR K 5 -19.10 -5.19 67.63
C TYR K 5 -17.84 -5.70 66.93
N THR K 6 -17.36 -6.85 67.36
CA THR K 6 -16.11 -7.41 66.85
C THR K 6 -16.21 -8.81 66.26
N GLU K 7 -15.33 -9.06 65.30
CA GLU K 7 -15.22 -10.34 64.65
C GLU K 7 -13.87 -10.50 63.96
N THR K 8 -13.46 -11.76 63.83
CA THR K 8 -12.21 -12.12 63.19
C THR K 8 -12.58 -12.32 61.71
N LEU K 9 -11.63 -12.10 60.81
CA LEU K 9 -11.87 -12.30 59.37
C LEU K 9 -11.54 -13.76 59.07
N GLN K 10 -12.33 -14.41 58.21
CA GLN K 10 -12.14 -15.82 57.89
C GLN K 10 -10.72 -16.03 57.42
N GLN K 11 -10.31 -15.13 56.53
CA GLN K 11 -8.99 -15.19 55.96
C GLN K 11 -7.76 -14.79 56.76
N THR K 12 -6.86 -15.76 56.94
CA THR K 12 -5.60 -15.62 57.68
C THR K 12 -4.41 -15.49 56.68
N TYR K 13 -3.19 -15.30 57.21
CA TYR K 13 -1.99 -15.14 56.36
C TYR K 13 -0.80 -15.79 57.02
N ALA K 14 -0.19 -16.75 56.32
CA ALA K 14 0.97 -17.47 56.83
C ALA K 14 2.17 -16.53 56.98
N TRP K 15 2.83 -16.58 58.15
CA TRP K 15 4.00 -15.75 58.38
C TRP K 15 5.12 -16.43 57.64
N THR K 16 5.67 -15.79 56.62
CA THR K 16 6.80 -16.38 55.91
C THR K 16 7.92 -15.35 56.06
N ALA K 17 9.16 -15.82 56.09
CA ALA K 17 10.30 -14.94 56.30
C ALA K 17 10.62 -13.94 55.16
N GLY K 18 10.84 -12.69 55.56
CA GLY K 18 11.18 -11.60 54.65
C GLY K 18 10.15 -11.25 53.56
N THR K 19 8.86 -11.32 53.90
CA THR K 19 7.76 -11.05 52.96
C THR K 19 6.86 -9.86 53.33
N ASN K 20 6.08 -9.39 52.37
CA ASN K 20 5.11 -8.34 52.59
C ASN K 20 3.73 -8.96 52.37
N ILE K 21 2.88 -8.90 53.39
CA ILE K 21 1.54 -9.46 53.27
C ILE K 21 0.52 -8.33 53.38
N PRO K 22 -0.02 -7.84 52.23
CA PRO K 22 -1.01 -6.77 52.28
C PRO K 22 -2.38 -7.34 52.62
N ILE K 23 -3.02 -6.77 53.64
CA ILE K 23 -4.32 -7.25 54.10
C ILE K 23 -5.42 -6.24 53.86
N LYS K 24 -6.55 -6.74 53.34
CA LYS K 24 -7.72 -5.89 53.09
C LYS K 24 -8.56 -5.99 54.36
N ILE K 25 -8.96 -4.85 54.89
CA ILE K 25 -9.78 -4.80 56.10
C ILE K 25 -11.18 -4.42 55.62
N PRO K 26 -12.13 -5.37 55.63
CA PRO K 26 -13.50 -5.09 55.19
C PRO K 26 -14.01 -3.77 55.73
N ARG K 27 -14.75 -3.03 54.91
CA ARG K 27 -15.28 -1.73 55.33
C ARG K 27 -16.78 -1.75 55.60
N ASN K 28 -17.17 -2.49 56.64
CA ASN K 28 -18.56 -2.66 57.05
C ASN K 28 -19.19 -1.49 57.77
N ASN K 29 -18.59 -1.12 58.89
CA ASN K 29 -19.08 0.00 59.69
C ASN K 29 -17.85 0.82 59.97
N PHE K 30 -17.88 1.66 61.00
CA PHE K 30 -16.67 2.41 61.31
C PHE K 30 -15.80 1.39 62.03
N ILE K 31 -14.50 1.56 61.96
CA ILE K 31 -13.61 0.59 62.60
C ILE K 31 -12.97 1.21 63.82
N ARG K 32 -13.14 0.57 64.97
CA ARG K 32 -12.57 1.07 66.22
C ARG K 32 -11.15 0.59 66.55
N LYS K 33 -10.87 -0.69 66.33
CA LYS K 33 -9.53 -1.19 66.61
C LYS K 33 -9.29 -2.49 65.86
N ILE K 34 -8.08 -2.65 65.34
CA ILE K 34 -7.73 -3.84 64.61
C ILE K 34 -6.60 -4.51 65.35
N ARG K 35 -6.85 -5.71 65.86
CA ARG K 35 -5.85 -6.49 66.56
C ARG K 35 -5.25 -7.47 65.57
N VAL K 36 -3.94 -7.70 65.65
CA VAL K 36 -3.31 -8.65 64.76
C VAL K 36 -2.51 -9.58 65.64
N GLN K 37 -2.63 -10.87 65.41
CA GLN K 37 -1.91 -11.83 66.23
C GLN K 37 -1.10 -12.82 65.44
N LEU K 38 0.17 -12.99 65.80
CA LEU K 38 1.00 -13.99 65.15
C LEU K 38 0.81 -15.21 66.06
N ILE K 39 0.06 -16.22 65.58
CA ILE K 39 -0.22 -17.41 66.37
C ILE K 39 0.18 -18.71 65.69
N GLY K 40 1.07 -19.45 66.34
CA GLY K 40 1.54 -20.73 65.84
C GLY K 40 2.55 -21.20 66.86
N SER K 41 3.71 -21.65 66.40
CA SER K 41 4.76 -22.12 67.31
C SER K 41 6.12 -21.92 66.69
N ILE K 42 7.16 -22.11 67.50
CA ILE K 42 8.49 -21.94 66.99
C ILE K 42 9.13 -23.30 67.17
N SER K 43 9.30 -24.00 66.06
CA SER K 43 9.84 -25.35 66.09
C SER K 43 11.32 -25.45 65.90
N ASN K 44 11.92 -26.28 66.74
CA ASN K 44 13.34 -26.54 66.69
C ASN K 44 13.35 -28.00 66.20
N SER K 45 14.00 -28.22 65.06
CA SER K 45 14.11 -29.54 64.47
C SER K 45 15.58 -29.95 64.69
N GLY K 46 16.34 -29.00 65.25
CA GLY K 46 17.75 -29.22 65.55
C GLY K 46 17.92 -30.13 66.76
N THR K 47 19.09 -30.76 66.81
CA THR K 47 19.47 -31.70 67.87
C THR K 47 19.56 -31.14 69.32
N ALA K 48 20.10 -29.91 69.46
CA ALA K 48 20.26 -29.20 70.75
C ALA K 48 19.19 -28.09 70.94
N ALA K 49 18.78 -27.85 72.20
CA ALA K 49 17.76 -26.84 72.53
C ALA K 49 18.19 -25.41 72.16
N VAL K 50 17.46 -24.81 71.22
CA VAL K 50 17.74 -23.46 70.73
C VAL K 50 17.05 -22.36 71.52
N THR K 51 17.85 -21.49 72.14
CA THR K 51 17.31 -20.35 72.90
C THR K 51 16.94 -19.21 71.96
N LEU K 52 15.68 -18.78 72.04
CA LEU K 52 15.14 -17.70 71.23
C LEU K 52 15.78 -16.36 71.53
N PRO K 53 15.93 -15.51 70.51
CA PRO K 53 16.54 -14.18 70.70
C PRO K 53 15.83 -13.39 71.81
N SER K 54 16.55 -12.47 72.45
CA SER K 54 15.96 -11.66 73.52
C SER K 54 15.24 -10.43 72.94
N ALA K 55 14.60 -9.64 73.81
CA ALA K 55 13.88 -8.45 73.38
C ALA K 55 14.70 -7.73 72.28
N PRO K 56 14.02 -7.14 71.29
CA PRO K 56 12.56 -7.05 71.08
C PRO K 56 11.75 -8.30 70.65
N PHE K 57 12.39 -9.45 70.43
CA PHE K 57 11.69 -10.69 70.03
C PHE K 57 10.67 -11.05 71.17
N PRO K 58 9.52 -11.68 70.83
CA PRO K 58 9.01 -12.14 69.53
C PRO K 58 8.52 -11.02 68.61
N TYR K 59 8.27 -9.85 69.18
CA TYR K 59 7.79 -8.68 68.44
C TYR K 59 8.40 -8.36 67.08
N ASN K 60 9.72 -8.41 66.97
CA ASN K 60 10.36 -8.09 65.70
C ASN K 60 10.18 -9.16 64.63
N LEU K 61 9.42 -10.21 64.94
CA LEU K 61 9.17 -11.26 63.94
C LEU K 61 8.40 -10.63 62.79
N VAL K 62 7.73 -9.51 63.07
CA VAL K 62 6.97 -8.75 62.06
C VAL K 62 7.77 -7.47 62.01
N GLN K 63 8.63 -7.37 61.01
CA GLN K 63 9.51 -6.23 60.87
C GLN K 63 8.90 -4.85 60.93
N THR K 64 7.83 -4.64 60.15
CA THR K 64 7.12 -3.36 60.09
C THR K 64 5.63 -3.58 59.75
N PHE K 65 4.79 -2.58 60.07
CA PHE K 65 3.34 -2.61 59.82
C PHE K 65 2.99 -1.39 58.99
N ASN K 66 1.92 -1.47 58.22
CA ASN K 66 1.56 -0.30 57.45
C ASN K 66 0.09 -0.21 57.14
N LEU K 67 -0.65 0.37 58.08
CA LEU K 67 -2.08 0.52 57.96
C LEU K 67 -2.42 1.90 57.45
N SER K 68 -3.08 1.93 56.30
CA SER K 68 -3.51 3.18 55.66
C SER K 68 -4.78 2.96 54.83
N TYR K 69 -5.38 4.05 54.35
CA TYR K 69 -6.60 3.92 53.55
C TYR K 69 -6.49 4.74 52.27
N GLU K 70 -7.03 4.16 51.20
CA GLU K 70 -7.01 4.68 49.81
C GLU K 70 -5.60 4.50 49.27
N GLY K 71 -4.81 3.69 49.99
CA GLY K 71 -3.43 3.46 49.59
C GLY K 71 -2.50 4.64 49.90
N SER K 72 -3.07 5.80 50.24
CA SER K 72 -2.26 6.99 50.46
C SER K 72 -2.13 7.65 51.85
N LYS K 73 -3.26 7.81 52.54
CA LYS K 73 -3.24 8.45 53.83
C LYS K 73 -2.95 7.36 54.85
N THR K 74 -1.80 7.55 55.52
CA THR K 74 -1.22 6.61 56.48
C THR K 74 -1.64 6.76 57.94
N LEU K 75 -2.33 5.73 58.43
CA LEU K 75 -2.82 5.67 59.80
C LEU K 75 -1.74 5.05 60.68
N TYR K 76 -1.00 4.10 60.12
CA TYR K 76 0.08 3.46 60.88
C TYR K 76 1.30 3.17 60.04
N SER K 77 2.45 3.33 60.68
CA SER K 77 3.73 3.10 60.05
C SER K 77 4.66 2.92 61.24
N VAL K 78 4.72 1.70 61.74
CA VAL K 78 5.52 1.38 62.89
C VAL K 78 6.17 0.04 62.64
N SER K 79 7.13 -0.31 63.48
CA SER K 79 7.79 -1.62 63.35
C SER K 79 7.14 -2.54 64.38
N GLY K 80 7.32 -3.84 64.23
CA GLY K 80 6.76 -4.78 65.19
C GLY K 80 7.40 -4.54 66.54
N THR K 81 8.65 -4.12 66.50
CA THR K 81 9.44 -3.81 67.68
C THR K 81 8.97 -2.46 68.23
N GLY K 82 8.53 -1.58 67.34
CA GLY K 82 8.03 -0.30 67.77
C GLY K 82 6.67 -0.49 68.42
N LEU K 83 5.66 -0.81 67.60
CA LEU K 83 4.29 -1.02 68.07
C LEU K 83 4.25 -2.03 69.19
N GLY K 84 5.19 -2.98 69.14
CA GLY K 84 5.29 -4.01 70.18
C GLY K 84 5.61 -3.44 71.55
N ILE K 85 6.55 -2.51 71.61
CA ILE K 85 6.92 -1.89 72.88
C ILE K 85 5.81 -0.94 73.33
N LEU K 86 5.17 -0.28 72.37
CA LEU K 86 4.08 0.63 72.71
C LEU K 86 2.97 -0.19 73.35
N MET K 87 2.77 -1.41 72.83
CA MET K 87 1.77 -2.33 73.34
C MET K 87 2.15 -2.75 74.76
N TYR K 88 3.44 -3.01 74.94
CA TYR K 88 4.00 -3.43 76.23
C TYR K 88 3.80 -2.42 77.36
N TYR K 89 3.73 -1.14 77.03
CA TYR K 89 3.55 -0.10 78.05
C TYR K 89 2.12 0.19 78.38
N THR K 90 1.37 0.57 77.37
CA THR K 90 -0.04 0.91 77.53
C THR K 90 -0.93 -0.21 78.11
N THR K 91 -0.36 -1.38 78.35
CA THR K 91 -1.14 -2.51 78.90
C THR K 91 -0.55 -3.15 80.16
N LYS K 92 0.28 -2.40 80.88
CA LYS K 92 0.92 -2.92 82.09
C LYS K 92 1.78 -4.15 81.76
N GLY K 93 2.30 -4.19 80.52
CA GLY K 93 3.13 -5.30 80.10
C GLY K 93 2.37 -6.61 80.11
N GLN K 94 1.04 -6.51 80.09
CA GLN K 94 0.15 -7.68 80.12
C GLN K 94 -0.18 -8.17 78.72
N ASN K 95 0.38 -7.48 77.74
CA ASN K 95 0.20 -7.79 76.34
C ASN K 95 0.73 -9.16 75.89
N PRO K 96 -0.10 -9.92 75.13
CA PRO K 96 0.29 -11.26 74.65
C PRO K 96 1.63 -11.25 73.91
N ALA K 97 2.61 -11.99 74.44
CA ALA K 97 3.94 -12.06 73.81
C ALA K 97 4.75 -13.34 74.12
N TYR K 98 4.35 -14.48 73.54
CA TYR K 98 5.07 -15.74 73.73
C TYR K 98 5.84 -16.15 72.49
N PRO K 99 7.04 -16.73 72.69
CA PRO K 99 7.52 -16.92 74.06
C PRO K 99 8.25 -15.64 74.51
N ALA K 100 8.57 -15.56 75.80
CA ALA K 100 9.29 -14.40 76.30
C ALA K 100 10.70 -14.43 75.69
N PRO K 101 11.44 -13.30 75.74
CA PRO K 101 12.79 -13.32 75.16
C PRO K 101 13.68 -14.32 75.93
N GLY K 102 14.51 -15.06 75.19
CA GLY K 102 15.41 -16.03 75.82
C GLY K 102 14.83 -17.40 76.20
N THR K 103 13.58 -17.67 75.81
CA THR K 103 12.92 -18.96 76.11
C THR K 103 13.53 -20.06 75.24
N SER K 104 13.68 -21.25 75.81
CA SER K 104 14.29 -22.34 75.07
C SER K 104 13.30 -23.25 74.32
N VAL K 105 13.59 -23.51 73.04
CA VAL K 105 12.79 -24.38 72.19
C VAL K 105 13.44 -25.77 72.34
N PRO K 106 12.76 -26.69 73.05
CA PRO K 106 13.28 -28.05 73.28
C PRO K 106 13.89 -28.61 72.00
N ALA K 107 15.05 -29.25 72.12
CA ALA K 107 15.73 -29.88 70.98
C ALA K 107 14.80 -30.93 70.32
N SER K 108 14.41 -30.68 69.06
CA SER K 108 13.50 -31.58 68.30
C SER K 108 12.02 -31.51 68.81
N GLY K 109 11.70 -30.38 69.45
CA GLY K 109 10.37 -30.08 69.99
C GLY K 109 10.03 -28.63 69.62
N SER K 110 9.02 -28.04 70.26
CA SER K 110 8.64 -26.63 69.98
C SER K 110 8.04 -25.86 71.18
N VAL K 111 7.83 -24.55 70.99
CA VAL K 111 7.24 -23.68 72.01
C VAL K 111 5.99 -23.08 71.40
N ASN K 112 5.37 -22.16 72.13
CA ASN K 112 4.17 -21.51 71.63
C ASN K 112 4.47 -20.11 71.13
N LEU K 113 3.97 -19.80 69.93
CA LEU K 113 4.15 -18.48 69.38
C LEU K 113 2.80 -17.78 69.41
N ASN K 114 2.78 -16.59 69.97
CA ASN K 114 1.58 -15.81 70.07
C ASN K 114 1.88 -14.39 70.50
N VAL K 115 1.78 -13.47 69.55
CA VAL K 115 2.05 -12.07 69.83
C VAL K 115 0.88 -11.21 69.37
N MET K 116 0.72 -10.03 69.96
CA MET K 116 -0.33 -9.17 69.50
C MET K 116 0.06 -7.70 69.33
N TRP K 117 -0.61 -7.06 68.40
CA TRP K 117 -0.41 -5.65 68.13
C TRP K 117 -1.82 -5.10 68.11
N GLU K 118 -1.97 -3.80 68.26
CA GLU K 118 -3.32 -3.22 68.28
C GLU K 118 -3.35 -1.78 67.77
N PHE K 119 -4.07 -1.59 66.68
CA PHE K 119 -4.19 -0.27 66.08
C PHE K 119 -5.53 0.32 66.45
N ASP K 120 -5.50 1.39 67.24
CA ASP K 120 -6.70 2.06 67.69
C ASP K 120 -7.05 3.15 66.69
N LEU K 121 -8.14 2.94 65.97
CA LEU K 121 -8.54 3.93 64.98
C LEU K 121 -9.63 4.88 65.48
N ALA K 122 -9.74 5.06 66.82
CA ALA K 122 -10.77 5.93 67.41
C ALA K 122 -12.09 5.40 66.82
N ARG K 123 -12.74 6.20 66.00
CA ARG K 123 -13.94 5.72 65.32
C ARG K 123 -13.83 6.04 63.84
N PHE K 124 -12.82 5.43 63.20
CA PHE K 124 -12.49 5.60 61.78
C PHE K 124 -13.66 5.35 60.82
N PRO K 125 -14.02 6.36 60.01
CA PRO K 125 -15.12 6.27 59.05
C PRO K 125 -14.75 5.39 57.86
N ALA K 126 -14.54 4.09 58.14
CA ALA K 126 -14.15 3.06 57.15
C ALA K 126 -15.12 2.79 55.99
N THR K 127 -16.38 3.16 56.16
CA THR K 127 -17.39 2.98 55.13
C THR K 127 -17.34 4.19 54.17
N MET K 128 -16.77 5.29 54.67
CA MET K 128 -16.65 6.54 53.93
C MET K 128 -15.32 6.73 53.20
N VAL K 129 -14.39 5.80 53.40
CA VAL K 129 -13.10 5.89 52.73
C VAL K 129 -13.01 4.65 51.85
N GLN K 130 -11.87 4.50 51.18
CA GLN K 130 -11.66 3.38 50.29
C GLN K 130 -10.45 2.53 50.60
N ASN K 131 -10.59 1.21 50.49
CA ASN K 131 -9.43 0.33 50.69
C ASN K 131 -8.62 0.51 51.97
N ILE K 132 -9.06 -0.03 53.10
CA ILE K 132 -8.23 0.09 54.29
C ILE K 132 -7.28 -1.10 54.29
N ILE K 133 -6.00 -0.86 54.04
CA ILE K 133 -5.04 -1.95 53.95
C ILE K 133 -3.94 -2.02 54.99
N LEU K 134 -3.98 -3.05 55.82
CA LEU K 134 -2.97 -3.29 56.85
C LEU K 134 -1.85 -4.15 56.31
N SER K 135 -0.75 -3.52 55.90
CA SER K 135 0.42 -4.24 55.35
C SER K 135 1.46 -4.67 56.37
N ILE K 136 1.62 -5.99 56.49
CA ILE K 136 2.57 -6.59 57.41
C ILE K 136 3.79 -7.08 56.64
N LEU K 137 4.92 -6.43 56.83
CA LEU K 137 6.16 -6.86 56.17
C LEU K 137 6.97 -7.62 57.20
N THR K 138 6.70 -8.92 57.29
CA THR K 138 7.37 -9.80 58.23
C THR K 138 8.87 -9.60 58.18
N GLY K 139 9.53 -9.84 59.32
CA GLY K 139 10.97 -9.68 59.41
C GLY K 139 11.64 -11.00 59.16
N GLN K 140 12.59 -11.35 60.02
CA GLN K 140 13.32 -12.60 59.86
C GLN K 140 13.05 -13.67 60.94
N ALA K 141 13.09 -14.94 60.54
CA ALA K 141 12.88 -16.05 61.46
C ALA K 141 14.08 -16.14 62.44
N PRO K 142 13.81 -16.21 63.76
CA PRO K 142 14.92 -16.29 64.73
C PRO K 142 15.81 -17.45 64.29
N SER K 143 17.08 -17.39 64.66
CA SER K 143 18.02 -18.45 64.27
C SER K 143 17.87 -19.82 64.98
N GLY K 144 17.83 -20.89 64.19
CA GLY K 144 17.72 -22.25 64.71
C GLY K 144 16.29 -22.78 64.74
N VAL K 145 15.34 -21.84 64.67
CA VAL K 145 13.92 -22.17 64.72
C VAL K 145 13.16 -21.70 63.49
N SER K 146 11.96 -22.28 63.32
CA SER K 146 11.04 -21.99 62.20
C SER K 146 9.69 -21.55 62.76
N ILE K 147 9.25 -20.39 62.28
CA ILE K 147 7.99 -19.83 62.72
C ILE K 147 6.81 -20.41 61.92
N ASN K 148 5.90 -21.09 62.60
CA ASN K 148 4.73 -21.72 61.96
C ASN K 148 3.45 -21.07 62.44
N ALA K 149 3.35 -19.77 62.21
CA ALA K 149 2.18 -19.04 62.64
C ALA K 149 1.50 -18.37 61.45
N SER K 150 0.41 -17.68 61.76
CA SER K 150 -0.40 -16.94 60.79
C SER K 150 -0.86 -15.66 61.45
N PHE K 151 -1.51 -14.79 60.69
CA PHE K 151 -2.02 -13.57 61.30
C PHE K 151 -3.52 -13.65 61.41
N TYR K 152 -4.05 -13.13 62.52
CA TYR K 152 -5.49 -13.16 62.73
C TYR K 152 -5.93 -11.74 62.91
N ILE K 153 -6.72 -11.29 61.95
CA ILE K 153 -7.23 -9.94 61.97
C ILE K 153 -8.58 -9.90 62.67
N THR K 154 -8.63 -9.18 63.78
CA THR K 154 -9.83 -9.01 64.60
C THR K 154 -10.21 -7.53 64.50
N ILE K 155 -11.34 -7.26 63.87
CA ILE K 155 -11.78 -5.89 63.67
C ILE K 155 -13.00 -5.49 64.49
N THR K 156 -12.90 -4.31 65.09
CA THR K 156 -13.95 -3.75 65.93
C THR K 156 -14.74 -2.63 65.23
N TYR K 157 -15.93 -2.95 64.73
CA TYR K 157 -16.72 -1.90 64.09
C TYR K 157 -17.71 -1.29 65.11
N GLU K 158 -18.07 -0.04 64.86
CA GLU K 158 -19.00 0.67 65.74
C GLU K 158 -20.04 1.11 64.72
N ARG K 159 -21.28 0.68 64.96
CA ARG K 159 -22.36 1.01 64.03
C ARG K 159 -22.82 2.44 64.18
N VAL K 160 -21.96 3.37 63.73
CA VAL K 160 -22.29 4.79 63.77
C VAL K 160 -23.37 4.89 62.71
N THR K 161 -24.46 5.59 63.02
CA THR K 161 -25.56 5.76 62.06
C THR K 161 -25.59 7.16 61.47
N ALA K 162 -26.23 7.25 60.30
CA ALA K 162 -26.37 8.52 59.60
C ALA K 162 -26.91 9.51 60.65
N GLN K 163 -27.78 9.00 61.51
CA GLN K 163 -28.37 9.79 62.56
C GLN K 163 -27.30 10.48 63.40
N GLU K 164 -26.60 9.66 64.17
CA GLU K 164 -25.54 10.07 65.06
C GLU K 164 -24.48 10.96 64.43
N ILE K 165 -24.06 10.67 63.19
CA ILE K 165 -23.05 11.48 62.50
C ILE K 165 -23.46 12.96 62.46
N LEU K 166 -24.74 13.19 62.17
CA LEU K 166 -25.28 14.56 62.10
C LEU K 166 -25.21 15.24 63.44
N SER K 167 -25.38 14.44 64.50
CA SER K 167 -25.38 14.93 65.87
C SER K 167 -24.02 15.35 66.46
N GLU K 168 -22.95 15.28 65.66
CA GLU K 168 -21.61 15.60 66.18
C GLU K 168 -20.91 16.57 65.26
N GLY K 169 -21.69 17.15 64.36
CA GLY K 169 -21.14 18.08 63.39
C GLY K 169 -21.23 17.61 61.94
N GLY K 170 -22.18 16.73 61.63
CA GLY K 170 -22.37 16.25 60.25
C GLY K 170 -21.11 15.79 59.53
N LEU K 171 -20.93 16.24 58.29
CA LEU K 171 -19.72 15.87 57.56
C LEU K 171 -18.75 17.03 57.44
N GLY K 172 -17.59 16.78 56.84
CA GLY K 172 -16.59 17.83 56.70
C GLY K 172 -16.99 18.89 55.67
N ALA K 173 -16.02 19.73 55.30
CA ALA K 173 -16.23 20.79 54.31
C ALA K 173 -16.54 20.13 52.98
N ASP K 174 -15.72 19.13 52.67
CA ASP K 174 -15.74 18.32 51.44
C ASP K 174 -16.66 17.09 51.58
N GLY K 175 -17.29 16.97 52.75
CA GLY K 175 -18.21 15.87 53.01
C GLY K 175 -17.59 14.53 52.71
N GLU K 176 -16.45 14.25 53.31
CA GLU K 176 -15.81 12.97 53.05
C GLU K 176 -15.72 12.10 54.28
N MET K 177 -15.87 12.71 55.44
CA MET K 177 -15.82 11.99 56.69
C MET K 177 -16.54 12.92 57.63
N PRO K 178 -16.91 12.43 58.81
CA PRO K 178 -17.61 13.32 59.73
C PRO K 178 -16.73 14.52 60.13
N LEU K 179 -17.36 15.67 60.39
CA LEU K 179 -16.63 16.87 60.77
C LEU K 179 -15.74 16.62 61.98
N ALA K 180 -16.25 15.86 62.94
CA ALA K 180 -15.54 15.55 64.17
C ALA K 180 -14.65 14.28 64.12
N THR K 181 -14.00 14.02 63.00
CA THR K 181 -13.15 12.83 62.88
C THR K 181 -11.77 13.02 63.50
N VAL K 182 -11.23 11.94 64.03
CA VAL K 182 -9.92 11.99 64.64
C VAL K 182 -9.08 10.82 64.15
N LEU K 183 -8.45 11.01 62.99
CA LEU K 183 -7.62 9.96 62.39
C LEU K 183 -6.32 9.81 63.16
N PRO K 184 -6.08 8.61 63.70
CA PRO K 184 -4.86 8.33 64.46
C PRO K 184 -3.71 8.28 63.47
N LYS K 185 -2.59 8.92 63.79
CA LYS K 185 -1.42 8.94 62.90
C LYS K 185 -0.15 8.48 63.62
N VAL K 186 -0.13 7.20 63.99
CA VAL K 186 1.00 6.61 64.69
C VAL K 186 2.14 6.27 63.73
N ILE K 187 3.06 7.23 63.61
CA ILE K 187 4.24 7.12 62.76
C ILE K 187 5.45 6.89 63.63
N GLU K 188 6.51 6.38 63.04
CA GLU K 188 7.71 6.13 63.80
C GLU K 188 8.89 6.55 62.99
N ILE K 189 9.62 7.51 63.52
CA ILE K 189 10.77 8.04 62.82
C ILE K 189 12.07 7.66 63.52
N PRO K 190 12.82 6.73 62.93
CA PRO K 190 14.09 6.24 63.45
C PRO K 190 15.26 7.12 63.00
N THR K 191 16.21 7.37 63.91
CA THR K 191 17.41 8.18 63.62
C THR K 191 18.64 7.30 63.77
N PHE K 192 19.63 7.55 62.92
CA PHE K 192 20.83 6.74 62.97
C PHE K 192 22.07 7.53 63.37
N ASN K 193 22.93 6.86 64.14
CA ASN K 193 24.21 7.37 64.63
C ASN K 193 24.18 8.61 65.50
N VAL K 194 23.17 8.76 66.35
CA VAL K 194 23.18 9.94 67.20
C VAL K 194 24.49 9.72 67.98
N PRO K 195 25.45 10.65 67.86
CA PRO K 195 26.73 10.49 68.55
C PRO K 195 26.64 10.38 70.07
N ALA K 196 27.64 9.70 70.63
CA ALA K 196 27.75 9.51 72.08
C ALA K 196 28.08 10.85 72.75
N SER K 197 27.32 11.23 73.79
CA SER K 197 27.52 12.49 74.50
C SER K 197 27.03 12.43 75.95
N SER K 198 27.44 13.43 76.75
CA SER K 198 27.03 13.52 78.14
C SER K 198 25.87 14.53 78.28
N ALA K 199 25.89 15.55 77.43
CA ALA K 199 24.85 16.57 77.41
C ALA K 199 23.93 16.14 76.27
N PRO K 200 22.61 16.07 76.51
CA PRO K 200 21.68 15.66 75.46
C PRO K 200 21.90 16.47 74.18
N ILE K 201 22.27 15.79 73.10
CA ILE K 201 22.53 16.42 71.79
C ILE K 201 21.31 16.32 70.88
N HIS K 202 21.19 17.27 69.95
CA HIS K 202 20.05 17.27 69.07
C HIS K 202 19.86 15.91 68.38
N VAL K 203 18.66 15.32 68.56
CA VAL K 203 18.34 14.02 67.98
C VAL K 203 17.43 14.11 66.77
N ALA K 204 16.31 14.80 66.90
CA ALA K 204 15.37 14.96 65.80
C ALA K 204 14.23 15.86 66.21
N TYR K 205 13.60 16.51 65.25
CA TYR K 205 12.46 17.36 65.55
C TYR K 205 11.16 16.61 65.28
N LEU K 206 10.08 16.99 65.96
CA LEU K 206 8.82 16.35 65.68
C LEU K 206 8.33 17.28 64.58
N GLN K 207 8.02 16.78 63.39
CA GLN K 207 7.55 17.72 62.36
C GLN K 207 6.07 17.93 62.55
N PRO K 208 5.61 19.11 62.17
CA PRO K 208 4.21 19.51 62.29
C PRO K 208 3.20 18.71 61.47
N GLY K 209 1.94 19.14 61.59
CA GLY K 209 0.84 18.49 60.90
C GLY K 209 0.11 17.47 61.76
N GLN K 210 0.10 17.68 63.08
CA GLN K 210 -0.58 16.73 63.98
C GLN K 210 -0.53 17.06 65.48
N ILE K 211 -1.37 16.38 66.24
CA ILE K 211 -1.41 16.57 67.69
C ILE K 211 -0.72 15.36 68.30
N TYR K 212 0.38 15.59 69.01
CA TYR K 212 1.14 14.52 69.67
C TYR K 212 0.57 14.13 71.04
N LYS K 213 0.28 12.85 71.25
CA LYS K 213 -0.25 12.36 72.53
C LYS K 213 0.87 11.94 73.48
N ARG K 214 1.76 11.10 72.99
CA ARG K 214 2.88 10.62 73.79
C ARG K 214 3.93 10.12 72.82
N GLN K 215 5.19 10.16 73.21
CA GLN K 215 6.24 9.69 72.32
C GLN K 215 7.06 8.58 72.98
N LEU K 216 7.21 7.47 72.27
CA LEU K 216 7.95 6.31 72.76
C LEU K 216 9.33 6.26 72.15
N VAL K 217 10.33 6.53 72.98
CA VAL K 217 11.71 6.53 72.53
C VAL K 217 12.48 5.34 73.06
N TYR K 218 13.24 4.70 72.19
CA TYR K 218 14.10 3.60 72.61
C TYR K 218 15.34 3.55 71.72
N VAL K 219 16.50 3.35 72.35
CA VAL K 219 17.75 3.30 71.63
C VAL K 219 18.14 1.86 71.35
N ILE K 220 18.88 1.66 70.26
CA ILE K 220 19.32 0.33 69.86
C ILE K 220 20.83 0.34 69.64
N ASN K 221 21.54 -0.23 70.61
CA ASN K 221 22.98 -0.33 70.52
C ASN K 221 23.25 -1.46 69.51
N SER K 222 24.39 -1.37 68.82
CA SER K 222 24.80 -2.37 67.83
C SER K 222 25.22 -3.73 68.46
N THR K 223 25.70 -3.68 69.71
CA THR K 223 26.15 -4.84 70.47
C THR K 223 24.99 -5.50 71.24
N SER K 224 24.38 -4.72 72.13
CA SER K 224 23.28 -5.16 72.99
C SER K 224 21.85 -5.07 72.43
N GLY K 225 21.72 -4.59 71.19
CA GLY K 225 20.40 -4.47 70.60
C GLY K 225 19.55 -3.46 71.37
N ILE K 226 18.45 -3.94 71.95
CA ILE K 226 17.55 -3.06 72.69
C ILE K 226 17.75 -3.22 74.21
N ASN K 227 18.70 -4.06 74.61
CA ASN K 227 18.98 -4.30 76.02
C ASN K 227 20.26 -3.63 76.45
N ASN K 228 20.37 -2.34 76.22
CA ASN K 228 21.56 -1.62 76.62
C ASN K 228 21.04 -0.61 77.63
N THR K 229 21.87 0.32 78.05
CA THR K 229 21.46 1.32 79.02
C THR K 229 22.08 2.66 78.64
N ASP K 230 22.07 2.94 77.34
CA ASP K 230 22.70 4.15 76.84
C ASP K 230 21.94 5.42 77.04
N PRO K 231 20.66 5.45 76.68
CA PRO K 231 19.93 6.70 76.91
C PRO K 231 20.03 7.09 78.40
N THR K 232 20.70 8.20 78.71
CA THR K 232 20.87 8.66 80.11
C THR K 232 20.13 9.96 80.41
N GLU K 233 20.04 10.81 79.40
CA GLU K 233 19.38 12.09 79.58
C GLU K 233 18.45 12.44 78.41
N TYR K 234 17.15 12.40 78.68
CA TYR K 234 16.16 12.70 77.68
C TYR K 234 15.85 14.19 77.77
N GLU K 235 15.40 14.79 76.67
CA GLU K 235 15.13 16.21 76.75
C GLU K 235 14.25 16.87 75.67
N LEU K 236 13.14 17.48 76.08
CA LEU K 236 12.26 18.17 75.15
C LEU K 236 12.48 19.68 75.19
N LYS K 237 13.12 20.23 74.16
CA LYS K 237 13.39 21.66 74.09
C LYS K 237 12.45 22.30 73.08
N ILE K 238 11.74 23.35 73.50
CA ILE K 238 10.89 24.09 72.56
C ILE K 238 11.91 25.06 71.90
N VAL K 239 12.23 24.85 70.63
CA VAL K 239 13.22 25.69 69.93
C VAL K 239 12.70 27.05 69.44
N ARG K 240 11.55 27.06 68.80
CA ARG K 240 10.96 28.31 68.31
C ARG K 240 10.38 29.07 69.51
N GLY K 241 10.24 30.39 69.41
CA GLY K 241 9.71 31.15 70.54
C GLY K 241 10.78 31.25 71.61
N VAL K 242 10.42 31.50 72.88
CA VAL K 242 11.47 31.57 73.89
C VAL K 242 12.07 30.16 74.01
N PRO K 243 13.41 30.03 74.00
CA PRO K 243 13.91 28.65 74.12
C PRO K 243 13.54 28.16 75.52
N THR K 244 12.99 26.94 75.60
CA THR K 244 12.51 26.35 76.88
C THR K 244 12.72 24.82 76.87
N ASP K 245 12.67 24.25 78.06
CA ASP K 245 12.86 22.83 78.19
C ASP K 245 11.66 22.29 78.91
N LYS K 246 10.80 21.64 78.13
CA LYS K 246 9.60 21.05 78.68
C LYS K 246 10.08 19.82 79.42
N ILE K 247 11.26 19.32 79.08
CA ILE K 247 11.81 18.14 79.75
C ILE K 247 13.33 18.13 79.81
N LYS K 248 13.85 17.78 80.97
CA LYS K 248 15.28 17.70 81.18
C LYS K 248 15.43 16.72 82.33
N VAL K 249 14.78 15.57 82.18
CA VAL K 249 14.79 14.54 83.21
C VAL K 249 15.82 13.45 82.86
N SER K 250 16.48 12.88 83.88
CA SER K 250 17.47 11.84 83.62
C SER K 250 16.75 10.57 83.18
N TRP K 251 17.39 9.78 82.33
CA TRP K 251 16.77 8.55 81.84
C TRP K 251 16.20 7.71 82.97
N ALA K 252 16.98 7.61 84.06
CA ALA K 252 16.54 6.86 85.23
C ALA K 252 15.16 7.36 85.68
N ALA K 253 15.05 8.68 85.85
CA ALA K 253 13.80 9.33 86.27
C ALA K 253 12.65 9.28 85.27
N LEU K 254 12.99 9.18 83.98
CA LEU K 254 11.97 9.13 82.96
C LEU K 254 11.32 7.75 82.97
N GLN K 255 12.14 6.73 83.18
CA GLN K 255 11.63 5.37 83.25
C GLN K 255 10.95 5.29 84.58
N ALA K 256 11.31 6.24 85.44
CA ALA K 256 10.73 6.34 86.75
C ALA K 256 9.27 6.73 86.59
N GLU K 257 8.98 7.79 85.84
CA GLU K 257 7.58 8.19 85.63
C GLU K 257 6.80 7.11 84.89
N ASN K 258 7.50 6.23 84.18
CA ASN K 258 6.81 5.18 83.45
C ASN K 258 6.43 4.07 84.43
N GLN K 259 7.12 4.05 85.57
CA GLN K 259 6.84 3.09 86.60
C GLN K 259 5.48 3.48 87.19
N ALA K 260 5.33 4.76 87.53
CA ALA K 260 4.09 5.32 88.08
C ALA K 260 2.97 5.48 87.04
N GLU K 261 3.35 5.85 85.82
CA GLU K 261 2.41 6.07 84.74
C GLU K 261 1.76 4.79 84.21
N TYR K 262 2.58 3.88 83.74
CA TYR K 262 2.05 2.67 83.15
C TYR K 262 2.07 1.47 84.09
N GLN K 263 2.61 1.70 85.28
CA GLN K 263 2.71 0.68 86.31
C GLN K 263 3.28 -0.63 85.77
N VAL K 264 4.47 -0.55 85.19
CA VAL K 264 5.10 -1.73 84.64
C VAL K 264 6.60 -1.47 84.57
N ALA K 265 7.40 -2.52 84.75
CA ALA K 265 8.86 -2.38 84.71
C ALA K 265 9.26 -1.86 83.34
N PRO K 266 10.38 -1.13 83.24
CA PRO K 266 10.74 -0.64 81.91
C PRO K 266 10.95 -1.81 80.95
N TYR K 267 10.50 -1.62 79.70
CA TYR K 267 10.61 -2.66 78.70
C TYR K 267 12.06 -3.12 78.57
N SER K 268 12.99 -2.24 78.92
CA SER K 268 14.43 -2.51 78.92
C SER K 268 15.13 -1.25 79.43
N GLY K 269 16.45 -1.32 79.60
CA GLY K 269 17.17 -0.15 80.05
C GLY K 269 17.19 0.94 78.99
N ALA K 270 16.84 0.58 77.76
CA ALA K 270 16.85 1.53 76.64
C ALA K 270 15.51 2.02 76.10
N SER K 271 14.47 2.04 76.93
CA SER K 271 13.18 2.49 76.43
C SER K 271 12.47 3.39 77.43
N ALA K 272 11.52 4.19 76.95
CA ALA K 272 10.78 5.08 77.82
C ALA K 272 9.62 5.67 77.04
N ILE K 273 8.77 6.40 77.74
CA ILE K 273 7.63 7.04 77.11
C ILE K 273 7.45 8.42 77.72
N ILE K 274 7.16 9.40 76.89
CA ILE K 274 6.98 10.74 77.38
C ILE K 274 5.60 11.25 77.03
N ASP K 275 4.79 11.54 78.05
CA ASP K 275 3.43 12.04 77.81
C ASP K 275 3.39 13.52 77.68
N PHE K 276 2.96 13.99 76.52
CA PHE K 276 2.86 15.40 76.28
C PHE K 276 1.75 16.08 77.09
N ARG K 277 0.64 15.41 77.34
CA ARG K 277 -0.41 16.05 78.13
C ARG K 277 0.04 16.48 79.53
N LYS K 278 1.15 15.90 79.98
CA LYS K 278 1.70 16.21 81.30
C LYS K 278 2.76 17.31 81.30
N TYR K 279 3.25 17.72 80.13
CA TYR K 279 4.31 18.74 80.03
C TYR K 279 3.90 20.00 79.26
N PHE K 280 2.67 19.99 78.77
CA PHE K 280 2.07 21.12 78.08
C PHE K 280 0.71 21.04 78.71
N ASN K 281 -0.16 21.97 78.36
CA ASN K 281 -1.49 21.86 78.91
C ASN K 281 -2.29 21.17 77.81
N GLY K 282 -2.76 19.97 78.14
CA GLY K 282 -3.50 19.15 77.18
C GLY K 282 -2.45 18.57 76.26
N ASP K 283 -2.88 18.01 75.12
CA ASP K 283 -1.94 17.41 74.15
C ASP K 283 -1.08 18.42 73.37
N LEU K 284 0.13 18.01 73.00
CA LEU K 284 1.06 18.84 72.24
C LEU K 284 0.68 18.86 70.76
N ASP K 285 0.08 19.98 70.36
CA ASP K 285 -0.41 20.21 69.02
C ASP K 285 0.60 20.92 68.10
N LEU K 286 0.81 20.39 66.90
CA LEU K 286 1.71 21.01 65.93
C LEU K 286 1.10 21.00 64.54
N THR K 287 -0.23 21.04 64.47
CA THR K 287 -0.93 21.03 63.19
C THR K 287 -0.45 22.19 62.33
N HIS K 288 -0.32 23.35 62.97
CA HIS K 288 0.07 24.57 62.27
C HIS K 288 1.33 25.26 62.79
N ALA K 289 2.04 24.65 63.74
CA ALA K 289 3.29 25.24 64.24
C ALA K 289 4.35 25.15 63.14
N PRO K 290 5.18 26.20 62.98
CA PRO K 290 6.18 26.06 61.91
C PRO K 290 7.02 24.84 62.24
N SER K 291 7.58 24.18 61.22
CA SER K 291 8.36 22.98 61.48
C SER K 291 9.57 23.30 62.34
N ASP K 292 10.10 22.28 63.03
CA ASP K 292 11.26 22.45 63.90
C ASP K 292 11.07 23.40 65.06
N SER K 293 10.02 23.17 65.85
CA SER K 293 9.79 24.06 66.99
C SER K 293 9.92 23.21 68.23
N ILE K 294 9.99 21.91 68.01
CA ILE K 294 10.16 21.01 69.11
C ILE K 294 10.98 19.86 68.66
N GLU K 295 12.11 19.69 69.33
CA GLU K 295 13.05 18.63 69.07
C GLU K 295 13.22 17.93 70.41
N TYR K 296 13.64 16.69 70.38
CA TYR K 296 13.86 15.97 71.62
C TYR K 296 15.31 15.50 71.48
N ASP K 297 16.10 15.67 72.55
CA ASP K 297 17.52 15.28 72.54
C ASP K 297 17.85 14.04 73.39
N LEU K 298 19.04 13.47 73.16
CA LEU K 298 19.47 12.26 73.88
C LEU K 298 20.96 12.20 74.17
N ALA K 299 21.27 11.85 75.41
CA ALA K 299 22.64 11.72 75.83
C ALA K 299 22.88 10.21 75.87
N LEU K 300 23.64 9.71 74.90
CA LEU K 300 23.95 8.28 74.81
C LEU K 300 25.36 7.88 75.23
N GLN K 301 25.51 6.77 75.97
CA GLN K 301 26.83 6.27 76.40
C GLN K 301 27.73 5.98 75.21
N ASN K 302 27.18 5.23 74.24
CA ASN K 302 27.90 4.86 73.01
C ASN K 302 27.14 5.57 71.93
N GLN K 303 27.55 5.40 70.69
CA GLN K 303 26.83 6.04 69.61
C GLN K 303 25.87 5.02 68.98
N ASP K 304 24.56 5.33 69.00
CA ASP K 304 23.55 4.41 68.48
C ASP K 304 22.44 4.98 67.62
N ASN K 305 21.39 4.17 67.52
CA ASN K 305 20.18 4.46 66.76
C ASN K 305 19.03 4.66 67.69
N VAL K 306 18.38 5.81 67.58
CA VAL K 306 17.23 6.10 68.42
C VAL K 306 15.93 6.02 67.62
N TYR K 307 15.04 5.12 68.03
CA TYR K 307 13.77 4.98 67.33
C TYR K 307 12.74 5.73 68.13
N SER K 308 12.03 6.61 67.44
CA SER K 308 11.03 7.40 68.12
C SER K 308 9.65 7.17 67.51
N LEU K 309 8.82 6.46 68.25
CA LEU K 309 7.46 6.15 67.83
C LEU K 309 6.58 7.20 68.48
N TYR K 310 5.70 7.79 67.68
CA TYR K 310 4.78 8.80 68.20
C TYR K 310 3.34 8.31 68.15
N VAL K 311 2.52 8.70 69.11
CA VAL K 311 1.13 8.32 69.05
C VAL K 311 0.51 9.69 68.89
N SER K 312 0.37 10.12 67.63
CA SER K 312 -0.21 11.43 67.28
C SER K 312 -1.46 11.16 66.48
N TYR K 313 -2.26 12.19 66.27
CA TYR K 313 -3.48 12.03 65.50
C TYR K 313 -3.80 13.32 64.78
N VAL K 314 -4.53 13.20 63.68
CA VAL K 314 -4.89 14.35 62.87
C VAL K 314 -6.38 14.63 62.84
N LEU K 315 -6.76 15.90 62.67
CA LEU K 315 -8.16 16.29 62.58
C LEU K 315 -8.27 16.78 61.14
N PRO K 316 -8.76 15.91 60.25
CA PRO K 316 -8.89 16.25 58.83
C PRO K 316 -9.60 17.55 58.46
N TYR K 317 -10.29 18.16 59.43
CA TYR K 317 -10.99 19.42 59.16
C TYR K 317 -10.70 20.31 60.33
N TYR K 318 -9.49 20.15 60.84
CA TYR K 318 -9.01 20.89 61.97
C TYR K 318 -9.42 22.38 61.96
N ASP K 319 -9.68 22.93 60.77
CA ASP K 319 -10.04 24.34 60.62
C ASP K 319 -11.50 24.65 60.79
N GLN K 320 -12.36 23.78 60.30
CA GLN K 320 -13.78 23.99 60.48
C GLN K 320 -14.12 23.78 61.94
N LEU K 321 -13.26 23.05 62.64
CA LEU K 321 -13.41 22.80 64.06
C LEU K 321 -12.98 24.08 64.78
N ALA K 322 -12.02 24.77 64.17
CA ALA K 322 -11.48 26.04 64.67
C ALA K 322 -12.35 27.24 64.24
N ALA K 323 -13.03 27.11 63.09
CA ALA K 323 -13.93 28.15 62.54
C ALA K 323 -15.41 27.92 62.90
N LEU K 324 -15.63 27.07 63.90
CA LEU K 324 -16.97 26.72 64.38
C LEU K 324 -17.39 27.65 65.54
N PRO K 325 -18.72 27.91 65.67
CA PRO K 325 -19.33 28.76 66.71
C PRO K 325 -19.08 28.23 68.17
N ALA K 326 -18.95 29.12 69.16
CA ALA K 326 -18.78 28.66 70.55
C ALA K 326 -19.98 27.74 70.95
N GLN K 327 -21.07 27.83 70.17
CA GLN K 327 -22.31 27.04 70.33
C GLN K 327 -22.07 25.55 69.89
N VAL K 328 -21.74 25.37 68.60
CA VAL K 328 -21.45 24.06 68.00
C VAL K 328 -20.04 23.55 68.41
N ALA K 329 -19.01 24.42 68.36
CA ALA K 329 -17.63 24.04 68.73
C ALA K 329 -17.58 23.21 69.99
N ALA K 330 -18.45 23.55 70.96
CA ALA K 330 -18.57 22.84 72.24
C ALA K 330 -19.03 21.36 72.19
N ILE K 331 -20.03 21.08 71.33
CA ILE K 331 -20.57 19.71 71.19
C ILE K 331 -19.55 18.91 70.34
N VAL K 332 -19.01 19.57 69.32
CA VAL K 332 -18.01 18.98 68.41
C VAL K 332 -16.72 18.65 69.17
N GLN K 333 -16.27 19.56 70.04
CA GLN K 333 -15.06 19.37 70.84
C GLN K 333 -15.16 18.19 71.76
N GLN K 334 -16.36 17.98 72.25
CA GLN K 334 -16.64 16.89 73.15
C GLN K 334 -16.62 15.54 72.43
N TYR K 335 -16.83 15.55 71.11
CA TYR K 335 -16.79 14.33 70.34
C TYR K 335 -15.36 14.05 69.95
N VAL K 336 -14.65 15.12 69.60
CA VAL K 336 -13.26 15.04 69.24
C VAL K 336 -12.48 14.66 70.50
N ALA K 337 -12.87 15.27 71.62
CA ALA K 337 -12.23 15.00 72.91
C ALA K 337 -12.31 13.53 73.34
N ARG K 338 -13.46 12.89 73.13
CA ARG K 338 -13.65 11.50 73.50
C ARG K 338 -12.87 10.59 72.57
N GLN K 339 -12.90 10.95 71.29
CA GLN K 339 -12.22 10.20 70.24
C GLN K 339 -10.72 10.16 70.47
N LYS K 340 -10.13 11.30 70.86
CA LYS K 340 -8.68 11.39 71.07
C LYS K 340 -8.12 10.42 72.11
N ARG K 341 -8.94 10.05 73.09
CA ARG K 341 -8.55 9.12 74.16
C ARG K 341 -8.69 7.66 73.80
N ARG K 342 -9.63 7.34 72.91
CA ARG K 342 -9.81 5.95 72.54
C ARG K 342 -8.48 5.47 71.95
N ILE K 343 -7.74 6.37 71.29
CA ILE K 343 -6.45 6.02 70.71
C ILE K 343 -5.27 6.09 71.72
N LYS K 344 -5.26 5.15 72.65
CA LYS K 344 -4.23 5.05 73.68
C LYS K 344 -2.99 4.35 73.13
N ARG K 345 -3.22 3.11 72.69
CA ARG K 345 -2.17 2.24 72.14
C ARG K 345 -1.83 2.44 70.66
N GLY L 2 -21.71 11.76 -26.44
CA GLY L 2 -20.67 12.59 -27.13
C GLY L 2 -20.14 11.97 -28.42
N GLU L 3 -18.82 11.97 -28.58
CA GLU L 3 -18.20 11.40 -29.77
C GLU L 3 -17.39 10.15 -29.51
N ILE L 4 -18.05 9.00 -29.46
CA ILE L 4 -17.30 7.79 -29.22
C ILE L 4 -16.28 7.64 -30.38
N TYR L 5 -15.10 7.10 -30.06
CA TYR L 5 -14.05 6.82 -31.05
C TYR L 5 -13.06 5.89 -30.38
N THR L 6 -12.61 4.90 -31.12
CA THR L 6 -11.73 3.87 -30.58
C THR L 6 -10.40 3.77 -31.28
N GLU L 7 -9.39 3.39 -30.50
CA GLU L 7 -8.04 3.23 -31.00
C GLU L 7 -7.30 2.23 -30.12
N THR L 8 -6.26 1.65 -30.70
CA THR L 8 -5.41 0.72 -29.99
C THR L 8 -4.17 1.55 -29.63
N LEU L 9 -3.56 1.30 -28.47
CA LEU L 9 -2.36 2.05 -28.10
C LEU L 9 -1.19 1.37 -28.77
N GLN L 10 -0.26 2.18 -29.26
CA GLN L 10 0.91 1.64 -29.98
C GLN L 10 1.69 0.64 -29.18
N GLN L 11 1.97 1.02 -27.95
CA GLN L 11 2.75 0.21 -27.04
C GLN L 11 2.11 -1.08 -26.54
N THR L 12 2.68 -2.21 -26.92
CA THR L 12 2.17 -3.50 -26.48
C THR L 12 3.00 -3.96 -25.27
N TYR L 13 2.68 -5.11 -24.72
CA TYR L 13 3.38 -5.60 -23.55
C TYR L 13 3.63 -7.08 -23.68
N ALA L 14 4.90 -7.47 -23.63
CA ALA L 14 5.28 -8.88 -23.77
C ALA L 14 4.74 -9.73 -22.61
N TRP L 15 4.10 -10.85 -22.97
CA TRP L 15 3.55 -11.74 -21.96
C TRP L 15 4.68 -12.59 -21.38
N THR L 16 4.96 -12.41 -20.10
CA THR L 16 5.99 -13.18 -19.41
C THR L 16 5.32 -13.90 -18.25
N ALA L 17 5.76 -15.12 -17.96
CA ALA L 17 5.17 -15.91 -16.89
C ALA L 17 5.41 -15.38 -15.47
N GLY L 18 4.33 -15.31 -14.67
CA GLY L 18 4.36 -14.83 -13.31
C GLY L 18 4.84 -13.39 -13.07
N THR L 19 4.52 -12.49 -13.99
CA THR L 19 4.93 -11.08 -13.91
C THR L 19 3.76 -10.09 -13.77
N ASN L 20 4.06 -8.88 -13.30
CA ASN L 20 3.04 -7.86 -13.20
C ASN L 20 3.42 -6.83 -14.24
N ILE L 21 2.55 -6.66 -15.24
CA ILE L 21 2.80 -5.71 -16.31
C ILE L 21 1.80 -4.57 -16.17
N PRO L 22 2.21 -3.43 -15.58
CA PRO L 22 1.28 -2.30 -15.42
C PRO L 22 1.20 -1.45 -16.69
N ILE L 23 -0.03 -1.11 -17.05
CA ILE L 23 -0.33 -0.34 -18.25
C ILE L 23 -0.92 1.03 -17.93
N LYS L 24 -0.44 2.08 -18.58
CA LYS L 24 -1.05 3.39 -18.36
C LYS L 24 -2.06 3.52 -19.49
N ILE L 25 -3.26 3.95 -19.15
CA ILE L 25 -4.34 4.10 -20.12
C ILE L 25 -4.50 5.61 -20.35
N PRO L 26 -4.14 6.13 -21.55
CA PRO L 26 -4.27 7.58 -21.82
C PRO L 26 -5.64 8.13 -21.41
N ARG L 27 -5.63 9.26 -20.72
CA ARG L 27 -6.87 9.88 -20.28
C ARG L 27 -7.19 11.04 -21.22
N ASN L 28 -7.49 10.72 -22.48
CA ASN L 28 -7.79 11.72 -23.52
C ASN L 28 -9.18 12.31 -23.36
N ASN L 29 -10.18 11.43 -23.28
CA ASN L 29 -11.58 11.81 -23.09
C ASN L 29 -12.08 10.85 -22.02
N PHE L 30 -13.38 10.65 -21.94
CA PHE L 30 -13.89 9.69 -20.98
C PHE L 30 -13.64 8.31 -21.60
N ILE L 31 -13.58 7.27 -20.78
CA ILE L 31 -13.32 5.92 -21.30
C ILE L 31 -14.53 5.04 -21.17
N ARG L 32 -14.99 4.51 -22.29
CA ARG L 32 -16.15 3.63 -22.31
C ARG L 32 -15.85 2.12 -22.15
N LYS L 33 -14.84 1.61 -22.82
CA LYS L 33 -14.50 0.20 -22.69
C LYS L 33 -13.06 -0.04 -23.11
N ILE L 34 -12.38 -0.92 -22.37
CA ILE L 34 -10.98 -1.22 -22.63
C ILE L 34 -10.83 -2.69 -23.00
N ARG L 35 -10.39 -2.95 -24.23
CA ARG L 35 -10.18 -4.33 -24.67
C ARG L 35 -8.71 -4.66 -24.53
N VAL L 36 -8.42 -5.89 -24.14
CA VAL L 36 -7.05 -6.33 -23.97
C VAL L 36 -6.97 -7.67 -24.71
N GLN L 37 -5.94 -7.86 -25.53
CA GLN L 37 -5.80 -9.12 -26.27
C GLN L 37 -4.42 -9.76 -26.20
N LEU L 38 -4.36 -11.03 -25.86
CA LEU L 38 -3.07 -11.72 -25.82
C LEU L 38 -2.93 -12.31 -27.24
N ILE L 39 -2.11 -11.70 -28.08
CA ILE L 39 -1.97 -12.16 -29.46
C ILE L 39 -0.55 -12.53 -29.84
N GLY L 40 -0.40 -13.79 -30.26
CA GLY L 40 0.90 -14.34 -30.66
C GLY L 40 0.68 -15.82 -30.94
N SER L 41 1.50 -16.67 -30.34
CA SER L 41 1.36 -18.12 -30.54
C SER L 41 1.82 -18.88 -29.32
N ILE L 42 1.51 -20.17 -29.31
CA ILE L 42 1.94 -21.03 -28.22
C ILE L 42 2.80 -22.03 -28.97
N SER L 43 4.12 -21.91 -28.80
CA SER L 43 5.07 -22.76 -29.50
C SER L 43 5.52 -24.00 -28.71
N ASN L 44 5.58 -25.12 -29.42
CA ASN L 44 6.02 -26.38 -28.84
C ASN L 44 7.34 -26.63 -29.55
N SER L 45 8.41 -26.74 -28.77
CA SER L 45 9.76 -26.97 -29.28
C SER L 45 10.23 -28.41 -28.97
N GLY L 46 9.37 -29.14 -28.25
CA GLY L 46 9.63 -30.53 -27.88
C GLY L 46 9.32 -31.50 -29.01
N THR L 47 9.87 -32.70 -28.89
CA THR L 47 9.72 -33.81 -29.86
C THR L 47 8.26 -34.33 -30.08
N ALA L 48 7.49 -34.42 -28.98
CA ALA L 48 6.09 -34.90 -28.98
C ALA L 48 5.10 -33.71 -28.90
N ALA L 49 4.00 -33.81 -29.66
CA ALA L 49 2.96 -32.75 -29.71
C ALA L 49 2.28 -32.56 -28.34
N VAL L 50 2.51 -31.40 -27.73
CA VAL L 50 1.96 -31.07 -26.41
C VAL L 50 0.55 -30.45 -26.45
N THR L 51 -0.40 -31.19 -25.88
CA THR L 51 -1.79 -30.76 -25.78
C THR L 51 -1.95 -29.79 -24.59
N LEU L 52 -2.43 -28.60 -24.92
CA LEU L 52 -2.61 -27.50 -23.97
C LEU L 52 -3.57 -27.77 -22.80
N PRO L 53 -3.28 -27.14 -21.63
CA PRO L 53 -4.18 -27.37 -20.49
C PRO L 53 -5.63 -26.99 -20.89
N SER L 54 -6.62 -27.63 -20.26
CA SER L 54 -8.05 -27.36 -20.55
C SER L 54 -8.58 -26.17 -19.74
N ALA L 55 -9.85 -25.81 -19.94
CA ALA L 55 -10.44 -24.69 -19.20
C ALA L 55 -9.92 -24.68 -17.75
N PRO L 56 -9.62 -23.48 -17.20
CA PRO L 56 -9.73 -22.15 -17.82
C PRO L 56 -8.74 -21.68 -18.91
N PHE L 57 -7.75 -22.50 -19.30
CA PHE L 57 -6.84 -22.05 -20.37
C PHE L 57 -7.68 -21.87 -21.64
N PRO L 58 -7.32 -20.90 -22.49
CA PRO L 58 -6.21 -19.95 -22.41
C PRO L 58 -6.43 -18.78 -21.46
N TYR L 59 -7.67 -18.55 -21.04
CA TYR L 59 -7.98 -17.46 -20.14
C TYR L 59 -7.03 -17.24 -18.98
N ASN L 60 -6.61 -18.32 -18.32
CA ASN L 60 -5.71 -18.20 -17.16
C ASN L 60 -4.26 -17.80 -17.45
N LEU L 61 -3.92 -17.57 -18.71
CA LEU L 61 -2.55 -17.17 -19.05
C LEU L 61 -2.32 -15.80 -18.41
N VAL L 62 -3.42 -15.13 -18.05
CA VAL L 62 -3.36 -13.85 -17.35
C VAL L 62 -4.04 -14.15 -16.03
N GLN L 63 -3.22 -14.40 -15.02
CA GLN L 63 -3.68 -14.75 -13.69
C GLN L 63 -4.73 -13.81 -13.10
N THR L 64 -4.48 -12.50 -13.16
CA THR L 64 -5.44 -11.52 -12.62
C THR L 64 -5.36 -10.13 -13.31
N PHE L 65 -6.45 -9.37 -13.20
CA PHE L 65 -6.56 -8.04 -13.79
C PHE L 65 -6.88 -7.04 -12.70
N ASN L 66 -6.43 -5.82 -12.88
CA ASN L 66 -6.70 -4.83 -11.88
C ASN L 66 -6.65 -3.40 -12.38
N LEU L 67 -7.81 -2.88 -12.78
CA LEU L 67 -7.92 -1.53 -13.29
C LEU L 67 -8.41 -0.61 -12.20
N SER L 68 -7.59 0.39 -11.87
CA SER L 68 -7.96 1.35 -10.84
C SER L 68 -7.39 2.71 -11.22
N TYR L 69 -7.95 3.76 -10.62
CA TYR L 69 -7.51 5.11 -10.89
C TYR L 69 -7.10 5.73 -9.57
N GLU L 70 -5.96 6.42 -9.60
CA GLU L 70 -5.40 7.06 -8.42
C GLU L 70 -4.72 6.07 -7.48
N GLY L 71 -4.36 4.90 -8.00
CA GLY L 71 -3.66 3.91 -7.20
C GLY L 71 -4.42 3.35 -6.00
N SER L 72 -5.58 3.93 -5.70
CA SER L 72 -6.36 3.48 -4.56
C SER L 72 -7.82 3.12 -4.84
N LYS L 73 -8.36 3.63 -5.94
CA LYS L 73 -9.73 3.33 -6.29
C LYS L 73 -9.82 2.30 -7.41
N THR L 74 -10.30 1.11 -7.06
CA THR L 74 -10.47 0.04 -8.04
C THR L 74 -11.76 -0.14 -8.83
N LEU L 75 -11.62 -0.16 -10.16
CA LEU L 75 -12.78 -0.36 -11.00
C LEU L 75 -12.92 -1.85 -11.30
N TYR L 76 -11.80 -2.55 -11.39
CA TYR L 76 -11.80 -3.99 -11.66
C TYR L 76 -10.83 -4.72 -10.77
N SER L 77 -11.20 -5.93 -10.42
CA SER L 77 -10.39 -6.75 -9.56
C SER L 77 -10.91 -8.14 -9.79
N VAL L 78 -10.39 -8.74 -10.85
CA VAL L 78 -10.77 -10.07 -11.29
C VAL L 78 -9.57 -10.88 -11.73
N SER L 79 -9.79 -12.17 -11.96
CA SER L 79 -8.75 -13.06 -12.47
C SER L 79 -9.05 -13.23 -13.97
N GLY L 80 -8.05 -13.57 -14.76
CA GLY L 80 -8.28 -13.75 -16.19
C GLY L 80 -9.34 -14.83 -16.38
N THR L 81 -9.33 -15.81 -15.48
CA THR L 81 -10.27 -16.93 -15.50
C THR L 81 -11.64 -16.40 -15.12
N GLY L 82 -11.63 -15.41 -14.25
CA GLY L 82 -12.87 -14.80 -13.82
C GLY L 82 -13.43 -13.92 -14.93
N LEU L 83 -12.83 -12.74 -15.13
CA LEU L 83 -13.33 -11.85 -16.16
C LEU L 83 -13.48 -12.58 -17.48
N GLY L 84 -12.61 -13.58 -17.69
CA GLY L 84 -12.63 -14.39 -18.90
C GLY L 84 -13.93 -15.15 -19.12
N ILE L 85 -14.44 -15.79 -18.06
CA ILE L 85 -15.69 -16.53 -18.15
C ILE L 85 -16.85 -15.54 -18.28
N LEU L 86 -16.73 -14.38 -17.65
CA LEU L 86 -17.77 -13.37 -17.75
C LEU L 86 -17.85 -13.00 -19.21
N MET L 87 -16.68 -13.00 -19.87
CA MET L 87 -16.58 -12.71 -21.30
C MET L 87 -17.22 -13.82 -22.14
N TYR L 88 -16.97 -15.06 -21.76
CA TYR L 88 -17.52 -16.21 -22.47
C TYR L 88 -19.04 -16.18 -22.54
N TYR L 89 -19.68 -15.63 -21.50
CA TYR L 89 -21.14 -15.57 -21.47
C TYR L 89 -21.73 -14.36 -22.13
N THR L 90 -21.32 -13.18 -21.70
CA THR L 90 -21.86 -11.95 -22.26
C THR L 90 -21.70 -11.74 -23.79
N THR L 91 -21.02 -12.65 -24.47
CA THR L 91 -20.85 -12.55 -25.93
C THR L 91 -21.26 -13.86 -26.63
N LYS L 92 -22.13 -14.63 -25.98
CA LYS L 92 -22.59 -15.90 -26.54
C LYS L 92 -21.47 -16.90 -26.83
N GLY L 93 -20.44 -16.92 -25.98
CA GLY L 93 -19.33 -17.84 -26.17
C GLY L 93 -18.60 -17.57 -27.47
N GLN L 94 -18.81 -16.35 -27.97
CA GLN L 94 -18.20 -15.89 -29.21
C GLN L 94 -16.96 -15.07 -28.94
N ASN L 95 -16.64 -14.90 -27.67
CA ASN L 95 -15.47 -14.15 -27.28
C ASN L 95 -14.20 -14.90 -27.73
N PRO L 96 -13.26 -14.19 -28.40
CA PRO L 96 -12.00 -14.76 -28.89
C PRO L 96 -11.16 -15.50 -27.84
N ALA L 97 -10.91 -16.79 -28.04
CA ALA L 97 -10.11 -17.59 -27.10
C ALA L 97 -9.44 -18.78 -27.79
N TYR L 98 -8.38 -18.48 -28.54
CA TYR L 98 -7.63 -19.52 -29.24
C TYR L 98 -6.25 -19.69 -28.62
N PRO L 99 -5.77 -20.93 -28.58
CA PRO L 99 -6.59 -22.03 -29.12
C PRO L 99 -7.54 -22.52 -28.02
N ALA L 100 -8.48 -23.37 -28.38
CA ALA L 100 -9.43 -23.91 -27.40
C ALA L 100 -8.72 -24.80 -26.36
N PRO L 101 -9.41 -25.13 -25.25
CA PRO L 101 -8.80 -25.97 -24.21
C PRO L 101 -8.50 -27.35 -24.77
N GLY L 102 -7.33 -27.90 -24.42
CA GLY L 102 -6.96 -29.23 -24.89
C GLY L 102 -6.41 -29.34 -26.31
N THR L 103 -6.13 -28.20 -26.94
CA THR L 103 -5.61 -28.22 -28.32
C THR L 103 -4.12 -28.65 -28.41
N SER L 104 -3.79 -29.40 -29.47
CA SER L 104 -2.43 -29.87 -29.66
C SER L 104 -1.56 -28.93 -30.51
N VAL L 105 -0.39 -28.65 -29.94
CA VAL L 105 0.62 -27.82 -30.55
C VAL L 105 1.53 -28.85 -31.20
N PRO L 106 1.57 -28.88 -32.56
CA PRO L 106 2.41 -29.84 -33.31
C PRO L 106 3.82 -29.93 -32.69
N ALA L 107 4.34 -31.16 -32.52
CA ALA L 107 5.69 -31.37 -31.96
C ALA L 107 6.76 -30.66 -32.82
N SER L 108 7.36 -29.59 -32.26
CA SER L 108 8.38 -28.75 -32.93
C SER L 108 7.77 -27.74 -33.99
N GLY L 109 6.49 -27.43 -33.80
CA GLY L 109 5.73 -26.51 -34.64
C GLY L 109 4.93 -25.70 -33.62
N SER L 110 3.83 -25.04 -34.02
CA SER L 110 3.02 -24.26 -33.05
C SER L 110 1.51 -24.03 -33.38
N VAL L 111 0.80 -23.35 -32.45
CA VAL L 111 -0.63 -23.02 -32.60
C VAL L 111 -0.82 -21.49 -32.51
N ASN L 112 -2.07 -21.04 -32.67
CA ASN L 112 -2.33 -19.60 -32.62
C ASN L 112 -3.01 -19.06 -31.36
N LEU L 113 -2.39 -18.05 -30.77
CA LEU L 113 -2.93 -17.46 -29.55
C LEU L 113 -3.62 -16.12 -29.76
N ASN L 114 -4.80 -16.03 -29.17
CA ASN L 114 -5.61 -14.83 -29.20
C ASN L 114 -6.76 -14.92 -28.19
N VAL L 115 -6.57 -14.30 -27.03
CA VAL L 115 -7.58 -14.29 -25.96
C VAL L 115 -7.92 -12.82 -25.66
N MET L 116 -9.17 -12.56 -25.28
CA MET L 116 -9.56 -11.20 -24.97
C MET L 116 -10.42 -10.98 -23.71
N TRP L 117 -10.30 -9.78 -23.14
CA TRP L 117 -11.07 -9.38 -21.96
C TRP L 117 -11.64 -8.02 -22.33
N GLU L 118 -12.65 -7.58 -21.59
CA GLU L 118 -13.24 -6.28 -21.91
C GLU L 118 -13.75 -5.64 -20.63
N PHE L 119 -13.18 -4.48 -20.33
CA PHE L 119 -13.55 -3.76 -19.14
C PHE L 119 -14.50 -2.64 -19.52
N ASP L 120 -15.73 -2.77 -19.04
CA ASP L 120 -16.77 -1.79 -19.32
C ASP L 120 -16.78 -0.73 -18.25
N LEU L 121 -16.36 0.47 -18.61
CA LEU L 121 -16.35 1.54 -17.64
C LEU L 121 -17.52 2.50 -17.83
N ALA L 122 -18.60 2.07 -18.50
CA ALA L 122 -19.76 2.94 -18.77
C ALA L 122 -19.18 4.15 -19.52
N ARG L 123 -19.21 5.33 -18.90
CA ARG L 123 -18.59 6.52 -19.49
C ARG L 123 -17.73 7.19 -18.40
N PHE L 124 -16.71 6.45 -17.96
CA PHE L 124 -15.78 6.84 -16.89
C PHE L 124 -15.07 8.16 -17.16
N PRO L 125 -15.16 9.10 -16.21
CA PRO L 125 -14.53 10.43 -16.32
C PRO L 125 -13.02 10.36 -16.17
N ALA L 126 -12.38 9.74 -17.16
CA ALA L 126 -10.92 9.57 -17.19
C ALA L 126 -10.09 10.86 -17.23
N THR L 127 -10.71 11.95 -17.69
CA THR L 127 -10.00 13.22 -17.75
C THR L 127 -10.05 13.92 -16.41
N MET L 128 -11.01 13.55 -15.57
CA MET L 128 -11.17 14.18 -14.27
C MET L 128 -10.56 13.38 -13.11
N VAL L 129 -10.03 12.20 -13.41
CA VAL L 129 -9.40 11.37 -12.40
C VAL L 129 -7.92 11.34 -12.72
N GLN L 130 -7.17 10.55 -11.95
CA GLN L 130 -5.74 10.46 -12.17
C GLN L 130 -5.15 9.07 -12.33
N ASN L 131 -4.27 8.91 -13.31
CA ASN L 131 -3.59 7.63 -13.50
C ASN L 131 -4.41 6.36 -13.63
N ILE L 132 -5.02 6.14 -14.78
CA ILE L 132 -5.80 4.92 -14.93
C ILE L 132 -4.82 3.82 -15.32
N ILE L 133 -4.49 2.96 -14.36
CA ILE L 133 -3.52 1.90 -14.58
C ILE L 133 -4.13 0.51 -14.49
N LEU L 134 -4.18 -0.17 -15.63
CA LEU L 134 -4.71 -1.54 -15.73
C LEU L 134 -3.54 -2.52 -15.54
N SER L 135 -3.35 -2.98 -14.31
CA SER L 135 -2.28 -3.90 -13.98
C SER L 135 -2.65 -5.35 -14.29
N ILE L 136 -1.87 -5.94 -15.20
CA ILE L 136 -2.05 -7.31 -15.64
C ILE L 136 -1.00 -8.24 -15.02
N LEU L 137 -1.44 -9.10 -14.10
CA LEU L 137 -0.54 -10.04 -13.46
C LEU L 137 -0.68 -11.37 -14.17
N THR L 138 0.14 -11.55 -15.20
CA THR L 138 0.16 -12.76 -16.02
C THR L 138 0.26 -14.00 -15.14
N GLY L 139 -0.22 -15.13 -15.67
CA GLY L 139 -0.21 -16.39 -14.95
C GLY L 139 1.00 -17.21 -15.30
N GLN L 140 0.80 -18.51 -15.51
CA GLN L 140 1.92 -19.36 -15.84
C GLN L 140 1.87 -19.95 -17.26
N ALA L 141 3.04 -20.06 -17.90
CA ALA L 141 3.15 -20.62 -19.26
C ALA L 141 2.73 -22.10 -19.20
N PRO L 142 1.79 -22.55 -20.07
CA PRO L 142 1.38 -23.96 -20.02
C PRO L 142 2.63 -24.83 -20.00
N SER L 143 2.50 -26.04 -19.43
CA SER L 143 3.65 -26.96 -19.37
C SER L 143 3.98 -27.58 -20.77
N GLY L 144 5.24 -27.40 -21.20
CA GLY L 144 5.68 -27.93 -22.49
C GLY L 144 5.66 -26.95 -23.67
N VAL L 145 4.84 -25.90 -23.57
CA VAL L 145 4.75 -24.91 -24.64
C VAL L 145 5.13 -23.53 -24.09
N SER L 146 5.45 -22.62 -25.00
CA SER L 146 5.85 -21.28 -24.59
C SER L 146 4.93 -20.23 -25.21
N ILE L 147 4.41 -19.35 -24.36
CA ILE L 147 3.52 -18.28 -24.79
C ILE L 147 4.33 -17.12 -25.40
N ASN L 148 4.06 -16.87 -26.67
CA ASN L 148 4.75 -15.83 -27.38
C ASN L 148 3.79 -14.72 -27.82
N ALA L 149 3.12 -14.11 -26.87
CA ALA L 149 2.18 -13.06 -27.22
C ALA L 149 2.47 -11.72 -26.54
N SER L 150 1.64 -10.74 -26.86
CA SER L 150 1.73 -9.38 -26.31
C SER L 150 0.31 -8.94 -26.01
N PHE L 151 0.17 -7.83 -25.31
CA PHE L 151 -1.16 -7.32 -25.00
C PHE L 151 -1.45 -6.11 -25.87
N TYR L 152 -2.70 -5.99 -26.32
CA TYR L 152 -3.11 -4.87 -27.15
C TYR L 152 -4.24 -4.14 -26.49
N ILE L 153 -3.94 -2.91 -26.10
CA ILE L 153 -4.91 -2.06 -25.44
C ILE L 153 -5.70 -1.22 -26.44
N THR L 154 -7.00 -1.51 -26.51
CA THR L 154 -7.96 -0.82 -27.38
C THR L 154 -8.91 -0.06 -26.45
N ILE L 155 -8.82 1.26 -26.44
CA ILE L 155 -9.66 2.07 -25.56
C ILE L 155 -10.67 2.86 -26.37
N THR L 156 -11.89 2.89 -25.85
CA THR L 156 -12.97 3.62 -26.49
C THR L 156 -13.29 4.89 -25.73
N TYR L 157 -12.84 6.03 -26.24
CA TYR L 157 -13.15 7.29 -25.57
C TYR L 157 -14.45 7.87 -26.06
N GLU L 158 -15.04 8.72 -25.23
CA GLU L 158 -16.27 9.40 -25.59
C GLU L 158 -15.91 10.85 -25.34
N ARG L 159 -16.05 11.64 -26.39
CA ARG L 159 -15.73 13.04 -26.38
C ARG L 159 -16.80 13.78 -25.61
N VAL L 160 -16.86 13.54 -24.30
CA VAL L 160 -17.83 14.21 -23.46
C VAL L 160 -17.25 15.60 -23.29
N THR L 161 -18.11 16.59 -23.47
CA THR L 161 -17.71 17.99 -23.37
C THR L 161 -18.17 18.66 -22.10
N ALA L 162 -17.52 19.78 -21.79
CA ALA L 162 -17.88 20.57 -20.60
C ALA L 162 -19.38 20.86 -20.69
N GLN L 163 -19.80 21.28 -21.88
CA GLN L 163 -21.20 21.58 -22.15
C GLN L 163 -22.10 20.40 -21.79
N GLU L 164 -21.92 19.29 -22.49
CA GLU L 164 -22.74 18.11 -22.29
C GLU L 164 -22.79 17.68 -20.83
N ILE L 165 -21.70 17.86 -20.08
CA ILE L 165 -21.66 17.51 -18.66
C ILE L 165 -22.65 18.33 -17.82
N LEU L 166 -22.84 19.60 -18.18
CA LEU L 166 -23.80 20.46 -17.50
C LEU L 166 -25.21 19.91 -17.76
N SER L 167 -25.37 19.34 -18.95
CA SER L 167 -26.63 18.75 -19.42
C SER L 167 -27.06 17.42 -18.79
N GLU L 168 -26.34 16.94 -17.78
CA GLU L 168 -26.68 15.66 -17.16
C GLU L 168 -26.61 15.84 -15.67
N GLY L 169 -26.55 17.10 -15.27
CA GLY L 169 -26.45 17.40 -13.85
C GLY L 169 -25.11 18.00 -13.42
N GLY L 170 -24.40 18.66 -14.34
CA GLY L 170 -23.12 19.27 -13.99
C GLY L 170 -22.14 18.33 -13.27
N LEU L 171 -21.59 18.79 -12.15
CA LEU L 171 -20.64 17.99 -11.38
C LEU L 171 -21.19 17.32 -10.12
N GLY L 172 -20.33 16.53 -9.49
CA GLY L 172 -20.72 15.85 -8.27
C GLY L 172 -20.79 16.85 -7.12
N ALA L 173 -20.94 16.32 -5.89
CA ALA L 173 -21.03 17.13 -4.67
C ALA L 173 -19.76 17.93 -4.37
N ASP L 174 -18.64 17.24 -4.47
CA ASP L 174 -17.28 17.74 -4.24
C ASP L 174 -16.69 18.14 -5.60
N GLY L 175 -17.49 17.88 -6.63
CA GLY L 175 -17.14 18.18 -8.00
C GLY L 175 -15.91 17.46 -8.54
N GLU L 176 -15.88 16.12 -8.51
CA GLU L 176 -14.73 15.42 -9.07
C GLU L 176 -15.04 14.57 -10.29
N MET L 177 -16.32 14.36 -10.53
CA MET L 177 -16.79 13.57 -11.66
C MET L 177 -18.17 14.12 -11.90
N PRO L 178 -18.76 13.80 -13.06
CA PRO L 178 -20.11 14.31 -13.30
C PRO L 178 -21.11 13.73 -12.29
N LEU L 179 -22.13 14.51 -11.95
CA LEU L 179 -23.11 14.04 -10.99
C LEU L 179 -23.68 12.68 -11.37
N ALA L 180 -23.95 12.48 -12.65
CA ALA L 180 -24.52 11.23 -13.16
C ALA L 180 -23.47 10.17 -13.55
N THR L 181 -22.42 10.06 -12.75
CA THR L 181 -21.35 9.09 -12.99
C THR L 181 -21.76 7.68 -12.55
N VAL L 182 -21.32 6.68 -13.30
CA VAL L 182 -21.65 5.31 -12.96
C VAL L 182 -20.37 4.50 -13.05
N LEU L 183 -19.59 4.49 -11.98
CA LEU L 183 -18.32 3.76 -11.91
C LEU L 183 -18.55 2.26 -11.79
N PRO L 184 -18.00 1.47 -12.72
CA PRO L 184 -18.16 0.02 -12.68
C PRO L 184 -17.36 -0.55 -11.52
N LYS L 185 -17.89 -1.56 -10.82
CA LYS L 185 -17.17 -2.18 -9.69
C LYS L 185 -17.17 -3.70 -9.82
N VAL L 186 -16.51 -4.19 -10.86
CA VAL L 186 -16.41 -5.61 -11.10
C VAL L 186 -15.32 -6.21 -10.22
N ILE L 187 -15.72 -6.64 -9.03
CA ILE L 187 -14.84 -7.24 -8.05
C ILE L 187 -15.08 -8.74 -8.08
N GLU L 188 -14.17 -9.50 -7.50
CA GLU L 188 -14.35 -10.92 -7.47
C GLU L 188 -13.93 -11.43 -6.10
N ILE L 189 -14.89 -11.96 -5.36
CA ILE L 189 -14.63 -12.44 -4.01
C ILE L 189 -14.56 -13.95 -3.92
N PRO L 190 -13.37 -14.50 -3.67
CA PRO L 190 -13.24 -15.96 -3.55
C PRO L 190 -13.43 -16.51 -2.12
N THR L 191 -14.14 -17.64 -2.02
CA THR L 191 -14.42 -18.33 -0.74
C THR L 191 -13.73 -19.67 -0.82
N PHE L 192 -13.14 -20.09 0.29
CA PHE L 192 -12.44 -21.33 0.24
C PHE L 192 -13.07 -22.41 1.07
N ASN L 193 -12.97 -23.62 0.55
CA ASN L 193 -13.44 -24.81 1.23
C ASN L 193 -14.90 -24.88 1.69
N VAL L 194 -15.83 -24.34 0.89
CA VAL L 194 -17.23 -24.43 1.29
C VAL L 194 -17.47 -25.95 1.29
N PRO L 195 -17.85 -26.49 2.46
CA PRO L 195 -18.09 -27.93 2.61
C PRO L 195 -19.12 -28.58 1.69
N ALA L 196 -18.91 -29.89 1.48
CA ALA L 196 -19.79 -30.69 0.62
C ALA L 196 -21.15 -30.90 1.30
N SER L 197 -22.22 -30.58 0.57
CA SER L 197 -23.58 -30.71 1.08
C SER L 197 -24.57 -30.85 -0.07
N SER L 198 -25.76 -31.36 0.25
CA SER L 198 -26.85 -31.51 -0.72
C SER L 198 -27.87 -30.36 -0.56
N ALA L 199 -27.92 -29.79 0.66
CA ALA L 199 -28.78 -28.65 1.01
C ALA L 199 -27.87 -27.42 0.81
N PRO L 200 -28.28 -26.46 -0.04
CA PRO L 200 -27.40 -25.30 -0.23
C PRO L 200 -26.96 -24.69 1.10
N ILE L 201 -25.65 -24.71 1.37
CA ILE L 201 -25.09 -24.16 2.61
C ILE L 201 -24.60 -22.75 2.33
N HIS L 202 -24.67 -21.86 3.33
CA HIS L 202 -24.24 -20.48 3.12
C HIS L 202 -22.83 -20.38 2.53
N VAL L 203 -22.69 -19.65 1.42
CA VAL L 203 -21.39 -19.49 0.76
C VAL L 203 -20.75 -18.13 1.01
N ALA L 204 -21.54 -17.06 0.89
CA ALA L 204 -21.04 -15.69 1.13
C ALA L 204 -22.13 -14.65 0.90
N TYR L 205 -22.06 -13.55 1.63
CA TYR L 205 -23.07 -12.49 1.43
C TYR L 205 -22.61 -11.48 0.40
N LEU L 206 -23.56 -10.77 -0.18
CA LEU L 206 -23.23 -9.70 -1.11
C LEU L 206 -23.17 -8.55 -0.11
N GLN L 207 -22.07 -7.81 -0.02
CA GLN L 207 -22.05 -6.70 0.95
C GLN L 207 -22.68 -5.52 0.28
N PRO L 208 -23.25 -4.64 1.08
CA PRO L 208 -23.90 -3.47 0.54
C PRO L 208 -22.90 -2.46 -0.08
N GLY L 209 -23.43 -1.31 -0.51
CA GLY L 209 -22.60 -0.27 -1.09
C GLY L 209 -22.44 -0.29 -2.59
N GLN L 210 -23.40 -0.89 -3.29
CA GLN L 210 -23.31 -0.98 -4.74
C GLN L 210 -24.54 -1.67 -5.30
N ILE L 211 -24.80 -1.48 -6.59
CA ILE L 211 -25.96 -2.13 -7.21
C ILE L 211 -25.42 -3.30 -8.02
N TYR L 212 -25.87 -4.51 -7.70
CA TYR L 212 -25.43 -5.71 -8.42
C TYR L 212 -26.25 -5.89 -9.69
N LYS L 213 -25.58 -6.08 -10.83
CA LYS L 213 -26.29 -6.26 -12.10
C LYS L 213 -26.39 -7.76 -12.42
N ARG L 214 -25.30 -8.48 -12.16
CA ARG L 214 -25.27 -9.93 -12.37
C ARG L 214 -24.04 -10.50 -11.68
N GLN L 215 -24.16 -11.75 -11.23
CA GLN L 215 -23.07 -12.43 -10.53
C GLN L 215 -22.70 -13.75 -11.21
N LEU L 216 -21.41 -13.94 -11.47
CA LEU L 216 -20.89 -15.16 -12.11
C LEU L 216 -20.22 -16.09 -11.11
N VAL L 217 -20.88 -17.19 -10.82
CA VAL L 217 -20.32 -18.13 -9.87
C VAL L 217 -19.81 -19.38 -10.52
N TYR L 218 -18.63 -19.80 -10.11
CA TYR L 218 -18.04 -21.03 -10.61
C TYR L 218 -17.13 -21.66 -9.54
N VAL L 219 -17.23 -22.98 -9.40
CA VAL L 219 -16.46 -23.77 -8.44
C VAL L 219 -15.20 -24.42 -9.04
N ILE L 220 -14.21 -24.65 -8.20
CA ILE L 220 -12.97 -25.26 -8.65
C ILE L 220 -12.53 -26.46 -7.81
N ASN L 221 -12.73 -27.64 -8.39
CA ASN L 221 -12.35 -28.90 -7.76
C ASN L 221 -10.82 -28.96 -7.88
N SER L 222 -10.17 -29.59 -6.92
CA SER L 222 -8.71 -29.73 -6.96
C SER L 222 -8.32 -30.75 -8.05
N THR L 223 -9.26 -31.67 -8.35
CA THR L 223 -9.09 -32.73 -9.36
C THR L 223 -9.40 -32.25 -10.81
N SER L 224 -10.64 -31.84 -11.03
CA SER L 224 -11.12 -31.38 -12.34
C SER L 224 -10.90 -29.88 -12.64
N GLY L 225 -10.23 -29.18 -11.73
CA GLY L 225 -10.00 -27.76 -11.94
C GLY L 225 -11.35 -27.05 -11.99
N ILE L 226 -11.69 -26.48 -13.14
CA ILE L 226 -12.98 -25.82 -13.28
C ILE L 226 -13.97 -26.74 -13.99
N ASN L 227 -13.53 -27.96 -14.33
CA ASN L 227 -14.35 -28.93 -15.06
C ASN L 227 -14.92 -30.08 -14.24
N ASN L 228 -15.70 -29.74 -13.22
CA ASN L 228 -16.33 -30.71 -12.33
C ASN L 228 -17.82 -30.45 -12.47
N THR L 229 -18.63 -31.13 -11.67
CA THR L 229 -20.09 -30.96 -11.72
C THR L 229 -20.66 -30.92 -10.29
N ASP L 230 -19.89 -30.34 -9.38
CA ASP L 230 -20.26 -30.28 -7.98
C ASP L 230 -21.34 -29.29 -7.69
N PRO L 231 -21.16 -28.05 -8.16
CA PRO L 231 -22.28 -27.16 -7.84
C PRO L 231 -23.55 -27.85 -8.40
N THR L 232 -24.51 -28.19 -7.53
CA THR L 232 -25.78 -28.83 -7.93
C THR L 232 -26.98 -27.94 -7.64
N GLU L 233 -26.83 -27.14 -6.59
CA GLU L 233 -27.90 -26.27 -6.13
C GLU L 233 -27.46 -24.86 -5.79
N TYR L 234 -27.89 -23.89 -6.60
CA TYR L 234 -27.59 -22.49 -6.36
C TYR L 234 -28.76 -21.85 -5.57
N GLU L 235 -28.48 -20.81 -4.79
CA GLU L 235 -29.57 -20.23 -4.02
C GLU L 235 -29.37 -18.83 -3.45
N LEU L 236 -30.21 -17.86 -3.85
CA LEU L 236 -30.13 -16.46 -3.39
C LEU L 236 -31.14 -16.14 -2.27
N LYS L 237 -30.63 -16.04 -1.04
CA LYS L 237 -31.44 -15.80 0.15
C LYS L 237 -31.44 -14.40 0.74
N ILE L 238 -32.62 -13.83 0.96
CA ILE L 238 -32.72 -12.55 1.64
C ILE L 238 -32.71 -12.99 3.12
N VAL L 239 -31.59 -12.79 3.82
CA VAL L 239 -31.47 -13.19 5.23
C VAL L 239 -32.14 -12.23 6.23
N ARG L 240 -32.09 -10.93 5.96
CA ARG L 240 -32.70 -9.93 6.85
C ARG L 240 -34.23 -10.04 6.77
N GLY L 241 -34.90 -10.00 7.91
CA GLY L 241 -36.35 -10.09 7.95
C GLY L 241 -36.89 -11.52 7.93
N VAL L 242 -38.04 -11.71 7.27
CA VAL L 242 -38.63 -13.03 7.13
C VAL L 242 -37.76 -13.69 6.05
N PRO L 243 -37.14 -14.85 6.37
CA PRO L 243 -36.27 -15.52 5.39
C PRO L 243 -36.98 -15.75 4.05
N THR L 244 -36.46 -15.13 2.98
CA THR L 244 -37.03 -15.28 1.62
C THR L 244 -36.01 -15.67 0.54
N ASP L 245 -36.45 -16.49 -0.42
CA ASP L 245 -35.60 -17.02 -1.49
C ASP L 245 -35.97 -16.46 -2.87
N LYS L 246 -35.10 -15.62 -3.43
CA LYS L 246 -35.30 -15.06 -4.76
C LYS L 246 -34.90 -16.11 -5.81
N ILE L 247 -34.01 -17.02 -5.43
CA ILE L 247 -33.53 -18.09 -6.33
C ILE L 247 -33.31 -19.36 -5.50
N LYS L 248 -33.75 -20.48 -6.03
CA LYS L 248 -33.60 -21.76 -5.36
C LYS L 248 -33.69 -22.66 -6.57
N VAL L 249 -32.86 -22.35 -7.54
CA VAL L 249 -32.83 -23.05 -8.81
C VAL L 249 -31.72 -24.10 -8.78
N SER L 250 -32.00 -25.29 -9.31
CA SER L 250 -31.01 -26.39 -9.35
C SER L 250 -29.90 -26.05 -10.35
N TRP L 251 -28.69 -26.55 -10.14
CA TRP L 251 -27.61 -26.20 -11.06
C TRP L 251 -27.91 -26.41 -12.54
N ALA L 252 -28.42 -27.60 -12.89
CA ALA L 252 -28.73 -27.88 -14.27
C ALA L 252 -29.57 -26.72 -14.85
N ALA L 253 -30.64 -26.40 -14.12
CA ALA L 253 -31.58 -25.34 -14.48
C ALA L 253 -31.00 -23.92 -14.49
N LEU L 254 -29.95 -23.69 -13.73
CA LEU L 254 -29.36 -22.36 -13.70
C LEU L 254 -28.63 -22.16 -15.01
N GLN L 255 -28.00 -23.23 -15.49
CA GLN L 255 -27.27 -23.20 -16.75
C GLN L 255 -28.31 -23.21 -17.86
N ALA L 256 -29.50 -23.65 -17.49
CA ALA L 256 -30.63 -23.69 -18.41
C ALA L 256 -30.96 -22.24 -18.78
N GLU L 257 -31.18 -21.38 -17.79
CA GLU L 257 -31.48 -19.98 -18.10
C GLU L 257 -30.30 -19.34 -18.83
N ASN L 258 -29.13 -19.99 -18.76
CA ASN L 258 -27.96 -19.46 -19.42
C ASN L 258 -28.04 -19.86 -20.89
N GLN L 259 -28.75 -20.95 -21.16
CA GLN L 259 -29.07 -21.39 -22.52
C GLN L 259 -29.94 -20.36 -23.26
N ALA L 260 -31.13 -20.10 -22.73
CA ALA L 260 -32.04 -19.07 -23.23
C ALA L 260 -31.56 -17.63 -23.09
N GLU L 261 -30.98 -17.32 -21.94
CA GLU L 261 -30.50 -15.99 -21.66
C GLU L 261 -29.29 -15.65 -22.55
N TYR L 262 -28.28 -16.50 -22.53
CA TYR L 262 -27.10 -16.21 -23.30
C TYR L 262 -26.97 -16.93 -24.62
N GLN L 263 -27.87 -17.86 -24.89
CA GLN L 263 -27.81 -18.61 -26.16
C GLN L 263 -26.43 -19.21 -26.40
N VAL L 264 -25.87 -19.85 -25.37
CA VAL L 264 -24.56 -20.48 -25.49
C VAL L 264 -24.46 -21.63 -24.51
N ALA L 265 -23.74 -22.69 -24.91
CA ALA L 265 -23.56 -23.89 -24.08
C ALA L 265 -22.82 -23.49 -22.79
N PRO L 266 -23.01 -24.25 -21.68
CA PRO L 266 -22.35 -23.92 -20.40
C PRO L 266 -20.81 -23.98 -20.50
N TYR L 267 -20.15 -22.96 -19.97
CA TYR L 267 -18.69 -22.87 -20.03
C TYR L 267 -17.98 -24.12 -19.51
N SER L 268 -18.63 -24.79 -18.58
CA SER L 268 -18.12 -26.01 -17.98
C SER L 268 -19.23 -26.41 -17.02
N GLY L 269 -19.14 -27.60 -16.44
CA GLY L 269 -20.18 -28.06 -15.54
C GLY L 269 -20.19 -27.28 -14.23
N ALA L 270 -19.11 -26.53 -14.00
CA ALA L 270 -18.97 -25.76 -12.76
C ALA L 270 -19.20 -24.25 -12.83
N SER L 271 -19.97 -23.76 -13.80
CA SER L 271 -20.16 -22.32 -13.85
C SER L 271 -21.58 -21.86 -14.18
N ALA L 272 -21.86 -20.58 -13.93
CA ALA L 272 -23.19 -20.02 -14.23
C ALA L 272 -23.26 -18.51 -14.02
N ILE L 273 -24.40 -17.93 -14.42
CA ILE L 273 -24.61 -16.50 -14.22
C ILE L 273 -26.01 -16.25 -13.73
N ILE L 274 -26.13 -15.40 -12.73
CA ILE L 274 -27.41 -15.08 -12.16
C ILE L 274 -27.61 -13.58 -12.32
N ASP L 275 -28.63 -13.19 -13.10
CA ASP L 275 -28.92 -11.78 -13.32
C ASP L 275 -29.94 -11.30 -12.35
N PHE L 276 -29.56 -10.30 -11.57
CA PHE L 276 -30.46 -9.76 -10.59
C PHE L 276 -31.70 -9.06 -11.11
N ARG L 277 -31.63 -8.50 -12.32
CA ARG L 277 -32.76 -7.80 -12.95
C ARG L 277 -34.07 -8.61 -13.10
N LYS L 278 -33.91 -9.92 -13.15
CA LYS L 278 -35.03 -10.85 -13.30
C LYS L 278 -35.47 -11.47 -11.96
N TYR L 279 -34.79 -11.13 -10.87
CA TYR L 279 -35.12 -11.71 -9.55
C TYR L 279 -35.52 -10.63 -8.54
N PHE L 280 -35.45 -9.38 -9.02
CA PHE L 280 -35.90 -8.22 -8.28
C PHE L 280 -36.48 -7.45 -9.42
N ASN L 281 -36.92 -6.24 -9.12
CA ASN L 281 -37.43 -5.43 -10.19
C ASN L 281 -36.27 -4.50 -10.52
N GLY L 282 -35.67 -4.68 -11.68
CA GLY L 282 -34.51 -3.88 -12.03
C GLY L 282 -33.37 -4.45 -11.20
N ASP L 283 -32.27 -3.72 -11.04
CA ASP L 283 -31.12 -4.20 -10.26
C ASP L 283 -31.19 -4.33 -8.73
N LEU L 284 -30.41 -5.28 -8.20
CA LEU L 284 -30.34 -5.52 -6.75
C LEU L 284 -29.41 -4.48 -6.16
N ASP L 285 -30.01 -3.46 -5.57
CA ASP L 285 -29.28 -2.35 -4.97
C ASP L 285 -29.06 -2.56 -3.46
N LEU L 286 -27.83 -2.35 -3.01
CA LEU L 286 -27.57 -2.48 -1.58
C LEU L 286 -26.76 -1.28 -1.15
N THR L 287 -26.93 -0.15 -1.85
CA THR L 287 -26.21 1.09 -1.52
C THR L 287 -26.59 1.39 -0.07
N HIS L 288 -27.84 1.08 0.27
CA HIS L 288 -28.29 1.33 1.62
C HIS L 288 -28.88 0.19 2.47
N ALA L 289 -28.98 -1.04 1.96
CA ALA L 289 -29.51 -2.14 2.79
C ALA L 289 -28.43 -2.49 3.82
N PRO L 290 -28.81 -2.77 5.09
CA PRO L 290 -27.82 -3.11 6.12
C PRO L 290 -27.10 -4.38 5.73
N SER L 291 -25.84 -4.52 6.11
CA SER L 291 -25.04 -5.69 5.70
C SER L 291 -25.43 -7.11 6.18
N ASP L 292 -24.99 -8.08 5.37
CA ASP L 292 -25.24 -9.52 5.54
C ASP L 292 -26.75 -9.66 5.41
N SER L 293 -27.29 -9.09 4.35
CA SER L 293 -28.73 -9.11 4.16
C SER L 293 -29.13 -9.93 2.96
N ILE L 294 -28.15 -10.34 2.17
CA ILE L 294 -28.41 -11.21 1.03
C ILE L 294 -27.17 -12.04 0.75
N GLU L 295 -27.33 -13.35 0.85
CA GLU L 295 -26.25 -14.29 0.60
C GLU L 295 -26.73 -15.31 -0.42
N TYR L 296 -25.79 -15.98 -1.05
CA TYR L 296 -26.10 -16.98 -2.06
C TYR L 296 -25.45 -18.30 -1.58
N ASP L 297 -26.18 -19.40 -1.76
CA ASP L 297 -25.72 -20.71 -1.32
C ASP L 297 -25.31 -21.70 -2.41
N LEU L 298 -24.66 -22.79 -1.98
CA LEU L 298 -24.22 -23.84 -2.88
C LEU L 298 -24.24 -25.23 -2.28
N ALA L 299 -24.88 -26.15 -2.98
CA ALA L 299 -24.93 -27.53 -2.54
C ALA L 299 -23.82 -28.14 -3.40
N LEU L 300 -22.63 -28.32 -2.83
CA LEU L 300 -21.53 -28.86 -3.60
C LEU L 300 -21.32 -30.36 -3.38
N GLN L 301 -21.12 -31.11 -4.48
CA GLN L 301 -20.92 -32.57 -4.43
C GLN L 301 -19.73 -32.94 -3.54
N ASN L 302 -18.64 -32.18 -3.74
CA ASN L 302 -17.40 -32.34 -2.99
C ASN L 302 -17.15 -31.00 -2.33
N GLN L 303 -16.07 -30.87 -1.57
CA GLN L 303 -15.78 -29.58 -0.95
C GLN L 303 -14.75 -28.83 -1.80
N ASP L 304 -15.11 -27.63 -2.27
CA ASP L 304 -14.22 -26.86 -3.15
C ASP L 304 -14.13 -25.35 -2.87
N ASN L 305 -13.64 -24.63 -3.87
CA ASN L 305 -13.46 -23.18 -3.82
C ASN L 305 -14.44 -22.50 -4.75
N VAL L 306 -15.20 -21.57 -4.21
CA VAL L 306 -16.17 -20.85 -5.00
C VAL L 306 -15.70 -19.43 -5.26
N TYR L 307 -15.60 -19.07 -6.53
CA TYR L 307 -15.20 -17.72 -6.90
C TYR L 307 -16.45 -17.00 -7.34
N SER L 308 -16.67 -15.82 -6.81
CA SER L 308 -17.85 -15.09 -7.19
C SER L 308 -17.48 -13.73 -7.76
N LEU L 309 -17.69 -13.61 -9.05
CA LEU L 309 -17.40 -12.38 -9.76
C LEU L 309 -18.72 -11.64 -9.90
N TYR L 310 -18.75 -10.38 -9.47
CA TYR L 310 -19.96 -9.58 -9.59
C TYR L 310 -19.77 -8.45 -10.61
N VAL L 311 -20.81 -8.17 -11.38
CA VAL L 311 -20.73 -7.08 -12.34
C VAL L 311 -21.64 -6.12 -11.60
N SER L 312 -21.02 -5.30 -10.75
CA SER L 312 -21.75 -4.32 -9.96
C SER L 312 -21.23 -2.96 -10.33
N TYR L 313 -21.95 -1.93 -9.88
CA TYR L 313 -21.55 -0.58 -10.15
C TYR L 313 -22.05 0.34 -9.03
N VAL L 314 -21.29 1.40 -8.78
CA VAL L 314 -21.58 2.39 -7.74
C VAL L 314 -21.90 3.77 -8.31
N LEU L 315 -22.72 4.52 -7.59
CA LEU L 315 -23.02 5.86 -8.02
C LEU L 315 -22.34 6.76 -6.99
N PRO L 316 -21.15 7.27 -7.31
CA PRO L 316 -20.37 8.13 -6.41
C PRO L 316 -21.10 9.29 -5.74
N TYR L 317 -22.24 9.72 -6.26
CA TYR L 317 -22.96 10.79 -5.59
C TYR L 317 -24.39 10.34 -5.54
N TYR L 318 -24.56 9.05 -5.33
CA TYR L 318 -25.85 8.38 -5.29
C TYR L 318 -26.94 9.13 -4.51
N ASP L 319 -26.51 9.97 -3.60
CA ASP L 319 -27.42 10.72 -2.74
C ASP L 319 -27.95 12.00 -3.34
N GLN L 320 -27.11 12.72 -4.08
CA GLN L 320 -27.57 13.92 -4.75
C GLN L 320 -28.48 13.52 -5.90
N LEU L 321 -28.34 12.28 -6.37
CA LEU L 321 -29.15 11.78 -7.47
C LEU L 321 -30.55 11.54 -6.90
N ALA L 322 -30.57 11.09 -5.65
CA ALA L 322 -31.82 10.80 -4.91
C ALA L 322 -32.42 12.10 -4.29
N ALA L 323 -31.55 13.08 -4.00
CA ALA L 323 -31.98 14.36 -3.41
C ALA L 323 -32.14 15.43 -4.48
N LEU L 324 -32.27 15.00 -5.73
CA LEU L 324 -32.42 15.92 -6.84
C LEU L 324 -33.93 16.16 -7.04
N PRO L 325 -34.33 17.38 -7.49
CA PRO L 325 -35.75 17.69 -7.72
C PRO L 325 -36.40 16.70 -8.73
N ALA L 326 -37.67 16.32 -8.51
CA ALA L 326 -38.38 15.39 -9.41
C ALA L 326 -38.30 15.89 -10.86
N GLN L 327 -37.91 17.15 -10.96
CA GLN L 327 -37.71 17.88 -12.21
C GLN L 327 -36.44 17.37 -12.94
N VAL L 328 -35.32 17.54 -12.22
CA VAL L 328 -33.98 17.17 -12.67
C VAL L 328 -33.74 15.64 -12.58
N ALA L 329 -34.13 15.04 -11.44
CA ALA L 329 -34.00 13.60 -11.23
C ALA L 329 -34.41 12.83 -12.49
N ALA L 330 -35.49 13.27 -13.15
CA ALA L 330 -35.96 12.59 -14.37
C ALA L 330 -34.92 12.52 -15.51
N ILE L 331 -34.21 13.64 -15.72
CA ILE L 331 -33.19 13.80 -16.75
C ILE L 331 -31.84 13.14 -16.37
N VAL L 332 -31.43 13.37 -15.13
CA VAL L 332 -30.19 12.83 -14.58
C VAL L 332 -30.31 11.30 -14.53
N GLN L 333 -31.48 10.83 -14.10
CA GLN L 333 -31.78 9.39 -13.98
C GLN L 333 -31.67 8.67 -15.31
N GLN L 334 -32.11 9.35 -16.36
CA GLN L 334 -32.10 8.82 -17.71
C GLN L 334 -30.68 8.70 -18.30
N TYR L 335 -29.74 9.45 -17.73
CA TYR L 335 -28.34 9.41 -18.13
C TYR L 335 -27.61 8.33 -17.36
N VAL L 336 -27.94 8.24 -16.07
CA VAL L 336 -27.38 7.26 -15.15
C VAL L 336 -27.84 5.89 -15.64
N ALA L 337 -29.09 5.81 -16.05
CA ALA L 337 -29.69 4.58 -16.57
C ALA L 337 -29.03 4.06 -17.86
N ARG L 338 -28.74 4.96 -18.80
CA ARG L 338 -28.11 4.56 -20.04
C ARG L 338 -26.73 4.03 -19.70
N GLN L 339 -26.06 4.70 -18.77
CA GLN L 339 -24.73 4.32 -18.32
C GLN L 339 -24.73 2.96 -17.62
N LYS L 340 -25.73 2.71 -16.76
CA LYS L 340 -25.83 1.44 -16.01
C LYS L 340 -25.97 0.17 -16.87
N ARG L 341 -26.64 0.29 -18.02
CA ARG L 341 -26.85 -0.83 -18.92
C ARG L 341 -25.65 -1.00 -19.85
N ARG L 342 -24.89 0.08 -20.02
CA ARG L 342 -23.69 0.08 -20.86
C ARG L 342 -22.68 -0.89 -20.27
N ILE L 343 -22.62 -0.98 -18.94
CA ILE L 343 -21.69 -1.90 -18.30
C ILE L 343 -22.28 -3.31 -18.23
N LYS L 344 -22.35 -3.97 -19.38
CA LYS L 344 -22.87 -5.35 -19.49
C LYS L 344 -21.82 -6.37 -19.10
N ARG L 345 -20.75 -6.40 -19.89
CA ARG L 345 -19.63 -7.33 -19.70
C ARG L 345 -18.58 -6.89 -18.67
N GLY M 2 -43.92 -7.24 -11.80
CA GLY M 2 -43.36 -7.21 -10.43
C GLY M 2 -41.99 -7.84 -10.27
N GLU M 3 -41.86 -8.65 -9.23
CA GLU M 3 -40.60 -9.30 -8.92
C GLU M 3 -40.57 -10.74 -9.34
N ILE M 4 -40.14 -10.91 -10.58
CA ILE M 4 -40.00 -12.21 -11.16
C ILE M 4 -39.03 -12.89 -10.19
N TYR M 5 -39.12 -14.21 -10.08
CA TYR M 5 -38.22 -14.98 -9.24
C TYR M 5 -38.45 -16.45 -9.57
N THR M 6 -37.35 -17.19 -9.60
CA THR M 6 -37.39 -18.58 -9.99
C THR M 6 -36.84 -19.60 -9.02
N GLU M 7 -37.49 -20.75 -9.03
CA GLU M 7 -37.07 -21.88 -8.23
C GLU M 7 -37.48 -23.17 -8.90
N THR M 8 -36.81 -24.24 -8.47
CA THR M 8 -37.10 -25.58 -8.95
C THR M 8 -38.05 -26.16 -7.91
N LEU M 9 -38.91 -27.10 -8.31
CA LEU M 9 -39.80 -27.74 -7.34
C LEU M 9 -39.06 -28.94 -6.81
N GLN M 10 -39.08 -29.11 -5.49
CA GLN M 10 -38.37 -30.23 -4.87
C GLN M 10 -38.82 -31.55 -5.42
N GLN M 11 -40.12 -31.70 -5.63
CA GLN M 11 -40.58 -32.97 -6.14
C GLN M 11 -40.26 -33.23 -7.61
N THR M 12 -39.47 -34.28 -7.85
CA THR M 12 -39.09 -34.71 -9.20
C THR M 12 -39.92 -35.95 -9.59
N TYR M 13 -39.74 -36.43 -10.82
CA TYR M 13 -40.49 -37.59 -11.31
C TYR M 13 -39.60 -38.43 -12.22
N ALA M 14 -39.51 -39.72 -11.91
CA ALA M 14 -38.72 -40.64 -12.73
C ALA M 14 -39.34 -40.85 -14.13
N TRP M 15 -38.51 -40.75 -15.16
CA TRP M 15 -38.98 -40.96 -16.53
C TRP M 15 -39.11 -42.46 -16.67
N THR M 16 -40.33 -42.92 -16.87
CA THR M 16 -40.56 -44.35 -17.06
C THR M 16 -41.13 -44.43 -18.47
N ALA M 17 -40.86 -45.53 -19.17
CA ALA M 17 -41.32 -45.67 -20.55
C ALA M 17 -42.84 -45.92 -20.70
N GLY M 18 -43.46 -45.21 -21.66
CA GLY M 18 -44.88 -45.33 -21.94
C GLY M 18 -45.82 -45.05 -20.78
N THR M 19 -45.49 -44.02 -19.99
CA THR M 19 -46.26 -43.64 -18.80
C THR M 19 -46.82 -42.23 -18.79
N ASN M 20 -47.79 -41.99 -17.91
CA ASN M 20 -48.33 -40.65 -17.75
C ASN M 20 -47.93 -40.18 -16.35
N ILE M 21 -47.12 -39.12 -16.26
CA ILE M 21 -46.68 -38.59 -14.98
C ILE M 21 -47.32 -37.22 -14.79
N PRO M 22 -48.41 -37.12 -14.00
CA PRO M 22 -49.04 -35.82 -13.79
C PRO M 22 -48.32 -34.99 -12.72
N ILE M 23 -48.04 -33.72 -13.05
CA ILE M 23 -47.33 -32.79 -12.15
C ILE M 23 -48.21 -31.62 -11.74
N LYS M 24 -48.22 -31.32 -10.45
CA LYS M 24 -49.00 -30.17 -9.98
C LYS M 24 -48.01 -29.03 -10.01
N ILE M 25 -48.43 -27.88 -10.53
CA ILE M 25 -47.59 -26.71 -10.60
C ILE M 25 -48.03 -25.78 -9.48
N PRO M 26 -47.17 -25.59 -8.48
CA PRO M 26 -47.46 -24.73 -7.32
C PRO M 26 -48.01 -23.37 -7.75
N ARG M 27 -49.07 -22.91 -7.10
CA ARG M 27 -49.67 -21.64 -7.48
C ARG M 27 -49.35 -20.49 -6.52
N ASN M 28 -48.08 -20.08 -6.47
CA ASN M 28 -47.62 -19.02 -5.58
C ASN M 28 -47.90 -17.59 -5.98
N ASN M 29 -47.48 -17.24 -7.19
CA ASN M 29 -47.67 -15.91 -7.75
C ASN M 29 -48.13 -16.16 -9.17
N PHE M 30 -47.92 -15.22 -10.07
CA PHE M 30 -48.30 -15.49 -11.46
C PHE M 30 -47.16 -16.34 -12.03
N ILE M 31 -47.44 -17.15 -13.04
CA ILE M 31 -46.40 -17.98 -13.60
C ILE M 31 -45.98 -17.48 -14.94
N ARG M 32 -44.71 -17.14 -15.07
CA ARG M 32 -44.17 -16.64 -16.32
C ARG M 32 -43.70 -17.77 -17.23
N LYS M 33 -43.00 -18.75 -16.67
CA LYS M 33 -42.53 -19.85 -17.49
C LYS M 33 -42.17 -21.14 -16.75
N ILE M 34 -42.45 -22.27 -17.38
CA ILE M 34 -42.16 -23.56 -16.80
C ILE M 34 -41.23 -24.37 -17.69
N ARG M 35 -40.01 -24.61 -17.20
CA ARG M 35 -39.02 -25.40 -17.92
C ARG M 35 -39.06 -26.83 -17.37
N VAL M 36 -38.90 -27.82 -18.22
CA VAL M 36 -38.93 -29.18 -17.73
C VAL M 36 -37.65 -29.78 -18.26
N GLN M 37 -36.92 -30.52 -17.44
CA GLN M 37 -35.66 -31.11 -17.89
C GLN M 37 -35.52 -32.59 -17.64
N LEU M 38 -35.23 -33.34 -18.71
CA LEU M 38 -35.03 -34.77 -18.56
C LEU M 38 -33.53 -34.85 -18.29
N ILE M 39 -33.16 -35.15 -17.04
CA ILE M 39 -31.77 -35.20 -16.65
C ILE M 39 -31.39 -36.50 -15.96
N GLY M 40 -30.46 -37.21 -16.59
CA GLY M 40 -29.98 -38.47 -16.07
C GLY M 40 -28.97 -39.03 -17.06
N SER M 41 -29.12 -40.31 -17.41
CA SER M 41 -28.21 -40.93 -18.37
C SER M 41 -28.96 -41.97 -19.18
N ILE M 42 -28.33 -42.42 -20.25
CA ILE M 42 -28.93 -43.44 -21.07
C ILE M 42 -27.88 -44.51 -21.01
N SER M 43 -28.20 -45.60 -20.30
CA SER M 43 -27.24 -46.68 -20.14
C SER M 43 -27.39 -47.88 -21.06
N ASN M 44 -26.25 -48.29 -21.59
CA ASN M 44 -26.15 -49.44 -22.45
C ASN M 44 -25.45 -50.42 -21.53
N SER M 45 -26.08 -51.56 -21.33
CA SER M 45 -25.56 -52.62 -20.48
C SER M 45 -25.14 -53.76 -21.41
N GLY M 46 -25.48 -53.59 -22.69
CA GLY M 46 -25.17 -54.57 -23.72
C GLY M 46 -23.70 -54.60 -24.13
N THR M 47 -23.34 -55.73 -24.74
CA THR M 47 -21.98 -56.04 -25.22
C THR M 47 -21.43 -55.05 -26.29
N ALA M 48 -22.31 -54.64 -27.23
CA ALA M 48 -21.97 -53.72 -28.33
C ALA M 48 -22.46 -52.28 -28.05
N ALA M 49 -21.70 -51.28 -28.54
CA ALA M 49 -22.05 -49.85 -28.38
C ALA M 49 -23.33 -49.52 -29.19
N VAL M 50 -24.42 -49.20 -28.48
CA VAL M 50 -25.71 -48.89 -29.10
C VAL M 50 -25.89 -47.43 -29.47
N THR M 51 -26.07 -47.18 -30.76
CA THR M 51 -26.30 -45.83 -31.28
C THR M 51 -27.77 -45.46 -31.04
N LEU M 52 -27.97 -44.32 -30.37
CA LEU M 52 -29.28 -43.76 -30.02
C LEU M 52 -30.01 -43.30 -31.29
N PRO M 53 -31.35 -43.47 -31.32
CA PRO M 53 -32.15 -43.06 -32.49
C PRO M 53 -31.86 -41.61 -32.93
N SER M 54 -32.09 -41.28 -34.20
CA SER M 54 -31.83 -39.90 -34.67
C SER M 54 -33.05 -39.00 -34.43
N ALA M 55 -32.90 -37.70 -34.71
CA ALA M 55 -33.99 -36.74 -34.52
C ALA M 55 -35.30 -37.44 -34.91
N PRO M 56 -36.40 -37.19 -34.17
CA PRO M 56 -36.54 -36.32 -32.99
C PRO M 56 -35.85 -36.67 -31.64
N PHE M 57 -35.18 -37.83 -31.51
CA PHE M 57 -34.50 -38.13 -30.24
C PHE M 57 -33.42 -37.05 -30.01
N PRO M 58 -33.15 -36.69 -28.75
CA PRO M 58 -33.71 -37.18 -27.51
C PRO M 58 -35.13 -36.72 -27.26
N TYR M 59 -35.51 -35.62 -27.89
CA TYR M 59 -36.83 -35.03 -27.72
C TYR M 59 -38.05 -35.94 -27.54
N ASN M 60 -38.19 -36.97 -28.36
CA ASN M 60 -39.34 -37.86 -28.23
C ASN M 60 -39.33 -38.79 -27.03
N LEU M 61 -38.34 -38.68 -26.14
CA LEU M 61 -38.34 -39.51 -24.94
C LEU M 61 -39.57 -39.10 -24.15
N VAL M 62 -40.11 -37.93 -24.48
CA VAL M 62 -41.31 -37.40 -23.86
C VAL M 62 -42.27 -37.32 -25.04
N GLN M 63 -43.05 -38.36 -25.21
CA GLN M 63 -43.99 -38.42 -26.31
C GLN M 63 -44.90 -37.22 -26.42
N THR M 64 -45.50 -36.81 -25.30
CA THR M 64 -46.41 -35.65 -25.30
C THR M 64 -46.41 -34.86 -23.98
N PHE M 65 -46.80 -33.59 -24.07
CA PHE M 65 -46.88 -32.68 -22.93
C PHE M 65 -48.28 -32.10 -22.85
N ASN M 66 -48.70 -31.73 -21.64
CA ASN M 66 -50.03 -31.15 -21.50
C ASN M 66 -50.17 -30.28 -20.27
N LEU M 67 -49.89 -29.00 -20.45
CA LEU M 67 -49.99 -28.03 -19.39
C LEU M 67 -51.32 -27.29 -19.47
N SER M 68 -52.16 -27.43 -18.45
CA SER M 68 -53.48 -26.78 -18.41
C SER M 68 -53.94 -26.41 -16.99
N TYR M 69 -55.06 -25.68 -16.87
CA TYR M 69 -55.56 -25.31 -15.53
C TYR M 69 -57.05 -25.59 -15.34
N GLU M 70 -57.36 -26.05 -14.12
CA GLU M 70 -58.69 -26.49 -13.69
C GLU M 70 -58.98 -27.79 -14.39
N GLY M 71 -57.92 -28.37 -14.97
CA GLY M 71 -58.00 -29.62 -15.71
C GLY M 71 -58.68 -29.50 -17.07
N SER M 72 -59.20 -28.31 -17.38
CA SER M 72 -59.96 -28.15 -18.61
C SER M 72 -59.51 -27.11 -19.65
N LYS M 73 -58.71 -26.14 -19.21
CA LYS M 73 -58.28 -25.09 -20.12
C LYS M 73 -56.82 -25.40 -20.41
N THR M 74 -56.60 -25.79 -21.67
CA THR M 74 -55.31 -26.25 -22.18
C THR M 74 -54.43 -25.11 -22.68
N LEU M 75 -53.35 -24.88 -21.95
CA LEU M 75 -52.39 -23.84 -22.26
C LEU M 75 -51.40 -24.46 -23.24
N TYR M 76 -51.16 -25.76 -23.06
CA TYR M 76 -50.25 -26.50 -23.92
C TYR M 76 -50.73 -27.91 -24.22
N SER M 77 -50.44 -28.33 -25.43
CA SER M 77 -50.81 -29.64 -25.87
C SER M 77 -49.95 -29.84 -27.08
N VAL M 78 -48.75 -30.32 -26.80
CA VAL M 78 -47.78 -30.55 -27.84
C VAL M 78 -47.06 -31.84 -27.52
N SER M 79 -46.27 -32.33 -28.47
CA SER M 79 -45.50 -33.55 -28.25
C SER M 79 -44.04 -33.13 -27.98
N GLY M 80 -43.27 -34.02 -27.36
CA GLY M 80 -41.87 -33.71 -27.07
C GLY M 80 -41.11 -33.42 -28.36
N THR M 81 -41.53 -34.08 -29.42
CA THR M 81 -40.94 -33.90 -30.74
C THR M 81 -41.40 -32.55 -31.27
N GLY M 82 -42.62 -32.17 -30.89
CA GLY M 82 -43.16 -30.88 -31.30
C GLY M 82 -42.55 -29.71 -30.55
N LEU M 83 -42.88 -29.60 -29.25
CA LEU M 83 -42.36 -28.52 -28.41
C LEU M 83 -40.84 -28.51 -28.45
N GLY M 84 -40.26 -29.70 -28.60
CA GLY M 84 -38.82 -29.83 -28.67
C GLY M 84 -38.21 -29.13 -29.88
N ILE M 85 -38.80 -29.31 -31.06
CA ILE M 85 -38.30 -28.67 -32.27
C ILE M 85 -38.53 -27.16 -32.21
N LEU M 86 -39.66 -26.75 -31.65
CA LEU M 86 -39.92 -25.32 -31.52
C LEU M 86 -38.77 -24.74 -30.66
N MET M 87 -38.35 -25.52 -29.66
CA MET M 87 -37.27 -25.13 -28.76
C MET M 87 -35.97 -25.01 -29.54
N TYR M 88 -35.75 -25.96 -30.44
CA TYR M 88 -34.56 -25.95 -31.26
C TYR M 88 -34.42 -24.68 -32.08
N TYR M 89 -35.52 -24.09 -32.54
CA TYR M 89 -35.43 -22.89 -33.36
C TYR M 89 -35.37 -21.61 -32.61
N THR M 90 -36.36 -21.39 -31.76
CA THR M 90 -36.45 -20.17 -31.00
C THR M 90 -35.26 -19.84 -30.08
N THR M 91 -34.26 -20.74 -30.00
CA THR M 91 -33.09 -20.50 -29.15
C THR M 91 -31.76 -20.68 -29.91
N LYS M 92 -31.80 -20.54 -31.23
CA LYS M 92 -30.61 -20.72 -32.08
C LYS M 92 -30.04 -22.13 -31.95
N GLY M 93 -30.93 -23.11 -31.73
CA GLY M 93 -30.53 -24.51 -31.61
C GLY M 93 -29.59 -24.74 -30.45
N GLN M 94 -29.59 -23.79 -29.53
CA GLN M 94 -28.71 -23.79 -28.36
C GLN M 94 -29.37 -24.49 -27.20
N ASN M 95 -30.58 -24.97 -27.41
CA ASN M 95 -31.32 -25.64 -26.38
C ASN M 95 -30.63 -26.94 -25.92
N PRO M 96 -30.54 -27.17 -24.58
CA PRO M 96 -29.91 -28.39 -24.04
C PRO M 96 -30.58 -29.62 -24.62
N ALA M 97 -29.81 -30.44 -25.36
CA ALA M 97 -30.36 -31.66 -25.98
C ALA M 97 -29.34 -32.78 -26.17
N TYR M 98 -28.96 -33.44 -25.07
CA TYR M 98 -28.00 -34.55 -25.11
C TYR M 98 -28.62 -35.90 -24.81
N PRO M 99 -28.13 -36.97 -25.47
CA PRO M 99 -27.04 -36.83 -26.45
C PRO M 99 -27.64 -36.48 -27.83
N ALA M 100 -26.79 -36.08 -28.78
CA ALA M 100 -27.25 -35.73 -30.13
C ALA M 100 -27.86 -36.94 -30.85
N PRO M 101 -28.57 -36.71 -31.98
CA PRO M 101 -29.15 -37.86 -32.67
C PRO M 101 -28.02 -38.77 -33.19
N GLY M 102 -28.17 -40.08 -33.00
CA GLY M 102 -27.18 -41.04 -33.48
C GLY M 102 -25.90 -41.26 -32.65
N THR M 103 -25.81 -40.64 -31.47
CA THR M 103 -24.60 -40.80 -30.64
C THR M 103 -24.56 -42.17 -30.03
N SER M 104 -23.34 -42.73 -29.96
CA SER M 104 -23.18 -44.08 -29.43
C SER M 104 -22.94 -44.12 -27.92
N VAL M 105 -23.66 -45.03 -27.28
CA VAL M 105 -23.59 -45.27 -25.85
C VAL M 105 -22.53 -46.38 -25.73
N PRO M 106 -21.32 -46.04 -25.19
CA PRO M 106 -20.24 -47.04 -25.05
C PRO M 106 -20.77 -48.41 -24.60
N ALA M 107 -20.26 -49.47 -25.25
CA ALA M 107 -20.68 -50.84 -24.95
C ALA M 107 -20.44 -51.17 -23.46
N SER M 108 -21.54 -51.35 -22.72
CA SER M 108 -21.53 -51.64 -21.25
C SER M 108 -21.10 -50.37 -20.43
N GLY M 109 -21.31 -49.20 -21.06
CA GLY M 109 -21.00 -47.90 -20.48
C GLY M 109 -22.22 -47.02 -20.75
N SER M 110 -22.15 -45.72 -20.46
CA SER M 110 -23.32 -44.85 -20.68
C SER M 110 -23.02 -43.42 -21.15
N VAL M 111 -24.09 -42.71 -21.54
CA VAL M 111 -23.98 -41.34 -22.02
C VAL M 111 -24.80 -40.41 -21.10
N ASN M 112 -24.77 -39.12 -21.40
CA ASN M 112 -25.51 -38.16 -20.59
C ASN M 112 -26.78 -37.68 -21.20
N LEU M 113 -27.83 -37.74 -20.40
CA LEU M 113 -29.12 -37.30 -20.86
C LEU M 113 -29.44 -35.96 -20.22
N ASN M 114 -29.82 -35.02 -21.07
CA ASN M 114 -30.19 -33.69 -20.65
C ASN M 114 -30.97 -33.01 -21.76
N VAL M 115 -32.29 -33.04 -21.64
CA VAL M 115 -33.16 -32.41 -22.61
C VAL M 115 -34.04 -31.35 -21.97
N MET M 116 -34.37 -30.32 -22.72
CA MET M 116 -35.24 -29.30 -22.15
C MET M 116 -36.39 -28.79 -23.02
N TRP M 117 -37.44 -28.32 -22.34
CA TRP M 117 -38.63 -27.75 -22.95
C TRP M 117 -38.97 -26.50 -22.15
N GLU M 118 -39.77 -25.62 -22.71
CA GLU M 118 -40.13 -24.42 -21.97
C GLU M 118 -41.47 -23.90 -22.42
N PHE M 119 -42.39 -23.87 -21.46
CA PHE M 119 -43.73 -23.38 -21.73
C PHE M 119 -43.83 -21.94 -21.25
N ASP M 120 -44.01 -21.04 -22.20
CA ASP M 120 -44.10 -19.63 -21.90
C ASP M 120 -45.52 -19.24 -21.64
N LEU M 121 -45.80 -18.87 -20.40
CA LEU M 121 -47.14 -18.46 -20.05
C LEU M 121 -47.32 -16.96 -19.92
N ALA M 122 -46.44 -16.16 -20.52
CA ALA M 122 -46.54 -14.69 -20.41
C ALA M 122 -46.64 -14.39 -18.90
N ARG M 123 -47.77 -13.86 -18.46
CA ARG M 123 -47.96 -13.64 -17.04
C ARG M 123 -49.31 -14.21 -16.56
N PHE M 124 -49.39 -15.53 -16.67
CA PHE M 124 -50.55 -16.36 -16.31
C PHE M 124 -50.99 -16.17 -14.87
N PRO M 125 -52.27 -15.80 -14.65
CA PRO M 125 -52.80 -15.58 -13.29
C PRO M 125 -52.97 -16.88 -12.51
N ALA M 126 -51.84 -17.53 -12.22
CA ALA M 126 -51.81 -18.80 -11.48
C ALA M 126 -52.36 -18.78 -10.05
N THR M 127 -52.49 -17.58 -9.49
CA THR M 127 -53.03 -17.45 -8.14
C THR M 127 -54.56 -17.36 -8.20
N MET M 128 -55.08 -16.96 -9.35
CA MET M 128 -56.51 -16.77 -9.51
C MET M 128 -57.25 -17.93 -10.14
N VAL M 129 -56.52 -18.95 -10.59
CA VAL M 129 -57.17 -20.11 -11.18
C VAL M 129 -56.86 -21.27 -10.26
N GLN M 130 -57.32 -22.46 -10.66
CA GLN M 130 -57.14 -23.67 -9.89
C GLN M 130 -56.39 -24.75 -10.62
N ASN M 131 -55.50 -25.42 -9.90
CA ASN M 131 -54.80 -26.58 -10.45
C ASN M 131 -54.03 -26.50 -11.79
N ILE M 132 -52.81 -25.96 -11.79
CA ILE M 132 -52.06 -25.97 -13.02
C ILE M 132 -51.30 -27.30 -13.09
N ILE M 133 -51.80 -28.25 -13.87
CA ILE M 133 -51.20 -29.58 -13.95
C ILE M 133 -50.49 -29.84 -15.27
N LEU M 134 -49.17 -29.97 -15.21
CA LEU M 134 -48.37 -30.24 -16.39
C LEU M 134 -48.21 -31.75 -16.56
N SER M 135 -49.03 -32.35 -17.42
CA SER M 135 -48.98 -33.79 -17.66
C SER M 135 -48.02 -34.24 -18.76
N ILE M 136 -47.00 -34.99 -18.33
CA ILE M 136 -45.99 -35.50 -19.23
C ILE M 136 -46.28 -36.97 -19.52
N LEU M 137 -46.65 -37.27 -20.75
CA LEU M 137 -46.88 -38.66 -21.14
C LEU M 137 -45.65 -39.14 -21.88
N THR M 138 -44.70 -39.68 -21.12
CA THR M 138 -43.43 -40.19 -21.67
C THR M 138 -43.66 -41.16 -22.81
N GLY M 139 -42.69 -41.22 -23.72
CA GLY M 139 -42.78 -42.09 -24.88
C GLY M 139 -42.12 -43.45 -24.67
N GLN M 140 -41.23 -43.81 -25.58
CA GLN M 140 -40.53 -45.09 -25.51
C GLN M 140 -39.02 -44.99 -25.30
N ALA M 141 -38.48 -45.89 -24.49
CA ALA M 141 -37.04 -45.94 -24.25
C ALA M 141 -36.38 -46.41 -25.56
N PRO M 142 -35.32 -45.70 -26.04
CA PRO M 142 -34.64 -46.10 -27.29
C PRO M 142 -34.26 -47.59 -27.25
N SER M 143 -34.09 -48.19 -28.43
CA SER M 143 -33.74 -49.61 -28.50
C SER M 143 -32.28 -49.92 -28.06
N GLY M 144 -32.11 -50.85 -27.11
CA GLY M 144 -30.80 -51.24 -26.62
C GLY M 144 -30.29 -50.51 -25.38
N VAL M 145 -30.88 -49.34 -25.11
CA VAL M 145 -30.50 -48.50 -23.97
C VAL M 145 -31.68 -48.21 -23.03
N SER M 146 -31.34 -47.84 -21.80
CA SER M 146 -32.34 -47.56 -20.77
C SER M 146 -32.19 -46.17 -20.20
N ILE M 147 -33.30 -45.44 -20.21
CA ILE M 147 -33.30 -44.08 -19.71
C ILE M 147 -33.49 -44.01 -18.18
N ASN M 148 -32.48 -43.48 -17.48
CA ASN M 148 -32.47 -43.32 -16.02
C ASN M 148 -32.48 -41.83 -15.67
N ALA M 149 -33.50 -41.11 -16.14
CA ALA M 149 -33.56 -39.69 -15.88
C ALA M 149 -34.83 -39.32 -15.11
N SER M 150 -34.97 -38.02 -14.84
CA SER M 150 -36.13 -37.51 -14.11
C SER M 150 -36.48 -36.15 -14.68
N PHE M 151 -37.60 -35.59 -14.24
CA PHE M 151 -37.99 -34.26 -14.70
C PHE M 151 -37.82 -33.23 -13.58
N TYR M 152 -37.33 -32.05 -13.95
CA TYR M 152 -37.13 -30.97 -13.00
C TYR M 152 -37.97 -29.83 -13.49
N ILE M 153 -39.00 -29.54 -12.71
CA ILE M 153 -39.93 -28.48 -13.03
C ILE M 153 -39.38 -27.20 -12.38
N THR M 154 -39.03 -26.23 -13.23
CA THR M 154 -38.48 -24.94 -12.81
C THR M 154 -39.52 -23.89 -13.16
N ILE M 155 -40.03 -23.22 -12.13
CA ILE M 155 -41.06 -22.24 -12.37
C ILE M 155 -40.67 -20.80 -12.10
N THR M 156 -41.05 -19.93 -13.02
CA THR M 156 -40.77 -18.50 -12.94
C THR M 156 -42.02 -17.72 -12.51
N TYR M 157 -42.07 -17.30 -11.25
CA TYR M 157 -43.22 -16.53 -10.78
C TYR M 157 -42.93 -15.02 -10.88
N GLU M 158 -43.99 -14.23 -10.99
CA GLU M 158 -43.85 -12.78 -11.09
C GLU M 158 -44.75 -12.24 -10.00
N ARG M 159 -44.18 -11.33 -9.23
CA ARG M 159 -44.91 -10.78 -8.11
C ARG M 159 -45.89 -9.71 -8.60
N VAL M 160 -46.90 -10.12 -9.36
CA VAL M 160 -47.90 -9.16 -9.79
C VAL M 160 -48.69 -8.85 -8.54
N THR M 161 -48.87 -7.57 -8.20
CA THR M 161 -49.62 -7.27 -6.99
C THR M 161 -51.00 -6.77 -7.33
N ALA M 162 -51.86 -6.85 -6.32
CA ALA M 162 -53.25 -6.41 -6.41
C ALA M 162 -53.22 -4.99 -6.97
N GLN M 163 -52.21 -4.25 -6.51
CA GLN M 163 -52.03 -2.88 -6.95
C GLN M 163 -51.95 -2.81 -8.47
N GLU M 164 -50.88 -3.40 -9.00
CA GLU M 164 -50.57 -3.45 -10.42
C GLU M 164 -51.69 -4.01 -11.32
N ILE M 165 -52.36 -5.08 -10.90
CA ILE M 165 -53.44 -5.65 -11.70
C ILE M 165 -54.39 -4.49 -12.06
N LEU M 166 -54.65 -3.63 -11.08
CA LEU M 166 -55.52 -2.46 -11.27
C LEU M 166 -54.90 -1.46 -12.25
N SER M 167 -53.57 -1.36 -12.24
CA SER M 167 -52.86 -0.43 -13.12
C SER M 167 -52.96 -0.87 -14.59
N GLU M 168 -53.66 -1.97 -14.86
CA GLU M 168 -53.74 -2.53 -16.22
C GLU M 168 -55.16 -2.86 -16.68
N GLY M 169 -56.15 -2.37 -15.94
CA GLY M 169 -57.51 -2.66 -16.30
C GLY M 169 -58.19 -3.62 -15.34
N GLY M 170 -57.67 -3.71 -14.11
CA GLY M 170 -58.26 -4.59 -13.10
C GLY M 170 -58.54 -6.03 -13.53
N LEU M 171 -59.72 -6.53 -13.19
CA LEU M 171 -60.07 -7.90 -13.55
C LEU M 171 -60.98 -7.96 -14.77
N GLY M 172 -61.24 -9.18 -15.21
CA GLY M 172 -62.09 -9.39 -16.36
C GLY M 172 -63.55 -9.08 -16.09
N ALA M 173 -64.42 -9.46 -17.02
CA ALA M 173 -65.86 -9.21 -16.89
C ALA M 173 -66.42 -9.93 -15.69
N ASP M 174 -66.04 -11.19 -15.59
CA ASP M 174 -66.44 -12.10 -14.53
C ASP M 174 -65.45 -12.10 -13.36
N GLY M 175 -64.36 -11.34 -13.53
CA GLY M 175 -63.33 -11.24 -12.50
C GLY M 175 -62.67 -12.54 -12.09
N GLU M 176 -62.13 -13.26 -13.08
CA GLU M 176 -61.49 -14.54 -12.79
C GLU M 176 -60.01 -14.45 -13.08
N MET M 177 -59.63 -13.40 -13.78
CA MET M 177 -58.25 -13.16 -14.13
C MET M 177 -58.24 -11.69 -14.45
N PRO M 178 -57.05 -11.11 -14.55
CA PRO M 178 -56.93 -9.68 -14.87
C PRO M 178 -57.44 -9.40 -16.29
N LEU M 179 -58.00 -8.22 -16.52
CA LEU M 179 -58.52 -7.90 -17.85
C LEU M 179 -57.47 -8.06 -18.93
N ALA M 180 -56.25 -7.62 -18.64
CA ALA M 180 -55.16 -7.68 -19.60
C ALA M 180 -54.41 -9.02 -19.65
N THR M 181 -55.16 -10.12 -19.49
CA THR M 181 -54.59 -11.47 -19.51
C THR M 181 -54.38 -12.01 -20.91
N VAL M 182 -53.28 -12.75 -21.07
CA VAL M 182 -52.94 -13.34 -22.34
C VAL M 182 -52.51 -14.80 -22.16
N LEU M 183 -53.49 -15.70 -22.16
CA LEU M 183 -53.25 -17.13 -21.99
C LEU M 183 -52.66 -17.70 -23.26
N PRO M 184 -51.46 -18.29 -23.16
CA PRO M 184 -50.79 -18.89 -24.32
C PRO M 184 -51.53 -20.16 -24.67
N LYS M 185 -51.98 -20.56 -25.83
CA LYS M 185 -52.77 -21.68 -26.31
C LYS M 185 -51.90 -22.34 -27.38
N VAL M 186 -50.59 -22.89 -27.02
CA VAL M 186 -49.74 -23.64 -27.91
C VAL M 186 -50.28 -25.05 -28.10
N ILE M 187 -51.08 -25.21 -29.15
CA ILE M 187 -51.70 -26.48 -29.48
C ILE M 187 -50.95 -27.11 -30.63
N GLU M 188 -51.14 -28.40 -30.83
CA GLU M 188 -50.47 -29.07 -31.93
C GLU M 188 -51.40 -30.05 -32.60
N ILE M 189 -51.73 -29.74 -33.85
CA ILE M 189 -52.63 -30.58 -34.60
C ILE M 189 -51.97 -31.31 -35.76
N PRO M 190 -51.80 -32.63 -35.61
CA PRO M 190 -51.20 -33.50 -36.62
C PRO M 190 -52.20 -33.99 -37.68
N THR M 191 -51.71 -34.08 -38.91
CA THR M 191 -52.52 -34.54 -40.05
C THR M 191 -51.88 -35.81 -40.54
N PHE M 192 -52.71 -36.74 -41.00
CA PHE M 192 -52.18 -37.97 -41.47
C PHE M 192 -52.48 -38.19 -42.93
N ASN M 193 -51.48 -38.71 -43.63
CA ASN M 193 -51.60 -39.05 -45.04
C ASN M 193 -51.93 -37.95 -46.02
N VAL M 194 -51.38 -36.77 -45.82
CA VAL M 194 -51.60 -35.72 -46.79
C VAL M 194 -50.89 -36.36 -48.01
N PRO M 195 -51.63 -36.60 -49.12
CA PRO M 195 -51.06 -37.24 -50.32
C PRO M 195 -49.91 -36.51 -51.03
N ALA M 196 -49.09 -37.29 -51.73
CA ALA M 196 -47.92 -36.79 -52.48
C ALA M 196 -48.31 -35.92 -53.70
N SER M 197 -47.75 -34.71 -53.79
CA SER M 197 -48.07 -33.81 -54.90
C SER M 197 -47.04 -32.70 -55.12
N SER M 198 -47.05 -32.09 -56.31
CA SER M 198 -46.12 -31.01 -56.67
C SER M 198 -46.74 -29.59 -56.49
N ALA M 199 -48.06 -29.47 -56.66
CA ALA M 199 -48.79 -28.21 -56.45
C ALA M 199 -49.33 -28.40 -55.03
N PRO M 200 -49.07 -27.43 -54.11
CA PRO M 200 -49.55 -27.55 -52.73
C PRO M 200 -51.05 -27.90 -52.58
N ILE M 201 -51.36 -29.06 -52.00
CA ILE M 201 -52.76 -29.48 -51.82
C ILE M 201 -53.17 -29.08 -50.43
N HIS M 202 -54.45 -28.84 -50.24
CA HIS M 202 -54.96 -28.44 -48.93
C HIS M 202 -54.53 -29.41 -47.82
N VAL M 203 -53.90 -28.88 -46.77
CA VAL M 203 -53.46 -29.73 -45.65
C VAL M 203 -54.37 -29.57 -44.44
N ALA M 204 -54.66 -28.33 -44.05
CA ALA M 204 -55.52 -28.13 -42.89
C ALA M 204 -55.79 -26.67 -42.65
N TYR M 205 -56.92 -26.38 -42.02
CA TYR M 205 -57.26 -25.01 -41.69
C TYR M 205 -56.82 -24.71 -40.28
N LEU M 206 -56.53 -23.45 -40.01
CA LEU M 206 -56.15 -23.06 -38.67
C LEU M 206 -57.57 -22.76 -38.16
N GLN M 207 -58.00 -23.36 -37.06
CA GLN M 207 -59.36 -23.04 -36.62
C GLN M 207 -59.34 -21.86 -35.69
N PRO M 208 -60.26 -20.95 -35.90
CA PRO M 208 -60.40 -19.74 -35.11
C PRO M 208 -60.50 -19.96 -33.61
N GLY M 209 -60.58 -18.82 -32.92
CA GLY M 209 -60.65 -18.75 -31.47
C GLY M 209 -59.32 -18.39 -30.81
N GLN M 210 -58.44 -17.72 -31.55
CA GLN M 210 -57.15 -17.35 -30.98
C GLN M 210 -56.28 -16.55 -31.92
N ILE M 211 -55.25 -15.92 -31.38
CA ILE M 211 -54.33 -15.14 -32.20
C ILE M 211 -53.10 -15.99 -32.39
N TYR M 212 -52.80 -16.32 -33.65
CA TYR M 212 -51.63 -17.14 -34.03
C TYR M 212 -50.37 -16.26 -34.13
N LYS M 213 -49.28 -16.67 -33.48
CA LYS M 213 -48.03 -15.92 -33.50
C LYS M 213 -47.04 -16.52 -34.51
N ARG M 214 -46.95 -17.85 -34.53
CA ARG M 214 -46.06 -18.52 -35.48
C ARG M 214 -46.43 -20.00 -35.57
N GLN M 215 -46.19 -20.62 -36.72
CA GLN M 215 -46.51 -22.04 -36.91
C GLN M 215 -45.29 -22.87 -37.34
N LEU M 216 -45.08 -23.97 -36.62
CA LEU M 216 -43.96 -24.88 -36.88
C LEU M 216 -44.45 -26.12 -37.59
N VAL M 217 -44.14 -26.25 -38.87
CA VAL M 217 -44.59 -27.41 -39.60
C VAL M 217 -43.45 -28.35 -39.93
N TYR M 218 -43.65 -29.64 -39.70
CA TYR M 218 -42.63 -30.61 -40.03
C TYR M 218 -43.29 -31.94 -40.42
N VAL M 219 -42.76 -32.58 -41.45
CA VAL M 219 -43.31 -33.84 -41.96
C VAL M 219 -42.57 -35.06 -41.44
N ILE M 220 -43.27 -36.21 -41.44
CA ILE M 220 -42.69 -37.47 -40.97
C ILE M 220 -42.93 -38.60 -41.98
N ASN M 221 -41.87 -38.96 -42.69
CA ASN M 221 -41.89 -40.06 -43.67
C ASN M 221 -41.85 -41.33 -42.82
N SER M 222 -42.43 -42.42 -43.32
CA SER M 222 -42.42 -43.71 -42.59
C SER M 222 -41.02 -44.40 -42.57
N THR M 223 -40.20 -44.10 -43.58
CA THR M 223 -38.84 -44.67 -43.72
C THR M 223 -37.77 -43.86 -42.94
N SER M 224 -37.66 -42.57 -43.29
CA SER M 224 -36.69 -41.63 -42.71
C SER M 224 -37.12 -40.85 -41.43
N GLY M 225 -38.33 -41.10 -40.92
CA GLY M 225 -38.80 -40.40 -39.74
C GLY M 225 -39.00 -38.92 -40.00
N ILE M 226 -38.25 -38.08 -39.29
CA ILE M 226 -38.38 -36.64 -39.48
C ILE M 226 -37.24 -36.09 -40.35
N ASN M 227 -36.39 -36.99 -40.84
CA ASN M 227 -35.25 -36.57 -41.66
C ASN M 227 -35.38 -36.90 -43.13
N ASN M 228 -36.44 -36.42 -43.73
CA ASN M 228 -36.70 -36.64 -45.15
C ASN M 228 -36.68 -35.24 -45.70
N THR M 229 -37.02 -35.09 -46.98
CA THR M 229 -37.02 -33.77 -47.62
C THR M 229 -38.21 -33.61 -48.57
N ASP M 230 -39.33 -34.19 -48.16
CA ASP M 230 -40.54 -34.17 -48.98
C ASP M 230 -41.16 -32.79 -49.01
N PRO M 231 -41.34 -32.17 -47.84
CA PRO M 231 -41.94 -30.82 -47.94
C PRO M 231 -41.14 -29.96 -48.93
N THR M 232 -41.77 -29.59 -50.06
CA THR M 232 -41.11 -28.77 -51.07
C THR M 232 -41.84 -27.45 -51.28
N GLU M 233 -43.15 -27.47 -51.09
CA GLU M 233 -43.92 -26.26 -51.28
C GLU M 233 -44.98 -26.00 -50.20
N TYR M 234 -44.72 -24.95 -49.41
CA TYR M 234 -45.62 -24.51 -48.35
C TYR M 234 -46.50 -23.36 -48.84
N GLU M 235 -47.70 -23.24 -48.28
CA GLU M 235 -48.57 -22.19 -48.78
C GLU M 235 -49.74 -21.78 -47.89
N LEU M 236 -49.78 -20.51 -47.52
CA LEU M 236 -50.86 -20.00 -46.70
C LEU M 236 -51.92 -19.30 -47.54
N LYS M 237 -53.05 -19.98 -47.72
CA LYS M 237 -54.15 -19.46 -48.52
C LYS M 237 -55.24 -18.90 -47.62
N ILE M 238 -55.56 -17.61 -47.76
CA ILE M 238 -56.68 -17.01 -47.02
C ILE M 238 -57.89 -17.45 -47.88
N VAL M 239 -58.71 -18.37 -47.39
CA VAL M 239 -59.86 -18.87 -48.16
C VAL M 239 -61.10 -17.98 -48.16
N ARG M 240 -61.50 -17.52 -46.97
CA ARG M 240 -62.66 -16.65 -46.83
C ARG M 240 -62.27 -15.27 -47.35
N GLY M 241 -63.25 -14.44 -47.73
CA GLY M 241 -62.95 -13.11 -48.25
C GLY M 241 -62.35 -13.18 -49.65
N VAL M 242 -61.61 -12.17 -50.11
CA VAL M 242 -61.00 -12.27 -51.43
C VAL M 242 -59.97 -13.40 -51.28
N PRO M 243 -60.00 -14.41 -52.16
CA PRO M 243 -59.02 -15.49 -52.01
C PRO M 243 -57.60 -14.96 -52.26
N THR M 244 -56.66 -15.32 -51.38
CA THR M 244 -55.26 -14.84 -51.48
C THR M 244 -54.20 -15.76 -50.89
N ASP M 245 -52.96 -15.54 -51.32
CA ASP M 245 -51.85 -16.34 -50.83
C ASP M 245 -50.91 -15.45 -50.02
N LYS M 246 -50.96 -15.57 -48.70
CA LYS M 246 -50.09 -14.77 -47.83
C LYS M 246 -48.70 -15.39 -47.91
N ILE M 247 -48.63 -16.64 -48.35
CA ILE M 247 -47.37 -17.38 -48.49
C ILE M 247 -47.46 -18.34 -49.68
N LYS M 248 -46.42 -18.38 -50.48
CA LYS M 248 -46.35 -19.28 -51.64
C LYS M 248 -44.85 -19.48 -51.86
N VAL M 249 -44.15 -19.80 -50.76
CA VAL M 249 -42.71 -19.97 -50.77
C VAL M 249 -42.26 -21.43 -50.89
N SER M 250 -41.16 -21.68 -51.61
CA SER M 250 -40.61 -23.03 -51.78
C SER M 250 -39.99 -23.47 -50.45
N TRP M 251 -40.07 -24.76 -50.15
CA TRP M 251 -39.54 -25.24 -48.88
C TRP M 251 -38.10 -24.80 -48.63
N ALA M 252 -37.26 -24.89 -49.66
CA ALA M 252 -35.87 -24.47 -49.55
C ALA M 252 -35.87 -23.02 -49.03
N ALA M 253 -36.72 -22.22 -49.66
CA ALA M 253 -36.88 -20.80 -49.35
C ALA M 253 -37.49 -20.46 -47.99
N LEU M 254 -38.29 -21.37 -47.44
CA LEU M 254 -38.88 -21.14 -46.13
C LEU M 254 -37.85 -21.47 -45.03
N GLN M 255 -37.02 -22.50 -45.26
CA GLN M 255 -35.97 -22.89 -44.31
C GLN M 255 -34.93 -21.79 -44.44
N ALA M 256 -35.07 -21.07 -45.53
CA ALA M 256 -34.25 -19.92 -45.84
C ALA M 256 -34.60 -18.77 -44.90
N GLU M 257 -35.89 -18.40 -44.80
CA GLU M 257 -36.27 -17.30 -43.90
C GLU M 257 -35.89 -17.68 -42.47
N ASN M 258 -35.71 -18.98 -42.21
CA ASN M 258 -35.36 -19.44 -40.86
C ASN M 258 -33.87 -19.31 -40.52
N GLN M 259 -33.01 -19.34 -41.54
CA GLN M 259 -31.58 -19.08 -41.37
C GLN M 259 -31.30 -17.64 -40.93
N ALA M 260 -31.89 -16.69 -41.65
CA ALA M 260 -31.84 -15.25 -41.36
C ALA M 260 -32.62 -14.90 -40.09
N GLU M 261 -33.75 -15.58 -39.92
CA GLU M 261 -34.64 -15.37 -38.77
C GLU M 261 -34.15 -15.91 -37.42
N TYR M 262 -33.93 -17.22 -37.37
CA TYR M 262 -33.53 -17.83 -36.12
C TYR M 262 -32.06 -18.14 -36.06
N GLN M 263 -31.37 -17.79 -37.13
CA GLN M 263 -29.93 -18.01 -37.21
C GLN M 263 -29.49 -19.38 -36.72
N VAL M 264 -30.05 -20.43 -37.30
CA VAL M 264 -29.67 -21.78 -36.94
C VAL M 264 -30.02 -22.64 -38.14
N ALA M 265 -29.24 -23.71 -38.36
CA ALA M 265 -29.46 -24.60 -39.51
C ALA M 265 -30.82 -25.28 -39.38
N PRO M 266 -31.41 -25.74 -40.50
CA PRO M 266 -32.72 -26.40 -40.41
C PRO M 266 -32.65 -27.63 -39.50
N TYR M 267 -33.63 -27.78 -38.61
CA TYR M 267 -33.67 -28.91 -37.69
C TYR M 267 -33.57 -30.24 -38.44
N SER M 268 -34.02 -30.23 -39.69
CA SER M 268 -33.99 -31.37 -40.60
C SER M 268 -34.53 -30.84 -41.94
N GLY M 269 -34.48 -31.65 -42.99
CA GLY M 269 -34.98 -31.19 -44.26
C GLY M 269 -36.49 -31.03 -44.27
N ALA M 270 -37.15 -31.63 -43.28
CA ALA M 270 -38.61 -31.58 -43.18
C ALA M 270 -39.21 -30.65 -42.13
N SER M 271 -38.52 -29.57 -41.77
CA SER M 271 -39.08 -28.65 -40.78
C SER M 271 -38.92 -27.17 -41.15
N ALA M 272 -39.74 -26.31 -40.52
CA ALA M 272 -39.68 -24.87 -40.76
C ALA M 272 -40.65 -24.16 -39.83
N ILE M 273 -40.63 -22.85 -39.87
CA ILE M 273 -41.52 -22.04 -39.05
C ILE M 273 -41.99 -20.89 -39.92
N ILE M 274 -43.26 -20.55 -39.79
CA ILE M 274 -43.78 -19.42 -40.56
C ILE M 274 -44.31 -18.44 -39.53
N ASP M 275 -43.67 -17.27 -39.47
CA ASP M 275 -44.10 -16.28 -38.50
C ASP M 275 -45.21 -15.49 -39.09
N PHE M 276 -46.33 -15.52 -38.41
CA PHE M 276 -47.45 -14.80 -38.90
C PHE M 276 -47.27 -13.29 -38.87
N ARG M 277 -46.45 -12.78 -37.96
CA ARG M 277 -46.19 -11.35 -37.90
C ARG M 277 -45.54 -10.73 -39.16
N LYS M 278 -44.89 -11.58 -39.95
CA LYS M 278 -44.20 -11.19 -41.21
C LYS M 278 -45.13 -11.31 -42.44
N TYR M 279 -46.34 -11.83 -42.25
CA TYR M 279 -47.27 -12.05 -43.37
C TYR M 279 -48.61 -11.31 -43.23
N PHE M 280 -48.80 -10.67 -42.09
CA PHE M 280 -50.00 -9.90 -41.84
C PHE M 280 -49.40 -8.70 -41.20
N ASN M 281 -50.26 -7.82 -40.76
CA ASN M 281 -49.78 -6.66 -40.06
C ASN M 281 -49.94 -7.15 -38.62
N GLY M 282 -48.82 -7.31 -37.91
CA GLY M 282 -48.89 -7.78 -36.54
C GLY M 282 -49.29 -9.24 -36.59
N ASP M 283 -49.82 -9.74 -35.46
CA ASP M 283 -50.26 -11.15 -35.37
C ASP M 283 -51.54 -11.56 -36.17
N LEU M 284 -51.59 -12.86 -36.52
CA LEU M 284 -52.72 -13.46 -37.26
C LEU M 284 -53.79 -13.83 -36.26
N ASP M 285 -54.82 -13.00 -36.21
CA ASP M 285 -55.94 -13.16 -35.30
C ASP M 285 -57.15 -13.89 -35.92
N LEU M 286 -57.69 -14.87 -35.21
CA LEU M 286 -58.87 -15.59 -35.69
C LEU M 286 -59.88 -15.78 -34.56
N THR M 287 -59.89 -14.88 -33.58
CA THR M 287 -60.80 -15.00 -32.44
C THR M 287 -62.26 -15.11 -32.86
N HIS M 288 -62.64 -14.27 -33.82
CA HIS M 288 -64.02 -14.23 -34.31
C HIS M 288 -64.19 -14.52 -35.82
N ALA M 289 -63.11 -14.84 -36.52
CA ALA M 289 -63.19 -15.13 -37.96
C ALA M 289 -63.96 -16.43 -38.20
N PRO M 290 -64.75 -16.49 -39.29
CA PRO M 290 -65.48 -17.76 -39.47
C PRO M 290 -64.44 -18.87 -39.64
N SER M 291 -64.75 -20.09 -39.20
CA SER M 291 -63.78 -21.18 -39.32
C SER M 291 -63.48 -21.42 -40.80
N ASP M 292 -62.32 -22.02 -41.08
CA ASP M 292 -61.92 -22.30 -42.47
C ASP M 292 -61.71 -21.04 -43.30
N SER M 293 -60.94 -20.11 -42.76
CA SER M 293 -60.69 -18.88 -43.49
C SER M 293 -59.20 -18.80 -43.80
N ILE M 294 -58.45 -19.70 -43.18
CA ILE M 294 -57.02 -19.77 -43.42
C ILE M 294 -56.58 -21.21 -43.31
N GLU M 295 -56.07 -21.72 -44.42
CA GLU M 295 -55.58 -23.08 -44.52
C GLU M 295 -54.14 -22.93 -44.97
N TYR M 296 -53.32 -23.92 -44.66
CA TYR M 296 -51.93 -23.88 -45.07
C TYR M 296 -51.73 -25.18 -45.87
N ASP M 297 -51.01 -25.08 -47.00
CA ASP M 297 -50.77 -26.23 -47.90
C ASP M 297 -49.35 -26.80 -47.95
N LEU M 298 -49.24 -27.98 -48.56
CA LEU M 298 -47.96 -28.66 -48.70
C LEU M 298 -47.85 -29.55 -49.93
N ALA M 299 -46.71 -29.46 -50.60
CA ALA M 299 -46.43 -30.28 -51.76
C ALA M 299 -45.41 -31.29 -51.22
N LEU M 300 -45.84 -32.53 -50.99
CA LEU M 300 -44.95 -33.54 -50.45
C LEU M 300 -44.47 -34.53 -51.52
N GLN M 301 -43.18 -34.89 -51.48
CA GLN M 301 -42.58 -35.84 -52.45
C GLN M 301 -43.29 -37.19 -52.41
N ASN M 302 -43.49 -37.69 -51.18
CA ASN M 302 -44.20 -38.93 -50.91
C ASN M 302 -45.37 -38.48 -50.06
N GLN M 303 -46.23 -39.42 -49.68
CA GLN M 303 -47.35 -39.03 -48.84
C GLN M 303 -46.98 -39.37 -47.40
N ASP M 304 -47.00 -38.35 -46.54
CA ASP M 304 -46.62 -38.52 -45.13
C ASP M 304 -47.52 -37.83 -44.09
N ASN M 305 -47.01 -37.74 -42.87
CA ASN M 305 -47.75 -37.13 -41.78
C ASN M 305 -47.15 -35.77 -41.48
N VAL M 306 -48.00 -34.75 -41.54
CA VAL M 306 -47.58 -33.38 -41.28
C VAL M 306 -48.10 -32.95 -39.91
N TYR M 307 -47.19 -32.53 -39.03
CA TYR M 307 -47.58 -32.08 -37.70
C TYR M 307 -47.52 -30.57 -37.67
N SER M 308 -48.59 -29.96 -37.19
CA SER M 308 -48.60 -28.51 -37.17
C SER M 308 -48.73 -27.98 -35.75
N LEU M 309 -47.63 -27.41 -35.28
CA LEU M 309 -47.58 -26.83 -33.97
C LEU M 309 -47.73 -25.31 -34.09
N TYR M 310 -48.70 -24.74 -33.40
CA TYR M 310 -48.91 -23.28 -33.42
C TYR M 310 -48.53 -22.66 -32.08
N VAL M 311 -47.97 -21.47 -32.13
CA VAL M 311 -47.64 -20.78 -30.90
C VAL M 311 -48.70 -19.69 -31.07
N SER M 312 -49.88 -19.93 -30.49
CA SER M 312 -51.00 -19.00 -30.57
C SER M 312 -51.38 -18.69 -29.13
N TYR M 313 -52.14 -17.63 -28.94
CA TYR M 313 -52.53 -17.24 -27.61
C TYR M 313 -53.94 -16.67 -27.61
N VAL M 314 -54.62 -16.81 -26.48
CA VAL M 314 -55.99 -16.35 -26.31
C VAL M 314 -56.13 -15.18 -25.33
N LEU M 315 -57.11 -14.31 -25.58
CA LEU M 315 -57.39 -13.21 -24.68
C LEU M 315 -58.80 -13.52 -24.16
N PRO M 316 -58.89 -14.11 -22.96
CA PRO M 316 -60.15 -14.48 -22.33
C PRO M 316 -61.21 -13.40 -22.13
N TYR M 317 -60.83 -12.14 -22.38
CA TYR M 317 -61.76 -11.03 -22.24
C TYR M 317 -61.59 -10.20 -23.48
N TYR M 318 -61.31 -10.93 -24.55
CA TYR M 318 -61.09 -10.37 -25.86
C TYR M 318 -62.06 -9.26 -26.26
N ASP M 319 -63.26 -9.31 -25.71
CA ASP M 319 -64.33 -8.37 -26.01
C ASP M 319 -64.38 -7.10 -25.21
N GLN M 320 -64.08 -7.20 -23.93
CA GLN M 320 -64.04 -6.00 -23.13
C GLN M 320 -62.82 -5.17 -23.56
N LEU M 321 -61.82 -5.87 -24.10
CA LEU M 321 -60.60 -5.22 -24.56
C LEU M 321 -60.96 -4.47 -25.83
N ALA M 322 -61.94 -5.03 -26.55
CA ALA M 322 -62.44 -4.44 -27.78
C ALA M 322 -63.47 -3.32 -27.55
N ALA M 323 -64.32 -3.44 -26.52
CA ALA M 323 -65.34 -2.41 -26.22
C ALA M 323 -64.94 -1.39 -25.13
N LEU M 324 -63.65 -1.31 -24.86
CA LEU M 324 -63.10 -0.39 -23.86
C LEU M 324 -62.77 0.96 -24.57
N PRO M 325 -62.76 2.10 -23.81
CA PRO M 325 -62.45 3.46 -24.34
C PRO M 325 -61.01 3.60 -24.94
N ALA M 326 -60.84 4.41 -26.00
CA ALA M 326 -59.51 4.62 -26.60
C ALA M 326 -58.52 5.15 -25.53
N GLN M 327 -59.12 5.68 -24.45
CA GLN M 327 -58.42 6.19 -23.27
C GLN M 327 -57.74 4.98 -22.58
N VAL M 328 -58.60 4.07 -22.07
CA VAL M 328 -58.19 2.82 -21.41
C VAL M 328 -57.71 1.73 -22.40
N ALA M 329 -58.46 1.50 -23.50
CA ALA M 329 -58.08 0.48 -24.50
C ALA M 329 -56.60 0.58 -24.78
N ALA M 330 -56.11 1.81 -24.93
CA ALA M 330 -54.70 2.13 -25.19
C ALA M 330 -53.71 1.68 -24.09
N ILE M 331 -54.09 1.85 -22.80
CA ILE M 331 -53.24 1.47 -21.66
C ILE M 331 -53.26 -0.07 -21.48
N VAL M 332 -54.45 -0.65 -21.62
CA VAL M 332 -54.62 -2.09 -21.55
C VAL M 332 -53.89 -2.69 -22.75
N GLN M 333 -53.93 -1.96 -23.88
CA GLN M 333 -53.27 -2.41 -25.11
C GLN M 333 -51.80 -2.66 -24.96
N GLN M 334 -51.14 -1.83 -24.17
CA GLN M 334 -49.69 -1.96 -23.95
C GLN M 334 -49.32 -3.17 -23.11
N TYR M 335 -50.27 -3.60 -22.28
CA TYR M 335 -50.04 -4.74 -21.39
C TYR M 335 -50.23 -6.03 -22.13
N VAL M 336 -51.28 -6.10 -22.93
CA VAL M 336 -51.57 -7.28 -23.72
C VAL M 336 -50.39 -7.31 -24.71
N ALA M 337 -49.95 -6.12 -25.11
CA ALA M 337 -48.82 -5.98 -26.02
C ALA M 337 -47.49 -6.56 -25.48
N ARG M 338 -47.13 -6.30 -24.22
CA ARG M 338 -45.88 -6.85 -23.69
C ARG M 338 -46.01 -8.33 -23.52
N GLN M 339 -47.18 -8.70 -22.99
CA GLN M 339 -47.53 -10.08 -22.71
C GLN M 339 -47.50 -10.93 -23.96
N LYS M 340 -48.04 -10.42 -25.06
CA LYS M 340 -48.07 -11.21 -26.29
C LYS M 340 -46.68 -11.65 -26.75
N ARG M 341 -45.66 -10.82 -26.55
CA ARG M 341 -44.30 -11.18 -26.99
C ARG M 341 -43.46 -11.97 -26.00
N ARG M 342 -43.88 -11.94 -24.72
CA ARG M 342 -43.19 -12.72 -23.69
C ARG M 342 -43.35 -14.21 -24.09
N ILE M 343 -44.47 -14.55 -24.74
CA ILE M 343 -44.74 -15.92 -25.21
C ILE M 343 -44.10 -16.24 -26.57
N LYS M 344 -42.79 -16.38 -26.58
CA LYS M 344 -42.04 -16.67 -27.79
C LYS M 344 -41.97 -18.17 -28.12
N ARG M 345 -41.33 -18.90 -27.22
CA ARG M 345 -41.10 -20.35 -27.34
C ARG M 345 -42.22 -21.33 -26.97
N GLY N 2 -48.99 -2.00 -44.65
CA GLY N 2 -50.07 -2.74 -45.34
C GLY N 2 -49.96 -4.24 -45.13
N GLU N 3 -50.11 -5.01 -46.21
CA GLU N 3 -50.04 -6.45 -46.12
C GLU N 3 -48.93 -7.25 -46.74
N ILE N 4 -47.88 -7.42 -45.96
CA ILE N 4 -46.74 -8.18 -46.40
C ILE N 4 -47.28 -9.58 -46.80
N TYR N 5 -46.66 -10.21 -47.80
CA TYR N 5 -46.99 -11.56 -48.27
C TYR N 5 -45.85 -11.97 -49.21
N THR N 6 -45.41 -13.21 -49.08
CA THR N 6 -44.26 -13.68 -49.86
C THR N 6 -44.51 -14.88 -50.74
N GLU N 7 -43.77 -14.91 -51.85
CA GLU N 7 -43.81 -15.99 -52.81
C GLU N 7 -42.56 -16.06 -53.68
N THR N 8 -42.34 -17.27 -54.18
CA THR N 8 -41.24 -17.59 -55.08
C THR N 8 -41.90 -17.35 -56.45
N LEU N 9 -41.15 -16.92 -57.45
CA LEU N 9 -41.71 -16.71 -58.79
C LEU N 9 -41.67 -18.04 -59.53
N GLN N 10 -42.67 -18.32 -60.38
CA GLN N 10 -42.71 -19.61 -61.10
C GLN N 10 -41.47 -19.77 -61.98
N GLN N 11 -41.06 -18.65 -62.59
CA GLN N 11 -39.90 -18.64 -63.47
C GLN N 11 -38.51 -18.56 -62.84
N THR N 12 -37.71 -19.61 -63.10
CA THR N 12 -36.33 -19.75 -62.61
C THR N 12 -35.26 -19.41 -63.68
N TYR N 13 -33.99 -19.51 -63.30
CA TYR N 13 -32.89 -19.21 -64.22
C TYR N 13 -31.74 -20.16 -63.99
N ALA N 14 -31.39 -20.92 -65.02
CA ALA N 14 -30.28 -21.86 -64.92
C ALA N 14 -28.94 -21.14 -64.66
N TRP N 15 -28.10 -21.73 -63.80
CA TRP N 15 -26.76 -21.18 -63.53
C TRP N 15 -25.84 -21.65 -64.65
N THR N 16 -25.39 -20.70 -65.47
CA THR N 16 -24.48 -20.98 -66.58
C THR N 16 -23.19 -20.20 -66.28
N ALA N 17 -22.03 -20.73 -66.68
CA ALA N 17 -20.76 -20.09 -66.40
C ALA N 17 -20.47 -18.81 -67.21
N GLY N 18 -20.06 -17.75 -66.51
CA GLY N 18 -19.77 -16.46 -67.14
C GLY N 18 -20.93 -15.79 -67.85
N THR N 19 -22.11 -15.83 -67.24
CA THR N 19 -23.33 -15.29 -67.84
C THR N 19 -23.98 -14.15 -67.08
N ASN N 20 -24.77 -13.35 -67.79
CA ASN N 20 -25.57 -12.32 -67.14
C ASN N 20 -27.00 -12.81 -67.40
N ILE N 21 -27.72 -13.18 -66.35
CA ILE N 21 -29.10 -13.65 -66.49
C ILE N 21 -29.92 -12.50 -65.91
N PRO N 22 -30.46 -11.62 -66.76
CA PRO N 22 -31.24 -10.53 -66.15
C PRO N 22 -32.62 -11.01 -65.72
N ILE N 23 -33.02 -10.60 -64.52
CA ILE N 23 -34.30 -10.97 -63.93
C ILE N 23 -35.24 -9.78 -63.75
N LYS N 24 -36.48 -9.97 -64.18
CA LYS N 24 -37.50 -8.95 -64.01
C LYS N 24 -38.18 -9.27 -62.68
N ILE N 25 -38.41 -8.23 -61.87
CA ILE N 25 -39.09 -8.40 -60.58
C ILE N 25 -40.51 -7.83 -60.73
N PRO N 26 -41.53 -8.70 -60.71
CA PRO N 26 -42.93 -8.24 -60.85
C PRO N 26 -43.20 -7.05 -59.92
N ARG N 27 -43.92 -6.05 -60.41
CA ARG N 27 -44.20 -4.88 -59.59
C ARG N 27 -45.65 -4.96 -59.08
N ASN N 28 -45.90 -5.85 -58.12
CA ASN N 28 -47.24 -6.06 -57.54
C ASN N 28 -47.64 -5.03 -56.47
N ASN N 29 -46.85 -4.95 -55.42
CA ASN N 29 -47.07 -3.98 -54.36
C ASN N 29 -45.64 -3.48 -54.14
N PHE N 30 -45.34 -2.93 -52.97
CA PHE N 30 -43.97 -2.52 -52.72
C PHE N 30 -43.17 -3.82 -52.42
N ILE N 31 -41.85 -3.78 -52.57
CA ILE N 31 -41.03 -4.96 -52.32
C ILE N 31 -40.18 -4.75 -51.08
N ARG N 32 -40.34 -5.64 -50.11
CA ARG N 32 -39.58 -5.54 -48.87
C ARG N 32 -38.24 -6.25 -48.91
N LYS N 33 -38.19 -7.41 -49.55
CA LYS N 33 -36.94 -8.14 -49.61
C LYS N 33 -36.97 -9.18 -50.70
N ILE N 34 -35.83 -9.36 -51.36
CA ILE N 34 -35.71 -10.33 -52.44
C ILE N 34 -34.59 -11.32 -52.17
N ARG N 35 -34.95 -12.60 -52.04
CA ARG N 35 -33.96 -13.65 -51.82
C ARG N 35 -33.64 -14.36 -53.12
N VAL N 36 -32.41 -14.79 -53.28
CA VAL N 36 -32.04 -15.50 -54.49
C VAL N 36 -31.31 -16.72 -53.97
N GLN N 37 -31.59 -17.87 -54.57
CA GLN N 37 -30.95 -19.10 -54.16
C GLN N 37 -30.40 -19.94 -55.31
N LEU N 38 -29.11 -20.27 -55.26
CA LEU N 38 -28.52 -21.11 -56.31
C LEU N 38 -28.76 -22.53 -55.77
N ILE N 39 -29.71 -23.26 -56.37
CA ILE N 39 -30.06 -24.60 -55.91
C ILE N 39 -29.96 -25.69 -56.96
N GLY N 40 -29.14 -26.71 -56.67
CA GLY N 40 -28.97 -27.84 -57.56
C GLY N 40 -27.90 -28.70 -56.92
N SER N 41 -26.91 -29.10 -57.71
CA SER N 41 -25.79 -29.92 -57.21
C SER N 41 -24.55 -29.57 -58.02
N ILE N 42 -23.40 -29.96 -57.50
CA ILE N 42 -22.16 -29.69 -58.18
C ILE N 42 -21.66 -31.09 -58.44
N SER N 43 -21.66 -31.49 -59.71
CA SER N 43 -21.24 -32.84 -60.07
C SER N 43 -19.81 -33.03 -60.53
N ASN N 44 -19.22 -34.10 -60.03
CA ASN N 44 -17.86 -34.47 -60.39
C ASN N 44 -18.12 -35.72 -61.23
N SER N 45 -17.74 -35.62 -62.50
CA SER N 45 -17.86 -36.72 -63.47
C SER N 45 -16.45 -37.30 -63.77
N GLY N 46 -15.42 -36.61 -63.23
CA GLY N 46 -14.04 -37.03 -63.38
C GLY N 46 -13.86 -38.21 -62.44
N THR N 47 -12.88 -39.06 -62.76
CA THR N 47 -12.59 -40.29 -62.00
C THR N 47 -12.16 -40.13 -60.49
N ALA N 48 -11.38 -39.08 -60.15
CA ALA N 48 -10.93 -38.80 -58.76
C ALA N 48 -11.79 -37.68 -58.15
N ALA N 49 -12.07 -37.80 -56.83
CA ALA N 49 -12.90 -36.85 -56.07
C ALA N 49 -12.31 -35.40 -56.00
N VAL N 50 -12.98 -34.46 -56.68
CA VAL N 50 -12.53 -33.04 -56.73
C VAL N 50 -13.04 -32.16 -55.58
N THR N 51 -12.06 -31.61 -54.85
CA THR N 51 -12.31 -30.72 -53.71
C THR N 51 -12.65 -29.32 -54.24
N LEU N 52 -13.83 -28.85 -53.83
CA LEU N 52 -14.33 -27.54 -54.23
C LEU N 52 -13.46 -26.44 -53.68
N PRO N 53 -13.28 -25.36 -54.48
CA PRO N 53 -12.44 -24.25 -53.98
C PRO N 53 -13.02 -23.71 -52.64
N SER N 54 -12.15 -23.23 -51.75
CA SER N 54 -12.64 -22.70 -50.47
C SER N 54 -13.07 -21.22 -50.60
N ALA N 55 -13.48 -20.64 -49.48
CA ALA N 55 -13.96 -19.26 -49.48
C ALA N 55 -13.18 -18.30 -50.40
N PRO N 56 -13.88 -17.40 -51.08
CA PRO N 56 -15.35 -17.21 -51.01
C PRO N 56 -16.41 -18.26 -51.50
N PHE N 57 -15.98 -19.39 -52.07
CA PHE N 57 -16.94 -20.41 -52.54
C PHE N 57 -17.77 -20.95 -51.36
N PRO N 58 -19.06 -21.28 -51.59
CA PRO N 58 -19.79 -21.19 -52.87
C PRO N 58 -20.21 -19.81 -53.37
N TYR N 59 -20.28 -18.82 -52.48
CA TYR N 59 -20.70 -17.46 -52.83
C TYR N 59 -20.29 -16.86 -54.17
N ASN N 60 -19.04 -17.07 -54.56
CA ASN N 60 -18.52 -16.51 -55.80
C ASN N 60 -19.09 -17.08 -57.13
N LEU N 61 -19.96 -18.11 -57.03
CA LEU N 61 -20.56 -18.74 -58.21
C LEU N 61 -21.39 -17.71 -58.97
N VAL N 62 -21.73 -16.65 -58.26
CA VAL N 62 -22.46 -15.52 -58.82
C VAL N 62 -21.44 -14.41 -58.66
N GLN N 63 -20.65 -14.21 -59.70
CA GLN N 63 -19.61 -13.21 -59.66
C GLN N 63 -20.15 -11.87 -59.15
N THR N 64 -21.34 -11.47 -59.62
CA THR N 64 -21.93 -10.19 -59.20
C THR N 64 -23.47 -10.10 -59.20
N PHE N 65 -23.99 -9.11 -58.46
CA PHE N 65 -25.42 -8.82 -58.36
C PHE N 65 -25.66 -7.35 -58.68
N ASN N 66 -26.84 -7.05 -59.23
CA ASN N 66 -27.18 -5.67 -59.54
C ASN N 66 -28.67 -5.40 -59.63
N LEU N 67 -29.25 -4.96 -58.52
CA LEU N 67 -30.67 -4.66 -58.49
C LEU N 67 -30.86 -3.16 -58.65
N SER N 68 -31.41 -2.73 -59.79
CA SER N 68 -31.65 -1.31 -60.02
C SER N 68 -32.96 -1.12 -60.78
N TYR N 69 -33.53 0.08 -60.66
CA TYR N 69 -34.80 0.34 -61.30
C TYR N 69 -34.80 1.56 -62.22
N GLU N 70 -35.54 1.41 -63.32
CA GLU N 70 -35.63 2.41 -64.38
C GLU N 70 -34.31 2.42 -65.15
N GLY N 71 -33.54 1.31 -65.04
CA GLY N 71 -32.26 1.18 -65.72
C GLY N 71 -31.17 2.19 -65.32
N SER N 72 -31.58 3.18 -64.52
CA SER N 72 -30.71 4.26 -64.07
C SER N 72 -30.39 4.23 -62.58
N LYS N 73 -31.42 3.93 -61.77
CA LYS N 73 -31.31 3.91 -60.31
C LYS N 73 -30.89 2.58 -59.68
N THR N 74 -29.72 2.60 -59.04
CA THR N 74 -29.16 1.42 -58.39
C THR N 74 -29.40 1.27 -56.89
N LEU N 75 -30.13 0.20 -56.53
CA LEU N 75 -30.46 -0.12 -55.14
C LEU N 75 -29.38 -1.07 -54.60
N TYR N 76 -28.83 -1.91 -55.49
CA TYR N 76 -27.80 -2.87 -55.11
C TYR N 76 -26.71 -3.04 -56.14
N SER N 77 -25.53 -3.40 -55.65
CA SER N 77 -24.39 -3.62 -56.51
C SER N 77 -23.31 -4.24 -55.66
N VAL N 78 -23.32 -5.55 -55.64
CA VAL N 78 -22.39 -6.31 -54.85
C VAL N 78 -21.99 -7.54 -55.63
N SER N 79 -20.94 -8.19 -55.18
CA SER N 79 -20.50 -9.42 -55.81
C SER N 79 -21.06 -10.53 -54.91
N GLY N 80 -21.15 -11.76 -55.42
CA GLY N 80 -21.67 -12.86 -54.62
C GLY N 80 -20.83 -13.12 -53.37
N THR N 81 -19.53 -12.83 -53.49
CA THR N 81 -18.56 -12.96 -52.42
C THR N 81 -18.78 -11.77 -51.49
N GLY N 82 -19.22 -10.65 -52.07
CA GLY N 82 -19.49 -9.46 -51.29
C GLY N 82 -20.76 -9.61 -50.47
N LEU N 83 -21.91 -9.62 -51.15
CA LEU N 83 -23.20 -9.77 -50.47
C LEU N 83 -23.22 -11.06 -49.68
N GLY N 84 -22.46 -12.05 -50.15
CA GLY N 84 -22.38 -13.34 -49.48
C GLY N 84 -21.80 -13.29 -48.08
N ILE N 85 -20.69 -12.56 -47.89
CA ILE N 85 -20.05 -12.42 -46.58
C ILE N 85 -20.87 -11.50 -45.67
N LEU N 86 -21.54 -10.52 -46.28
CA LEU N 86 -22.40 -9.60 -45.53
C LEU N 86 -23.54 -10.44 -44.96
N MET N 87 -23.99 -11.42 -45.74
CA MET N 87 -25.06 -12.35 -45.35
C MET N 87 -24.55 -13.25 -44.22
N TYR N 88 -23.33 -13.71 -44.39
CA TYR N 88 -22.69 -14.58 -43.44
C TYR N 88 -22.62 -13.96 -42.03
N TYR N 89 -22.44 -12.66 -41.94
CA TYR N 89 -22.34 -12.04 -40.63
C TYR N 89 -23.69 -11.72 -40.03
N THR N 90 -24.48 -10.96 -40.76
CA THR N 90 -25.80 -10.58 -40.30
C THR N 90 -26.77 -11.73 -39.96
N THR N 91 -26.38 -12.97 -40.23
CA THR N 91 -27.25 -14.11 -39.91
C THR N 91 -26.55 -15.12 -39.00
N LYS N 92 -25.64 -14.64 -38.15
CA LYS N 92 -24.87 -15.51 -37.24
C LYS N 92 -24.16 -16.63 -38.02
N GLY N 93 -23.72 -16.30 -39.24
CA GLY N 93 -23.00 -17.22 -40.12
C GLY N 93 -23.77 -18.45 -40.52
N GLN N 94 -25.08 -18.38 -40.35
CA GLN N 94 -25.95 -19.51 -40.65
C GLN N 94 -26.62 -19.44 -42.01
N ASN N 95 -26.39 -18.36 -42.74
CA ASN N 95 -27.01 -18.22 -44.05
C ASN N 95 -26.66 -19.44 -44.90
N PRO N 96 -27.66 -20.03 -45.59
CA PRO N 96 -27.47 -21.22 -46.44
C PRO N 96 -26.31 -21.06 -47.43
N ALA N 97 -25.34 -21.97 -47.32
CA ALA N 97 -24.16 -21.95 -48.20
C ALA N 97 -23.53 -23.35 -48.33
N TYR N 98 -24.16 -24.21 -49.14
CA TYR N 98 -23.65 -25.57 -49.37
C TYR N 98 -23.12 -25.76 -50.80
N PRO N 99 -22.03 -26.53 -50.94
CA PRO N 99 -21.35 -27.15 -49.79
C PRO N 99 -20.31 -26.15 -49.22
N ALA N 100 -19.75 -26.45 -48.05
CA ALA N 100 -18.76 -25.57 -47.42
C ALA N 100 -17.48 -25.48 -48.27
N PRO N 101 -16.63 -24.48 -47.98
CA PRO N 101 -15.38 -24.35 -48.76
C PRO N 101 -14.49 -25.61 -48.63
N GLY N 102 -13.89 -26.04 -49.74
CA GLY N 102 -13.01 -27.20 -49.73
C GLY N 102 -13.65 -28.58 -49.65
N THR N 103 -14.98 -28.68 -49.77
CA THR N 103 -15.64 -29.99 -49.69
C THR N 103 -15.46 -30.80 -50.98
N SER N 104 -15.24 -32.11 -50.80
CA SER N 104 -14.99 -33.02 -51.92
C SER N 104 -16.26 -33.66 -52.53
N VAL N 105 -16.34 -33.54 -53.86
CA VAL N 105 -17.44 -34.09 -54.66
C VAL N 105 -17.01 -35.51 -55.03
N PRO N 106 -17.62 -36.55 -54.39
CA PRO N 106 -17.28 -37.96 -54.65
C PRO N 106 -16.93 -38.23 -56.14
N ALA N 107 -15.92 -39.10 -56.34
CA ALA N 107 -15.44 -39.48 -57.68
C ALA N 107 -16.58 -40.08 -58.56
N SER N 108 -17.00 -39.32 -59.59
CA SER N 108 -18.08 -39.69 -60.54
C SER N 108 -19.51 -39.66 -59.89
N GLY N 109 -19.62 -38.84 -58.83
CA GLY N 109 -20.84 -38.64 -58.06
C GLY N 109 -20.95 -37.12 -57.83
N SER N 110 -21.82 -36.66 -56.91
CA SER N 110 -21.97 -35.21 -56.64
C SER N 110 -22.29 -34.76 -55.19
N VAL N 111 -22.26 -33.43 -54.99
CA VAL N 111 -22.56 -32.76 -53.70
C VAL N 111 -23.78 -31.87 -53.92
N ASN N 112 -24.26 -31.22 -52.86
CA ASN N 112 -25.43 -30.35 -53.00
C ASN N 112 -25.18 -28.86 -52.97
N LEU N 113 -25.77 -28.18 -53.94
CA LEU N 113 -25.62 -26.75 -54.04
C LEU N 113 -26.88 -26.03 -53.57
N ASN N 114 -26.65 -25.06 -52.70
CA ASN N 114 -27.69 -24.23 -52.16
C ASN N 114 -27.04 -23.05 -51.42
N VAL N 115 -27.02 -21.90 -52.08
CA VAL N 115 -26.44 -20.68 -51.52
C VAL N 115 -27.52 -19.60 -51.54
N MET N 116 -27.42 -18.62 -50.66
CA MET N 116 -28.43 -17.58 -50.66
C MET N 116 -27.96 -16.14 -50.47
N TRP N 117 -28.73 -15.21 -51.03
CA TRP N 117 -28.45 -13.78 -50.91
C TRP N 117 -29.76 -13.14 -50.48
N GLU N 118 -29.70 -11.93 -49.94
CA GLU N 118 -30.92 -11.25 -49.52
C GLU N 118 -30.80 -9.75 -49.63
N PHE N 119 -31.61 -9.20 -50.53
CA PHE N 119 -31.60 -7.77 -50.76
C PHE N 119 -32.78 -7.20 -50.01
N ASP N 120 -32.48 -6.36 -49.04
CA ASP N 120 -33.50 -5.71 -48.23
C ASP N 120 -33.80 -4.35 -48.80
N LEU N 121 -35.01 -4.21 -49.33
CA LEU N 121 -35.38 -2.93 -49.90
C LEU N 121 -36.29 -2.15 -48.94
N ALA N 122 -36.23 -2.45 -47.62
CA ALA N 122 -37.11 -1.77 -46.65
C ALA N 122 -38.54 -1.94 -47.23
N ARG N 123 -39.18 -0.83 -47.60
CA ARG N 123 -40.50 -0.93 -48.22
C ARG N 123 -40.52 -0.13 -49.54
N PHE N 124 -39.72 -0.63 -50.49
CA PHE N 124 -39.53 -0.05 -51.82
C PHE N 124 -40.79 0.12 -52.67
N PRO N 125 -41.08 1.35 -53.10
CA PRO N 125 -42.27 1.61 -53.91
C PRO N 125 -42.11 1.03 -55.32
N ALA N 126 -42.06 -0.30 -55.41
CA ALA N 126 -41.87 -1.04 -56.67
C ALA N 126 -42.97 -0.84 -57.74
N THR N 127 -44.12 -0.33 -57.31
CA THR N 127 -45.23 -0.07 -58.23
C THR N 127 -45.17 1.34 -58.80
N MET N 128 -44.45 2.26 -58.15
CA MET N 128 -44.40 3.65 -58.61
C MET N 128 -43.21 3.94 -59.48
N VAL N 129 -42.32 2.96 -59.60
CA VAL N 129 -41.13 3.12 -60.42
C VAL N 129 -41.19 2.09 -61.55
N GLN N 130 -40.26 2.17 -62.49
CA GLN N 130 -40.27 1.27 -63.64
C GLN N 130 -39.02 0.41 -63.75
N ASN N 131 -39.20 -0.83 -64.16
CA ASN N 131 -38.11 -1.76 -64.39
C ASN N 131 -37.08 -2.08 -63.33
N ILE N 132 -37.50 -2.94 -62.41
CA ILE N 132 -36.66 -3.42 -61.33
C ILE N 132 -35.98 -4.67 -61.91
N ILE N 133 -34.74 -4.57 -62.39
CA ILE N 133 -34.10 -5.75 -62.96
C ILE N 133 -32.90 -6.21 -62.16
N LEU N 134 -33.01 -7.35 -61.49
CA LEU N 134 -31.90 -7.87 -60.70
C LEU N 134 -30.95 -8.71 -61.54
N SER N 135 -29.90 -8.07 -62.07
CA SER N 135 -28.93 -8.74 -62.92
C SER N 135 -27.85 -9.52 -62.18
N ILE N 136 -27.93 -10.83 -62.35
CA ILE N 136 -27.03 -11.79 -61.75
C ILE N 136 -26.00 -12.18 -62.80
N LEU N 137 -24.76 -11.72 -62.64
CA LEU N 137 -23.71 -12.08 -63.59
C LEU N 137 -22.88 -13.22 -62.97
N THR N 138 -23.30 -14.46 -63.24
CA THR N 138 -22.62 -15.65 -62.70
C THR N 138 -21.13 -15.62 -63.01
N GLY N 139 -20.34 -16.20 -62.11
CA GLY N 139 -18.91 -16.22 -62.27
C GLY N 139 -18.47 -17.49 -62.95
N GLN N 140 -17.44 -18.13 -62.41
CA GLN N 140 -16.94 -19.35 -63.02
C GLN N 140 -17.17 -20.64 -62.22
N ALA N 141 -17.47 -21.69 -62.97
CA ALA N 141 -17.70 -23.02 -62.41
C ALA N 141 -16.38 -23.54 -61.79
N PRO N 142 -16.43 -24.09 -60.55
CA PRO N 142 -15.22 -24.61 -59.92
C PRO N 142 -14.57 -25.60 -60.88
N SER N 143 -13.25 -25.79 -60.72
CA SER N 143 -12.48 -26.71 -61.56
C SER N 143 -12.76 -28.23 -61.27
N GLY N 144 -13.14 -28.96 -62.32
CA GLY N 144 -13.39 -30.39 -62.22
C GLY N 144 -14.83 -30.83 -61.96
N VAL N 145 -15.62 -29.90 -61.41
CA VAL N 145 -17.03 -30.15 -61.09
C VAL N 145 -17.92 -29.17 -61.88
N SER N 146 -19.20 -29.52 -62.00
CA SER N 146 -20.15 -28.70 -62.76
C SER N 146 -21.35 -28.24 -61.92
N ILE N 147 -21.62 -26.93 -62.00
CA ILE N 147 -22.71 -26.33 -61.26
C ILE N 147 -24.02 -26.56 -62.00
N ASN N 148 -24.86 -27.38 -61.38
CA ASN N 148 -26.13 -27.80 -61.92
C ASN N 148 -27.28 -27.19 -61.14
N ALA N 149 -27.30 -25.87 -61.06
CA ALA N 149 -28.34 -25.20 -60.29
C ALA N 149 -29.11 -24.18 -61.10
N SER N 150 -30.07 -23.54 -60.43
CA SER N 150 -30.93 -22.51 -61.00
C SER N 150 -31.10 -21.42 -59.94
N PHE N 151 -31.78 -20.33 -60.30
CA PHE N 151 -32.04 -19.25 -59.34
C PHE N 151 -33.54 -19.20 -58.99
N TYR N 152 -33.84 -18.97 -57.71
CA TYR N 152 -35.22 -18.89 -57.25
C TYR N 152 -35.42 -17.58 -56.56
N ILE N 153 -36.23 -16.73 -57.17
CA ILE N 153 -36.49 -15.43 -56.59
C ILE N 153 -37.73 -15.44 -55.69
N THR N 154 -37.50 -15.14 -54.41
CA THR N 154 -38.55 -15.08 -53.40
C THR N 154 -38.71 -13.60 -53.04
N ILE N 155 -39.81 -13.01 -53.48
CA ILE N 155 -40.04 -11.60 -53.25
C ILE N 155 -41.13 -11.38 -52.24
N THR N 156 -40.84 -10.51 -51.29
CA THR N 156 -41.78 -10.17 -50.22
C THR N 156 -42.44 -8.81 -50.44
N TYR N 157 -43.69 -8.81 -50.89
CA TYR N 157 -44.40 -7.55 -51.10
C TYR N 157 -45.11 -7.12 -49.82
N GLU N 158 -45.36 -5.82 -49.69
CA GLU N 158 -46.07 -5.30 -48.53
C GLU N 158 -47.14 -4.53 -49.25
N ARG N 159 -48.37 -4.91 -49.00
CA ARG N 159 -49.45 -4.26 -49.69
C ARG N 159 -49.75 -2.88 -49.13
N VAL N 160 -48.92 -1.93 -49.54
CA VAL N 160 -49.07 -0.55 -49.11
C VAL N 160 -50.29 -0.07 -49.89
N THR N 161 -51.15 0.67 -49.20
CA THR N 161 -52.36 1.19 -49.80
C THR N 161 -52.27 2.69 -50.05
N ALA N 162 -53.12 3.19 -50.94
CA ALA N 162 -53.18 4.62 -51.24
C ALA N 162 -53.37 5.28 -49.87
N GLN N 163 -54.20 4.63 -49.06
CA GLN N 163 -54.51 5.03 -47.69
C GLN N 163 -53.25 5.17 -46.80
N GLU N 164 -52.58 4.06 -46.52
CA GLU N 164 -51.39 4.09 -45.67
C GLU N 164 -50.35 5.12 -46.14
N ILE N 165 -50.19 5.26 -47.44
CA ILE N 165 -49.26 6.23 -48.01
C ILE N 165 -49.48 7.68 -47.53
N LEU N 166 -50.73 8.11 -47.41
CA LEU N 166 -51.07 9.46 -46.91
C LEU N 166 -50.72 9.57 -45.44
N SER N 167 -50.83 8.45 -44.74
CA SER N 167 -50.55 8.33 -43.30
C SER N 167 -49.05 8.38 -42.93
N GLU N 168 -48.18 8.58 -43.91
CA GLU N 168 -46.74 8.64 -43.67
C GLU N 168 -46.17 9.87 -44.34
N GLY N 169 -47.07 10.77 -44.76
CA GLY N 169 -46.65 11.98 -45.45
C GLY N 169 -46.94 12.03 -46.94
N GLY N 170 -47.98 11.32 -47.38
CA GLY N 170 -48.36 11.29 -48.80
C GLY N 170 -47.20 10.96 -49.75
N LEU N 171 -47.06 11.74 -50.82
CA LEU N 171 -45.98 11.51 -51.76
C LEU N 171 -44.84 12.49 -51.61
N GLY N 172 -43.81 12.27 -52.42
CA GLY N 172 -42.64 13.12 -52.41
C GLY N 172 -42.79 14.50 -53.04
N ALA N 173 -41.64 15.09 -53.39
CA ALA N 173 -41.56 16.42 -54.01
C ALA N 173 -42.20 16.43 -55.41
N ASP N 174 -41.77 15.48 -56.23
CA ASP N 174 -42.30 15.29 -57.57
C ASP N 174 -43.37 14.21 -57.45
N GLY N 175 -43.54 13.70 -56.22
CA GLY N 175 -44.50 12.64 -55.97
C GLY N 175 -44.17 11.43 -56.82
N GLU N 176 -42.96 10.90 -56.63
CA GLU N 176 -42.46 9.74 -57.40
C GLU N 176 -42.40 8.52 -56.50
N MET N 177 -42.42 8.79 -55.19
CA MET N 177 -42.37 7.75 -54.19
C MET N 177 -42.97 8.40 -52.95
N PRO N 178 -43.39 7.58 -51.96
CA PRO N 178 -43.96 8.22 -50.77
C PRO N 178 -42.91 9.11 -50.10
N LEU N 179 -43.34 10.18 -49.46
CA LEU N 179 -42.40 11.07 -48.82
C LEU N 179 -41.43 10.28 -47.92
N ALA N 180 -41.97 9.28 -47.21
CA ALA N 180 -41.17 8.45 -46.30
C ALA N 180 -40.50 7.21 -46.93
N THR N 181 -40.00 7.36 -48.16
CA THR N 181 -39.30 6.28 -48.86
C THR N 181 -37.86 6.17 -48.32
N VAL N 182 -37.35 4.94 -48.21
CA VAL N 182 -35.99 4.75 -47.73
C VAL N 182 -35.28 3.73 -48.62
N LEU N 183 -34.78 4.21 -49.75
CA LEU N 183 -34.12 3.34 -50.71
C LEU N 183 -32.78 2.84 -50.25
N PRO N 184 -32.63 1.50 -50.17
CA PRO N 184 -31.36 0.91 -49.74
C PRO N 184 -30.32 1.13 -50.85
N LYS N 185 -29.12 1.56 -50.47
CA LYS N 185 -28.06 1.79 -51.46
C LYS N 185 -26.82 0.99 -51.07
N VAL N 186 -26.97 -0.33 -51.14
CA VAL N 186 -25.90 -1.28 -50.84
C VAL N 186 -24.99 -1.41 -52.05
N ILE N 187 -23.98 -0.54 -52.09
CA ILE N 187 -22.99 -0.49 -53.16
C ILE N 187 -21.71 -1.11 -52.67
N GLU N 188 -20.86 -1.50 -53.60
CA GLU N 188 -19.59 -2.05 -53.23
C GLU N 188 -18.50 -1.49 -54.12
N ILE N 189 -17.61 -0.71 -53.51
CA ILE N 189 -16.53 -0.13 -54.28
C ILE N 189 -15.25 -0.87 -53.96
N PRO N 190 -14.77 -1.66 -54.93
CA PRO N 190 -13.55 -2.47 -54.83
C PRO N 190 -12.31 -1.62 -55.14
N THR N 191 -11.25 -1.77 -54.34
CA THR N 191 -9.99 -1.01 -54.51
C THR N 191 -8.80 -1.92 -54.87
N PHE N 192 -7.91 -1.36 -55.69
CA PHE N 192 -6.77 -2.11 -56.15
C PHE N 192 -5.38 -1.62 -55.76
N ASN N 193 -4.58 -2.60 -55.36
CA ASN N 193 -3.19 -2.42 -55.00
C ASN N 193 -2.84 -1.42 -53.91
N VAL N 194 -3.65 -1.41 -52.84
CA VAL N 194 -3.38 -0.55 -51.69
C VAL N 194 -2.07 -1.17 -51.11
N PRO N 195 -0.96 -0.38 -51.03
CA PRO N 195 0.34 -0.87 -50.51
C PRO N 195 0.47 -1.47 -49.09
N ALA N 196 1.41 -2.41 -48.97
CA ALA N 196 1.72 -3.07 -47.69
C ALA N 196 2.29 -2.00 -46.73
N SER N 197 1.71 -1.89 -45.54
CA SER N 197 2.16 -0.87 -44.59
C SER N 197 1.94 -1.37 -43.15
N SER N 198 2.60 -0.73 -42.18
CA SER N 198 2.41 -1.08 -40.76
C SER N 198 1.48 -0.01 -40.15
N ALA N 199 1.57 1.21 -40.70
CA ALA N 199 0.72 2.32 -40.30
C ALA N 199 -0.39 2.40 -41.39
N PRO N 200 -1.68 2.43 -40.98
CA PRO N 200 -2.78 2.50 -41.97
C PRO N 200 -2.65 3.62 -42.98
N ILE N 201 -2.52 3.24 -44.26
CA ILE N 201 -2.37 4.19 -45.36
C ILE N 201 -3.73 4.43 -46.03
N HIS N 202 -3.93 5.62 -46.59
CA HIS N 202 -5.21 5.92 -47.22
C HIS N 202 -5.66 4.90 -48.26
N VAL N 203 -6.89 4.39 -48.12
CA VAL N 203 -7.46 3.40 -49.06
C VAL N 203 -8.56 3.94 -50.00
N ALA N 204 -9.55 4.67 -49.47
CA ALA N 204 -10.62 5.21 -50.30
C ALA N 204 -11.58 6.04 -49.49
N TYR N 205 -12.26 6.98 -50.15
CA TYR N 205 -13.23 7.84 -49.47
C TYR N 205 -14.66 7.34 -49.50
N LEU N 206 -15.45 7.71 -48.49
CA LEU N 206 -16.86 7.34 -48.48
C LEU N 206 -17.41 8.58 -49.20
N GLN N 207 -18.16 8.41 -50.28
CA GLN N 207 -18.70 9.56 -51.00
C GLN N 207 -20.04 9.98 -50.43
N PRO N 208 -20.28 11.27 -50.40
CA PRO N 208 -21.55 11.74 -49.85
C PRO N 208 -22.76 11.35 -50.72
N GLY N 209 -23.94 11.80 -50.27
CA GLY N 209 -25.16 11.51 -50.97
C GLY N 209 -25.87 10.31 -50.37
N GLN N 210 -25.53 9.99 -49.11
CA GLN N 210 -26.17 8.86 -48.45
C GLN N 210 -25.77 8.62 -46.98
N ILE N 211 -26.61 7.83 -46.30
CA ILE N 211 -26.42 7.49 -44.87
C ILE N 211 -25.85 6.08 -44.74
N TYR N 212 -24.63 5.97 -44.22
CA TYR N 212 -23.94 4.69 -44.04
C TYR N 212 -24.32 3.98 -42.73
N LYS N 213 -24.67 2.71 -42.79
CA LYS N 213 -25.06 1.97 -41.58
C LYS N 213 -23.94 1.14 -40.97
N ARG N 214 -23.23 0.43 -41.85
CA ARG N 214 -22.12 -0.43 -41.45
C ARG N 214 -21.37 -0.72 -42.73
N GLN N 215 -20.06 -0.98 -42.62
CA GLN N 215 -19.23 -1.26 -43.77
C GLN N 215 -18.46 -2.60 -43.68
N LEU N 216 -18.62 -3.45 -44.69
CA LEU N 216 -17.96 -4.76 -44.75
C LEU N 216 -16.75 -4.68 -45.63
N VAL N 217 -15.58 -4.67 -45.01
CA VAL N 217 -14.32 -4.59 -45.74
C VAL N 217 -13.55 -5.91 -45.68
N TYR N 218 -13.03 -6.34 -46.83
CA TYR N 218 -12.24 -7.55 -46.92
C TYR N 218 -11.19 -7.43 -48.03
N VAL N 219 -9.99 -7.95 -47.75
CA VAL N 219 -8.89 -7.91 -48.71
C VAL N 219 -8.70 -9.23 -49.45
N ILE N 220 -8.22 -9.11 -50.69
CA ILE N 220 -8.00 -10.24 -51.55
C ILE N 220 -6.55 -10.33 -52.05
N ASN N 221 -5.85 -11.28 -51.43
CA ASN N 221 -4.47 -11.63 -51.70
C ASN N 221 -4.46 -12.49 -52.97
N SER N 222 -3.45 -12.33 -53.81
CA SER N 222 -3.36 -13.12 -55.04
C SER N 222 -3.03 -14.60 -54.76
N THR N 223 -2.32 -14.87 -53.66
CA THR N 223 -1.91 -16.24 -53.27
C THR N 223 -3.02 -16.96 -52.45
N SER N 224 -3.40 -16.38 -51.31
CA SER N 224 -4.43 -16.95 -50.42
C SER N 224 -5.89 -16.51 -50.68
N GLY N 225 -6.10 -15.64 -51.67
CA GLY N 225 -7.45 -15.16 -51.98
C GLY N 225 -8.01 -14.31 -50.83
N ILE N 226 -9.10 -14.78 -50.24
CA ILE N 226 -9.68 -14.04 -49.13
C ILE N 226 -9.25 -14.66 -47.78
N ASN N 227 -8.40 -15.69 -47.84
CA ASN N 227 -7.90 -16.38 -46.63
C ASN N 227 -6.45 -16.08 -46.29
N ASN N 228 -6.17 -14.78 -46.16
CA ASN N 228 -4.85 -14.21 -45.84
C ASN N 228 -5.07 -13.55 -44.47
N THR N 229 -4.08 -12.81 -43.97
CA THR N 229 -4.24 -12.13 -42.70
C THR N 229 -3.53 -10.78 -42.80
N ASP N 230 -3.65 -10.16 -43.97
CA ASP N 230 -2.97 -8.91 -44.26
C ASP N 230 -3.54 -7.70 -43.58
N PRO N 231 -4.85 -7.49 -43.74
CA PRO N 231 -5.36 -6.30 -43.05
C PRO N 231 -5.06 -6.44 -41.53
N THR N 232 -4.23 -5.54 -41.00
CA THR N 232 -3.88 -5.56 -39.57
C THR N 232 -4.40 -4.34 -38.83
N GLU N 233 -4.43 -3.20 -39.52
CA GLU N 233 -4.92 -1.99 -38.90
C GLU N 233 -5.84 -1.18 -39.82
N TYR N 234 -7.12 -1.22 -39.47
CA TYR N 234 -8.15 -0.50 -40.20
C TYR N 234 -8.29 0.90 -39.55
N GLU N 235 -8.77 1.89 -40.30
CA GLU N 235 -8.91 3.21 -39.69
C GLU N 235 -9.83 4.20 -40.38
N LEU N 236 -10.87 4.64 -39.69
CA LEU N 236 -11.80 5.61 -40.26
C LEU N 236 -11.44 7.02 -39.79
N LYS N 237 -10.85 7.81 -40.68
CA LYS N 237 -10.45 9.17 -40.37
C LYS N 237 -11.40 10.20 -40.97
N ILE N 238 -11.92 11.10 -40.15
CA ILE N 238 -12.77 12.18 -40.67
C ILE N 238 -11.74 13.22 -41.21
N VAL N 239 -11.65 13.36 -42.52
CA VAL N 239 -10.67 14.28 -43.16
C VAL N 239 -11.11 15.75 -43.16
N ARG N 240 -12.40 15.98 -43.34
CA ARG N 240 -12.92 17.34 -43.26
C ARG N 240 -13.05 17.68 -41.77
N GLY N 241 -12.98 18.97 -41.45
CA GLY N 241 -13.09 19.41 -40.07
C GLY N 241 -11.83 19.04 -39.30
N VAL N 242 -11.95 18.84 -38.00
CA VAL N 242 -10.77 18.46 -37.24
C VAL N 242 -10.40 17.00 -37.55
N PRO N 243 -9.17 16.75 -38.06
CA PRO N 243 -8.87 15.35 -38.33
C PRO N 243 -9.10 14.53 -37.03
N THR N 244 -10.13 13.68 -37.07
CA THR N 244 -10.50 12.85 -35.91
C THR N 244 -10.58 11.42 -36.43
N ASP N 245 -10.19 10.49 -35.57
CA ASP N 245 -10.19 9.07 -35.93
C ASP N 245 -11.38 8.47 -35.19
N LYS N 246 -12.44 8.18 -35.93
CA LYS N 246 -13.61 7.58 -35.33
C LYS N 246 -13.24 6.13 -35.06
N ILE N 247 -12.24 5.63 -35.79
CA ILE N 247 -11.75 4.27 -35.65
C ILE N 247 -10.27 4.13 -35.99
N LYS N 248 -9.57 3.43 -35.10
CA LYS N 248 -8.14 3.19 -35.23
C LYS N 248 -7.92 1.86 -34.48
N VAL N 249 -8.73 0.86 -34.82
CA VAL N 249 -8.66 -0.44 -34.17
C VAL N 249 -7.89 -1.48 -34.96
N SER N 250 -7.16 -2.35 -34.27
CA SER N 250 -6.38 -3.41 -34.92
C SER N 250 -7.35 -4.42 -35.53
N TRP N 251 -6.94 -5.08 -36.61
CA TRP N 251 -7.80 -6.05 -37.26
C TRP N 251 -8.36 -7.07 -36.28
N ALA N 252 -7.48 -7.61 -35.43
CA ALA N 252 -7.86 -8.60 -34.43
C ALA N 252 -9.05 -8.10 -33.60
N ALA N 253 -8.91 -6.87 -33.08
CA ALA N 253 -9.94 -6.23 -32.25
C ALA N 253 -11.22 -5.82 -32.97
N LEU N 254 -11.11 -5.53 -34.28
CA LEU N 254 -12.29 -5.16 -35.03
C LEU N 254 -13.10 -6.42 -35.24
N GLN N 255 -12.38 -7.53 -35.45
CA GLN N 255 -13.01 -8.84 -35.65
C GLN N 255 -13.52 -9.35 -34.32
N ALA N 256 -12.91 -8.85 -33.26
CA ALA N 256 -13.31 -9.18 -31.91
C ALA N 256 -14.69 -8.55 -31.76
N GLU N 257 -14.84 -7.29 -32.17
CA GLU N 257 -16.12 -6.62 -32.08
C GLU N 257 -17.18 -7.34 -32.92
N ASN N 258 -16.75 -8.11 -33.91
CA ASN N 258 -17.68 -8.82 -34.74
C ASN N 258 -18.11 -10.12 -34.05
N GLN N 259 -17.28 -10.56 -33.12
CA GLN N 259 -17.57 -11.75 -32.35
C GLN N 259 -18.76 -11.41 -31.46
N ALA N 260 -18.65 -10.27 -30.77
CA ALA N 260 -19.68 -9.77 -29.87
C ALA N 260 -20.86 -9.24 -30.69
N GLU N 261 -20.52 -8.57 -31.77
CA GLU N 261 -21.55 -7.98 -32.62
C GLU N 261 -22.41 -9.01 -33.33
N TYR N 262 -21.76 -9.91 -34.06
CA TYR N 262 -22.48 -10.90 -34.83
C TYR N 262 -22.58 -12.31 -34.26
N GLN N 263 -21.95 -12.53 -33.12
CA GLN N 263 -21.98 -13.84 -32.48
C GLN N 263 -21.67 -14.95 -33.48
N VAL N 264 -20.58 -14.78 -34.22
CA VAL N 264 -20.14 -15.78 -35.20
C VAL N 264 -18.66 -15.57 -35.44
N ALA N 265 -17.90 -16.64 -35.68
CA ALA N 265 -16.46 -16.53 -35.92
C ALA N 265 -16.23 -15.66 -37.17
N PRO N 266 -15.02 -15.07 -37.32
CA PRO N 266 -14.74 -14.23 -38.49
C PRO N 266 -14.87 -15.04 -39.79
N TYR N 267 -15.48 -14.43 -40.82
CA TYR N 267 -15.66 -15.11 -42.10
C TYR N 267 -14.34 -15.63 -42.71
N SER N 268 -13.24 -14.94 -42.39
CA SER N 268 -11.88 -15.28 -42.85
C SER N 268 -10.91 -14.34 -42.12
N GLY N 269 -9.61 -14.56 -42.28
CA GLY N 269 -8.65 -13.68 -41.63
C GLY N 269 -8.64 -12.27 -42.23
N ALA N 270 -9.21 -12.14 -43.42
CA ALA N 270 -9.22 -10.86 -44.14
C ALA N 270 -10.55 -10.10 -44.22
N SER N 271 -11.46 -10.30 -43.27
CA SER N 271 -12.73 -9.58 -43.34
C SER N 271 -13.24 -9.06 -41.99
N ALA N 272 -14.12 -8.05 -42.03
CA ALA N 272 -14.68 -7.49 -40.81
C ALA N 272 -15.78 -6.50 -41.15
N ILE N 273 -16.43 -6.00 -40.12
CA ILE N 273 -17.50 -5.02 -40.30
C ILE N 273 -17.35 -3.91 -39.27
N ILE N 274 -17.62 -2.69 -39.69
CA ILE N 274 -17.48 -1.55 -38.82
C ILE N 274 -18.84 -0.86 -38.70
N ASP N 275 -19.45 -0.90 -37.53
CA ASP N 275 -20.76 -0.25 -37.41
C ASP N 275 -20.65 1.20 -37.01
N PHE N 276 -21.13 2.03 -37.91
CA PHE N 276 -21.10 3.46 -37.71
C PHE N 276 -21.97 3.97 -36.56
N ARG N 277 -23.15 3.41 -36.36
CA ARG N 277 -24.01 3.82 -35.23
C ARG N 277 -23.28 3.74 -33.86
N LYS N 278 -22.17 2.98 -33.81
CA LYS N 278 -21.35 2.80 -32.57
C LYS N 278 -20.22 3.85 -32.41
N TYR N 279 -19.86 4.54 -33.48
CA TYR N 279 -18.75 5.49 -33.45
C TYR N 279 -19.28 6.87 -33.73
N PHE N 280 -20.56 6.91 -34.04
CA PHE N 280 -21.23 8.15 -34.26
C PHE N 280 -22.46 7.94 -33.43
N ASN N 281 -23.29 8.95 -33.46
CA ASN N 281 -24.52 8.89 -32.73
C ASN N 281 -25.48 8.53 -33.85
N GLY N 282 -25.98 7.29 -33.83
CA GLY N 282 -26.88 6.89 -34.88
C GLY N 282 -26.08 6.68 -36.15
N ASP N 283 -26.78 6.65 -37.29
CA ASP N 283 -26.11 6.43 -38.57
C ASP N 283 -25.26 7.59 -39.13
N LEU N 284 -24.19 7.20 -39.82
CA LEU N 284 -23.23 8.11 -40.44
C LEU N 284 -23.84 8.66 -41.71
N ASP N 285 -24.32 9.89 -41.62
CA ASP N 285 -24.95 10.57 -42.74
C ASP N 285 -23.89 11.40 -43.48
N LEU N 286 -23.87 11.30 -44.81
CA LEU N 286 -22.95 12.07 -45.61
C LEU N 286 -23.82 12.59 -46.77
N THR N 287 -25.12 12.69 -46.52
CA THR N 287 -26.09 13.13 -47.53
C THR N 287 -25.74 14.51 -48.10
N HIS N 288 -25.32 15.42 -47.21
CA HIS N 288 -24.97 16.77 -47.65
C HIS N 288 -23.52 17.15 -47.35
N ALA N 289 -22.74 16.20 -46.81
CA ALA N 289 -21.34 16.43 -46.46
C ALA N 289 -20.41 16.58 -47.69
N PRO N 290 -19.42 17.51 -47.63
CA PRO N 290 -18.54 17.64 -48.79
C PRO N 290 -17.82 16.31 -49.03
N SER N 291 -17.48 16.02 -50.28
CA SER N 291 -16.81 14.76 -50.58
C SER N 291 -15.39 14.72 -50.01
N ASP N 292 -14.89 13.50 -49.80
CA ASP N 292 -13.55 13.30 -49.23
C ASP N 292 -13.52 13.95 -47.85
N SER N 293 -14.46 13.53 -47.00
CA SER N 293 -14.59 14.05 -45.64
C SER N 293 -14.44 12.87 -44.69
N ILE N 294 -14.56 11.67 -45.25
CA ILE N 294 -14.42 10.47 -44.47
C ILE N 294 -13.87 9.37 -45.36
N GLU N 295 -12.73 8.86 -44.95
CA GLU N 295 -12.02 7.79 -45.63
C GLU N 295 -11.74 6.71 -44.63
N TYR N 296 -11.42 5.53 -45.12
CA TYR N 296 -11.07 4.42 -44.26
C TYR N 296 -9.66 3.97 -44.74
N ASP N 297 -8.79 3.60 -43.79
CA ASP N 297 -7.40 3.19 -44.08
C ASP N 297 -7.14 1.71 -43.88
N LEU N 298 -6.01 1.24 -44.41
CA LEU N 298 -5.64 -0.15 -44.26
C LEU N 298 -4.16 -0.41 -44.20
N ALA N 299 -3.80 -1.19 -43.19
CA ALA N 299 -2.42 -1.59 -43.00
C ALA N 299 -2.47 -3.05 -43.47
N LEU N 300 -1.97 -3.31 -44.67
CA LEU N 300 -1.98 -4.68 -45.19
C LEU N 300 -0.57 -5.30 -45.09
N GLN N 301 -0.47 -6.57 -44.67
CA GLN N 301 0.85 -7.25 -44.55
C GLN N 301 1.60 -7.15 -45.87
N ASN N 302 0.88 -7.43 -46.95
CA ASN N 302 1.39 -7.38 -48.32
C ASN N 302 0.55 -6.33 -49.02
N GLN N 303 0.77 -6.14 -50.31
CA GLN N 303 -0.06 -5.18 -51.02
C GLN N 303 -1.11 -5.98 -51.80
N ASP N 304 -2.39 -5.71 -51.50
CA ASP N 304 -3.51 -6.44 -52.16
C ASP N 304 -4.72 -5.56 -52.58
N ASN N 305 -5.84 -6.25 -52.82
CA ASN N 305 -7.10 -5.64 -53.25
C ASN N 305 -8.15 -5.64 -52.14
N VAL N 306 -8.64 -4.44 -51.86
CA VAL N 306 -9.63 -4.27 -50.81
C VAL N 306 -11.03 -4.00 -51.37
N TYR N 307 -12.01 -4.81 -50.96
CA TYR N 307 -13.38 -4.60 -51.42
C TYR N 307 -14.16 -4.01 -50.26
N SER N 308 -14.85 -2.90 -50.50
CA SER N 308 -15.59 -2.29 -49.42
C SER N 308 -17.08 -2.17 -49.72
N LEU N 309 -17.87 -3.00 -49.04
CA LEU N 309 -19.31 -3.04 -49.22
C LEU N 309 -19.93 -2.17 -48.14
N TYR N 310 -20.76 -1.22 -48.55
CA TYR N 310 -21.45 -0.33 -47.62
C TYR N 310 -22.92 -0.73 -47.57
N VAL N 311 -23.53 -0.73 -46.39
CA VAL N 311 -24.95 -1.05 -46.32
C VAL N 311 -25.47 0.29 -45.86
N SER N 312 -25.81 1.11 -46.86
CA SER N 312 -26.29 2.46 -46.66
C SER N 312 -27.66 2.63 -47.33
N TYR N 313 -28.26 3.80 -47.13
CA TYR N 313 -29.56 4.10 -47.72
C TYR N 313 -29.73 5.61 -47.92
N VAL N 314 -30.46 5.99 -48.97
CA VAL N 314 -30.74 7.41 -49.26
C VAL N 314 -32.23 7.70 -49.06
N LEU N 315 -32.56 8.94 -48.69
CA LEU N 315 -33.96 9.32 -48.49
C LEU N 315 -34.29 10.26 -49.65
N PRO N 316 -34.88 9.71 -50.72
CA PRO N 316 -35.24 10.50 -51.90
C PRO N 316 -35.98 11.82 -51.64
N TYR N 317 -36.39 12.07 -50.40
CA TYR N 317 -37.06 13.34 -50.11
C TYR N 317 -36.54 13.88 -48.80
N TYR N 318 -35.28 13.55 -48.54
CA TYR N 318 -34.55 13.97 -47.35
C TYR N 318 -34.73 15.44 -46.95
N ASP N 319 -35.00 16.29 -47.93
CA ASP N 319 -35.15 17.72 -47.65
C ASP N 319 -36.54 18.05 -47.19
N GLN N 320 -37.51 17.35 -47.76
CA GLN N 320 -38.90 17.53 -47.37
C GLN N 320 -39.19 16.93 -45.98
N LEU N 321 -38.38 15.94 -45.57
CA LEU N 321 -38.51 15.30 -44.25
C LEU N 321 -37.86 16.18 -43.18
N ALA N 322 -36.76 16.84 -43.58
CA ALA N 322 -35.98 17.75 -42.74
C ALA N 322 -36.70 19.11 -42.66
N ALA N 323 -37.35 19.47 -43.77
CA ALA N 323 -38.12 20.72 -43.89
C ALA N 323 -39.61 20.51 -43.52
N LEU N 324 -39.89 19.48 -42.73
CA LEU N 324 -41.25 19.18 -42.31
C LEU N 324 -41.59 19.83 -40.96
N PRO N 325 -42.89 20.18 -40.73
CA PRO N 325 -43.34 20.81 -39.46
C PRO N 325 -42.98 19.83 -38.33
N ALA N 326 -42.52 20.33 -37.18
CA ALA N 326 -42.10 19.44 -36.07
C ALA N 326 -43.21 18.47 -35.63
N GLN N 327 -44.42 18.84 -36.01
CA GLN N 327 -45.65 18.10 -35.78
C GLN N 327 -45.62 16.82 -36.66
N VAL N 328 -45.58 17.06 -37.98
CA VAL N 328 -45.53 16.03 -39.02
C VAL N 328 -44.18 15.28 -39.01
N ALA N 329 -43.07 16.03 -38.95
CA ALA N 329 -41.71 15.46 -38.90
C ALA N 329 -41.59 14.33 -37.87
N ALA N 330 -42.25 14.49 -36.71
CA ALA N 330 -42.25 13.48 -35.63
C ALA N 330 -42.77 12.09 -36.07
N ILE N 331 -43.89 12.10 -36.79
CA ILE N 331 -44.59 10.90 -37.32
C ILE N 331 -43.89 10.32 -38.58
N VAL N 332 -43.51 11.21 -39.49
CA VAL N 332 -42.81 10.86 -40.72
C VAL N 332 -41.46 10.26 -40.34
N GLN N 333 -40.85 10.80 -39.29
CA GLN N 333 -39.56 10.33 -38.77
C GLN N 333 -39.61 8.89 -38.27
N GLN N 334 -40.68 8.56 -37.56
CA GLN N 334 -40.88 7.24 -37.01
C GLN N 334 -41.04 6.18 -38.09
N TYR N 335 -41.50 6.62 -39.26
CA TYR N 335 -41.70 5.74 -40.40
C TYR N 335 -40.44 5.43 -41.13
N VAL N 336 -39.67 6.49 -41.36
CA VAL N 336 -38.39 6.40 -42.05
C VAL N 336 -37.42 5.68 -41.10
N ALA N 337 -37.50 6.04 -39.81
CA ALA N 337 -36.65 5.43 -38.80
C ALA N 337 -36.87 3.92 -38.74
N ARG N 338 -38.12 3.50 -38.78
CA ARG N 338 -38.43 2.07 -38.74
C ARG N 338 -37.92 1.40 -40.00
N GLN N 339 -38.10 2.08 -41.13
CA GLN N 339 -37.68 1.57 -42.42
C GLN N 339 -36.16 1.37 -42.52
N LYS N 340 -35.38 2.34 -42.03
CA LYS N 340 -33.91 2.24 -42.09
C LYS N 340 -33.36 1.00 -41.42
N ARG N 341 -34.06 0.53 -40.38
CA ARG N 341 -33.65 -0.65 -39.61
C ARG N 341 -34.06 -1.96 -40.27
N ARG N 342 -34.98 -1.88 -41.23
CA ARG N 342 -35.41 -3.09 -41.94
C ARG N 342 -34.27 -3.59 -42.81
N ILE N 343 -33.57 -2.67 -43.45
CA ILE N 343 -32.45 -3.00 -44.33
C ILE N 343 -31.17 -3.34 -43.55
N LYS N 344 -31.18 -4.51 -42.92
CA LYS N 344 -30.03 -4.99 -42.11
C LYS N 344 -28.95 -5.59 -42.99
N ARG N 345 -29.33 -6.69 -43.64
CA ARG N 345 -28.41 -7.43 -44.51
C ARG N 345 -28.34 -6.86 -45.93
N GLY O 2 -34.99 -5.81 36.29
CA GLY O 2 -34.11 -5.13 35.29
C GLY O 2 -33.47 -6.09 34.30
N GLU O 3 -32.17 -5.90 34.04
CA GLU O 3 -31.46 -6.74 33.08
C GLU O 3 -30.50 -7.76 33.68
N ILE O 4 -31.05 -8.93 33.94
CA ILE O 4 -30.29 -10.03 34.48
C ILE O 4 -29.17 -10.28 33.48
N TYR O 5 -28.02 -10.70 33.98
CA TYR O 5 -26.88 -11.03 33.15
C TYR O 5 -25.94 -11.79 34.06
N THR O 6 -25.33 -12.82 33.51
CA THR O 6 -24.48 -13.70 34.29
C THR O 6 -23.09 -13.91 33.73
N GLU O 7 -22.16 -14.15 34.65
CA GLU O 7 -20.79 -14.39 34.30
C GLU O 7 -20.13 -15.20 35.40
N THR O 8 -19.03 -15.82 35.03
CA THR O 8 -18.25 -16.60 35.98
C THR O 8 -17.17 -15.63 36.43
N LEU O 9 -16.71 -15.77 37.66
CA LEU O 9 -15.64 -14.91 38.15
C LEU O 9 -14.36 -15.57 37.65
N GLN O 10 -13.46 -14.76 37.11
CA GLN O 10 -12.21 -15.29 36.57
C GLN O 10 -11.42 -16.04 37.64
N GLN O 11 -11.50 -15.52 38.85
CA GLN O 11 -10.81 -16.14 39.93
C GLN O 11 -11.44 -17.38 40.54
N THR O 12 -10.70 -18.49 40.50
CA THR O 12 -11.14 -19.79 41.05
C THR O 12 -10.50 -20.14 42.43
N TYR O 13 -10.80 -21.31 42.97
CA TYR O 13 -10.24 -21.72 44.27
C TYR O 13 -9.93 -23.21 44.29
N ALA O 14 -8.69 -23.56 44.63
CA ALA O 14 -8.26 -24.95 44.70
C ALA O 14 -8.99 -25.72 45.80
N TRP O 15 -9.53 -26.89 45.45
CA TRP O 15 -10.22 -27.71 46.45
C TRP O 15 -9.14 -28.43 47.22
N THR O 16 -9.01 -28.12 48.50
CA THR O 16 -8.02 -28.79 49.34
C THR O 16 -8.80 -29.46 50.46
N ALA O 17 -8.30 -30.59 50.96
CA ALA O 17 -8.98 -31.32 52.02
C ALA O 17 -8.88 -30.60 53.39
N GLY O 18 -10.03 -30.51 54.08
CA GLY O 18 -10.10 -29.87 55.38
C GLY O 18 -9.75 -28.39 55.50
N THR O 19 -10.17 -27.58 54.52
CA THR O 19 -9.87 -26.14 54.49
C THR O 19 -11.10 -25.22 54.49
N ASN O 20 -10.87 -23.95 54.81
CA ASN O 20 -11.91 -22.94 54.74
C ASN O 20 -11.41 -22.02 53.62
N ILE O 21 -12.19 -21.86 52.56
CA ILE O 21 -11.77 -20.99 51.46
C ILE O 21 -12.73 -19.81 51.35
N PRO O 22 -12.40 -18.64 51.92
CA PRO O 22 -13.37 -17.55 51.76
C PRO O 22 -13.34 -16.96 50.35
N ILE O 23 -14.53 -16.77 49.78
CA ILE O 23 -14.69 -16.22 48.44
C ILE O 23 -15.32 -14.85 48.50
N LYS O 24 -14.82 -13.92 47.69
CA LYS O 24 -15.41 -12.59 47.62
C LYS O 24 -16.38 -12.63 46.42
N ILE O 25 -17.58 -12.12 46.61
CA ILE O 25 -18.57 -12.09 45.53
C ILE O 25 -18.70 -10.61 45.10
N PRO O 26 -18.14 -10.21 43.94
CA PRO O 26 -18.23 -8.81 43.51
C PRO O 26 -19.65 -8.25 43.57
N ARG O 27 -19.79 -7.05 44.14
CA ARG O 27 -21.11 -6.43 44.29
C ARG O 27 -21.40 -5.47 43.14
N ASN O 28 -21.47 -6.02 41.93
CA ASN O 28 -21.71 -5.22 40.72
C ASN O 28 -23.08 -4.59 40.60
N ASN O 29 -24.09 -5.43 40.77
CA ASN O 29 -25.50 -5.03 40.71
C ASN O 29 -26.09 -5.85 41.84
N PHE O 30 -27.38 -6.14 41.77
CA PHE O 30 -28.01 -7.00 42.77
C PHE O 30 -27.61 -8.42 42.37
N ILE O 31 -27.68 -9.35 43.30
CA ILE O 31 -27.31 -10.71 42.97
C ILE O 31 -28.53 -11.61 43.02
N ARG O 32 -28.83 -12.25 41.89
CA ARG O 32 -29.97 -13.15 41.81
C ARG O 32 -29.62 -14.57 42.22
N LYS O 33 -28.54 -15.05 41.85
CA LYS O 33 -28.15 -16.40 42.24
C LYS O 33 -26.66 -16.71 42.08
N ILE O 34 -26.04 -17.47 42.96
CA ILE O 34 -24.63 -17.80 42.95
C ILE O 34 -24.49 -19.31 42.82
N ARG O 35 -23.95 -19.76 41.69
CA ARG O 35 -23.72 -21.19 41.46
C ARG O 35 -22.26 -21.46 41.77
N VAL O 36 -21.95 -22.62 42.32
CA VAL O 36 -20.56 -22.96 42.62
C VAL O 36 -20.32 -24.34 42.05
N GLN O 37 -19.20 -24.54 41.37
CA GLN O 37 -18.92 -25.84 40.78
C GLN O 37 -17.57 -26.41 41.15
N LEU O 38 -17.59 -27.63 41.70
CA LEU O 38 -16.36 -28.29 42.05
C LEU O 38 -16.08 -29.07 40.75
N ILE O 39 -15.20 -28.51 39.93
CA ILE O 39 -14.86 -29.09 38.63
C ILE O 39 -13.39 -29.50 38.54
N GLY O 40 -13.17 -30.79 38.26
CA GLY O 40 -11.83 -31.32 38.13
C GLY O 40 -11.92 -32.82 37.89
N SER O 41 -11.16 -33.58 38.66
CA SER O 41 -11.17 -35.03 38.54
C SER O 41 -10.81 -35.66 39.87
N ILE O 42 -11.03 -36.96 39.99
CA ILE O 42 -10.70 -37.65 41.21
C ILE O 42 -9.78 -38.75 40.72
N SER O 43 -8.49 -38.56 40.96
CA SER O 43 -7.51 -39.51 40.50
C SER O 43 -7.11 -40.54 41.52
N ASN O 44 -7.07 -41.78 41.06
CA ASN O 44 -6.66 -42.91 41.86
C ASN O 44 -5.30 -43.26 41.26
N SER O 45 -4.29 -43.24 42.12
CA SER O 45 -2.90 -43.56 41.74
C SER O 45 -2.53 -44.95 42.32
N GLY O 46 -3.50 -45.53 43.06
CA GLY O 46 -3.33 -46.85 43.65
C GLY O 46 -3.40 -47.89 42.56
N THR O 47 -2.77 -49.03 42.81
CA THR O 47 -2.70 -50.16 41.89
C THR O 47 -4.06 -50.84 41.52
N ALA O 48 -4.98 -50.95 42.50
CA ALA O 48 -6.33 -51.53 42.31
C ALA O 48 -7.39 -50.38 42.26
N ALA O 49 -8.41 -50.53 41.40
CA ALA O 49 -9.45 -49.50 41.22
C ALA O 49 -10.24 -49.17 42.50
N VAL O 50 -10.12 -47.92 42.97
CA VAL O 50 -10.79 -47.47 44.19
C VAL O 50 -12.20 -46.94 43.91
N THR O 51 -13.19 -47.63 44.49
CA THR O 51 -14.59 -47.22 44.35
C THR O 51 -14.86 -46.11 45.39
N LEU O 52 -15.37 -44.98 44.89
CA LEU O 52 -15.69 -43.80 45.71
C LEU O 52 -16.83 -44.02 46.71
N PRO O 53 -16.74 -43.38 47.88
CA PRO O 53 -17.78 -43.50 48.92
C PRO O 53 -19.16 -43.19 48.33
N SER O 54 -20.23 -43.73 48.91
CA SER O 54 -21.57 -43.47 48.38
C SER O 54 -22.24 -42.22 49.00
N ALA O 55 -23.47 -41.94 48.58
CA ALA O 55 -24.22 -40.78 49.07
C ALA O 55 -23.98 -40.55 50.55
N PRO O 56 -23.87 -39.29 50.95
CA PRO O 56 -23.94 -38.08 50.13
C PRO O 56 -22.83 -37.69 49.13
N PHE O 57 -21.76 -38.48 49.00
CA PHE O 57 -20.70 -38.12 48.04
C PHE O 57 -21.34 -38.08 46.65
N PRO O 58 -20.85 -37.22 45.73
CA PRO O 58 -19.73 -36.28 45.84
C PRO O 58 -20.05 -35.01 46.63
N TYR O 59 -21.33 -34.73 46.86
CA TYR O 59 -21.72 -33.53 47.60
C TYR O 59 -20.93 -33.15 48.84
N ASN O 60 -20.60 -34.13 49.69
CA ASN O 60 -19.87 -33.86 50.91
C ASN O 60 -18.39 -33.48 50.71
N LEU O 61 -17.94 -33.40 49.46
CA LEU O 61 -16.55 -33.00 49.21
C LEU O 61 -16.44 -31.58 49.74
N VAL O 62 -17.59 -30.93 49.87
CA VAL O 62 -17.67 -29.56 50.40
C VAL O 62 -18.45 -29.72 51.69
N GLN O 63 -17.73 -29.82 52.80
CA GLN O 63 -18.37 -30.03 54.08
C GLN O 63 -19.46 -29.04 54.45
N THR O 64 -19.16 -27.74 54.29
CA THR O 64 -20.13 -26.67 54.60
C THR O 64 -19.97 -25.40 53.74
N PHE O 65 -21.08 -24.66 53.63
CA PHE O 65 -21.15 -23.41 52.87
C PHE O 65 -21.64 -22.31 53.80
N ASN O 66 -21.24 -21.07 53.53
CA ASN O 66 -21.71 -19.98 54.35
C ASN O 66 -21.59 -18.62 53.69
N LEU O 67 -22.66 -18.21 53.02
CA LEU O 67 -22.70 -16.95 52.33
C LEU O 67 -23.38 -15.89 53.17
N SER O 68 -22.65 -14.85 53.51
CA SER O 68 -23.22 -13.78 54.32
C SER O 68 -22.60 -12.43 53.96
N TYR O 69 -23.25 -11.34 54.38
CA TYR O 69 -22.74 -10.02 54.05
C TYR O 69 -22.52 -9.24 55.33
N GLU O 70 -21.42 -8.49 55.34
CA GLU O 70 -21.01 -7.68 56.48
C GLU O 70 -20.44 -8.49 57.64
N GLY O 71 -19.94 -9.69 57.33
CA GLY O 71 -19.34 -10.57 58.32
C GLY O 71 -20.29 -11.00 59.44
N SER O 72 -21.45 -10.36 59.46
CA SER O 72 -22.42 -10.65 60.49
C SER O 72 -23.75 -11.20 60.01
N LYS O 73 -24.24 -10.76 58.85
CA LYS O 73 -25.53 -11.25 58.38
C LYS O 73 -25.42 -12.46 57.45
N THR O 74 -25.91 -13.60 57.95
CA THR O 74 -25.85 -14.92 57.30
C THR O 74 -27.03 -15.25 56.36
N LEU O 75 -26.77 -15.41 55.06
CA LEU O 75 -27.84 -15.73 54.11
C LEU O 75 -27.97 -17.25 53.95
N TYR O 76 -26.85 -17.94 54.08
CA TYR O 76 -26.83 -19.38 53.96
C TYR O 76 -25.98 -19.97 55.04
N SER O 77 -26.36 -21.16 55.48
CA SER O 77 -25.65 -21.88 56.52
C SER O 77 -26.09 -23.31 56.29
N VAL O 78 -25.42 -23.95 55.34
CA VAL O 78 -25.74 -25.30 54.97
C VAL O 78 -24.48 -26.08 54.70
N SER O 79 -24.61 -27.40 54.67
CA SER O 79 -23.49 -28.26 54.38
C SER O 79 -23.60 -28.65 52.91
N GLY O 80 -22.50 -29.15 52.33
CA GLY O 80 -22.53 -29.59 50.95
C GLY O 80 -23.53 -30.73 50.80
N THR O 81 -23.66 -31.50 51.89
CA THR O 81 -24.59 -32.62 51.97
C THR O 81 -26.00 -32.10 52.18
N GLY O 82 -26.10 -30.97 52.86
CA GLY O 82 -27.39 -30.35 53.09
C GLY O 82 -27.89 -29.74 51.80
N LEU O 83 -27.23 -28.67 51.36
CA LEU O 83 -27.60 -28.00 50.12
C LEU O 83 -27.61 -28.97 48.93
N GLY O 84 -26.71 -29.95 48.98
CA GLY O 84 -26.58 -30.93 47.90
C GLY O 84 -27.85 -31.71 47.61
N ILE O 85 -28.49 -32.22 48.65
CA ILE O 85 -29.74 -32.95 48.46
C ILE O 85 -30.84 -31.97 48.05
N LEU O 86 -30.79 -30.74 48.57
CA LEU O 86 -31.80 -29.73 48.22
C LEU O 86 -31.70 -29.50 46.73
N MET O 87 -30.48 -29.53 46.21
CA MET O 87 -30.24 -29.36 44.78
C MET O 87 -30.78 -30.58 44.02
N TYR O 88 -30.50 -31.76 44.55
CA TYR O 88 -30.94 -32.99 43.92
C TYR O 88 -32.46 -33.02 43.72
N TYR O 89 -33.20 -32.40 44.63
CA TYR O 89 -34.65 -32.43 44.50
C TYR O 89 -35.20 -31.33 43.62
N THR O 90 -34.87 -30.09 43.94
CA THR O 90 -35.37 -28.96 43.19
C THR O 90 -35.01 -28.90 41.68
N THR O 91 -34.24 -29.87 41.18
CA THR O 91 -33.90 -29.88 39.75
C THR O 91 -34.24 -31.21 39.07
N LYS O 92 -35.24 -31.90 39.58
CA LYS O 92 -35.62 -33.19 39.01
C LYS O 92 -34.41 -34.16 39.05
N GLY O 93 -33.58 -34.03 40.09
CA GLY O 93 -32.40 -34.88 40.25
C GLY O 93 -31.37 -34.78 39.14
N GLN O 94 -31.52 -33.73 38.33
CA GLN O 94 -30.66 -33.46 37.19
C GLN O 94 -29.44 -32.59 37.47
N ASN O 95 -29.31 -32.12 38.71
CA ASN O 95 -28.17 -31.28 39.05
C ASN O 95 -26.85 -32.03 38.88
N PRO O 96 -25.84 -31.37 38.28
CA PRO O 96 -24.52 -31.99 38.07
C PRO O 96 -23.92 -32.56 39.36
N ALA O 97 -23.64 -33.87 39.36
CA ALA O 97 -23.03 -34.56 40.51
C ALA O 97 -22.25 -35.82 40.08
N TYR O 98 -21.09 -35.61 39.45
CA TYR O 98 -20.23 -36.70 38.99
C TYR O 98 -18.92 -36.76 39.77
N PRO O 99 -18.40 -37.98 39.99
CA PRO O 99 -19.08 -39.18 39.48
C PRO O 99 -20.16 -39.57 40.50
N ALA O 100 -21.04 -40.49 40.14
CA ALA O 100 -22.10 -40.92 41.06
C ALA O 100 -21.52 -41.62 42.30
N PRO O 101 -22.36 -41.83 43.33
CA PRO O 101 -21.84 -42.50 44.53
C PRO O 101 -21.39 -43.92 44.18
N GLY O 102 -20.22 -44.33 44.69
CA GLY O 102 -19.72 -45.67 44.43
C GLY O 102 -19.05 -45.92 43.07
N THR O 103 -18.82 -44.86 42.28
CA THR O 103 -18.18 -45.05 40.97
C THR O 103 -16.71 -45.38 41.13
N SER O 104 -16.22 -46.25 40.26
CA SER O 104 -14.84 -46.69 40.34
C SER O 104 -13.86 -45.83 39.52
N VAL O 105 -12.74 -45.54 40.15
CA VAL O 105 -11.66 -44.77 39.54
C VAL O 105 -10.67 -45.83 39.04
N PRO O 106 -10.55 -46.00 37.69
CA PRO O 106 -9.61 -47.00 37.15
C PRO O 106 -8.28 -46.95 37.92
N ALA O 107 -7.75 -48.12 38.28
CA ALA O 107 -6.49 -48.25 39.03
C ALA O 107 -5.32 -47.58 38.30
N SER O 108 -4.81 -46.46 38.84
CA SER O 108 -3.74 -45.64 38.24
C SER O 108 -4.26 -44.82 37.02
N GLY O 109 -5.58 -44.56 37.05
CA GLY O 109 -6.29 -43.80 36.03
C GLY O 109 -7.17 -42.84 36.84
N SER O 110 -8.13 -42.16 36.20
CA SER O 110 -9.02 -41.23 36.94
C SER O 110 -10.46 -41.09 36.39
N VAL O 111 -11.30 -40.40 37.18
CA VAL O 111 -12.71 -40.15 36.84
C VAL O 111 -12.96 -38.65 36.72
N ASN O 112 -14.22 -38.28 36.53
CA ASN O 112 -14.57 -36.87 36.41
C ASN O 112 -15.29 -36.27 37.60
N LEU O 113 -14.79 -35.12 38.05
CA LEU O 113 -15.41 -34.44 39.18
C LEU O 113 -16.10 -33.17 38.69
N ASN O 114 -17.37 -33.06 39.05
CA ASN O 114 -18.21 -31.93 38.67
C ASN O 114 -19.45 -31.93 39.53
N VAL O 115 -19.47 -31.08 40.55
CA VAL O 115 -20.62 -31.00 41.43
C VAL O 115 -21.11 -29.56 41.51
N MET O 116 -22.39 -29.38 41.79
CA MET O 116 -22.88 -28.02 41.91
C MET O 116 -23.89 -27.72 43.00
N TRP O 117 -23.87 -26.47 43.44
CA TRP O 117 -24.78 -25.95 44.45
C TRP O 117 -25.32 -24.64 43.90
N GLU O 118 -26.41 -24.15 44.48
CA GLU O 118 -26.97 -22.89 44.01
C GLU O 118 -27.68 -22.15 45.12
N PHE O 119 -27.18 -20.94 45.38
CA PHE O 119 -27.73 -20.12 46.42
C PHE O 119 -28.58 -19.06 45.74
N ASP O 120 -29.88 -19.17 45.95
CA ASP O 120 -30.82 -18.24 45.35
C ASP O 120 -31.09 -17.08 46.28
N LEU O 121 -30.59 -15.91 45.92
CA LEU O 121 -30.80 -14.76 46.77
C LEU O 121 -31.93 -13.87 46.28
N ALA O 122 -32.88 -14.42 45.53
CA ALA O 122 -34.00 -13.59 44.99
C ALA O 122 -33.31 -12.42 44.27
N ARG O 123 -33.52 -11.20 44.76
CA ARG O 123 -32.83 -10.04 44.20
C ARG O 123 -32.15 -9.25 45.31
N PHE O 124 -31.13 -9.91 45.89
CA PHE O 124 -30.33 -9.37 46.96
C PHE O 124 -29.69 -8.05 46.57
N PRO O 125 -29.95 -6.99 47.35
CA PRO O 125 -29.42 -5.63 47.12
C PRO O 125 -27.93 -5.56 47.45
N ALA O 126 -27.14 -6.35 46.72
CA ALA O 126 -25.70 -6.46 46.93
C ALA O 126 -24.88 -5.18 46.77
N THR O 127 -25.45 -4.19 46.10
CA THR O 127 -24.73 -2.95 45.90
C THR O 127 -24.89 -2.03 47.13
N MET O 128 -25.83 -2.39 48.01
CA MET O 128 -26.10 -1.62 49.23
C MET O 128 -25.51 -2.26 50.50
N VAL O 129 -24.94 -3.45 50.36
CA VAL O 129 -24.35 -4.12 51.51
C VAL O 129 -22.84 -4.20 51.33
N GLN O 130 -22.16 -4.77 52.33
CA GLN O 130 -20.70 -4.89 52.33
C GLN O 130 -20.19 -6.31 52.52
N ASN O 131 -19.18 -6.68 51.74
CA ASN O 131 -18.59 -8.01 51.89
C ASN O 131 -19.50 -9.20 51.69
N ILE O 132 -19.83 -9.52 50.44
CA ILE O 132 -20.63 -10.71 50.26
C ILE O 132 -19.59 -11.82 50.14
N ILE O 133 -19.32 -12.52 51.26
CA ILE O 133 -18.30 -13.58 51.32
C ILE O 133 -18.86 -14.98 51.54
N LEU O 134 -18.78 -15.79 50.50
CA LEU O 134 -19.26 -17.16 50.51
C LEU O 134 -18.15 -18.10 50.96
N SER O 135 -18.10 -18.42 52.25
CA SER O 135 -17.07 -19.31 52.78
C SER O 135 -17.39 -20.78 52.55
N ILE O 136 -16.55 -21.42 51.74
CA ILE O 136 -16.72 -22.83 51.44
C ILE O 136 -15.69 -23.59 52.27
N LEU O 137 -16.16 -24.36 53.25
CA LEU O 137 -15.26 -25.14 54.10
C LEU O 137 -15.26 -26.59 53.60
N THR O 138 -14.36 -26.84 52.65
CA THR O 138 -14.21 -28.14 52.03
C THR O 138 -14.11 -29.22 53.09
N GLY O 139 -14.51 -30.43 52.70
CA GLY O 139 -14.47 -31.57 53.60
C GLY O 139 -13.26 -32.44 53.38
N GLN O 140 -13.49 -33.75 53.36
CA GLN O 140 -12.40 -34.70 53.20
C GLN O 140 -12.35 -35.44 51.86
N ALA O 141 -11.14 -35.61 51.34
CA ALA O 141 -10.93 -36.32 50.07
C ALA O 141 -11.27 -37.79 50.34
N PRO O 142 -12.07 -38.44 49.45
CA PRO O 142 -12.43 -39.85 49.65
C PRO O 142 -11.18 -40.67 49.96
N SER O 143 -11.35 -41.82 50.61
CA SER O 143 -10.22 -42.66 50.95
C SER O 143 -9.59 -43.35 49.69
N GLY O 144 -8.29 -43.10 49.47
CA GLY O 144 -7.58 -43.70 48.34
C GLY O 144 -7.44 -42.86 47.07
N VAL O 145 -8.34 -41.88 46.92
CA VAL O 145 -8.34 -41.01 45.73
C VAL O 145 -8.02 -39.56 46.14
N SER O 146 -7.64 -38.76 45.13
CA SER O 146 -7.28 -37.35 45.33
C SER O 146 -8.15 -36.43 44.47
N ILE O 147 -8.72 -35.43 45.14
CA ILE O 147 -9.56 -34.48 44.46
C ILE O 147 -8.69 -33.40 43.80
N ASN O 148 -8.82 -33.34 42.47
CA ASN O 148 -8.06 -32.44 41.65
C ASN O 148 -8.99 -31.41 40.98
N ALA O 149 -9.74 -30.68 41.79
CA ALA O 149 -10.67 -29.69 41.25
C ALA O 149 -10.50 -28.29 41.84
N SER O 150 -11.37 -27.38 41.39
CA SER O 150 -11.41 -25.98 41.84
C SER O 150 -12.87 -25.60 41.92
N PHE O 151 -13.16 -24.41 42.44
CA PHE O 151 -14.54 -23.96 42.50
C PHE O 151 -14.73 -22.86 41.45
N TYR O 152 -15.92 -22.80 40.84
CA TYR O 152 -16.20 -21.76 39.85
C TYR O 152 -17.40 -21.00 40.30
N ILE O 153 -17.17 -19.74 40.65
CA ILE O 153 -18.23 -18.90 41.12
C ILE O 153 -18.85 -18.22 39.90
N THR O 154 -20.14 -18.48 39.70
CA THR O 154 -20.94 -17.93 38.61
C THR O 154 -22.04 -17.06 39.23
N ILE O 155 -21.97 -15.76 38.98
CA ILE O 155 -22.94 -14.86 39.58
C ILE O 155 -23.92 -14.24 38.59
N THR O 156 -25.18 -14.18 39.00
CA THR O 156 -26.27 -13.60 38.23
C THR O 156 -26.70 -12.25 38.80
N TYR O 157 -26.25 -11.16 38.19
CA TYR O 157 -26.66 -9.85 38.67
C TYR O 157 -27.89 -9.38 37.90
N GLU O 158 -28.67 -8.49 38.51
CA GLU O 158 -29.87 -7.95 37.87
C GLU O 158 -29.65 -6.46 37.94
N ARG O 159 -29.75 -5.81 36.79
CA ARG O 159 -29.51 -4.40 36.75
C ARG O 159 -30.67 -3.58 37.29
N VAL O 160 -30.88 -3.66 38.60
CA VAL O 160 -31.92 -2.90 39.27
C VAL O 160 -31.41 -1.47 39.34
N THR O 161 -32.25 -0.54 38.89
CA THR O 161 -31.90 0.89 38.86
C THR O 161 -32.56 1.71 39.96
N ALA O 162 -31.97 2.87 40.28
CA ALA O 162 -32.49 3.77 41.31
C ALA O 162 -33.98 3.95 41.01
N GLN O 163 -34.26 4.05 39.72
CA GLN O 163 -35.61 4.21 39.18
C GLN O 163 -36.56 3.10 39.61
N GLU O 164 -36.26 1.90 39.13
CA GLU O 164 -37.04 0.72 39.43
C GLU O 164 -37.22 0.48 40.94
N ILE O 165 -36.18 0.78 41.72
CA ILE O 165 -36.25 0.61 43.17
C ILE O 165 -37.37 1.45 43.81
N LEU O 166 -37.54 2.69 43.34
CA LEU O 166 -38.59 3.58 43.84
C LEU O 166 -39.94 3.00 43.46
N SER O 167 -39.95 2.32 42.32
CA SER O 167 -41.11 1.66 41.76
C SER O 167 -41.60 0.40 42.48
N GLU O 168 -41.06 0.12 43.66
CA GLU O 168 -41.48 -1.05 44.43
C GLU O 168 -41.60 -0.67 45.89
N GLY O 169 -41.58 0.63 46.15
CA GLY O 169 -41.64 1.08 47.52
C GLY O 169 -40.35 1.68 48.05
N GLY O 170 -39.51 2.22 47.16
CA GLY O 170 -38.25 2.85 47.57
C GLY O 170 -37.31 2.05 48.46
N LEU O 171 -36.82 2.67 49.53
CA LEU O 171 -35.94 1.99 50.46
C LEU O 171 -36.66 1.55 51.73
N GLY O 172 -35.94 0.84 52.59
CA GLY O 172 -36.54 0.37 53.83
C GLY O 172 -36.79 1.52 54.80
N ALA O 173 -37.06 1.21 56.07
CA ALA O 173 -37.31 2.23 57.09
C ALA O 173 -36.02 3.04 57.29
N ASP O 174 -34.93 2.30 57.46
CA ASP O 174 -33.57 2.79 57.67
C ASP O 174 -32.83 2.96 56.34
N GLY O 175 -33.51 2.62 55.24
CA GLY O 175 -32.96 2.76 53.91
C GLY O 175 -31.66 2.01 53.69
N GLU O 176 -31.67 0.71 53.94
CA GLU O 176 -30.45 -0.06 53.74
C GLU O 176 -30.65 -1.03 52.61
N MET O 177 -31.91 -1.21 52.24
CA MET O 177 -32.28 -2.12 51.17
C MET O 177 -33.61 -1.60 50.69
N PRO O 178 -34.05 -2.06 49.50
CA PRO O 178 -35.36 -1.58 49.02
C PRO O 178 -36.47 -2.09 49.97
N LEU O 179 -37.56 -1.34 50.11
CA LEU O 179 -38.63 -1.77 51.02
C LEU O 179 -39.07 -3.19 50.75
N ALA O 180 -39.11 -3.55 49.47
CA ALA O 180 -39.50 -4.89 49.03
C ALA O 180 -38.35 -5.90 48.96
N THR O 181 -37.46 -5.88 49.95
CA THR O 181 -36.33 -6.81 49.99
C THR O 181 -36.81 -8.17 50.48
N VAL O 182 -36.24 -9.23 49.94
CA VAL O 182 -36.64 -10.55 50.38
C VAL O 182 -35.39 -11.39 50.59
N LEU O 183 -34.82 -11.28 51.79
CA LEU O 183 -33.61 -12.00 52.12
C LEU O 183 -33.83 -13.48 52.34
N PRO O 184 -33.11 -14.31 51.59
CA PRO O 184 -33.23 -15.77 51.72
C PRO O 184 -32.49 -16.14 53.00
N LYS O 185 -33.04 -17.06 53.80
CA LYS O 185 -32.39 -17.49 55.04
C LYS O 185 -32.34 -19.00 55.06
N VAL O 186 -31.59 -19.55 54.12
CA VAL O 186 -31.45 -20.98 54.02
C VAL O 186 -30.43 -21.44 55.06
N ILE O 187 -30.95 -21.80 56.23
CA ILE O 187 -30.16 -22.27 57.34
C ILE O 187 -30.35 -23.78 57.47
N GLU O 188 -29.50 -24.41 58.24
CA GLU O 188 -29.65 -25.83 58.46
C GLU O 188 -29.36 -26.11 59.92
N ILE O 189 -30.36 -26.68 60.60
CA ILE O 189 -30.23 -27.00 62.01
C ILE O 189 -30.18 -28.51 62.26
N PRO O 190 -28.99 -29.04 62.60
CA PRO O 190 -28.86 -30.47 62.87
C PRO O 190 -29.16 -30.85 64.32
N THR O 191 -29.76 -32.02 64.52
CA THR O 191 -30.11 -32.54 65.84
C THR O 191 -29.31 -33.82 66.04
N PHE O 192 -28.96 -34.11 67.29
CA PHE O 192 -28.20 -35.31 67.54
C PHE O 192 -28.90 -36.34 68.43
N ASN O 193 -28.75 -37.60 68.00
CA ASN O 193 -29.31 -38.76 68.68
C ASN O 193 -30.81 -38.80 68.92
N VAL O 194 -31.63 -38.32 67.99
CA VAL O 194 -33.07 -38.41 68.24
C VAL O 194 -33.26 -39.93 68.29
N PRO O 195 -33.67 -40.44 69.46
CA PRO O 195 -33.89 -41.88 69.71
C PRO O 195 -34.85 -42.67 68.81
N ALA O 196 -34.61 -43.98 68.79
CA ALA O 196 -35.42 -44.92 68.03
C ALA O 196 -36.80 -45.02 68.70
N SER O 197 -37.86 -44.85 67.92
CA SER O 197 -39.24 -44.90 68.41
C SER O 197 -40.13 -45.26 67.21
N SER O 198 -41.35 -45.72 67.47
CA SER O 198 -42.28 -46.02 66.37
C SER O 198 -43.29 -44.86 66.26
N ALA O 199 -43.48 -44.14 67.38
CA ALA O 199 -44.38 -42.98 67.47
C ALA O 199 -43.51 -41.74 67.28
N PRO O 200 -43.89 -40.84 66.34
CA PRO O 200 -43.07 -39.64 66.14
C PRO O 200 -42.77 -38.88 67.44
N ILE O 201 -41.48 -38.81 67.79
CA ILE O 201 -41.05 -38.12 69.00
C ILE O 201 -40.53 -36.72 68.61
N HIS O 202 -40.65 -35.76 69.52
CA HIS O 202 -40.21 -34.39 69.26
C HIS O 202 -38.74 -34.34 68.81
N VAL O 203 -38.49 -33.74 67.64
CA VAL O 203 -37.12 -33.63 67.11
C VAL O 203 -36.60 -32.22 67.25
N ALA O 204 -37.42 -31.23 66.87
CA ALA O 204 -37.02 -29.83 67.01
C ALA O 204 -38.10 -28.88 66.52
N TYR O 205 -38.17 -27.69 67.14
CA TYR O 205 -39.16 -26.67 66.75
C TYR O 205 -38.56 -25.79 65.67
N LEU O 206 -39.43 -25.11 64.95
CA LEU O 206 -38.98 -24.16 63.94
C LEU O 206 -38.98 -22.89 64.81
N GLN O 207 -37.84 -22.21 64.98
CA GLN O 207 -37.90 -20.99 65.80
C GLN O 207 -38.47 -19.95 64.88
N PRO O 208 -39.33 -19.10 65.43
CA PRO O 208 -39.95 -18.06 64.63
C PRO O 208 -38.96 -17.01 64.08
N GLY O 209 -39.52 -16.01 63.39
CA GLY O 209 -38.72 -14.94 62.82
C GLY O 209 -38.41 -15.13 61.33
N GLN O 210 -39.27 -15.83 60.61
CA GLN O 210 -39.02 -16.06 59.19
C GLN O 210 -40.18 -16.80 58.53
N ILE O 211 -40.24 -16.75 57.21
CA ILE O 211 -41.30 -17.44 56.51
C ILE O 211 -40.67 -18.69 55.92
N TYR O 212 -41.12 -19.85 56.36
CA TYR O 212 -40.55 -21.09 55.88
C TYR O 212 -41.16 -21.46 54.54
N LYS O 213 -40.34 -21.81 53.56
CA LYS O 213 -40.87 -22.18 52.27
C LYS O 213 -41.00 -23.70 52.12
N ARG O 214 -39.96 -24.41 52.51
CA ARG O 214 -39.96 -25.87 52.48
C ARG O 214 -38.88 -26.35 53.42
N GLN O 215 -39.02 -27.58 53.91
CA GLN O 215 -38.03 -28.14 54.80
C GLN O 215 -37.51 -29.49 54.30
N LEU O 216 -36.19 -29.61 54.20
CA LEU O 216 -35.53 -30.83 53.75
C LEU O 216 -34.97 -31.58 54.95
N VAL O 217 -35.60 -32.68 55.27
CA VAL O 217 -35.17 -33.48 56.39
C VAL O 217 -34.54 -34.77 55.91
N TYR O 218 -33.46 -35.17 56.57
CA TYR O 218 -32.80 -36.44 56.26
C TYR O 218 -32.04 -36.97 57.48
N VAL O 219 -32.10 -38.28 57.68
CA VAL O 219 -31.42 -38.90 58.83
C VAL O 219 -30.09 -39.54 58.45
N ILE O 220 -29.21 -39.66 59.44
CA ILE O 220 -27.91 -40.25 59.23
C ILE O 220 -27.56 -41.34 60.22
N ASN O 221 -27.65 -42.58 59.74
CA ASN O 221 -27.33 -43.78 60.50
C ASN O 221 -25.79 -43.77 60.57
N SER O 222 -25.23 -44.28 61.66
CA SER O 222 -23.77 -44.35 61.82
C SER O 222 -23.17 -45.48 60.93
N THR O 223 -24.00 -46.50 60.66
CA THR O 223 -23.64 -47.68 59.84
C THR O 223 -23.82 -47.41 58.34
N SER O 224 -25.08 -47.23 57.92
CA SER O 224 -25.46 -47.00 56.51
C SER O 224 -25.39 -45.54 56.02
N GLY O 225 -24.99 -44.64 56.90
CA GLY O 225 -24.87 -43.22 56.58
C GLY O 225 -26.19 -42.54 56.23
N ILE O 226 -26.30 -42.03 55.01
CA ILE O 226 -27.53 -41.38 54.60
C ILE O 226 -28.38 -42.37 53.81
N ASN O 227 -27.89 -43.61 53.71
CA ASN O 227 -28.57 -44.70 52.99
C ASN O 227 -29.19 -45.75 53.90
N ASN O 228 -30.07 -45.29 54.78
CA ASN O 228 -30.76 -46.16 55.71
C ASN O 228 -32.22 -45.89 55.38
N THR O 229 -33.13 -46.47 56.16
CA THR O 229 -34.56 -46.25 55.93
C THR O 229 -35.30 -46.11 57.28
N ASP O 230 -34.61 -45.48 58.24
CA ASP O 230 -35.12 -45.29 59.59
C ASP O 230 -36.24 -44.29 59.64
N PRO O 231 -36.05 -43.10 59.05
CA PRO O 231 -37.18 -42.17 59.13
C PRO O 231 -38.39 -42.89 58.52
N THR O 232 -39.42 -43.14 59.35
CA THR O 232 -40.65 -43.84 58.94
C THR O 232 -41.91 -43.00 59.10
N GLU O 233 -41.87 -42.10 60.09
CA GLU O 233 -43.03 -41.28 60.37
C GLU O 233 -42.70 -39.82 60.62
N TYR O 234 -43.06 -38.97 59.65
CA TYR O 234 -42.84 -37.54 59.76
C TYR O 234 -44.11 -36.88 60.31
N GLU O 235 -43.98 -35.77 61.02
CA GLU O 235 -45.16 -35.14 61.59
C GLU O 235 -44.97 -33.68 62.04
N LEU O 236 -45.72 -32.76 61.43
CA LEU O 236 -45.62 -31.35 61.79
C LEU O 236 -46.74 -30.91 62.75
N LYS O 237 -46.38 -30.80 64.03
CA LYS O 237 -47.32 -30.44 65.10
C LYS O 237 -47.30 -28.99 65.54
N ILE O 238 -48.47 -28.34 65.55
CA ILE O 238 -48.56 -26.97 66.06
C ILE O 238 -48.75 -27.24 67.55
N VAL O 239 -47.75 -26.93 68.36
CA VAL O 239 -47.82 -27.22 69.80
C VAL O 239 -48.54 -26.21 70.73
N ARG O 240 -48.50 -24.92 70.39
CA ARG O 240 -49.21 -23.93 71.22
C ARG O 240 -50.67 -24.34 71.21
N GLY O 241 -51.33 -24.30 72.38
CA GLY O 241 -52.74 -24.66 72.45
C GLY O 241 -53.07 -26.15 72.37
N VAL O 242 -54.29 -26.49 71.96
CA VAL O 242 -54.65 -27.90 71.82
C VAL O 242 -53.69 -28.31 70.69
N PRO O 243 -52.95 -29.43 70.85
CA PRO O 243 -52.05 -29.82 69.76
C PRO O 243 -52.79 -30.12 68.47
N THR O 244 -52.23 -29.67 67.35
CA THR O 244 -52.84 -29.87 66.02
C THR O 244 -51.77 -30.45 65.05
N ASP O 245 -52.26 -31.16 64.02
CA ASP O 245 -51.38 -31.81 63.06
C ASP O 245 -51.53 -31.36 61.62
N LYS O 246 -50.53 -30.59 61.17
CA LYS O 246 -50.50 -30.09 59.80
C LYS O 246 -50.01 -31.27 58.95
N ILE O 247 -49.25 -32.18 59.55
CA ILE O 247 -48.73 -33.35 58.85
C ILE O 247 -48.59 -34.55 59.80
N LYS O 248 -49.00 -35.72 59.32
CA LYS O 248 -48.90 -36.97 60.09
C LYS O 248 -48.84 -37.99 58.96
N VAL O 249 -47.94 -37.74 58.02
CA VAL O 249 -47.79 -38.60 56.88
C VAL O 249 -46.62 -39.56 57.05
N SER O 250 -46.81 -40.81 56.63
CA SER O 250 -45.76 -41.82 56.77
C SER O 250 -44.58 -41.47 55.87
N TRP O 251 -43.38 -41.88 56.26
CA TRP O 251 -42.22 -41.56 55.45
C TRP O 251 -42.35 -41.99 53.99
N ALA O 252 -42.82 -43.22 53.79
CA ALA O 252 -43.03 -43.77 52.45
C ALA O 252 -43.90 -42.80 51.65
N ALA O 253 -44.98 -42.37 52.29
CA ALA O 253 -45.92 -41.42 51.70
C ALA O 253 -45.36 -40.01 51.50
N LEU O 254 -44.40 -39.60 52.32
CA LEU O 254 -43.84 -38.28 52.16
C LEU O 254 -42.93 -38.24 50.94
N GLN O 255 -42.17 -39.31 50.72
CA GLN O 255 -41.28 -39.39 49.56
C GLN O 255 -42.19 -39.61 48.37
N ALA O 256 -43.38 -40.10 48.68
CA ALA O 256 -44.40 -40.36 47.69
C ALA O 256 -44.84 -39.00 47.15
N GLU O 257 -45.09 -38.04 48.04
CA GLU O 257 -45.48 -36.71 47.57
C GLU O 257 -44.32 -36.03 46.81
N ASN O 258 -43.09 -36.50 47.02
CA ASN O 258 -41.94 -35.89 46.34
C ASN O 258 -41.77 -36.42 44.92
N GLN O 259 -42.32 -37.61 44.70
CA GLN O 259 -42.26 -38.23 43.40
C GLN O 259 -43.10 -37.37 42.46
N ALA O 260 -44.32 -37.08 42.90
CA ALA O 260 -45.28 -36.26 42.14
C ALA O 260 -44.84 -34.80 42.17
N GLU O 261 -44.22 -34.43 43.29
CA GLU O 261 -43.75 -33.09 43.49
C GLU O 261 -42.54 -32.72 42.63
N TYR O 262 -41.47 -33.48 42.82
CA TYR O 262 -40.24 -33.21 42.13
C TYR O 262 -39.91 -34.14 40.97
N GLN O 263 -40.82 -35.07 40.67
CA GLN O 263 -40.64 -36.02 39.58
C GLN O 263 -39.23 -36.65 39.54
N VAL O 264 -38.80 -37.18 40.68
CA VAL O 264 -37.49 -37.83 40.76
C VAL O 264 -37.57 -38.80 41.93
N ALA O 265 -36.84 -39.91 41.83
CA ALA O 265 -36.82 -40.94 42.88
C ALA O 265 -36.26 -40.38 44.20
N PRO O 266 -36.62 -40.98 45.35
CA PRO O 266 -36.09 -40.45 46.63
C PRO O 266 -34.56 -40.44 46.60
N TYR O 267 -33.95 -39.35 47.09
CA TYR O 267 -32.50 -39.23 47.09
C TYR O 267 -31.83 -40.41 47.81
N SER O 268 -32.54 -40.98 48.77
CA SER O 268 -32.11 -42.16 49.54
C SER O 268 -33.30 -42.44 50.46
N GLY O 269 -33.28 -43.59 51.12
CA GLY O 269 -34.41 -43.92 51.98
C GLY O 269 -34.59 -43.00 53.17
N ALA O 270 -33.55 -42.23 53.49
CA ALA O 270 -33.59 -41.35 54.66
C ALA O 270 -33.79 -39.85 54.42
N SER O 271 -34.41 -39.47 53.32
CA SER O 271 -34.62 -38.04 53.07
C SER O 271 -36.01 -37.72 52.51
N ALA O 272 -36.38 -36.44 52.57
CA ALA O 272 -37.66 -35.98 52.04
C ALA O 272 -37.78 -34.47 52.16
N ILE O 273 -38.83 -33.91 51.55
CA ILE O 273 -39.06 -32.46 51.62
C ILE O 273 -40.54 -32.18 51.87
N ILE O 274 -40.81 -31.24 52.76
CA ILE O 274 -42.18 -30.89 53.10
C ILE O 274 -42.45 -29.44 52.80
N ASP O 275 -43.37 -29.19 51.87
CA ASP O 275 -43.71 -27.82 51.49
C ASP O 275 -44.76 -27.26 52.39
N PHE O 276 -44.43 -26.17 53.06
CA PHE O 276 -45.38 -25.53 53.92
C PHE O 276 -46.57 -24.93 53.12
N ARG O 277 -46.33 -24.57 51.85
CA ARG O 277 -47.36 -24.02 50.97
C ARG O 277 -48.62 -24.91 50.82
N LYS O 278 -48.39 -26.21 50.92
CA LYS O 278 -49.38 -27.27 50.79
C LYS O 278 -50.01 -27.74 52.13
N TYR O 279 -49.51 -27.25 53.25
CA TYR O 279 -50.02 -27.69 54.56
C TYR O 279 -50.65 -26.54 55.34
N PHE O 280 -50.58 -25.38 54.71
CA PHE O 280 -51.18 -24.17 55.19
C PHE O 280 -51.61 -23.52 53.90
N ASN O 281 -52.03 -22.27 54.06
CA ASN O 281 -52.43 -21.44 52.95
C ASN O 281 -51.18 -20.60 52.66
N GLY O 282 -50.52 -20.87 51.54
CA GLY O 282 -49.33 -20.12 51.21
C GLY O 282 -48.23 -20.59 52.17
N ASP O 283 -47.17 -19.80 52.33
CA ASP O 283 -46.06 -20.14 53.24
C ASP O 283 -46.35 -20.10 54.75
N LEU O 284 -45.58 -20.88 55.50
CA LEU O 284 -45.69 -20.97 56.96
C LEU O 284 -44.87 -19.82 57.53
N ASP O 285 -45.56 -18.80 58.00
CA ASP O 285 -44.89 -17.61 58.56
C ASP O 285 -44.79 -17.69 60.10
N LEU O 286 -43.60 -17.42 60.64
CA LEU O 286 -43.41 -17.45 62.08
C LEU O 286 -42.67 -16.15 62.44
N THR O 287 -42.86 -15.12 61.61
CA THR O 287 -42.21 -13.83 61.84
C THR O 287 -42.60 -13.31 63.21
N HIS O 288 -43.88 -13.48 63.51
CA HIS O 288 -44.42 -13.02 64.77
C HIS O 288 -45.02 -14.08 65.72
N ALA O 289 -44.98 -15.36 65.33
CA ALA O 289 -45.52 -16.43 66.19
C ALA O 289 -44.57 -16.63 67.40
N PRO O 290 -45.13 -16.95 68.59
CA PRO O 290 -44.26 -17.16 69.76
C PRO O 290 -43.42 -18.38 69.47
N SER O 291 -42.21 -18.43 70.03
CA SER O 291 -41.31 -19.56 69.82
C SER O 291 -41.91 -20.87 70.40
N ASP O 292 -41.42 -22.03 69.94
CA ASP O 292 -41.91 -23.36 70.38
C ASP O 292 -43.40 -23.50 70.08
N SER O 293 -43.80 -23.17 68.87
CA SER O 293 -45.21 -23.24 68.52
C SER O 293 -45.40 -24.20 67.36
N ILE O 294 -44.29 -24.60 66.76
CA ILE O 294 -44.33 -25.54 65.66
C ILE O 294 -43.08 -26.39 65.66
N GLU O 295 -43.29 -27.68 65.84
CA GLU O 295 -42.20 -28.67 65.86
C GLU O 295 -42.52 -29.76 64.85
N TYR O 296 -41.49 -30.46 64.41
CA TYR O 296 -41.66 -31.54 63.46
C TYR O 296 -41.04 -32.79 64.12
N ASP O 297 -41.74 -33.92 64.01
CA ASP O 297 -41.29 -35.18 64.61
C ASP O 297 -40.85 -36.29 63.65
N LEU O 298 -40.18 -37.29 64.20
CA LEU O 298 -39.69 -38.40 63.42
C LEU O 298 -39.65 -39.70 64.21
N ALA O 299 -40.20 -40.73 63.60
CA ALA O 299 -40.20 -42.04 64.22
C ALA O 299 -39.05 -42.71 63.48
N LEU O 300 -37.91 -42.85 64.16
CA LEU O 300 -36.73 -43.46 63.54
C LEU O 300 -36.57 -44.94 63.93
N GLN O 301 -36.21 -45.79 62.95
CA GLN O 301 -35.99 -47.21 63.23
C GLN O 301 -34.93 -47.36 64.32
N ASN O 302 -33.84 -46.61 64.14
CA ASN O 302 -32.72 -46.60 65.09
C ASN O 302 -32.61 -45.19 65.61
N GLN O 303 -31.64 -44.98 66.49
CA GLN O 303 -31.42 -43.65 66.99
C GLN O 303 -30.21 -43.06 66.25
N ASP O 304 -30.45 -41.97 65.51
CA ASP O 304 -29.40 -41.30 64.71
C ASP O 304 -29.45 -39.77 64.80
N ASN O 305 -28.87 -39.12 63.79
CA ASN O 305 -28.83 -37.67 63.70
C ASN O 305 -29.70 -37.19 62.56
N VAL O 306 -30.60 -36.26 62.86
CA VAL O 306 -31.51 -35.73 61.87
C VAL O 306 -31.10 -34.31 61.46
N TYR O 307 -30.86 -34.12 60.16
CA TYR O 307 -30.47 -32.81 59.66
C TYR O 307 -31.67 -32.15 59.03
N SER O 308 -31.91 -30.92 59.42
CA SER O 308 -33.04 -30.18 58.90
C SER O 308 -32.62 -28.90 58.20
N LEU O 309 -32.74 -28.90 56.88
CA LEU O 309 -32.37 -27.72 56.12
C LEU O 309 -33.65 -26.99 55.81
N TYR O 310 -33.71 -25.70 56.10
CA TYR O 310 -34.89 -24.91 55.80
C TYR O 310 -34.63 -23.87 54.71
N VAL O 311 -35.59 -23.68 53.81
CA VAL O 311 -35.44 -22.67 52.78
C VAL O 311 -36.52 -21.71 53.25
N SER O 312 -36.11 -20.75 54.08
CA SER O 312 -37.02 -19.75 54.62
C SER O 312 -36.45 -18.41 54.19
N TYR O 313 -37.23 -17.37 54.38
CA TYR O 313 -36.77 -16.06 54.04
C TYR O 313 -37.38 -15.04 54.99
N VAL O 314 -36.64 -13.97 55.23
CA VAL O 314 -37.05 -12.90 56.12
C VAL O 314 -37.30 -11.65 55.31
N LEU O 315 -38.21 -10.80 55.79
CA LEU O 315 -38.49 -9.54 55.11
C LEU O 315 -37.96 -8.49 56.07
N PRO O 316 -36.75 -7.97 55.80
CA PRO O 316 -36.11 -6.96 56.63
C PRO O 316 -36.92 -5.70 56.96
N TYR O 317 -38.11 -5.55 56.36
CA TYR O 317 -38.98 -4.41 56.66
C TYR O 317 -40.41 -4.91 56.67
N TYR O 318 -40.54 -6.16 57.09
CA TYR O 318 -41.82 -6.85 57.17
C TYR O 318 -42.94 -6.01 57.77
N ASP O 319 -42.58 -5.03 58.59
CA ASP O 319 -43.55 -4.18 59.26
C ASP O 319 -44.03 -3.03 58.43
N GLN O 320 -43.14 -2.47 57.64
CA GLN O 320 -43.55 -1.40 56.75
C GLN O 320 -44.36 -1.97 55.60
N LEU O 321 -44.14 -3.26 55.30
CA LEU O 321 -44.88 -3.92 54.24
C LEU O 321 -46.27 -4.18 54.80
N ALA O 322 -46.30 -4.40 56.12
CA ALA O 322 -47.53 -4.66 56.87
C ALA O 322 -48.30 -3.37 57.23
N ALA O 323 -47.60 -2.26 57.46
CA ALA O 323 -48.22 -0.96 57.80
C ALA O 323 -48.37 -0.01 56.60
N LEU O 324 -48.30 -0.57 55.39
CA LEU O 324 -48.42 0.18 54.16
C LEU O 324 -49.91 0.27 53.75
N PRO O 325 -50.31 1.40 53.10
CA PRO O 325 -51.69 1.62 52.65
C PRO O 325 -52.19 0.52 51.71
N ALA O 326 -53.48 0.21 51.77
CA ALA O 326 -54.04 -0.82 50.89
C ALA O 326 -53.65 -0.51 49.42
N GLN O 327 -53.24 0.74 49.21
CA GLN O 327 -52.82 1.29 47.90
C GLN O 327 -51.49 0.74 47.42
N VAL O 328 -50.46 1.16 48.15
CA VAL O 328 -49.07 0.79 47.90
C VAL O 328 -48.84 -0.69 48.22
N ALA O 329 -49.34 -1.14 49.38
CA ALA O 329 -49.22 -2.54 49.82
C ALA O 329 -49.56 -3.49 48.66
N ALA O 330 -50.53 -3.11 47.84
CA ALA O 330 -50.95 -3.92 46.68
C ALA O 330 -49.82 -4.16 45.63
N ILE O 331 -49.03 -3.12 45.35
CA ILE O 331 -47.91 -3.18 44.39
C ILE O 331 -46.61 -3.76 45.00
N VAL O 332 -46.30 -3.32 46.22
CA VAL O 332 -45.10 -3.77 46.94
C VAL O 332 -45.23 -5.27 47.23
N GLN O 333 -46.45 -5.70 47.53
CA GLN O 333 -46.75 -7.11 47.79
C GLN O 333 -46.43 -7.97 46.60
N GLN O 334 -46.74 -7.43 45.43
CA GLN O 334 -46.54 -8.11 44.17
C GLN O 334 -45.08 -8.35 43.82
N TYR O 335 -44.21 -7.52 44.37
CA TYR O 335 -42.78 -7.63 44.12
C TYR O 335 -42.16 -8.66 45.04
N VAL O 336 -42.57 -8.60 46.31
CA VAL O 336 -42.10 -9.50 47.35
C VAL O 336 -42.58 -10.92 47.00
N ALA O 337 -43.77 -10.99 46.39
CA ALA O 337 -44.39 -12.24 45.94
C ALA O 337 -43.57 -12.96 44.84
N ARG O 338 -43.05 -12.18 43.91
CA ARG O 338 -42.25 -12.70 42.82
C ARG O 338 -40.92 -13.19 43.39
N GLN O 339 -40.37 -12.35 44.26
CA GLN O 339 -39.09 -12.59 44.94
C GLN O 339 -39.05 -13.81 45.86
N LYS O 340 -40.09 -13.97 46.69
CA LYS O 340 -40.19 -15.10 47.62
C LYS O 340 -40.14 -16.44 46.87
N ARG O 341 -40.69 -16.44 45.66
CA ARG O 341 -40.73 -17.63 44.82
C ARG O 341 -39.47 -17.79 43.99
N ARG O 342 -38.74 -16.69 43.79
CA ARG O 342 -37.49 -16.73 43.02
C ARG O 342 -36.47 -17.60 43.81
N ILE O 343 -36.56 -17.59 45.14
CA ILE O 343 -35.70 -18.39 45.99
C ILE O 343 -36.28 -19.81 46.16
N LYS O 344 -36.22 -20.60 45.09
CA LYS O 344 -36.74 -21.96 45.08
C LYS O 344 -35.75 -22.92 45.73
N ARG O 345 -34.60 -23.06 45.07
CA ARG O 345 -33.54 -23.95 45.50
C ARG O 345 -32.66 -23.37 46.61
N GLY P 2 -58.86 -23.03 51.91
CA GLY P 2 -58.62 -22.97 53.39
C GLY P 2 -57.31 -23.58 53.87
N GLU P 3 -57.38 -24.42 54.90
CA GLU P 3 -56.17 -25.02 55.41
C GLU P 3 -55.95 -26.48 55.14
N ILE P 4 -55.38 -26.71 53.96
CA ILE P 4 -55.05 -28.04 53.49
C ILE P 4 -54.13 -28.63 54.56
N TYR P 5 -54.21 -29.94 54.78
CA TYR P 5 -53.33 -30.61 55.70
C TYR P 5 -53.54 -32.12 55.52
N THR P 6 -52.45 -32.87 55.63
CA THR P 6 -52.49 -34.30 55.38
C THR P 6 -52.02 -35.16 56.51
N GLU P 7 -52.62 -36.34 56.56
CA GLU P 7 -52.30 -37.33 57.55
C GLU P 7 -52.66 -38.67 56.96
N THR P 8 -51.94 -39.68 57.42
CA THR P 8 -52.12 -41.05 57.00
C THR P 8 -53.13 -41.60 58.00
N LEU P 9 -54.01 -42.51 57.58
CA LEU P 9 -54.99 -43.07 58.51
C LEU P 9 -54.31 -44.16 59.31
N GLN P 10 -54.60 -44.15 60.61
CA GLN P 10 -54.00 -45.09 61.54
C GLN P 10 -54.19 -46.51 61.06
N GLN P 11 -55.41 -46.77 60.62
CA GLN P 11 -55.78 -48.06 60.11
C GLN P 11 -55.32 -48.47 58.72
N THR P 12 -54.58 -49.58 58.65
CA THR P 12 -54.09 -50.13 57.38
C THR P 12 -54.95 -51.35 57.00
N TYR P 13 -54.64 -51.99 55.87
CA TYR P 13 -55.41 -53.16 55.44
C TYR P 13 -54.50 -54.15 54.77
N ALA P 14 -54.41 -55.36 55.32
CA ALA P 14 -53.56 -56.39 54.73
C ALA P 14 -54.08 -56.81 53.37
N TRP P 15 -53.18 -56.84 52.39
CA TRP P 15 -53.51 -57.21 51.02
C TRP P 15 -53.62 -58.71 50.94
N THR P 16 -54.83 -59.20 50.65
CA THR P 16 -55.07 -60.64 50.50
C THR P 16 -55.54 -60.79 49.03
N ALA P 17 -55.27 -61.93 48.42
CA ALA P 17 -55.66 -62.16 47.02
C ALA P 17 -57.17 -62.40 46.80
N GLY P 18 -57.72 -61.72 45.77
CA GLY P 18 -59.13 -61.82 45.38
C GLY P 18 -60.15 -61.43 46.45
N THR P 19 -59.81 -60.40 47.20
CA THR P 19 -60.62 -59.91 48.32
C THR P 19 -61.12 -58.50 48.06
N ASN P 20 -62.18 -58.13 48.77
CA ASN P 20 -62.72 -56.79 48.68
C ASN P 20 -62.45 -56.18 50.05
N ILE P 21 -61.65 -55.12 50.11
CA ILE P 21 -61.35 -54.48 51.38
C ILE P 21 -61.99 -53.09 51.38
N PRO P 22 -63.06 -52.89 52.14
CA PRO P 22 -63.67 -51.55 52.13
C PRO P 22 -63.00 -50.67 53.19
N ILE P 23 -62.65 -49.46 52.79
CA ILE P 23 -61.98 -48.53 53.67
C ILE P 23 -62.90 -47.36 53.95
N LYS P 24 -63.05 -47.00 55.23
CA LYS P 24 -63.88 -45.83 55.53
C LYS P 24 -62.91 -44.64 55.51
N ILE P 25 -63.32 -43.56 54.86
CA ILE P 25 -62.49 -42.38 54.77
C ILE P 25 -63.09 -41.35 55.72
N PRO P 26 -62.41 -41.07 56.84
CA PRO P 26 -62.83 -40.10 57.85
C PRO P 26 -63.31 -38.79 57.25
N ARG P 27 -64.43 -38.29 57.76
CA ARG P 27 -64.98 -37.04 57.24
C ARG P 27 -64.72 -35.87 58.16
N ASN P 28 -63.45 -35.49 58.28
CA ASN P 28 -63.06 -34.37 59.15
C ASN P 28 -63.32 -33.00 58.58
N ASN P 29 -62.78 -32.78 57.39
CA ASN P 29 -62.92 -31.51 56.68
C ASN P 29 -63.30 -31.93 55.26
N PHE P 30 -63.07 -31.04 54.29
CA PHE P 30 -63.34 -31.39 52.91
C PHE P 30 -62.19 -32.28 52.49
N ILE P 31 -62.37 -33.07 51.44
CA ILE P 31 -61.28 -33.95 51.03
C ILE P 31 -60.72 -33.53 49.69
N ARG P 32 -59.41 -33.29 49.63
CA ARG P 32 -58.79 -32.90 48.38
C ARG P 32 -58.22 -34.06 47.60
N LYS P 33 -57.56 -34.96 48.28
CA LYS P 33 -56.96 -36.09 47.59
C LYS P 33 -56.68 -37.28 48.50
N ILE P 34 -56.92 -38.46 47.98
CA ILE P 34 -56.70 -39.69 48.73
C ILE P 34 -55.66 -40.57 48.03
N ARG P 35 -54.53 -40.79 48.69
CA ARG P 35 -53.46 -41.66 48.15
C ARG P 35 -53.57 -43.04 48.78
N VAL P 36 -53.26 -44.08 48.02
CA VAL P 36 -53.31 -45.42 48.55
C VAL P 36 -51.98 -46.02 48.25
N GLN P 37 -51.43 -46.79 49.18
CA GLN P 37 -50.15 -47.42 48.92
C GLN P 37 -50.10 -48.88 49.23
N LEU P 38 -49.73 -49.67 48.23
CA LEU P 38 -49.58 -51.09 48.45
C LEU P 38 -48.09 -51.14 48.83
N ILE P 39 -47.81 -51.28 50.13
CA ILE P 39 -46.43 -51.30 50.62
C ILE P 39 -46.09 -52.53 51.45
N GLY P 40 -45.07 -53.26 51.02
CA GLY P 40 -44.64 -54.46 51.73
C GLY P 40 -43.51 -55.09 50.93
N SER P 41 -43.62 -56.39 50.65
CA SER P 41 -42.61 -57.09 49.86
C SER P 41 -43.26 -58.26 49.09
N ILE P 42 -42.54 -58.77 48.10
CA ILE P 42 -43.06 -59.88 47.33
C ILE P 42 -42.03 -60.98 47.57
N SER P 43 -42.45 -61.99 48.33
CA SER P 43 -41.57 -63.10 48.72
C SER P 43 -41.61 -64.36 47.89
N ASN P 44 -40.42 -64.87 47.63
CA ASN P 44 -40.22 -66.10 46.89
C ASN P 44 -39.60 -67.06 47.90
N SER P 45 -40.31 -68.14 48.13
CA SER P 45 -39.90 -69.21 49.02
C SER P 45 -39.52 -70.46 48.18
N GLY P 46 -39.74 -70.34 46.86
CA GLY P 46 -39.41 -71.42 45.93
C GLY P 46 -37.91 -71.46 45.75
N THR P 47 -37.41 -72.64 45.38
CA THR P 47 -35.97 -72.87 45.17
C THR P 47 -35.31 -71.98 44.06
N ALA P 48 -36.04 -71.69 42.98
CA ALA P 48 -35.57 -70.85 41.86
C ALA P 48 -36.16 -69.42 41.88
N ALA P 49 -35.34 -68.43 41.44
CA ALA P 49 -35.74 -67.01 41.39
C ALA P 49 -36.90 -66.72 40.41
N VAL P 50 -38.05 -66.36 40.98
CA VAL P 50 -39.27 -66.08 40.20
C VAL P 50 -39.37 -64.63 39.69
N THR P 51 -39.48 -64.53 38.35
CA THR P 51 -39.63 -63.27 37.64
C THR P 51 -41.10 -62.82 37.72
N LEU P 52 -41.34 -61.62 38.26
CA LEU P 52 -42.68 -61.08 38.39
C LEU P 52 -43.36 -60.80 37.06
N PRO P 53 -44.70 -61.02 36.99
CA PRO P 53 -45.42 -60.77 35.73
C PRO P 53 -45.16 -59.32 35.29
N SER P 54 -45.23 -59.05 33.99
CA SER P 54 -45.00 -57.69 33.51
C SER P 54 -46.26 -56.82 33.54
N ALA P 55 -46.12 -55.57 33.08
CA ALA P 55 -47.23 -54.61 33.04
C ALA P 55 -48.52 -55.35 32.65
N PRO P 56 -49.65 -54.97 33.23
CA PRO P 56 -49.80 -53.90 34.22
C PRO P 56 -49.20 -54.08 35.64
N PHE P 57 -48.56 -55.22 35.93
CA PHE P 57 -47.96 -55.42 37.26
C PHE P 57 -46.89 -54.34 37.48
N PRO P 58 -46.72 -53.86 38.73
CA PRO P 58 -47.42 -54.24 39.96
C PRO P 58 -48.84 -53.73 40.06
N TYR P 59 -49.18 -52.72 39.25
CA TYR P 59 -50.50 -52.13 39.29
C TYR P 59 -51.71 -53.00 39.44
N ASN P 60 -51.80 -54.09 38.67
CA ASN P 60 -52.98 -54.96 38.76
C ASN P 60 -53.12 -55.74 40.07
N LEU P 61 -52.18 -55.56 41.01
CA LEU P 61 -52.26 -56.26 42.28
C LEU P 61 -53.54 -55.84 42.99
N VAL P 62 -54.07 -54.68 42.60
CA VAL P 62 -55.32 -54.18 43.16
C VAL P 62 -56.20 -54.16 41.93
N GLN P 63 -56.97 -55.21 41.75
CA GLN P 63 -57.83 -55.32 40.59
C GLN P 63 -58.72 -54.13 40.28
N THR P 64 -59.42 -53.61 41.30
CA THR P 64 -60.31 -52.46 41.11
C THR P 64 -60.38 -51.50 42.31
N PHE P 65 -60.82 -50.28 42.03
CA PHE P 65 -60.97 -49.23 43.03
C PHE P 65 -62.38 -48.68 42.90
N ASN P 66 -62.93 -48.27 44.04
CA ASN P 66 -64.26 -47.73 44.01
C ASN P 66 -64.53 -46.80 45.18
N LEU P 67 -64.25 -45.52 44.94
CA LEU P 67 -64.46 -44.51 45.95
C LEU P 67 -65.80 -43.83 45.70
N SER P 68 -66.72 -43.97 46.65
CA SER P 68 -68.04 -43.36 46.52
C SER P 68 -68.56 -42.94 47.90
N TYR P 69 -69.61 -42.13 47.91
CA TYR P 69 -70.19 -41.69 49.17
C TYR P 69 -71.68 -41.95 49.19
N GLU P 70 -72.17 -42.33 50.37
CA GLU P 70 -73.58 -42.67 50.60
C GLU P 70 -73.89 -44.01 49.95
N GLY P 71 -72.82 -44.75 49.62
CA GLY P 71 -73.00 -46.05 49.02
C GLY P 71 -73.66 -46.07 47.65
N SER P 72 -74.16 -44.91 47.23
CA SER P 72 -74.84 -44.83 45.94
C SER P 72 -74.14 -43.92 44.95
N LYS P 73 -73.59 -42.80 45.41
CA LYS P 73 -72.92 -41.89 44.47
C LYS P 73 -71.43 -42.25 44.29
N THR P 74 -71.06 -42.65 43.07
CA THR P 74 -69.70 -43.08 42.69
C THR P 74 -68.80 -41.96 42.18
N LEU P 75 -67.68 -41.74 42.87
CA LEU P 75 -66.73 -40.73 42.46
C LEU P 75 -65.63 -41.36 41.60
N TYR P 76 -65.28 -42.60 41.93
CA TYR P 76 -64.22 -43.33 41.22
C TYR P 76 -64.71 -44.75 41.01
N SER P 77 -64.30 -45.33 39.89
CA SER P 77 -64.69 -46.67 39.53
C SER P 77 -63.68 -47.02 38.46
N VAL P 78 -62.51 -47.44 38.92
CA VAL P 78 -61.44 -47.75 38.02
C VAL P 78 -60.75 -49.02 38.46
N SER P 79 -59.87 -49.53 37.62
CA SER P 79 -59.10 -50.71 37.96
C SER P 79 -57.72 -50.22 38.34
N GLY P 80 -56.98 -51.03 39.09
CA GLY P 80 -55.64 -50.65 39.48
C GLY P 80 -54.78 -50.50 38.24
N THR P 81 -55.08 -51.29 37.22
CA THR P 81 -54.36 -51.26 35.95
C THR P 81 -54.79 -49.99 35.25
N GLY P 82 -56.04 -49.61 35.48
CA GLY P 82 -56.55 -48.40 34.89
C GLY P 82 -55.91 -47.21 35.58
N LEU P 83 -56.35 -46.91 36.81
CA LEU P 83 -55.81 -45.78 37.56
C LEU P 83 -54.28 -45.77 37.67
N GLY P 84 -53.69 -46.96 37.63
CA GLY P 84 -52.23 -47.07 37.69
C GLY P 84 -51.57 -46.41 36.48
N ILE P 85 -52.12 -46.67 35.29
CA ILE P 85 -51.60 -46.08 34.06
C ILE P 85 -51.90 -44.59 34.04
N LEU P 86 -53.05 -44.21 34.57
CA LEU P 86 -53.42 -42.80 34.64
C LEU P 86 -52.39 -42.11 35.54
N MET P 87 -51.96 -42.83 36.57
CA MET P 87 -50.95 -42.35 37.53
C MET P 87 -49.58 -42.30 36.85
N TYR P 88 -49.29 -43.34 36.08
CA TYR P 88 -48.03 -43.41 35.37
C TYR P 88 -47.81 -42.23 34.41
N TYR P 89 -48.89 -41.66 33.88
CA TYR P 89 -48.75 -40.54 32.96
C TYR P 89 -48.74 -39.18 33.59
N THR P 90 -49.77 -38.88 34.35
CA THR P 90 -49.89 -37.59 35.00
C THR P 90 -48.78 -37.24 35.98
N THR P 91 -47.82 -38.14 36.19
CA THR P 91 -46.73 -37.87 37.11
C THR P 91 -45.35 -38.10 36.49
N LYS P 92 -45.27 -37.93 35.17
CA LYS P 92 -43.99 -38.13 34.45
C LYS P 92 -43.40 -39.51 34.74
N GLY P 93 -44.28 -40.50 34.91
CA GLY P 93 -43.88 -41.87 35.18
C GLY P 93 -43.06 -41.97 36.44
N GLN P 94 -43.19 -40.93 37.27
CA GLN P 94 -42.44 -40.84 38.51
C GLN P 94 -43.19 -41.40 39.70
N ASN P 95 -44.41 -41.87 39.46
CA ASN P 95 -45.21 -42.46 40.52
C ASN P 95 -44.61 -43.78 41.06
N PRO P 96 -44.59 -43.96 42.40
CA PRO P 96 -44.04 -45.17 43.03
C PRO P 96 -44.71 -46.45 42.54
N ALA P 97 -43.93 -47.36 41.95
CA ALA P 97 -44.42 -48.65 41.44
C ALA P 97 -43.31 -49.73 41.36
N TYR P 98 -42.95 -50.29 42.53
CA TYR P 98 -41.93 -51.34 42.61
C TYR P 98 -42.55 -52.66 43.03
N PRO P 99 -42.02 -53.77 42.49
CA PRO P 99 -40.90 -53.65 41.55
C PRO P 99 -41.43 -53.43 40.14
N ALA P 100 -40.54 -53.07 39.21
CA ALA P 100 -40.93 -52.85 37.83
C ALA P 100 -41.37 -54.19 37.23
N PRO P 101 -42.04 -54.17 36.07
CA PRO P 101 -42.48 -55.41 35.44
C PRO P 101 -41.26 -56.28 35.07
N GLY P 102 -41.36 -57.60 35.30
CA GLY P 102 -40.27 -58.52 34.98
C GLY P 102 -39.09 -58.64 35.94
N THR P 103 -39.21 -58.04 37.14
CA THR P 103 -38.14 -58.10 38.14
C THR P 103 -38.04 -59.48 38.79
N SER P 104 -36.81 -59.87 39.13
CA SER P 104 -36.59 -61.18 39.75
C SER P 104 -36.56 -61.13 41.29
N VAL P 105 -37.34 -62.04 41.88
CA VAL P 105 -37.44 -62.19 43.33
C VAL P 105 -36.39 -63.29 43.62
N PRO P 106 -35.23 -62.92 44.20
CA PRO P 106 -34.18 -63.91 44.50
C PRO P 106 -34.73 -65.22 45.06
N ALA P 107 -34.19 -66.35 44.57
CA ALA P 107 -34.61 -67.70 44.99
C ALA P 107 -34.47 -67.84 46.52
N SER P 108 -35.61 -67.96 47.23
CA SER P 108 -35.71 -68.07 48.72
C SER P 108 -35.39 -66.71 49.41
N GLY P 109 -35.67 -65.62 48.69
CA GLY P 109 -35.47 -64.27 49.17
C GLY P 109 -36.72 -63.49 48.74
N SER P 110 -36.67 -62.15 48.80
CA SER P 110 -37.82 -61.30 48.39
C SER P 110 -37.38 -59.95 47.77
N VAL P 111 -38.35 -59.23 47.21
CA VAL P 111 -38.08 -57.92 46.60
C VAL P 111 -38.92 -56.91 47.34
N ASN P 112 -38.91 -55.67 46.87
CA ASN P 112 -39.70 -54.64 47.52
C ASN P 112 -40.98 -54.26 46.81
N LEU P 113 -42.05 -54.14 47.58
CA LEU P 113 -43.34 -53.77 47.03
C LEU P 113 -43.72 -52.35 47.42
N ASN P 114 -44.11 -51.60 46.42
CA ASN P 114 -44.52 -50.24 46.63
C ASN P 114 -45.19 -49.66 45.39
N VAL P 115 -46.51 -49.62 45.42
CA VAL P 115 -47.31 -49.09 44.32
C VAL P 115 -48.23 -47.99 44.85
N MET P 116 -48.57 -47.01 44.02
CA MET P 116 -49.45 -45.97 44.48
C MET P 116 -50.55 -45.48 43.53
N TRP P 117 -51.66 -45.04 44.13
CA TRP P 117 -52.80 -44.52 43.38
C TRP P 117 -53.21 -43.19 44.01
N GLU P 118 -53.88 -42.33 43.26
CA GLU P 118 -54.27 -41.04 43.81
C GLU P 118 -55.57 -40.54 43.22
N PHE P 119 -56.58 -40.49 44.07
CA PHE P 119 -57.91 -40.04 43.66
C PHE P 119 -58.03 -38.59 44.09
N ASP P 120 -58.12 -37.70 43.09
CA ASP P 120 -58.26 -36.28 43.35
C ASP P 120 -59.71 -35.87 43.39
N LEU P 121 -60.16 -35.46 44.56
CA LEU P 121 -61.55 -35.07 44.70
C LEU P 121 -61.78 -33.56 44.66
N ALA P 122 -60.91 -32.80 43.98
CA ALA P 122 -61.07 -31.33 43.91
C ALA P 122 -61.14 -30.91 45.38
N ARG P 123 -62.28 -30.39 45.81
CA ARG P 123 -62.46 -30.06 47.22
C ARG P 123 -63.80 -30.62 47.66
N PHE P 124 -63.86 -31.95 47.69
CA PHE P 124 -65.05 -32.70 48.05
C PHE P 124 -65.61 -32.37 49.43
N PRO P 125 -66.88 -31.95 49.50
CA PRO P 125 -67.56 -31.58 50.74
C PRO P 125 -67.86 -32.81 51.61
N ALA P 126 -66.79 -33.46 52.07
CA ALA P 126 -66.86 -34.67 52.90
C ALA P 126 -67.56 -34.58 54.28
N THR P 127 -67.67 -33.39 54.83
CA THR P 127 -68.34 -33.21 56.11
C THR P 127 -69.83 -33.05 55.84
N MET P 128 -70.18 -32.79 54.58
CA MET P 128 -71.57 -32.59 54.18
C MET P 128 -72.23 -33.81 53.57
N VAL P 129 -71.46 -34.84 53.29
CA VAL P 129 -72.02 -36.05 52.73
C VAL P 129 -71.85 -37.15 53.76
N GLN P 130 -72.21 -38.36 53.38
CA GLN P 130 -72.13 -39.51 54.27
C GLN P 130 -71.32 -40.71 53.82
N ASN P 131 -70.57 -41.32 54.72
CA ASN P 131 -69.85 -42.54 54.36
C ASN P 131 -68.98 -42.51 53.13
N ILE P 132 -67.81 -41.91 53.19
CA ILE P 132 -66.98 -41.92 52.02
C ILE P 132 -66.19 -43.22 52.12
N ILE P 133 -66.59 -44.20 51.31
CA ILE P 133 -65.98 -45.53 51.33
C ILE P 133 -65.17 -45.89 50.09
N LEU P 134 -63.85 -46.01 50.26
CA LEU P 134 -62.93 -46.36 49.19
C LEU P 134 -62.70 -47.87 49.12
N SER P 135 -63.49 -48.57 48.31
CA SER P 135 -63.39 -50.03 48.20
C SER P 135 -62.38 -50.58 47.19
N ILE P 136 -61.38 -51.24 47.74
CA ILE P 136 -60.30 -51.84 46.98
C ILE P 136 -60.54 -53.34 46.87
N LEU P 137 -60.84 -53.81 45.67
CA LEU P 137 -61.04 -55.23 45.48
C LEU P 137 -59.73 -55.74 44.91
N THR P 138 -58.82 -56.15 45.80
CA THR P 138 -57.52 -56.65 45.41
C THR P 138 -57.63 -57.79 44.39
N GLY P 139 -56.60 -57.94 43.56
CA GLY P 139 -56.61 -58.96 42.54
C GLY P 139 -55.91 -60.25 42.96
N GLN P 140 -55.08 -60.78 42.07
CA GLN P 140 -54.40 -62.04 42.35
C GLN P 140 -52.90 -61.91 42.65
N ALA P 141 -52.42 -62.67 43.65
CA ALA P 141 -51.00 -62.65 44.00
C ALA P 141 -50.28 -63.28 42.78
N PRO P 142 -49.20 -62.63 42.27
CA PRO P 142 -48.46 -63.17 41.12
C PRO P 142 -48.10 -64.65 41.34
N SER P 143 -47.86 -65.38 40.25
CA SER P 143 -47.54 -66.80 40.34
C SER P 143 -46.09 -67.14 40.84
N GLY P 144 -46.00 -67.86 41.96
CA GLY P 144 -44.70 -68.22 42.51
C GLY P 144 -44.20 -67.34 43.67
N VAL P 145 -44.73 -66.12 43.75
CA VAL P 145 -44.35 -65.18 44.82
C VAL P 145 -45.61 -64.81 45.61
N SER P 146 -45.43 -64.29 46.82
CA SER P 146 -46.58 -63.92 47.64
C SER P 146 -46.50 -62.46 48.09
N ILE P 147 -47.57 -61.73 47.83
CA ILE P 147 -47.62 -60.31 48.17
C ILE P 147 -47.76 -60.21 49.68
N ASN P 148 -46.81 -59.50 50.25
CA ASN P 148 -46.79 -59.33 51.68
C ASN P 148 -46.91 -57.84 52.05
N ALA P 149 -47.93 -57.17 51.53
CA ALA P 149 -48.07 -55.75 51.81
C ALA P 149 -49.38 -55.37 52.46
N SER P 150 -49.53 -54.07 52.71
CA SER P 150 -50.74 -53.47 53.30
C SER P 150 -51.05 -52.13 52.61
N PHE P 151 -52.24 -51.59 52.86
CA PHE P 151 -52.62 -50.33 52.25
C PHE P 151 -52.52 -49.21 53.27
N TYR P 152 -52.14 -48.03 52.79
CA TYR P 152 -52.02 -46.84 53.63
C TYR P 152 -52.82 -45.73 53.01
N ILE P 153 -53.87 -45.32 53.68
CA ILE P 153 -54.69 -44.25 53.15
C ILE P 153 -54.20 -42.93 53.68
N THR P 154 -53.80 -42.06 52.76
CA THR P 154 -53.30 -40.73 53.09
C THR P 154 -54.33 -39.72 52.54
N ILE P 155 -55.02 -39.05 53.45
CA ILE P 155 -56.05 -38.11 53.05
C ILE P 155 -55.66 -36.67 53.26
N THR P 156 -56.01 -35.86 52.26
CA THR P 156 -55.74 -34.43 52.26
C THR P 156 -57.00 -33.63 52.53
N TYR P 157 -57.16 -33.10 53.74
CA TYR P 157 -58.33 -32.29 54.02
C TYR P 157 -58.01 -30.80 53.83
N GLU P 158 -59.04 -30.02 53.53
CA GLU P 158 -58.90 -28.57 53.32
C GLU P 158 -59.91 -28.03 54.28
N ARG P 159 -59.40 -27.21 55.20
CA ARG P 159 -60.22 -26.63 56.23
C ARG P 159 -61.12 -25.53 55.68
N VAL P 160 -62.12 -25.93 54.89
CA VAL P 160 -63.08 -25.00 54.35
C VAL P 160 -64.04 -24.73 55.51
N THR P 161 -64.33 -23.46 55.73
CA THR P 161 -65.22 -23.03 56.81
C THR P 161 -66.55 -22.52 56.26
N ALA P 162 -67.53 -22.41 57.16
CA ALA P 162 -68.86 -21.91 56.80
C ALA P 162 -68.73 -20.56 56.08
N GLN P 163 -67.90 -19.67 56.64
CA GLN P 163 -67.67 -18.36 56.03
C GLN P 163 -67.22 -18.52 54.58
N GLU P 164 -66.07 -19.19 54.40
CA GLU P 164 -65.52 -19.40 53.07
C GLU P 164 -66.53 -19.98 52.08
N ILE P 165 -67.36 -20.93 52.52
CA ILE P 165 -68.39 -21.53 51.65
C ILE P 165 -69.35 -20.48 51.06
N LEU P 166 -69.79 -19.54 51.91
CA LEU P 166 -70.69 -18.46 51.49
C LEU P 166 -69.98 -17.57 50.47
N SER P 167 -68.66 -17.48 50.63
CA SER P 167 -67.79 -16.70 49.76
C SER P 167 -67.63 -17.31 48.34
N GLU P 168 -68.40 -18.36 48.04
CA GLU P 168 -68.29 -18.98 46.72
C GLU P 168 -69.67 -19.24 46.13
N GLY P 169 -70.71 -18.70 46.76
CA GLY P 169 -72.05 -18.94 46.28
C GLY P 169 -72.84 -19.81 47.25
N GLY P 170 -72.44 -19.77 48.51
CA GLY P 170 -73.11 -20.54 49.56
C GLY P 170 -73.21 -22.03 49.25
N LEU P 171 -74.39 -22.58 49.46
CA LEU P 171 -74.67 -23.99 49.19
C LEU P 171 -75.47 -24.16 47.90
N GLY P 172 -75.80 -25.41 47.58
CA GLY P 172 -76.59 -25.66 46.38
C GLY P 172 -78.04 -25.23 46.53
N ALA P 173 -78.88 -25.58 45.54
CA ALA P 173 -80.31 -25.24 45.55
C ALA P 173 -80.99 -26.02 46.68
N ASP P 174 -80.56 -27.27 46.80
CA ASP P 174 -81.02 -28.24 47.79
C ASP P 174 -80.11 -28.22 49.04
N GLY P 175 -79.08 -27.38 48.97
CA GLY P 175 -78.14 -27.22 50.06
C GLY P 175 -77.56 -28.53 50.54
N GLU P 176 -76.89 -29.25 49.64
CA GLU P 176 -76.28 -30.52 50.04
C GLU P 176 -74.77 -30.47 49.89
N MET P 177 -74.30 -29.43 49.19
CA MET P 177 -72.88 -29.20 48.97
C MET P 177 -72.77 -27.75 48.57
N PRO P 178 -71.55 -27.19 48.57
CA PRO P 178 -71.40 -25.79 48.18
C PRO P 178 -71.78 -25.63 46.71
N LEU P 179 -72.31 -24.47 46.34
CA LEU P 179 -72.71 -24.25 44.97
C LEU P 179 -71.59 -24.51 43.97
N ALA P 180 -70.38 -24.08 44.32
CA ALA P 180 -69.20 -24.23 43.45
C ALA P 180 -68.47 -25.56 43.62
N THR P 181 -69.24 -26.63 43.84
CA THR P 181 -68.70 -27.97 44.03
C THR P 181 -68.35 -28.64 42.70
N VAL P 182 -67.27 -29.41 42.71
CA VAL P 182 -66.79 -30.10 41.53
C VAL P 182 -66.44 -31.59 41.83
N LEU P 183 -67.45 -32.45 41.79
CA LEU P 183 -67.25 -33.87 42.06
C LEU P 183 -66.54 -34.54 40.91
N PRO P 184 -65.40 -35.19 41.19
CA PRO P 184 -64.63 -35.88 40.16
C PRO P 184 -65.36 -37.15 39.76
N LYS P 185 -65.44 -37.43 38.45
CA LYS P 185 -66.14 -38.63 37.99
C LYS P 185 -65.21 -39.49 37.14
N VAL P 186 -64.20 -40.05 37.79
CA VAL P 186 -63.24 -40.91 37.14
C VAL P 186 -63.86 -42.30 37.06
N ILE P 187 -64.53 -42.53 35.94
CA ILE P 187 -65.20 -43.78 35.64
C ILE P 187 -64.33 -44.47 34.61
N GLU P 188 -64.49 -45.76 34.45
CA GLU P 188 -63.73 -46.44 33.42
C GLU P 188 -64.64 -47.43 32.75
N ILE P 189 -64.90 -47.22 31.46
CA ILE P 189 -65.81 -48.08 30.74
C ILE P 189 -65.13 -49.03 29.76
N PRO P 190 -65.12 -50.33 30.09
CA PRO P 190 -64.50 -51.31 29.20
C PRO P 190 -65.45 -51.78 28.09
N THR P 191 -64.84 -51.94 26.90
CA THR P 191 -65.49 -52.37 25.66
C THR P 191 -64.86 -53.70 25.25
N PHE P 192 -65.66 -54.63 24.77
CA PHE P 192 -65.12 -55.92 24.44
C PHE P 192 -65.15 -56.34 22.99
N ASN P 193 -64.10 -57.05 22.59
CA ASN P 193 -63.99 -57.59 21.25
C ASN P 193 -64.15 -56.64 20.09
N VAL P 194 -63.65 -55.41 20.21
CA VAL P 194 -63.74 -54.49 19.08
C VAL P 194 -62.88 -55.24 18.04
N PRO P 195 -63.48 -55.62 16.90
CA PRO P 195 -62.81 -56.35 15.81
C PRO P 195 -61.66 -55.62 15.11
N ALA P 196 -60.72 -56.40 14.59
CA ALA P 196 -59.54 -55.89 13.90
C ALA P 196 -59.92 -55.13 12.62
N SER P 197 -59.30 -53.98 12.41
CA SER P 197 -59.58 -53.14 11.24
C SER P 197 -58.38 -52.23 11.02
N SER P 198 -58.33 -51.61 9.85
CA SER P 198 -57.28 -50.63 9.52
C SER P 198 -57.90 -49.20 9.60
N ALA P 199 -59.20 -49.12 9.33
CA ALA P 199 -59.96 -47.88 9.37
C ALA P 199 -60.59 -47.87 10.76
N PRO P 200 -60.41 -46.77 11.52
CA PRO P 200 -60.98 -46.70 12.86
C PRO P 200 -62.47 -47.05 12.86
N ILE P 201 -62.83 -48.16 13.51
CA ILE P 201 -64.22 -48.61 13.59
C ILE P 201 -64.77 -48.11 14.92
N HIS P 202 -66.08 -47.83 14.98
CA HIS P 202 -66.68 -47.34 16.22
C HIS P 202 -66.44 -48.24 17.43
N VAL P 203 -65.90 -47.64 18.51
CA VAL P 203 -65.61 -48.37 19.74
C VAL P 203 -66.64 -48.07 20.81
N ALA P 204 -66.93 -46.80 21.04
CA ALA P 204 -67.91 -46.45 22.06
C ALA P 204 -68.14 -44.95 22.08
N TYR P 205 -69.33 -44.54 22.53
CA TYR P 205 -69.65 -43.12 22.64
C TYR P 205 -69.40 -42.58 24.04
N LEU P 206 -69.15 -41.28 24.15
CA LEU P 206 -69.00 -40.71 25.48
C LEU P 206 -70.46 -40.33 25.74
N GLN P 207 -71.08 -40.83 26.80
CA GLN P 207 -72.47 -40.46 27.05
C GLN P 207 -72.42 -39.16 27.82
N PRO P 208 -73.42 -38.31 27.61
CA PRO P 208 -73.49 -37.01 28.28
C PRO P 208 -73.67 -37.05 29.80
N GLY P 209 -73.77 -35.85 30.38
CA GLY P 209 -73.96 -35.69 31.81
C GLY P 209 -72.68 -35.44 32.59
N GLN P 210 -71.67 -34.87 31.93
CA GLN P 210 -70.40 -34.63 32.60
C GLN P 210 -69.43 -33.85 31.72
N ILE P 211 -68.39 -33.30 32.35
CA ILE P 211 -67.38 -32.54 31.62
C ILE P 211 -66.13 -33.42 31.50
N TYR P 212 -65.74 -33.74 30.27
CA TYR P 212 -64.58 -34.58 30.03
C TYR P 212 -63.28 -33.78 30.03
N LYS P 213 -62.28 -34.23 30.80
CA LYS P 213 -61.00 -33.54 30.88
C LYS P 213 -59.94 -34.20 30.01
N ARG P 214 -59.83 -35.51 30.12
CA ARG P 214 -58.86 -36.25 29.33
C ARG P 214 -59.30 -37.69 29.40
N GLN P 215 -58.95 -38.45 28.38
CA GLN P 215 -59.32 -39.84 28.32
C GLN P 215 -58.12 -40.78 28.14
N LEU P 216 -58.06 -41.81 28.99
CA LEU P 216 -56.97 -42.79 28.97
C LEU P 216 -57.45 -44.08 28.34
N VAL P 217 -57.04 -44.29 27.10
CA VAL P 217 -57.44 -45.48 26.37
C VAL P 217 -56.29 -46.46 26.22
N TYR P 218 -56.56 -47.74 26.48
CA TYR P 218 -55.56 -48.78 26.31
C TYR P 218 -56.22 -50.14 26.05
N VAL P 219 -55.63 -50.89 25.13
CA VAL P 219 -56.13 -52.20 24.70
C VAL P 219 -55.47 -53.39 25.41
N ILE P 220 -56.18 -54.51 25.47
CA ILE P 220 -55.65 -55.70 26.12
C ILE P 220 -55.75 -56.96 25.26
N ASN P 221 -54.59 -57.37 24.74
CA ASN P 221 -54.46 -58.56 23.90
C ASN P 221 -54.57 -59.76 24.86
N SER P 222 -55.14 -60.86 24.38
CA SER P 222 -55.28 -62.05 25.20
C SER P 222 -53.88 -62.71 25.38
N THR P 223 -53.00 -62.49 24.39
CA THR P 223 -51.63 -63.04 24.36
C THR P 223 -50.54 -62.17 25.06
N SER P 224 -50.36 -60.94 24.56
CA SER P 224 -49.38 -59.97 25.11
C SER P 224 -49.95 -59.07 26.23
N GLY P 225 -51.22 -59.30 26.58
CA GLY P 225 -51.87 -58.51 27.61
C GLY P 225 -51.92 -57.05 27.21
N ILE P 226 -51.26 -56.20 27.98
CA ILE P 226 -51.23 -54.79 27.69
C ILE P 226 -49.95 -54.42 26.94
N ASN P 227 -49.12 -55.42 26.63
CA ASN P 227 -47.85 -55.21 25.93
C ASN P 227 -47.85 -55.61 24.47
N ASN P 228 -48.79 -55.04 23.71
CA ASN P 228 -48.93 -55.30 22.29
C ASN P 228 -48.77 -53.95 21.60
N THR P 229 -49.01 -53.90 20.30
CA THR P 229 -48.94 -52.63 19.54
C THR P 229 -50.10 -52.61 18.52
N ASP P 230 -51.26 -53.10 18.96
CA ASP P 230 -52.45 -53.17 18.11
C ASP P 230 -53.09 -51.83 17.95
N PRO P 231 -53.36 -51.14 19.07
CA PRO P 231 -53.96 -49.84 18.81
C PRO P 231 -53.05 -49.08 17.79
N THR P 232 -53.56 -48.81 16.59
CA THR P 232 -52.79 -48.11 15.53
C THR P 232 -53.36 -46.76 15.11
N GLU P 233 -54.68 -46.67 15.14
CA GLU P 233 -55.32 -45.45 14.72
C GLU P 233 -56.43 -45.03 15.67
N TYR P 234 -56.20 -43.90 16.34
CA TYR P 234 -57.17 -43.31 17.27
C TYR P 234 -58.00 -42.23 16.56
N GLU P 235 -59.25 -42.05 17.00
CA GLU P 235 -60.09 -41.06 16.35
C GLU P 235 -61.30 -40.58 17.13
N LEU P 236 -61.35 -39.29 17.42
CA LEU P 236 -62.46 -38.70 18.12
C LEU P 236 -63.42 -38.02 17.13
N LYS P 237 -64.55 -38.67 16.88
CA LYS P 237 -65.56 -38.22 15.92
C LYS P 237 -66.82 -37.62 16.54
N ILE P 238 -67.17 -36.40 16.16
CA ILE P 238 -68.41 -35.82 16.64
C ILE P 238 -69.43 -36.41 15.64
N VAL P 239 -70.26 -37.34 16.10
CA VAL P 239 -71.25 -37.99 15.23
C VAL P 239 -72.53 -37.19 14.91
N ARG P 240 -73.06 -36.48 15.91
CA ARG P 240 -74.28 -35.66 15.71
C ARG P 240 -73.94 -34.56 14.70
N GLY P 241 -74.89 -34.26 13.81
CA GLY P 241 -74.64 -33.25 12.81
C GLY P 241 -73.72 -33.72 11.67
N VAL P 242 -73.11 -32.79 10.95
CA VAL P 242 -72.20 -33.14 9.87
C VAL P 242 -71.09 -33.91 10.58
N PRO P 243 -70.60 -35.03 10.01
CA PRO P 243 -69.52 -35.70 10.74
C PRO P 243 -68.26 -34.83 10.82
N THR P 244 -67.65 -34.75 12.00
CA THR P 244 -66.43 -33.94 12.23
C THR P 244 -65.40 -34.70 13.07
N ASP P 245 -64.13 -34.32 12.89
CA ASP P 245 -63.00 -34.98 13.53
C ASP P 245 -62.10 -34.07 14.35
N LYS P 246 -62.16 -34.21 15.67
CA LYS P 246 -61.30 -33.41 16.51
C LYS P 246 -59.94 -34.13 16.52
N ILE P 247 -59.96 -35.44 16.27
CA ILE P 247 -58.73 -36.22 16.27
C ILE P 247 -58.81 -37.32 15.24
N LYS P 248 -57.75 -37.48 14.46
CA LYS P 248 -57.67 -38.51 13.42
C LYS P 248 -56.16 -38.71 13.31
N VAL P 249 -55.55 -38.92 14.47
CA VAL P 249 -54.12 -39.09 14.63
C VAL P 249 -53.74 -40.55 14.84
N SER P 250 -52.64 -41.00 14.23
CA SER P 250 -52.19 -42.39 14.35
C SER P 250 -51.70 -42.68 15.77
N TRP P 251 -51.71 -43.96 16.16
CA TRP P 251 -51.28 -44.34 17.50
C TRP P 251 -49.89 -43.87 17.89
N ALA P 252 -48.93 -44.09 17.01
CA ALA P 252 -47.56 -43.67 17.26
C ALA P 252 -47.58 -42.20 17.69
N ALA P 253 -48.25 -41.39 16.88
CA ALA P 253 -48.41 -39.94 17.08
C ALA P 253 -49.22 -39.54 18.32
N LEU P 254 -50.09 -40.45 18.76
CA LEU P 254 -50.89 -40.17 19.94
C LEU P 254 -49.95 -40.31 21.14
N GLN P 255 -49.05 -41.30 21.08
CA GLN P 255 -48.08 -41.54 22.15
C GLN P 255 -47.02 -40.46 22.04
N ALA P 256 -46.94 -39.87 20.85
CA ALA P 256 -46.02 -38.80 20.58
C ALA P 256 -46.48 -37.61 21.41
N GLU P 257 -47.76 -37.25 21.29
CA GLU P 257 -48.25 -36.13 22.06
C GLU P 257 -48.11 -36.41 23.55
N ASN P 258 -47.89 -37.68 23.92
CA ASN P 258 -47.73 -38.02 25.32
C ASN P 258 -46.29 -37.77 25.74
N GLN P 259 -45.37 -37.85 24.77
CA GLN P 259 -43.95 -37.52 24.98
C GLN P 259 -43.72 -36.03 25.32
N ALA P 260 -44.28 -35.16 24.49
CA ALA P 260 -44.24 -33.70 24.69
C ALA P 260 -45.18 -33.27 25.83
N GLU P 261 -46.30 -33.99 25.93
CA GLU P 261 -47.31 -33.70 26.94
C GLU P 261 -46.90 -34.07 28.35
N TYR P 262 -46.61 -35.35 28.52
CA TYR P 262 -46.28 -35.86 29.84
C TYR P 262 -44.81 -36.09 30.08
N GLN P 263 -43.97 -35.77 29.10
CA GLN P 263 -42.53 -35.95 29.25
C GLN P 263 -42.21 -37.31 29.92
N VAL P 264 -42.76 -38.39 29.36
CA VAL P 264 -42.54 -39.72 29.89
C VAL P 264 -42.70 -40.72 28.74
N ALA P 265 -41.88 -41.77 28.72
CA ALA P 265 -41.96 -42.78 27.65
C ALA P 265 -43.34 -43.43 27.72
N PRO P 266 -43.86 -43.98 26.61
CA PRO P 266 -45.19 -44.60 26.62
C PRO P 266 -45.29 -45.75 27.63
N TYR P 267 -46.40 -45.85 28.35
CA TYR P 267 -46.57 -46.90 29.36
C TYR P 267 -46.48 -48.33 28.78
N SER P 268 -46.83 -48.46 27.51
CA SER P 268 -46.77 -49.72 26.77
C SER P 268 -47.14 -49.37 25.31
N GLY P 269 -46.98 -50.33 24.40
CA GLY P 269 -47.32 -50.06 23.02
C GLY P 269 -48.83 -49.88 22.88
N ALA P 270 -49.55 -50.29 23.93
CA ALA P 270 -51.01 -50.24 23.92
C ALA P 270 -51.73 -49.16 24.75
N SER P 271 -51.09 -48.03 25.05
CA SER P 271 -51.80 -47.01 25.82
C SER P 271 -51.58 -45.59 25.33
N ALA P 272 -52.41 -44.66 25.81
CA ALA P 272 -52.28 -43.25 25.44
C ALA P 272 -53.29 -42.39 26.19
N ILE P 273 -53.14 -41.08 26.06
CA ILE P 273 -54.07 -40.15 26.71
C ILE P 273 -54.40 -39.01 25.77
N ILE P 274 -55.67 -38.63 25.74
CA ILE P 274 -56.12 -37.58 24.86
C ILE P 274 -56.76 -36.43 25.63
N ASP P 275 -56.14 -35.24 25.53
CA ASP P 275 -56.70 -34.08 26.23
C ASP P 275 -57.72 -33.37 25.41
N PHE P 276 -58.94 -33.32 25.92
CA PHE P 276 -60.02 -32.66 25.23
C PHE P 276 -59.85 -31.12 25.13
N ARG P 277 -59.21 -30.53 26.13
CA ARG P 277 -58.92 -29.09 26.20
C ARG P 277 -58.13 -28.53 24.99
N LYS P 278 -57.38 -29.42 24.35
CA LYS P 278 -56.55 -29.10 23.18
C LYS P 278 -57.25 -29.41 21.85
N TYR P 279 -58.40 -30.07 21.91
CA TYR P 279 -59.16 -30.47 20.71
C TYR P 279 -60.51 -29.80 20.71
N PHE P 280 -60.73 -29.07 21.78
CA PHE P 280 -61.93 -28.28 21.96
C PHE P 280 -61.36 -27.03 22.54
N ASN P 281 -62.26 -26.15 22.90
CA ASN P 281 -61.87 -24.94 23.55
C ASN P 281 -62.21 -25.23 25.01
N GLY P 282 -61.19 -25.38 25.85
CA GLY P 282 -61.45 -25.69 27.25
C GLY P 282 -61.92 -27.14 27.30
N ASP P 283 -62.53 -27.55 28.41
CA ASP P 283 -63.00 -28.93 28.51
C ASP P 283 -64.22 -29.33 27.65
N LEU P 284 -64.22 -30.58 27.21
CA LEU P 284 -65.28 -31.13 26.38
C LEU P 284 -66.46 -31.44 27.29
N ASP P 285 -67.46 -30.56 27.22
CA ASP P 285 -68.65 -30.66 28.04
C ASP P 285 -69.83 -31.36 27.34
N LEU P 286 -70.46 -32.30 28.02
CA LEU P 286 -71.59 -33.00 27.46
C LEU P 286 -72.66 -33.02 28.53
N THR P 287 -72.65 -32.02 29.40
CA THR P 287 -73.62 -31.90 30.50
C THR P 287 -75.02 -31.92 29.93
N HIS P 288 -75.20 -31.20 28.83
CA HIS P 288 -76.49 -31.13 28.17
C HIS P 288 -76.52 -31.54 26.68
N ALA P 289 -75.36 -31.89 26.11
CA ALA P 289 -75.31 -32.28 24.70
C ALA P 289 -76.03 -33.61 24.54
N PRO P 290 -76.76 -33.78 23.43
CA PRO P 290 -77.50 -35.03 23.19
C PRO P 290 -76.60 -36.24 23.06
N SER P 291 -77.13 -37.37 23.48
CA SER P 291 -76.41 -38.63 23.49
C SER P 291 -75.90 -39.10 22.12
N ASP P 292 -74.90 -39.98 22.14
CA ASP P 292 -74.30 -40.54 20.92
C ASP P 292 -73.98 -39.43 19.96
N SER P 293 -73.26 -38.44 20.47
CA SER P 293 -72.86 -37.26 19.69
C SER P 293 -71.33 -37.15 19.58
N ILE P 294 -70.61 -37.97 20.32
CA ILE P 294 -69.14 -37.99 20.25
C ILE P 294 -68.67 -39.36 20.65
N GLU P 295 -68.02 -40.04 19.73
CA GLU P 295 -67.50 -41.38 20.00
C GLU P 295 -66.03 -41.40 19.61
N TYR P 296 -65.28 -42.37 20.12
CA TYR P 296 -63.86 -42.48 19.81
C TYR P 296 -63.66 -43.87 19.19
N ASP P 297 -62.87 -43.90 18.11
CA ASP P 297 -62.63 -45.13 17.36
C ASP P 297 -61.24 -45.71 17.57
N LEU P 298 -61.06 -46.92 17.06
CA LEU P 298 -59.79 -47.60 17.16
C LEU P 298 -59.58 -48.55 16.00
N ALA P 299 -58.39 -48.48 15.43
CA ALA P 299 -58.01 -49.37 14.36
C ALA P 299 -57.14 -50.38 15.12
N LEU P 300 -57.67 -51.58 15.38
CA LEU P 300 -56.90 -52.58 16.13
C LEU P 300 -56.23 -53.61 15.21
N GLN P 301 -54.95 -53.91 15.47
CA GLN P 301 -54.16 -54.88 14.68
C GLN P 301 -54.83 -56.25 14.66
N ASN P 302 -55.25 -56.67 15.86
CA ASN P 302 -55.97 -57.93 16.12
C ASN P 302 -57.25 -57.47 16.75
N GLN P 303 -58.10 -58.41 17.12
CA GLN P 303 -59.32 -58.01 17.79
C GLN P 303 -59.15 -58.25 19.29
N ASP P 304 -59.31 -57.19 20.10
CA ASP P 304 -59.12 -57.27 21.57
C ASP P 304 -60.18 -56.52 22.41
N ASN P 305 -59.75 -56.12 23.61
CA ASN P 305 -60.56 -55.37 24.59
C ASN P 305 -60.00 -53.98 24.80
N VAL P 306 -60.84 -52.96 24.61
CA VAL P 306 -60.40 -51.60 24.80
C VAL P 306 -61.02 -51.02 26.07
N TYR P 307 -60.19 -50.65 27.03
CA TYR P 307 -60.67 -50.08 28.29
C TYR P 307 -60.49 -48.57 28.21
N SER P 308 -61.53 -47.83 28.56
CA SER P 308 -61.44 -46.38 28.50
C SER P 308 -61.67 -45.72 29.85
N LEU P 309 -60.61 -45.15 30.41
CA LEU P 309 -60.71 -44.47 31.68
C LEU P 309 -60.83 -43.00 31.35
N TYR P 310 -61.86 -42.33 31.86
CA TYR P 310 -62.07 -40.89 31.63
C TYR P 310 -61.85 -40.10 32.93
N VAL P 311 -61.26 -38.92 32.83
CA VAL P 311 -61.08 -38.13 34.03
C VAL P 311 -62.08 -37.04 33.74
N SER P 312 -63.29 -37.21 34.27
CA SER P 312 -64.36 -36.25 34.04
C SER P 312 -64.88 -35.81 35.40
N TYR P 313 -65.67 -34.74 35.39
CA TYR P 313 -66.23 -34.21 36.61
C TYR P 313 -67.58 -33.54 36.36
N VAL P 314 -68.43 -33.61 37.38
CA VAL P 314 -69.77 -33.05 37.32
C VAL P 314 -69.95 -31.84 38.20
N LEU P 315 -70.91 -31.00 37.84
CA LEU P 315 -71.21 -29.84 38.65
C LEU P 315 -72.61 -30.05 39.22
N PRO P 316 -72.70 -30.64 40.43
CA PRO P 316 -73.99 -30.90 41.08
C PRO P 316 -75.06 -29.79 41.06
N TYR P 317 -74.69 -28.57 40.67
CA TYR P 317 -75.67 -27.48 40.58
C TYR P 317 -75.22 -26.66 39.39
N TYR P 318 -74.80 -27.38 38.36
CA TYR P 318 -74.28 -26.83 37.11
C TYR P 318 -75.23 -25.77 36.51
N ASP P 319 -76.49 -25.86 36.90
CA ASP P 319 -77.54 -24.96 36.43
C ASP P 319 -77.66 -23.68 37.22
N GLN P 320 -77.37 -23.76 38.52
CA GLN P 320 -77.38 -22.57 39.34
C GLN P 320 -76.12 -21.75 39.07
N LEU P 321 -75.08 -22.41 38.57
CA LEU P 321 -73.83 -21.72 38.23
C LEU P 321 -74.05 -20.98 36.91
N ALA P 322 -74.86 -21.61 36.04
CA ALA P 322 -75.20 -21.07 34.71
C ALA P 322 -76.39 -20.06 34.81
N ALA P 323 -77.24 -20.25 35.82
CA ALA P 323 -78.42 -19.38 36.05
C ALA P 323 -78.14 -18.26 37.08
N LEU P 324 -76.85 -17.98 37.32
CA LEU P 324 -76.41 -16.96 38.26
C LEU P 324 -76.12 -15.61 37.57
N PRO P 325 -76.24 -14.48 38.30
CA PRO P 325 -75.98 -13.13 37.75
C PRO P 325 -74.52 -13.03 37.23
N ALA P 326 -74.30 -12.28 36.13
CA ALA P 326 -72.94 -12.09 35.58
C ALA P 326 -72.03 -11.54 36.70
N GLN P 327 -72.72 -11.02 37.73
CA GLN P 327 -72.17 -10.45 38.95
C GLN P 327 -71.51 -11.56 39.82
N VAL P 328 -72.34 -12.50 40.28
CA VAL P 328 -71.91 -13.63 41.10
C VAL P 328 -71.21 -14.70 40.25
N ALA P 329 -71.81 -15.04 39.09
CA ALA P 329 -71.27 -16.02 38.15
C ALA P 329 -69.76 -15.81 37.91
N ALA P 330 -69.33 -14.55 37.82
CA ALA P 330 -67.90 -14.25 37.62
C ALA P 330 -67.02 -14.83 38.76
N ILE P 331 -67.53 -14.72 39.99
CA ILE P 331 -66.89 -15.20 41.23
C ILE P 331 -67.01 -16.71 41.51
N VAL P 332 -68.22 -17.24 41.32
CA VAL P 332 -68.47 -18.66 41.52
C VAL P 332 -67.67 -19.43 40.49
N GLN P 333 -67.70 -18.93 39.25
CA GLN P 333 -66.98 -19.50 38.12
C GLN P 333 -65.49 -19.53 38.41
N GLN P 334 -65.00 -18.58 39.20
CA GLN P 334 -63.59 -18.53 39.55
C GLN P 334 -63.20 -19.65 40.52
N TYR P 335 -64.19 -20.20 41.20
CA TYR P 335 -63.93 -21.29 42.14
C TYR P 335 -63.99 -22.65 41.48
N VAL P 336 -65.02 -22.85 40.66
CA VAL P 336 -65.22 -24.10 39.94
C VAL P 336 -64.04 -24.24 38.98
N ALA P 337 -63.65 -23.12 38.38
CA ALA P 337 -62.53 -23.07 37.45
C ALA P 337 -61.24 -23.47 38.15
N ARG P 338 -61.09 -23.08 39.40
CA ARG P 338 -59.91 -23.45 40.18
C ARG P 338 -59.93 -24.94 40.54
N GLN P 339 -61.09 -25.42 40.98
CA GLN P 339 -61.27 -26.79 41.40
C GLN P 339 -61.10 -27.85 40.31
N LYS P 340 -61.76 -27.64 39.17
CA LYS P 340 -61.71 -28.58 38.05
C LYS P 340 -60.27 -28.92 37.68
N ARG P 341 -59.38 -27.95 37.87
CA ARG P 341 -57.98 -28.11 37.51
C ARG P 341 -57.22 -28.88 38.58
N ARG P 342 -57.80 -28.93 39.78
CA ARG P 342 -57.21 -29.68 40.89
C ARG P 342 -57.33 -31.20 40.58
N ILE P 343 -58.42 -31.59 39.91
CA ILE P 343 -58.61 -33.00 39.55
C ILE P 343 -57.88 -33.35 38.26
N LYS P 344 -56.55 -33.41 38.35
CA LYS P 344 -55.70 -33.75 37.22
C LYS P 344 -55.69 -35.28 37.08
N ARG P 345 -55.12 -35.93 38.08
CA ARG P 345 -54.98 -37.39 38.13
C ARG P 345 -56.25 -38.14 38.60
N GLY Q 2 -59.20 -20.68 18.37
CA GLY Q 2 -60.41 -21.44 17.91
C GLY Q 2 -60.45 -22.90 18.32
N GLU Q 3 -60.74 -23.78 17.36
CA GLU Q 3 -60.81 -25.21 17.66
C GLU Q 3 -59.64 -26.01 17.14
N ILE Q 4 -58.59 -26.08 17.96
CA ILE Q 4 -57.40 -26.82 17.61
C ILE Q 4 -57.90 -28.22 17.34
N TYR Q 5 -57.25 -28.92 16.41
CA TYR Q 5 -57.60 -30.29 16.09
C TYR Q 5 -56.48 -30.90 15.28
N THR Q 6 -56.22 -32.16 15.56
CA THR Q 6 -55.12 -32.83 14.94
C THR Q 6 -55.46 -34.10 14.18
N GLU Q 7 -54.68 -34.32 13.12
CA GLU Q 7 -54.80 -35.47 12.26
C GLU Q 7 -53.45 -35.78 11.66
N THR Q 8 -53.26 -37.04 11.29
CA THR Q 8 -52.05 -37.51 10.65
C THR Q 8 -52.41 -37.46 9.16
N LEU Q 9 -51.44 -37.23 8.27
CA LEU Q 9 -51.75 -37.24 6.84
C LEU Q 9 -51.53 -38.69 6.45
N GLN Q 10 -52.48 -39.29 5.74
CA GLN Q 10 -52.39 -40.71 5.37
C GLN Q 10 -51.22 -41.02 4.47
N GLN Q 11 -50.98 -40.15 3.51
CA GLN Q 11 -49.89 -40.41 2.60
C GLN Q 11 -48.52 -40.26 3.27
N THR Q 12 -47.79 -41.38 3.37
CA THR Q 12 -46.45 -41.40 4.00
C THR Q 12 -45.29 -41.39 2.99
N TYR Q 13 -44.06 -41.39 3.51
CA TYR Q 13 -42.87 -41.34 2.67
C TYR Q 13 -41.76 -42.24 3.19
N ALA Q 14 -41.28 -43.11 2.32
CA ALA Q 14 -40.19 -44.03 2.67
C ALA Q 14 -38.87 -43.30 2.90
N TRP Q 15 -38.16 -43.68 3.97
CA TRP Q 15 -36.87 -43.09 4.27
C TRP Q 15 -35.87 -43.80 3.35
N THR Q 16 -35.32 -43.06 2.39
CA THR Q 16 -34.30 -43.62 1.51
C THR Q 16 -33.10 -42.74 1.82
N ALA Q 17 -31.89 -43.31 1.78
CA ALA Q 17 -30.67 -42.55 2.13
C ALA Q 17 -30.25 -41.46 1.13
N GLY Q 18 -29.89 -40.29 1.66
CA GLY Q 18 -29.45 -39.14 0.86
C GLY Q 18 -30.42 -38.59 -0.19
N THR Q 19 -31.69 -38.56 0.15
CA THR Q 19 -32.75 -38.08 -0.76
C THR Q 19 -33.48 -36.86 -0.22
N ASN Q 20 -34.18 -36.16 -1.10
CA ASN Q 20 -35.00 -35.06 -0.64
C ASN Q 20 -36.44 -35.51 -0.91
N ILE Q 21 -37.18 -35.72 0.17
CA ILE Q 21 -38.56 -36.17 0.08
C ILE Q 21 -39.40 -34.95 0.46
N PRO Q 22 -39.98 -34.27 -0.54
CA PRO Q 22 -40.81 -33.10 -0.27
C PRO Q 22 -42.21 -33.52 0.19
N ILE Q 23 -42.72 -32.85 1.21
CA ILE Q 23 -44.04 -33.14 1.79
C ILE Q 23 -45.04 -31.98 1.67
N LYS Q 24 -46.25 -32.28 1.20
CA LYS Q 24 -47.26 -31.22 1.09
C LYS Q 24 -48.04 -31.22 2.41
N ILE Q 25 -48.15 -30.05 3.02
CA ILE Q 25 -48.89 -29.94 4.27
C ILE Q 25 -50.18 -29.23 3.86
N PRO Q 26 -51.29 -29.97 3.80
CA PRO Q 26 -52.59 -29.38 3.41
C PRO Q 26 -52.92 -28.15 4.21
N ARG Q 27 -53.44 -27.12 3.55
CA ARG Q 27 -53.78 -25.89 4.25
C ARG Q 27 -55.27 -25.80 4.55
N ASN Q 28 -55.75 -26.66 5.44
CA ASN Q 28 -57.18 -26.70 5.82
C ASN Q 28 -57.63 -25.49 6.64
N ASN Q 29 -56.92 -25.25 7.74
CA ASN Q 29 -57.18 -24.14 8.67
C ASN Q 29 -55.79 -23.59 8.95
N PHE Q 30 -55.62 -22.92 10.09
CA PHE Q 30 -54.30 -22.42 10.45
C PHE Q 30 -53.49 -23.60 11.01
N ILE Q 31 -52.16 -23.51 10.97
CA ILE Q 31 -51.34 -24.60 11.47
C ILE Q 31 -50.62 -24.21 12.75
N ARG Q 32 -50.81 -24.99 13.81
CA ARG Q 32 -50.16 -24.72 15.08
C ARG Q 32 -48.81 -25.43 15.24
N LYS Q 33 -48.76 -26.72 14.83
CA LYS Q 33 -47.51 -27.47 14.92
C LYS Q 33 -47.47 -28.71 14.02
N ILE Q 34 -46.30 -29.00 13.48
CA ILE Q 34 -46.12 -30.14 12.60
C ILE Q 34 -45.10 -31.11 13.16
N ARG Q 35 -45.54 -32.33 13.49
CA ARG Q 35 -44.66 -33.38 14.01
C ARG Q 35 -44.29 -34.34 12.90
N VAL Q 36 -43.02 -34.74 12.95
CA VAL Q 36 -42.56 -35.65 11.92
C VAL Q 36 -41.94 -36.83 12.62
N GLN Q 37 -42.26 -38.03 12.16
CA GLN Q 37 -41.74 -39.25 12.77
C GLN Q 37 -41.08 -40.29 11.87
N LEU Q 38 -39.84 -40.67 12.22
CA LEU Q 38 -39.15 -41.70 11.47
C LEU Q 38 -39.54 -42.98 12.23
N ILE Q 39 -40.47 -43.73 11.66
CA ILE Q 39 -40.99 -44.92 12.30
C ILE Q 39 -40.85 -46.20 11.46
N GLY Q 40 -40.10 -47.14 12.01
CA GLY Q 40 -39.89 -48.41 11.34
C GLY Q 40 -38.90 -49.19 12.17
N SER Q 41 -37.85 -49.70 11.53
CA SER Q 41 -36.82 -50.46 12.23
C SER Q 41 -35.47 -50.34 11.53
N ILE Q 42 -34.44 -50.76 12.24
CA ILE Q 42 -33.10 -50.73 11.69
C ILE Q 42 -32.67 -52.19 11.68
N SER Q 43 -32.59 -52.72 10.46
CA SER Q 43 -32.28 -54.12 10.25
C SER Q 43 -30.84 -54.46 9.95
N ASN Q 44 -30.40 -55.53 10.59
CA ASN Q 44 -29.07 -56.05 10.41
C ASN Q 44 -29.34 -57.41 9.76
N SER Q 45 -28.73 -57.60 8.60
CA SER Q 45 -28.84 -58.85 7.87
C SER Q 45 -27.46 -59.53 7.99
N GLY Q 46 -26.51 -58.79 8.59
CA GLY Q 46 -25.17 -59.28 8.79
C GLY Q 46 -25.09 -60.30 9.91
N THR Q 47 -24.05 -61.14 9.82
CA THR Q 47 -23.75 -62.24 10.76
C THR Q 47 -23.41 -61.81 12.22
N ALA Q 48 -22.71 -60.67 12.37
CA ALA Q 48 -22.33 -60.10 13.69
C ALA Q 48 -23.22 -58.86 14.04
N ALA Q 49 -23.59 -58.76 15.33
CA ALA Q 49 -24.46 -57.67 15.85
C ALA Q 49 -23.80 -56.28 15.67
N VAL Q 50 -24.38 -55.45 14.80
CA VAL Q 50 -23.87 -54.12 14.50
C VAL Q 50 -24.36 -53.02 15.42
N THR Q 51 -23.40 -52.34 16.06
CA THR Q 51 -23.66 -51.23 16.98
C THR Q 51 -23.95 -49.94 16.20
N LEU Q 52 -25.09 -49.34 16.52
CA LEU Q 52 -25.52 -48.10 15.87
C LEU Q 52 -24.62 -46.93 16.24
N PRO Q 53 -24.38 -46.01 15.27
CA PRO Q 53 -23.53 -44.85 15.56
C PRO Q 53 -24.06 -44.12 16.79
N SER Q 54 -23.19 -43.42 17.54
CA SER Q 54 -23.66 -42.69 18.72
C SER Q 54 -24.21 -41.28 18.35
N ALA Q 55 -24.60 -40.50 19.36
CA ALA Q 55 -25.18 -39.16 19.14
C ALA Q 55 -24.33 -38.47 18.06
N PRO Q 56 -24.95 -37.63 17.19
CA PRO Q 56 -26.38 -37.31 17.06
C PRO Q 56 -27.37 -38.34 16.57
N PHE Q 57 -26.92 -39.54 16.20
CA PHE Q 57 -27.84 -40.62 15.75
C PHE Q 57 -28.77 -40.99 16.93
N PRO Q 58 -30.02 -41.39 16.63
CA PRO Q 58 -30.65 -41.53 15.31
C PRO Q 58 -30.99 -40.21 14.63
N TYR Q 59 -31.02 -39.12 15.39
CA TYR Q 59 -31.37 -37.82 14.83
C TYR Q 59 -30.88 -37.45 13.45
N ASN Q 60 -29.61 -37.70 13.16
CA ASN Q 60 -29.06 -37.34 11.84
C ASN Q 60 -29.52 -38.20 10.65
N LEU Q 61 -30.42 -39.15 10.88
CA LEU Q 61 -30.91 -39.99 9.79
C LEU Q 61 -31.65 -39.12 8.82
N VAL Q 62 -32.09 -37.95 9.30
CA VAL Q 62 -32.77 -36.96 8.48
C VAL Q 62 -31.75 -35.83 8.49
N GLN Q 63 -30.89 -35.80 7.47
CA GLN Q 63 -29.82 -34.81 7.42
C GLN Q 63 -30.26 -33.37 7.67
N THR Q 64 -31.33 -32.95 7.00
CA THR Q 64 -31.84 -31.58 7.14
C THR Q 64 -33.37 -31.49 6.98
N PHE Q 65 -33.93 -30.41 7.52
CA PHE Q 65 -35.36 -30.13 7.47
C PHE Q 65 -35.57 -28.78 6.83
N ASN Q 66 -36.69 -28.61 6.15
CA ASN Q 66 -36.94 -27.34 5.53
C ASN Q 66 -38.41 -27.07 5.31
N LEU Q 67 -39.03 -26.37 6.27
CA LEU Q 67 -40.45 -26.07 6.16
C LEU Q 67 -40.62 -24.64 5.69
N SER Q 68 -41.24 -24.47 4.52
CA SER Q 68 -41.46 -23.14 3.98
C SER Q 68 -42.77 -23.04 3.20
N TYR Q 69 -43.21 -21.81 2.95
CA TYR Q 69 -44.44 -21.59 2.22
C TYR Q 69 -44.15 -20.62 1.08
N GLU Q 70 -44.81 -20.87 -0.05
CA GLU Q 70 -44.65 -20.06 -1.26
C GLU Q 70 -43.30 -20.30 -1.91
N GLY Q 71 -42.70 -21.45 -1.59
CA GLY Q 71 -41.43 -21.82 -2.18
C GLY Q 71 -40.28 -20.85 -1.87
N SER Q 72 -40.64 -19.71 -1.28
CA SER Q 72 -39.64 -18.72 -0.98
C SER Q 72 -39.47 -18.42 0.50
N LYS Q 73 -40.57 -18.27 1.21
CA LYS Q 73 -40.45 -17.93 2.61
C LYS Q 73 -40.27 -19.19 3.46
N THR Q 74 -39.11 -19.23 4.14
CA THR Q 74 -38.65 -20.33 4.99
C THR Q 74 -39.06 -20.20 6.46
N LEU Q 75 -39.79 -21.17 6.99
CA LEU Q 75 -40.17 -21.11 8.40
C LEU Q 75 -39.12 -21.88 9.18
N TYR Q 76 -38.55 -22.89 8.55
CA TYR Q 76 -37.54 -23.71 9.20
C TYR Q 76 -36.43 -24.09 8.26
N SER Q 77 -35.25 -24.27 8.84
CA SER Q 77 -34.06 -24.65 8.09
C SER Q 77 -33.08 -25.15 9.14
N VAL Q 78 -33.23 -26.41 9.48
CA VAL Q 78 -32.38 -27.01 10.48
C VAL Q 78 -32.07 -28.41 10.04
N SER Q 79 -31.08 -29.02 10.67
CA SER Q 79 -30.73 -30.39 10.35
C SER Q 79 -31.39 -31.23 11.44
N GLY Q 80 -31.58 -32.52 11.18
CA GLY Q 80 -32.18 -33.40 12.17
C GLY Q 80 -31.36 -33.41 13.45
N THR Q 81 -30.07 -33.14 13.29
CA THR Q 81 -29.12 -33.08 14.39
C THR Q 81 -29.39 -31.78 15.13
N GLY Q 82 -29.78 -30.77 14.37
CA GLY Q 82 -30.11 -29.49 14.96
C GLY Q 82 -31.46 -29.55 15.66
N LEU Q 83 -32.54 -29.57 14.88
CA LEU Q 83 -33.88 -29.61 15.46
C LEU Q 83 -34.03 -30.76 16.46
N GLY Q 84 -33.29 -31.84 16.23
CA GLY Q 84 -33.33 -32.99 17.12
C GLY Q 84 -32.81 -32.68 18.51
N ILE Q 85 -31.68 -31.96 18.59
CA ILE Q 85 -31.09 -31.58 19.87
C ILE Q 85 -31.98 -30.56 20.58
N LEU Q 86 -32.60 -29.65 19.82
CA LEU Q 86 -33.48 -28.65 20.41
C LEU Q 86 -34.65 -29.38 21.05
N MET Q 87 -35.05 -30.47 20.40
CA MET Q 87 -36.13 -31.32 20.88
C MET Q 87 -35.70 -32.01 22.17
N TYR Q 88 -34.46 -32.48 22.19
CA TYR Q 88 -33.93 -33.16 23.35
C TYR Q 88 -34.03 -32.31 24.61
N TYR Q 89 -33.93 -30.99 24.47
CA TYR Q 89 -33.98 -30.13 25.65
C TYR Q 89 -35.36 -29.68 26.09
N THR Q 90 -36.08 -29.08 25.17
CA THR Q 90 -37.41 -28.57 25.46
C THR Q 90 -38.40 -29.61 26.00
N THR Q 91 -37.99 -30.88 26.06
CA THR Q 91 -38.88 -31.91 26.58
C THR Q 91 -38.25 -32.79 27.67
N LYS Q 92 -37.29 -32.26 28.42
CA LYS Q 92 -36.64 -33.04 29.49
C LYS Q 92 -36.04 -34.35 28.97
N GLY Q 93 -35.57 -34.33 27.71
CA GLY Q 93 -34.98 -35.50 27.07
C GLY Q 93 -35.92 -36.67 26.85
N GLN Q 94 -37.21 -36.36 26.89
CA GLN Q 94 -38.25 -37.35 26.74
C GLN Q 94 -38.75 -37.46 25.30
N ASN Q 95 -38.08 -36.76 24.40
CA ASN Q 95 -38.43 -36.80 22.99
C ASN Q 95 -38.08 -38.19 22.40
N PRO Q 96 -39.02 -38.84 21.68
CA PRO Q 96 -38.83 -40.16 21.06
C PRO Q 96 -37.64 -40.26 20.12
N ALA Q 97 -36.69 -41.11 20.47
CA ALA Q 97 -35.48 -41.30 19.67
C ALA Q 97 -34.88 -42.69 19.91
N TYR Q 98 -35.53 -43.71 19.36
CA TYR Q 98 -35.03 -45.06 19.50
C TYR Q 98 -34.51 -45.47 18.14
N PRO Q 99 -33.40 -46.22 18.11
CA PRO Q 99 -32.76 -46.61 19.38
C PRO Q 99 -31.79 -45.52 19.89
N ALA Q 100 -31.36 -45.65 21.15
CA ALA Q 100 -30.42 -44.69 21.74
C ALA Q 100 -29.07 -44.84 21.01
N PRO Q 101 -28.18 -43.86 21.17
CA PRO Q 101 -26.87 -43.96 20.50
C PRO Q 101 -26.06 -45.17 20.99
N GLY Q 102 -25.44 -45.90 20.05
CA GLY Q 102 -24.63 -47.07 20.41
C GLY Q 102 -25.38 -48.36 20.70
N THR Q 103 -26.68 -48.42 20.38
CA THR Q 103 -27.50 -49.62 20.61
C THR Q 103 -27.19 -50.69 19.56
N SER Q 104 -27.20 -51.96 19.98
CA SER Q 104 -26.89 -53.04 19.06
C SER Q 104 -28.10 -53.70 18.36
N VAL Q 105 -27.94 -53.89 17.06
CA VAL Q 105 -28.95 -54.53 16.23
C VAL Q 105 -28.50 -56.00 16.21
N PRO Q 106 -29.22 -56.89 16.93
CA PRO Q 106 -28.85 -58.31 16.97
C PRO Q 106 -28.44 -58.86 15.62
N ALA Q 107 -27.39 -59.68 15.62
CA ALA Q 107 -26.87 -60.32 14.40
C ALA Q 107 -28.00 -61.11 13.70
N SER Q 108 -28.45 -60.59 12.54
CA SER Q 108 -29.53 -61.18 11.73
C SER Q 108 -30.97 -61.01 12.34
N GLY Q 109 -31.13 -59.95 13.13
CA GLY Q 109 -32.38 -59.59 13.76
C GLY Q 109 -32.42 -58.09 13.52
N SER Q 110 -33.30 -57.34 14.19
CA SER Q 110 -33.34 -55.88 13.99
C SER Q 110 -33.80 -55.11 15.26
N VAL Q 111 -33.71 -53.78 15.22
CA VAL Q 111 -34.11 -52.95 16.38
C VAL Q 111 -35.30 -52.08 15.96
N ASN Q 112 -35.75 -51.24 16.87
CA ASN Q 112 -36.87 -50.37 16.55
C ASN Q 112 -36.48 -48.95 16.25
N LEU Q 113 -36.98 -48.42 15.13
CA LEU Q 113 -36.69 -47.03 14.77
C LEU Q 113 -37.94 -46.18 15.01
N ASN Q 114 -37.73 -45.12 15.79
CA ASN Q 114 -38.78 -44.21 16.14
C ASN Q 114 -38.19 -42.89 16.67
N VAL Q 115 -38.13 -41.90 15.77
CA VAL Q 115 -37.59 -40.59 16.07
C VAL Q 115 -38.64 -39.54 15.73
N MET Q 116 -38.58 -38.40 16.39
CA MET Q 116 -39.53 -37.37 16.11
C MET Q 116 -38.99 -35.94 16.12
N TRP Q 117 -39.61 -35.07 15.34
CA TRP Q 117 -39.23 -33.66 15.31
C TRP Q 117 -40.49 -32.84 15.47
N GLU Q 118 -40.35 -31.56 15.80
CA GLU Q 118 -41.52 -30.74 15.97
C GLU Q 118 -41.28 -29.29 15.62
N PHE Q 119 -42.01 -28.85 14.61
CA PHE Q 119 -41.91 -27.48 14.13
C PHE Q 119 -43.13 -26.74 14.66
N ASP Q 120 -42.90 -25.80 15.56
CA ASP Q 120 -43.98 -25.03 16.16
C ASP Q 120 -44.22 -23.77 15.39
N LEU Q 121 -45.33 -23.70 14.69
CA LEU Q 121 -45.59 -22.51 13.93
C LEU Q 121 -46.54 -21.56 14.64
N ALA Q 122 -46.62 -21.63 15.98
CA ALA Q 122 -47.55 -20.77 16.73
C ALA Q 122 -48.90 -20.96 16.02
N ARG Q 123 -49.44 -19.91 15.42
CA ARG Q 123 -50.69 -20.06 14.69
C ARG Q 123 -50.60 -19.52 13.27
N PHE Q 124 -49.74 -20.18 12.48
CA PHE Q 124 -49.46 -19.86 11.09
C PHE Q 124 -50.71 -19.85 10.23
N PRO Q 125 -51.02 -18.71 9.56
CA PRO Q 125 -52.20 -18.55 8.69
C PRO Q 125 -52.07 -19.33 7.39
N ALA Q 126 -52.03 -20.66 7.50
CA ALA Q 126 -51.86 -21.57 6.37
C ALA Q 126 -52.89 -21.50 5.24
N THR Q 127 -54.06 -20.94 5.52
CA THR Q 127 -55.08 -20.83 4.49
C THR Q 127 -54.86 -19.60 3.61
N MET Q 128 -54.09 -18.63 4.12
CA MET Q 128 -53.85 -17.39 3.38
C MET Q 128 -52.55 -17.39 2.62
N VAL Q 129 -51.76 -18.45 2.77
CA VAL Q 129 -50.50 -18.54 2.06
C VAL Q 129 -50.58 -19.70 1.08
N GLN Q 130 -49.51 -19.89 0.33
CA GLN Q 130 -49.46 -20.94 -0.67
C GLN Q 130 -48.36 -21.96 -0.47
N ASN Q 131 -48.67 -23.23 -0.71
CA ASN Q 131 -47.66 -24.28 -0.63
C ASN Q 131 -46.83 -24.48 0.61
N ILE Q 132 -47.40 -25.06 1.65
CA ILE Q 132 -46.59 -25.29 2.82
C ILE Q 132 -45.95 -26.66 2.58
N ILE Q 133 -44.72 -26.64 2.06
CA ILE Q 133 -43.99 -27.86 1.72
C ILE Q 133 -42.83 -28.09 2.65
N LEU Q 134 -42.95 -29.13 3.47
CA LEU Q 134 -41.93 -29.49 4.44
C LEU Q 134 -40.94 -30.47 3.81
N SER Q 135 -39.85 -29.96 3.26
CA SER Q 135 -38.84 -30.83 2.63
C SER Q 135 -37.82 -31.41 3.61
N ILE Q 136 -37.87 -32.73 3.70
CA ILE Q 136 -37.01 -33.51 4.56
C ILE Q 136 -35.90 -34.09 3.67
N LEU Q 137 -34.66 -33.64 3.87
CA LEU Q 137 -33.53 -34.13 3.07
C LEU Q 137 -32.79 -35.18 3.91
N THR Q 138 -33.24 -36.42 3.79
CA THR Q 138 -32.68 -37.55 4.53
C THR Q 138 -31.14 -37.62 4.44
N GLY Q 139 -30.53 -38.20 5.49
CA GLY Q 139 -29.08 -38.34 5.55
C GLY Q 139 -28.56 -39.68 5.08
N GLN Q 140 -27.64 -40.24 5.84
CA GLN Q 140 -27.05 -41.51 5.46
C GLN Q 140 -27.45 -42.69 6.36
N ALA Q 141 -27.76 -43.84 5.76
CA ALA Q 141 -28.13 -45.03 6.53
C ALA Q 141 -26.89 -45.46 7.31
N PRO Q 142 -26.99 -45.65 8.65
CA PRO Q 142 -25.80 -46.07 9.43
C PRO Q 142 -25.12 -47.29 8.81
N SER Q 143 -23.82 -47.43 9.04
CA SER Q 143 -23.05 -48.52 8.45
C SER Q 143 -23.31 -49.93 9.08
N GLY Q 144 -23.66 -50.89 8.21
CA GLY Q 144 -23.96 -52.25 8.63
C GLY Q 144 -25.45 -52.58 8.77
N VAL Q 145 -26.26 -51.54 8.96
CA VAL Q 145 -27.70 -51.72 9.11
C VAL Q 145 -28.42 -50.90 8.03
N SER Q 146 -29.68 -51.22 7.79
CA SER Q 146 -30.49 -50.52 6.79
C SER Q 146 -31.77 -49.98 7.43
N ILE Q 147 -31.99 -48.68 7.23
CA ILE Q 147 -33.16 -48.04 7.82
C ILE Q 147 -34.39 -48.40 7.01
N ASN Q 148 -35.35 -48.99 7.69
CA ASN Q 148 -36.58 -49.43 7.07
C ASN Q 148 -37.83 -48.69 7.59
N ALA Q 149 -37.80 -47.36 7.60
CA ALA Q 149 -38.93 -46.59 8.11
C ALA Q 149 -39.52 -45.58 7.13
N SER Q 150 -40.51 -44.81 7.60
CA SER Q 150 -41.17 -43.78 6.79
C SER Q 150 -41.47 -42.58 7.67
N PHE Q 151 -42.00 -41.51 7.09
CA PHE Q 151 -42.34 -40.33 7.88
C PHE Q 151 -43.85 -40.17 8.03
N TYR Q 152 -44.28 -39.74 9.21
CA TYR Q 152 -45.71 -39.52 9.46
C TYR Q 152 -45.88 -38.09 9.91
N ILE Q 153 -46.58 -37.34 9.08
CA ILE Q 153 -46.83 -35.96 9.36
C ILE Q 153 -48.15 -35.84 10.10
N THR Q 154 -48.07 -35.32 11.32
CA THR Q 154 -49.23 -35.10 12.19
C THR Q 154 -49.37 -33.59 12.27
N ILE Q 155 -50.44 -33.06 11.72
CA ILE Q 155 -50.61 -31.62 11.71
C ILE Q 155 -51.69 -31.14 12.66
N THR Q 156 -51.37 -30.05 13.35
CA THR Q 156 -52.26 -29.44 14.32
C THR Q 156 -52.89 -28.16 13.77
N TYR Q 157 -54.16 -28.22 13.39
CA TYR Q 157 -54.82 -27.01 12.91
C TYR Q 157 -55.62 -26.32 14.03
N GLU Q 158 -55.82 -25.01 13.90
CA GLU Q 158 -56.59 -24.24 14.87
C GLU Q 158 -57.57 -23.55 13.95
N ARG Q 159 -58.83 -23.85 14.17
CA ARG Q 159 -59.86 -23.31 13.35
C ARG Q 159 -60.14 -21.85 13.66
N VAL Q 160 -59.24 -20.98 13.21
CA VAL Q 160 -59.38 -19.55 13.40
C VAL Q 160 -60.48 -19.12 12.42
N THR Q 161 -61.42 -18.30 12.88
CA THR Q 161 -62.52 -17.86 12.03
C THR Q 161 -62.30 -16.42 11.58
N ALA Q 162 -62.97 -16.06 10.50
CA ALA Q 162 -62.87 -14.70 9.96
C ALA Q 162 -63.17 -13.70 11.09
N GLN Q 163 -64.20 -14.00 11.86
CA GLN Q 163 -64.58 -13.18 12.99
C GLN Q 163 -63.43 -13.00 13.96
N GLU Q 164 -62.95 -14.13 14.51
CA GLU Q 164 -61.87 -14.12 15.47
C GLU Q 164 -60.64 -13.34 14.99
N ILE Q 165 -60.31 -13.44 13.71
CA ILE Q 165 -59.19 -12.72 13.12
C ILE Q 165 -59.29 -11.21 13.26
N LEU Q 166 -60.50 -10.67 13.06
CA LEU Q 166 -60.77 -9.24 13.19
C LEU Q 166 -60.60 -8.81 14.65
N SER Q 167 -60.89 -9.73 15.55
CA SER Q 167 -60.80 -9.53 17.00
C SER Q 167 -59.35 -9.41 17.55
N GLU Q 168 -58.35 -9.44 16.66
CA GLU Q 168 -56.95 -9.35 17.06
C GLU Q 168 -56.27 -8.32 16.16
N GLY Q 169 -57.07 -7.53 15.47
CA GLY Q 169 -56.52 -6.53 14.57
C GLY Q 169 -56.71 -6.82 13.09
N GLY Q 170 -57.74 -7.60 12.72
CA GLY Q 170 -57.99 -7.90 11.32
C GLY Q 170 -56.80 -8.47 10.57
N LEU Q 171 -56.49 -7.87 9.42
CA LEU Q 171 -55.35 -8.29 8.61
C LEU Q 171 -54.15 -7.35 8.68
N GLY Q 172 -53.05 -7.75 8.04
CA GLY Q 172 -51.85 -6.93 8.05
C GLY Q 172 -52.05 -5.70 7.18
N ALA Q 173 -50.97 -4.99 6.90
CA ALA Q 173 -51.01 -3.78 6.08
C ALA Q 173 -51.46 -4.13 4.68
N ASP Q 174 -50.79 -5.14 4.15
CA ASP Q 174 -50.99 -5.66 2.81
C ASP Q 174 -52.04 -6.78 2.85
N GLY Q 175 -52.61 -7.00 4.03
CA GLY Q 175 -53.65 -7.99 4.20
C GLY Q 175 -53.33 -9.36 3.65
N GLU Q 176 -52.26 -9.96 4.15
CA GLU Q 176 -51.90 -11.30 3.70
C GLU Q 176 -51.90 -12.30 4.82
N MET Q 177 -51.97 -11.76 6.03
CA MET Q 177 -51.99 -12.58 7.24
C MET Q 177 -52.60 -11.67 8.26
N PRO Q 178 -53.00 -12.22 9.41
CA PRO Q 178 -53.59 -11.36 10.43
C PRO Q 178 -52.50 -10.40 10.96
N LEU Q 179 -52.92 -9.22 11.42
CA LEU Q 179 -51.98 -8.25 11.95
C LEU Q 179 -51.12 -8.86 13.04
N ALA Q 180 -51.73 -9.69 13.87
CA ALA Q 180 -51.05 -10.34 14.99
C ALA Q 180 -50.36 -11.67 14.65
N THR Q 181 -49.75 -11.74 13.47
CA THR Q 181 -49.03 -12.95 13.03
C THR Q 181 -47.64 -12.99 13.65
N VAL Q 182 -47.22 -14.18 14.03
CA VAL Q 182 -45.89 -14.31 14.61
C VAL Q 182 -45.25 -15.52 13.95
N LEU Q 183 -44.63 -15.29 12.79
CA LEU Q 183 -44.01 -16.36 12.02
C LEU Q 183 -42.74 -16.87 12.69
N PRO Q 184 -42.69 -18.18 12.93
CA PRO Q 184 -41.53 -18.79 13.56
C PRO Q 184 -40.40 -18.76 12.56
N LYS Q 185 -39.19 -18.47 13.03
CA LYS Q 185 -38.00 -18.42 12.15
C LYS Q 185 -36.87 -19.26 12.74
N VAL Q 186 -37.12 -20.55 12.85
CA VAL Q 186 -36.12 -21.44 13.38
C VAL Q 186 -35.13 -21.82 12.31
N ILE Q 187 -34.07 -21.04 12.26
CA ILE Q 187 -32.98 -21.21 11.32
C ILE Q 187 -31.81 -21.73 12.13
N GLU Q 188 -30.78 -22.21 11.45
CA GLU Q 188 -29.61 -22.69 12.12
C GLU Q 188 -28.44 -22.31 11.26
N ILE Q 189 -27.55 -21.48 11.78
CA ILE Q 189 -26.40 -21.05 10.99
C ILE Q 189 -25.10 -21.67 11.46
N PRO Q 190 -24.55 -22.59 10.67
CA PRO Q 190 -23.29 -23.23 11.05
C PRO Q 190 -22.08 -22.37 10.71
N THR Q 191 -21.05 -22.44 11.56
CA THR Q 191 -19.79 -21.70 11.40
C THR Q 191 -18.68 -22.75 11.30
N PHE Q 192 -17.68 -22.50 10.48
CA PHE Q 192 -16.65 -23.49 10.33
C PHE Q 192 -15.28 -23.09 10.80
N ASN Q 193 -14.62 -24.05 11.43
CA ASN Q 193 -13.27 -23.89 11.97
C ASN Q 193 -13.06 -22.79 12.99
N VAL Q 194 -14.01 -22.60 13.92
CA VAL Q 194 -13.78 -21.58 14.93
C VAL Q 194 -12.59 -22.17 15.67
N PRO Q 195 -11.45 -21.45 15.62
CA PRO Q 195 -10.18 -21.83 16.23
C PRO Q 195 -10.12 -22.08 17.74
N ALA Q 196 -9.13 -22.90 18.11
CA ALA Q 196 -8.86 -23.26 19.49
C ALA Q 196 -8.28 -22.03 20.20
N SER Q 197 -8.84 -21.70 21.37
CA SER Q 197 -8.36 -20.56 22.15
C SER Q 197 -8.86 -20.73 23.60
N SER Q 198 -8.25 -19.98 24.53
CA SER Q 198 -8.64 -20.04 25.94
C SER Q 198 -9.62 -18.89 26.31
N ALA Q 199 -9.47 -17.76 25.63
CA ALA Q 199 -10.34 -16.61 25.82
C ALA Q 199 -11.34 -16.71 24.67
N PRO Q 200 -12.64 -16.64 24.97
CA PRO Q 200 -13.65 -16.74 23.92
C PRO Q 200 -13.40 -15.79 22.74
N ILE Q 201 -13.21 -16.38 21.56
CA ILE Q 201 -12.95 -15.63 20.33
C ILE Q 201 -14.27 -15.45 19.58
N HIS Q 202 -14.40 -14.33 18.87
CA HIS Q 202 -15.62 -14.06 18.13
C HIS Q 202 -16.02 -15.25 17.24
N VAL Q 203 -17.27 -15.72 17.39
CA VAL Q 203 -17.76 -16.87 16.62
C VAL Q 203 -18.70 -16.49 15.49
N ALA Q 204 -19.68 -15.62 15.76
CA ALA Q 204 -20.61 -15.17 14.75
C ALA Q 204 -21.57 -14.17 15.35
N TYR Q 205 -22.09 -13.26 14.53
CA TYR Q 205 -23.04 -12.28 15.03
C TYR Q 205 -24.47 -12.75 14.85
N LEU Q 206 -25.37 -12.18 15.64
CA LEU Q 206 -26.77 -12.52 15.48
C LEU Q 206 -27.17 -11.47 14.45
N GLN Q 207 -27.80 -11.86 13.35
CA GLN Q 207 -28.16 -10.84 12.38
C GLN Q 207 -29.49 -10.30 12.82
N PRO Q 208 -29.67 -9.00 12.66
CA PRO Q 208 -30.96 -8.46 13.08
C PRO Q 208 -32.08 -8.92 12.16
N GLY Q 209 -33.30 -8.42 12.39
CA GLY Q 209 -34.42 -8.79 11.58
C GLY Q 209 -35.25 -9.89 12.20
N GLN Q 210 -35.14 -10.04 13.52
CA GLN Q 210 -35.91 -11.07 14.22
C GLN Q 210 -35.76 -10.96 15.72
N ILE Q 211 -36.71 -11.56 16.43
CA ILE Q 211 -36.69 -11.53 17.88
C ILE Q 211 -36.24 -12.90 18.30
N TYR Q 212 -35.10 -12.97 18.99
CA TYR Q 212 -34.54 -14.25 19.44
C TYR Q 212 -35.11 -14.72 20.78
N LYS Q 213 -35.61 -15.96 20.82
CA LYS Q 213 -36.19 -16.51 22.04
C LYS Q 213 -35.15 -17.36 22.79
N ARG Q 214 -34.36 -18.14 22.05
CA ARG Q 214 -33.33 -18.96 22.68
C ARG Q 214 -32.35 -19.44 21.63
N GLN Q 215 -31.12 -19.72 22.05
CA GLN Q 215 -30.10 -20.19 21.12
C GLN Q 215 -29.44 -21.49 21.56
N LEU Q 216 -29.41 -22.45 20.64
CA LEU Q 216 -28.81 -23.76 20.88
C LEU Q 216 -27.48 -23.90 20.17
N VAL Q 217 -26.40 -23.89 20.94
CA VAL Q 217 -25.08 -24.01 20.37
C VAL Q 217 -24.43 -25.34 20.72
N TYR Q 218 -23.82 -25.97 19.73
CA TYR Q 218 -23.11 -27.23 19.94
C TYR Q 218 -21.96 -27.37 18.94
N VAL Q 219 -20.81 -27.85 19.41
CA VAL Q 219 -19.63 -28.01 18.57
C VAL Q 219 -19.43 -29.39 17.96
N ILE Q 220 -18.73 -29.46 16.83
CA ILE Q 220 -18.50 -30.75 16.18
C ILE Q 220 -17.03 -31.02 15.84
N ASN Q 221 -16.43 -31.84 16.69
CA ASN Q 221 -15.05 -32.26 16.56
C ASN Q 221 -15.07 -33.24 15.38
N SER Q 222 -13.98 -33.30 14.63
CA SER Q 222 -13.90 -34.23 13.50
C SER Q 222 -13.79 -35.70 13.98
N THR Q 223 -13.14 -35.88 15.14
CA THR Q 223 -12.90 -37.18 15.75
C THR Q 223 -14.09 -37.73 16.58
N SER Q 224 -14.42 -37.01 17.66
CA SER Q 224 -15.50 -37.40 18.57
C SER Q 224 -16.92 -36.97 18.13
N GLY Q 225 -17.01 -36.38 16.94
CA GLY Q 225 -18.30 -35.94 16.45
C GLY Q 225 -18.91 -34.87 17.34
N ILE Q 226 -20.03 -35.20 17.95
CA ILE Q 226 -20.68 -34.27 18.85
C ILE Q 226 -20.39 -34.64 20.30
N ASN Q 227 -19.56 -35.65 20.50
CA ASN Q 227 -19.21 -36.13 21.86
C ASN Q 227 -17.82 -35.78 22.36
N ASN Q 228 -17.53 -34.48 22.38
CA ASN Q 228 -16.26 -33.94 22.84
C ASN Q 228 -16.59 -32.93 23.94
N THR Q 229 -15.56 -32.25 24.45
CA THR Q 229 -15.78 -31.24 25.49
C THR Q 229 -14.96 -29.95 25.21
N ASP Q 230 -14.92 -29.56 23.94
CA ASP Q 230 -14.15 -28.39 23.52
C ASP Q 230 -14.82 -27.14 23.96
N PRO Q 231 -16.13 -27.02 23.72
CA PRO Q 231 -16.73 -25.78 24.20
C PRO Q 231 -16.47 -25.61 25.73
N THR Q 232 -15.67 -24.61 26.12
CA THR Q 232 -15.35 -24.35 27.54
C THR Q 232 -15.86 -23.01 28.06
N GLU Q 233 -15.79 -22.00 27.19
CA GLU Q 233 -16.22 -20.68 27.56
C GLU Q 233 -17.11 -20.05 26.48
N TYR Q 234 -18.40 -19.93 26.83
CA TYR Q 234 -19.40 -19.33 25.97
C TYR Q 234 -19.55 -17.84 26.33
N GLU Q 235 -19.96 -17.01 25.37
CA GLU Q 235 -20.07 -15.58 25.64
C GLU Q 235 -20.90 -14.71 24.70
N LEU Q 236 -21.97 -14.12 25.20
CA LEU Q 236 -22.80 -13.23 24.40
C LEU Q 236 -22.41 -11.77 24.63
N LYS Q 237 -21.71 -11.21 23.65
CA LYS Q 237 -21.19 -9.84 23.69
C LYS Q 237 -21.92 -8.77 22.86
N ILE Q 238 -22.32 -7.68 23.50
CA ILE Q 238 -22.94 -6.55 22.77
C ILE Q 238 -21.73 -5.76 22.26
N VAL Q 239 -21.46 -5.85 20.96
CA VAL Q 239 -20.31 -5.14 20.34
C VAL Q 239 -20.50 -3.64 20.05
N ARG Q 240 -21.70 -3.27 19.59
CA ARG Q 240 -22.02 -1.88 19.27
C ARG Q 240 -21.97 -1.07 20.57
N GLY Q 241 -21.27 0.06 20.52
CA GLY Q 241 -21.12 0.89 21.69
C GLY Q 241 -20.10 0.40 22.70
N VAL Q 242 -20.39 0.67 23.98
CA VAL Q 242 -19.52 0.28 25.06
C VAL Q 242 -19.59 -1.24 25.07
N PRO Q 243 -18.43 -1.92 25.00
CA PRO Q 243 -18.47 -3.38 25.00
C PRO Q 243 -19.08 -3.94 26.29
N THR Q 244 -20.25 -4.56 26.16
CA THR Q 244 -21.00 -5.12 27.31
C THR Q 244 -21.29 -6.63 27.14
N ASP Q 245 -21.22 -7.35 28.26
CA ASP Q 245 -21.42 -8.80 28.29
C ASP Q 245 -22.68 -9.28 28.98
N LYS Q 246 -23.62 -9.84 28.21
CA LYS Q 246 -24.83 -10.39 28.78
C LYS Q 246 -24.53 -11.77 29.40
N ILE Q 247 -23.53 -12.47 28.85
CA ILE Q 247 -23.15 -13.79 29.34
C ILE Q 247 -21.64 -13.92 29.22
N LYS Q 248 -21.02 -14.50 30.22
CA LYS Q 248 -19.58 -14.70 30.22
C LYS Q 248 -19.46 -15.89 31.14
N VAL Q 249 -20.30 -16.89 30.86
CA VAL Q 249 -20.38 -18.09 31.67
C VAL Q 249 -19.59 -19.27 31.11
N SER Q 250 -18.96 -20.05 32.00
CA SER Q 250 -18.15 -21.21 31.59
C SER Q 250 -19.06 -22.30 31.05
N TRP Q 251 -18.56 -23.11 30.13
CA TRP Q 251 -19.39 -24.14 29.54
C TRP Q 251 -20.09 -25.01 30.57
N ALA Q 252 -19.32 -25.52 31.53
CA ALA Q 252 -19.88 -26.38 32.56
C ALA Q 252 -21.08 -25.69 33.17
N ALA Q 253 -20.89 -24.42 33.52
CA ALA Q 253 -21.93 -23.59 34.13
C ALA Q 253 -23.13 -23.28 33.23
N LEU Q 254 -22.91 -23.27 31.92
CA LEU Q 254 -23.99 -23.01 30.99
C LEU Q 254 -24.85 -24.28 30.94
N GLN Q 255 -24.18 -25.43 31.02
CA GLN Q 255 -24.85 -26.72 31.01
C GLN Q 255 -25.52 -26.92 32.35
N ALA Q 256 -25.04 -26.15 33.32
CA ALA Q 256 -25.58 -26.14 34.67
C ALA Q 256 -26.98 -25.52 34.62
N GLU Q 257 -27.09 -24.32 34.05
CA GLU Q 257 -28.40 -23.69 33.96
C GLU Q 257 -29.35 -24.56 33.15
N ASN Q 258 -28.81 -25.46 32.32
CA ASN Q 258 -29.66 -26.31 31.50
C ASN Q 258 -30.21 -27.45 32.37
N GLN Q 259 -29.45 -27.80 33.41
CA GLN Q 259 -29.89 -28.78 34.41
C GLN Q 259 -31.13 -28.32 35.20
N ALA Q 260 -31.05 -27.11 35.75
CA ALA Q 260 -32.19 -26.45 36.39
C ALA Q 260 -33.30 -26.01 35.43
N GLU Q 261 -32.87 -25.49 34.29
CA GLU Q 261 -33.75 -24.98 33.25
C GLU Q 261 -34.55 -26.09 32.56
N TYR Q 262 -33.83 -27.05 32.00
CA TYR Q 262 -34.49 -28.11 31.27
C TYR Q 262 -34.66 -29.42 32.00
N GLN Q 263 -34.15 -29.44 33.24
CA GLN Q 263 -34.23 -30.61 34.11
C GLN Q 263 -33.85 -31.85 33.31
N VAL Q 264 -32.72 -31.78 32.61
CA VAL Q 264 -32.29 -32.90 31.82
C VAL Q 264 -30.77 -32.87 31.66
N ALA Q 265 -30.17 -34.06 31.56
CA ALA Q 265 -28.72 -34.22 31.43
C ALA Q 265 -28.26 -33.52 30.15
N PRO Q 266 -27.00 -33.04 30.11
CA PRO Q 266 -26.55 -32.38 28.88
C PRO Q 266 -26.63 -33.40 27.73
N TYR Q 267 -27.13 -32.97 26.57
CA TYR Q 267 -27.27 -33.87 25.44
C TYR Q 267 -25.94 -34.50 24.98
N SER Q 268 -24.85 -33.80 25.26
CA SER Q 268 -23.48 -34.23 24.95
C SER Q 268 -22.55 -33.22 25.63
N GLY Q 269 -21.25 -33.51 25.66
CA GLY Q 269 -20.34 -32.60 26.31
C GLY Q 269 -20.22 -31.30 25.53
N ALA Q 270 -20.65 -31.35 24.28
CA ALA Q 270 -20.56 -30.20 23.41
C ALA Q 270 -21.83 -29.40 23.07
N SER Q 271 -22.85 -29.43 23.91
CA SER Q 271 -24.07 -28.67 23.59
C SER Q 271 -24.62 -27.85 24.76
N ALA Q 272 -25.47 -26.85 24.44
CA ALA Q 272 -26.08 -25.98 25.47
C ALA Q 272 -27.17 -25.06 24.90
N ILE Q 273 -27.88 -24.39 25.80
CA ILE Q 273 -28.95 -23.48 25.39
C ILE Q 273 -28.98 -22.19 26.21
N ILE Q 274 -29.17 -21.07 25.52
CA ILE Q 274 -29.21 -19.75 26.17
C ILE Q 274 -30.56 -19.06 25.94
N ASP Q 275 -31.31 -18.82 27.02
CA ASP Q 275 -32.59 -18.13 26.88
C ASP Q 275 -32.40 -16.69 27.02
N PHE Q 276 -32.73 -15.99 25.95
CA PHE Q 276 -32.58 -14.58 25.93
C PHE Q 276 -33.45 -13.81 26.94
N ARG Q 277 -34.68 -14.27 27.21
CA ARG Q 277 -35.57 -13.57 28.18
C ARG Q 277 -34.96 -13.36 29.60
N LYS Q 278 -33.96 -14.17 29.94
CA LYS Q 278 -33.28 -14.12 31.24
C LYS Q 278 -31.98 -13.29 31.24
N TYR Q 279 -31.54 -12.85 30.06
CA TYR Q 279 -30.29 -12.08 29.91
C TYR Q 279 -30.60 -10.71 29.35
N PHE Q 280 -31.86 -10.55 29.01
CA PHE Q 280 -32.38 -9.29 28.53
C PHE Q 280 -33.67 -9.23 29.25
N ASN Q 281 -34.40 -8.20 28.90
CA ASN Q 281 -35.69 -8.05 29.46
C ASN Q 281 -36.57 -8.51 28.30
N GLY Q 282 -37.29 -9.61 28.52
CA GLY Q 282 -38.14 -10.12 27.47
C GLY Q 282 -37.21 -10.71 26.42
N ASP Q 283 -37.75 -11.01 25.24
CA ASP Q 283 -36.94 -11.59 24.16
C ASP Q 283 -35.95 -10.60 23.50
N LEU Q 284 -34.77 -11.10 23.11
CA LEU Q 284 -33.73 -10.28 22.50
C LEU Q 284 -34.16 -9.87 21.11
N ASP Q 285 -34.61 -8.63 21.00
CA ASP Q 285 -35.10 -8.14 19.72
C ASP Q 285 -34.04 -7.39 18.93
N LEU Q 286 -33.96 -7.72 17.64
CA LEU Q 286 -33.01 -7.04 16.75
C LEU Q 286 -33.75 -6.75 15.46
N THR Q 287 -35.06 -6.56 15.56
CA THR Q 287 -35.86 -6.25 14.37
C THR Q 287 -35.34 -4.98 13.75
N HIS Q 288 -34.93 -4.06 14.61
CA HIS Q 288 -34.42 -2.80 14.10
C HIS Q 288 -33.00 -2.41 14.54
N ALA Q 289 -32.33 -3.27 15.32
CA ALA Q 289 -30.96 -2.95 15.76
C ALA Q 289 -30.02 -3.05 14.57
N PRO Q 290 -28.99 -2.18 14.52
CA PRO Q 290 -28.03 -2.18 13.42
C PRO Q 290 -27.20 -3.47 13.45
N SER Q 291 -26.68 -3.87 12.29
CA SER Q 291 -25.92 -5.12 12.15
C SER Q 291 -24.61 -5.23 12.98
N ASP Q 292 -24.22 -6.47 13.29
CA ASP Q 292 -23.00 -6.77 14.06
C ASP Q 292 -22.92 -6.00 15.36
N SER Q 293 -23.98 -6.14 16.15
CA SER Q 293 -24.10 -5.45 17.43
C SER Q 293 -24.18 -6.45 18.59
N ILE Q 294 -24.35 -7.72 18.26
CA ILE Q 294 -24.40 -8.77 19.28
C ILE Q 294 -23.86 -10.04 18.65
N GLU Q 295 -22.77 -10.52 19.22
CA GLU Q 295 -22.09 -11.73 18.76
C GLU Q 295 -21.97 -12.69 19.94
N TYR Q 296 -21.77 -13.96 19.64
CA TYR Q 296 -21.60 -14.95 20.69
C TYR Q 296 -20.28 -15.66 20.38
N ASP Q 297 -19.49 -15.86 21.43
CA ASP Q 297 -18.15 -16.48 21.37
C ASP Q 297 -18.02 -17.89 21.94
N LEU Q 298 -16.86 -18.49 21.72
CA LEU Q 298 -16.59 -19.82 22.24
C LEU Q 298 -15.10 -20.03 22.46
N ALA Q 299 -14.75 -20.63 23.57
CA ALA Q 299 -13.36 -20.93 23.85
C ALA Q 299 -13.35 -22.44 23.56
N LEU Q 300 -12.80 -22.86 22.43
CA LEU Q 300 -12.77 -24.28 22.09
C LEU Q 300 -11.43 -24.94 22.38
N GLN Q 301 -11.46 -26.16 22.94
CA GLN Q 301 -10.23 -26.92 23.27
C GLN Q 301 -9.37 -27.19 22.04
N ASN Q 302 -10.04 -27.65 20.98
CA ASN Q 302 -9.42 -27.96 19.69
C ASN Q 302 -10.11 -27.08 18.69
N GLN Q 303 -9.71 -27.19 17.43
CA GLN Q 303 -10.38 -26.37 16.43
C GLN Q 303 -11.40 -27.20 15.67
N ASP Q 304 -12.68 -26.78 15.77
CA ASP Q 304 -13.81 -27.48 15.14
C ASP Q 304 -14.87 -26.55 14.49
N ASN Q 305 -16.10 -27.07 14.35
CA ASN Q 305 -17.26 -26.37 13.78
C ASN Q 305 -18.35 -26.12 14.80
N VAL Q 306 -18.79 -24.88 14.92
CA VAL Q 306 -19.84 -24.58 15.87
C VAL Q 306 -21.18 -24.36 15.17
N TYR Q 307 -22.20 -25.14 15.55
CA TYR Q 307 -23.54 -25.01 14.96
C TYR Q 307 -24.47 -24.23 15.87
N SER Q 308 -25.08 -23.19 15.32
CA SER Q 308 -25.98 -22.37 16.12
C SER Q 308 -27.40 -22.32 15.58
N LEU Q 309 -28.29 -22.92 16.35
CA LEU Q 309 -29.69 -22.99 16.01
C LEU Q 309 -30.43 -21.92 16.82
N TYR Q 310 -31.23 -21.10 16.16
CA TYR Q 310 -32.00 -20.05 16.85
C TYR Q 310 -33.50 -20.29 16.79
N VAL Q 311 -34.19 -20.08 17.91
CA VAL Q 311 -35.64 -20.24 17.94
C VAL Q 311 -35.99 -18.78 18.04
N SER Q 312 -36.15 -18.16 16.87
CA SER Q 312 -36.47 -16.75 16.77
C SER Q 312 -37.74 -16.64 15.96
N TYR Q 313 -38.34 -15.45 15.93
CA TYR Q 313 -39.54 -15.27 15.16
C TYR Q 313 -39.67 -13.83 14.67
N VAL Q 314 -40.31 -13.67 13.52
CA VAL Q 314 -40.52 -12.36 12.90
C VAL Q 314 -41.99 -11.99 12.99
N LEU Q 315 -42.25 -10.70 13.06
CA LEU Q 315 -43.61 -10.19 13.11
C LEU Q 315 -43.76 -9.50 11.75
N PRO Q 316 -44.37 -10.18 10.79
CA PRO Q 316 -44.56 -9.62 9.45
C PRO Q 316 -45.19 -8.23 9.31
N TYR Q 317 -45.73 -7.66 10.40
CA TYR Q 317 -46.33 -6.32 10.34
C TYR Q 317 -45.90 -5.62 11.61
N TYR Q 318 -44.71 -5.99 12.03
CA TYR Q 318 -44.09 -5.50 13.24
C TYR Q 318 -44.26 -3.99 13.45
N ASP Q 319 -44.47 -3.28 12.35
CA ASP Q 319 -44.61 -1.84 12.42
C ASP Q 319 -46.00 -1.38 12.71
N GLN Q 320 -46.96 -2.03 12.10
CA GLN Q 320 -48.34 -1.67 12.34
C GLN Q 320 -48.71 -2.04 13.75
N LEU Q 321 -47.96 -2.98 14.33
CA LEU Q 321 -48.21 -3.40 15.71
C LEU Q 321 -47.69 -2.32 16.64
N ALA Q 322 -46.58 -1.71 16.22
CA ALA Q 322 -45.92 -0.66 16.99
C ALA Q 322 -46.64 0.68 16.76
N ALA Q 323 -47.19 0.87 15.56
CA ALA Q 323 -47.89 2.10 15.20
C ALA Q 323 -49.40 1.99 15.47
N LEU Q 324 -49.78 1.05 16.34
CA LEU Q 324 -51.16 0.84 16.72
C LEU Q 324 -51.48 1.66 18.00
N PRO Q 325 -52.73 2.16 18.14
CA PRO Q 325 -53.14 2.94 19.32
C PRO Q 325 -52.88 2.17 20.65
N ALA Q 326 -52.50 2.88 21.72
CA ALA Q 326 -52.24 2.24 23.03
C ALA Q 326 -53.51 1.45 23.42
N GLN Q 327 -54.60 1.83 22.76
CA GLN Q 327 -55.93 1.25 22.89
C GLN Q 327 -55.95 -0.18 22.30
N VAL Q 328 -55.72 -0.24 20.98
CA VAL Q 328 -55.71 -1.48 20.20
C VAL Q 328 -54.47 -2.35 20.50
N ALA Q 329 -53.29 -1.74 20.37
CA ALA Q 329 -52.02 -2.40 20.65
C ALA Q 329 -52.10 -3.23 21.92
N ALA Q 330 -52.83 -2.73 22.92
CA ALA Q 330 -52.97 -3.44 24.18
C ALA Q 330 -53.56 -4.87 24.01
N ILE Q 331 -54.54 -4.99 23.10
CA ILE Q 331 -55.22 -6.27 22.79
C ILE Q 331 -54.42 -7.15 21.79
N VAL Q 332 -53.89 -6.49 20.76
CA VAL Q 332 -53.12 -7.15 19.72
C VAL Q 332 -51.82 -7.73 20.29
N GLN Q 333 -51.16 -6.94 21.14
CA GLN Q 333 -49.92 -7.35 21.81
C GLN Q 333 -50.17 -8.59 22.67
N GLN Q 334 -51.37 -8.65 23.23
CA GLN Q 334 -51.74 -9.77 24.05
C GLN Q 334 -51.93 -11.06 23.23
N TYR Q 335 -52.16 -10.88 21.93
CA TYR Q 335 -52.31 -12.00 21.02
C TYR Q 335 -50.95 -12.47 20.54
N VAL Q 336 -50.11 -11.49 20.21
CA VAL Q 336 -48.74 -11.70 19.75
C VAL Q 336 -47.94 -12.31 20.90
N ALA Q 337 -48.20 -11.83 22.11
CA ALA Q 337 -47.53 -12.35 23.31
C ALA Q 337 -47.87 -13.82 23.49
N ARG Q 338 -49.15 -14.17 23.28
CA ARG Q 338 -49.54 -15.56 23.43
C ARG Q 338 -48.92 -16.46 22.36
N GLN Q 339 -48.89 -15.97 21.12
CA GLN Q 339 -48.31 -16.70 19.99
C GLN Q 339 -46.80 -16.97 20.11
N LYS Q 340 -46.05 -15.96 20.57
CA LYS Q 340 -44.59 -16.06 20.72
C LYS Q 340 -44.15 -17.18 21.67
N ARG Q 341 -44.98 -17.47 22.66
CA ARG Q 341 -44.69 -18.52 23.63
C ARG Q 341 -45.14 -19.88 23.09
N ARG Q 342 -46.05 -19.88 22.12
CA ARG Q 342 -46.52 -21.13 21.54
C ARG Q 342 -45.33 -21.80 20.81
N ILE Q 343 -44.47 -21.00 20.18
CA ILE Q 343 -43.28 -21.50 19.48
C ILE Q 343 -42.08 -21.74 20.43
N LYS Q 344 -42.22 -22.78 21.24
CA LYS Q 344 -41.21 -23.17 22.24
C LYS Q 344 -40.06 -23.95 21.62
N ARG Q 345 -40.37 -25.17 21.18
CA ARG Q 345 -39.39 -26.08 20.58
C ARG Q 345 -39.15 -25.75 19.11
N GLY R 7 56.84 -9.68 -112.77
CA GLY R 7 55.74 -9.45 -113.78
C GLY R 7 55.11 -8.09 -113.41
N GLN R 8 55.61 -6.97 -113.93
CA GLN R 8 54.80 -5.65 -113.90
C GLN R 8 54.74 -4.70 -115.19
N SER R 9 53.95 -3.67 -114.99
CA SER R 9 53.39 -2.80 -116.03
C SER R 9 53.95 -1.37 -115.94
N PHE R 10 54.23 -0.69 -117.07
CA PHE R 10 54.90 0.62 -116.99
C PHE R 10 54.53 1.60 -118.09
N PRO R 11 54.47 2.88 -117.74
CA PRO R 11 54.13 3.90 -118.73
C PRO R 11 55.37 4.29 -119.47
N ALA R 12 55.28 4.50 -120.78
CA ALA R 12 56.45 4.68 -121.62
C ALA R 12 56.25 5.75 -122.69
N ASN R 13 55.46 6.76 -122.40
CA ASN R 13 55.19 7.77 -123.40
C ASN R 13 56.30 8.72 -123.79
N ALA R 14 57.23 9.00 -122.93
CA ALA R 14 58.19 10.08 -123.19
C ALA R 14 59.34 9.62 -124.08
N LYS R 15 59.96 10.58 -124.77
CA LYS R 15 61.11 10.39 -125.59
C LYS R 15 62.25 9.97 -124.72
N VAL R 16 63.09 9.05 -125.17
CA VAL R 16 64.25 8.58 -124.44
C VAL R 16 65.38 9.57 -124.64
N LYS R 17 66.16 9.81 -123.59
CA LYS R 17 67.32 10.66 -123.64
C LYS R 17 68.60 9.82 -123.61
N TYR R 18 69.69 10.40 -124.05
CA TYR R 18 70.92 9.69 -124.16
C TYR R 18 71.78 9.92 -122.92
N TYR R 19 71.32 10.84 -122.07
CA TYR R 19 71.95 11.12 -120.78
C TYR R 19 70.88 11.54 -119.75
N TYR R 20 70.92 11.01 -118.55
CA TYR R 20 69.94 11.40 -117.50
C TYR R 20 70.71 11.60 -116.21
N LYS R 21 70.42 12.68 -115.49
CA LYS R 21 70.98 12.92 -114.21
C LYS R 21 69.78 12.96 -113.32
N LEU R 22 69.54 11.87 -112.59
CA LEU R 22 68.20 11.62 -112.07
C LEU R 22 67.90 12.42 -110.82
N SER R 23 68.85 13.27 -110.41
CA SER R 23 68.69 14.26 -109.37
C SER R 23 68.02 15.55 -109.88
N GLU R 24 67.68 15.60 -111.14
CA GLU R 24 67.14 16.76 -111.81
C GLU R 24 65.71 16.30 -112.14
N LYS R 25 64.73 17.03 -111.64
CA LYS R 25 63.31 16.65 -111.81
C LYS R 25 62.97 16.17 -113.22
N GLN R 26 63.23 17.03 -114.19
CA GLN R 26 62.83 16.76 -115.56
C GLN R 26 63.36 15.37 -116.02
N ASP R 27 64.59 15.07 -115.65
CA ASP R 27 65.21 13.87 -116.18
C ASP R 27 64.48 12.78 -115.57
N LEU R 28 64.21 12.88 -114.28
CA LEU R 28 63.57 11.78 -113.56
C LEU R 28 62.16 11.59 -114.06
N ASP R 29 61.44 12.67 -114.32
CA ASP R 29 60.10 12.54 -114.88
C ASP R 29 60.12 11.80 -116.21
N ALA R 30 61.11 12.09 -117.05
CA ALA R 30 61.19 11.44 -118.33
C ALA R 30 61.52 9.94 -118.12
N PHE R 31 62.55 9.70 -117.30
CA PHE R 31 63.08 8.35 -116.99
C PHE R 31 61.96 7.39 -116.64
N VAL R 32 61.02 7.86 -115.88
CA VAL R 32 60.02 7.03 -115.22
C VAL R 32 58.67 7.05 -116.01
N ASN R 33 58.70 7.65 -117.20
CA ASN R 33 57.64 7.58 -118.19
C ASN R 33 58.20 7.04 -119.54
N SER R 34 59.40 6.46 -119.51
CA SER R 34 59.94 5.79 -120.71
C SER R 34 60.69 4.46 -120.57
N ILE R 35 61.67 4.42 -119.67
CA ILE R 35 62.45 3.22 -119.59
C ILE R 35 62.54 2.55 -118.24
N PHE R 36 61.91 3.09 -117.20
CA PHE R 36 62.05 2.56 -115.88
C PHE R 36 60.88 1.74 -115.52
N VAL R 37 61.07 0.59 -114.88
CA VAL R 37 59.92 -0.27 -114.54
C VAL R 37 59.95 -0.41 -113.04
N GLY R 38 58.84 -0.04 -112.41
CA GLY R 38 58.68 -0.20 -110.98
C GLY R 38 58.43 1.12 -110.28
N SER R 39 58.48 1.11 -108.98
CA SER R 39 58.35 2.36 -108.25
C SER R 39 59.75 2.77 -107.68
N TYR R 40 59.83 3.98 -107.18
CA TYR R 40 61.06 4.51 -106.61
C TYR R 40 60.67 5.32 -105.40
N LYS R 41 61.62 5.55 -104.51
CA LYS R 41 61.47 6.54 -103.43
C LYS R 41 62.63 7.57 -103.60
N LEU R 42 62.34 8.86 -103.52
CA LEU R 42 63.36 9.87 -103.59
C LEU R 42 64.02 10.00 -102.24
N LYS R 43 65.36 9.89 -102.17
CA LYS R 43 66.04 9.99 -100.89
C LYS R 43 67.22 10.89 -101.03
N GLN R 44 67.72 11.39 -99.93
CA GLN R 44 69.01 12.02 -99.89
C GLN R 44 70.10 10.99 -99.81
N ILE R 45 71.02 11.03 -100.76
CA ILE R 45 72.09 10.06 -100.88
C ILE R 45 73.32 10.85 -100.72
N SER R 46 74.31 10.33 -100.00
CA SER R 46 75.58 10.99 -99.95
C SER R 46 76.73 10.05 -99.97
N TYR R 47 77.86 10.47 -100.51
CA TYR R 47 79.01 9.62 -100.55
C TYR R 47 80.25 10.46 -100.70
N LEU R 48 81.37 9.79 -100.47
CA LEU R 48 82.67 10.46 -100.30
C LEU R 48 83.44 10.58 -101.63
N LEU R 49 83.90 11.79 -101.90
CA LEU R 49 84.79 12.02 -102.97
C LEU R 49 86.01 12.85 -102.40
N TYR R 50 87.21 12.23 -102.44
CA TYR R 50 88.39 12.89 -101.91
C TYR R 50 88.10 13.60 -100.57
N GLY R 51 87.43 12.92 -99.68
CA GLY R 51 87.11 13.49 -98.37
C GLY R 51 85.88 14.32 -98.28
N ASN R 52 85.40 14.79 -99.42
CA ASN R 52 84.24 15.72 -99.37
C ASN R 52 83.02 14.89 -99.52
N THR R 53 81.87 15.30 -99.01
CA THR R 53 80.67 14.50 -99.13
C THR R 53 79.57 15.10 -100.14
N LYS R 54 79.43 14.44 -101.30
CA LYS R 54 78.44 14.79 -102.35
C LYS R 54 77.04 14.38 -101.88
N ILE R 55 76.12 15.31 -101.92
CA ILE R 55 74.74 15.07 -101.51
C ILE R 55 73.80 15.38 -102.65
N VAL R 56 72.99 14.44 -103.02
CA VAL R 56 72.02 14.59 -104.10
C VAL R 56 70.73 14.02 -103.61
N SER R 57 69.66 14.28 -104.35
CA SER R 57 68.45 13.49 -104.24
C SER R 57 68.29 12.68 -105.53
N ALA R 58 68.17 11.36 -105.40
CA ALA R 58 68.05 10.48 -106.56
C ALA R 58 67.12 9.30 -106.31
N PRO R 59 66.54 8.73 -107.46
CA PRO R 59 65.58 7.64 -107.16
C PRO R 59 66.22 6.40 -106.51
N VAL R 60 65.48 5.75 -105.61
CA VAL R 60 65.95 4.56 -104.91
C VAL R 60 64.97 3.40 -105.09
N VAL R 61 65.45 2.21 -105.42
CA VAL R 61 64.53 1.08 -105.59
C VAL R 61 64.09 0.57 -104.26
N PRO R 62 62.83 0.44 -104.09
CA PRO R 62 62.40 0.08 -102.70
C PRO R 62 62.42 -1.42 -102.40
N LEU R 63 62.29 -1.77 -101.13
CA LEU R 63 61.95 -3.15 -100.77
C LEU R 63 60.83 -3.70 -101.65
N GLY R 64 61.01 -4.90 -102.13
CA GLY R 64 60.07 -5.45 -103.08
C GLY R 64 60.77 -6.15 -104.23
N PRO R 65 60.02 -6.36 -105.29
CA PRO R 65 60.69 -6.84 -106.52
C PRO R 65 61.69 -5.87 -107.11
N ASN R 66 62.58 -6.39 -107.95
CA ASN R 66 63.58 -5.56 -108.60
C ASN R 66 63.05 -4.67 -109.71
N ALA R 67 63.51 -3.41 -109.72
CA ALA R 67 63.27 -2.49 -110.82
C ALA R 67 64.08 -2.83 -112.06
N SER R 68 63.58 -2.48 -113.24
CA SER R 68 64.29 -2.73 -114.44
C SER R 68 64.37 -1.50 -115.25
N ILE R 69 65.39 -1.44 -116.11
CA ILE R 69 65.44 -0.44 -117.11
C ILE R 69 65.23 -1.23 -118.41
N ILE R 70 64.30 -0.82 -119.25
CA ILE R 70 64.05 -1.48 -120.53
C ILE R 70 63.93 -0.43 -121.65
N ILE R 71 64.72 -0.54 -122.70
CA ILE R 71 64.70 0.51 -123.77
C ILE R 71 64.44 -0.15 -125.09
N ASP R 72 63.24 -0.10 -125.62
CA ASP R 72 63.01 -0.67 -126.99
C ASP R 72 62.86 0.36 -128.02
N ASP R 73 63.05 1.62 -127.56
CA ASP R 73 62.97 2.79 -128.41
C ASP R 73 63.95 2.71 -129.49
N GLU R 74 63.60 3.43 -130.52
CA GLU R 74 64.38 3.55 -131.77
C GLU R 74 65.58 4.52 -131.71
N LEU R 75 66.54 4.23 -130.85
CA LEU R 75 67.72 5.03 -130.71
C LEU R 75 68.49 4.94 -132.00
N GLN R 76 69.38 5.90 -132.20
CA GLN R 76 70.29 5.80 -133.30
C GLN R 76 71.08 4.47 -133.29
N GLU R 77 71.16 3.77 -134.40
CA GLU R 77 71.77 2.49 -134.48
C GLU R 77 73.24 2.59 -134.13
N GLY R 78 73.80 1.54 -133.55
CA GLY R 78 75.21 1.55 -133.16
C GLY R 78 75.53 0.78 -131.91
N LEU R 79 76.79 0.84 -131.51
CA LEU R 79 77.26 0.10 -130.38
C LEU R 79 77.39 1.09 -129.27
N TYR R 80 76.65 0.85 -128.20
CA TYR R 80 76.63 1.73 -127.06
C TYR R 80 77.37 1.18 -125.86
N LEU R 81 78.15 2.02 -125.18
CA LEU R 81 78.60 1.75 -123.83
C LEU R 81 77.58 2.39 -122.97
N ILE R 82 77.01 1.70 -122.00
CA ILE R 82 76.10 2.31 -121.05
C ILE R 82 76.84 2.54 -119.73
N ARG R 83 76.56 3.59 -118.99
CA ARG R 83 77.14 3.75 -117.70
C ARG R 83 76.11 4.08 -116.63
N ILE R 84 75.92 3.53 -115.53
CA ILE R 84 74.62 4.07 -114.82
C ILE R 84 75.48 4.19 -113.51
N LYS R 85 75.43 5.35 -112.91
CA LYS R 85 76.07 5.55 -111.64
C LYS R 85 75.09 5.20 -110.60
N VAL R 86 75.45 4.36 -109.64
CA VAL R 86 74.53 3.96 -108.56
C VAL R 86 75.17 4.08 -107.21
N TYR R 87 74.36 3.99 -106.18
CA TYR R 87 74.89 3.93 -104.84
C TYR R 87 74.13 2.92 -104.07
N ASN R 88 74.82 2.05 -103.37
CA ASN R 88 74.12 1.01 -102.62
C ASN R 88 73.78 1.49 -101.21
N THR R 89 72.51 1.69 -100.92
CA THR R 89 72.20 2.26 -99.62
C THR R 89 72.16 1.09 -98.56
N ASN R 90 72.13 -0.16 -99.03
CA ASN R 90 72.00 -1.24 -98.10
C ASN R 90 73.34 -1.38 -97.35
N SER R 91 73.30 -1.99 -96.17
CA SER R 91 74.51 -2.28 -95.45
C SER R 91 75.04 -3.66 -95.77
N PHE R 92 74.47 -4.29 -96.78
CA PHE R 92 75.00 -5.57 -97.28
C PHE R 92 75.32 -5.39 -98.78
N SER R 93 76.18 -6.21 -99.32
CA SER R 93 76.47 -6.04 -100.73
C SER R 93 75.34 -6.59 -101.64
N VAL R 94 75.30 -6.22 -102.88
CA VAL R 94 74.11 -6.48 -103.77
C VAL R 94 74.65 -6.83 -105.13
N THR R 95 73.95 -7.62 -105.91
CA THR R 95 74.51 -7.92 -107.24
C THR R 95 73.68 -7.42 -108.41
N VAL R 96 74.30 -7.26 -109.55
CA VAL R 96 73.59 -6.82 -110.70
C VAL R 96 74.06 -7.63 -111.84
N THR R 97 73.15 -7.91 -112.78
CA THR R 97 73.55 -8.69 -113.90
C THR R 97 73.50 -7.98 -115.28
N PRO R 98 74.63 -7.51 -115.73
CA PRO R 98 74.62 -6.69 -116.95
C PRO R 98 74.12 -7.42 -118.17
N PHE R 99 73.61 -6.63 -119.09
CA PHE R 99 72.99 -7.10 -120.31
C PHE R 99 74.07 -7.67 -121.19
N PHE R 100 75.07 -6.88 -121.51
CA PHE R 100 76.11 -7.29 -122.47
C PHE R 100 75.54 -7.94 -123.76
N ASN R 101 74.34 -7.61 -124.14
CA ASN R 101 73.68 -8.17 -125.27
C ASN R 101 73.23 -9.62 -125.06
N ASN R 102 74.10 -10.53 -124.59
CA ASN R 102 73.70 -11.97 -124.41
C ASN R 102 73.90 -12.61 -123.09
N ASN R 103 74.24 -11.83 -122.07
CA ASN R 103 74.56 -12.33 -120.74
C ASN R 103 73.35 -12.43 -119.86
N ASN R 104 73.24 -13.53 -119.16
CA ASN R 104 72.33 -13.63 -118.06
C ASN R 104 72.86 -14.39 -116.85
N THR R 105 74.17 -14.52 -116.76
CA THR R 105 74.78 -15.17 -115.57
C THR R 105 75.96 -14.39 -114.97
N MET R 106 76.73 -13.64 -115.73
CA MET R 106 77.83 -12.90 -115.11
C MET R 106 77.34 -11.69 -114.33
N THR R 107 78.07 -11.27 -113.30
CA THR R 107 77.56 -10.33 -112.38
C THR R 107 78.56 -9.29 -111.92
N TYR R 108 78.05 -8.15 -111.45
CA TYR R 108 78.86 -7.23 -110.71
C TYR R 108 78.49 -7.39 -109.26
N SER R 109 79.41 -7.07 -108.37
CA SER R 109 79.18 -7.09 -106.96
C SER R 109 79.39 -5.76 -106.39
N ILE R 110 78.34 -5.15 -105.79
CA ILE R 110 78.41 -3.76 -105.32
C ILE R 110 78.47 -3.80 -103.84
N GLY R 111 79.52 -3.24 -103.27
CA GLY R 111 79.70 -3.17 -101.82
C GLY R 111 78.66 -2.34 -101.08
N ALA R 112 78.56 -2.61 -99.79
CA ALA R 112 77.69 -1.92 -98.89
C ALA R 112 78.07 -0.48 -98.90
N ASN R 113 77.08 0.38 -98.75
CA ASN R 113 77.34 1.82 -98.52
C ASN R 113 78.35 2.44 -99.54
N SER R 114 78.18 2.14 -100.82
CA SER R 114 79.13 2.68 -101.75
C SER R 114 78.66 2.96 -103.14
N GLU R 115 79.39 3.87 -103.74
CA GLU R 115 79.12 4.32 -105.06
C GLU R 115 79.71 3.28 -106.00
N PHE R 116 79.04 3.01 -107.10
CA PHE R 116 79.47 2.08 -108.05
C PHE R 116 79.05 2.51 -109.50
N GLU R 117 79.93 2.21 -110.45
CA GLU R 117 79.60 2.42 -111.83
C GLU R 117 79.33 1.06 -112.41
N ILE R 118 78.14 0.93 -112.98
CA ILE R 118 77.76 -0.26 -113.73
C ILE R 118 78.08 -0.11 -115.19
N TYR R 119 78.88 -0.92 -115.81
CA TYR R 119 79.18 -0.71 -117.22
C TYR R 119 78.34 -1.73 -117.99
N ASP R 120 77.82 -1.35 -119.16
CA ASP R 120 77.02 -2.28 -119.95
C ASP R 120 77.21 -1.96 -121.42
N ILE R 121 76.93 -2.92 -122.27
CA ILE R 121 77.21 -2.83 -123.72
C ILE R 121 75.89 -3.19 -124.38
N PHE R 122 75.50 -2.42 -125.37
CA PHE R 122 74.20 -2.61 -126.02
C PHE R 122 74.37 -2.34 -127.50
N THR R 123 74.06 -3.37 -128.32
CA THR R 123 74.13 -3.07 -129.70
C THR R 123 72.69 -2.82 -130.29
N LYS R 124 72.48 -1.60 -130.84
CA LYS R 124 71.22 -1.18 -131.33
C LYS R 124 71.13 -1.45 -132.77
N GLU R 125 70.53 -2.61 -133.08
CA GLU R 125 70.31 -3.07 -134.42
C GLU R 125 69.20 -4.06 -134.32
N GLN R 126 68.42 -4.23 -135.39
CA GLN R 126 67.45 -5.35 -135.49
C GLN R 126 66.50 -5.38 -134.31
N GLY R 127 66.11 -4.23 -133.82
CA GLY R 127 65.18 -4.19 -132.76
C GLY R 127 65.66 -4.74 -131.43
N ASN R 128 66.95 -4.79 -131.22
CA ASN R 128 67.45 -5.25 -129.94
C ASN R 128 66.91 -4.31 -128.81
N ILE R 129 66.60 -4.86 -127.66
CA ILE R 129 66.02 -4.16 -126.54
C ILE R 129 66.92 -4.24 -125.28
N TYR R 130 67.32 -3.12 -124.70
CA TYR R 130 68.21 -3.16 -123.56
C TYR R 130 67.43 -3.56 -122.39
N TYR R 131 68.01 -4.30 -121.46
CA TYR R 131 67.30 -4.76 -120.27
C TYR R 131 68.23 -4.98 -119.10
N ILE R 132 67.92 -4.48 -117.91
CA ILE R 132 68.76 -4.74 -116.77
C ILE R 132 67.87 -4.62 -115.59
N GLN R 133 68.08 -5.45 -114.58
CA GLN R 133 67.36 -5.37 -113.31
C GLN R 133 68.20 -4.70 -112.23
N LEU R 134 67.61 -4.01 -111.31
CA LEU R 134 68.35 -3.32 -110.29
C LEU R 134 67.67 -3.68 -108.93
N PRO R 135 68.46 -4.14 -107.97
CA PRO R 135 67.85 -4.58 -106.78
C PRO R 135 67.45 -3.57 -105.76
N PRO R 136 66.66 -4.00 -104.83
CA PRO R 136 66.27 -3.01 -103.83
C PRO R 136 67.43 -2.37 -103.08
N GLY R 137 67.31 -1.10 -102.81
CA GLY R 137 68.32 -0.32 -102.02
C GLY R 137 69.37 0.40 -102.83
N LEU R 138 69.43 0.14 -104.16
CA LEU R 138 70.28 0.86 -105.09
C LEU R 138 69.63 2.21 -105.47
N ALA R 139 70.42 3.27 -105.40
CA ALA R 139 70.02 4.59 -105.79
C ALA R 139 70.51 4.82 -107.19
N ILE R 140 69.66 5.19 -108.13
CA ILE R 140 70.14 5.40 -109.50
C ILE R 140 70.57 6.89 -109.63
N LEU R 141 71.78 7.23 -109.96
CA LEU R 141 72.07 8.63 -110.02
C LEU R 141 72.14 9.18 -111.42
N GLU R 142 72.67 8.38 -112.32
CA GLU R 142 72.88 8.84 -113.65
C GLU R 142 72.81 7.64 -114.58
N PHE R 143 72.33 7.85 -115.80
CA PHE R 143 72.26 6.83 -116.80
C PHE R 143 72.75 7.49 -118.11
N SER R 144 73.75 6.91 -118.74
CA SER R 144 74.39 7.47 -119.90
C SER R 144 74.45 6.42 -121.00
N LEU R 145 74.07 6.81 -122.22
CA LEU R 145 74.24 5.98 -123.43
C LEU R 145 75.18 6.71 -124.37
N GLU R 146 76.30 6.18 -124.67
CA GLU R 146 77.13 6.88 -125.60
C GLU R 146 77.61 5.86 -126.65
N ARG R 147 77.77 6.30 -127.88
CA ARG R 147 78.29 5.40 -128.88
C ARG R 147 79.78 5.30 -128.69
N VAL R 148 80.32 4.08 -128.66
CA VAL R 148 81.76 3.94 -128.69
C VAL R 148 82.17 3.66 -130.09
N PHE R 149 83.42 4.02 -130.27
CA PHE R 149 84.14 4.00 -131.54
C PHE R 149 83.85 5.23 -132.29
N GLU R 150 83.46 6.26 -131.51
CA GLU R 150 83.12 7.54 -132.07
C GLU R 150 84.31 8.39 -132.09
N LYS R 151 84.74 8.93 -130.98
CA LYS R 151 85.63 10.02 -131.29
C LYS R 151 86.96 9.49 -130.83
N GLY R 152 87.32 8.37 -131.43
CA GLY R 152 88.48 7.63 -130.99
C GLY R 152 88.31 6.97 -129.65
N ASN R 153 87.11 6.91 -129.09
CA ASN R 153 86.86 6.16 -127.85
C ASN R 153 86.92 4.67 -127.97
N ARG R 154 87.07 3.98 -126.84
CA ARG R 154 87.17 2.53 -126.77
C ARG R 154 86.30 2.02 -125.67
N ILE R 155 86.05 0.70 -125.64
CA ILE R 155 85.38 0.09 -124.53
C ILE R 155 86.51 -0.14 -123.56
N ASN R 156 86.34 0.28 -122.30
CA ASN R 156 87.29 0.06 -121.25
C ASN R 156 86.64 -0.21 -119.90
N ILE R 157 86.14 -1.43 -119.68
CA ILE R 157 85.55 -1.82 -118.43
C ILE R 157 86.67 -2.40 -117.54
N PRO R 158 86.79 -1.92 -116.30
CA PRO R 158 87.78 -2.38 -115.35
C PRO R 158 87.52 -3.81 -114.82
N LYS R 159 88.48 -4.33 -114.05
CA LYS R 159 88.47 -5.76 -113.67
C LYS R 159 87.43 -5.91 -112.59
N ILE R 160 86.20 -6.16 -113.00
CA ILE R 160 85.11 -6.17 -112.03
C ILE R 160 84.06 -7.20 -112.39
N ILE R 161 84.09 -7.67 -113.63
CA ILE R 161 83.07 -8.66 -114.05
C ILE R 161 83.31 -10.07 -113.51
N HIS R 162 82.31 -10.65 -112.85
CA HIS R 162 82.43 -11.94 -112.14
C HIS R 162 81.82 -13.07 -113.00
N THR R 163 82.61 -14.11 -113.30
CA THR R 163 82.08 -15.32 -113.94
C THR R 163 82.41 -16.51 -113.11
N SER R 164 81.62 -17.53 -113.12
CA SER R 164 82.11 -18.73 -112.49
C SER R 164 82.02 -19.92 -113.46
N GLY R 165 82.17 -19.59 -114.74
CA GLY R 165 82.23 -20.56 -115.77
C GLY R 165 81.34 -20.41 -116.97
N ASN R 166 80.36 -19.55 -116.90
CA ASN R 166 79.60 -19.28 -118.13
C ASN R 166 79.29 -17.78 -118.22
N GLY R 167 78.75 -17.40 -119.35
CA GLY R 167 78.59 -15.99 -119.67
C GLY R 167 78.88 -15.65 -121.11
N TYR R 168 78.29 -14.62 -121.60
CA TYR R 168 78.53 -14.14 -122.92
C TYR R 168 78.56 -12.61 -122.99
N ILE R 169 79.40 -12.04 -123.82
CA ILE R 169 79.28 -10.64 -124.13
C ILE R 169 79.30 -10.56 -125.64
N SER R 170 78.40 -9.82 -126.24
CA SER R 170 78.47 -9.56 -127.71
C SER R 170 78.59 -8.12 -128.05
N PHE R 171 79.13 -7.80 -129.21
CA PHE R 171 79.16 -6.46 -129.70
C PHE R 171 79.45 -6.39 -131.17
N ARG R 172 79.26 -5.24 -131.76
CA ARG R 172 79.38 -5.09 -133.20
C ARG R 172 80.51 -4.25 -133.50
N LEU R 173 81.44 -4.72 -134.31
CA LEU R 173 82.60 -3.92 -134.70
C LEU R 173 82.51 -3.62 -136.20
N ARG R 174 82.61 -2.37 -136.58
CA ARG R 174 82.81 -2.08 -137.98
C ARG R 174 84.24 -2.33 -138.43
N LYS R 175 84.41 -2.25 -139.72
CA LYS R 175 85.67 -2.54 -140.30
C LYS R 175 86.84 -1.92 -139.52
N GLY R 176 87.93 -2.67 -139.41
CA GLY R 176 89.09 -2.28 -138.73
C GLY R 176 89.77 -3.49 -138.10
N THR R 177 90.93 -3.24 -137.49
CA THR R 177 91.61 -4.19 -136.72
C THR R 177 91.51 -3.76 -135.30
N TYR R 178 91.23 -4.69 -134.40
CA TYR R 178 90.95 -4.34 -133.01
C TYR R 178 91.79 -5.20 -132.05
N ALA R 179 92.13 -4.64 -130.90
CA ALA R 179 92.74 -5.36 -129.82
C ALA R 179 91.67 -5.58 -128.78
N ILE R 180 91.57 -6.81 -128.27
CA ILE R 180 90.67 -7.14 -127.16
C ILE R 180 91.55 -7.52 -126.01
N LYS R 181 91.51 -6.75 -124.96
CA LYS R 181 92.40 -6.98 -123.84
C LYS R 181 91.57 -7.32 -122.62
N MET R 182 91.82 -8.44 -121.95
CA MET R 182 91.00 -8.85 -120.79
C MET R 182 91.85 -9.09 -119.56
N PRO R 183 92.02 -8.12 -118.71
CA PRO R 183 92.79 -8.45 -117.53
C PRO R 183 91.98 -9.31 -116.61
N TYR R 184 92.57 -10.33 -115.99
CA TYR R 184 91.80 -11.24 -115.16
C TYR R 184 92.47 -11.59 -113.84
N SER R 185 91.67 -12.05 -112.91
CA SER R 185 92.14 -12.68 -111.67
C SER R 185 91.30 -13.91 -111.46
N TYR R 186 91.92 -14.98 -110.98
CA TYR R 186 91.14 -16.18 -110.64
C TYR R 186 91.49 -16.69 -109.28
N ASN R 187 90.59 -17.47 -108.76
CA ASN R 187 90.85 -18.17 -107.49
C ASN R 187 90.41 -19.66 -107.69
N ASN R 188 91.38 -20.56 -107.73
CA ASN R 188 91.13 -21.99 -107.86
C ASN R 188 90.89 -22.60 -106.47
N THR R 189 89.65 -22.95 -106.19
CA THR R 189 89.24 -23.45 -104.84
C THR R 189 89.45 -24.96 -104.86
N THR R 190 89.54 -25.47 -106.08
CA THR R 190 89.71 -26.87 -106.39
C THR R 190 91.16 -27.29 -106.24
N SER R 191 91.38 -28.59 -106.07
CA SER R 191 92.76 -29.10 -105.80
C SER R 191 93.28 -29.85 -107.08
N THR R 192 92.44 -29.79 -108.11
CA THR R 192 92.96 -30.02 -109.47
C THR R 192 93.86 -28.90 -109.96
N THR R 193 94.86 -29.28 -110.72
CA THR R 193 95.83 -28.31 -111.26
C THR R 193 95.81 -28.30 -112.83
N PHE R 194 95.31 -27.23 -113.43
CA PHE R 194 94.81 -27.35 -114.82
C PHE R 194 95.89 -26.85 -115.80
N THR R 195 95.97 -27.48 -116.97
CA THR R 195 97.12 -27.14 -117.74
C THR R 195 96.84 -26.56 -119.08
N ASN R 196 95.69 -26.61 -119.69
CA ASN R 196 95.78 -25.81 -120.98
C ASN R 196 94.49 -25.18 -120.98
N PHE R 197 94.27 -24.38 -119.94
CA PHE R 197 92.95 -24.06 -119.42
C PHE R 197 92.32 -23.05 -120.36
N GLN R 198 91.21 -23.45 -120.93
CA GLN R 198 90.47 -22.57 -121.81
C GLN R 198 89.43 -21.84 -121.03
N PHE R 199 89.69 -20.58 -120.80
CA PHE R 199 88.78 -19.72 -120.10
C PHE R 199 87.54 -19.45 -120.99
N GLY R 200 87.81 -19.13 -122.24
CA GLY R 200 86.77 -18.83 -123.19
C GLY R 200 87.22 -18.56 -124.59
N THR R 201 86.28 -18.10 -125.42
CA THR R 201 86.55 -17.91 -126.83
C THR R 201 86.05 -16.59 -127.26
N ILE R 202 86.69 -16.05 -128.29
CA ILE R 202 86.19 -14.88 -129.00
C ILE R 202 85.98 -15.22 -130.43
N SER R 203 84.84 -14.89 -131.01
CA SER R 203 84.60 -15.40 -132.36
C SER R 203 83.70 -14.55 -133.28
N THR R 204 83.48 -15.00 -134.55
CA THR R 204 82.54 -14.36 -135.52
C THR R 204 81.55 -15.26 -136.40
N ALA R 207 85.36 -17.90 -137.74
CA ALA R 207 86.63 -17.58 -137.00
C ALA R 207 86.52 -17.67 -135.47
N THR R 208 87.46 -18.37 -134.77
CA THR R 208 87.38 -18.47 -133.32
C THR R 208 88.73 -18.42 -132.63
N ILE R 209 88.90 -17.61 -131.60
CA ILE R 209 90.18 -17.51 -130.87
C ILE R 209 90.09 -17.97 -129.49
N PRO R 210 90.74 -19.07 -129.11
CA PRO R 210 90.60 -19.48 -127.74
C PRO R 210 91.46 -18.62 -126.80
N LEU R 211 90.96 -18.35 -125.60
CA LEU R 211 91.71 -17.69 -124.58
C LEU R 211 92.23 -18.70 -123.59
N VAL R 212 93.53 -18.96 -123.57
CA VAL R 212 94.07 -20.12 -122.87
C VAL R 212 95.12 -19.68 -121.89
N ILE R 213 95.08 -20.27 -120.68
CA ILE R 213 96.13 -20.07 -119.66
C ILE R 213 96.94 -21.39 -119.52
N SER R 214 98.27 -21.28 -119.58
CA SER R 214 99.19 -22.46 -119.45
C SER R 214 98.98 -23.28 -118.26
N SER R 215 98.81 -22.64 -117.13
CA SER R 215 98.78 -23.39 -115.88
C SER R 215 98.05 -22.65 -114.81
N ILE R 216 97.06 -23.34 -114.24
CA ILE R 216 96.38 -22.91 -113.01
C ILE R 216 96.66 -23.90 -111.89
N PRO R 217 97.55 -23.56 -110.98
CA PRO R 217 97.89 -24.47 -109.86
C PRO R 217 96.70 -24.79 -109.02
N ALA R 218 96.73 -25.97 -108.41
CA ALA R 218 95.78 -26.35 -107.37
C ALA R 218 95.79 -25.35 -106.20
N ASN R 219 94.60 -25.11 -105.69
CA ASN R 219 94.33 -24.18 -104.60
C ASN R 219 95.07 -22.89 -104.72
N GLY R 220 95.26 -22.43 -105.93
CA GLY R 220 96.01 -21.19 -106.19
C GLY R 220 95.10 -20.04 -106.59
N SER R 221 95.69 -18.86 -106.53
CA SER R 221 95.09 -17.74 -107.17
C SER R 221 96.17 -17.02 -108.03
N GLY R 222 95.74 -16.38 -109.13
CA GLY R 222 96.62 -15.55 -109.95
C GLY R 222 95.93 -14.50 -110.79
N SER R 223 96.74 -13.85 -111.61
CA SER R 223 96.36 -12.75 -112.43
C SER R 223 97.02 -12.91 -113.79
N GLY R 224 96.43 -12.34 -114.82
CA GLY R 224 97.11 -12.18 -116.09
C GLY R 224 96.35 -11.22 -117.02
N THR R 225 96.61 -11.32 -118.31
CA THR R 225 95.91 -10.55 -119.29
C THR R 225 95.83 -11.28 -120.60
N PHE R 226 94.65 -11.51 -121.10
CA PHE R 226 94.56 -12.03 -122.47
C PHE R 226 94.67 -10.86 -123.36
N LEU R 227 95.33 -10.99 -124.47
CA LEU R 227 95.41 -9.88 -125.46
C LEU R 227 95.37 -10.46 -126.87
N VAL R 228 94.31 -10.15 -127.61
CA VAL R 228 94.01 -10.88 -128.81
C VAL R 228 93.59 -9.85 -129.84
N TYR R 229 93.62 -10.18 -131.10
CA TYR R 229 93.34 -9.17 -132.09
C TYR R 229 92.42 -9.77 -133.10
N LEU R 230 91.58 -8.93 -133.68
CA LEU R 230 90.62 -9.35 -134.68
C LEU R 230 90.73 -8.43 -135.88
N LYS R 231 90.84 -8.98 -137.08
CA LYS R 231 90.72 -8.19 -138.29
C LYS R 231 89.28 -8.23 -138.82
N ILE R 232 88.53 -7.14 -138.65
CA ILE R 232 87.16 -7.10 -139.12
C ILE R 232 87.22 -6.51 -140.50
N THR R 233 87.17 -7.37 -141.49
CA THR R 233 87.24 -6.87 -142.83
C THR R 233 85.94 -6.12 -143.08
N GLY R 234 84.85 -6.57 -142.52
CA GLY R 234 83.60 -5.75 -142.54
C GLY R 234 82.33 -6.55 -142.85
N ASP R 235 82.49 -7.73 -143.43
CA ASP R 235 81.40 -8.54 -143.78
C ASP R 235 80.91 -9.37 -142.62
N TYR R 236 81.68 -9.50 -141.54
CA TYR R 236 81.23 -10.18 -140.32
C TYR R 236 81.58 -9.27 -139.17
N GLU R 237 80.68 -8.38 -138.80
CA GLU R 237 80.83 -7.46 -137.67
C GLU R 237 80.27 -7.86 -136.37
N ASP R 238 80.06 -9.07 -135.99
CA ASP R 238 79.42 -9.18 -134.54
C ASP R 238 80.33 -10.18 -133.92
N VAL R 239 80.85 -9.80 -132.78
CA VAL R 239 81.81 -10.59 -132.13
C VAL R 239 81.12 -11.19 -130.89
N LYS R 240 81.40 -12.44 -130.58
CA LYS R 240 80.80 -13.09 -129.45
C LYS R 240 82.01 -13.57 -128.56
N PHE R 241 81.98 -13.21 -127.30
CA PHE R 241 82.83 -13.71 -126.29
C PHE R 241 82.03 -14.65 -125.51
N SER R 242 82.60 -15.81 -125.14
CA SER R 242 81.97 -16.80 -124.27
C SER R 242 82.94 -17.31 -123.26
N VAL R 243 82.53 -17.37 -122.00
CA VAL R 243 83.26 -18.09 -120.97
C VAL R 243 82.80 -19.52 -121.16
N THR R 244 83.74 -20.44 -121.36
CA THR R 244 83.45 -21.83 -121.74
C THR R 244 83.90 -22.83 -120.76
N TYR R 245 84.61 -22.47 -119.70
CA TYR R 245 85.11 -23.50 -118.82
C TYR R 245 84.17 -23.86 -117.76
N GLY R 246 83.91 -25.09 -117.53
CA GLY R 246 83.18 -25.41 -116.25
C GLY R 246 81.94 -24.51 -115.98
N GLY R 247 81.72 -24.05 -114.75
CA GLY R 247 80.34 -23.66 -114.33
C GLY R 247 80.18 -24.32 -112.97
N GLY R 248 80.29 -25.64 -113.01
CA GLY R 248 80.47 -26.41 -111.77
C GLY R 248 81.91 -26.35 -111.22
N LEU R 249 82.87 -26.05 -112.09
CA LEU R 249 84.30 -26.19 -111.75
C LEU R 249 84.82 -25.73 -110.43
N GLY R 250 84.37 -24.58 -109.95
CA GLY R 250 84.93 -24.00 -108.74
C GLY R 250 86.18 -23.20 -108.97
N VAL R 251 86.30 -22.52 -110.12
CA VAL R 251 87.34 -21.52 -110.34
C VAL R 251 86.73 -20.15 -110.74
N PRO R 252 86.33 -19.36 -109.74
CA PRO R 252 85.71 -18.06 -110.05
C PRO R 252 86.74 -17.15 -110.58
N PHE R 253 86.40 -16.44 -111.64
CA PHE R 253 87.24 -15.45 -112.28
C PHE R 253 86.57 -14.08 -112.15
N THR R 254 87.41 -13.05 -112.09
CA THR R 254 86.91 -11.76 -112.20
C THR R 254 87.76 -11.08 -113.29
N PHE R 255 87.12 -10.36 -114.23
CA PHE R 255 87.89 -9.76 -115.32
C PHE R 255 87.38 -8.44 -115.82
N GLY R 256 88.19 -7.79 -116.62
CA GLY R 256 87.74 -6.57 -117.27
C GLY R 256 87.75 -6.78 -118.73
N LEU R 257 87.42 -5.75 -119.51
CA LEU R 257 87.31 -5.87 -120.95
C LEU R 257 87.69 -4.59 -121.59
N GLU R 258 88.55 -4.62 -122.55
CA GLU R 258 88.94 -3.43 -123.23
C GLU R 258 88.95 -3.75 -124.73
N VAL R 259 88.21 -3.01 -125.56
CA VAL R 259 88.21 -3.25 -127.00
C VAL R 259 88.52 -1.95 -127.70
N GLU R 260 89.48 -1.93 -128.57
CA GLU R 260 90.05 -0.73 -129.08
C GLU R 260 90.63 -0.90 -130.49
N GLU R 261 90.57 0.18 -131.26
CA GLU R 261 91.01 0.13 -132.62
C GLU R 261 92.49 0.28 -132.66
N ILE R 262 93.20 -0.47 -133.52
CA ILE R 262 94.64 -0.40 -133.62
C ILE R 262 95.02 -0.15 -135.06
N ASN R 263 96.27 0.23 -135.29
CA ASN R 263 96.74 0.53 -136.62
C ASN R 263 97.56 -0.70 -136.75
N GLU R 264 97.88 -1.23 -137.88
CA GLU R 264 98.68 -2.54 -137.79
C GLU R 264 100.04 -3.04 -137.35
N LEU R 265 99.99 -4.15 -136.64
CA LEU R 265 101.08 -4.53 -135.73
C LEU R 265 101.81 -5.62 -136.46
N VAL R 266 102.98 -5.31 -136.95
CA VAL R 266 103.81 -6.40 -137.38
C VAL R 266 104.34 -6.98 -136.07
N GLU R 267 103.90 -8.14 -135.69
CA GLU R 267 104.36 -8.75 -134.44
C GLU R 267 105.77 -9.23 -134.61
N ASN R 268 106.12 -9.78 -135.76
CA ASN R 268 107.50 -10.15 -136.06
C ASN R 268 107.68 -10.49 -137.50
N THR R 269 108.89 -10.49 -137.97
CA THR R 269 109.09 -10.91 -139.29
C THR R 269 110.31 -11.83 -139.21
N ASN R 270 110.25 -12.95 -139.90
CA ASN R 270 111.14 -14.05 -139.73
C ASN R 270 111.60 -14.70 -140.96
N PHE R 271 112.86 -15.14 -140.93
CA PHE R 271 113.50 -15.97 -141.96
C PHE R 271 113.46 -17.35 -141.36
N VAL R 272 112.91 -18.27 -142.09
CA VAL R 272 112.71 -19.57 -141.53
C VAL R 272 112.99 -20.64 -142.63
N THR R 273 113.39 -21.81 -142.13
CA THR R 273 114.01 -22.80 -142.93
C THR R 273 113.37 -24.15 -142.63
N GLN R 274 113.17 -24.94 -143.68
CA GLN R 274 112.58 -26.27 -143.48
C GLN R 274 113.01 -27.29 -144.53
N SER R 275 113.54 -28.40 -144.05
CA SER R 275 113.99 -29.48 -144.91
C SER R 275 112.92 -30.51 -145.01
N VAL R 276 112.69 -31.00 -146.21
CA VAL R 276 111.83 -32.12 -146.43
C VAL R 276 112.62 -33.14 -147.25
N THR R 277 112.55 -34.42 -146.83
CA THR R 277 113.26 -35.45 -147.60
C THR R 277 112.26 -36.41 -148.25
N LEU R 278 112.50 -36.65 -149.55
CA LEU R 278 111.53 -37.29 -150.47
C LEU R 278 112.02 -38.67 -150.84
N SER R 279 111.18 -39.68 -150.64
CA SER R 279 111.64 -41.04 -151.01
C SER R 279 110.54 -41.76 -151.77
N GLY R 280 110.20 -41.23 -152.92
CA GLY R 280 109.27 -41.89 -153.78
C GLY R 280 107.78 -41.62 -153.58
N SER R 281 107.34 -40.99 -152.48
CA SER R 281 105.90 -40.60 -152.44
C SER R 281 105.57 -39.22 -151.83
N GLN R 282 104.35 -38.73 -152.17
CA GLN R 282 103.92 -37.34 -151.86
C GLN R 282 103.98 -37.01 -150.38
N VAL R 283 104.63 -35.92 -150.05
CA VAL R 283 104.66 -35.44 -148.65
C VAL R 283 104.03 -34.07 -148.62
N THR R 284 103.11 -33.86 -147.71
CA THR R 284 102.65 -32.53 -147.52
C THR R 284 103.11 -32.05 -146.14
N GLN R 285 103.97 -31.06 -146.11
CA GLN R 285 104.60 -30.62 -144.84
C GLN R 285 104.16 -29.22 -144.38
N SER R 286 103.42 -29.18 -143.27
CA SER R 286 103.02 -27.92 -142.66
C SER R 286 104.25 -27.17 -142.27
N ILE R 287 104.44 -25.99 -142.80
CA ILE R 287 105.40 -24.97 -142.28
C ILE R 287 105.02 -24.12 -141.12
N LEU R 288 103.97 -23.31 -141.14
CA LEU R 288 103.61 -22.50 -139.94
C LEU R 288 102.09 -22.69 -140.28
N ASN R 289 101.28 -22.63 -139.21
CA ASN R 289 99.79 -22.52 -139.12
C ASN R 289 99.42 -21.69 -137.89
N VAL R 290 98.75 -20.58 -138.09
CA VAL R 290 98.53 -19.57 -137.08
C VAL R 290 97.05 -19.28 -136.89
N GLN R 291 96.20 -20.14 -137.41
CA GLN R 291 94.75 -20.06 -137.22
C GLN R 291 94.39 -20.15 -135.73
N GLY R 292 93.49 -19.25 -135.29
CA GLY R 292 93.06 -19.21 -133.90
C GLY R 292 93.99 -18.48 -132.95
N SER R 293 95.11 -17.95 -133.43
CA SER R 293 96.03 -17.26 -132.58
C SER R 293 95.71 -15.77 -132.37
N GLY R 294 94.88 -15.15 -133.19
CA GLY R 294 94.74 -13.73 -133.12
C GLY R 294 95.72 -12.98 -134.02
N SER R 295 96.25 -13.70 -135.04
CA SER R 295 97.15 -13.13 -136.03
C SER R 295 97.01 -13.80 -137.38
N HIS R 296 97.67 -13.23 -138.36
CA HIS R 296 97.74 -13.83 -139.67
C HIS R 296 99.12 -13.60 -140.33
N LEU R 297 99.35 -14.05 -141.54
CA LEU R 297 100.65 -13.96 -142.14
C LEU R 297 100.74 -13.11 -143.40
N ARG R 298 101.94 -12.82 -143.76
CA ARG R 298 102.18 -12.31 -145.08
C ARG R 298 103.50 -12.85 -145.56
N LEU R 299 103.45 -13.59 -146.68
CA LEU R 299 104.66 -14.18 -147.25
C LEU R 299 105.38 -13.24 -148.18
N LYS R 300 106.69 -13.05 -147.96
CA LYS R 300 107.38 -12.10 -148.83
C LYS R 300 108.37 -12.65 -149.87
N TYR R 301 108.96 -13.81 -149.57
CA TYR R 301 109.98 -14.40 -150.39
C TYR R 301 110.06 -15.84 -150.05
N ALA R 302 110.26 -16.67 -151.07
CA ALA R 302 110.49 -18.08 -150.81
C ALA R 302 111.49 -18.66 -151.79
N SER R 303 112.25 -19.63 -151.33
CA SER R 303 113.23 -20.27 -152.19
C SER R 303 113.44 -21.73 -151.83
N VAL R 304 113.78 -22.54 -152.79
CA VAL R 304 114.08 -23.93 -152.50
C VAL R 304 115.43 -24.32 -153.09
N SER R 305 116.29 -24.90 -152.31
CA SER R 305 117.54 -25.43 -152.85
C SER R 305 117.57 -26.95 -152.77
N GLY R 306 118.36 -27.55 -153.67
CA GLY R 306 118.47 -29.00 -153.76
C GLY R 306 117.53 -29.61 -154.75
N LEU R 307 116.86 -28.80 -155.55
CA LEU R 307 116.00 -29.33 -156.59
C LEU R 307 116.88 -29.98 -157.64
N THR R 308 116.42 -31.16 -158.08
CA THR R 308 116.99 -31.92 -159.23
C THR R 308 115.84 -32.42 -160.10
N THR R 309 116.21 -33.05 -161.19
CA THR R 309 115.24 -33.63 -162.11
C THR R 309 114.54 -34.84 -161.45
N ALA R 310 115.05 -35.29 -160.30
CA ALA R 310 114.39 -36.31 -159.50
C ALA R 310 113.17 -35.84 -158.62
N VAL R 311 112.95 -34.52 -158.61
CA VAL R 311 111.81 -33.93 -157.91
C VAL R 311 110.75 -33.58 -158.97
N THR R 312 109.56 -34.14 -158.80
CA THR R 312 108.48 -33.99 -159.78
C THR R 312 107.44 -32.97 -159.32
N GLN R 313 107.37 -32.71 -158.01
CA GLN R 313 106.41 -31.79 -157.45
C GLN R 313 107.03 -30.98 -156.28
N CYS R 314 106.92 -29.66 -156.38
CA CYS R 314 107.32 -28.81 -155.26
C CYS R 314 106.58 -27.49 -155.25
N GLN R 315 105.51 -27.43 -154.49
CA GLN R 315 104.56 -26.31 -154.51
C GLN R 315 104.34 -25.78 -153.12
N LEU R 316 104.50 -24.46 -152.96
CA LEU R 316 104.08 -23.78 -151.72
C LEU R 316 102.63 -23.47 -151.82
N GLN R 317 101.87 -23.82 -150.78
CA GLN R 317 100.42 -23.53 -150.75
C GLN R 317 100.03 -22.76 -149.45
N ALA R 318 98.95 -21.98 -149.54
CA ALA R 318 98.51 -21.12 -148.45
C ALA R 318 97.00 -21.03 -148.44
N THR R 319 96.35 -20.81 -147.30
CA THR R 319 94.99 -20.22 -147.32
C THR R 319 94.75 -19.40 -146.15
N ASN R 320 93.57 -18.74 -146.21
CA ASN R 320 92.82 -18.27 -145.05
C ASN R 320 91.95 -19.49 -144.77
N LEU R 321 92.43 -20.39 -143.95
CA LEU R 321 91.66 -21.45 -143.22
C LEU R 321 90.30 -21.13 -142.57
N ASN R 322 90.11 -19.91 -142.12
CA ASN R 322 88.78 -19.47 -141.68
C ASN R 322 87.77 -19.20 -142.86
N ARG R 323 88.24 -19.27 -144.10
CA ARG R 323 87.30 -19.13 -145.21
C ARG R 323 87.24 -20.36 -146.11
N SER R 324 88.38 -21.03 -146.37
CA SER R 324 88.36 -22.39 -146.98
C SER R 324 89.45 -23.28 -146.42
N THR R 325 89.12 -24.55 -146.29
CA THR R 325 90.11 -25.49 -145.79
C THR R 325 90.91 -26.12 -146.92
N THR R 326 90.68 -25.73 -148.16
CA THR R 326 91.35 -26.36 -149.30
C THR R 326 92.35 -25.30 -149.70
N TYR R 327 93.63 -25.67 -149.76
CA TYR R 327 94.68 -24.58 -149.93
C TYR R 327 94.77 -24.15 -151.39
N SER R 328 95.39 -23.12 -151.81
CA SER R 328 95.54 -23.21 -153.31
C SER R 328 97.11 -22.93 -153.39
N THR R 329 97.68 -23.28 -154.52
CA THR R 329 99.07 -23.21 -154.66
C THR R 329 99.47 -21.79 -155.01
N VAL R 330 100.56 -21.35 -154.41
CA VAL R 330 100.93 -19.96 -154.34
C VAL R 330 102.30 -19.69 -155.01
N TRP R 331 103.08 -20.74 -155.14
CA TRP R 331 104.19 -20.78 -156.03
C TRP R 331 104.63 -22.23 -156.33
N ASP R 332 105.00 -22.48 -157.58
CA ASP R 332 105.46 -23.78 -158.02
C ASP R 332 106.91 -23.70 -158.46
N PHE R 333 107.78 -24.29 -157.65
CA PHE R 333 109.19 -24.14 -157.87
C PHE R 333 109.70 -24.91 -159.10
N ILE R 334 109.02 -26.00 -159.46
CA ILE R 334 109.37 -26.68 -160.70
C ILE R 334 108.92 -25.83 -161.85
N ALA R 335 107.63 -25.52 -161.95
CA ALA R 335 107.11 -24.76 -163.10
C ALA R 335 107.65 -23.34 -163.25
N GLY R 336 108.01 -22.71 -162.12
CA GLY R 336 108.29 -21.30 -162.09
C GLY R 336 109.68 -20.83 -161.78
N GLY R 337 110.46 -21.70 -161.19
CA GLY R 337 111.83 -21.37 -160.80
C GLY R 337 112.10 -21.65 -159.33
N SER R 338 113.36 -21.75 -158.97
CA SER R 338 113.70 -22.10 -157.58
C SER R 338 113.48 -20.96 -156.52
N SER R 339 113.18 -19.78 -156.98
CA SER R 339 112.89 -18.70 -156.06
C SER R 339 111.80 -17.73 -156.55
N THR R 340 111.07 -17.14 -155.62
CA THR R 340 109.95 -16.29 -155.98
C THR R 340 110.43 -14.99 -156.58
N PRO R 341 109.66 -14.39 -157.47
CA PRO R 341 110.08 -13.10 -157.98
C PRO R 341 109.77 -11.91 -157.07
N PRO R 342 110.33 -10.76 -157.40
CA PRO R 342 110.17 -9.54 -156.61
C PRO R 342 108.79 -9.03 -156.34
N SER R 343 107.81 -9.23 -157.21
CA SER R 343 106.42 -8.81 -156.93
C SER R 343 105.64 -9.86 -156.17
N TRP R 344 106.24 -10.96 -155.78
CA TRP R 344 105.51 -12.00 -155.11
C TRP R 344 105.31 -11.57 -153.71
N ASP R 345 104.06 -11.52 -153.26
CA ASP R 345 103.67 -11.06 -151.95
C ASP R 345 102.32 -11.70 -151.63
N ILE R 346 102.21 -12.57 -150.65
CA ILE R 346 100.98 -13.30 -150.41
C ILE R 346 100.39 -12.79 -149.13
N ARG R 347 99.18 -12.22 -149.19
CA ARG R 347 98.53 -11.66 -148.02
C ARG R 347 97.27 -12.43 -147.66
N GLU R 348 96.73 -12.08 -146.51
CA GLU R 348 95.53 -12.68 -146.00
C GLU R 348 95.50 -14.14 -145.95
N ILE R 349 96.42 -14.66 -145.15
CA ILE R 349 96.71 -16.01 -145.12
C ILE R 349 96.97 -16.41 -143.69
N ASN R 350 96.59 -17.61 -143.33
CA ASN R 350 96.73 -18.20 -141.98
C ASN R 350 97.67 -19.39 -141.80
N SER R 351 97.83 -20.12 -142.90
CA SER R 351 98.48 -21.40 -142.86
C SER R 351 99.20 -21.70 -144.13
N ILE R 352 100.38 -22.34 -144.02
CA ILE R 352 101.26 -22.56 -145.14
C ILE R 352 101.74 -24.00 -145.11
N GLN R 353 101.80 -24.60 -146.27
CA GLN R 353 102.34 -25.94 -146.36
C GLN R 353 103.09 -26.09 -147.67
N LEU R 354 104.11 -26.94 -147.65
CA LEU R 354 104.82 -27.37 -148.87
C LEU R 354 104.29 -28.78 -149.21
N VAL R 355 103.86 -28.98 -150.47
CA VAL R 355 103.61 -30.35 -150.95
C VAL R 355 104.59 -30.67 -152.05
N ALA R 356 105.33 -31.78 -151.84
CA ALA R 356 106.42 -32.20 -152.71
C ALA R 356 106.36 -33.71 -153.05
N ASN R 357 107.05 -34.06 -154.14
CA ASN R 357 107.18 -35.44 -154.57
C ASN R 357 108.44 -35.70 -155.44
N GLY R 358 108.94 -36.93 -155.30
CA GLY R 358 110.16 -37.37 -155.95
C GLY R 358 111.03 -38.27 -155.09
N GLY R 359 112.21 -38.58 -155.63
CA GLY R 359 113.09 -39.61 -155.10
C GLY R 359 112.54 -41.03 -155.31
N SER R 360 113.02 -41.98 -154.47
CA SER R 360 112.90 -43.45 -154.73
C SER R 360 112.62 -44.33 -153.55
N SER R 361 113.44 -44.20 -152.49
CA SER R 361 113.63 -45.29 -151.46
C SER R 361 114.74 -46.27 -151.87
N THR R 362 115.47 -45.93 -152.89
CA THR R 362 116.73 -46.65 -153.13
C THR R 362 117.60 -45.35 -153.18
N SER R 363 117.01 -44.19 -153.50
CA SER R 363 117.69 -42.86 -153.44
C SER R 363 116.65 -41.82 -153.02
N SER R 364 116.95 -41.15 -151.90
CA SER R 364 116.02 -40.13 -151.37
C SER R 364 116.66 -38.77 -151.63
N VAL R 365 115.90 -37.85 -152.21
CA VAL R 365 116.35 -36.44 -152.38
C VAL R 365 115.82 -35.63 -151.19
N THR R 366 116.66 -34.75 -150.67
CA THR R 366 116.24 -33.88 -149.60
C THR R 366 116.36 -32.43 -150.08
N ILE R 367 115.21 -31.73 -150.09
CA ILE R 367 115.15 -30.32 -150.48
C ILE R 367 114.98 -29.42 -149.24
N THR R 368 115.46 -28.17 -149.36
CA THR R 368 115.23 -27.29 -148.25
C THR R 368 114.60 -25.92 -148.66
N LEU R 369 113.52 -25.59 -147.96
CA LEU R 369 112.72 -24.37 -148.17
C LEU R 369 113.21 -23.26 -147.27
N ILE R 370 113.42 -22.08 -147.83
CA ILE R 370 113.55 -20.89 -147.00
C ILE R 370 112.42 -19.88 -147.34
N LEU R 371 112.03 -19.12 -146.35
CA LEU R 371 110.81 -18.35 -146.42
C LEU R 371 110.91 -17.20 -145.50
N VAL R 372 110.72 -16.01 -146.03
CA VAL R 372 110.61 -14.79 -145.24
C VAL R 372 109.11 -14.44 -145.16
N TYR R 373 108.61 -14.13 -143.99
CA TYR R 373 107.23 -13.81 -143.78
C TYR R 373 107.01 -12.89 -142.54
N GLU R 374 105.87 -12.20 -142.54
CA GLU R 374 105.55 -11.36 -141.41
C GLU R 374 104.40 -11.96 -140.69
N GLN R 375 104.35 -11.83 -139.40
CA GLN R 375 103.20 -12.20 -138.64
C GLN R 375 102.51 -10.93 -138.17
N ILE R 376 101.28 -10.79 -138.52
CA ILE R 376 100.55 -9.56 -138.35
C ILE R 376 99.31 -9.74 -137.47
N ALA R 377 99.14 -8.81 -136.53
CA ALA R 377 98.01 -8.86 -135.61
C ALA R 377 96.72 -8.88 -136.33
N GLY R 378 95.82 -9.76 -135.87
CA GLY R 378 94.44 -9.90 -136.27
C GLY R 378 94.01 -11.26 -136.81
N GLU R 379 93.04 -11.94 -136.18
CA GLU R 379 92.42 -13.14 -136.85
C GLU R 379 91.72 -12.77 -138.11
N LEU R 380 91.94 -13.53 -139.18
CA LEU R 380 91.18 -13.31 -140.36
C LEU R 380 89.77 -13.86 -140.14
N SER R 381 88.76 -13.14 -140.53
CA SER R 381 87.50 -13.76 -140.77
C SER R 381 87.60 -14.46 -142.16
#